data_9CEG
#
_entry.id   9CEG
#
_cell.length_a   1.00
_cell.length_b   1.00
_cell.length_c   1.00
_cell.angle_alpha   90.00
_cell.angle_beta   90.00
_cell.angle_gamma   90.00
#
_symmetry.space_group_name_H-M   'P 1'
#
loop_
_entity.id
_entity.type
_entity.pdbx_description
1 polymer 'Proteasome subunit alpha'
2 polymer 'Proteasome subunit beta'
#
loop_
_entity_poly.entity_id
_entity_poly.type
_entity_poly.pdbx_seq_one_letter_code
_entity_poly.pdbx_strand_id
1 'polypeptide(L)'
;MSFPYFISPEQAMRERSELARKGIARAKSVVALAYAGGVLFVAENPSRSLQKISELYDRVGFAAAGKFNEFDNLRRGGIQ
FADTRGYAYDRRDVTGRQLANVYAQTLGTIFTEQAKPYEVELCVAEVAHYGETKRPELYRITYDGSIADEPHFVVMGGTT
EPIANALKESYAENASLTDALRIAVAALRAGSADTSGGDQPTLGVASLEVAVLDANRPRRAFRRITGSALQALLVDQESP
QSDGESSG
;
A,B,C,D,E,F,G,H,I,J,K,L,M,N
2 'polypeptide(L)'
;ATIVALKYPGGVVMAGDRRSTQGNMISGRDVRKVYITDDYTATGIAGTAAVAVEFARLYAVELEHYEKLEGVPLTFAGKI
NRLAIMVRGNLAAAMQGLLALPLLAGYDIHASDPQSAGRIVSFDAAGGWNIEEEGYQAVGSGSLFAKSSMKKLYSQVTDG
DSGLRVAVEALYDAADDDSATGGPDLVRGIFPTAVIIDADGAVDVPESRIAELARAIIESRSGADTFGSDGGEK
;
O,P,Q,R,S,T,U,V,W,X,Y,Z,a,b
#
# COMPACT_ATOMS: atom_id res chain seq x y z
N SER A 8 70.75 -26.04 -0.28
CA SER A 8 70.96 -27.11 -1.26
C SER A 8 69.73 -28.00 -1.37
N PRO A 9 68.93 -27.79 -2.42
CA PRO A 9 67.73 -28.64 -2.62
C PRO A 9 68.07 -30.11 -2.78
N GLU A 10 69.21 -30.44 -3.38
CA GLU A 10 69.55 -31.84 -3.62
C GLU A 10 69.70 -32.60 -2.29
N GLN A 11 70.40 -32.00 -1.32
CA GLN A 11 70.58 -32.67 -0.04
C GLN A 11 69.27 -32.86 0.69
N ALA A 12 68.41 -31.83 0.69
CA ALA A 12 67.11 -31.96 1.34
C ALA A 12 66.26 -33.03 0.69
N MET A 13 66.24 -33.06 -0.64
CA MET A 13 65.46 -34.08 -1.35
C MET A 13 65.99 -35.47 -1.05
N ARG A 14 67.32 -35.64 -1.04
CA ARG A 14 67.91 -36.94 -0.73
C ARG A 14 67.56 -37.39 0.68
N GLU A 15 67.65 -36.48 1.65
CA GLU A 15 67.34 -36.83 3.03
C GLU A 15 65.86 -37.18 3.20
N ARG A 16 64.98 -36.43 2.53
CA ARG A 16 63.55 -36.74 2.60
C ARG A 16 63.25 -38.09 1.98
N SER A 17 63.87 -38.38 0.83
CA SER A 17 63.66 -39.68 0.20
C SER A 17 64.18 -40.82 1.08
N GLU A 18 65.34 -40.63 1.70
CA GLU A 18 65.88 -41.66 2.59
C GLU A 18 64.97 -41.86 3.80
N LEU A 19 64.46 -40.77 4.37
CA LEU A 19 63.54 -40.90 5.51
C LEU A 19 62.28 -41.65 5.11
N ALA A 20 61.71 -41.32 3.95
CA ALA A 20 60.50 -42.01 3.51
C ALA A 20 60.76 -43.48 3.25
N ARG A 21 61.90 -43.80 2.63
CA ARG A 21 62.23 -45.19 2.34
C ARG A 21 62.44 -45.99 3.62
N LYS A 22 63.12 -45.39 4.60
CA LYS A 22 63.30 -46.07 5.88
C LYS A 22 61.98 -46.25 6.61
N GLY A 23 61.09 -45.27 6.51
CA GLY A 23 59.78 -45.39 7.14
C GLY A 23 58.95 -46.50 6.54
N ILE A 24 58.92 -46.59 5.21
CA ILE A 24 58.13 -47.65 4.57
C ILE A 24 58.80 -49.00 4.74
N ALA A 25 60.13 -49.03 4.88
CA ALA A 25 60.85 -50.31 4.92
C ALA A 25 60.53 -51.12 6.18
N ARG A 26 60.26 -50.45 7.30
CA ARG A 26 59.91 -51.14 8.54
C ARG A 26 58.46 -51.61 8.56
N ALA A 27 57.62 -51.14 7.64
CA ALA A 27 56.23 -51.52 7.59
C ALA A 27 56.08 -52.93 7.01
N LYS A 28 54.89 -53.51 7.22
CA LYS A 28 54.62 -54.84 6.74
C LYS A 28 54.26 -54.81 5.25
N SER A 29 54.18 -56.00 4.66
CA SER A 29 53.95 -56.15 3.22
C SER A 29 52.47 -56.43 2.95
N VAL A 30 51.92 -55.73 1.97
CA VAL A 30 50.55 -55.95 1.50
C VAL A 30 50.61 -56.25 0.01
N VAL A 31 49.89 -57.29 -0.40
CA VAL A 31 49.95 -57.80 -1.78
C VAL A 31 48.58 -57.68 -2.41
N ALA A 32 48.53 -57.13 -3.62
CA ALA A 32 47.30 -56.99 -4.39
C ALA A 32 47.51 -57.57 -5.78
N LEU A 33 46.59 -58.42 -6.20
CA LEU A 33 46.69 -59.07 -7.50
C LEU A 33 45.30 -59.24 -8.10
N ALA A 34 45.27 -59.46 -9.41
CA ALA A 34 44.03 -59.59 -10.15
C ALA A 34 43.85 -61.04 -10.58
N TYR A 35 42.65 -61.58 -10.37
CA TYR A 35 42.30 -62.94 -10.74
C TYR A 35 41.12 -62.92 -11.71
N ALA A 36 40.55 -64.10 -11.98
CA ALA A 36 39.52 -64.23 -13.00
C ALA A 36 38.22 -63.52 -12.63
N GLY A 37 38.08 -63.06 -11.38
CA GLY A 37 36.84 -62.42 -10.96
C GLY A 37 37.03 -61.04 -10.37
N GLY A 38 38.16 -60.40 -10.66
CA GLY A 38 38.43 -59.09 -10.11
C GLY A 38 39.82 -58.94 -9.53
N VAL A 39 39.93 -58.18 -8.44
CA VAL A 39 41.20 -57.91 -7.78
C VAL A 39 41.11 -58.41 -6.36
N LEU A 40 42.13 -59.16 -5.93
CA LEU A 40 42.20 -59.73 -4.60
C LEU A 40 43.24 -58.98 -3.78
N PHE A 41 42.85 -58.54 -2.58
CA PHE A 41 43.72 -57.82 -1.68
C PHE A 41 44.04 -58.70 -0.47
N VAL A 42 45.33 -58.90 -0.20
CA VAL A 42 45.80 -59.67 0.95
C VAL A 42 46.79 -58.82 1.71
N ALA A 43 46.58 -58.69 3.02
CA ALA A 43 47.43 -57.84 3.85
C ALA A 43 47.74 -58.54 5.16
N GLU A 44 48.85 -58.13 5.78
CA GLU A 44 49.27 -58.62 7.09
C GLU A 44 48.79 -57.62 8.13
N ASN A 45 47.66 -57.92 8.76
CA ASN A 45 47.05 -56.99 9.72
C ASN A 45 46.59 -57.74 10.96
N PRO A 46 47.30 -57.60 12.08
CA PRO A 46 46.91 -58.37 13.28
C PRO A 46 45.63 -57.87 13.93
N SER A 47 45.49 -56.57 14.12
CA SER A 47 44.29 -56.02 14.74
C SER A 47 43.14 -55.98 13.75
N ARG A 48 41.92 -56.04 14.28
CA ARG A 48 40.71 -55.96 13.47
C ARG A 48 40.10 -54.57 13.42
N SER A 49 40.39 -53.72 14.41
CA SER A 49 39.86 -52.35 14.37
C SER A 49 40.52 -51.53 13.26
N LEU A 50 41.78 -51.82 12.97
CA LEU A 50 42.52 -51.11 11.94
C LEU A 50 42.46 -51.88 10.64
N GLN A 51 42.07 -51.19 9.56
CA GLN A 51 41.92 -51.81 8.25
C GLN A 51 42.82 -51.10 7.25
N LYS A 52 43.67 -51.88 6.58
CA LYS A 52 44.54 -51.36 5.53
C LYS A 52 43.92 -51.46 4.14
N ILE A 53 42.77 -52.13 4.01
CA ILE A 53 42.08 -52.30 2.74
C ILE A 53 40.67 -51.74 2.90
N SER A 54 40.26 -50.92 1.94
CA SER A 54 38.96 -50.26 2.01
C SER A 54 38.36 -50.15 0.61
N GLU A 55 37.17 -49.54 0.54
CA GLU A 55 36.46 -49.33 -0.71
C GLU A 55 36.28 -47.84 -0.94
N LEU A 56 36.64 -47.38 -2.14
CA LEU A 56 36.54 -45.97 -2.49
C LEU A 56 35.26 -45.63 -3.23
N TYR A 57 34.82 -46.48 -4.15
CA TYR A 57 33.58 -46.25 -4.88
C TYR A 57 32.95 -47.61 -5.20
N ASP A 58 32.00 -47.62 -6.14
CA ASP A 58 31.30 -48.84 -6.49
C ASP A 58 32.26 -49.90 -7.04
N ARG A 59 33.18 -49.50 -7.92
CA ARG A 59 34.09 -50.44 -8.56
C ARG A 59 35.56 -50.13 -8.27
N VAL A 60 35.84 -49.23 -7.34
CA VAL A 60 37.22 -48.85 -7.02
C VAL A 60 37.58 -49.41 -5.65
N GLY A 61 38.86 -49.73 -5.47
CA GLY A 61 39.34 -50.24 -4.21
C GLY A 61 40.55 -49.46 -3.74
N PHE A 62 40.86 -49.62 -2.46
CA PHE A 62 41.96 -48.90 -1.83
C PHE A 62 42.86 -49.87 -1.08
N ALA A 63 44.16 -49.60 -1.10
CA ALA A 63 45.14 -50.39 -0.36
C ALA A 63 46.35 -49.51 -0.09
N ALA A 64 46.94 -49.67 1.10
CA ALA A 64 48.06 -48.82 1.48
C ALA A 64 48.89 -49.52 2.55
N ALA A 65 50.11 -49.02 2.74
CA ALA A 65 51.01 -49.53 3.76
C ALA A 65 51.83 -48.38 4.32
N GLY A 66 52.03 -48.40 5.64
CA GLY A 66 52.79 -47.34 6.30
C GLY A 66 52.14 -46.84 7.57
N LYS A 67 52.31 -45.56 7.86
CA LYS A 67 51.70 -44.96 9.04
C LYS A 67 50.20 -44.89 8.88
N PHE A 68 49.46 -45.35 9.89
CA PHE A 68 48.01 -45.53 9.75
C PHE A 68 47.30 -44.22 9.50
N ASN A 69 47.66 -43.16 10.24
CA ASN A 69 46.94 -41.90 10.15
C ASN A 69 47.07 -41.27 8.77
N GLU A 70 48.25 -41.35 8.16
CA GLU A 70 48.48 -40.69 6.88
C GLU A 70 47.59 -41.29 5.78
N PHE A 71 47.62 -42.61 5.62
CA PHE A 71 46.77 -43.18 4.57
C PHE A 71 45.30 -43.22 4.98
N ASP A 72 44.99 -43.13 6.29
CA ASP A 72 43.61 -42.94 6.70
C ASP A 72 43.08 -41.59 6.19
N ASN A 73 43.88 -40.54 6.35
CA ASN A 73 43.51 -39.22 5.83
C ASN A 73 43.39 -39.24 4.31
N LEU A 74 44.35 -39.91 3.64
CA LEU A 74 44.29 -40.01 2.19
C LEU A 74 43.03 -40.75 1.74
N ARG A 75 42.68 -41.82 2.45
CA ARG A 75 41.47 -42.58 2.15
C ARG A 75 40.22 -41.72 2.32
N ARG A 76 40.16 -40.95 3.41
CA ARG A 76 38.98 -40.10 3.63
C ARG A 76 38.87 -39.05 2.53
N GLY A 77 39.99 -38.43 2.15
CA GLY A 77 39.96 -37.47 1.07
C GLY A 77 39.54 -38.08 -0.25
N GLY A 78 40.04 -39.28 -0.55
CA GLY A 78 39.63 -39.97 -1.76
C GLY A 78 38.16 -40.30 -1.79
N ILE A 79 37.61 -40.75 -0.66
CA ILE A 79 36.18 -41.01 -0.59
C ILE A 79 35.38 -39.74 -0.81
N GLN A 80 35.79 -38.63 -0.18
CA GLN A 80 35.04 -37.39 -0.38
C GLN A 80 35.11 -36.94 -1.83
N PHE A 81 36.29 -37.03 -2.45
CA PHE A 81 36.44 -36.64 -3.85
C PHE A 81 35.56 -37.51 -4.74
N ALA A 82 35.57 -38.83 -4.53
CA ALA A 82 34.79 -39.73 -5.36
C ALA A 82 33.30 -39.45 -5.23
N ASP A 83 32.82 -39.26 -3.99
CA ASP A 83 31.40 -39.01 -3.78
C ASP A 83 30.97 -37.68 -4.39
N THR A 84 31.80 -36.64 -4.22
CA THR A 84 31.46 -35.34 -4.80
C THR A 84 31.44 -35.40 -6.33
N ARG A 85 32.42 -36.08 -6.93
CA ARG A 85 32.43 -36.21 -8.38
C ARG A 85 31.23 -37.02 -8.88
N GLY A 86 30.87 -38.09 -8.16
CA GLY A 86 29.71 -38.87 -8.56
C GLY A 86 28.42 -38.09 -8.45
N TYR A 87 28.27 -37.28 -7.40
CA TYR A 87 27.08 -36.46 -7.25
C TYR A 87 27.05 -35.32 -8.26
N ALA A 88 28.22 -34.87 -8.72
CA ALA A 88 28.28 -33.75 -9.65
C ALA A 88 27.81 -34.15 -11.04
N TYR A 89 28.49 -35.12 -11.66
CA TYR A 89 28.18 -35.53 -13.02
C TYR A 89 27.32 -36.79 -13.07
N ASP A 90 27.82 -37.90 -12.53
CA ASP A 90 27.13 -39.19 -12.57
C ASP A 90 27.94 -40.19 -11.79
N ARG A 91 27.29 -41.30 -11.43
CA ARG A 91 28.00 -42.39 -10.74
C ARG A 91 28.90 -43.16 -11.68
N ARG A 92 28.57 -43.18 -12.97
CA ARG A 92 29.36 -43.92 -13.96
C ARG A 92 30.48 -43.09 -14.55
N ASP A 93 30.67 -41.85 -14.11
CA ASP A 93 31.72 -40.98 -14.61
C ASP A 93 32.94 -40.95 -13.70
N VAL A 94 33.01 -41.84 -12.72
CA VAL A 94 34.13 -41.92 -11.79
C VAL A 94 34.96 -43.15 -12.13
N THR A 95 36.25 -42.94 -12.35
CA THR A 95 37.19 -44.01 -12.66
C THR A 95 38.38 -43.95 -11.70
N GLY A 96 39.07 -45.08 -11.57
CA GLY A 96 40.23 -45.14 -10.71
C GLY A 96 41.40 -44.29 -11.19
N ARG A 97 41.42 -43.96 -12.49
CA ARG A 97 42.48 -43.11 -13.01
C ARG A 97 42.46 -41.72 -12.36
N GLN A 98 41.27 -41.14 -12.22
CA GLN A 98 41.16 -39.83 -11.57
C GLN A 98 41.62 -39.88 -10.12
N LEU A 99 41.23 -40.94 -9.40
CA LEU A 99 41.65 -41.07 -8.01
C LEU A 99 43.17 -41.23 -7.91
N ALA A 100 43.76 -42.02 -8.81
CA ALA A 100 45.20 -42.21 -8.79
C ALA A 100 45.92 -40.91 -9.12
N ASN A 101 45.38 -40.13 -10.05
CA ASN A 101 46.00 -38.85 -10.40
C ASN A 101 45.94 -37.86 -9.25
N VAL A 102 44.77 -37.73 -8.61
CA VAL A 102 44.66 -36.80 -7.50
C VAL A 102 45.52 -37.26 -6.33
N TYR A 103 45.63 -38.57 -6.12
CA TYR A 103 46.51 -39.08 -5.07
C TYR A 103 47.97 -38.75 -5.36
N ALA A 104 48.39 -38.89 -6.63
CA ALA A 104 49.75 -38.54 -7.01
C ALA A 104 50.02 -37.06 -6.77
N GLN A 105 49.08 -36.20 -7.19
CA GLN A 105 49.26 -34.76 -6.96
C GLN A 105 49.35 -34.43 -5.47
N THR A 106 48.47 -35.02 -4.66
CA THR A 106 48.47 -34.73 -3.23
C THR A 106 49.77 -35.22 -2.57
N LEU A 107 50.24 -36.41 -2.94
CA LEU A 107 51.47 -36.91 -2.38
C LEU A 107 52.68 -36.08 -2.82
N GLY A 108 52.69 -35.63 -4.07
CA GLY A 108 53.75 -34.73 -4.51
C GLY A 108 53.75 -33.41 -3.75
N THR A 109 52.56 -32.84 -3.55
CA THR A 109 52.47 -31.59 -2.81
C THR A 109 52.93 -31.77 -1.37
N ILE A 110 52.56 -32.90 -0.75
CA ILE A 110 53.02 -33.18 0.60
C ILE A 110 54.53 -33.34 0.64
N PHE A 111 55.10 -34.07 -0.34
CA PHE A 111 56.53 -34.27 -0.38
C PHE A 111 57.27 -32.95 -0.55
N THR A 112 56.68 -32.01 -1.31
CA THR A 112 57.38 -30.77 -1.61
C THR A 112 57.23 -29.74 -0.49
N GLU A 113 56.00 -29.43 -0.10
CA GLU A 113 55.72 -28.30 0.79
C GLU A 113 55.27 -28.73 2.18
N GLN A 114 55.88 -29.77 2.74
CA GLN A 114 55.61 -30.17 4.11
C GLN A 114 56.92 -30.48 4.82
N ALA A 115 56.89 -30.30 6.15
CA ALA A 115 58.09 -30.53 6.95
C ALA A 115 58.55 -31.99 6.87
N LYS A 116 57.61 -32.93 6.93
CA LYS A 116 57.93 -34.35 6.90
C LYS A 116 57.17 -35.03 5.76
N PRO A 117 57.84 -35.70 4.85
CA PRO A 117 57.13 -36.39 3.76
C PRO A 117 56.30 -37.56 4.28
N TYR A 118 55.24 -37.88 3.55
CA TYR A 118 54.35 -38.96 3.94
C TYR A 118 55.00 -40.31 3.66
N GLU A 119 54.98 -41.19 4.65
CA GLU A 119 55.58 -42.53 4.56
C GLU A 119 54.52 -43.56 4.18
N VAL A 120 53.92 -43.36 3.02
CA VAL A 120 52.82 -44.21 2.56
C VAL A 120 53.06 -44.64 1.12
N GLU A 121 52.36 -45.70 0.73
CA GLU A 121 52.41 -46.21 -0.65
C GLU A 121 51.03 -46.76 -0.96
N LEU A 122 50.31 -46.11 -1.88
CA LEU A 122 48.92 -46.43 -2.16
C LEU A 122 48.79 -47.20 -3.47
N CYS A 123 47.73 -48.00 -3.56
CA CYS A 123 47.38 -48.71 -4.79
C CYS A 123 45.89 -48.53 -5.05
N VAL A 124 45.55 -48.22 -6.30
CA VAL A 124 44.16 -48.03 -6.71
C VAL A 124 43.83 -49.11 -7.74
N ALA A 125 42.81 -49.91 -7.45
CA ALA A 125 42.39 -51.01 -8.31
C ALA A 125 40.95 -50.80 -8.75
N GLU A 126 40.73 -50.80 -10.05
CA GLU A 126 39.40 -50.65 -10.62
C GLU A 126 39.04 -51.90 -11.42
N VAL A 127 37.76 -52.25 -11.41
CA VAL A 127 37.26 -53.41 -12.13
C VAL A 127 36.18 -52.97 -13.10
N ALA A 128 35.77 -53.91 -13.96
CA ALA A 128 34.79 -53.60 -14.98
C ALA A 128 33.39 -53.47 -14.37
N HIS A 129 32.54 -52.70 -15.06
CA HIS A 129 31.16 -52.58 -14.65
C HIS A 129 30.39 -53.86 -14.95
N TYR A 130 29.32 -54.09 -14.19
CA TYR A 130 28.53 -55.31 -14.35
C TYR A 130 27.96 -55.40 -15.76
N GLY A 131 28.04 -56.59 -16.34
CA GLY A 131 27.59 -56.80 -17.70
C GLY A 131 28.56 -56.33 -18.78
N GLU A 132 29.76 -55.92 -18.41
CA GLU A 132 30.76 -55.44 -19.34
C GLU A 132 32.08 -56.13 -19.10
N THR A 133 32.77 -56.50 -20.17
CA THR A 133 34.04 -57.19 -20.10
C THR A 133 35.18 -56.21 -20.30
N LYS A 134 36.12 -56.19 -19.35
CA LYS A 134 37.29 -55.33 -19.39
C LYS A 134 38.29 -55.85 -18.37
N ARG A 135 39.61 -55.60 -18.65
CA ARG A 135 40.63 -56.14 -17.77
C ARG A 135 40.87 -55.22 -16.59
N PRO A 136 41.13 -55.79 -15.41
CA PRO A 136 41.40 -54.97 -14.22
C PRO A 136 42.63 -54.08 -14.41
N GLU A 137 42.57 -52.88 -13.82
CA GLU A 137 43.65 -51.90 -13.92
C GLU A 137 44.14 -51.57 -12.52
N LEU A 138 45.46 -51.63 -12.34
CA LEU A 138 46.09 -51.35 -11.06
C LEU A 138 47.08 -50.20 -11.22
N TYR A 139 47.08 -49.28 -10.25
CA TYR A 139 47.96 -48.13 -10.24
C TYR A 139 48.72 -48.08 -8.93
N ARG A 140 49.99 -47.70 -8.99
CA ARG A 140 50.85 -47.59 -7.81
C ARG A 140 51.35 -46.16 -7.67
N ILE A 141 51.26 -45.61 -6.47
CA ILE A 141 51.71 -44.25 -6.18
C ILE A 141 52.69 -44.31 -5.03
N THR A 142 53.86 -43.68 -5.21
CA THR A 142 54.92 -43.69 -4.22
C THR A 142 54.86 -42.43 -3.35
N TYR A 143 55.86 -42.29 -2.48
CA TYR A 143 55.86 -41.20 -1.51
C TYR A 143 56.06 -39.83 -2.15
N ASP A 144 56.84 -39.77 -3.24
CA ASP A 144 57.11 -38.51 -3.91
C ASP A 144 56.04 -38.12 -4.91
N GLY A 145 55.03 -38.97 -5.11
CA GLY A 145 53.99 -38.70 -6.08
C GLY A 145 54.14 -39.39 -7.42
N SER A 146 55.10 -40.30 -7.55
CA SER A 146 55.26 -41.03 -8.80
C SER A 146 54.06 -41.92 -9.06
N ILE A 147 53.67 -42.02 -10.33
CA ILE A 147 52.55 -42.86 -10.72
C ILE A 147 53.04 -43.87 -11.76
N ALA A 148 52.43 -45.05 -11.74
CA ALA A 148 52.81 -46.12 -12.65
C ALA A 148 51.62 -47.06 -12.83
N ASP A 149 51.66 -47.82 -13.93
CA ASP A 149 50.63 -48.79 -14.27
C ASP A 149 51.22 -50.19 -14.22
N GLU A 150 50.59 -51.07 -13.43
CA GLU A 150 51.07 -52.42 -13.26
C GLU A 150 50.04 -53.40 -13.81
N PRO A 151 50.43 -54.32 -14.69
CA PRO A 151 49.42 -55.15 -15.38
C PRO A 151 48.79 -56.23 -14.51
N HIS A 152 49.58 -56.95 -13.71
CA HIS A 152 49.09 -58.12 -13.01
C HIS A 152 49.03 -57.94 -11.50
N PHE A 153 50.15 -57.61 -10.86
CA PHE A 153 50.19 -57.55 -9.41
C PHE A 153 50.94 -56.31 -8.94
N VAL A 154 50.63 -55.90 -7.71
CA VAL A 154 51.29 -54.78 -7.05
C VAL A 154 51.74 -55.24 -5.66
N VAL A 155 53.02 -55.04 -5.35
CA VAL A 155 53.59 -55.44 -4.07
C VAL A 155 54.25 -54.22 -3.43
N MET A 156 53.92 -53.97 -2.17
CA MET A 156 54.42 -52.79 -1.47
C MET A 156 54.68 -53.14 -0.02
N GLY A 157 55.56 -52.36 0.62
CA GLY A 157 55.78 -52.48 2.04
C GLY A 157 56.91 -53.38 2.45
N GLY A 158 57.97 -52.81 3.02
CA GLY A 158 59.07 -53.60 3.52
C GLY A 158 59.94 -54.20 2.43
N THR A 159 60.59 -55.31 2.78
CA THR A 159 61.47 -56.03 1.88
C THR A 159 60.61 -56.77 0.85
N THR A 160 60.24 -56.05 -0.21
CA THR A 160 59.32 -56.58 -1.20
C THR A 160 59.99 -57.42 -2.28
N GLU A 161 61.32 -57.53 -2.26
CA GLU A 161 62.00 -58.29 -3.32
C GLU A 161 61.64 -59.77 -3.32
N PRO A 162 61.68 -60.49 -2.19
CA PRO A 162 61.29 -61.92 -2.26
C PRO A 162 59.85 -62.13 -2.68
N ILE A 163 58.92 -61.31 -2.20
CA ILE A 163 57.53 -61.47 -2.60
C ILE A 163 57.35 -61.11 -4.07
N ALA A 164 58.07 -60.08 -4.55
CA ALA A 164 58.02 -59.74 -5.96
C ALA A 164 58.51 -60.88 -6.83
N ASN A 165 59.60 -61.53 -6.43
CA ASN A 165 60.09 -62.68 -7.18
C ASN A 165 59.09 -63.83 -7.14
N ALA A 166 58.52 -64.10 -5.95
CA ALA A 166 57.61 -65.22 -5.78
C ALA A 166 56.29 -65.01 -6.51
N LEU A 167 55.91 -63.77 -6.78
CA LEU A 167 54.73 -63.50 -7.58
C LEU A 167 55.04 -63.35 -9.07
N LYS A 168 56.27 -62.98 -9.42
CA LYS A 168 56.70 -63.04 -10.81
C LYS A 168 56.74 -64.49 -11.30
N GLU A 169 57.23 -65.40 -10.47
CA GLU A 169 57.28 -66.81 -10.82
C GLU A 169 56.05 -67.53 -10.31
N SER A 170 55.67 -68.59 -11.04
CA SER A 170 54.57 -69.47 -10.67
C SER A 170 53.25 -68.72 -10.51
N TYR A 171 53.00 -67.73 -11.37
CA TYR A 171 51.75 -66.98 -11.36
C TYR A 171 51.07 -67.17 -12.71
N ALA A 172 49.80 -67.58 -12.68
CA ALA A 172 49.01 -67.78 -13.88
C ALA A 172 47.72 -66.99 -13.78
N GLU A 173 47.40 -66.23 -14.83
CA GLU A 173 46.19 -65.43 -14.83
C GLU A 173 44.96 -66.33 -14.93
N ASN A 174 43.79 -65.69 -14.80
CA ASN A 174 42.48 -66.33 -14.90
C ASN A 174 42.27 -67.39 -13.83
N ALA A 175 43.01 -67.30 -12.73
CA ALA A 175 42.93 -68.29 -11.67
C ALA A 175 41.69 -68.05 -10.80
N SER A 176 41.32 -69.09 -10.04
CA SER A 176 40.18 -69.00 -9.16
C SER A 176 40.54 -68.24 -7.89
N LEU A 177 39.52 -67.93 -7.09
CA LEU A 177 39.73 -67.21 -5.84
C LEU A 177 40.60 -68.02 -4.88
N THR A 178 40.33 -69.33 -4.77
CA THR A 178 41.09 -70.17 -3.84
C THR A 178 42.56 -70.25 -4.24
N ASP A 179 42.83 -70.49 -5.52
CA ASP A 179 44.20 -70.59 -5.99
C ASP A 179 44.93 -69.27 -5.85
N ALA A 180 44.25 -68.16 -6.16
CA ALA A 180 44.87 -66.84 -6.01
C ALA A 180 45.20 -66.56 -4.55
N LEU A 181 44.27 -66.91 -3.63
CA LEU A 181 44.55 -66.70 -2.21
C LEU A 181 45.73 -67.55 -1.75
N ARG A 182 45.79 -68.81 -2.19
CA ARG A 182 46.91 -69.67 -1.79
C ARG A 182 48.23 -69.13 -2.31
N ILE A 183 48.25 -68.67 -3.57
CA ILE A 183 49.48 -68.13 -4.14
C ILE A 183 49.90 -66.86 -3.40
N ALA A 184 48.93 -65.99 -3.10
CA ALA A 184 49.25 -64.75 -2.40
C ALA A 184 49.81 -65.03 -1.01
N VAL A 185 49.20 -65.97 -0.28
CA VAL A 185 49.70 -66.32 1.05
C VAL A 185 51.09 -66.93 0.97
N ALA A 186 51.32 -67.81 -0.01
CA ALA A 186 52.63 -68.43 -0.17
C ALA A 186 53.69 -67.37 -0.48
N ALA A 187 53.36 -66.41 -1.33
CA ALA A 187 54.33 -65.36 -1.67
C ALA A 187 54.57 -64.41 -0.51
N LEU A 188 53.53 -64.15 0.30
CA LEU A 188 53.71 -63.29 1.47
C LEU A 188 54.58 -63.97 2.52
N ARG A 189 54.42 -65.28 2.70
CA ARG A 189 55.24 -66.00 3.66
C ARG A 189 56.72 -65.96 3.27
N ALA A 190 57.01 -66.11 1.99
CA ALA A 190 58.39 -66.08 1.51
C ALA A 190 58.93 -64.66 1.49
N LEU A 203 50.04 -67.99 9.57
CA LEU A 203 49.30 -67.28 8.54
C LEU A 203 47.87 -67.79 8.42
N GLY A 204 47.19 -67.89 9.56
CA GLY A 204 45.82 -68.38 9.61
C GLY A 204 44.80 -67.28 9.42
N VAL A 205 43.61 -67.50 9.99
CA VAL A 205 42.55 -66.50 9.91
C VAL A 205 42.98 -65.21 10.60
N ALA A 206 43.59 -65.33 11.77
CA ALA A 206 44.08 -64.16 12.48
C ALA A 206 45.28 -63.56 11.77
N SER A 207 45.48 -62.25 11.96
CA SER A 207 46.59 -61.48 11.41
C SER A 207 46.57 -61.41 9.89
N LEU A 208 45.46 -61.78 9.24
CA LEU A 208 45.35 -61.72 7.79
C LEU A 208 44.09 -60.96 7.41
N GLU A 209 44.24 -60.01 6.49
CA GLU A 209 43.13 -59.23 5.96
C GLU A 209 42.94 -59.59 4.50
N VAL A 210 41.74 -60.02 4.14
CA VAL A 210 41.42 -60.45 2.78
C VAL A 210 40.20 -59.70 2.29
N ALA A 211 40.31 -59.06 1.13
CA ALA A 211 39.19 -58.38 0.48
C ALA A 211 39.30 -58.58 -1.01
N VAL A 212 38.14 -58.58 -1.68
CA VAL A 212 38.07 -58.83 -3.12
C VAL A 212 37.19 -57.78 -3.78
N LEU A 213 37.39 -57.61 -5.08
CA LEU A 213 36.56 -56.75 -5.92
C LEU A 213 35.80 -57.66 -6.88
N ASP A 214 34.58 -58.03 -6.50
CA ASP A 214 33.81 -59.02 -7.25
C ASP A 214 33.03 -58.31 -8.34
N ALA A 215 33.50 -58.45 -9.59
CA ALA A 215 32.82 -57.85 -10.73
C ALA A 215 31.46 -58.49 -10.99
N ASN A 216 31.21 -59.68 -10.43
CA ASN A 216 29.91 -60.34 -10.59
C ASN A 216 28.80 -59.60 -9.87
N ARG A 217 29.14 -58.69 -8.95
CA ARG A 217 28.13 -57.96 -8.19
C ARG A 217 27.55 -56.83 -9.04
N PRO A 218 26.25 -56.53 -8.88
CA PRO A 218 25.59 -55.59 -9.79
C PRO A 218 26.07 -54.15 -9.67
N ARG A 219 26.10 -53.61 -8.45
CA ARG A 219 26.47 -52.22 -8.23
C ARG A 219 27.76 -52.08 -7.42
N ARG A 220 27.81 -52.65 -6.22
CA ARG A 220 28.97 -52.50 -5.35
C ARG A 220 29.77 -53.80 -5.36
N ALA A 221 31.05 -53.70 -5.74
CA ALA A 221 31.89 -54.86 -5.96
C ALA A 221 32.79 -55.19 -4.78
N PHE A 222 32.73 -54.44 -3.69
CA PHE A 222 33.62 -54.65 -2.55
C PHE A 222 33.00 -55.67 -1.60
N ARG A 223 33.82 -56.61 -1.13
CA ARG A 223 33.37 -57.64 -0.22
C ARG A 223 34.50 -57.99 0.74
N ARG A 224 34.14 -58.28 1.99
CA ARG A 224 35.09 -58.65 3.02
C ARG A 224 34.93 -60.14 3.33
N ILE A 225 36.04 -60.87 3.34
CA ILE A 225 36.05 -62.30 3.64
C ILE A 225 36.70 -62.48 5.00
N THR A 226 35.89 -62.84 6.00
CA THR A 226 36.35 -62.99 7.37
C THR A 226 35.59 -64.14 8.02
N GLY A 227 36.18 -64.69 9.08
CA GLY A 227 35.51 -65.71 9.86
C GLY A 227 35.67 -67.11 9.31
N SER A 228 34.59 -67.91 9.39
CA SER A 228 34.65 -69.29 8.94
C SER A 228 34.84 -69.39 7.43
N ALA A 229 34.34 -68.42 6.67
CA ALA A 229 34.53 -68.45 5.22
C ALA A 229 35.99 -68.36 4.84
N LEU A 230 36.74 -67.49 5.52
CA LEU A 230 38.17 -67.37 5.25
C LEU A 230 38.90 -68.67 5.58
N GLN A 231 38.56 -69.31 6.71
CA GLN A 231 39.18 -70.58 7.06
C GLN A 231 38.86 -71.65 6.03
N ALA A 232 37.61 -71.69 5.56
CA ALA A 232 37.25 -72.65 4.52
C ALA A 232 37.99 -72.38 3.22
N LEU A 233 38.26 -71.11 2.91
CA LEU A 233 38.99 -70.78 1.69
C LEU A 233 40.41 -71.35 1.73
N LEU A 234 41.08 -71.23 2.87
CA LEU A 234 42.42 -71.79 3.01
C LEU A 234 42.59 -72.48 4.36
N SER B 8 68.28 -31.17 8.09
CA SER B 8 68.21 -32.61 8.26
C SER B 8 66.99 -33.03 9.07
N PRO B 9 65.95 -33.50 8.38
CA PRO B 9 64.74 -33.95 9.09
C PRO B 9 65.00 -35.10 10.06
N GLU B 10 65.96 -35.98 9.76
CA GLU B 10 66.23 -37.12 10.62
C GLU B 10 66.70 -36.68 12.00
N GLN B 11 67.63 -35.72 12.04
CA GLN B 11 68.13 -35.23 13.32
C GLN B 11 67.04 -34.56 14.14
N ALA B 12 66.22 -33.73 13.49
CA ALA B 12 65.14 -33.06 14.21
C ALA B 12 64.13 -34.07 14.76
N MET B 13 63.77 -35.06 13.94
CA MET B 13 62.84 -36.09 14.40
C MET B 13 63.41 -36.88 15.57
N ARG B 14 64.70 -37.24 15.49
CA ARG B 14 65.34 -37.98 16.58
C ARG B 14 65.36 -37.16 17.86
N GLU B 15 65.70 -35.87 17.76
CA GLU B 15 65.75 -35.02 18.95
C GLU B 15 64.36 -34.82 19.55
N ARG B 16 63.34 -34.65 18.70
CA ARG B 16 61.98 -34.52 19.21
C ARG B 16 61.53 -35.79 19.91
N SER B 17 61.83 -36.95 19.32
CA SER B 17 61.45 -38.22 19.94
C SER B 17 62.16 -38.41 21.27
N GLU B 18 63.46 -38.06 21.33
CA GLU B 18 64.20 -38.17 22.58
C GLU B 18 63.63 -37.25 23.64
N LEU B 19 63.28 -36.01 23.26
CA LEU B 19 62.69 -35.08 24.21
C LEU B 19 61.36 -35.59 24.74
N ALA B 20 60.51 -36.12 23.85
CA ALA B 20 59.23 -36.65 24.29
C ALA B 20 59.41 -37.85 25.22
N ARG B 21 60.34 -38.74 24.88
CA ARG B 21 60.57 -39.92 25.72
C ARG B 21 61.10 -39.53 27.08
N LYS B 22 62.02 -38.56 27.14
CA LYS B 22 62.52 -38.09 28.42
C LYS B 22 61.43 -37.40 29.23
N GLY B 23 60.54 -36.67 28.56
CA GLY B 23 59.45 -36.02 29.27
C GLY B 23 58.47 -37.01 29.87
N ILE B 24 58.10 -38.04 29.11
CA ILE B 24 57.17 -39.04 29.63
C ILE B 24 57.85 -39.94 30.66
N ALA B 25 59.18 -40.11 30.57
CA ALA B 25 59.87 -41.04 31.45
C ALA B 25 59.88 -40.58 32.90
N ARG B 26 59.91 -39.27 33.14
CA ARG B 26 59.88 -38.75 34.51
C ARG B 26 58.49 -38.73 35.11
N ALA B 27 57.45 -38.94 34.30
CA ALA B 27 56.08 -38.96 34.78
C ALA B 27 55.79 -40.25 35.54
N LYS B 28 54.68 -40.24 36.28
CA LYS B 28 54.29 -41.40 37.05
C LYS B 28 53.56 -42.41 36.15
N SER B 29 53.31 -43.59 36.70
CA SER B 29 52.72 -44.70 35.95
C SER B 29 51.23 -44.79 36.23
N VAL B 30 50.45 -44.94 35.17
CA VAL B 30 49.00 -45.16 35.26
C VAL B 30 48.67 -46.46 34.55
N VAL B 31 47.86 -47.30 35.19
CA VAL B 31 47.57 -48.64 34.73
C VAL B 31 46.09 -48.77 34.45
N ALA B 32 45.74 -49.30 33.28
CA ALA B 32 44.35 -49.51 32.89
C ALA B 32 44.19 -50.95 32.43
N LEU B 33 43.18 -51.64 32.96
CA LEU B 33 42.94 -53.03 32.63
C LEU B 33 41.45 -53.30 32.60
N ALA B 34 41.08 -54.40 31.95
CA ALA B 34 39.68 -54.79 31.79
C ALA B 34 39.39 -56.01 32.66
N TYR B 35 38.28 -55.96 33.39
CA TYR B 35 37.84 -57.04 34.25
C TYR B 35 36.44 -57.50 33.82
N ALA B 36 35.83 -58.34 34.64
CA ALA B 36 34.56 -58.98 34.27
C ALA B 36 33.41 -57.99 34.16
N GLY B 37 33.59 -56.75 34.62
CA GLY B 37 32.52 -55.78 34.60
C GLY B 37 32.85 -54.49 33.88
N GLY B 38 33.88 -54.51 33.04
CA GLY B 38 34.29 -53.31 32.33
C GLY B 38 35.78 -53.07 32.36
N VAL B 39 36.17 -51.79 32.44
CA VAL B 39 37.57 -51.38 32.44
C VAL B 39 37.85 -50.65 33.73
N LEU B 40 38.93 -51.03 34.41
CA LEU B 40 39.33 -50.42 35.67
C LEU B 40 40.56 -49.54 35.44
N PHE B 41 40.49 -48.31 35.93
CA PHE B 41 41.58 -47.34 35.80
C PHE B 41 42.18 -47.09 37.18
N VAL B 42 43.50 -47.27 37.29
CA VAL B 42 44.23 -47.02 38.51
C VAL B 42 45.41 -46.11 38.19
N ALA B 43 45.54 -45.02 38.94
CA ALA B 43 46.57 -44.03 38.68
C ALA B 43 47.21 -43.59 39.99
N GLU B 44 48.44 -43.09 39.89
CA GLU B 44 49.17 -42.52 41.01
C GLU B 44 48.98 -41.01 40.98
N ASN B 45 48.05 -40.51 41.79
CA ASN B 45 47.72 -39.09 41.78
C ASN B 45 47.58 -38.56 43.19
N PRO B 46 48.56 -37.79 43.69
CA PRO B 46 48.48 -37.33 45.08
C PRO B 46 47.42 -36.28 45.31
N SER B 47 47.34 -35.26 44.46
CA SER B 47 46.34 -34.21 44.63
C SER B 47 44.97 -34.68 44.15
N ARG B 48 43.93 -34.08 44.73
CA ARG B 48 42.56 -34.39 44.35
C ARG B 48 41.97 -33.40 43.35
N SER B 49 42.50 -32.18 43.28
CA SER B 49 42.00 -31.22 42.31
C SER B 49 42.36 -31.64 40.89
N LEU B 50 43.50 -32.30 40.71
CA LEU B 50 43.96 -32.74 39.40
C LEU B 50 43.56 -34.19 39.19
N GLN B 51 42.91 -34.45 38.06
CA GLN B 51 42.42 -35.79 37.73
C GLN B 51 43.04 -36.26 36.42
N LYS B 52 43.69 -37.41 36.45
CA LYS B 52 44.25 -38.02 35.25
C LYS B 52 43.29 -38.99 34.57
N ILE B 53 42.16 -39.29 35.18
CA ILE B 53 41.16 -40.19 34.62
C ILE B 53 39.85 -39.44 34.52
N SER B 54 39.19 -39.52 33.36
CA SER B 54 37.96 -38.79 33.11
C SER B 54 37.03 -39.63 32.24
N GLU B 55 35.87 -39.04 31.93
CA GLU B 55 34.86 -39.68 31.10
C GLU B 55 34.63 -38.86 29.85
N LEU B 56 34.69 -39.51 28.69
CA LEU B 56 34.51 -38.84 27.41
C LEU B 56 33.07 -38.91 26.89
N TYR B 57 32.41 -40.05 27.03
CA TYR B 57 31.02 -40.19 26.61
C TYR B 57 30.34 -41.18 27.53
N ASP B 58 29.18 -41.68 27.11
CA ASP B 58 28.40 -42.60 27.94
C ASP B 58 29.18 -43.87 28.24
N ARG B 59 29.84 -44.44 27.24
CA ARG B 59 30.55 -45.71 27.40
C ARG B 59 32.05 -45.59 27.12
N VAL B 60 32.57 -44.37 26.96
CA VAL B 60 33.98 -44.16 26.65
C VAL B 60 34.67 -43.59 27.89
N GLY B 61 35.95 -43.93 28.04
CA GLY B 61 36.74 -43.43 29.14
C GLY B 61 38.04 -42.83 28.64
N PHE B 62 38.66 -42.04 29.51
CA PHE B 62 39.90 -41.34 29.19
C PHE B 62 40.94 -41.59 30.25
N ALA B 63 42.21 -41.69 29.82
CA ALA B 63 43.33 -41.85 30.74
C ALA B 63 44.57 -41.32 30.04
N ALA B 64 45.45 -40.67 30.80
CA ALA B 64 46.64 -40.06 30.22
C ALA B 64 47.71 -39.90 31.29
N ALA B 65 48.93 -39.67 30.82
CA ALA B 65 50.07 -39.44 31.72
C ALA B 65 51.01 -38.45 31.06
N GLY B 66 51.54 -37.53 31.86
CA GLY B 66 52.46 -36.52 31.35
C GLY B 66 52.15 -35.13 31.86
N LYS B 67 52.40 -34.10 31.04
CA LYS B 67 52.13 -32.74 31.43
C LYS B 67 50.62 -32.50 31.51
N PHE B 68 50.17 -31.91 32.61
CA PHE B 68 48.74 -31.84 32.90
C PHE B 68 47.98 -31.03 31.85
N ASN B 69 48.54 -29.88 31.45
CA ASN B 69 47.82 -28.98 30.55
C ASN B 69 47.60 -29.62 29.17
N GLU B 70 48.59 -30.35 28.68
CA GLU B 70 48.49 -30.93 27.33
C GLU B 70 47.34 -31.93 27.24
N PHE B 71 47.31 -32.92 28.14
CA PHE B 71 46.22 -33.87 28.06
C PHE B 71 44.91 -33.31 28.59
N ASP B 72 44.95 -32.24 29.39
CA ASP B 72 43.71 -31.52 29.71
C ASP B 72 43.09 -30.92 28.45
N ASN B 73 43.91 -30.28 27.62
CA ASN B 73 43.42 -29.75 26.36
C ASN B 73 42.92 -30.85 25.44
N LEU B 74 43.67 -31.96 25.37
CA LEU B 74 43.24 -33.09 24.55
C LEU B 74 41.91 -33.65 25.04
N ARG B 75 41.73 -33.75 26.36
CA ARG B 75 40.48 -34.22 26.93
C ARG B 75 39.32 -33.28 26.59
N ARG B 76 39.55 -31.97 26.70
CA ARG B 76 38.48 -31.04 26.37
C ARG B 76 38.09 -31.13 24.90
N GLY B 77 39.09 -31.24 24.01
CA GLY B 77 38.79 -31.41 22.60
C GLY B 77 38.05 -32.69 22.31
N GLY B 78 38.44 -33.79 22.96
CA GLY B 78 37.72 -35.04 22.79
C GLY B 78 36.29 -34.97 23.26
N ILE B 79 36.05 -34.34 24.40
CA ILE B 79 34.67 -34.16 24.89
C ILE B 79 33.86 -33.34 23.90
N GLN B 80 34.42 -32.25 23.38
CA GLN B 80 33.66 -31.44 22.43
C GLN B 80 33.36 -32.23 21.16
N PHE B 81 34.33 -32.97 20.66
CA PHE B 81 34.12 -33.79 19.47
C PHE B 81 33.03 -34.83 19.71
N ALA B 82 33.09 -35.52 20.84
CA ALA B 82 32.12 -36.56 21.14
C ALA B 82 30.71 -35.99 21.25
N ASP B 83 30.58 -34.86 21.95
CA ASP B 83 29.25 -34.27 22.12
C ASP B 83 28.69 -33.76 20.79
N THR B 84 29.54 -33.13 19.97
CA THR B 84 29.08 -32.65 18.67
C THR B 84 28.66 -33.81 17.77
N ARG B 85 29.44 -34.89 17.75
CA ARG B 85 29.09 -36.04 16.94
C ARG B 85 27.80 -36.70 17.43
N GLY B 86 27.62 -36.78 18.76
CA GLY B 86 26.39 -37.34 19.28
C GLY B 86 25.17 -36.50 18.97
N TYR B 87 25.31 -35.18 19.04
CA TYR B 87 24.20 -34.30 18.69
C TYR B 87 23.93 -34.30 17.20
N ALA B 88 24.95 -34.58 16.38
CA ALA B 88 24.77 -34.55 14.93
C ALA B 88 23.96 -35.74 14.45
N TYR B 89 24.45 -36.95 14.68
CA TYR B 89 23.79 -38.17 14.18
C TYR B 89 22.95 -38.84 15.26
N ASP B 90 23.56 -39.26 16.37
CA ASP B 90 22.87 -39.98 17.43
C ASP B 90 23.86 -40.24 18.55
N ARG B 91 23.30 -40.55 19.74
CA ARG B 91 24.15 -40.88 20.89
C ARG B 91 24.78 -42.26 20.74
N ARG B 92 24.14 -43.16 20.00
CA ARG B 92 24.63 -44.52 19.80
C ARG B 92 25.58 -44.64 18.63
N ASP B 93 25.88 -43.55 17.93
CA ASP B 93 26.77 -43.57 16.79
C ASP B 93 28.19 -43.12 17.14
N VAL B 94 28.50 -42.99 18.42
CA VAL B 94 29.83 -42.58 18.87
C VAL B 94 30.53 -43.79 19.47
N THR B 95 31.72 -44.08 18.96
CA THR B 95 32.54 -45.19 19.43
C THR B 95 33.93 -44.68 19.80
N GLY B 96 34.62 -45.45 20.63
CA GLY B 96 35.97 -45.09 21.03
C GLY B 96 36.98 -45.14 19.90
N ARG B 97 36.68 -45.87 18.82
CA ARG B 97 37.57 -45.92 17.67
C ARG B 97 37.72 -44.54 17.03
N GLN B 98 36.62 -43.81 16.87
CA GLN B 98 36.68 -42.48 16.29
C GLN B 98 37.50 -41.54 17.16
N LEU B 99 37.30 -41.60 18.49
CA LEU B 99 38.07 -40.75 19.40
C LEU B 99 39.55 -41.09 19.33
N ALA B 100 39.89 -42.39 19.28
CA ALA B 100 41.29 -42.77 19.19
C ALA B 100 41.91 -42.32 17.89
N ASN B 101 41.15 -42.39 16.79
CA ASN B 101 41.67 -41.95 15.50
C ASN B 101 41.91 -40.45 15.48
N VAL B 102 40.94 -39.66 15.96
CA VAL B 102 41.13 -38.22 15.97
C VAL B 102 42.26 -37.83 16.91
N TYR B 103 42.42 -38.54 18.03
CA TYR B 103 43.53 -38.27 18.93
C TYR B 103 44.87 -38.57 18.26
N ALA B 104 44.94 -39.68 17.51
CA ALA B 104 46.17 -40.00 16.80
C ALA B 104 46.49 -38.92 15.76
N GLN B 105 45.49 -38.48 15.00
CA GLN B 105 45.73 -37.42 14.01
C GLN B 105 46.19 -36.13 14.68
N THR B 106 45.55 -35.74 15.78
CA THR B 106 45.93 -34.50 16.45
C THR B 106 47.34 -34.59 17.03
N LEU B 107 47.69 -35.73 17.62
CA LEU B 107 49.03 -35.89 18.18
C LEU B 107 50.08 -35.91 17.07
N GLY B 108 49.78 -36.54 15.94
CA GLY B 108 50.70 -36.49 14.81
C GLY B 108 50.90 -35.09 14.27
N THR B 109 49.81 -34.33 14.15
CA THR B 109 49.92 -32.95 13.68
C THR B 109 50.73 -32.11 14.65
N ILE B 110 50.53 -32.31 15.95
CA ILE B 110 51.32 -31.58 16.94
C ILE B 110 52.79 -31.97 16.84
N PHE B 111 53.07 -33.27 16.69
CA PHE B 111 54.46 -33.72 16.59
C PHE B 111 55.13 -33.14 15.36
N THR B 112 54.38 -32.97 14.28
CA THR B 112 54.98 -32.52 13.02
C THR B 112 55.14 -31.01 12.96
N GLU B 113 54.04 -30.27 13.16
CA GLU B 113 54.01 -28.83 12.91
C GLU B 113 53.91 -27.99 14.18
N GLN B 114 54.65 -28.38 15.22
CA GLN B 114 54.74 -27.58 16.43
C GLN B 114 56.18 -27.50 16.91
N ALA B 115 56.51 -26.41 17.61
CA ALA B 115 57.87 -26.22 18.09
C ALA B 115 58.28 -27.31 19.07
N LYS B 116 57.38 -27.68 19.99
CA LYS B 116 57.67 -28.69 21.00
C LYS B 116 56.63 -29.80 20.92
N PRO B 117 57.05 -31.06 20.75
CA PRO B 117 56.08 -32.15 20.71
C PRO B 117 55.41 -32.36 22.06
N TYR B 118 54.19 -32.89 22.01
CA TYR B 118 53.42 -33.13 23.24
C TYR B 118 53.97 -34.34 23.98
N GLU B 119 54.20 -34.17 25.27
CA GLU B 119 54.74 -35.22 26.14
C GLU B 119 53.61 -35.96 26.86
N VAL B 120 52.73 -36.58 26.08
CA VAL B 120 51.55 -37.23 26.61
C VAL B 120 51.41 -38.62 26.00
N GLU B 121 50.61 -39.46 26.67
CA GLU B 121 50.31 -40.81 26.19
C GLU B 121 48.89 -41.12 26.64
N LEU B 122 47.97 -41.24 25.69
CA LEU B 122 46.55 -41.37 25.97
C LEU B 122 46.09 -42.81 25.77
N CYS B 123 45.03 -43.18 26.49
CA CYS B 123 44.37 -44.47 26.31
C CYS B 123 42.87 -44.24 26.25
N VAL B 124 42.22 -44.89 25.29
CA VAL B 124 40.77 -44.81 25.11
C VAL B 124 40.19 -46.19 25.35
N ALA B 125 39.26 -46.29 26.29
CA ALA B 125 38.64 -47.55 26.66
C ALA B 125 37.14 -47.44 26.46
N GLU B 126 36.57 -48.36 25.68
CA GLU B 126 35.15 -48.43 25.42
C GLU B 126 34.59 -49.75 25.93
N VAL B 127 33.34 -49.71 26.41
CA VAL B 127 32.68 -50.88 26.93
C VAL B 127 31.38 -51.11 26.15
N ALA B 128 30.77 -52.25 26.40
CA ALA B 128 29.55 -52.61 25.68
C ALA B 128 28.36 -51.81 26.18
N HIS B 129 27.37 -51.65 25.31
CA HIS B 129 26.13 -50.98 25.70
C HIS B 129 25.30 -51.89 26.60
N TYR B 130 24.47 -51.26 27.43
CA TYR B 130 23.66 -52.01 28.39
C TYR B 130 22.74 -52.98 27.66
N GLY B 131 22.66 -54.20 28.19
CA GLY B 131 21.89 -55.25 27.57
C GLY B 131 22.53 -55.93 26.40
N GLU B 132 23.80 -55.64 26.12
CA GLU B 132 24.53 -56.21 24.99
C GLU B 132 25.87 -56.75 25.47
N THR B 133 26.25 -57.91 24.96
CA THR B 133 27.50 -58.56 25.34
C THR B 133 28.56 -58.30 24.27
N LYS B 134 29.71 -57.78 24.71
CA LYS B 134 30.83 -57.48 23.83
C LYS B 134 32.06 -57.26 24.71
N ARG B 135 33.26 -57.57 24.13
CA ARG B 135 34.47 -57.48 24.92
C ARG B 135 35.02 -56.05 24.93
N PRO B 136 35.57 -55.62 26.07
CA PRO B 136 36.14 -54.26 26.13
C PRO B 136 37.27 -54.08 25.15
N GLU B 137 37.37 -52.86 24.60
CA GLU B 137 38.40 -52.51 23.62
C GLU B 137 39.24 -51.36 24.18
N LEU B 138 40.56 -51.53 24.11
CA LEU B 138 41.50 -50.53 24.60
C LEU B 138 42.43 -50.10 23.47
N TYR B 139 42.67 -48.80 23.37
CA TYR B 139 43.55 -48.23 22.35
C TYR B 139 44.62 -47.38 23.03
N ARG B 140 45.83 -47.42 22.49
CA ARG B 140 46.96 -46.66 23.01
C ARG B 140 47.49 -45.74 21.92
N ILE B 141 47.71 -44.48 22.27
CA ILE B 141 48.23 -43.47 21.34
C ILE B 141 49.48 -42.87 21.95
N THR B 142 50.56 -42.82 21.18
CA THR B 142 51.84 -42.31 21.64
C THR B 142 52.02 -40.84 21.23
N TYR B 143 53.21 -40.32 21.51
CA TYR B 143 53.46 -38.88 21.28
C TYR B 143 53.50 -38.53 19.80
N ASP B 144 53.97 -39.44 18.96
CA ASP B 144 54.08 -39.17 17.52
C ASP B 144 52.79 -39.45 16.77
N GLY B 145 51.75 -39.94 17.45
CA GLY B 145 50.50 -40.26 16.81
C GLY B 145 50.31 -41.71 16.47
N SER B 146 51.19 -42.61 16.94
CA SER B 146 51.02 -44.03 16.67
C SER B 146 49.78 -44.55 17.38
N ILE B 147 49.08 -45.48 16.73
CA ILE B 147 47.89 -46.08 17.30
C ILE B 147 48.08 -47.59 17.35
N ALA B 148 47.49 -48.23 18.36
CA ALA B 148 47.61 -49.66 18.55
C ALA B 148 46.42 -50.17 19.33
N ASP B 149 46.17 -51.48 19.22
CA ASP B 149 45.08 -52.15 19.91
C ASP B 149 45.66 -53.13 20.92
N GLU B 150 45.25 -53.00 22.18
CA GLU B 150 45.73 -53.85 23.25
C GLU B 150 44.59 -54.68 23.81
N PRO B 151 44.75 -56.01 23.91
CA PRO B 151 43.59 -56.84 24.26
C PRO B 151 43.20 -56.77 25.73
N HIS B 152 44.16 -56.81 26.65
CA HIS B 152 43.85 -56.95 28.08
C HIS B 152 44.19 -55.71 28.88
N PHE B 153 45.44 -55.24 28.85
CA PHE B 153 45.85 -54.14 29.71
C PHE B 153 46.69 -53.14 28.93
N VAL B 154 46.72 -51.92 29.44
CA VAL B 154 47.53 -50.83 28.90
C VAL B 154 48.31 -50.21 30.05
N VAL B 155 49.63 -50.10 29.88
CA VAL B 155 50.51 -49.54 30.90
C VAL B 155 51.32 -48.41 30.26
N MET B 156 51.33 -47.25 30.91
CA MET B 156 52.00 -46.07 30.37
C MET B 156 52.62 -45.28 31.51
N GLY B 157 53.63 -44.48 31.17
CA GLY B 157 54.22 -43.55 32.12
C GLY B 157 55.41 -44.08 32.88
N GLY B 158 56.58 -43.49 32.63
CA GLY B 158 57.78 -43.85 33.37
C GLY B 158 58.33 -45.22 33.01
N THR B 159 59.04 -45.81 33.97
CA THR B 159 59.66 -47.12 33.81
C THR B 159 58.56 -48.19 33.86
N THR B 160 57.93 -48.42 32.71
CA THR B 160 56.78 -49.31 32.65
C THR B 160 57.14 -50.78 32.50
N GLU B 161 58.43 -51.11 32.37
CA GLU B 161 58.83 -52.50 32.19
C GLU B 161 58.46 -53.40 33.37
N PRO B 162 58.78 -53.04 34.64
CA PRO B 162 58.38 -53.93 35.74
C PRO B 162 56.87 -54.10 35.86
N ILE B 163 56.11 -53.03 35.69
CA ILE B 163 54.65 -53.14 35.78
C ILE B 163 54.11 -53.96 34.61
N ALA B 164 54.69 -53.79 33.42
CA ALA B 164 54.28 -54.59 32.28
C ALA B 164 54.52 -56.07 32.52
N ASN B 165 55.68 -56.42 33.10
CA ASN B 165 55.95 -57.81 33.42
C ASN B 165 54.98 -58.32 34.49
N ALA B 166 54.74 -57.51 35.53
CA ALA B 166 53.90 -57.93 36.64
C ALA B 166 52.43 -58.07 36.24
N LEU B 167 52.00 -57.38 35.17
CA LEU B 167 50.66 -57.57 34.66
C LEU B 167 50.58 -58.63 33.58
N LYS B 168 51.69 -58.89 32.87
CA LYS B 168 51.75 -60.04 31.97
C LYS B 168 51.64 -61.34 32.75
N GLU B 169 52.33 -61.42 33.90
CA GLU B 169 52.27 -62.60 34.74
C GLU B 169 51.20 -62.44 35.82
N SER B 170 50.64 -63.59 36.23
CA SER B 170 49.66 -63.66 37.30
C SER B 170 48.43 -62.79 37.04
N TYR B 171 47.99 -62.73 35.79
CA TYR B 171 46.79 -62.01 35.43
C TYR B 171 45.78 -62.98 34.84
N ALA B 172 44.56 -62.96 35.37
CA ALA B 172 43.49 -63.83 34.90
C ALA B 172 42.26 -62.98 34.56
N GLU B 173 41.70 -63.19 33.37
CA GLU B 173 40.53 -62.44 32.97
C GLU B 173 39.31 -62.84 33.78
N ASN B 174 38.22 -62.10 33.57
CA ASN B 174 36.92 -62.34 34.20
C ASN B 174 36.99 -62.19 35.72
N ALA B 175 37.99 -61.46 36.22
CA ALA B 175 38.17 -61.31 37.64
C ALA B 175 37.19 -60.27 38.21
N SER B 176 37.03 -60.31 39.53
CA SER B 176 36.15 -59.37 40.21
C SER B 176 36.83 -58.01 40.36
N LEU B 177 36.04 -57.03 40.80
CA LEU B 177 36.58 -55.68 41.00
C LEU B 177 37.66 -55.67 42.08
N THR B 178 37.42 -56.38 43.18
CA THR B 178 38.39 -56.39 44.28
C THR B 178 39.71 -57.03 43.85
N ASP B 179 39.64 -58.19 43.20
CA ASP B 179 40.84 -58.88 42.76
C ASP B 179 41.60 -58.06 41.72
N ALA B 180 40.86 -57.44 40.78
CA ALA B 180 41.50 -56.59 39.78
C ALA B 180 42.20 -55.40 40.43
N LEU B 181 41.55 -54.77 41.42
CA LEU B 181 42.17 -53.65 42.10
C LEU B 181 43.43 -54.10 42.85
N ARG B 182 43.36 -55.24 43.52
CA ARG B 182 44.53 -55.73 44.25
C ARG B 182 45.69 -56.03 43.29
N ILE B 183 45.39 -56.66 42.16
CA ILE B 183 46.44 -56.97 41.19
C ILE B 183 47.04 -55.70 40.62
N ALA B 184 46.19 -54.71 40.30
CA ALA B 184 46.68 -53.45 39.75
C ALA B 184 47.58 -52.73 40.75
N VAL B 185 47.17 -52.69 42.02
CA VAL B 185 47.99 -52.03 43.03
C VAL B 185 49.32 -52.76 43.21
N ALA B 186 49.27 -54.10 43.24
CA ALA B 186 50.50 -54.88 43.40
C ALA B 186 51.45 -54.64 42.23
N ALA B 187 50.92 -54.57 41.01
CA ALA B 187 51.77 -54.34 39.84
C ALA B 187 52.31 -52.92 39.82
N LEU B 188 51.52 -51.94 40.28
CA LEU B 188 51.99 -50.57 40.34
C LEU B 188 53.10 -50.41 41.37
N ARG B 189 52.98 -51.09 42.52
CA ARG B 189 54.03 -51.01 43.54
C ARG B 189 55.34 -51.56 43.02
N ALA B 190 55.30 -52.67 42.28
CA ALA B 190 56.51 -53.28 41.73
C ALA B 190 57.04 -52.47 40.56
N LEU B 203 50.49 -46.91 49.59
CA LEU B 203 49.52 -47.06 48.52
C LEU B 203 48.11 -47.19 49.06
N GLY B 204 47.73 -46.28 49.96
CA GLY B 204 46.43 -46.29 50.59
C GLY B 204 45.40 -45.51 49.79
N VAL B 205 44.39 -45.00 50.51
CA VAL B 205 43.35 -44.20 49.87
C VAL B 205 43.95 -42.94 49.25
N ALA B 206 44.84 -42.28 49.98
CA ALA B 206 45.51 -41.09 49.45
C ALA B 206 46.49 -41.47 48.35
N SER B 207 46.74 -40.53 47.45
CA SER B 207 47.67 -40.65 46.33
C SER B 207 47.26 -41.72 45.32
N LEU B 208 46.03 -42.21 45.38
CA LEU B 208 45.54 -43.22 44.45
C LEU B 208 44.24 -42.76 43.83
N GLU B 209 44.16 -42.85 42.51
CA GLU B 209 42.95 -42.51 41.76
C GLU B 209 42.39 -43.79 41.14
N VAL B 210 41.13 -44.09 41.44
CA VAL B 210 40.47 -45.30 40.96
C VAL B 210 39.17 -44.92 40.28
N ALA B 211 38.99 -45.40 39.05
CA ALA B 211 37.75 -45.21 38.32
C ALA B 211 37.46 -46.47 37.51
N VAL B 212 36.18 -46.73 37.27
CA VAL B 212 35.73 -47.93 36.58
C VAL B 212 34.73 -47.55 35.51
N LEU B 213 34.58 -48.45 34.53
CA LEU B 213 33.57 -48.33 33.48
C LEU B 213 32.59 -49.48 33.69
N ASP B 214 31.50 -49.20 34.40
CA ASP B 214 30.55 -50.23 34.82
C ASP B 214 29.52 -50.43 33.70
N ALA B 215 29.66 -51.53 32.96
CA ALA B 215 28.71 -51.84 31.90
C ALA B 215 27.33 -52.18 32.45
N ASN B 216 27.22 -52.49 33.75
CA ASN B 216 25.92 -52.77 34.35
C ASN B 216 25.04 -51.54 34.42
N ARG B 217 25.61 -50.34 34.25
CA ARG B 217 24.83 -49.11 34.33
C ARG B 217 24.05 -48.88 33.03
N PRO B 218 22.85 -48.31 33.11
CA PRO B 218 21.98 -48.25 31.92
C PRO B 218 22.49 -47.32 30.84
N ARG B 219 22.84 -46.08 31.19
CA ARG B 219 23.26 -45.09 30.19
C ARG B 219 24.70 -44.66 30.38
N ARG B 220 25.07 -44.16 31.57
CA ARG B 220 26.42 -43.65 31.82
C ARG B 220 27.17 -44.66 32.66
N ALA B 221 28.31 -45.13 32.15
CA ALA B 221 29.06 -46.21 32.77
C ALA B 221 30.24 -45.75 33.61
N PHE B 222 30.45 -44.44 33.72
CA PHE B 222 31.60 -43.92 34.46
C PHE B 222 31.24 -43.75 35.93
N ARG B 223 32.15 -44.18 36.81
CA ARG B 223 31.94 -44.09 38.25
C ARG B 223 33.28 -43.83 38.92
N ARG B 224 33.25 -43.02 39.98
CA ARG B 224 34.44 -42.71 40.78
C ARG B 224 34.35 -43.40 42.12
N ILE B 225 35.41 -44.09 42.50
CA ILE B 225 35.50 -44.80 43.78
C ILE B 225 36.46 -44.02 44.66
N THR B 226 35.93 -43.37 45.69
CA THR B 226 36.73 -42.56 46.61
C THR B 226 36.16 -42.67 48.00
N GLY B 227 36.99 -42.36 48.99
CA GLY B 227 36.55 -42.32 50.37
C GLY B 227 36.54 -43.66 51.06
N SER B 228 35.52 -43.89 51.89
CA SER B 228 35.45 -45.14 52.66
C SER B 228 35.25 -46.35 51.76
N ALA B 229 34.57 -46.18 50.62
CA ALA B 229 34.38 -47.30 49.71
C ALA B 229 35.70 -47.82 49.17
N LEU B 230 36.61 -46.91 48.81
CA LEU B 230 37.92 -47.32 48.32
C LEU B 230 38.70 -48.07 49.40
N GLN B 231 38.65 -47.57 50.64
CA GLN B 231 39.34 -48.26 51.73
C GLN B 231 38.75 -49.64 51.96
N ALA B 232 37.43 -49.77 51.88
CA ALA B 232 36.80 -51.08 52.03
C ALA B 232 37.19 -52.01 50.88
N LEU B 233 37.37 -51.47 49.67
CA LEU B 233 37.77 -52.30 48.55
C LEU B 233 39.15 -52.92 48.78
N LEU B 234 40.09 -52.14 49.30
CA LEU B 234 41.42 -52.67 49.60
C LEU B 234 41.93 -52.15 50.94
N SER C 8 -70.77 26.19 0.29
CA SER C 8 -71.15 26.80 1.57
C SER C 8 -70.51 26.06 2.73
N PRO C 9 -69.43 26.62 3.29
CA PRO C 9 -68.79 25.98 4.44
C PRO C 9 -69.70 25.85 5.65
N GLU C 10 -70.62 26.79 5.85
CA GLU C 10 -71.49 26.74 7.02
C GLU C 10 -72.38 25.49 7.00
N GLN C 11 -72.96 25.18 5.84
CA GLN C 11 -73.83 24.01 5.75
C GLN C 11 -73.05 22.72 5.98
N ALA C 12 -71.86 22.62 5.39
CA ALA C 12 -71.04 21.42 5.58
C ALA C 12 -70.64 21.26 7.04
N MET C 13 -70.23 22.35 7.68
CA MET C 13 -69.86 22.29 9.09
C MET C 13 -71.04 21.88 9.97
N ARG C 14 -72.22 22.45 9.68
CA ARG C 14 -73.41 22.10 10.45
C ARG C 14 -73.76 20.63 10.29
N GLU C 15 -73.70 20.12 9.05
CA GLU C 15 -74.04 18.72 8.81
C GLU C 15 -73.02 17.79 9.46
N ARG C 16 -71.73 18.14 9.42
CA ARG C 16 -70.72 17.32 10.08
C ARG C 16 -70.93 17.31 11.59
N SER C 17 -71.22 18.47 12.17
CA SER C 17 -71.47 18.54 13.61
C SER C 17 -72.69 17.72 13.99
N GLU C 18 -73.77 17.80 13.20
CA GLU C 18 -74.96 17.02 13.48
C GLU C 18 -74.67 15.52 13.38
N LEU C 19 -73.92 15.12 12.36
CA LEU C 19 -73.56 13.70 12.22
C LEU C 19 -72.75 13.22 13.41
N ALA C 20 -71.77 14.01 13.85
CA ALA C 20 -70.95 13.62 15.00
C ALA C 20 -71.79 13.53 16.26
N ARG C 21 -72.69 14.50 16.46
CA ARG C 21 -73.52 14.49 17.66
C ARG C 21 -74.47 13.29 17.67
N LYS C 22 -75.05 12.97 16.52
CA LYS C 22 -75.92 11.79 16.43
C LYS C 22 -75.12 10.51 16.65
N GLY C 23 -73.89 10.46 16.15
CA GLY C 23 -73.06 9.28 16.37
C GLY C 23 -72.70 9.06 17.82
N ILE C 24 -72.32 10.14 18.52
CA ILE C 24 -71.97 10.00 19.93
C ILE C 24 -73.22 9.79 20.79
N ALA C 25 -74.37 10.28 20.34
CA ALA C 25 -75.58 10.21 21.16
C ALA C 25 -76.07 8.79 21.35
N ARG C 26 -75.88 7.92 20.36
CA ARG C 26 -76.30 6.53 20.49
C ARG C 26 -75.33 5.68 21.31
N ALA C 27 -74.13 6.20 21.58
CA ALA C 27 -73.14 5.48 22.36
C ALA C 27 -73.50 5.47 23.85
N LYS C 28 -72.85 4.59 24.59
CA LYS C 28 -73.11 4.48 26.01
C LYS C 28 -72.35 5.56 26.78
N SER C 29 -72.65 5.67 28.07
CA SER C 29 -72.09 6.71 28.92
C SER C 29 -70.93 6.17 29.73
N VAL C 30 -69.83 6.92 29.76
CA VAL C 30 -68.67 6.61 30.57
C VAL C 30 -68.40 7.79 31.50
N VAL C 31 -68.17 7.50 32.78
CA VAL C 31 -68.05 8.53 33.81
C VAL C 31 -66.66 8.45 34.43
N ALA C 32 -65.99 9.60 34.54
CA ALA C 32 -64.67 9.70 35.14
C ALA C 32 -64.70 10.78 36.20
N LEU C 33 -64.20 10.47 37.40
CA LEU C 33 -64.20 11.41 38.50
C LEU C 33 -62.95 11.21 39.33
N ALA C 34 -62.62 12.22 40.13
CA ALA C 34 -61.44 12.22 40.97
C ALA C 34 -61.84 12.08 42.43
N TYR C 35 -61.16 11.18 43.14
CA TYR C 35 -61.39 10.94 44.55
C TYR C 35 -60.12 11.20 45.34
N ALA C 36 -60.12 10.81 46.62
CA ALA C 36 -59.02 11.14 47.51
C ALA C 36 -57.72 10.42 47.14
N GLY C 37 -57.76 9.46 46.24
CA GLY C 37 -56.57 8.71 45.89
C GLY C 37 -56.24 8.70 44.42
N GLY C 38 -56.80 9.65 43.67
CA GLY C 38 -56.57 9.70 42.24
C GLY C 38 -57.83 9.90 41.42
N VAL C 39 -57.89 9.27 40.25
CA VAL C 39 -59.01 9.39 39.33
C VAL C 39 -59.62 8.02 39.12
N LEU C 40 -60.94 7.93 39.25
CA LEU C 40 -61.67 6.68 39.09
C LEU C 40 -62.43 6.70 37.76
N PHE C 41 -62.26 5.65 36.98
CA PHE C 41 -62.94 5.52 35.68
C PHE C 41 -63.97 4.40 35.78
N VAL C 42 -65.21 4.73 35.42
CA VAL C 42 -66.31 3.77 35.39
C VAL C 42 -66.97 3.84 34.02
N ALA C 43 -67.14 2.70 33.38
CA ALA C 43 -67.69 2.63 32.03
C ALA C 43 -68.68 1.49 31.92
N GLU C 44 -69.59 1.61 30.96
CA GLU C 44 -70.57 0.57 30.64
C GLU C 44 -70.01 -0.23 29.47
N ASN C 45 -69.41 -1.37 29.77
CA ASN C 45 -68.77 -2.19 28.75
C ASN C 45 -69.11 -3.67 28.94
N PRO C 46 -69.99 -4.22 28.10
CA PRO C 46 -70.39 -5.63 28.31
C PRO C 46 -69.28 -6.63 27.99
N SER C 47 -68.61 -6.48 26.85
CA SER C 47 -67.55 -7.40 26.47
C SER C 47 -66.27 -7.10 27.24
N ARG C 48 -65.46 -8.14 27.43
CA ARG C 48 -64.17 -8.00 28.09
C ARG C 48 -63.00 -7.86 27.14
N SER C 49 -63.14 -8.30 25.88
CA SER C 49 -62.05 -8.12 24.93
C SER C 49 -61.87 -6.66 24.55
N LEU C 50 -62.95 -5.89 24.55
CA LEU C 50 -62.93 -4.49 24.19
C LEU C 50 -62.84 -3.65 25.47
N GLN C 51 -61.86 -2.74 25.50
CA GLN C 51 -61.62 -1.90 26.66
C GLN C 51 -61.73 -0.43 26.26
N LYS C 52 -62.60 0.31 26.96
CA LYS C 52 -62.75 1.74 26.74
C LYS C 52 -61.87 2.58 27.65
N ILE C 53 -61.20 1.96 28.62
CA ILE C 53 -60.32 2.64 29.55
C ILE C 53 -58.93 2.01 29.44
N SER C 54 -57.91 2.84 29.33
CA SER C 54 -56.54 2.38 29.14
C SER C 54 -55.57 3.29 29.88
N GLU C 55 -54.29 2.96 29.76
CA GLU C 55 -53.21 3.73 30.38
C GLU C 55 -52.29 4.27 29.30
N LEU C 56 -52.00 5.57 29.35
CA LEU C 56 -51.15 6.22 28.37
C LEU C 56 -49.71 6.33 28.82
N TYR C 57 -49.46 6.65 30.08
CA TYR C 57 -48.10 6.73 30.61
C TYR C 57 -48.13 6.33 32.08
N ASP C 58 -47.06 6.66 32.80
CA ASP C 58 -46.96 6.26 34.20
C ASP C 58 -48.07 6.87 35.04
N ARG C 59 -48.38 8.15 34.83
CA ARG C 59 -49.39 8.85 35.63
C ARG C 59 -50.54 9.38 34.80
N VAL C 60 -50.63 9.00 33.52
CA VAL C 60 -51.69 9.49 32.64
C VAL C 60 -52.66 8.35 32.37
N GLY C 61 -53.94 8.71 32.16
CA GLY C 61 -54.96 7.74 31.86
C GLY C 61 -55.74 8.15 30.64
N PHE C 62 -56.46 7.17 30.07
CA PHE C 62 -57.23 7.38 28.86
C PHE C 62 -58.65 6.88 29.05
N ALA C 63 -59.59 7.60 28.43
CA ALA C 63 -61.00 7.21 28.45
C ALA C 63 -61.67 7.82 27.22
N ALA C 64 -62.60 7.07 26.63
CA ALA C 64 -63.25 7.50 25.40
C ALA C 64 -64.59 6.80 25.25
N ALA C 65 -65.41 7.35 24.36
CA ALA C 65 -66.71 6.79 24.05
C ALA C 65 -67.02 7.04 22.59
N GLY C 66 -67.60 6.03 21.93
CA GLY C 66 -67.93 6.14 20.52
C GLY C 66 -67.54 4.91 19.72
N LYS C 67 -67.17 5.12 18.45
CA LYS C 67 -66.76 4.01 17.60
C LYS C 67 -65.41 3.47 18.08
N PHE C 68 -65.33 2.14 18.22
CA PHE C 68 -64.18 1.53 18.88
C PHE C 68 -62.89 1.78 18.12
N ASN C 69 -62.92 1.63 16.79
CA ASN C 69 -61.69 1.74 15.99
C ASN C 69 -61.08 3.13 16.06
N GLU C 70 -61.92 4.17 16.05
CA GLU C 70 -61.41 5.53 16.03
C GLU C 70 -60.62 5.86 17.28
N PHE C 71 -61.20 5.63 18.46
CA PHE C 71 -60.45 5.94 19.67
C PHE C 71 -59.39 4.89 19.96
N ASP C 72 -59.50 3.69 19.39
CA ASP C 72 -58.37 2.75 19.45
C ASP C 72 -57.16 3.31 18.73
N ASN C 73 -57.37 3.86 17.53
CA ASN C 73 -56.28 4.49 16.79
C ASN C 73 -55.74 5.70 17.54
N LEU C 74 -56.64 6.51 18.11
CA LEU C 74 -56.19 7.67 18.88
C LEU C 74 -55.37 7.25 20.09
N ARG C 75 -55.79 6.17 20.77
CA ARG C 75 -55.04 5.64 21.90
C ARG C 75 -53.67 5.16 21.49
N ARG C 76 -53.57 4.43 20.37
CA ARG C 76 -52.28 3.95 19.91
C ARG C 76 -51.35 5.11 19.58
N GLY C 77 -51.87 6.13 18.90
CA GLY C 77 -51.07 7.30 18.59
C GLY C 77 -50.61 8.03 19.83
N GLY C 78 -51.50 8.17 20.82
CA GLY C 78 -51.10 8.79 22.07
C GLY C 78 -50.03 8.02 22.81
N ILE C 79 -50.14 6.69 22.85
CA ILE C 79 -49.10 5.88 23.48
C ILE C 79 -47.77 6.06 22.76
N GLN C 80 -47.77 6.04 21.42
CA GLN C 80 -46.52 6.22 20.70
C GLN C 80 -45.92 7.59 20.96
N PHE C 81 -46.75 8.63 20.97
CA PHE C 81 -46.26 9.98 21.25
C PHE C 81 -45.67 10.07 22.64
N ALA C 82 -46.37 9.51 23.64
CA ALA C 82 -45.89 9.58 25.01
C ALA C 82 -44.57 8.85 25.18
N ASP C 83 -44.46 7.64 24.60
CA ASP C 83 -43.23 6.87 24.73
C ASP C 83 -42.06 7.56 24.02
N THR C 84 -42.30 8.11 22.82
CA THR C 84 -41.24 8.81 22.11
C THR C 84 -40.78 10.05 22.87
N ARG C 85 -41.73 10.82 23.42
CA ARG C 85 -41.36 12.00 24.19
C ARG C 85 -40.60 11.63 25.46
N GLY C 86 -41.02 10.54 26.13
CA GLY C 86 -40.30 10.11 27.31
C GLY C 86 -38.89 9.64 27.01
N TYR C 87 -38.72 8.92 25.90
CA TYR C 87 -37.39 8.47 25.52
C TYR C 87 -36.53 9.63 25.03
N ALA C 88 -37.14 10.70 24.51
CA ALA C 88 -36.38 11.82 23.99
C ALA C 88 -35.76 12.64 25.11
N TYR C 89 -36.59 13.19 25.99
CA TYR C 89 -36.10 14.07 27.04
C TYR C 89 -35.97 13.35 28.38
N ASP C 90 -37.07 12.82 28.91
CA ASP C 90 -37.09 12.15 30.21
C ASP C 90 -38.49 11.60 30.45
N ARG C 91 -38.57 10.67 31.41
CA ARG C 91 -39.88 10.11 31.77
C ARG C 91 -40.70 11.10 32.58
N ARG C 92 -40.05 12.02 33.29
CA ARG C 92 -40.74 13.01 34.12
C ARG C 92 -41.11 14.27 33.36
N ASP C 93 -40.81 14.33 32.07
CA ASP C 93 -41.11 15.50 31.25
C ASP C 93 -42.39 15.32 30.43
N VAL C 94 -43.17 14.28 30.69
CA VAL C 94 -44.42 14.01 29.99
C VAL C 94 -45.58 14.33 30.92
N THR C 95 -46.49 15.18 30.45
CA THR C 95 -47.67 15.57 31.20
C THR C 95 -48.91 15.35 30.35
N GLY C 96 -50.06 15.23 31.02
CA GLY C 96 -51.31 15.05 30.32
C GLY C 96 -51.74 16.25 29.49
N ARG C 97 -51.20 17.44 29.79
CA ARG C 97 -51.53 18.62 28.99
C ARG C 97 -51.05 18.46 27.56
N GLN C 98 -49.83 17.94 27.37
CA GLN C 98 -49.32 17.73 26.02
C GLN C 98 -50.17 16.73 25.25
N LEU C 99 -50.56 15.63 25.90
CA LEU C 99 -51.41 14.63 25.26
C LEU C 99 -52.76 15.22 24.88
N ALA C 100 -53.35 16.02 25.78
CA ALA C 100 -54.63 16.64 25.48
C ALA C 100 -54.52 17.62 24.32
N ASN C 101 -53.42 18.36 24.27
CA ASN C 101 -53.23 19.32 23.18
C ASN C 101 -53.06 18.61 21.84
N VAL C 102 -52.22 17.57 21.79
CA VAL C 102 -52.03 16.86 20.53
C VAL C 102 -53.31 16.15 20.12
N TYR C 103 -54.09 15.65 21.09
CA TYR C 103 -55.37 15.04 20.76
C TYR C 103 -56.35 16.06 20.17
N ALA C 104 -56.37 17.28 20.74
CA ALA C 104 -57.21 18.33 20.21
C ALA C 104 -56.81 18.70 18.79
N GLN C 105 -55.51 18.84 18.54
CA GLN C 105 -55.05 19.15 17.18
C GLN C 105 -55.41 18.04 16.20
N THR C 106 -55.22 16.78 16.59
CA THR C 106 -55.52 15.68 15.69
C THR C 106 -57.02 15.59 15.40
N LEU C 107 -57.85 15.78 16.42
CA LEU C 107 -59.29 15.74 16.21
C LEU C 107 -59.76 16.91 15.34
N GLY C 108 -59.17 18.10 15.53
CA GLY C 108 -59.50 19.22 14.66
C GLY C 108 -59.11 18.98 13.23
N THR C 109 -57.91 18.42 13.00
CA THR C 109 -57.47 18.11 11.65
C THR C 109 -58.38 17.07 11.01
N ILE C 110 -58.80 16.06 11.77
CA ILE C 110 -59.72 15.06 11.25
C ILE C 110 -61.07 15.70 10.90
N PHE C 111 -61.57 16.57 11.79
CA PHE C 111 -62.85 17.22 11.54
C PHE C 111 -62.78 18.09 10.29
N THR C 112 -61.63 18.71 10.03
CA THR C 112 -61.52 19.65 8.92
C THR C 112 -61.26 18.94 7.60
N GLU C 113 -60.21 18.13 7.53
CA GLU C 113 -59.71 17.58 6.27
C GLU C 113 -59.97 16.08 6.13
N GLN C 114 -61.14 15.61 6.54
CA GLN C 114 -61.51 14.22 6.33
C GLN C 114 -62.96 14.15 5.86
N ALA C 115 -63.26 13.08 5.12
CA ALA C 115 -64.62 12.92 4.58
C ALA C 115 -65.65 12.78 5.69
N LYS C 116 -65.34 12.01 6.73
CA LYS C 116 -66.26 11.78 7.83
C LYS C 116 -65.59 12.18 9.15
N PRO C 117 -66.19 13.07 9.93
CA PRO C 117 -65.59 13.43 11.22
C PRO C 117 -65.63 12.28 12.20
N TYR C 118 -64.67 12.30 13.14
CA TYR C 118 -64.56 11.24 14.13
C TYR C 118 -65.64 11.39 15.19
N GLU C 119 -66.35 10.30 15.47
CA GLU C 119 -67.44 10.27 16.44
C GLU C 119 -66.94 9.79 17.80
N VAL C 120 -65.99 10.55 18.36
CA VAL C 120 -65.34 10.16 19.61
C VAL C 120 -65.30 11.35 20.55
N GLU C 121 -65.10 11.05 21.84
CA GLU C 121 -64.96 12.07 22.87
C GLU C 121 -63.98 11.52 23.91
N LEU C 122 -62.81 12.15 24.01
CA LEU C 122 -61.72 11.64 24.82
C LEU C 122 -61.58 12.44 26.11
N CYS C 123 -61.04 11.79 27.13
CA CYS C 123 -60.71 12.45 28.39
C CYS C 123 -59.32 12.01 28.82
N VAL C 124 -58.51 12.98 29.24
CA VAL C 124 -57.15 12.74 29.71
C VAL C 124 -57.08 13.12 31.17
N ALA C 125 -56.68 12.17 32.02
CA ALA C 125 -56.61 12.38 33.46
C ALA C 125 -55.18 12.12 33.92
N GLU C 126 -54.59 13.11 34.59
CA GLU C 126 -53.24 13.00 35.13
C GLU C 126 -53.29 13.15 36.66
N VAL C 127 -52.40 12.43 37.33
CA VAL C 127 -52.32 12.46 38.79
C VAL C 127 -50.92 12.89 39.19
N ALA C 128 -50.75 13.14 40.48
CA ALA C 128 -49.49 13.62 41.01
C ALA C 128 -48.45 12.50 41.04
N HIS C 129 -47.19 12.89 40.98
CA HIS C 129 -46.10 11.93 41.11
C HIS C 129 -45.98 11.46 42.56
N TYR C 130 -45.43 10.26 42.72
CA TYR C 130 -45.31 9.66 44.05
C TYR C 130 -44.43 10.54 44.95
N GLY C 131 -44.89 10.73 46.18
CA GLY C 131 -44.21 11.59 47.12
C GLY C 131 -44.46 13.07 46.92
N GLU C 132 -45.38 13.45 46.05
CA GLU C 132 -45.68 14.85 45.77
C GLU C 132 -47.19 15.05 45.84
N THR C 133 -47.60 16.17 46.43
CA THR C 133 -49.01 16.52 46.58
C THR C 133 -49.43 17.50 45.50
N LYS C 134 -50.48 17.15 44.77
CA LYS C 134 -51.03 17.98 43.70
C LYS C 134 -52.42 17.46 43.37
N ARG C 135 -53.30 18.39 42.88
CA ARG C 135 -54.68 17.98 42.62
C ARG C 135 -54.79 17.35 41.23
N PRO C 136 -55.64 16.33 41.09
CA PRO C 136 -55.83 15.71 39.77
C PRO C 136 -56.38 16.69 38.75
N GLU C 137 -55.94 16.53 37.50
CA GLU C 137 -56.34 17.38 36.40
C GLU C 137 -57.03 16.56 35.33
N LEU C 138 -58.20 17.00 34.89
CA LEU C 138 -58.98 16.32 33.87
C LEU C 138 -59.21 17.24 32.68
N TYR C 139 -59.07 16.70 31.47
CA TYR C 139 -59.27 17.44 30.25
C TYR C 139 -60.27 16.71 29.36
N ARG C 140 -61.13 17.48 28.68
CA ARG C 140 -62.14 16.92 27.80
C ARG C 140 -61.93 17.46 26.39
N ILE C 141 -61.95 16.57 25.40
CA ILE C 141 -61.78 16.93 24.00
C ILE C 141 -62.98 16.41 23.22
N THR C 142 -63.58 17.29 22.42
CA THR C 142 -64.78 16.95 21.65
C THR C 142 -64.39 16.57 20.22
N TYR C 143 -65.42 16.35 19.40
CA TYR C 143 -65.20 15.85 18.04
C TYR C 143 -64.53 16.88 17.15
N ASP C 144 -64.82 18.17 17.35
CA ASP C 144 -64.24 19.22 16.52
C ASP C 144 -62.87 19.66 16.99
N GLY C 145 -62.37 19.11 18.08
CA GLY C 145 -61.08 19.50 18.62
C GLY C 145 -61.13 20.49 19.76
N SER C 146 -62.30 20.79 20.30
CA SER C 146 -62.41 21.71 21.42
C SER C 146 -61.75 21.11 22.66
N ILE C 147 -61.09 21.95 23.44
CA ILE C 147 -60.44 21.51 24.67
C ILE C 147 -60.99 22.31 25.84
N ALA C 148 -61.06 21.67 27.00
CA ALA C 148 -61.59 22.31 28.19
C ALA C 148 -61.00 21.63 29.42
N ASP C 149 -61.06 22.35 30.54
CA ASP C 149 -60.56 21.86 31.82
C ASP C 149 -61.72 21.69 32.79
N GLU C 150 -61.85 20.50 33.35
CA GLU C 150 -62.94 20.18 34.27
C GLU C 150 -62.38 19.87 35.65
N PRO C 151 -62.87 20.53 36.70
CA PRO C 151 -62.21 20.39 38.01
C PRO C 151 -62.47 19.06 38.71
N HIS C 152 -63.70 18.56 38.70
CA HIS C 152 -64.07 17.41 39.51
C HIS C 152 -64.39 16.18 38.68
N PHE C 153 -65.35 16.26 37.76
CA PHE C 153 -65.80 15.08 37.03
C PHE C 153 -65.98 15.40 35.55
N VAL C 154 -65.90 14.35 34.74
CA VAL C 154 -66.12 14.42 33.30
C VAL C 154 -67.13 13.35 32.91
N VAL C 155 -68.19 13.75 32.22
CA VAL C 155 -69.24 12.83 31.79
C VAL C 155 -69.40 12.96 30.29
N MET C 156 -69.40 11.83 29.58
CA MET C 156 -69.48 11.81 28.13
C MET C 156 -70.30 10.62 27.67
N GLY C 157 -70.85 10.73 26.46
CA GLY C 157 -71.52 9.61 25.84
C GLY C 157 -73.02 9.55 26.07
N GLY C 158 -73.79 9.73 25.00
CA GLY C 158 -75.24 9.60 25.09
C GLY C 158 -75.90 10.75 25.83
N THR C 159 -77.07 10.44 26.39
CA THR C 159 -77.87 11.42 27.14
C THR C 159 -77.20 11.66 28.49
N THR C 160 -76.23 12.57 28.49
CA THR C 160 -75.40 12.80 29.67
C THR C 160 -76.02 13.78 30.66
N GLU C 161 -77.18 14.36 30.35
CA GLU C 161 -77.79 15.34 31.24
C GLU C 161 -78.17 14.75 32.60
N PRO C 162 -78.90 13.62 32.68
CA PRO C 162 -79.23 13.08 34.01
C PRO C 162 -78.01 12.70 34.82
N ILE C 163 -77.00 12.10 34.21
CA ILE C 163 -75.78 11.74 34.94
C ILE C 163 -75.03 12.98 35.37
N ALA C 164 -75.00 14.01 34.51
CA ALA C 164 -74.36 15.26 34.88
C ALA C 164 -75.04 15.89 36.09
N ASN C 165 -76.38 15.88 36.11
CA ASN C 165 -77.09 16.41 37.27
C ASN C 165 -76.82 15.56 38.52
N ALA C 166 -76.83 14.24 38.36
CA ALA C 166 -76.66 13.35 39.51
C ALA C 166 -75.25 13.39 40.07
N LEU C 167 -74.27 13.79 39.27
CA LEU C 167 -72.91 13.99 39.78
C LEU C 167 -72.65 15.41 40.25
N LYS C 168 -73.40 16.39 39.71
CA LYS C 168 -73.35 17.74 40.27
C LYS C 168 -73.91 17.75 41.69
N GLU C 169 -75.00 17.02 41.92
CA GLU C 169 -75.60 16.93 43.24
C GLU C 169 -75.07 15.72 43.99
N SER C 170 -75.04 15.86 45.33
CA SER C 170 -74.65 14.77 46.23
C SER C 170 -73.25 14.23 45.92
N TYR C 171 -72.33 15.11 45.57
CA TYR C 171 -70.93 14.74 45.33
C TYR C 171 -70.05 15.49 46.31
N ALA C 172 -69.20 14.75 47.02
CA ALA C 172 -68.27 15.32 47.99
C ALA C 172 -66.87 14.86 47.68
N GLU C 173 -65.92 15.80 47.61
CA GLU C 173 -64.55 15.46 47.32
C GLU C 173 -63.92 14.71 48.49
N ASN C 174 -62.69 14.23 48.25
CA ASN C 174 -61.88 13.52 49.24
C ASN C 174 -62.53 12.22 49.70
N ALA C 175 -63.43 11.68 48.88
CA ALA C 175 -64.15 10.46 49.25
C ALA C 175 -63.28 9.23 49.03
N SER C 176 -63.69 8.13 49.66
CA SER C 176 -62.98 6.87 49.53
C SER C 176 -63.30 6.20 48.20
N LEU C 177 -62.55 5.14 47.90
CA LEU C 177 -62.77 4.41 46.65
C LEU C 177 -64.17 3.78 46.62
N THR C 178 -64.60 3.19 47.74
CA THR C 178 -65.90 2.54 47.78
C THR C 178 -67.03 3.54 47.58
N ASP C 179 -66.98 4.66 48.29
CA ASP C 179 -68.03 5.66 48.18
C ASP C 179 -68.04 6.28 46.78
N ALA C 180 -66.87 6.54 46.21
CA ALA C 180 -66.80 7.07 44.85
C ALA C 180 -67.38 6.08 43.85
N LEU C 181 -67.07 4.80 43.99
CA LEU C 181 -67.63 3.80 43.09
C LEU C 181 -69.14 3.72 43.22
N ARG C 182 -69.66 3.76 44.46
CA ARG C 182 -71.10 3.71 44.65
C ARG C 182 -71.79 4.92 44.03
N ILE C 183 -71.21 6.10 44.23
CA ILE C 183 -71.80 7.32 43.66
C ILE C 183 -71.76 7.27 42.14
N ALA C 184 -70.66 6.81 41.56
CA ALA C 184 -70.55 6.72 40.11
C ALA C 184 -71.57 5.73 39.54
N VAL C 185 -71.72 4.58 40.18
CA VAL C 185 -72.70 3.60 39.70
C VAL C 185 -74.12 4.16 39.82
N ALA C 186 -74.43 4.82 40.94
CA ALA C 186 -75.76 5.40 41.12
C ALA C 186 -76.05 6.46 40.06
N ALA C 187 -75.06 7.29 39.75
CA ALA C 187 -75.26 8.33 38.74
C ALA C 187 -75.37 7.74 37.35
N LEU C 188 -74.62 6.66 37.06
CA LEU C 188 -74.73 6.02 35.76
C LEU C 188 -76.09 5.35 35.57
N ARG C 189 -76.63 4.75 36.64
CA ARG C 189 -77.94 4.12 36.54
C ARG C 189 -79.03 5.16 36.23
N ALA C 190 -78.95 6.33 36.86
CA ALA C 190 -79.92 7.38 36.64
C ALA C 190 -79.70 8.05 35.29
N LEU C 203 -76.37 -3.83 37.08
CA LEU C 203 -75.11 -3.11 37.17
C LEU C 203 -74.13 -3.83 38.10
N GLY C 204 -73.96 -5.13 37.87
CA GLY C 204 -73.07 -5.95 38.67
C GLY C 204 -71.66 -5.96 38.15
N VAL C 205 -70.94 -7.06 38.43
CA VAL C 205 -69.57 -7.20 37.96
C VAL C 205 -69.53 -7.21 36.44
N ALA C 206 -70.45 -7.93 35.81
CA ALA C 206 -70.52 -7.96 34.36
C ALA C 206 -71.01 -6.62 33.82
N SER C 207 -70.62 -6.32 32.59
CA SER C 207 -71.00 -5.11 31.86
C SER C 207 -70.49 -3.83 32.50
N LEU C 208 -69.56 -3.92 33.45
CA LEU C 208 -69.00 -2.75 34.10
C LEU C 208 -67.47 -2.80 34.02
N GLU C 209 -66.88 -1.68 33.60
CA GLU C 209 -65.43 -1.55 33.54
C GLU C 209 -64.99 -0.51 34.56
N VAL C 210 -64.09 -0.90 35.46
CA VAL C 210 -63.62 -0.05 36.54
C VAL C 210 -62.10 0.00 36.51
N ALA C 211 -61.55 1.21 36.48
CA ALA C 211 -60.10 1.42 36.54
C ALA C 211 -59.83 2.66 37.38
N VAL C 212 -58.66 2.68 38.03
CA VAL C 212 -58.29 3.77 38.92
C VAL C 212 -56.86 4.21 38.61
N LEU C 213 -56.54 5.43 39.01
CA LEU C 213 -55.20 5.99 38.93
C LEU C 213 -54.71 6.18 40.36
N ASP C 214 -53.99 5.18 40.87
CA ASP C 214 -53.58 5.15 42.27
C ASP C 214 -52.27 5.91 42.42
N ALA C 215 -52.34 7.13 42.97
CA ALA C 215 -51.15 7.93 43.19
C ALA C 215 -50.25 7.33 44.27
N ASN C 216 -50.78 6.40 45.08
CA ASN C 216 -49.96 5.73 46.09
C ASN C 216 -48.91 4.81 45.48
N ARG C 217 -49.04 4.48 44.21
CA ARG C 217 -48.10 3.57 43.55
C ARG C 217 -46.82 4.34 43.18
N PRO C 218 -45.67 3.68 43.26
CA PRO C 218 -44.39 4.40 43.09
C PRO C 218 -44.15 4.93 41.68
N ARG C 219 -44.30 4.08 40.67
CA ARG C 219 -44.01 4.48 39.29
C ARG C 219 -45.25 4.44 38.41
N ARG C 220 -45.93 3.31 38.31
CA ARG C 220 -47.09 3.16 37.43
C ARG C 220 -48.36 3.18 38.29
N ALA C 221 -49.26 4.12 37.98
CA ALA C 221 -50.43 4.38 38.80
C ALA C 221 -51.70 3.72 38.26
N PHE C 222 -51.62 3.00 37.15
CA PHE C 222 -52.80 2.40 36.54
C PHE C 222 -53.06 1.02 37.13
N ARG C 223 -54.32 0.75 37.45
CA ARG C 223 -54.72 -0.53 38.03
C ARG C 223 -56.11 -0.89 37.53
N ARG C 224 -56.33 -2.18 37.30
CA ARG C 224 -57.61 -2.71 36.86
C ARG C 224 -58.27 -3.47 38.00
N ILE C 225 -59.54 -3.16 38.28
CA ILE C 225 -60.30 -3.82 39.33
C ILE C 225 -61.34 -4.71 38.64
N THR C 226 -61.14 -6.03 38.74
CA THR C 226 -62.01 -6.99 38.10
C THR C 226 -62.12 -8.23 38.99
N GLY C 227 -63.19 -8.99 38.77
CA GLY C 227 -63.36 -10.24 39.48
C GLY C 227 -63.98 -10.12 40.86
N SER C 228 -63.48 -10.91 41.81
CA SER C 228 -64.05 -10.91 43.15
C SER C 228 -63.80 -9.58 43.87
N ALA C 229 -62.69 -8.91 43.56
CA ALA C 229 -62.41 -7.62 44.20
C ALA C 229 -63.47 -6.59 43.84
N LEU C 230 -63.89 -6.55 42.58
CA LEU C 230 -64.94 -5.63 42.17
C LEU C 230 -66.26 -5.93 42.88
N GLN C 231 -66.61 -7.21 43.00
CA GLN C 231 -67.82 -7.58 43.70
C GLN C 231 -67.76 -7.18 45.17
N ALA C 232 -66.60 -7.38 45.80
CA ALA C 232 -66.43 -6.96 47.19
C ALA C 232 -66.53 -5.44 47.34
N LEU C 233 -66.05 -4.70 46.34
CA LEU C 233 -66.13 -3.25 46.39
C LEU C 233 -67.58 -2.77 46.41
N LEU C 234 -68.44 -3.38 45.59
CA LEU C 234 -69.86 -3.03 45.58
C LEU C 234 -70.73 -4.27 45.48
N SER D 8 -68.28 31.07 -8.13
CA SER D 8 -68.31 32.46 -7.72
C SER D 8 -67.40 32.72 -6.52
N PRO D 9 -66.22 33.28 -6.78
CA PRO D 9 -65.30 33.58 -5.68
C PRO D 9 -65.87 34.56 -4.66
N GLU D 10 -66.71 35.50 -5.10
CA GLU D 10 -67.26 36.50 -4.19
C GLU D 10 -68.11 35.85 -3.11
N GLN D 11 -68.98 34.91 -3.50
CA GLN D 11 -69.85 34.25 -2.53
C GLN D 11 -69.04 33.44 -1.54
N ALA D 12 -68.04 32.70 -2.02
CA ALA D 12 -67.21 31.90 -1.13
C ALA D 12 -66.44 32.79 -0.15
N MET D 13 -65.88 33.89 -0.64
CA MET D 13 -65.15 34.81 0.23
C MET D 13 -66.09 35.41 1.28
N ARG D 14 -67.29 35.82 0.87
CA ARG D 14 -68.25 36.38 1.81
C ARG D 14 -68.64 35.37 2.88
N GLU D 15 -68.90 34.13 2.48
CA GLU D 15 -69.29 33.10 3.44
C GLU D 15 -68.14 32.78 4.40
N ARG D 16 -66.91 32.72 3.89
CA ARG D 16 -65.76 32.48 4.77
C ARG D 16 -65.58 33.61 5.76
N SER D 17 -65.71 34.86 5.29
CA SER D 17 -65.58 36.01 6.19
C SER D 17 -66.68 36.00 7.25
N GLU D 18 -67.91 35.68 6.86
CA GLU D 18 -69.00 35.61 7.83
C GLU D 18 -68.75 34.51 8.86
N LEU D 19 -68.28 33.34 8.40
CA LEU D 19 -67.98 32.26 9.33
C LEU D 19 -66.89 32.65 10.31
N ALA D 20 -65.82 33.29 9.82
CA ALA D 20 -64.75 33.72 10.71
C ALA D 20 -65.23 34.76 11.71
N ARG D 21 -66.05 35.72 11.25
CA ARG D 21 -66.55 36.76 12.15
C ARG D 21 -67.47 36.17 13.21
N LYS D 22 -68.33 35.22 12.83
CA LYS D 22 -69.19 34.57 13.82
C LYS D 22 -68.37 33.74 14.80
N GLY D 23 -67.30 33.09 14.32
CA GLY D 23 -66.46 32.32 15.21
C GLY D 23 -65.74 33.18 16.23
N ILE D 24 -65.19 34.31 15.79
CA ILE D 24 -64.49 35.20 16.73
C ILE D 24 -65.47 35.93 17.64
N ALA D 25 -66.70 36.14 17.17
CA ALA D 25 -67.66 36.95 17.93
C ALA D 25 -68.09 36.25 19.21
N ARG D 26 -68.17 34.92 19.22
CA ARG D 26 -68.54 34.19 20.43
C ARG D 26 -67.40 34.06 21.42
N ALA D 27 -66.17 34.37 21.01
CA ALA D 27 -65.01 34.27 21.89
C ALA D 27 -64.99 35.43 22.88
N LYS D 28 -64.17 35.27 23.92
CA LYS D 28 -64.06 36.29 24.95
C LYS D 28 -63.12 37.41 24.48
N SER D 29 -63.09 38.49 25.26
CA SER D 29 -62.32 39.68 24.91
C SER D 29 -60.99 39.69 25.64
N VAL D 30 -59.92 39.99 24.92
CA VAL D 30 -58.58 40.15 25.47
C VAL D 30 -58.09 41.55 25.11
N VAL D 31 -57.54 42.26 26.09
CA VAL D 31 -57.15 43.65 25.95
C VAL D 31 -55.66 43.78 26.17
N ALA D 32 -54.98 44.48 25.26
CA ALA D 32 -53.54 44.72 25.35
C ALA D 32 -53.29 46.21 25.19
N LEU D 33 -52.51 46.78 26.10
CA LEU D 33 -52.22 48.21 26.08
C LEU D 33 -50.80 48.43 26.55
N ALA D 34 -50.28 49.62 26.23
CA ALA D 34 -48.91 50.00 26.57
C ALA D 34 -48.92 51.05 27.67
N TYR D 35 -48.10 50.87 28.68
CA TYR D 35 -47.97 51.79 29.79
C TYR D 35 -46.52 52.28 29.88
N ALA D 36 -46.20 52.97 30.98
CA ALA D 36 -44.90 53.62 31.11
C ALA D 36 -43.75 52.63 31.21
N GLY D 37 -44.03 51.34 31.39
CA GLY D 37 -42.96 50.37 31.54
C GLY D 37 -43.03 49.22 30.57
N GLY D 38 -43.75 49.39 29.47
CA GLY D 38 -43.89 48.33 28.49
C GLY D 38 -45.32 48.11 28.02
N VAL D 39 -45.68 46.85 27.78
CA VAL D 39 -47.00 46.48 27.29
C VAL D 39 -47.65 45.55 28.30
N LEU D 40 -48.90 45.85 28.67
CA LEU D 40 -49.65 45.07 29.64
C LEU D 40 -50.71 44.26 28.91
N PHE D 41 -50.77 42.96 29.19
CA PHE D 41 -51.74 42.05 28.59
C PHE D 41 -52.73 41.60 29.66
N VAL D 42 -54.02 41.80 29.39
CA VAL D 42 -55.09 41.37 30.28
C VAL D 42 -56.08 40.55 29.46
N ALA D 43 -56.41 39.36 29.96
CA ALA D 43 -57.28 38.44 29.24
C ALA D 43 -58.28 37.82 30.21
N GLU D 44 -59.41 37.37 29.66
CA GLU D 44 -60.43 36.65 30.41
C GLU D 44 -60.20 35.16 30.18
N ASN D 45 -59.55 34.51 31.15
CA ASN D 45 -59.19 33.11 31.02
C ASN D 45 -59.48 32.36 32.32
N PRO D 46 -60.54 31.54 32.36
CA PRO D 46 -60.88 30.87 33.62
C PRO D 46 -59.91 29.77 34.00
N SER D 47 -59.55 28.90 33.06
CA SER D 47 -58.62 27.81 33.35
C SER D 47 -57.19 28.32 33.41
N ARG D 48 -56.36 27.62 34.17
CA ARG D 48 -54.94 27.95 34.29
C ARG D 48 -54.05 27.11 33.38
N SER D 49 -54.51 25.93 32.94
CA SER D 49 -53.70 25.13 32.04
C SER D 49 -53.61 25.77 30.66
N LEU D 50 -54.67 26.47 30.25
CA LEU D 50 -54.72 27.12 28.95
C LEU D 50 -54.30 28.57 29.10
N GLN D 51 -53.35 29.01 28.27
CA GLN D 51 -52.82 30.36 28.33
C GLN D 51 -53.02 31.04 26.98
N LYS D 52 -53.68 32.20 26.99
CA LYS D 52 -53.87 33.00 25.79
C LYS D 52 -52.78 34.04 25.59
N ILE D 53 -51.89 34.22 26.55
CA ILE D 53 -50.79 35.17 26.48
C ILE D 53 -49.49 34.41 26.67
N SER D 54 -48.52 34.67 25.79
CA SER D 54 -47.26 33.95 25.81
C SER D 54 -46.12 34.89 25.43
N GLU D 55 -44.91 34.35 25.38
CA GLU D 55 -43.71 35.08 25.02
C GLU D 55 -43.08 34.46 23.78
N LEU D 56 -42.80 35.29 22.78
CA LEU D 56 -42.22 34.82 21.52
C LEU D 56 -40.71 34.93 21.49
N TYR D 57 -40.14 36.02 22.00
CA TYR D 57 -38.70 36.20 22.04
C TYR D 57 -38.35 37.02 23.28
N ASP D 58 -37.12 37.56 23.31
CA ASP D 58 -36.67 38.31 24.48
C ASP D 58 -37.53 39.53 24.73
N ARG D 59 -37.88 40.27 23.67
CA ARG D 59 -38.64 41.51 23.80
C ARG D 59 -39.97 41.47 23.07
N VAL D 60 -40.39 40.31 22.57
CA VAL D 60 -41.63 40.18 21.81
C VAL D 60 -42.65 39.44 22.67
N GLY D 61 -43.93 39.78 22.47
CA GLY D 61 -45.00 39.13 23.19
C GLY D 61 -46.07 38.64 22.23
N PHE D 62 -46.91 37.75 22.73
CA PHE D 62 -47.96 37.13 21.94
C PHE D 62 -49.30 37.23 22.67
N ALA D 63 -50.36 37.43 21.89
CA ALA D 63 -51.71 37.47 22.43
C ALA D 63 -52.67 37.10 21.31
N ALA D 64 -53.73 36.34 21.65
CA ALA D 64 -54.66 35.86 20.65
C ALA D 64 -56.00 35.56 21.31
N ALA D 65 -57.03 35.43 20.47
CA ALA D 65 -58.36 35.10 20.92
C ALA D 65 -59.04 34.24 19.85
N GLY D 66 -59.76 33.21 20.30
CA GLY D 66 -60.45 32.32 19.38
C GLY D 66 -60.28 30.86 19.74
N LYS D 67 -60.25 29.99 18.73
CA LYS D 67 -60.06 28.56 18.97
C LYS D 67 -58.65 28.29 19.46
N PHE D 68 -58.54 27.52 20.55
CA PHE D 68 -57.26 27.38 21.24
C PHE D 68 -56.21 26.72 20.36
N ASN D 69 -56.58 25.66 19.64
CA ASN D 69 -55.60 24.90 18.86
C ASN D 69 -54.99 25.73 17.74
N GLU D 70 -55.80 26.57 17.08
CA GLU D 70 -55.30 27.34 15.95
C GLU D 70 -54.20 28.32 16.36
N PHE D 71 -54.48 29.15 17.38
CA PHE D 71 -53.43 30.09 17.79
C PHE D 71 -52.34 29.42 18.59
N ASP D 72 -52.59 28.23 19.16
CA ASP D 72 -51.50 27.45 19.73
C ASP D 72 -50.50 27.03 18.65
N ASN D 73 -51.02 26.56 17.51
CA ASN D 73 -50.15 26.21 16.39
C ASN D 73 -49.43 27.44 15.86
N LEU D 74 -50.15 28.56 15.74
CA LEU D 74 -49.51 29.79 15.27
C LEU D 74 -48.41 30.24 16.22
N ARG D 75 -48.65 30.13 17.53
CA ARG D 75 -47.64 30.47 18.54
C ARG D 75 -46.42 29.58 18.42
N ARG D 76 -46.62 28.27 18.25
CA ARG D 76 -45.48 27.37 18.11
C ARG D 76 -44.67 27.69 16.87
N GLY D 77 -45.34 27.95 15.74
CA GLY D 77 -44.64 28.34 14.54
C GLY D 77 -43.87 29.63 14.69
N GLY D 78 -44.47 30.62 15.36
CA GLY D 78 -43.78 31.87 15.60
C GLY D 78 -42.56 31.70 16.48
N ILE D 79 -42.66 30.87 17.53
CA ILE D 79 -41.49 30.61 18.37
C ILE D 79 -40.39 29.93 17.56
N GLN D 80 -40.74 28.94 16.74
CA GLN D 80 -39.71 28.28 15.94
C GLN D 80 -39.04 29.25 14.97
N PHE D 81 -39.85 30.09 14.32
CA PHE D 81 -39.30 31.07 13.39
C PHE D 81 -38.36 32.05 14.11
N ALA D 82 -38.79 32.55 15.27
CA ALA D 82 -37.98 33.51 16.00
C ALA D 82 -36.66 32.88 16.45
N ASP D 83 -36.71 31.66 16.97
CA ASP D 83 -35.49 31.01 17.45
C ASP D 83 -34.54 30.71 16.28
N THR D 84 -35.07 30.24 15.15
CA THR D 84 -34.23 29.96 14.01
C THR D 84 -33.59 31.23 13.46
N ARG D 85 -34.36 32.33 13.38
CA ARG D 85 -33.79 33.59 12.90
C ARG D 85 -32.74 34.12 13.87
N GLY D 86 -32.98 33.99 15.18
CA GLY D 86 -31.99 34.44 16.14
C GLY D 86 -30.70 33.62 16.08
N TYR D 87 -30.82 32.31 15.89
CA TYR D 87 -29.64 31.47 15.77
C TYR D 87 -28.91 31.70 14.45
N ALA D 88 -29.65 32.14 13.42
CA ALA D 88 -29.03 32.33 12.11
C ALA D 88 -28.14 33.56 12.08
N TYR D 89 -28.72 34.74 12.35
CA TYR D 89 -27.98 35.99 12.28
C TYR D 89 -27.51 36.47 13.64
N ASP D 90 -28.44 36.72 14.55
CA ASP D 90 -28.13 37.25 15.89
C ASP D 90 -29.42 37.34 16.68
N ARG D 91 -29.27 37.46 18.01
CA ARG D 91 -30.43 37.63 18.87
C ARG D 91 -31.02 39.02 18.76
N ARG D 92 -30.20 40.01 18.41
CA ARG D 92 -30.66 41.40 18.30
C ARG D 92 -31.20 41.74 16.91
N ASP D 93 -31.24 40.76 15.99
CA ASP D 93 -31.74 40.98 14.65
C ASP D 93 -33.19 40.52 14.48
N VAL D 94 -33.88 40.19 15.57
CA VAL D 94 -35.26 39.75 15.53
C VAL D 94 -36.14 40.87 16.07
N THR D 95 -37.14 41.26 15.27
CA THR D 95 -38.09 42.30 15.63
C THR D 95 -39.51 41.77 15.47
N GLY D 96 -40.44 42.41 16.16
CA GLY D 96 -41.84 42.03 16.07
C GLY D 96 -42.45 42.27 14.70
N ARG D 97 -41.86 43.17 13.90
CA ARG D 97 -42.36 43.41 12.56
C ARG D 97 -42.27 42.16 11.70
N GLN D 98 -41.14 41.44 11.76
CA GLN D 98 -41.00 40.21 11.00
C GLN D 98 -42.02 39.16 11.42
N LEU D 99 -42.24 39.01 12.73
CA LEU D 99 -43.22 38.05 13.22
C LEU D 99 -44.62 38.43 12.76
N ALA D 100 -44.96 39.73 12.81
CA ALA D 100 -46.28 40.16 12.37
C ALA D 100 -46.46 39.92 10.87
N ASN D 101 -45.41 40.15 10.08
CA ASN D 101 -45.49 39.93 8.64
C ASN D 101 -45.68 38.46 8.32
N VAL D 102 -44.88 37.58 8.94
CA VAL D 102 -45.02 36.16 8.66
C VAL D 102 -46.38 35.65 9.14
N TYR D 103 -46.89 36.19 10.25
CA TYR D 103 -48.21 35.80 10.72
C TYR D 103 -49.29 36.23 9.73
N ALA D 104 -49.16 37.45 9.18
CA ALA D 104 -50.12 37.90 8.18
C ALA D 104 -50.09 37.01 6.93
N GLN D 105 -48.88 36.67 6.46
CA GLN D 105 -48.79 35.79 5.30
C GLN D 105 -49.40 34.41 5.58
N THR D 106 -49.11 33.85 6.74
CA THR D 106 -49.65 32.52 7.07
C THR D 106 -51.16 32.56 7.20
N LEU D 107 -51.71 33.59 7.83
CA LEU D 107 -53.15 33.70 7.95
C LEU D 107 -53.82 33.91 6.60
N GLY D 108 -53.20 34.70 5.73
CA GLY D 108 -53.74 34.86 4.38
C GLY D 108 -53.73 33.57 3.59
N THR D 109 -52.63 32.81 3.69
CA THR D 109 -52.55 31.52 3.01
C THR D 109 -53.60 30.56 3.54
N ILE D 110 -53.81 30.54 4.85
CA ILE D 110 -54.85 29.69 5.42
C ILE D 110 -56.23 30.12 4.94
N PHE D 111 -56.48 31.43 4.92
CA PHE D 111 -57.79 31.92 4.48
C PHE D 111 -58.04 31.57 3.02
N THR D 112 -56.98 31.55 2.21
CA THR D 112 -57.16 31.33 0.78
C THR D 112 -57.24 29.84 0.43
N GLU D 113 -56.25 29.05 0.83
CA GLU D 113 -56.10 27.67 0.38
C GLU D 113 -56.38 26.65 1.47
N GLN D 114 -57.41 26.88 2.29
CA GLN D 114 -57.84 25.89 3.27
C GLN D 114 -59.36 25.79 3.26
N ALA D 115 -59.84 24.60 3.66
CA ALA D 115 -61.29 24.37 3.66
C ALA D 115 -62.01 25.30 4.63
N LYS D 116 -61.44 25.50 5.81
CA LYS D 116 -62.05 26.34 6.84
C LYS D 116 -61.07 27.43 7.26
N PRO D 117 -61.44 28.71 7.17
CA PRO D 117 -60.53 29.77 7.61
C PRO D 117 -60.31 29.75 9.11
N TYR D 118 -59.16 30.25 9.52
CA TYR D 118 -58.80 30.27 10.93
C TYR D 118 -59.58 31.37 11.67
N GLU D 119 -60.20 31.00 12.79
CA GLU D 119 -61.00 31.92 13.59
C GLU D 119 -60.17 32.50 14.73
N VAL D 120 -59.11 33.22 14.36
CA VAL D 120 -58.16 33.75 15.33
C VAL D 120 -57.88 35.22 15.00
N GLU D 121 -57.35 35.92 16.02
CA GLU D 121 -56.95 37.31 15.87
C GLU D 121 -55.74 37.53 16.78
N LEU D 122 -54.58 37.78 16.17
CA LEU D 122 -53.31 37.82 16.90
C LEU D 122 -52.85 39.26 17.08
N CYS D 123 -52.07 39.49 18.13
CA CYS D 123 -51.43 40.77 18.38
C CYS D 123 -49.97 40.53 18.73
N VAL D 124 -49.08 41.31 18.14
CA VAL D 124 -47.64 41.22 18.39
C VAL D 124 -47.20 42.53 19.01
N ALA D 125 -46.61 42.46 20.20
CA ALA D 125 -46.16 43.64 20.94
C ALA D 125 -44.66 43.53 21.18
N GLU D 126 -43.91 44.54 20.77
CA GLU D 126 -42.48 44.60 20.97
C GLU D 126 -42.14 45.82 21.82
N VAL D 127 -41.10 45.68 22.64
CA VAL D 127 -40.66 46.75 23.53
C VAL D 127 -39.19 47.05 23.23
N ALA D 128 -38.70 48.14 23.82
CA ALA D 128 -37.34 48.58 23.57
C ALA D 128 -36.34 47.67 24.28
N HIS D 129 -35.12 47.63 23.75
CA HIS D 129 -34.05 46.89 24.38
C HIS D 129 -33.56 47.62 25.63
N TYR D 130 -33.00 46.85 26.56
CA TYR D 130 -32.54 47.41 27.83
C TYR D 130 -31.47 48.47 27.58
N GLY D 131 -31.59 49.60 28.29
CA GLY D 131 -30.68 50.70 28.11
C GLY D 131 -30.97 51.58 26.91
N GLU D 132 -32.09 51.36 26.22
CA GLU D 132 -32.44 52.12 25.03
C GLU D 132 -33.88 52.60 25.16
N THR D 133 -34.12 53.84 24.75
CA THR D 133 -35.44 54.45 24.82
C THR D 133 -36.12 54.39 23.45
N LYS D 134 -37.33 53.83 23.43
CA LYS D 134 -38.13 53.70 22.21
C LYS D 134 -39.56 53.38 22.63
N ARG D 135 -40.53 53.80 21.77
CA ARG D 135 -41.93 53.62 22.13
C ARG D 135 -42.40 52.22 21.75
N PRO D 136 -43.26 51.62 22.57
CA PRO D 136 -43.79 50.29 22.26
C PRO D 136 -44.57 50.28 20.95
N GLU D 137 -44.47 49.17 20.21
CA GLU D 137 -45.13 49.00 18.94
C GLU D 137 -46.07 47.80 19.01
N LEU D 138 -47.32 48.00 18.58
CA LEU D 138 -48.34 46.96 18.59
C LEU D 138 -48.86 46.74 17.17
N TYR D 139 -49.03 45.47 16.81
CA TYR D 139 -49.54 45.09 15.50
C TYR D 139 -50.73 44.17 15.67
N ARG D 140 -51.73 44.33 14.80
CA ARG D 140 -52.94 43.52 14.82
C ARG D 140 -53.09 42.80 13.49
N ILE D 141 -53.38 41.50 13.55
CA ILE D 141 -53.57 40.67 12.37
C ILE D 141 -54.92 39.99 12.46
N THR D 142 -55.71 40.10 11.39
CA THR D 142 -57.06 39.55 11.36
C THR D 142 -57.06 38.18 10.69
N TYR D 143 -58.26 37.63 10.50
CA TYR D 143 -58.40 36.27 10.00
C TYR D 143 -57.98 36.15 8.54
N ASP D 144 -58.20 37.19 7.74
CA ASP D 144 -57.85 37.16 6.32
C ASP D 144 -56.40 37.51 6.06
N GLY D 145 -55.64 37.87 7.08
CA GLY D 145 -54.26 38.26 6.91
C GLY D 145 -54.00 39.75 6.88
N SER D 146 -55.01 40.57 7.18
CA SER D 146 -54.81 42.01 7.21
C SER D 146 -53.86 42.39 8.35
N ILE D 147 -53.02 43.39 8.09
CA ILE D 147 -52.07 43.88 9.09
C ILE D 147 -52.31 45.37 9.31
N ALA D 148 -52.08 45.82 10.54
CA ALA D 148 -52.28 47.21 10.90
C ALA D 148 -51.40 47.56 12.08
N ASP D 149 -51.16 48.85 12.25
CA ASP D 149 -50.35 49.38 13.34
C ASP D 149 -51.24 50.20 14.27
N GLU D 150 -51.22 49.88 15.56
CA GLU D 150 -52.04 50.56 16.55
C GLU D 150 -51.14 51.25 17.57
N PRO D 151 -51.36 52.55 17.80
CA PRO D 151 -50.39 53.30 18.62
C PRO D 151 -50.46 52.99 20.11
N HIS D 152 -51.66 52.90 20.69
CA HIS D 152 -51.80 52.82 22.13
C HIS D 152 -52.33 51.47 22.61
N PHE D 153 -53.50 51.04 22.12
CA PHE D 153 -54.14 49.83 22.63
C PHE D 153 -54.67 48.98 21.48
N VAL D 154 -54.82 47.69 21.76
CA VAL D 154 -55.39 46.72 20.83
C VAL D 154 -56.47 45.95 21.57
N VAL D 155 -57.67 45.90 21.00
CA VAL D 155 -58.80 45.20 21.60
C VAL D 155 -59.34 44.21 20.57
N MET D 156 -59.53 42.96 21.00
CA MET D 156 -59.97 41.90 20.11
C MET D 156 -60.89 40.95 20.87
N GLY D 157 -61.73 40.25 20.11
CA GLY D 157 -62.54 39.19 20.67
C GLY D 157 -63.93 39.61 21.11
N GLY D 158 -64.96 39.10 20.43
CA GLY D 158 -66.33 39.36 20.82
C GLY D 158 -66.78 40.79 20.52
N THR D 159 -67.76 41.23 21.30
CA THR D 159 -68.33 42.57 21.16
C THR D 159 -67.34 43.58 21.71
N THR D 160 -66.40 43.99 20.86
CA THR D 160 -65.30 44.84 21.30
C THR D 160 -65.65 46.32 21.27
N GLU D 161 -66.83 46.70 20.82
CA GLU D 161 -67.19 48.11 20.74
C GLU D 161 -67.22 48.80 22.10
N PRO D 162 -67.91 48.27 23.13
CA PRO D 162 -67.89 48.95 24.44
C PRO D 162 -66.50 49.08 25.04
N ILE D 163 -65.68 48.02 24.94
CA ILE D 163 -64.33 48.09 25.48
C ILE D 163 -63.48 49.07 24.68
N ALA D 164 -63.66 49.10 23.36
CA ALA D 164 -62.95 50.06 22.54
C ALA D 164 -63.29 51.49 22.93
N ASN D 165 -64.58 51.76 23.17
CA ASN D 165 -64.97 53.10 23.61
C ASN D 165 -64.40 53.41 24.99
N ALA D 166 -64.45 52.44 25.90
CA ALA D 166 -63.99 52.66 27.27
C ALA D 166 -62.49 52.82 27.37
N LEU D 167 -61.74 52.30 26.40
CA LEU D 167 -60.30 52.54 26.35
C LEU D 167 -59.93 53.76 25.52
N LYS D 168 -60.77 54.15 24.55
CA LYS D 168 -60.59 55.42 23.88
C LYS D 168 -60.77 56.58 24.85
N GLU D 169 -61.76 56.49 25.73
CA GLU D 169 -62.00 57.52 26.72
C GLU D 169 -61.30 57.19 28.03
N SER D 170 -60.93 58.24 28.76
CA SER D 170 -60.33 58.12 30.10
C SER D 170 -59.05 57.27 30.09
N TYR D 171 -58.25 57.40 29.04
CA TYR D 171 -56.96 56.71 28.95
C TYR D 171 -55.86 57.74 28.85
N ALA D 172 -54.86 57.61 29.72
CA ALA D 172 -53.71 58.52 29.74
C ALA D 172 -52.43 57.70 29.67
N GLU D 173 -51.54 58.09 28.76
CA GLU D 173 -50.28 57.38 28.60
C GLU D 173 -49.37 57.63 29.81
N ASN D 174 -48.25 56.89 29.83
CA ASN D 174 -47.22 57.00 30.86
C ASN D 174 -47.74 56.62 32.24
N ALA D 175 -48.83 55.84 32.29
CA ALA D 175 -49.42 55.47 33.55
C ALA D 175 -48.65 54.34 34.21
N SER D 176 -48.89 54.16 35.51
CA SER D 176 -48.24 53.11 36.27
C SER D 176 -48.89 51.76 35.99
N LEU D 177 -48.25 50.70 36.49
CA LEU D 177 -48.79 49.36 36.30
C LEU D 177 -50.14 49.19 36.98
N THR D 178 -50.27 49.72 38.20
CA THR D 178 -51.52 49.58 38.94
C THR D 178 -52.67 50.31 38.24
N ASP D 179 -52.43 51.56 37.83
CA ASP D 179 -53.47 52.33 37.16
C ASP D 179 -53.84 51.70 35.82
N ALA D 180 -52.85 51.23 35.07
CA ALA D 180 -53.13 50.55 33.81
C ALA D 180 -53.96 49.30 34.01
N LEU D 181 -53.62 48.51 35.03
CA LEU D 181 -54.39 47.31 35.32
C LEU D 181 -55.83 47.65 35.70
N ARG D 182 -56.01 48.68 36.54
CA ARG D 182 -57.35 49.07 36.93
C ARG D 182 -58.16 49.54 35.74
N ILE D 183 -57.56 50.34 34.85
CA ILE D 183 -58.26 50.83 33.67
C ILE D 183 -58.62 49.67 32.75
N ALA D 184 -57.70 48.73 32.56
CA ALA D 184 -57.96 47.59 31.69
C ALA D 184 -59.10 46.73 32.24
N VAL D 185 -59.10 46.48 33.55
CA VAL D 185 -60.16 45.68 34.16
C VAL D 185 -61.50 46.41 34.04
N ALA D 186 -61.51 47.73 34.28
CA ALA D 186 -62.75 48.49 34.18
C ALA D 186 -63.29 48.47 32.76
N ALA D 187 -62.41 48.59 31.77
CA ALA D 187 -62.86 48.56 30.37
C ALA D 187 -63.32 47.17 29.96
N LEU D 188 -62.68 46.12 30.48
CA LEU D 188 -63.12 44.76 30.17
C LEU D 188 -64.48 44.47 30.78
N ARG D 189 -64.74 44.96 32.00
CA ARG D 189 -66.05 44.74 32.62
C ARG D 189 -67.16 45.40 31.82
N ALA D 190 -66.92 46.61 31.32
CA ALA D 190 -67.91 47.32 30.53
C ALA D 190 -68.04 46.73 29.13
N LEU D 203 -64.43 39.66 38.75
CA LEU D 203 -63.17 39.95 38.06
C LEU D 203 -61.99 39.97 39.03
N GLY D 204 -61.89 38.92 39.84
CA GLY D 204 -60.84 38.79 40.83
C GLY D 204 -59.59 38.13 40.27
N VAL D 205 -58.85 37.48 41.17
CA VAL D 205 -57.64 36.78 40.76
C VAL D 205 -57.98 35.64 39.80
N ALA D 206 -59.03 34.90 40.11
CA ALA D 206 -59.47 33.83 39.22
C ALA D 206 -60.09 34.40 37.95
N SER D 207 -60.02 33.62 36.88
CA SER D 207 -60.57 33.93 35.57
C SER D 207 -59.90 35.14 34.91
N LEU D 208 -58.76 35.59 35.43
CA LEU D 208 -58.05 36.72 34.85
C LEU D 208 -56.60 36.33 34.59
N GLU D 209 -56.11 36.62 33.39
CA GLU D 209 -54.73 36.37 33.01
C GLU D 209 -54.05 37.73 32.79
N VAL D 210 -52.94 37.95 33.50
CA VAL D 210 -52.21 39.20 33.45
C VAL D 210 -50.75 38.90 33.15
N ALA D 211 -50.22 39.57 32.13
CA ALA D 211 -48.80 39.47 31.78
C ALA D 211 -48.32 40.83 31.30
N VAL D 212 -47.03 41.09 31.52
CA VAL D 212 -46.43 42.37 31.20
C VAL D 212 -45.13 42.15 30.43
N LEU D 213 -44.72 43.19 29.70
CA LEU D 213 -43.44 43.22 29.00
C LEU D 213 -42.60 44.29 29.68
N ASP D 214 -41.77 43.88 30.64
CA ASP D 214 -41.02 44.80 31.48
C ASP D 214 -39.71 45.15 30.78
N ALA D 215 -39.64 46.36 30.22
CA ALA D 215 -38.42 46.81 29.56
C ALA D 215 -37.28 47.03 30.55
N ASN D 216 -37.58 47.13 31.84
CA ASN D 216 -36.54 47.28 32.85
C ASN D 216 -35.68 46.03 33.00
N ARG D 217 -36.14 44.89 32.47
CA ARG D 217 -35.40 43.64 32.59
C ARG D 217 -34.26 43.61 31.57
N PRO D 218 -33.11 43.01 31.93
CA PRO D 218 -31.93 43.11 31.07
C PRO D 218 -32.06 42.37 29.74
N ARG D 219 -32.45 41.10 29.78
CA ARG D 219 -32.53 40.30 28.56
C ARG D 219 -33.96 39.87 28.22
N ARG D 220 -34.65 39.20 29.14
CA ARG D 220 -35.99 38.69 28.89
C ARG D 220 -37.00 39.57 29.62
N ALA D 221 -37.93 40.14 28.86
CA ALA D 221 -38.87 41.13 29.38
C ALA D 221 -40.23 40.56 29.74
N PHE D 222 -40.45 39.26 29.57
CA PHE D 222 -41.74 38.65 29.83
C PHE D 222 -41.85 38.25 31.30
N ARG D 223 -42.98 38.56 31.91
CA ARG D 223 -43.23 38.23 33.31
C ARG D 223 -44.70 37.90 33.50
N ARG D 224 -44.97 36.94 34.38
CA ARG D 224 -46.33 36.53 34.70
C ARG D 224 -46.67 37.00 36.11
N ILE D 225 -47.83 37.64 36.25
CA ILE D 225 -48.31 38.14 37.53
C ILE D 225 -49.48 37.26 37.95
N THR D 226 -49.28 36.44 38.98
CA THR D 226 -50.30 35.52 39.46
C THR D 226 -50.17 35.39 40.97
N GLY D 227 -51.26 34.95 41.60
CA GLY D 227 -51.25 34.68 43.02
C GLY D 227 -51.51 35.90 43.88
N SER D 228 -50.78 35.98 45.01
CA SER D 228 -50.99 37.08 45.94
C SER D 228 -50.55 38.42 45.35
N ALA D 229 -49.56 38.41 44.46
CA ALA D 229 -49.11 39.66 43.84
C ALA D 229 -50.23 40.28 43.00
N LEU D 230 -50.96 39.46 42.25
CA LEU D 230 -52.07 39.97 41.45
C LEU D 230 -53.16 40.56 42.35
N GLN D 231 -53.48 39.87 43.45
CA GLN D 231 -54.49 40.39 44.38
C GLN D 231 -54.04 41.72 44.99
N ALA D 232 -52.76 41.83 45.35
CA ALA D 232 -52.24 43.09 45.87
C ALA D 232 -52.28 44.19 44.83
N LEU D 233 -52.07 43.85 43.56
CA LEU D 233 -52.14 44.85 42.50
C LEU D 233 -53.53 45.46 42.39
N LEU D 234 -54.56 44.63 42.47
CA LEU D 234 -55.94 45.13 42.43
C LEU D 234 -56.81 44.43 43.45
N SER E 8 -68.07 27.53 -17.56
CA SER E 8 -68.00 28.74 -18.36
C SER E 8 -66.81 29.61 -17.95
N PRO E 9 -65.73 29.55 -18.73
CA PRO E 9 -64.56 30.39 -18.41
C PRO E 9 -64.85 31.87 -18.43
N GLU E 10 -65.77 32.33 -19.29
CA GLU E 10 -66.07 33.76 -19.39
C GLU E 10 -66.62 34.30 -18.08
N GLN E 11 -67.56 33.56 -17.47
CA GLN E 11 -68.15 34.03 -16.22
C GLN E 11 -67.12 34.07 -15.09
N ALA E 12 -66.28 33.03 -15.00
CA ALA E 12 -65.25 33.01 -13.97
C ALA E 12 -64.26 34.16 -14.15
N MET E 13 -63.83 34.40 -15.39
CA MET E 13 -62.92 35.49 -15.66
C MET E 13 -63.54 36.84 -15.32
N ARG E 14 -64.82 37.03 -15.68
CA ARG E 14 -65.49 38.28 -15.37
C ARG E 14 -65.60 38.48 -13.86
N GLU E 15 -65.96 37.43 -13.12
CA GLU E 15 -66.09 37.56 -11.67
C GLU E 15 -64.74 37.83 -11.01
N ARG E 16 -63.68 37.17 -11.49
CA ARG E 16 -62.35 37.43 -10.94
C ARG E 16 -61.91 38.87 -11.21
N SER E 17 -62.16 39.36 -12.44
CA SER E 17 -61.80 40.73 -12.76
C SER E 17 -62.59 41.73 -11.91
N GLU E 18 -63.88 41.47 -11.71
CA GLU E 18 -64.69 42.35 -10.87
C GLU E 18 -64.19 42.34 -9.43
N LEU E 19 -63.86 41.16 -8.91
CA LEU E 19 -63.33 41.07 -7.54
C LEU E 19 -62.02 41.85 -7.41
N ALA E 20 -61.12 41.70 -8.38
CA ALA E 20 -59.85 42.41 -8.32
C ALA E 20 -60.06 43.92 -8.41
N ARG E 21 -60.96 44.36 -9.29
CA ARG E 21 -61.21 45.79 -9.44
C ARG E 21 -61.83 46.37 -8.16
N LYS E 22 -62.76 45.65 -7.54
CA LYS E 22 -63.35 46.12 -6.29
C LYS E 22 -62.31 46.14 -5.18
N GLY E 23 -61.40 45.16 -5.16
CA GLY E 23 -60.36 45.15 -4.15
C GLY E 23 -59.41 46.32 -4.28
N ILE E 24 -58.98 46.63 -5.50
CA ILE E 24 -58.06 47.74 -5.70
C ILE E 24 -58.78 49.08 -5.54
N ALA E 25 -60.10 49.11 -5.79
CA ALA E 25 -60.81 50.38 -5.76
C ALA E 25 -60.91 50.97 -4.36
N ARG E 26 -60.98 50.12 -3.33
CA ARG E 26 -61.04 50.61 -1.96
C ARG E 26 -59.68 51.03 -1.42
N ALA E 27 -58.60 50.69 -2.11
CA ALA E 27 -57.26 51.04 -1.67
C ALA E 27 -56.98 52.52 -1.93
N LYS E 28 -55.92 53.02 -1.30
CA LYS E 28 -55.55 54.41 -1.45
C LYS E 28 -54.76 54.61 -2.75
N SER E 29 -54.52 55.88 -3.08
CA SER E 29 -53.87 56.25 -4.34
C SER E 29 -52.39 56.52 -4.09
N VAL E 30 -51.55 55.98 -4.96
CA VAL E 30 -50.11 56.23 -4.95
C VAL E 30 -49.71 56.78 -6.32
N VAL E 31 -48.93 57.85 -6.33
CA VAL E 31 -48.59 58.57 -7.54
C VAL E 31 -47.08 58.52 -7.74
N ALA E 32 -46.66 58.17 -8.96
CA ALA E 32 -45.25 58.12 -9.32
C ALA E 32 -45.04 58.92 -10.60
N LEU E 33 -44.05 59.80 -10.59
CA LEU E 33 -43.77 60.66 -11.73
C LEU E 33 -42.27 60.88 -11.85
N ALA E 34 -41.85 61.30 -13.03
CA ALA E 34 -40.44 61.53 -13.34
C ALA E 34 -40.17 63.02 -13.45
N TYR E 35 -39.11 63.48 -12.79
CA TYR E 35 -38.69 64.88 -12.81
C TYR E 35 -37.27 64.98 -13.37
N ALA E 36 -36.69 66.17 -13.26
CA ALA E 36 -35.39 66.44 -13.89
C ALA E 36 -34.25 65.64 -13.26
N GLY E 37 -34.48 64.99 -12.12
CA GLY E 37 -33.43 64.27 -11.45
C GLY E 37 -33.73 62.81 -11.17
N GLY E 38 -34.72 62.26 -11.89
CA GLY E 38 -35.10 60.87 -11.66
C GLY E 38 -36.61 60.67 -11.57
N VAL E 39 -37.02 59.75 -10.71
CA VAL E 39 -38.42 59.40 -10.51
C VAL E 39 -38.79 59.67 -9.06
N LEU E 40 -39.90 60.38 -8.86
CA LEU E 40 -40.39 60.72 -7.53
C LEU E 40 -41.61 59.88 -7.20
N PHE E 41 -41.60 59.25 -6.03
CA PHE E 41 -42.69 58.41 -5.55
C PHE E 41 -43.38 59.10 -4.38
N VAL E 42 -44.69 59.29 -4.49
CA VAL E 42 -45.50 59.87 -3.43
C VAL E 42 -46.67 58.94 -3.15
N ALA E 43 -46.86 58.59 -1.88
CA ALA E 43 -47.90 57.65 -1.48
C ALA E 43 -48.61 58.14 -0.24
N GLU E 44 -49.84 57.67 -0.07
CA GLU E 44 -50.65 57.95 1.12
C GLU E 44 -50.49 56.78 2.08
N ASN E 45 -49.61 56.94 3.06
CA ASN E 45 -49.30 55.87 4.00
C ASN E 45 -49.26 56.39 5.43
N PRO E 46 -50.28 56.09 6.24
CA PRO E 46 -50.28 56.65 7.61
C PRO E 46 -49.25 56.03 8.52
N SER E 47 -49.14 54.70 8.54
CA SER E 47 -48.18 54.03 9.39
C SER E 47 -46.77 54.12 8.81
N ARG E 48 -45.78 54.07 9.69
CA ARG E 48 -44.38 54.08 9.29
C ARG E 48 -43.75 52.69 9.20
N SER E 49 -44.30 51.70 9.90
CA SER E 49 -43.76 50.35 9.82
C SER E 49 -44.03 49.74 8.45
N LEU E 50 -45.14 50.10 7.82
CA LEU E 50 -45.52 49.58 6.52
C LEU E 50 -45.08 50.55 5.44
N GLN E 51 -44.37 50.03 4.44
CA GLN E 51 -43.83 50.85 3.35
C GLN E 51 -44.38 50.34 2.03
N LYS E 52 -45.00 51.23 1.25
CA LYS E 52 -45.49 50.90 -0.07
C LYS E 52 -44.49 51.22 -1.18
N ILE E 53 -43.38 51.87 -0.84
CA ILE E 53 -42.33 52.22 -1.79
C ILE E 53 -41.02 51.60 -1.31
N SER E 54 -40.31 50.94 -2.21
CA SER E 54 -39.08 50.24 -1.86
C SER E 54 -38.08 50.34 -3.01
N GLU E 55 -36.92 49.72 -2.81
CA GLU E 55 -35.85 49.69 -3.80
C GLU E 55 -35.58 48.26 -4.20
N LEU E 56 -35.55 48.00 -5.51
CA LEU E 56 -35.31 46.66 -6.03
C LEU E 56 -33.85 46.41 -6.39
N TYR E 57 -33.18 47.38 -6.99
CA TYR E 57 -31.77 47.24 -7.33
C TYR E 57 -31.11 48.62 -7.23
N ASP E 58 -29.92 48.76 -7.82
CA ASP E 58 -29.18 50.01 -7.74
C ASP E 58 -29.95 51.16 -8.38
N ARG E 59 -30.54 50.93 -9.54
CA ARG E 59 -31.24 51.97 -10.28
C ARG E 59 -32.72 51.68 -10.50
N VAL E 60 -33.25 50.63 -9.86
CA VAL E 60 -34.65 50.25 -10.03
C VAL E 60 -35.41 50.59 -8.76
N GLY E 61 -36.70 50.91 -8.93
CA GLY E 61 -37.56 51.23 -7.82
C GLY E 61 -38.83 50.42 -7.87
N PHE E 62 -39.53 50.36 -6.74
CA PHE E 62 -40.75 49.59 -6.59
C PHE E 62 -41.85 50.45 -6.00
N ALA E 63 -43.08 50.22 -6.46
CA ALA E 63 -44.25 50.91 -5.93
C ALA E 63 -45.47 50.03 -6.20
N ALA E 64 -46.40 50.01 -5.24
CA ALA E 64 -47.56 49.14 -5.36
C ALA E 64 -48.69 49.68 -4.49
N ALA E 65 -49.89 49.18 -4.76
CA ALA E 65 -51.08 49.55 -4.00
C ALA E 65 -52.00 48.35 -3.90
N GLY E 66 -52.59 48.16 -2.73
CA GLY E 66 -53.49 47.04 -2.50
C GLY E 66 -53.24 46.32 -1.19
N LYS E 67 -53.46 45.01 -1.18
CA LYS E 67 -53.24 44.22 0.03
C LYS E 67 -51.74 44.13 0.31
N PHE E 68 -51.36 44.41 1.57
CA PHE E 68 -49.95 44.57 1.90
C PHE E 68 -49.15 43.30 1.67
N ASN E 69 -49.70 42.14 2.09
CA ASN E 69 -48.95 40.90 2.02
C ASN E 69 -48.64 40.49 0.58
N GLU E 70 -49.59 40.70 -0.33
CA GLU E 70 -49.40 40.27 -1.71
C GLU E 70 -48.23 41.00 -2.38
N PHE E 71 -48.24 42.34 -2.33
CA PHE E 71 -47.13 43.04 -2.95
C PHE E 71 -45.86 42.98 -2.11
N ASP E 72 -45.96 42.68 -0.81
CA ASP E 72 -44.76 42.38 -0.04
C ASP E 72 -44.07 41.12 -0.57
N ASN E 73 -44.86 40.07 -0.83
CA ASN E 73 -44.31 38.86 -1.42
C ASN E 73 -43.75 39.13 -2.80
N LEU E 74 -44.47 39.90 -3.62
CA LEU E 74 -43.97 40.24 -4.95
C LEU E 74 -42.65 41.00 -4.87
N ARG E 75 -42.56 41.94 -3.92
CA ARG E 75 -41.32 42.70 -3.72
C ARG E 75 -40.17 41.80 -3.32
N ARG E 76 -40.42 40.87 -2.40
CA ARG E 76 -39.35 39.96 -1.98
C ARG E 76 -38.88 39.09 -3.14
N GLY E 77 -39.83 38.57 -3.93
CA GLY E 77 -39.45 37.80 -5.09
C GLY E 77 -38.66 38.59 -6.11
N GLY E 78 -39.07 39.85 -6.35
CA GLY E 78 -38.32 40.70 -7.26
C GLY E 78 -36.92 40.99 -6.77
N ILE E 79 -36.76 41.25 -5.48
CA ILE E 79 -35.43 41.47 -4.93
C ILE E 79 -34.57 40.22 -5.10
N GLN E 80 -35.12 39.04 -4.81
CA GLN E 80 -34.32 37.82 -4.97
C GLN E 80 -33.93 37.61 -6.43
N PHE E 81 -34.87 37.83 -7.35
CA PHE E 81 -34.57 37.68 -8.77
C PHE E 81 -33.48 38.65 -9.21
N ALA E 82 -33.59 39.92 -8.80
CA ALA E 82 -32.61 40.92 -9.20
C ALA E 82 -31.23 40.59 -8.65
N ASP E 83 -31.14 40.19 -7.38
CA ASP E 83 -29.85 39.87 -6.80
C ASP E 83 -29.23 38.64 -7.44
N THR E 84 -30.04 37.61 -7.71
CA THR E 84 -29.50 36.42 -8.36
C THR E 84 -29.02 36.72 -9.78
N ARG E 85 -29.79 37.51 -10.54
CA ARG E 85 -29.36 37.87 -11.88
C ARG E 85 -28.10 38.72 -11.86
N GLY E 86 -27.99 39.65 -10.90
CA GLY E 86 -26.78 40.44 -10.79
C GLY E 86 -25.56 39.63 -10.43
N TYR E 87 -25.74 38.66 -9.52
CA TYR E 87 -24.61 37.79 -9.15
C TYR E 87 -24.26 36.84 -10.28
N ALA E 88 -25.23 36.50 -11.13
CA ALA E 88 -24.97 35.53 -12.20
C ALA E 88 -24.11 36.14 -13.29
N TYR E 89 -24.59 37.22 -13.93
CA TYR E 89 -23.89 37.83 -15.06
C TYR E 89 -23.09 39.05 -14.64
N ASP E 90 -23.75 40.08 -14.10
CA ASP E 90 -23.11 41.33 -13.73
C ASP E 90 -24.15 42.23 -13.08
N ARG E 91 -23.67 43.25 -12.36
CA ARG E 91 -24.57 44.22 -11.76
C ARG E 91 -25.17 45.17 -12.79
N ARG E 92 -24.47 45.39 -13.91
CA ARG E 92 -24.93 46.28 -14.95
C ARG E 92 -25.81 45.60 -15.99
N ASP E 93 -26.08 44.31 -15.82
CA ASP E 93 -26.91 43.55 -16.75
C ASP E 93 -28.34 43.41 -16.27
N VAL E 94 -28.74 44.14 -15.23
CA VAL E 94 -30.09 44.09 -14.68
C VAL E 94 -30.81 45.38 -15.05
N THR E 95 -31.97 45.24 -15.70
CA THR E 95 -32.79 46.37 -16.10
C THR E 95 -34.20 46.18 -15.57
N GLY E 96 -34.93 47.30 -15.47
CA GLY E 96 -36.31 47.25 -15.01
C GLY E 96 -37.25 46.53 -15.95
N ARG E 97 -36.87 46.40 -17.23
CA ARG E 97 -37.70 45.67 -18.17
C ARG E 97 -37.84 44.21 -17.78
N GLN E 98 -36.73 43.57 -17.38
CA GLN E 98 -36.79 42.18 -16.94
C GLN E 98 -37.68 42.01 -15.72
N LEU E 99 -37.55 42.92 -14.75
CA LEU E 99 -38.39 42.84 -13.56
C LEU E 99 -39.85 43.02 -13.90
N ALA E 100 -40.16 43.96 -14.80
CA ALA E 100 -41.55 44.18 -15.19
C ALA E 100 -42.10 42.97 -15.92
N ASN E 101 -41.28 42.33 -16.76
CA ASN E 101 -41.74 41.15 -17.48
C ASN E 101 -42.00 39.99 -16.53
N VAL E 102 -41.08 39.72 -15.61
CA VAL E 102 -41.29 38.62 -14.68
C VAL E 102 -42.48 38.92 -13.77
N TYR E 103 -42.69 40.18 -13.40
CA TYR E 103 -43.85 40.52 -12.59
C TYR E 103 -45.14 40.30 -13.37
N ALA E 104 -45.15 40.64 -14.65
CA ALA E 104 -46.33 40.39 -15.47
C ALA E 104 -46.63 38.90 -15.58
N GLN E 105 -45.59 38.10 -15.82
CA GLN E 105 -45.80 36.65 -15.89
C GLN E 105 -46.32 36.08 -14.57
N THR E 106 -45.74 36.51 -13.45
CA THR E 106 -46.17 36.00 -12.16
C THR E 106 -47.62 36.40 -11.85
N LEU E 107 -47.98 37.66 -12.16
CA LEU E 107 -49.34 38.10 -11.92
C LEU E 107 -50.34 37.38 -12.82
N GLY E 108 -49.96 37.12 -14.08
CA GLY E 108 -50.81 36.35 -14.95
C GLY E 108 -51.01 34.92 -14.46
N THR E 109 -49.92 34.29 -14.01
CA THR E 109 -50.03 32.93 -13.48
C THR E 109 -50.91 32.90 -12.23
N ILE E 110 -50.78 33.90 -11.37
CA ILE E 110 -51.64 33.98 -10.19
C ILE E 110 -53.09 34.17 -10.59
N PHE E 111 -53.35 35.05 -11.56
CA PHE E 111 -54.71 35.30 -12.00
C PHE E 111 -55.33 34.05 -12.60
N THR E 112 -54.52 33.23 -13.28
CA THR E 112 -55.05 32.07 -13.97
C THR E 112 -55.23 30.87 -13.05
N GLU E 113 -54.17 30.46 -12.34
CA GLU E 113 -54.14 29.20 -11.61
C GLU E 113 -54.14 29.40 -10.10
N GLN E 114 -54.93 30.34 -9.60
CA GLN E 114 -55.08 30.51 -8.16
C GLN E 114 -56.56 30.73 -7.83
N ALA E 115 -56.94 30.35 -6.61
CA ALA E 115 -58.33 30.49 -6.19
C ALA E 115 -58.78 31.94 -6.17
N LYS E 116 -57.92 32.84 -5.68
CA LYS E 116 -58.25 34.26 -5.58
C LYS E 116 -57.19 35.07 -6.30
N PRO E 117 -57.57 35.91 -7.26
CA PRO E 117 -56.58 36.74 -7.95
C PRO E 117 -55.99 37.79 -7.03
N TYR E 118 -54.76 38.19 -7.34
CA TYR E 118 -54.06 39.18 -6.53
C TYR E 118 -54.62 40.57 -6.78
N GLU E 119 -54.92 41.28 -5.70
CA GLU E 119 -55.50 42.62 -5.75
C GLU E 119 -54.41 43.69 -5.62
N VAL E 120 -53.47 43.67 -6.56
CA VAL E 120 -52.30 44.54 -6.52
C VAL E 120 -52.11 45.20 -7.87
N GLU E 121 -51.34 46.29 -7.87
CA GLU E 121 -50.98 47.01 -9.08
C GLU E 121 -49.58 47.57 -8.88
N LEU E 122 -48.61 47.06 -9.63
CA LEU E 122 -47.21 47.39 -9.42
C LEU E 122 -46.71 48.36 -10.48
N CYS E 123 -45.68 49.12 -10.12
CA CYS E 123 -45.00 50.01 -11.05
C CYS E 123 -43.50 49.83 -10.87
N VAL E 124 -42.79 49.72 -11.98
CA VAL E 124 -41.33 49.57 -11.98
C VAL E 124 -40.74 50.79 -12.67
N ALA E 125 -39.86 51.51 -11.97
CA ALA E 125 -39.24 52.72 -12.48
C ALA E 125 -37.73 52.54 -12.47
N GLU E 126 -37.11 52.75 -13.64
CA GLU E 126 -35.67 52.65 -13.79
C GLU E 126 -35.12 54.00 -14.24
N VAL E 127 -33.91 54.31 -13.78
CA VAL E 127 -33.25 55.57 -14.11
C VAL E 127 -31.91 55.26 -14.77
N ALA E 128 -31.28 56.30 -15.30
CA ALA E 128 -30.02 56.14 -16.01
C ALA E 128 -28.88 55.89 -15.05
N HIS E 129 -27.84 55.21 -15.55
CA HIS E 129 -26.64 54.99 -14.76
C HIS E 129 -25.85 56.28 -14.61
N TYR E 130 -25.07 56.36 -13.53
CA TYR E 130 -24.30 57.56 -13.25
C TYR E 130 -23.33 57.86 -14.38
N GLY E 131 -23.26 59.13 -14.76
CA GLY E 131 -22.42 59.55 -15.87
C GLY E 131 -23.00 59.28 -17.24
N GLU E 132 -24.25 58.86 -17.33
CA GLU E 132 -24.90 58.55 -18.60
C GLU E 132 -26.27 59.23 -18.65
N THR E 133 -26.59 59.79 -19.81
CA THR E 133 -27.85 60.49 -20.01
C THR E 133 -28.86 59.58 -20.71
N LYS E 134 -30.04 59.44 -20.11
CA LYS E 134 -31.12 58.61 -20.64
C LYS E 134 -32.39 58.99 -19.90
N ARG E 135 -33.55 58.82 -20.60
CA ARG E 135 -34.81 59.25 -20.01
C ARG E 135 -35.37 58.15 -19.11
N PRO E 136 -35.99 58.53 -17.99
CA PRO E 136 -36.59 57.54 -17.09
C PRO E 136 -37.68 56.73 -17.79
N GLU E 137 -37.77 55.45 -17.41
CA GLU E 137 -38.74 54.53 -17.98
C GLU E 137 -39.64 54.00 -16.87
N LEU E 138 -40.94 54.05 -17.08
CA LEU E 138 -41.94 53.58 -16.12
C LEU E 138 -42.79 52.50 -16.76
N TYR E 139 -43.06 51.44 -16.00
CA TYR E 139 -43.88 50.33 -16.44
C TYR E 139 -45.01 50.09 -15.45
N ARG E 140 -46.19 49.76 -15.94
CA ARG E 140 -47.35 49.49 -15.12
C ARG E 140 -47.83 48.06 -15.38
N ILE E 141 -48.10 47.32 -14.30
CA ILE E 141 -48.59 45.96 -14.39
C ILE E 141 -49.89 45.85 -13.59
N THR E 142 -50.92 45.29 -14.22
CA THR E 142 -52.23 45.17 -13.60
C THR E 142 -52.40 43.79 -12.98
N TYR E 143 -53.62 43.53 -12.49
CA TYR E 143 -53.88 42.30 -11.74
C TYR E 143 -53.85 41.06 -12.64
N ASP E 144 -54.26 41.19 -13.89
CA ASP E 144 -54.29 40.06 -14.82
C ASP E 144 -52.95 39.81 -15.50
N GLY E 145 -51.96 40.65 -15.24
CA GLY E 145 -50.65 40.51 -15.87
C GLY E 145 -50.41 41.40 -17.06
N SER E 146 -51.30 42.36 -17.33
CA SER E 146 -51.10 43.27 -18.45
C SER E 146 -49.90 44.16 -18.18
N ILE E 147 -49.14 44.46 -19.24
CA ILE E 147 -47.98 45.32 -19.13
C ILE E 147 -48.14 46.49 -20.09
N ALA E 148 -47.60 47.64 -19.70
CA ALA E 148 -47.71 48.85 -20.50
C ALA E 148 -46.55 49.78 -20.16
N ASP E 149 -46.27 50.71 -21.08
CA ASP E 149 -45.21 51.69 -20.92
C ASP E 149 -45.83 53.08 -20.83
N GLU E 150 -45.48 53.80 -19.78
CA GLU E 150 -46.02 55.13 -19.53
C GLU E 150 -44.90 56.16 -19.57
N PRO E 151 -45.03 57.22 -20.38
CA PRO E 151 -43.88 58.11 -20.59
C PRO E 151 -43.57 59.03 -19.41
N HIS E 152 -44.59 59.63 -18.78
CA HIS E 152 -44.36 60.67 -17.79
C HIS E 152 -44.76 60.24 -16.37
N PHE E 153 -46.01 59.84 -16.17
CA PHE E 153 -46.49 59.55 -14.83
C PHE E 153 -47.31 58.26 -14.81
N VAL E 154 -47.38 57.66 -13.63
CA VAL E 154 -48.18 56.46 -13.38
C VAL E 154 -49.03 56.70 -12.16
N VAL E 155 -50.34 56.49 -12.27
CA VAL E 155 -51.29 56.70 -11.19
C VAL E 155 -52.08 55.41 -10.98
N MET E 156 -52.15 54.95 -9.74
CA MET E 156 -52.81 53.69 -9.42
C MET E 156 -53.51 53.81 -8.07
N GLY E 157 -54.52 52.97 -7.88
CA GLY E 157 -55.16 52.86 -6.58
C GLY E 157 -56.40 53.72 -6.40
N GLY E 158 -57.56 53.08 -6.28
CA GLY E 158 -58.78 53.81 -6.02
C GLY E 158 -59.29 54.61 -7.21
N THR E 159 -60.04 55.66 -6.90
CA THR E 159 -60.63 56.55 -7.91
C THR E 159 -59.51 57.41 -8.50
N THR E 160 -58.82 56.86 -9.48
CA THR E 160 -57.65 57.52 -10.05
C THR E 160 -57.99 58.53 -11.13
N GLU E 161 -59.26 58.68 -11.51
CA GLU E 161 -59.61 59.61 -12.59
C GLU E 161 -59.30 61.06 -12.24
N PRO E 162 -59.69 61.60 -11.07
CA PRO E 162 -59.34 63.00 -10.79
C PRO E 162 -57.84 63.26 -10.72
N ILE E 163 -57.09 62.34 -10.12
CA ILE E 163 -55.63 62.51 -10.04
C ILE E 163 -55.01 62.39 -11.43
N ALA E 164 -55.54 61.48 -12.25
CA ALA E 164 -55.04 61.35 -13.62
C ALA E 164 -55.27 62.64 -14.41
N ASN E 165 -56.45 63.24 -14.26
CA ASN E 165 -56.71 64.52 -14.92
C ASN E 165 -55.81 65.61 -14.39
N ALA E 166 -55.63 65.67 -13.08
CA ALA E 166 -54.84 66.73 -12.46
C ALA E 166 -53.36 66.61 -12.77
N LEU E 167 -52.88 65.42 -13.10
CA LEU E 167 -51.50 65.24 -13.54
C LEU E 167 -51.35 65.35 -15.05
N LYS E 168 -52.41 65.07 -15.82
CA LYS E 168 -52.40 65.37 -17.25
C LYS E 168 -52.32 66.86 -17.49
N GLU E 169 -53.07 67.64 -16.71
CA GLU E 169 -53.04 69.09 -16.83
C GLU E 169 -52.03 69.70 -15.86
N SER E 170 -51.47 70.84 -16.26
CA SER E 170 -50.56 71.63 -15.43
C SER E 170 -49.33 70.83 -15.01
N TYR E 171 -48.81 69.98 -15.89
CA TYR E 171 -47.61 69.22 -15.63
C TYR E 171 -46.55 69.59 -16.66
N ALA E 172 -45.36 69.95 -16.17
CA ALA E 172 -44.25 70.34 -17.04
C ALA E 172 -43.03 69.50 -16.67
N GLU E 173 -42.39 68.91 -17.68
CA GLU E 173 -41.22 68.09 -17.44
C GLU E 173 -40.04 68.95 -17.03
N ASN E 174 -38.95 68.28 -16.64
CA ASN E 174 -37.69 68.90 -16.24
C ASN E 174 -37.84 69.76 -15.00
N ALA E 175 -38.88 69.51 -14.20
CA ALA E 175 -39.14 70.31 -13.03
C ALA E 175 -38.22 69.92 -11.87
N SER E 176 -38.13 70.80 -10.89
CA SER E 176 -37.31 70.55 -9.72
C SER E 176 -38.02 69.60 -8.76
N LEU E 177 -37.27 69.15 -7.74
CA LEU E 177 -37.85 68.24 -6.75
C LEU E 177 -38.98 68.91 -5.98
N THR E 178 -38.80 70.17 -5.59
CA THR E 178 -39.82 70.87 -4.81
C THR E 178 -41.10 71.06 -5.62
N ASP E 179 -40.97 71.51 -6.87
CA ASP E 179 -42.15 71.73 -7.71
C ASP E 179 -42.84 70.40 -8.01
N ALA E 180 -42.08 69.35 -8.28
CA ALA E 180 -42.67 68.04 -8.53
C ALA E 180 -43.43 67.54 -7.30
N LEU E 181 -42.84 67.71 -6.11
CA LEU E 181 -43.52 67.30 -4.89
C LEU E 181 -44.81 68.08 -4.68
N ARG E 182 -44.76 69.40 -4.91
CA ARG E 182 -45.96 70.21 -4.74
C ARG E 182 -47.06 69.79 -5.72
N ILE E 183 -46.69 69.55 -6.98
CA ILE E 183 -47.67 69.13 -7.98
C ILE E 183 -48.25 67.77 -7.61
N ALA E 184 -47.41 66.84 -7.18
CA ALA E 184 -47.89 65.51 -6.81
C ALA E 184 -48.86 65.58 -5.63
N VAL E 185 -48.52 66.38 -4.60
CA VAL E 185 -49.41 66.52 -3.46
C VAL E 185 -50.73 67.16 -3.86
N ALA E 186 -50.67 68.20 -4.70
CA ALA E 186 -51.89 68.87 -5.15
C ALA E 186 -52.78 67.91 -5.93
N ALA E 187 -52.18 67.08 -6.79
CA ALA E 187 -52.97 66.14 -7.57
C ALA E 187 -53.52 65.01 -6.71
N LEU E 188 -52.78 64.59 -5.68
CA LEU E 188 -53.29 63.57 -4.77
C LEU E 188 -54.44 64.09 -3.94
N ARG E 189 -54.38 65.36 -3.51
CA ARG E 189 -55.48 65.93 -2.74
C ARG E 189 -56.76 65.99 -3.55
N ALA E 190 -56.66 66.35 -4.83
CA ALA E 190 -57.81 66.44 -5.71
C ALA E 190 -58.30 65.04 -6.11
N LEU E 203 -52.37 66.82 4.71
CA LEU E 203 -51.34 66.26 3.85
C LEU E 203 -49.95 66.75 4.26
N GLY E 204 -49.64 66.64 5.55
CA GLY E 204 -48.38 67.08 6.10
C GLY E 204 -47.31 66.01 6.06
N VAL E 205 -46.37 66.09 6.98
CA VAL E 205 -45.30 65.10 7.06
C VAL E 205 -45.89 63.73 7.38
N ALA E 206 -46.84 63.67 8.32
CA ALA E 206 -47.48 62.42 8.64
C ALA E 206 -48.40 61.98 7.51
N SER E 207 -48.61 60.66 7.42
CA SER E 207 -49.48 60.01 6.44
C SER E 207 -49.00 60.17 5.01
N LEU E 208 -47.76 60.62 4.80
CA LEU E 208 -47.21 60.80 3.47
C LEU E 208 -45.88 60.07 3.36
N GLU E 209 -45.72 59.28 2.30
CA GLU E 209 -44.48 58.57 2.02
C GLU E 209 -43.86 59.15 0.76
N VAL E 210 -42.61 59.60 0.86
CA VAL E 210 -41.91 60.23 -0.25
C VAL E 210 -40.57 59.54 -0.46
N ALA E 211 -40.32 59.10 -1.69
CA ALA E 211 -39.05 58.51 -2.07
C ALA E 211 -38.69 58.95 -3.47
N VAL E 212 -37.39 59.03 -3.75
CA VAL E 212 -36.89 59.50 -5.03
C VAL E 212 -35.83 58.54 -5.56
N LEU E 213 -35.61 58.59 -6.86
CA LEU E 213 -34.55 57.85 -7.54
C LEU E 213 -33.56 58.88 -8.06
N ASP E 214 -32.52 59.15 -7.28
CA ASP E 214 -31.58 60.23 -7.58
C ASP E 214 -30.49 59.68 -8.50
N ALA E 215 -30.57 60.03 -9.78
CA ALA E 215 -29.54 59.61 -10.74
C ALA E 215 -28.19 60.26 -10.47
N ASN E 216 -28.15 61.33 -9.68
CA ASN E 216 -26.89 61.96 -9.34
C ASN E 216 -26.02 61.08 -8.43
N ARG E 217 -26.60 60.06 -7.82
CA ARG E 217 -25.87 59.18 -6.91
C ARG E 217 -25.02 58.20 -7.72
N PRO E 218 -23.82 57.84 -7.22
CA PRO E 218 -22.89 57.04 -8.02
C PRO E 218 -23.36 55.62 -8.28
N ARG E 219 -23.74 54.89 -7.23
CA ARG E 219 -24.13 53.48 -7.37
C ARG E 219 -25.59 53.25 -7.02
N ARG E 220 -26.03 53.62 -5.82
CA ARG E 220 -27.40 53.37 -5.37
C ARG E 220 -28.18 54.67 -5.42
N ALA E 221 -29.28 54.68 -6.18
CA ALA E 221 -30.05 55.87 -6.46
C ALA E 221 -31.27 56.03 -5.57
N PHE E 222 -31.52 55.11 -4.65
CA PHE E 222 -32.71 55.17 -3.81
C PHE E 222 -32.45 56.00 -2.56
N ARG E 223 -33.39 56.87 -2.24
CA ARG E 223 -33.27 57.74 -1.07
C ARG E 223 -34.64 57.95 -0.46
N ARG E 224 -34.68 58.03 0.87
CA ARG E 224 -35.92 58.27 1.61
C ARG E 224 -35.89 59.67 2.19
N ILE E 225 -36.97 60.43 1.98
CA ILE E 225 -37.10 61.79 2.48
C ILE E 225 -38.14 61.76 3.59
N THR E 226 -37.68 61.94 4.84
CA THR E 226 -38.55 61.89 6.00
C THR E 226 -38.04 62.89 7.03
N GLY E 227 -38.94 63.27 7.94
CA GLY E 227 -38.57 64.15 9.04
C GLY E 227 -38.58 65.62 8.70
N SER E 228 -37.60 66.37 9.22
CA SER E 228 -37.55 67.80 9.00
C SER E 228 -37.29 68.15 7.54
N ALA E 229 -36.55 67.30 6.83
CA ALA E 229 -36.28 67.56 5.41
C ALA E 229 -37.56 67.57 4.60
N LEU E 230 -38.46 66.63 4.87
CA LEU E 230 -39.73 66.60 4.16
C LEU E 230 -40.56 67.85 4.46
N GLN E 231 -40.59 68.28 5.72
CA GLN E 231 -41.32 69.49 6.07
C GLN E 231 -40.73 70.71 5.38
N ALA E 232 -39.40 70.79 5.31
CA ALA E 232 -38.77 71.89 4.60
C ALA E 232 -39.07 71.85 3.11
N LEU E 233 -39.20 70.65 2.53
CA LEU E 233 -39.52 70.54 1.12
C LEU E 233 -40.90 71.13 0.81
N LEU E 234 -41.88 70.85 1.66
CA LEU E 234 -43.21 71.41 1.48
C LEU E 234 -43.80 71.88 2.80
N SER F 8 -70.17 18.40 -20.99
CA SER F 8 -70.30 18.59 -22.43
C SER F 8 -69.04 19.22 -23.02
N PRO F 9 -68.20 18.40 -23.64
CA PRO F 9 -66.99 18.94 -24.27
C PRO F 9 -67.26 19.96 -25.36
N GLU F 10 -68.37 19.82 -26.10
CA GLU F 10 -68.67 20.75 -27.18
C GLU F 10 -68.86 22.16 -26.66
N GLN F 11 -69.62 22.31 -25.58
CA GLN F 11 -69.87 23.64 -25.03
C GLN F 11 -68.58 24.29 -24.52
N ALA F 12 -67.74 23.51 -23.82
CA ALA F 12 -66.49 24.04 -23.32
C ALA F 12 -65.57 24.46 -24.45
N MET F 13 -65.48 23.64 -25.50
CA MET F 13 -64.65 23.98 -26.65
C MET F 13 -65.16 25.24 -27.35
N ARG F 14 -66.49 25.35 -27.51
CA ARG F 14 -67.05 26.53 -28.15
C ARG F 14 -66.77 27.78 -27.33
N GLU F 15 -66.93 27.70 -26.00
CA GLU F 15 -66.68 28.86 -25.16
C GLU F 15 -65.21 29.25 -25.16
N ARG F 16 -64.31 28.27 -25.15
CA ARG F 16 -62.88 28.58 -25.21
C ARG F 16 -62.52 29.23 -26.54
N SER F 17 -63.06 28.71 -27.64
CA SER F 17 -62.80 29.30 -28.95
C SER F 17 -63.33 30.73 -29.03
N GLU F 18 -64.54 30.96 -28.50
CA GLU F 18 -65.09 32.30 -28.50
C GLU F 18 -64.25 33.25 -27.66
N LEU F 19 -63.79 32.80 -26.49
CA LEU F 19 -62.93 33.63 -25.65
C LEU F 19 -61.63 33.98 -26.36
N ALA F 20 -61.01 32.99 -27.01
CA ALA F 20 -59.76 33.25 -27.72
C ALA F 20 -59.98 34.22 -28.88
N ARG F 21 -61.07 34.04 -29.62
CA ARG F 21 -61.35 34.92 -30.75
C ARG F 21 -61.60 36.35 -30.29
N LYS F 22 -62.35 36.51 -29.20
CA LYS F 22 -62.59 37.85 -28.65
C LYS F 22 -61.31 38.47 -28.13
N GLY F 23 -60.43 37.66 -27.53
CA GLY F 23 -59.16 38.19 -27.06
C GLY F 23 -58.26 38.67 -28.19
N ILE F 24 -58.16 37.89 -29.26
CA ILE F 24 -57.32 38.30 -30.38
C ILE F 24 -57.97 39.44 -31.17
N ALA F 25 -59.30 39.53 -31.14
CA ALA F 25 -59.99 40.53 -31.97
C ALA F 25 -59.71 41.96 -31.50
N ARG F 26 -59.52 42.17 -30.20
CA ARG F 26 -59.22 43.49 -29.68
C ARG F 26 -57.76 43.90 -29.88
N ALA F 27 -56.90 42.96 -30.23
CA ALA F 27 -55.48 43.23 -30.45
C ALA F 27 -55.27 43.96 -31.77
N LYS F 28 -54.08 44.55 -31.92
CA LYS F 28 -53.76 45.27 -33.14
C LYS F 28 -53.33 44.30 -34.24
N SER F 29 -53.18 44.83 -35.45
CA SER F 29 -52.87 44.04 -36.62
C SER F 29 -51.38 44.10 -36.93
N VAL F 30 -50.78 42.94 -37.20
CA VAL F 30 -49.39 42.83 -37.62
C VAL F 30 -49.36 42.11 -38.96
N VAL F 31 -48.60 42.65 -39.91
CA VAL F 31 -48.58 42.18 -41.28
C VAL F 31 -47.17 41.70 -41.61
N ALA F 32 -47.08 40.50 -42.20
CA ALA F 32 -45.82 39.92 -42.61
C ALA F 32 -45.94 39.47 -44.06
N LEU F 33 -44.97 39.86 -44.89
CA LEU F 33 -44.99 39.54 -46.31
C LEU F 33 -43.57 39.30 -46.80
N ALA F 34 -43.46 38.63 -47.93
CA ALA F 34 -42.17 38.27 -48.53
C ALA F 34 -41.93 39.12 -49.77
N TYR F 35 -40.74 39.68 -49.88
CA TYR F 35 -40.34 40.50 -51.02
C TYR F 35 -39.10 39.87 -51.68
N ALA F 36 -38.50 40.62 -52.60
CA ALA F 36 -37.41 40.09 -53.42
C ALA F 36 -36.15 39.80 -52.60
N GLY F 37 -36.09 40.24 -51.35
CA GLY F 37 -34.89 40.04 -50.56
C GLY F 37 -35.14 39.36 -49.23
N GLY F 38 -36.27 38.67 -49.10
CA GLY F 38 -36.60 38.00 -47.85
C GLY F 38 -38.02 38.24 -47.39
N VAL F 39 -38.20 38.35 -46.08
CA VAL F 39 -39.51 38.54 -45.47
C VAL F 39 -39.50 39.84 -44.69
N LEU F 40 -40.51 40.68 -44.91
CA LEU F 40 -40.64 41.97 -44.25
C LEU F 40 -41.74 41.90 -43.19
N PHE F 41 -41.42 42.33 -41.98
CA PHE F 41 -42.36 42.35 -40.88
C PHE F 41 -42.72 43.79 -40.53
N VAL F 42 -44.02 44.09 -40.52
CA VAL F 42 -44.52 45.41 -40.17
C VAL F 42 -45.59 45.23 -39.08
N ALA F 43 -45.45 45.97 -37.99
CA ALA F 43 -46.35 45.84 -36.86
C ALA F 43 -46.72 47.22 -36.33
N GLU F 44 -47.87 47.27 -35.65
CA GLU F 44 -48.34 48.48 -34.98
C GLU F 44 -47.94 48.39 -33.51
N ASN F 45 -46.85 49.04 -33.15
CA ASN F 45 -46.31 48.95 -31.80
C ASN F 45 -45.90 50.32 -31.29
N PRO F 46 -46.67 50.93 -30.39
CA PRO F 46 -46.32 52.29 -29.94
C PRO F 46 -45.09 52.34 -29.05
N SER F 47 -44.99 51.46 -28.06
CA SER F 47 -43.84 51.46 -27.17
C SER F 47 -42.64 50.81 -27.84
N ARG F 48 -41.45 51.22 -27.41
CA ARG F 48 -40.20 50.65 -27.91
C ARG F 48 -39.63 49.56 -27.01
N SER F 49 -39.99 49.54 -25.73
CA SER F 49 -39.49 48.48 -24.85
C SER F 49 -40.10 47.13 -25.21
N LEU F 50 -41.35 47.13 -25.70
CA LEU F 50 -42.06 45.92 -26.07
C LEU F 50 -41.89 45.68 -27.57
N GLN F 51 -41.46 44.47 -27.93
CA GLN F 51 -41.23 44.11 -29.32
C GLN F 51 -42.10 42.91 -29.68
N LYS F 52 -42.90 43.06 -30.74
CA LYS F 52 -43.71 41.98 -31.26
C LYS F 52 -43.02 41.18 -32.36
N ILE F 53 -41.86 41.63 -32.82
CA ILE F 53 -41.09 40.95 -33.86
C ILE F 53 -39.70 40.65 -33.31
N SER F 54 -39.25 39.41 -33.50
CA SER F 54 -37.98 38.96 -32.95
C SER F 54 -37.31 38.00 -33.92
N GLU F 55 -36.14 37.51 -33.51
CA GLU F 55 -35.36 36.56 -34.29
C GLU F 55 -35.21 35.26 -33.51
N LEU F 56 -35.51 34.13 -34.15
CA LEU F 56 -35.43 32.83 -33.51
C LEU F 56 -34.12 32.11 -33.79
N TYR F 57 -33.61 32.19 -35.01
CA TYR F 57 -32.33 31.57 -35.36
C TYR F 57 -31.67 32.41 -36.45
N ASP F 58 -30.66 31.83 -37.11
CA ASP F 58 -29.92 32.57 -38.12
C ASP F 58 -30.82 33.01 -39.28
N ARG F 59 -31.71 32.12 -39.74
CA ARG F 59 -32.56 32.42 -40.89
C ARG F 59 -34.05 32.36 -40.55
N VAL F 60 -34.41 32.24 -39.28
CA VAL F 60 -35.79 32.13 -38.85
C VAL F 60 -36.22 33.44 -38.19
N GLY F 61 -37.49 33.78 -38.33
CA GLY F 61 -38.04 34.98 -37.72
C GLY F 61 -39.29 34.65 -36.94
N PHE F 62 -39.66 35.58 -36.07
CA PHE F 62 -40.81 35.42 -35.19
C PHE F 62 -41.72 36.64 -35.28
N ALA F 63 -43.02 36.39 -35.20
CA ALA F 63 -44.02 37.46 -35.19
C ALA F 63 -45.27 36.94 -34.49
N ALA F 64 -45.92 37.79 -33.71
CA ALA F 64 -47.08 37.38 -32.93
C ALA F 64 -47.94 38.59 -32.62
N ALA F 65 -49.18 38.31 -32.20
CA ALA F 65 -50.12 39.34 -31.82
C ALA F 65 -51.00 38.80 -30.70
N GLY F 66 -51.27 39.65 -29.71
CA GLY F 66 -52.08 39.26 -28.57
C GLY F 66 -51.51 39.69 -27.24
N LYS F 67 -51.73 38.89 -26.20
CA LYS F 67 -51.21 39.21 -24.88
C LYS F 67 -49.69 39.06 -24.88
N PHE F 68 -48.99 40.07 -24.35
CA PHE F 68 -47.55 40.15 -24.49
C PHE F 68 -46.85 38.99 -23.80
N ASN F 69 -47.28 38.65 -22.58
CA ASN F 69 -46.57 37.64 -21.81
C ASN F 69 -46.65 36.25 -22.46
N GLU F 70 -47.80 35.92 -23.05
CA GLU F 70 -47.97 34.59 -23.63
C GLU F 70 -47.01 34.36 -24.79
N PHE F 71 -46.99 35.26 -25.78
CA PHE F 71 -46.08 35.05 -26.88
C PHE F 71 -44.63 35.38 -26.51
N ASP F 72 -44.40 36.14 -25.45
CA ASP F 72 -43.04 36.27 -24.92
C ASP F 72 -42.52 34.92 -24.43
N ASN F 73 -43.36 34.20 -23.67
CA ASN F 73 -42.99 32.87 -23.21
C ASN F 73 -42.80 31.92 -24.38
N LEU F 74 -43.70 31.98 -25.37
CA LEU F 74 -43.56 31.12 -26.55
C LEU F 74 -42.26 31.43 -27.30
N ARG F 75 -41.92 32.72 -27.42
CA ARG F 75 -40.67 33.12 -28.06
C ARG F 75 -39.46 32.59 -27.31
N ARG F 76 -39.46 32.70 -25.98
CA ARG F 76 -38.34 32.20 -25.21
C ARG F 76 -38.18 30.69 -25.37
N GLY F 77 -39.30 29.97 -25.32
CA GLY F 77 -39.24 28.53 -25.54
C GLY F 77 -38.74 28.16 -26.91
N GLY F 78 -39.18 28.88 -27.95
CA GLY F 78 -38.70 28.63 -29.29
C GLY F 78 -37.22 28.90 -29.44
N ILE F 79 -36.72 29.98 -28.83
CA ILE F 79 -35.28 30.25 -28.87
C ILE F 79 -34.52 29.14 -28.18
N GLN F 80 -34.98 28.69 -27.01
CA GLN F 80 -34.26 27.62 -26.32
C GLN F 80 -34.25 26.34 -27.15
N PHE F 81 -35.39 25.99 -27.75
CA PHE F 81 -35.48 24.80 -28.59
C PHE F 81 -34.53 24.90 -29.78
N ALA F 82 -34.52 26.06 -30.45
CA ALA F 82 -33.68 26.23 -31.62
C ALA F 82 -32.20 26.13 -31.26
N ASP F 83 -31.79 26.78 -30.16
CA ASP F 83 -30.39 26.74 -29.77
C ASP F 83 -29.97 25.34 -29.35
N THR F 84 -30.82 24.63 -28.61
CA THR F 84 -30.48 23.27 -28.20
C THR F 84 -30.39 22.34 -29.40
N ARG F 85 -31.31 22.46 -30.36
CA ARG F 85 -31.24 21.63 -31.56
C ARG F 85 -30.01 21.95 -32.39
N GLY F 86 -29.65 23.24 -32.50
CA GLY F 86 -28.45 23.60 -33.24
C GLY F 86 -27.19 23.09 -32.58
N TYR F 87 -27.13 23.15 -31.25
CA TYR F 87 -25.95 22.62 -30.55
C TYR F 87 -25.90 21.11 -30.59
N ALA F 88 -27.06 20.46 -30.73
CA ALA F 88 -27.09 19.00 -30.72
C ALA F 88 -26.54 18.42 -32.01
N TYR F 89 -27.16 18.76 -33.15
CA TYR F 89 -26.77 18.20 -34.44
C TYR F 89 -25.88 19.15 -35.23
N ASP F 90 -26.39 20.34 -35.56
CA ASP F 90 -25.66 21.31 -36.37
C ASP F 90 -26.50 22.58 -36.47
N ARG F 91 -25.83 23.68 -36.86
CA ARG F 91 -26.54 24.94 -37.06
C ARG F 91 -27.38 24.92 -38.33
N ARG F 92 -26.98 24.11 -39.32
CA ARG F 92 -27.70 24.02 -40.59
C ARG F 92 -28.82 22.99 -40.58
N ASP F 93 -29.05 22.32 -39.45
CA ASP F 93 -30.09 21.32 -39.34
C ASP F 93 -31.36 21.86 -38.69
N VAL F 94 -31.46 23.17 -38.51
CA VAL F 94 -32.63 23.81 -37.91
C VAL F 94 -33.40 24.52 -39.01
N THR F 95 -34.69 24.20 -39.12
CA THR F 95 -35.59 24.80 -40.09
C THR F 95 -36.82 25.35 -39.38
N GLY F 96 -37.49 26.30 -40.04
CA GLY F 96 -38.70 26.88 -39.49
C GLY F 96 -39.86 25.90 -39.39
N ARG F 97 -39.82 24.81 -40.16
CA ARG F 97 -40.88 23.80 -40.07
C ARG F 97 -40.92 23.15 -38.69
N GLN F 98 -39.74 22.82 -38.14
CA GLN F 98 -39.70 22.23 -36.81
C GLN F 98 -40.24 23.20 -35.75
N LEU F 99 -39.86 24.47 -35.84
CA LEU F 99 -40.36 25.46 -34.89
C LEU F 99 -41.87 25.62 -35.01
N ALA F 100 -42.39 25.64 -36.24
CA ALA F 100 -43.84 25.78 -36.42
C ALA F 100 -44.57 24.55 -35.87
N ASN F 101 -43.99 23.37 -36.06
CA ASN F 101 -44.62 22.16 -35.56
C ASN F 101 -44.64 22.13 -34.04
N VAL F 102 -43.51 22.45 -33.39
CA VAL F 102 -43.48 22.44 -31.94
C VAL F 102 -44.40 23.55 -31.39
N TYR F 103 -44.49 24.68 -32.07
CA TYR F 103 -45.41 25.72 -31.63
C TYR F 103 -46.86 25.26 -31.73
N ALA F 104 -47.20 24.57 -32.82
CA ALA F 104 -48.56 24.03 -32.96
C ALA F 104 -48.87 23.03 -31.86
N GLN F 105 -47.94 22.13 -31.56
CA GLN F 105 -48.16 21.16 -30.48
C GLN F 105 -48.33 21.86 -29.13
N THR F 106 -47.48 22.85 -28.83
CA THR F 106 -47.57 23.54 -27.56
C THR F 106 -48.88 24.32 -27.43
N LEU F 107 -49.30 24.98 -28.51
CA LEU F 107 -50.57 25.72 -28.48
C LEU F 107 -51.75 24.77 -28.34
N GLY F 108 -51.71 23.63 -29.00
CA GLY F 108 -52.77 22.65 -28.83
C GLY F 108 -52.84 22.11 -27.42
N THR F 109 -51.68 21.81 -26.83
CA THR F 109 -51.66 21.33 -25.45
C THR F 109 -52.19 22.39 -24.49
N ILE F 110 -51.83 23.65 -24.71
CA ILE F 110 -52.36 24.73 -23.88
C ILE F 110 -53.86 24.85 -24.04
N PHE F 111 -54.36 24.77 -25.29
CA PHE F 111 -55.79 24.89 -25.53
C PHE F 111 -56.54 23.75 -24.86
N THR F 112 -55.94 22.56 -24.81
CA THR F 112 -56.64 21.40 -24.29
C THR F 112 -56.58 21.32 -22.76
N GLU F 113 -55.38 21.36 -22.19
CA GLU F 113 -55.17 21.05 -20.77
C GLU F 113 -54.78 22.28 -19.96
N GLN F 114 -55.41 23.43 -20.22
CA GLN F 114 -55.19 24.62 -19.41
C GLN F 114 -56.53 25.30 -19.13
N ALA F 115 -56.58 26.01 -18.01
CA ALA F 115 -57.82 26.68 -17.61
C ALA F 115 -58.23 27.74 -18.62
N LYS F 116 -57.28 28.52 -19.13
CA LYS F 116 -57.55 29.58 -20.08
C LYS F 116 -56.72 29.39 -21.34
N PRO F 117 -57.33 29.30 -22.51
CA PRO F 117 -56.54 29.15 -23.74
C PRO F 117 -55.72 30.40 -24.05
N TYR F 118 -54.61 30.19 -24.75
CA TYR F 118 -53.72 31.29 -25.09
C TYR F 118 -54.31 32.13 -26.21
N GLU F 119 -54.33 33.45 -26.01
CA GLU F 119 -54.89 34.40 -26.97
C GLU F 119 -53.79 34.98 -27.86
N VAL F 120 -53.13 34.08 -28.60
CA VAL F 120 -51.99 34.45 -29.43
C VAL F 120 -52.15 33.86 -30.82
N GLU F 121 -51.40 34.43 -31.76
CA GLU F 121 -51.35 33.95 -33.14
C GLU F 121 -49.95 34.19 -33.66
N LEU F 122 -49.21 33.12 -33.92
CA LEU F 122 -47.79 33.20 -34.25
C LEU F 122 -47.59 32.96 -35.74
N CYS F 123 -46.49 33.53 -36.26
CA CYS F 123 -46.06 33.29 -37.63
C CYS F 123 -44.57 33.01 -37.63
N VAL F 124 -44.16 31.98 -38.37
CA VAL F 124 -42.77 31.59 -38.49
C VAL F 124 -42.36 31.78 -39.95
N ALA F 125 -41.33 32.59 -40.19
CA ALA F 125 -40.85 32.89 -41.53
C ALA F 125 -39.39 32.47 -41.64
N GLU F 126 -39.09 31.63 -42.63
CA GLU F 126 -37.74 31.18 -42.90
C GLU F 126 -37.31 31.63 -44.29
N VAL F 127 -36.02 31.92 -44.44
CA VAL F 127 -35.46 32.37 -45.70
C VAL F 127 -34.33 31.42 -46.10
N ALA F 128 -33.87 31.60 -47.34
CA ALA F 128 -32.83 30.72 -47.87
C ALA F 128 -31.47 31.03 -47.24
N HIS F 129 -30.61 30.03 -47.23
CA HIS F 129 -29.24 30.21 -46.76
C HIS F 129 -28.44 31.01 -47.77
N TYR F 130 -27.41 31.70 -47.28
CA TYR F 130 -26.59 32.55 -48.13
C TYR F 130 -25.93 31.72 -49.23
N GLY F 131 -25.96 32.25 -50.45
CA GLY F 131 -25.44 31.56 -51.60
C GLY F 131 -26.35 30.49 -52.18
N GLU F 132 -27.58 30.40 -51.70
CA GLU F 132 -28.53 29.40 -52.17
C GLU F 132 -29.86 30.08 -52.50
N THR F 133 -30.48 29.67 -53.60
CA THR F 133 -31.73 30.23 -54.05
C THR F 133 -32.89 29.32 -53.64
N LYS F 134 -33.88 29.90 -52.95
CA LYS F 134 -35.06 29.19 -52.50
C LYS F 134 -36.10 30.23 -52.10
N ARG F 135 -37.41 29.83 -52.23
CA ARG F 135 -38.47 30.80 -51.96
C ARG F 135 -38.78 30.85 -50.47
N PRO F 136 -39.09 32.03 -49.95
CA PRO F 136 -39.45 32.15 -48.54
C PRO F 136 -40.68 31.34 -48.17
N GLU F 137 -40.68 30.79 -46.96
CA GLU F 137 -41.77 29.97 -46.47
C GLU F 137 -42.35 30.59 -45.21
N LEU F 138 -43.67 30.74 -45.18
CA LEU F 138 -44.38 31.33 -44.05
C LEU F 138 -45.40 30.33 -43.49
N TYR F 139 -45.45 30.24 -42.17
CA TYR F 139 -46.37 29.35 -41.47
C TYR F 139 -47.20 30.14 -40.48
N ARG F 140 -48.48 29.79 -40.35
CA ARG F 140 -49.39 30.45 -39.43
C ARG F 140 -49.94 29.42 -38.44
N ILE F 141 -49.92 29.77 -37.16
CA ILE F 141 -50.41 28.91 -36.10
C ILE F 141 -51.47 29.68 -35.30
N THR F 142 -52.63 29.06 -35.10
CA THR F 142 -53.74 29.69 -34.40
C THR F 142 -53.76 29.28 -32.94
N TYR F 143 -54.80 29.71 -32.23
CA TYR F 143 -54.88 29.50 -30.79
C TYR F 143 -55.08 28.03 -30.43
N ASP F 144 -55.80 27.27 -31.26
CA ASP F 144 -56.07 25.87 -30.98
C ASP F 144 -54.95 24.95 -31.44
N GLY F 145 -53.92 25.48 -32.08
CA GLY F 145 -52.83 24.68 -32.59
C GLY F 145 -52.90 24.35 -34.05
N SER F 146 -53.82 24.95 -34.80
CA SER F 146 -53.90 24.70 -36.23
C SER F 146 -52.66 25.24 -36.94
N ILE F 147 -52.21 24.51 -37.96
CA ILE F 147 -51.05 24.92 -38.74
C ILE F 147 -51.45 25.03 -40.19
N ALA F 148 -50.82 25.96 -40.91
CA ALA F 148 -51.12 26.19 -42.31
C ALA F 148 -49.91 26.81 -42.98
N ASP F 149 -49.87 26.69 -44.31
CA ASP F 149 -48.80 27.24 -45.14
C ASP F 149 -49.37 28.34 -46.02
N GLU F 150 -48.75 29.51 -45.95
CA GLU F 150 -49.21 30.67 -46.71
C GLU F 150 -48.12 31.09 -47.70
N PRO F 151 -48.45 31.23 -48.99
CA PRO F 151 -47.39 31.44 -49.98
C PRO F 151 -46.78 32.82 -49.98
N HIS F 152 -47.59 33.88 -49.87
CA HIS F 152 -47.11 35.24 -50.06
C HIS F 152 -47.14 36.07 -48.77
N PHE F 153 -48.29 36.20 -48.13
CA PHE F 153 -48.42 37.09 -46.98
C PHE F 153 -49.21 36.42 -45.87
N VAL F 154 -48.98 36.89 -44.65
CA VAL F 154 -49.71 36.45 -43.46
C VAL F 154 -50.21 37.69 -42.73
N VAL F 155 -51.51 37.71 -42.43
CA VAL F 155 -52.14 38.82 -41.74
C VAL F 155 -52.86 38.28 -40.51
N MET F 156 -52.61 38.90 -39.36
CA MET F 156 -53.17 38.45 -38.09
C MET F 156 -53.49 39.65 -37.22
N GLY F 157 -54.42 39.43 -36.28
CA GLY F 157 -54.72 40.43 -35.28
C GLY F 157 -55.85 41.37 -35.61
N GLY F 158 -56.95 41.27 -34.86
CA GLY F 158 -58.06 42.20 -35.05
C GLY F 158 -58.85 41.94 -36.32
N THR F 159 -59.50 43.01 -36.79
CA THR F 159 -60.31 42.97 -38.01
C THR F 159 -59.39 42.89 -39.22
N THR F 160 -58.97 41.67 -39.54
CA THR F 160 -57.98 41.45 -40.59
C THR F 160 -58.58 41.40 -41.99
N GLU F 161 -59.90 41.47 -42.13
CA GLU F 161 -60.52 41.36 -43.45
C GLU F 161 -60.11 42.50 -44.39
N PRO F 162 -60.19 43.79 -43.99
CA PRO F 162 -59.77 44.84 -44.92
C PRO F 162 -58.31 44.76 -45.31
N ILE F 163 -57.42 44.45 -44.37
CA ILE F 163 -56.00 44.33 -44.69
C ILE F 163 -55.76 43.11 -45.58
N ALA F 164 -56.48 42.02 -45.33
CA ALA F 164 -56.36 40.84 -46.18
C ALA F 164 -56.77 41.16 -47.61
N ASN F 165 -57.87 41.90 -47.78
CA ASN F 165 -58.29 42.30 -49.12
C ASN F 165 -57.27 43.23 -49.77
N ALA F 166 -56.76 44.20 -49.00
CA ALA F 166 -55.83 45.18 -49.53
C ALA F 166 -54.48 44.58 -49.89
N LEU F 167 -54.12 43.46 -49.27
CA LEU F 167 -52.90 42.75 -49.66
C LEU F 167 -53.14 41.70 -50.72
N LYS F 168 -54.36 41.16 -50.81
CA LYS F 168 -54.72 40.31 -51.94
C LYS F 168 -54.69 41.09 -53.24
N GLU F 169 -55.21 42.32 -53.22
CA GLU F 169 -55.20 43.18 -54.39
C GLU F 169 -53.98 44.09 -54.40
N SER F 170 -53.53 44.43 -55.61
CA SER F 170 -52.43 45.37 -55.83
C SER F 170 -51.14 44.91 -55.15
N TYR F 171 -50.87 43.61 -55.16
CA TYR F 171 -49.64 43.06 -54.61
C TYR F 171 -48.89 42.35 -55.72
N ALA F 172 -47.61 42.69 -55.88
CA ALA F 172 -46.76 42.10 -56.90
C ALA F 172 -45.48 41.57 -56.24
N GLU F 173 -45.14 40.32 -56.54
CA GLU F 173 -43.94 39.73 -55.97
C GLU F 173 -42.69 40.37 -56.55
N ASN F 174 -41.55 39.99 -55.97
CA ASN F 174 -40.22 40.44 -56.38
C ASN F 174 -40.04 41.94 -56.23
N ALA F 175 -40.84 42.56 -55.37
CA ALA F 175 -40.79 44.00 -55.18
C ALA F 175 -39.60 44.39 -54.30
N SER F 176 -39.25 45.68 -54.36
CA SER F 176 -38.16 46.20 -53.56
C SER F 176 -38.60 46.41 -52.12
N LEU F 177 -37.63 46.72 -51.26
CA LEU F 177 -37.94 46.96 -49.85
C LEU F 177 -38.82 48.18 -49.67
N THR F 178 -38.55 49.26 -50.41
CA THR F 178 -39.32 50.48 -50.28
C THR F 178 -40.77 50.26 -50.72
N ASP F 179 -40.96 49.63 -51.88
CA ASP F 179 -42.31 49.39 -52.39
C ASP F 179 -43.07 48.45 -51.46
N ALA F 180 -42.41 47.41 -50.96
CA ALA F 180 -43.06 46.49 -50.03
C ALA F 180 -43.47 47.20 -48.75
N LEU F 181 -42.60 48.06 -48.21
CA LEU F 181 -42.95 48.81 -47.01
C LEU F 181 -44.13 49.74 -47.27
N ARG F 182 -44.14 50.43 -48.41
CA ARG F 182 -45.25 51.32 -48.72
C ARG F 182 -46.56 50.54 -48.85
N ILE F 183 -46.52 49.39 -49.52
CA ILE F 183 -47.73 48.59 -49.69
C ILE F 183 -48.22 48.08 -48.33
N ALA F 184 -47.29 47.62 -47.49
CA ALA F 184 -47.68 47.13 -46.17
C ALA F 184 -48.30 48.22 -45.32
N VAL F 185 -47.71 49.41 -45.33
CA VAL F 185 -48.27 50.53 -44.55
C VAL F 185 -49.64 50.91 -45.08
N ALA F 186 -49.79 50.97 -46.41
CA ALA F 186 -51.08 51.32 -47.00
C ALA F 186 -52.15 50.29 -46.63
N ALA F 187 -51.80 49.01 -46.64
CA ALA F 187 -52.78 47.97 -46.29
C ALA F 187 -53.08 47.99 -44.81
N LEU F 188 -52.10 48.31 -43.96
CA LEU F 188 -52.37 48.41 -42.53
C LEU F 188 -53.28 49.58 -42.21
N ARG F 189 -53.09 50.71 -42.90
CA ARG F 189 -53.96 51.87 -42.66
C ARG F 189 -55.40 51.55 -43.01
N ALA F 190 -55.62 50.85 -44.11
CA ALA F 190 -56.97 50.49 -44.54
C ALA F 190 -57.55 49.38 -43.67
N LEU F 203 -49.02 57.26 -39.12
CA LEU F 203 -48.25 56.06 -39.41
C LEU F 203 -46.80 56.41 -39.75
N GLY F 204 -46.18 57.21 -38.90
CA GLY F 204 -44.81 57.65 -39.10
C GLY F 204 -43.80 56.69 -38.48
N VAL F 205 -42.65 57.24 -38.11
CA VAL F 205 -41.61 56.44 -37.48
C VAL F 205 -42.09 55.89 -36.16
N ALA F 206 -42.76 56.72 -35.36
CA ALA F 206 -43.32 56.27 -34.10
C ALA F 206 -44.49 55.33 -34.33
N SER F 207 -44.72 54.45 -33.36
CA SER F 207 -45.82 53.49 -33.35
C SER F 207 -45.72 52.45 -34.47
N LEU F 208 -44.58 52.35 -35.13
CA LEU F 208 -44.39 51.38 -36.21
C LEU F 208 -43.14 50.56 -35.94
N GLU F 209 -43.26 49.24 -36.05
CA GLU F 209 -42.14 48.33 -35.89
C GLU F 209 -41.87 47.66 -37.23
N VAL F 210 -40.63 47.78 -37.71
CA VAL F 210 -40.24 47.25 -39.01
C VAL F 210 -39.00 46.38 -38.83
N ALA F 211 -39.07 45.15 -39.33
CA ALA F 211 -37.95 44.24 -39.33
C ALA F 211 -37.96 43.43 -40.61
N VAL F 212 -36.77 43.01 -41.06
CA VAL F 212 -36.62 42.29 -42.31
C VAL F 212 -35.73 41.07 -42.09
N LEU F 213 -35.86 40.11 -43.00
CA LEU F 213 -35.02 38.92 -43.03
C LEU F 213 -34.19 39.02 -44.32
N ASP F 214 -32.98 39.56 -44.19
CA ASP F 214 -32.13 39.85 -45.35
C ASP F 214 -31.32 38.61 -45.69
N ALA F 215 -31.72 37.92 -46.77
CA ALA F 215 -31.00 36.75 -47.22
C ALA F 215 -29.61 37.09 -47.76
N ASN F 216 -29.36 38.37 -48.08
CA ASN F 216 -28.05 38.79 -48.54
C ASN F 216 -26.98 38.70 -47.45
N ARG F 217 -27.39 38.58 -46.19
CA ARG F 217 -26.46 38.53 -45.08
C ARG F 217 -25.85 37.12 -44.98
N PRO F 218 -24.57 37.02 -44.59
CA PRO F 218 -23.89 35.72 -44.65
C PRO F 218 -24.40 34.69 -43.66
N ARG F 219 -24.51 35.06 -42.38
CA ARG F 219 -24.92 34.12 -41.35
C ARG F 219 -26.25 34.51 -40.70
N ARG F 220 -26.37 35.70 -40.15
CA ARG F 220 -27.57 36.14 -39.45
C ARG F 220 -28.33 37.11 -40.34
N ALA F 221 -29.59 36.78 -40.64
CA ALA F 221 -30.40 37.52 -41.60
C ALA F 221 -31.35 38.51 -40.96
N PHE F 222 -31.36 38.62 -39.64
CA PHE F 222 -32.29 39.51 -38.96
C PHE F 222 -31.71 40.91 -38.83
N ARG F 223 -32.53 41.91 -39.14
CA ARG F 223 -32.11 43.31 -39.07
C ARG F 223 -33.28 44.17 -38.61
N ARG F 224 -32.98 45.19 -37.82
CA ARG F 224 -33.99 46.13 -37.32
C ARG F 224 -33.80 47.47 -38.02
N ILE F 225 -34.88 48.02 -38.54
CA ILE F 225 -34.88 49.31 -39.23
C ILE F 225 -35.59 50.31 -38.33
N THR F 226 -34.83 51.24 -37.76
CA THR F 226 -35.36 52.22 -36.84
C THR F 226 -34.61 53.54 -37.03
N GLY F 227 -35.23 54.62 -36.59
CA GLY F 227 -34.59 55.92 -36.62
C GLY F 227 -34.68 56.65 -37.95
N SER F 228 -33.59 57.31 -38.33
CA SER F 228 -33.60 58.10 -39.57
C SER F 228 -33.71 57.20 -40.80
N ALA F 229 -33.19 55.97 -40.73
CA ALA F 229 -33.29 55.08 -41.88
C ALA F 229 -34.74 54.73 -42.19
N LEU F 230 -35.55 54.49 -41.15
CA LEU F 230 -36.96 54.21 -41.36
C LEU F 230 -37.67 55.40 -41.99
N GLN F 231 -37.38 56.61 -41.51
CA GLN F 231 -37.98 57.81 -42.08
C GLN F 231 -37.59 57.99 -43.54
N ALA F 232 -36.31 57.72 -43.86
CA ALA F 232 -35.87 57.80 -45.25
C ALA F 232 -36.56 56.75 -46.12
N LEU F 233 -36.83 55.57 -45.55
CA LEU F 233 -37.51 54.53 -46.32
C LEU F 233 -38.91 54.96 -46.73
N LEU F 234 -39.64 55.59 -45.83
CA LEU F 234 -40.98 56.09 -46.14
C LEU F 234 -41.21 57.49 -45.56
N SER G 8 -73.03 10.33 -15.65
CA SER G 8 -73.53 9.41 -16.67
C SER G 8 -72.46 9.15 -17.73
N PRO G 9 -71.80 7.99 -17.64
CA PRO G 9 -70.79 7.64 -18.65
C PRO G 9 -71.34 7.56 -20.06
N GLU G 10 -72.60 7.14 -20.22
CA GLU G 10 -73.16 6.99 -21.56
C GLU G 10 -73.22 8.33 -22.29
N GLN G 11 -73.68 9.37 -21.60
CA GLN G 11 -73.78 10.69 -22.22
C GLN G 11 -72.41 11.22 -22.61
N ALA G 12 -71.43 11.08 -21.72
CA ALA G 12 -70.08 11.56 -22.02
C ALA G 12 -69.48 10.81 -23.20
N MET G 13 -69.66 9.48 -23.24
CA MET G 13 -69.16 8.70 -24.37
C MET G 13 -69.82 9.10 -25.67
N ARG G 14 -71.14 9.30 -25.64
CA ARG G 14 -71.86 9.71 -26.84
C ARG G 14 -71.38 11.08 -27.33
N GLU G 15 -71.20 12.03 -26.41
CA GLU G 15 -70.75 13.36 -26.81
C GLU G 15 -69.32 13.32 -27.36
N ARG G 16 -68.45 12.52 -26.75
CA ARG G 16 -67.09 12.39 -27.26
C ARG G 16 -67.08 11.77 -28.65
N SER G 17 -67.88 10.73 -28.85
CA SER G 17 -67.96 10.09 -30.17
C SER G 17 -68.50 11.06 -31.22
N GLU G 18 -69.53 11.83 -30.86
CA GLU G 18 -70.07 12.81 -31.79
C GLU G 18 -69.03 13.88 -32.13
N LEU G 19 -68.29 14.36 -31.13
CA LEU G 19 -67.26 15.35 -31.38
C LEU G 19 -66.18 14.80 -32.30
N ALA G 20 -65.74 13.57 -32.06
CA ALA G 20 -64.71 12.97 -32.92
C ALA G 20 -65.23 12.78 -34.34
N ARG G 21 -66.47 12.33 -34.48
CA ARG G 21 -67.02 12.12 -35.82
C ARG G 21 -67.16 13.44 -36.58
N LYS G 22 -67.61 14.49 -35.89
CA LYS G 22 -67.70 15.79 -36.53
C LYS G 22 -66.32 16.34 -36.90
N GLY G 23 -65.32 16.10 -36.05
CA GLY G 23 -63.98 16.54 -36.36
C GLY G 23 -63.40 15.85 -37.59
N ILE G 24 -63.57 14.52 -37.67
CA ILE G 24 -63.04 13.81 -38.83
C ILE G 24 -63.87 14.09 -40.09
N ALA G 25 -65.15 14.42 -39.92
CA ALA G 25 -66.03 14.59 -41.08
C ALA G 25 -65.65 15.81 -41.92
N ARG G 26 -65.13 16.87 -41.30
CA ARG G 26 -64.72 18.05 -42.04
C ARG G 26 -63.36 17.89 -42.71
N ALA G 27 -62.61 16.84 -42.36
CA ALA G 27 -61.30 16.60 -42.94
C ALA G 27 -61.44 16.04 -44.36
N LYS G 28 -60.33 16.08 -45.09
CA LYS G 28 -60.32 15.60 -46.46
C LYS G 28 -60.17 14.08 -46.48
N SER G 29 -60.34 13.51 -47.67
CA SER G 29 -60.35 12.06 -47.86
C SER G 29 -58.98 11.59 -48.34
N VAL G 30 -58.47 10.52 -47.73
CA VAL G 30 -57.24 9.87 -48.14
C VAL G 30 -57.55 8.41 -48.43
N VAL G 31 -57.05 7.91 -49.57
CA VAL G 31 -57.39 6.59 -50.06
C VAL G 31 -56.12 5.75 -50.15
N ALA G 32 -56.17 4.54 -49.61
CA ALA G 32 -55.06 3.61 -49.64
C ALA G 32 -55.54 2.27 -50.19
N LEU G 33 -54.82 1.73 -51.16
CA LEU G 33 -55.20 0.48 -51.80
C LEU G 33 -53.94 -0.31 -52.16
N ALA G 34 -54.13 -1.61 -52.38
CA ALA G 34 -53.04 -2.52 -52.70
C ALA G 34 -53.13 -2.94 -54.15
N TYR G 35 -52.01 -2.89 -54.85
CA TYR G 35 -51.90 -3.27 -56.26
C TYR G 35 -50.88 -4.40 -56.40
N ALA G 36 -50.53 -4.71 -57.64
CA ALA G 36 -49.69 -5.87 -57.92
C ALA G 36 -48.27 -5.70 -57.41
N GLY G 37 -47.88 -4.50 -56.98
CA GLY G 37 -46.53 -4.27 -56.52
C GLY G 37 -46.42 -3.70 -55.13
N GLY G 38 -47.48 -3.83 -54.34
CA GLY G 38 -47.47 -3.28 -52.99
C GLY G 38 -48.73 -2.51 -52.65
N VAL G 39 -48.58 -1.43 -51.88
CA VAL G 39 -49.69 -0.61 -51.42
C VAL G 39 -49.47 0.81 -51.94
N LEU G 40 -50.51 1.38 -52.54
CA LEU G 40 -50.47 2.73 -53.09
C LEU G 40 -51.26 3.67 -52.20
N PHE G 41 -50.65 4.79 -51.82
CA PHE G 41 -51.28 5.80 -50.98
C PHE G 41 -51.54 7.05 -51.80
N VAL G 42 -52.79 7.50 -51.81
CA VAL G 42 -53.19 8.72 -52.50
C VAL G 42 -53.94 9.60 -51.52
N ALA G 43 -53.53 10.87 -51.42
CA ALA G 43 -54.11 11.79 -50.46
C ALA G 43 -54.33 13.14 -51.11
N GLU G 44 -55.27 13.90 -50.55
CA GLU G 44 -55.57 15.27 -50.97
C GLU G 44 -54.80 16.21 -50.04
N ASN G 45 -53.65 16.69 -50.50
CA ASN G 45 -52.78 17.52 -49.67
C ASN G 45 -52.26 18.70 -50.48
N PRO G 46 -52.78 19.92 -50.24
CA PRO G 46 -52.33 21.06 -51.06
C PRO G 46 -50.92 21.51 -50.74
N SER G 47 -50.56 21.66 -49.47
CA SER G 47 -49.22 22.08 -49.10
C SER G 47 -48.23 20.94 -49.22
N ARG G 48 -46.97 21.29 -49.46
CA ARG G 48 -45.89 20.31 -49.56
C ARG G 48 -45.10 20.15 -48.26
N SER G 49 -45.12 21.15 -47.38
CA SER G 49 -44.42 21.01 -46.10
C SER G 49 -45.10 20.00 -45.20
N LEU G 50 -46.42 19.88 -45.31
CA LEU G 50 -47.19 18.96 -44.49
C LEU G 50 -47.42 17.67 -45.27
N GLN G 51 -47.10 16.54 -44.65
CA GLN G 51 -47.23 15.23 -45.28
C GLN G 51 -48.16 14.35 -44.46
N LYS G 52 -49.19 13.82 -45.10
CA LYS G 52 -50.12 12.90 -44.46
C LYS G 52 -49.73 11.45 -44.65
N ILE G 53 -48.73 11.17 -45.48
CA ILE G 53 -48.25 9.81 -45.75
C ILE G 53 -46.77 9.76 -45.40
N SER G 54 -46.38 8.73 -44.64
CA SER G 54 -45.00 8.60 -44.17
C SER G 54 -44.60 7.13 -44.15
N GLU G 55 -43.37 6.88 -43.72
CA GLU G 55 -42.82 5.54 -43.62
C GLU G 55 -42.46 5.25 -42.17
N LEU G 56 -42.92 4.11 -41.66
CA LEU G 56 -42.67 3.71 -40.28
C LEU G 56 -41.47 2.80 -40.12
N TYR G 57 -41.30 1.84 -41.04
CA TYR G 57 -40.15 0.94 -40.99
C TYR G 57 -39.79 0.56 -42.42
N ASP G 58 -38.99 -0.50 -42.56
CA ASP G 58 -38.53 -0.92 -43.88
C ASP G 58 -39.69 -1.31 -44.79
N ARG G 59 -40.66 -2.05 -44.26
CA ARG G 59 -41.78 -2.54 -45.06
C ARG G 59 -43.13 -2.05 -44.55
N VAL G 60 -43.15 -1.11 -43.61
CA VAL G 60 -44.40 -0.60 -43.04
C VAL G 60 -44.63 0.81 -43.53
N GLY G 61 -45.91 1.18 -43.68
CA GLY G 61 -46.27 2.50 -44.11
C GLY G 61 -47.28 3.11 -43.16
N PHE G 62 -47.42 4.44 -43.27
CA PHE G 62 -48.31 5.20 -42.40
C PHE G 62 -49.21 6.09 -43.24
N ALA G 63 -50.45 6.26 -42.78
CA ALA G 63 -51.42 7.15 -43.42
C ALA G 63 -52.44 7.57 -42.38
N ALA G 64 -52.87 8.81 -42.44
CA ALA G 64 -53.80 9.35 -41.44
C ALA G 64 -54.55 10.53 -42.02
N ALA G 65 -55.64 10.89 -41.35
CA ALA G 65 -56.45 12.03 -41.73
C ALA G 65 -57.01 12.67 -40.47
N GLY G 66 -57.03 14.02 -40.45
CA GLY G 66 -57.53 14.75 -39.31
C GLY G 66 -56.63 15.89 -38.90
N LYS G 67 -56.58 16.19 -37.59
CA LYS G 67 -55.74 17.26 -37.11
C LYS G 67 -54.26 16.88 -37.24
N PHE G 68 -53.46 17.79 -37.80
CA PHE G 68 -52.09 17.44 -38.19
C PHE G 68 -51.24 17.07 -36.98
N ASN G 69 -51.34 17.82 -35.90
CA ASN G 69 -50.47 17.61 -34.75
C ASN G 69 -50.70 16.25 -34.10
N GLU G 70 -51.97 15.82 -34.02
CA GLU G 70 -52.28 14.56 -33.34
C GLU G 70 -51.64 13.37 -34.05
N PHE G 71 -51.88 13.24 -35.35
CA PHE G 71 -51.27 12.10 -36.04
C PHE G 71 -49.79 12.30 -36.29
N ASP G 72 -49.29 13.54 -36.26
CA ASP G 72 -47.85 13.75 -36.25
C ASP G 72 -47.21 13.14 -35.00
N ASN G 73 -47.83 13.39 -33.84
CA ASN G 73 -47.35 12.80 -32.60
C ASN G 73 -47.46 11.27 -32.63
N LEU G 74 -48.59 10.77 -33.15
CA LEU G 74 -48.75 9.32 -33.27
C LEU G 74 -47.69 8.71 -34.18
N ARG G 75 -47.39 9.38 -35.29
CA ARG G 75 -46.35 8.93 -36.21
C ARG G 75 -44.99 8.91 -35.55
N ARG G 76 -44.66 9.96 -34.80
CA ARG G 76 -43.36 9.99 -34.12
C ARG G 76 -43.25 8.87 -33.09
N GLY G 77 -44.32 8.64 -32.32
CA GLY G 77 -44.30 7.54 -31.37
C GLY G 77 -44.18 6.19 -32.03
N GLY G 78 -44.88 6.00 -33.16
CA GLY G 78 -44.74 4.74 -33.89
C GLY G 78 -43.35 4.52 -34.43
N ILE G 79 -42.71 5.57 -34.96
CA ILE G 79 -41.35 5.45 -35.43
C ILE G 79 -40.42 5.08 -34.28
N GLN G 80 -40.57 5.74 -33.12
CA GLN G 80 -39.69 5.41 -32.00
C GLN G 80 -39.90 3.97 -31.55
N PHE G 81 -41.16 3.53 -31.47
CA PHE G 81 -41.44 2.15 -31.07
C PHE G 81 -40.83 1.16 -32.06
N ALA G 82 -41.01 1.41 -33.35
CA ALA G 82 -40.48 0.49 -34.36
C ALA G 82 -38.96 0.41 -34.30
N ASP G 83 -38.29 1.56 -34.18
CA ASP G 83 -36.84 1.56 -34.14
C ASP G 83 -36.32 0.88 -32.88
N THR G 84 -36.95 1.13 -31.73
CA THR G 84 -36.52 0.48 -30.49
C THR G 84 -36.72 -1.02 -30.56
N ARG G 85 -37.87 -1.47 -31.09
CA ARG G 85 -38.11 -2.91 -31.22
C ARG G 85 -37.13 -3.54 -32.19
N GLY G 86 -36.81 -2.87 -33.30
CA GLY G 86 -35.84 -3.41 -34.23
C GLY G 86 -34.45 -3.50 -33.65
N TYR G 87 -34.04 -2.50 -32.86
CA TYR G 87 -32.74 -2.55 -32.23
C TYR G 87 -32.69 -3.57 -31.10
N ALA G 88 -33.85 -3.87 -30.50
CA ALA G 88 -33.88 -4.80 -29.38
C ALA G 88 -33.67 -6.24 -29.85
N TYR G 89 -34.57 -6.73 -30.70
CA TYR G 89 -34.52 -8.11 -31.15
C TYR G 89 -33.86 -8.26 -32.53
N ASP G 90 -34.43 -7.63 -33.55
CA ASP G 90 -33.93 -7.74 -34.92
C ASP G 90 -34.77 -6.83 -35.81
N ARG G 91 -34.24 -6.54 -36.99
CA ARG G 91 -34.97 -5.74 -37.96
C ARG G 91 -36.11 -6.53 -38.61
N ARG G 92 -35.98 -7.85 -38.67
CA ARG G 92 -36.99 -8.71 -39.29
C ARG G 92 -38.07 -9.14 -38.31
N ASP G 93 -38.00 -8.71 -37.05
CA ASP G 93 -38.98 -9.07 -36.05
C ASP G 93 -40.04 -8.00 -35.84
N VAL G 94 -40.10 -6.99 -36.70
CA VAL G 94 -41.08 -5.91 -36.63
C VAL G 94 -42.10 -6.11 -37.72
N THR G 95 -43.38 -6.14 -37.33
CA THR G 95 -44.49 -6.30 -38.25
C THR G 95 -45.50 -5.19 -38.02
N GLY G 96 -46.32 -4.93 -39.04
CA GLY G 96 -47.35 -3.92 -38.93
C GLY G 96 -48.44 -4.25 -37.94
N ARG G 97 -48.61 -5.52 -37.59
CA ARG G 97 -49.60 -5.91 -36.60
C ARG G 97 -49.29 -5.31 -35.23
N GLN G 98 -48.01 -5.35 -34.83
CA GLN G 98 -47.62 -4.75 -33.55
C GLN G 98 -47.88 -3.24 -33.53
N LEU G 99 -47.54 -2.55 -34.63
CA LEU G 99 -47.78 -1.12 -34.70
C LEU G 99 -49.27 -0.81 -34.65
N ALA G 100 -50.09 -1.60 -35.34
CA ALA G 100 -51.53 -1.37 -35.32
C ALA G 100 -52.09 -1.61 -33.93
N ASN G 101 -51.58 -2.63 -33.23
CA ASN G 101 -52.06 -2.92 -31.89
C ASN G 101 -51.69 -1.82 -30.91
N VAL G 102 -50.44 -1.36 -30.95
CA VAL G 102 -50.04 -0.29 -30.04
C VAL G 102 -50.79 1.00 -30.38
N TYR G 103 -51.06 1.25 -31.65
CA TYR G 103 -51.83 2.44 -32.02
C TYR G 103 -53.26 2.34 -31.50
N ALA G 104 -53.86 1.16 -31.57
CA ALA G 104 -55.20 0.96 -31.03
C ALA G 104 -55.22 1.20 -29.52
N GLN G 105 -54.25 0.65 -28.81
CA GLN G 105 -54.19 0.87 -27.36
C GLN G 105 -54.00 2.33 -27.02
N THR G 106 -53.11 3.03 -27.73
CA THR G 106 -52.87 4.44 -27.45
C THR G 106 -54.10 5.28 -27.74
N LEU G 107 -54.80 5.01 -28.85
CA LEU G 107 -56.00 5.75 -29.18
C LEU G 107 -57.11 5.47 -28.18
N GLY G 108 -57.25 4.23 -27.73
CA GLY G 108 -58.22 3.93 -26.69
C GLY G 108 -57.93 4.64 -25.38
N THR G 109 -56.66 4.65 -24.98
CA THR G 109 -56.28 5.36 -23.76
C THR G 109 -56.55 6.84 -23.88
N ILE G 110 -56.26 7.43 -25.04
CA ILE G 110 -56.56 8.84 -25.26
C ILE G 110 -58.06 9.10 -25.20
N PHE G 111 -58.85 8.23 -25.83
CA PHE G 111 -60.30 8.40 -25.83
C PHE G 111 -60.86 8.30 -24.42
N THR G 112 -60.26 7.45 -23.59
CA THR G 112 -60.81 7.22 -22.24
C THR G 112 -60.36 8.29 -21.25
N GLU G 113 -59.04 8.49 -21.12
CA GLU G 113 -58.47 9.30 -20.04
C GLU G 113 -57.89 10.63 -20.53
N GLN G 114 -58.57 11.29 -21.47
CA GLN G 114 -58.16 12.61 -21.91
C GLN G 114 -59.38 13.51 -22.02
N ALA G 115 -59.15 14.82 -21.85
CA ALA G 115 -60.24 15.78 -21.91
C ALA G 115 -60.91 15.81 -23.28
N LYS G 116 -60.11 15.76 -24.34
CA LYS G 116 -60.63 15.80 -25.71
C LYS G 116 -60.14 14.58 -26.48
N PRO G 117 -61.03 13.78 -27.06
CA PRO G 117 -60.58 12.62 -27.84
C PRO G 117 -59.87 13.05 -29.12
N TYR G 118 -58.97 12.17 -29.58
CA TYR G 118 -58.21 12.46 -30.78
C TYR G 118 -59.07 12.30 -32.03
N GLU G 119 -59.03 13.31 -32.89
CA GLU G 119 -59.82 13.33 -34.13
C GLU G 119 -58.98 12.82 -35.30
N VAL G 120 -58.53 11.58 -35.20
CA VAL G 120 -57.64 10.98 -36.20
C VAL G 120 -58.14 9.60 -36.58
N GLU G 121 -57.67 9.14 -37.74
CA GLU G 121 -57.98 7.80 -38.24
C GLU G 121 -56.75 7.30 -38.98
N LEU G 122 -56.10 6.27 -38.44
CA LEU G 122 -54.82 5.80 -38.96
C LEU G 122 -54.99 4.51 -39.75
N CYS G 123 -54.07 4.28 -40.68
CA CYS G 123 -54.01 3.04 -41.44
C CYS G 123 -52.56 2.57 -41.47
N VAL G 124 -52.35 1.28 -41.21
CA VAL G 124 -51.04 0.66 -41.23
C VAL G 124 -51.02 -0.37 -42.35
N ALA G 125 -50.08 -0.22 -43.28
CA ALA G 125 -49.96 -1.10 -44.44
C ALA G 125 -48.58 -1.75 -44.43
N GLU G 126 -48.54 -3.07 -44.46
CA GLU G 126 -47.30 -3.83 -44.51
C GLU G 126 -47.25 -4.65 -45.79
N VAL G 127 -46.04 -4.81 -46.33
CA VAL G 127 -45.81 -5.56 -47.55
C VAL G 127 -44.84 -6.68 -47.27
N ALA G 128 -44.69 -7.57 -48.25
CA ALA G 128 -43.83 -8.74 -48.09
C ALA G 128 -42.35 -8.33 -48.16
N HIS G 129 -41.52 -9.15 -47.53
CA HIS G 129 -40.08 -8.94 -47.60
C HIS G 129 -39.56 -9.32 -48.98
N TYR G 130 -38.44 -8.72 -49.36
CA TYR G 130 -37.86 -8.96 -50.68
C TYR G 130 -37.50 -10.43 -50.85
N GLY G 131 -37.85 -10.98 -52.02
CA GLY G 131 -37.63 -12.37 -52.29
C GLY G 131 -38.66 -13.31 -51.69
N GLU G 132 -39.73 -12.78 -51.11
CA GLU G 132 -40.77 -13.59 -50.49
C GLU G 132 -42.13 -13.13 -50.99
N THR G 133 -43.01 -14.09 -51.25
CA THR G 133 -44.35 -13.82 -51.76
C THR G 133 -45.36 -13.89 -50.62
N LYS G 134 -46.13 -12.81 -50.47
CA LYS G 134 -47.16 -12.70 -49.45
C LYS G 134 -48.07 -11.54 -49.81
N ARG G 135 -49.37 -11.64 -49.38
CA ARG G 135 -50.33 -10.61 -49.77
C ARG G 135 -50.24 -9.42 -48.82
N PRO G 136 -50.42 -8.20 -49.35
CA PRO G 136 -50.39 -7.02 -48.49
C PRO G 136 -51.50 -7.04 -47.44
N GLU G 137 -51.18 -6.50 -46.26
CA GLU G 137 -52.10 -6.46 -45.14
C GLU G 137 -52.35 -5.01 -44.74
N LEU G 138 -53.62 -4.64 -44.61
CA LEU G 138 -54.03 -3.29 -44.23
C LEU G 138 -54.85 -3.34 -42.95
N TYR G 139 -54.57 -2.40 -42.04
CA TYR G 139 -55.29 -2.29 -40.78
C TYR G 139 -55.82 -0.87 -40.62
N ARG G 140 -57.03 -0.77 -40.06
CA ARG G 140 -57.68 0.52 -39.83
C ARG G 140 -57.95 0.69 -38.34
N ILE G 141 -57.61 1.85 -37.81
CA ILE G 141 -57.82 2.18 -36.40
C ILE G 141 -58.62 3.46 -36.32
N THR G 142 -59.70 3.43 -35.53
CA THR G 142 -60.59 4.57 -35.40
C THR G 142 -60.24 5.38 -34.15
N TYR G 143 -61.07 6.40 -33.86
CA TYR G 143 -60.77 7.33 -32.79
C TYR G 143 -60.88 6.68 -31.41
N ASP G 144 -61.78 5.72 -31.24
CA ASP G 144 -61.97 5.07 -29.94
C ASP G 144 -61.01 3.92 -29.72
N GLY G 145 -60.16 3.60 -30.69
CA GLY G 145 -59.24 2.49 -30.57
C GLY G 145 -59.68 1.21 -31.24
N SER G 146 -60.77 1.23 -32.01
CA SER G 146 -61.22 0.03 -32.70
C SER G 146 -60.20 -0.39 -33.76
N ILE G 147 -60.01 -1.69 -33.92
CA ILE G 147 -59.10 -2.22 -34.91
C ILE G 147 -59.85 -3.16 -35.84
N ALA G 148 -59.42 -3.20 -37.10
CA ALA G 148 -60.08 -4.02 -38.10
C ALA G 148 -59.08 -4.36 -39.20
N ASP G 149 -59.38 -5.42 -39.95
CA ASP G 149 -58.56 -5.88 -41.05
C ASP G 149 -59.34 -5.72 -42.36
N GLU G 150 -58.73 -5.02 -43.31
CA GLU G 150 -59.36 -4.74 -44.59
C GLU G 150 -58.57 -5.42 -45.71
N PRO G 151 -59.21 -6.21 -46.57
CA PRO G 151 -58.45 -7.02 -47.52
C PRO G 151 -57.86 -6.23 -48.68
N HIS G 152 -58.61 -5.30 -49.28
CA HIS G 152 -58.20 -4.66 -50.52
C HIS G 152 -57.90 -3.18 -50.34
N PHE G 153 -58.86 -2.38 -49.85
CA PHE G 153 -58.68 -0.94 -49.78
C PHE G 153 -59.17 -0.40 -48.44
N VAL G 154 -58.63 0.76 -48.08
CA VAL G 154 -59.02 1.49 -46.88
C VAL G 154 -59.32 2.93 -47.27
N VAL G 155 -60.50 3.41 -46.89
CA VAL G 155 -60.94 4.77 -47.20
C VAL G 155 -61.32 5.47 -45.90
N MET G 156 -60.79 6.67 -45.70
CA MET G 156 -61.01 7.40 -44.46
C MET G 156 -61.10 8.89 -44.78
N GLY G 157 -61.76 9.63 -43.87
CA GLY G 157 -61.78 11.07 -43.95
C GLY G 157 -62.98 11.65 -44.70
N GLY G 158 -63.84 12.35 -43.97
CA GLY G 158 -64.96 13.04 -44.60
C GLY G 158 -66.06 12.08 -45.06
N THR G 159 -66.80 12.54 -46.07
CA THR G 159 -67.89 11.79 -46.66
C THR G 159 -67.31 10.67 -47.51
N THR G 160 -67.00 9.55 -46.85
CA THR G 160 -66.31 8.45 -47.52
C THR G 160 -67.24 7.50 -48.25
N GLU G 161 -68.56 7.70 -48.16
CA GLU G 161 -69.48 6.77 -48.82
C GLU G 161 -69.34 6.75 -50.33
N PRO G 162 -69.31 7.89 -51.04
CA PRO G 162 -69.14 7.80 -52.51
C PRO G 162 -67.83 7.17 -52.94
N ILE G 163 -66.73 7.50 -52.25
CA ILE G 163 -65.44 6.91 -52.61
C ILE G 163 -65.43 5.42 -52.28
N ALA G 164 -66.07 5.04 -51.16
CA ALA G 164 -66.16 3.62 -50.82
C ALA G 164 -66.93 2.85 -51.88
N ASN G 165 -68.03 3.42 -52.37
CA ASN G 165 -68.79 2.76 -53.45
C ASN G 165 -67.96 2.69 -54.73
N ALA G 166 -67.28 3.79 -55.07
CA ALA G 166 -66.52 3.85 -56.31
C ALA G 166 -65.30 2.94 -56.29
N LEU G 167 -64.79 2.60 -55.12
CA LEU G 167 -63.70 1.62 -55.02
C LEU G 167 -64.21 0.20 -54.83
N LYS G 168 -65.41 0.02 -54.29
CA LYS G 168 -66.04 -1.29 -54.29
C LYS G 168 -66.36 -1.74 -55.70
N GLU G 169 -66.85 -0.83 -56.54
CA GLU G 169 -67.15 -1.14 -57.93
C GLU G 169 -65.96 -0.80 -58.83
N SER G 170 -65.84 -1.55 -59.93
CA SER G 170 -64.83 -1.31 -60.96
C SER G 170 -63.42 -1.37 -60.40
N TYR G 171 -63.16 -2.27 -59.45
CA TYR G 171 -61.83 -2.47 -58.90
C TYR G 171 -61.38 -3.89 -59.18
N ALA G 172 -60.18 -4.03 -59.76
CA ALA G 172 -59.62 -5.33 -60.08
C ALA G 172 -58.23 -5.43 -59.49
N GLU G 173 -57.96 -6.52 -58.77
CA GLU G 173 -56.66 -6.71 -58.16
C GLU G 173 -55.59 -6.97 -59.22
N ASN G 174 -54.34 -7.02 -58.76
CA ASN G 174 -53.16 -7.29 -59.59
C ASN G 174 -52.96 -6.24 -60.67
N ALA G 175 -53.51 -5.04 -60.47
CA ALA G 175 -53.41 -3.98 -61.45
C ALA G 175 -52.05 -3.31 -61.40
N SER G 176 -51.72 -2.59 -62.47
CA SER G 176 -50.46 -1.87 -62.56
C SER G 176 -50.52 -0.58 -61.74
N LEU G 177 -49.36 0.05 -61.59
CA LEU G 177 -49.30 1.31 -60.85
C LEU G 177 -50.12 2.40 -61.52
N THR G 178 -50.04 2.50 -62.85
CA THR G 178 -50.76 3.54 -63.57
C THR G 178 -52.26 3.35 -63.44
N ASP G 179 -52.75 2.13 -63.65
CA ASP G 179 -54.18 1.87 -63.56
C ASP G 179 -54.68 2.08 -62.13
N ALA G 180 -53.91 1.65 -61.14
CA ALA G 180 -54.29 1.86 -59.75
C ALA G 180 -54.37 3.35 -59.42
N LEU G 181 -53.39 4.12 -59.89
CA LEU G 181 -53.41 5.57 -59.65
C LEU G 181 -54.63 6.21 -60.32
N ARG G 182 -54.93 5.81 -61.55
CA ARG G 182 -56.09 6.37 -62.25
C ARG G 182 -57.39 6.04 -61.51
N ILE G 183 -57.53 4.79 -61.06
CA ILE G 183 -58.73 4.39 -60.35
C ILE G 183 -58.85 5.15 -59.04
N ALA G 184 -57.74 5.29 -58.31
CA ALA G 184 -57.77 6.01 -57.05
C ALA G 184 -58.16 7.48 -57.24
N VAL G 185 -57.59 8.12 -58.26
CA VAL G 185 -57.94 9.52 -58.52
C VAL G 185 -59.40 9.65 -58.93
N ALA G 186 -59.89 8.74 -59.77
CA ALA G 186 -61.29 8.77 -60.19
C ALA G 186 -62.22 8.60 -59.00
N ALA G 187 -61.89 7.68 -58.09
CA ALA G 187 -62.73 7.46 -56.92
C ALA G 187 -62.66 8.63 -55.94
N LEU G 188 -61.49 9.27 -55.83
CA LEU G 188 -61.38 10.43 -54.96
C LEU G 188 -62.18 11.62 -55.50
N ARG G 189 -62.18 11.79 -56.83
CA ARG G 189 -62.96 12.89 -57.41
C ARG G 189 -64.45 12.70 -57.16
N ALA G 190 -64.94 11.47 -57.27
CA ALA G 190 -66.35 11.19 -57.05
C ALA G 190 -66.68 11.23 -55.55
N LEU G 203 -57.30 18.04 -60.13
CA LEU G 203 -56.62 16.90 -59.52
C LEU G 203 -55.30 16.59 -60.25
N GLY G 204 -54.49 17.61 -60.43
CA GLY G 204 -53.21 17.49 -61.12
C GLY G 204 -52.08 17.13 -60.18
N VAL G 205 -50.87 17.53 -60.56
CA VAL G 205 -49.70 17.27 -59.72
C VAL G 205 -49.83 17.99 -58.39
N ALA G 206 -50.29 19.24 -58.42
CA ALA G 206 -50.49 19.99 -57.19
C ALA G 206 -51.69 19.44 -56.42
N SER G 207 -51.67 19.63 -55.10
CA SER G 207 -52.72 19.23 -54.18
C SER G 207 -52.91 17.72 -54.11
N LEU G 208 -51.97 16.93 -54.64
CA LEU G 208 -52.06 15.48 -54.60
C LEU G 208 -50.78 14.90 -54.02
N GLU G 209 -50.92 14.00 -53.06
CA GLU G 209 -49.79 13.30 -52.45
C GLU G 209 -49.88 11.83 -52.83
N VAL G 210 -48.80 11.31 -53.44
CA VAL G 210 -48.75 9.94 -53.90
C VAL G 210 -47.51 9.26 -53.33
N ALA G 211 -47.71 8.11 -52.70
CA ALA G 211 -46.61 7.30 -52.18
C ALA G 211 -46.96 5.83 -52.36
N VAL G 212 -45.92 5.00 -52.53
CA VAL G 212 -46.09 3.59 -52.79
C VAL G 212 -45.18 2.79 -51.87
N LEU G 213 -45.53 1.53 -51.69
CA LEU G 213 -44.72 0.56 -50.95
C LEU G 213 -44.24 -0.49 -51.96
N ASP G 214 -43.04 -0.28 -52.50
CA ASP G 214 -42.53 -1.10 -53.59
C ASP G 214 -41.83 -2.31 -52.99
N ALA G 215 -42.49 -3.48 -53.07
CA ALA G 215 -41.89 -4.71 -52.57
C ALA G 215 -40.70 -5.15 -53.41
N ASN G 216 -40.54 -4.60 -54.62
CA ASN G 216 -39.38 -4.94 -55.44
C ASN G 216 -38.08 -4.40 -54.88
N ARG G 217 -38.15 -3.46 -53.94
CA ARG G 217 -36.96 -2.86 -53.35
C ARG G 217 -36.35 -3.80 -52.32
N PRO G 218 -35.01 -3.84 -52.22
CA PRO G 218 -34.36 -4.86 -51.38
C PRO G 218 -34.61 -4.69 -49.88
N ARG G 219 -34.39 -3.49 -49.35
CA ARG G 219 -34.52 -3.26 -47.91
C ARG G 219 -35.64 -2.28 -47.59
N ARG G 220 -35.61 -1.07 -48.14
CA ARG G 220 -36.60 -0.04 -47.83
C ARG G 220 -37.57 0.08 -49.00
N ALA G 221 -38.85 -0.12 -48.72
CA ALA G 221 -39.88 -0.19 -49.75
C ALA G 221 -40.65 1.12 -49.95
N PHE G 222 -40.31 2.17 -49.21
CA PHE G 222 -41.05 3.43 -49.30
C PHE G 222 -40.46 4.31 -50.39
N ARG G 223 -41.32 4.90 -51.20
CA ARG G 223 -40.90 5.77 -52.29
C ARG G 223 -41.92 6.88 -52.46
N ARG G 224 -41.42 8.08 -52.80
CA ARG G 224 -42.27 9.23 -53.04
C ARG G 224 -42.28 9.55 -54.53
N ILE G 225 -43.47 9.74 -55.09
CA ILE G 225 -43.63 10.06 -56.51
C ILE G 225 -44.09 11.51 -56.59
N THR G 226 -43.21 12.39 -57.06
CA THR G 226 -43.49 13.81 -57.15
C THR G 226 -42.81 14.37 -58.39
N GLY G 227 -43.31 15.51 -58.85
CA GLY G 227 -42.70 16.22 -59.96
C GLY G 227 -43.13 15.72 -61.33
N SER G 228 -42.18 15.66 -62.26
CA SER G 228 -42.49 15.25 -63.62
C SER G 228 -42.92 13.79 -63.70
N ALA G 229 -42.40 12.95 -62.81
CA ALA G 229 -42.78 11.54 -62.81
C ALA G 229 -44.26 11.37 -62.51
N LEU G 230 -44.77 12.13 -61.54
CA LEU G 230 -46.20 12.06 -61.22
C LEU G 230 -47.05 12.52 -62.40
N GLN G 231 -46.64 13.59 -63.08
CA GLN G 231 -47.38 14.07 -64.25
C GLN G 231 -47.37 13.02 -65.36
N ALA G 232 -46.22 12.37 -65.57
CA ALA G 232 -46.15 11.32 -66.58
C ALA G 232 -47.03 10.13 -66.21
N LEU G 233 -47.15 9.83 -64.91
CA LEU G 233 -48.00 8.73 -64.48
C LEU G 233 -49.45 8.98 -64.83
N LEU G 234 -49.94 10.20 -64.62
CA LEU G 234 -51.31 10.55 -64.98
C LEU G 234 -51.38 11.92 -65.63
N SER H 8 -74.60 9.63 -5.73
CA SER H 8 -75.34 8.39 -5.60
C SER H 8 -74.57 7.23 -6.23
N PRO H 9 -73.92 6.41 -5.40
CA PRO H 9 -73.20 5.24 -5.95
C PRO H 9 -74.09 4.26 -6.68
N GLU H 10 -75.35 4.11 -6.25
CA GLU H 10 -76.24 3.15 -6.88
C GLU H 10 -76.48 3.50 -8.35
N GLN H 11 -76.74 4.77 -8.64
CA GLN H 11 -77.00 5.19 -10.01
C GLN H 11 -75.76 4.99 -10.89
N ALA H 12 -74.59 5.35 -10.38
CA ALA H 12 -73.36 5.17 -11.16
C ALA H 12 -73.09 3.70 -11.42
N MET H 13 -73.28 2.85 -10.41
CA MET H 13 -73.08 1.41 -10.61
C MET H 13 -74.05 0.84 -11.62
N ARG H 14 -75.33 1.26 -11.54
CA ARG H 14 -76.32 0.79 -12.49
C ARG H 14 -75.98 1.21 -13.91
N GLU H 15 -75.56 2.48 -14.09
CA GLU H 15 -75.23 2.95 -15.42
C GLU H 15 -74.00 2.25 -15.97
N ARG H 16 -72.99 2.01 -15.13
CA ARG H 16 -71.81 1.28 -15.58
C ARG H 16 -72.15 -0.14 -15.97
N SER H 17 -72.99 -0.82 -15.17
CA SER H 17 -73.40 -2.17 -15.51
C SER H 17 -74.19 -2.21 -16.81
N GLU H 18 -75.08 -1.24 -17.01
CA GLU H 18 -75.84 -1.18 -18.26
C GLU H 18 -74.93 -0.94 -19.45
N LEU H 19 -73.96 -0.04 -19.30
CA LEU H 19 -73.01 0.22 -20.39
C LEU H 19 -72.21 -1.03 -20.73
N ALA H 20 -71.72 -1.75 -19.71
CA ALA H 20 -70.96 -2.97 -19.96
C ALA H 20 -71.81 -4.03 -20.63
N ARG H 21 -73.06 -4.19 -20.17
CA ARG H 21 -73.94 -5.20 -20.76
C ARG H 21 -74.26 -4.86 -22.21
N LYS H 22 -74.51 -3.58 -22.51
CA LYS H 22 -74.76 -3.19 -23.89
C LYS H 22 -73.53 -3.38 -24.76
N GLY H 23 -72.33 -3.11 -24.20
CA GLY H 23 -71.12 -3.32 -24.96
C GLY H 23 -70.86 -4.78 -25.30
N ILE H 24 -71.07 -5.67 -24.32
CA ILE H 24 -70.86 -7.09 -24.58
C ILE H 24 -71.98 -7.66 -25.46
N ALA H 25 -73.17 -7.07 -25.39
CA ALA H 25 -74.31 -7.64 -26.11
C ALA H 25 -74.16 -7.54 -27.63
N ARG H 26 -73.49 -6.50 -28.12
CA ARG H 26 -73.28 -6.36 -29.56
C ARG H 26 -72.14 -7.23 -30.07
N ALA H 27 -71.33 -7.79 -29.19
CA ALA H 27 -70.21 -8.64 -29.58
C ALA H 27 -70.71 -10.01 -30.03
N LYS H 28 -69.82 -10.74 -30.71
CA LYS H 28 -70.16 -12.06 -31.19
C LYS H 28 -70.04 -13.09 -30.07
N SER H 29 -70.51 -14.30 -30.36
CA SER H 29 -70.56 -15.38 -29.38
C SER H 29 -69.37 -16.31 -29.55
N VAL H 30 -68.72 -16.65 -28.43
CA VAL H 30 -67.63 -17.62 -28.40
C VAL H 30 -68.01 -18.73 -27.42
N VAL H 31 -67.83 -19.98 -27.84
CA VAL H 31 -68.27 -21.15 -27.09
C VAL H 31 -67.07 -21.99 -26.72
N ALA H 32 -66.98 -22.37 -25.45
CA ALA H 32 -65.92 -23.22 -24.94
C ALA H 32 -66.54 -24.39 -24.19
N LEU H 33 -66.09 -25.60 -24.52
CA LEU H 33 -66.62 -26.81 -23.90
C LEU H 33 -65.50 -27.83 -23.73
N ALA H 34 -65.74 -28.80 -22.86
CA ALA H 34 -64.78 -29.84 -22.54
C ALA H 34 -65.24 -31.16 -23.13
N TYR H 35 -64.32 -31.86 -23.80
CA TYR H 35 -64.58 -33.16 -24.40
C TYR H 35 -63.63 -34.21 -23.79
N ALA H 36 -63.62 -35.39 -24.40
CA ALA H 36 -62.88 -36.52 -23.83
C ALA H 36 -61.37 -36.31 -23.87
N GLY H 37 -60.88 -35.29 -24.57
CA GLY H 37 -59.46 -35.07 -24.68
C GLY H 37 -58.99 -33.70 -24.26
N GLY H 38 -59.82 -32.99 -23.48
CA GLY H 38 -59.48 -31.65 -23.06
C GLY H 38 -60.59 -30.64 -23.23
N VAL H 39 -60.24 -29.41 -23.58
CA VAL H 39 -61.19 -28.32 -23.74
C VAL H 39 -61.12 -27.82 -25.18
N LEU H 40 -62.28 -27.69 -25.82
CA LEU H 40 -62.37 -27.22 -27.19
C LEU H 40 -62.91 -25.80 -27.22
N PHE H 41 -62.21 -24.91 -27.94
CA PHE H 41 -62.60 -23.52 -28.07
C PHE H 41 -63.06 -23.26 -29.50
N VAL H 42 -64.27 -22.73 -29.64
CA VAL H 42 -64.84 -22.37 -30.94
C VAL H 42 -65.31 -20.92 -30.86
N ALA H 43 -64.88 -20.11 -31.83
CA ALA H 43 -65.19 -18.69 -31.83
C ALA H 43 -65.57 -18.25 -33.24
N GLU H 44 -66.34 -17.16 -33.31
CA GLU H 44 -66.72 -16.52 -34.57
C GLU H 44 -65.74 -15.38 -34.83
N ASN H 45 -64.75 -15.63 -35.66
CA ASN H 45 -63.69 -14.65 -35.92
C ASN H 45 -63.39 -14.57 -37.41
N PRO H 46 -63.83 -13.51 -38.09
CA PRO H 46 -63.60 -13.45 -39.54
C PRO H 46 -62.15 -13.21 -39.92
N SER H 47 -61.48 -12.25 -39.29
CA SER H 47 -60.09 -11.96 -39.60
C SER H 47 -59.17 -12.99 -38.97
N ARG H 48 -58.01 -13.19 -39.60
CA ARG H 48 -56.99 -14.10 -39.09
C ARG H 48 -55.90 -13.41 -38.29
N SER H 49 -55.69 -12.10 -38.49
CA SER H 49 -54.69 -11.40 -37.70
C SER H 49 -55.12 -11.26 -36.25
N LEU H 50 -56.42 -11.16 -36.01
CA LEU H 50 -56.97 -11.00 -34.66
C LEU H 50 -57.39 -12.37 -34.14
N GLN H 51 -56.92 -12.71 -32.94
CA GLN H 51 -57.21 -14.00 -32.32
C GLN H 51 -57.90 -13.78 -30.99
N LYS H 52 -59.06 -14.39 -30.82
CA LYS H 52 -59.79 -14.33 -29.56
C LYS H 52 -59.47 -15.51 -28.64
N ILE H 53 -58.71 -16.50 -29.11
CA ILE H 53 -58.32 -17.66 -28.33
C ILE H 53 -56.81 -17.73 -28.31
N SER H 54 -56.24 -17.92 -27.12
CA SER H 54 -54.80 -17.93 -26.95
C SER H 54 -54.41 -18.95 -25.89
N GLU H 55 -53.10 -19.04 -25.63
CA GLU H 55 -52.55 -19.94 -24.64
C GLU H 55 -51.83 -19.14 -23.56
N LEU H 56 -52.15 -19.42 -22.30
CA LEU H 56 -51.56 -18.70 -21.17
C LEU H 56 -50.36 -19.43 -20.58
N TYR H 57 -50.42 -20.74 -20.45
CA TYR H 57 -49.30 -21.52 -19.92
C TYR H 57 -49.32 -22.89 -20.59
N ASP H 58 -48.59 -23.84 -20.01
CA ASP H 58 -48.48 -25.17 -20.60
C ASP H 58 -49.85 -25.86 -20.68
N ARG H 59 -50.64 -25.77 -19.62
CA ARG H 59 -51.94 -26.45 -19.57
C ARG H 59 -53.11 -25.49 -19.40
N VAL H 60 -52.88 -24.19 -19.51
CA VAL H 60 -53.94 -23.19 -19.34
C VAL H 60 -54.29 -22.60 -20.70
N GLY H 61 -55.55 -22.21 -20.85
CA GLY H 61 -56.01 -21.59 -22.07
C GLY H 61 -56.76 -20.30 -21.78
N PHE H 62 -56.90 -19.49 -22.82
CA PHE H 62 -57.55 -18.19 -22.71
C PHE H 62 -58.62 -18.04 -23.77
N ALA H 63 -59.71 -17.37 -23.40
CA ALA H 63 -60.80 -17.07 -24.32
C ALA H 63 -61.53 -15.84 -23.81
N ALA H 64 -61.96 -14.97 -24.74
CA ALA H 64 -62.59 -13.72 -24.36
C ALA H 64 -63.47 -13.22 -25.50
N ALA H 65 -64.35 -12.28 -25.16
CA ALA H 65 -65.23 -11.66 -26.14
C ALA H 65 -65.45 -10.20 -25.75
N GLY H 66 -65.45 -9.33 -26.75
CA GLY H 66 -65.63 -7.91 -26.51
C GLY H 66 -64.66 -7.04 -27.27
N LYS H 67 -64.28 -5.90 -26.68
CA LYS H 67 -63.33 -5.01 -27.33
C LYS H 67 -61.95 -5.65 -27.37
N PHE H 68 -61.32 -5.62 -28.54
CA PHE H 68 -60.09 -6.40 -28.75
C PHE H 68 -58.96 -5.93 -27.85
N ASN H 69 -58.78 -4.61 -27.72
CA ASN H 69 -57.64 -4.08 -26.98
C ASN H 69 -57.71 -4.44 -25.50
N GLU H 70 -58.90 -4.42 -24.91
CA GLU H 70 -59.04 -4.68 -23.49
C GLU H 70 -58.61 -6.09 -23.12
N PHE H 71 -59.17 -7.10 -23.80
CA PHE H 71 -58.77 -8.45 -23.47
C PHE H 71 -57.40 -8.80 -24.03
N ASP H 72 -56.90 -8.06 -25.03
CA ASP H 72 -55.51 -8.21 -25.42
C ASP H 72 -54.57 -7.81 -24.28
N ASN H 73 -54.86 -6.67 -23.63
CA ASN H 73 -54.09 -6.24 -22.48
C ASN H 73 -54.21 -7.23 -21.33
N LEU H 74 -55.43 -7.73 -21.08
CA LEU H 74 -55.61 -8.72 -20.03
C LEU H 74 -54.84 -10.00 -20.32
N ARG H 75 -54.82 -10.43 -21.57
CA ARG H 75 -54.06 -11.61 -21.98
C ARG H 75 -52.56 -11.40 -21.77
N ARG H 76 -52.05 -10.23 -22.15
CA ARG H 76 -50.63 -9.96 -21.95
C ARG H 76 -50.26 -9.96 -20.48
N GLY H 77 -51.10 -9.34 -19.64
CA GLY H 77 -50.85 -9.35 -18.22
C GLY H 77 -50.90 -10.74 -17.63
N GLY H 78 -51.86 -11.56 -18.06
CA GLY H 78 -51.93 -12.93 -17.60
C GLY H 78 -50.71 -13.75 -18.00
N ILE H 79 -50.24 -13.58 -19.23
CA ILE H 79 -49.02 -14.28 -19.66
C ILE H 79 -47.83 -13.85 -18.81
N GLN H 80 -47.68 -12.55 -18.56
CA GLN H 80 -46.56 -12.11 -17.75
C GLN H 80 -46.64 -12.67 -16.33
N PHE H 81 -47.83 -12.65 -15.74
CA PHE H 81 -48.02 -13.19 -14.40
C PHE H 81 -47.68 -14.68 -14.36
N ALA H 82 -48.18 -15.44 -15.34
CA ALA H 82 -47.93 -16.88 -15.37
C ALA H 82 -46.45 -17.19 -15.51
N ASP H 83 -45.77 -16.48 -16.42
CA ASP H 83 -44.35 -16.74 -16.63
C ASP H 83 -43.53 -16.35 -15.40
N THR H 84 -43.85 -15.23 -14.77
CA THR H 84 -43.11 -14.83 -13.58
C THR H 84 -43.33 -15.81 -12.43
N ARG H 85 -44.57 -16.27 -12.24
CA ARG H 85 -44.84 -17.25 -11.19
C ARG H 85 -44.15 -18.57 -11.47
N GLY H 86 -44.12 -19.00 -12.75
CA GLY H 86 -43.42 -20.23 -13.08
C GLY H 86 -41.93 -20.14 -12.87
N TYR H 87 -41.34 -18.98 -13.21
CA TYR H 87 -39.91 -18.81 -12.98
C TYR H 87 -39.59 -18.65 -11.51
N ALA H 88 -40.55 -18.17 -10.71
CA ALA H 88 -40.29 -17.96 -9.29
C ALA H 88 -40.21 -19.27 -8.53
N TYR H 89 -41.30 -20.05 -8.55
CA TYR H 89 -41.37 -21.28 -7.79
C TYR H 89 -41.08 -22.51 -8.64
N ASP H 90 -41.89 -22.75 -9.67
CA ASP H 90 -41.76 -23.92 -10.54
C ASP H 90 -42.80 -23.82 -11.64
N ARG H 91 -42.59 -24.60 -12.70
CA ARG H 91 -43.54 -24.65 -13.80
C ARG H 91 -44.81 -25.41 -13.41
N ARG H 92 -44.71 -26.35 -12.48
CA ARG H 92 -45.84 -27.16 -12.05
C ARG H 92 -46.64 -26.51 -10.91
N ASP H 93 -46.25 -25.32 -10.48
CA ASP H 93 -46.94 -24.62 -9.40
C ASP H 93 -47.90 -23.56 -9.91
N VAL H 94 -48.19 -23.55 -11.21
CA VAL H 94 -49.10 -22.58 -11.82
C VAL H 94 -50.38 -23.32 -12.19
N THR H 95 -51.51 -22.81 -11.71
CA THR H 95 -52.83 -23.36 -11.99
C THR H 95 -53.74 -22.27 -12.53
N GLY H 96 -54.79 -22.70 -13.22
CA GLY H 96 -55.76 -21.75 -13.76
C GLY H 96 -56.56 -21.02 -12.70
N ARG H 97 -56.63 -21.57 -11.48
CA ARG H 97 -57.34 -20.90 -10.41
C ARG H 97 -56.69 -19.56 -10.06
N GLN H 98 -55.35 -19.54 -9.99
CA GLN H 98 -54.64 -18.29 -9.70
C GLN H 98 -54.88 -17.25 -10.79
N LEU H 99 -54.83 -17.67 -12.06
CA LEU H 99 -55.09 -16.74 -13.16
C LEU H 99 -56.50 -16.21 -13.11
N ALA H 100 -57.48 -17.08 -12.81
CA ALA H 100 -58.86 -16.63 -12.73
C ALA H 100 -59.05 -15.65 -11.58
N ASN H 101 -58.38 -15.90 -10.45
CA ASN H 101 -58.51 -15.01 -9.31
C ASN H 101 -57.90 -13.65 -9.61
N VAL H 102 -56.69 -13.63 -10.18
CA VAL H 102 -56.07 -12.33 -10.48
C VAL H 102 -56.87 -11.60 -11.55
N TYR H 103 -57.46 -12.32 -12.51
CA TYR H 103 -58.30 -11.68 -13.50
C TYR H 103 -59.54 -11.07 -12.87
N ALA H 104 -60.15 -11.79 -11.91
CA ALA H 104 -61.31 -11.24 -11.21
C ALA H 104 -60.95 -9.99 -10.44
N GLN H 105 -59.82 -10.00 -9.73
CA GLN H 105 -59.39 -8.81 -9.00
C GLN H 105 -59.12 -7.65 -9.93
N THR H 106 -58.44 -7.89 -11.05
CA THR H 106 -58.13 -6.81 -11.98
C THR H 106 -59.41 -6.23 -12.60
N LEU H 107 -60.35 -7.09 -12.98
CA LEU H 107 -61.59 -6.61 -13.56
C LEU H 107 -62.43 -5.85 -12.53
N GLY H 108 -62.44 -6.29 -11.28
CA GLY H 108 -63.12 -5.53 -10.24
C GLY H 108 -62.49 -4.17 -10.00
N THR H 109 -61.16 -4.11 -9.98
CA THR H 109 -60.48 -2.84 -9.80
C THR H 109 -60.76 -1.90 -10.97
N ILE H 110 -60.79 -2.43 -12.19
CA ILE H 110 -61.13 -1.62 -13.35
C ILE H 110 -62.56 -1.12 -13.26
N PHE H 111 -63.49 -1.99 -12.86
CA PHE H 111 -64.89 -1.59 -12.76
C PHE H 111 -65.07 -0.51 -11.70
N THR H 112 -64.28 -0.56 -10.63
CA THR H 112 -64.47 0.37 -9.53
C THR H 112 -63.77 1.71 -9.78
N GLU H 113 -62.47 1.69 -10.07
CA GLU H 113 -61.65 2.89 -10.11
C GLU H 113 -61.21 3.28 -11.51
N GLN H 114 -62.10 3.15 -12.49
CA GLN H 114 -61.81 3.61 -13.85
C GLN H 114 -63.01 4.35 -14.40
N ALA H 115 -62.74 5.28 -15.33
CA ALA H 115 -63.81 6.08 -15.91
C ALA H 115 -64.80 5.21 -16.68
N LYS H 116 -64.31 4.25 -17.44
CA LYS H 116 -65.15 3.37 -18.24
C LYS H 116 -64.88 1.92 -17.89
N PRO H 117 -65.89 1.15 -17.49
CA PRO H 117 -65.67 -0.27 -17.18
C PRO H 117 -65.30 -1.07 -18.42
N TYR H 118 -64.55 -2.15 -18.20
CA TYR H 118 -64.12 -3.00 -19.30
C TYR H 118 -65.27 -3.85 -19.82
N GLU H 119 -65.46 -3.84 -21.14
CA GLU H 119 -66.53 -4.58 -21.80
C GLU H 119 -66.03 -5.94 -22.30
N VAL H 120 -65.57 -6.76 -21.35
CA VAL H 120 -64.97 -8.04 -21.67
C VAL H 120 -65.56 -9.14 -20.79
N GLU H 121 -65.38 -10.37 -21.24
CA GLU H 121 -65.82 -11.55 -20.48
C GLU H 121 -64.82 -12.66 -20.78
N LEU H 122 -64.06 -13.06 -19.77
CA LEU H 122 -62.95 -13.99 -19.93
C LEU H 122 -63.32 -15.38 -19.42
N CYS H 123 -62.67 -16.40 -19.99
CA CYS H 123 -62.81 -17.77 -19.53
C CYS H 123 -61.42 -18.38 -19.43
N VAL H 124 -61.17 -19.08 -18.33
CA VAL H 124 -59.89 -19.75 -18.08
C VAL H 124 -60.16 -21.25 -17.99
N ALA H 125 -59.49 -22.02 -18.86
CA ALA H 125 -59.68 -23.46 -18.92
C ALA H 125 -58.34 -24.13 -18.67
N GLU H 126 -58.32 -25.04 -17.68
CA GLU H 126 -57.13 -25.80 -17.34
C GLU H 126 -57.41 -27.29 -17.53
N VAL H 127 -56.38 -28.02 -17.94
CA VAL H 127 -56.48 -29.45 -18.18
C VAL H 127 -55.46 -30.17 -17.31
N ALA H 128 -55.58 -31.50 -17.28
CA ALA H 128 -54.70 -32.31 -16.44
C ALA H 128 -53.29 -32.38 -17.02
N HIS H 129 -52.32 -32.61 -16.15
CA HIS H 129 -50.95 -32.81 -16.58
C HIS H 129 -50.80 -34.17 -17.24
N TYR H 130 -49.81 -34.28 -18.14
CA TYR H 130 -49.59 -35.52 -18.87
C TYR H 130 -49.30 -36.67 -17.92
N GLY H 131 -49.93 -37.81 -18.18
CA GLY H 131 -49.79 -38.97 -17.32
C GLY H 131 -50.64 -38.94 -16.07
N GLU H 132 -51.53 -37.96 -15.94
CA GLU H 132 -52.38 -37.82 -14.75
C GLU H 132 -53.81 -37.62 -15.19
N THR H 133 -54.74 -38.27 -14.48
CA THR H 133 -56.15 -38.20 -14.79
C THR H 133 -56.84 -37.21 -13.86
N LYS H 134 -57.55 -36.25 -14.45
CA LYS H 134 -58.28 -35.22 -13.72
C LYS H 134 -59.25 -34.56 -14.69
N ARG H 135 -60.40 -34.05 -14.13
CA ARG H 135 -61.41 -33.48 -15.00
C ARG H 135 -61.10 -32.02 -15.32
N PRO H 136 -61.40 -31.59 -16.54
CA PRO H 136 -61.14 -30.19 -16.91
C PRO H 136 -61.95 -29.22 -16.04
N GLU H 137 -61.34 -28.07 -15.77
CA GLU H 137 -61.95 -27.04 -14.94
C GLU H 137 -62.07 -25.75 -15.76
N LEU H 138 -63.27 -25.16 -15.75
CA LEU H 138 -63.56 -23.93 -16.47
C LEU H 138 -64.03 -22.86 -15.50
N TYR H 139 -63.53 -21.64 -15.69
CA TYR H 139 -63.89 -20.51 -14.85
C TYR H 139 -64.38 -19.36 -15.74
N ARG H 140 -65.39 -18.64 -15.27
CA ARG H 140 -65.96 -17.51 -16.00
C ARG H 140 -65.84 -16.26 -15.15
N ILE H 141 -65.37 -15.18 -15.76
CA ILE H 141 -65.21 -13.89 -15.09
C ILE H 141 -65.97 -12.84 -15.88
N THR H 142 -66.80 -12.06 -15.18
CA THR H 142 -67.64 -11.04 -15.80
C THR H 142 -66.96 -9.68 -15.71
N TYR H 143 -67.69 -8.65 -16.15
CA TYR H 143 -67.13 -7.30 -16.25
C TYR H 143 -66.88 -6.69 -14.87
N ASP H 144 -67.71 -7.01 -13.88
CA ASP H 144 -67.57 -6.45 -12.54
C ASP H 144 -66.58 -7.22 -11.68
N GLY H 145 -66.02 -8.31 -12.19
CA GLY H 145 -65.10 -9.13 -11.42
C GLY H 145 -65.69 -10.36 -10.79
N SER H 146 -66.94 -10.70 -11.11
CA SER H 146 -67.55 -11.90 -10.56
C SER H 146 -66.85 -13.14 -11.08
N ILE H 147 -66.71 -14.15 -10.21
CA ILE H 147 -66.08 -15.40 -10.59
C ILE H 147 -67.05 -16.54 -10.33
N ALA H 148 -66.96 -17.58 -11.16
CA ALA H 148 -67.85 -18.72 -11.06
C ALA H 148 -67.17 -19.94 -11.66
N ASP H 149 -67.65 -21.12 -11.28
CA ASP H 149 -67.14 -22.39 -11.76
C ASP H 149 -68.22 -23.08 -12.58
N GLU H 150 -67.88 -23.46 -13.81
CA GLU H 150 -68.82 -24.10 -14.72
C GLU H 150 -68.34 -25.51 -15.04
N PRO H 151 -69.18 -26.53 -14.87
CA PRO H 151 -68.69 -27.91 -14.98
C PRO H 151 -68.41 -28.35 -16.41
N HIS H 152 -69.29 -28.05 -17.36
CA HIS H 152 -69.21 -28.61 -18.70
C HIS H 152 -68.87 -27.58 -19.77
N PHE H 153 -69.66 -26.52 -19.89
CA PHE H 153 -69.48 -25.57 -20.98
C PHE H 153 -69.60 -24.14 -20.47
N VAL H 154 -68.99 -23.22 -21.22
CA VAL H 154 -69.06 -21.79 -20.95
C VAL H 154 -69.45 -21.08 -22.24
N VAL H 155 -70.49 -20.25 -22.18
CA VAL H 155 -70.99 -19.52 -23.33
C VAL H 155 -71.02 -18.04 -22.98
N MET H 156 -70.44 -17.21 -23.85
CA MET H 156 -70.34 -15.78 -23.60
C MET H 156 -70.50 -15.03 -24.91
N GLY H 157 -70.91 -13.76 -24.79
CA GLY H 157 -70.95 -12.87 -25.94
C GLY H 157 -72.29 -12.81 -26.65
N GLY H 158 -72.95 -11.65 -26.59
CA GLY H 158 -74.19 -11.45 -27.31
C GLY H 158 -75.36 -12.19 -26.70
N THR H 159 -76.34 -12.48 -27.57
CA THR H 159 -77.55 -13.20 -27.18
C THR H 159 -77.21 -14.67 -26.96
N THR H 160 -76.73 -14.98 -25.75
CA THR H 160 -76.24 -16.31 -25.44
C THR H 160 -77.33 -17.28 -25.02
N GLU H 161 -78.58 -16.83 -24.91
CA GLU H 161 -79.65 -17.73 -24.47
C GLU H 161 -79.90 -18.89 -25.42
N PRO H 162 -80.05 -18.68 -26.75
CA PRO H 162 -80.27 -19.84 -27.62
C PRO H 162 -79.11 -20.82 -27.62
N ILE H 163 -77.87 -20.32 -27.63
CA ILE H 163 -76.72 -21.22 -27.61
C ILE H 163 -76.62 -21.94 -26.27
N ALA H 164 -76.95 -21.26 -25.18
CA ALA H 164 -76.96 -21.90 -23.87
C ALA H 164 -77.97 -23.03 -23.83
N ASN H 165 -79.17 -22.80 -24.39
CA ASN H 165 -80.17 -23.87 -24.44
C ASN H 165 -79.70 -25.01 -25.33
N ALA H 166 -79.12 -24.69 -26.49
CA ALA H 166 -78.70 -25.71 -27.44
C ALA H 166 -77.52 -26.53 -26.95
N LEU H 167 -76.73 -25.99 -26.02
CA LEU H 167 -75.67 -26.76 -25.40
C LEU H 167 -76.11 -27.46 -24.12
N LYS H 168 -77.13 -26.94 -23.44
CA LYS H 168 -77.74 -27.66 -22.34
C LYS H 168 -78.41 -28.94 -22.84
N GLU H 169 -79.09 -28.86 -23.98
CA GLU H 169 -79.74 -30.02 -24.57
C GLU H 169 -78.82 -30.70 -25.58
N SER H 170 -78.99 -32.01 -25.72
CA SER H 170 -78.28 -32.82 -26.71
C SER H 170 -76.76 -32.72 -26.55
N TYR H 171 -76.28 -32.66 -25.32
CA TYR H 171 -74.85 -32.64 -25.04
C TYR H 171 -74.49 -33.86 -24.21
N ALA H 172 -73.48 -34.61 -24.66
CA ALA H 172 -73.02 -35.81 -23.97
C ALA H 172 -71.52 -35.70 -23.75
N GLU H 173 -71.09 -35.94 -22.52
CA GLU H 173 -69.67 -35.87 -22.20
C GLU H 173 -68.92 -37.03 -22.85
N ASN H 174 -67.58 -36.96 -22.73
CA ASN H 174 -66.66 -37.98 -23.22
C ASN H 174 -66.73 -38.13 -24.74
N ALA H 175 -67.21 -37.10 -25.43
CA ALA H 175 -67.37 -37.15 -26.87
C ALA H 175 -66.03 -36.94 -27.57
N SER H 176 -65.99 -37.32 -28.85
CA SER H 176 -64.79 -37.17 -29.66
C SER H 176 -64.65 -35.72 -30.12
N LEU H 177 -63.48 -35.42 -30.70
CA LEU H 177 -63.22 -34.07 -31.19
C LEU H 177 -64.19 -33.69 -32.31
N THR H 178 -64.44 -34.63 -33.23
CA THR H 178 -65.33 -34.34 -34.36
C THR H 178 -66.75 -34.07 -33.89
N ASP H 179 -67.28 -34.92 -33.01
CA ASP H 179 -68.63 -34.74 -32.51
C ASP H 179 -68.76 -33.46 -31.70
N ALA H 180 -67.75 -33.17 -30.87
CA ALA H 180 -67.78 -31.92 -30.10
C ALA H 180 -67.75 -30.70 -31.01
N LEU H 181 -66.93 -30.73 -32.06
CA LEU H 181 -66.89 -29.62 -33.00
C LEU H 181 -68.23 -29.45 -33.71
N ARG H 182 -68.85 -30.56 -34.14
CA ARG H 182 -70.14 -30.47 -34.80
C ARG H 182 -71.20 -29.91 -33.88
N ILE H 183 -71.22 -30.36 -32.62
CA ILE H 183 -72.21 -29.86 -31.66
C ILE H 183 -71.99 -28.38 -31.40
N ALA H 184 -70.72 -27.97 -31.24
CA ALA H 184 -70.44 -26.56 -30.98
C ALA H 184 -70.85 -25.68 -32.15
N VAL H 185 -70.57 -26.12 -33.38
CA VAL H 185 -70.96 -25.34 -34.55
C VAL H 185 -72.48 -25.26 -34.66
N ALA H 186 -73.17 -26.38 -34.42
CA ALA H 186 -74.63 -26.39 -34.49
C ALA H 186 -75.23 -25.45 -33.45
N ALA H 187 -74.68 -25.44 -32.23
CA ALA H 187 -75.20 -24.56 -31.19
C ALA H 187 -74.88 -23.10 -31.48
N LEU H 188 -73.71 -22.82 -32.07
CA LEU H 188 -73.37 -21.45 -32.44
C LEU H 188 -74.28 -20.93 -33.55
N ARG H 189 -74.62 -21.78 -34.52
CA ARG H 189 -75.52 -21.35 -35.59
C ARG H 189 -76.90 -20.98 -35.05
N ALA H 190 -77.41 -21.77 -34.10
CA ALA H 190 -78.71 -21.51 -33.51
C ALA H 190 -78.66 -20.33 -32.55
N LEU H 203 -70.73 -21.11 -42.14
CA LEU H 203 -69.92 -21.54 -41.00
C LEU H 203 -68.83 -22.52 -41.43
N GLY H 204 -68.09 -22.16 -42.47
CA GLY H 204 -67.03 -22.99 -43.01
C GLY H 204 -65.71 -22.75 -42.34
N VAL H 205 -64.63 -23.02 -43.08
CA VAL H 205 -63.28 -22.80 -42.55
C VAL H 205 -63.07 -21.32 -42.23
N ALA H 206 -63.51 -20.44 -43.13
CA ALA H 206 -63.39 -19.01 -42.89
C ALA H 206 -64.36 -18.58 -41.80
N SER H 207 -63.99 -17.48 -41.12
CA SER H 207 -64.78 -16.86 -40.05
C SER H 207 -64.95 -17.76 -38.83
N LEU H 208 -64.18 -18.83 -38.72
CA LEU H 208 -64.26 -19.74 -37.58
C LEU H 208 -62.88 -19.93 -36.99
N GLU H 209 -62.77 -19.79 -35.67
CA GLU H 209 -61.53 -20.02 -34.94
C GLU H 209 -61.71 -21.24 -34.06
N VAL H 210 -60.82 -22.23 -34.21
CA VAL H 210 -60.90 -23.47 -33.47
C VAL H 210 -59.56 -23.73 -32.80
N ALA H 211 -59.58 -23.98 -31.49
CA ALA H 211 -58.40 -24.34 -30.74
C ALA H 211 -58.78 -25.36 -29.68
N VAL H 212 -57.82 -26.23 -29.33
CA VAL H 212 -58.06 -27.31 -28.38
C VAL H 212 -56.94 -27.32 -27.35
N LEU H 213 -57.24 -27.95 -26.21
CA LEU H 213 -56.27 -28.19 -25.14
C LEU H 213 -56.07 -29.69 -25.07
N ASP H 214 -55.05 -30.19 -25.76
CA ASP H 214 -54.83 -31.63 -25.91
C ASP H 214 -54.01 -32.13 -24.72
N ALA H 215 -54.67 -32.80 -23.78
CA ALA H 215 -53.97 -33.36 -22.63
C ALA H 215 -53.02 -34.49 -23.01
N ASN H 216 -53.18 -35.06 -24.22
CA ASN H 216 -52.28 -36.11 -24.68
C ASN H 216 -50.88 -35.59 -24.95
N ARG H 217 -50.70 -34.28 -25.04
CA ARG H 217 -49.39 -33.69 -25.33
C ARG H 217 -48.54 -33.67 -24.07
N PRO H 218 -47.22 -33.88 -24.19
CA PRO H 218 -46.38 -34.05 -23.00
C PRO H 218 -46.24 -32.79 -22.14
N ARG H 219 -45.88 -31.67 -22.76
CA ARG H 219 -45.64 -30.44 -22.01
C ARG H 219 -46.64 -29.34 -22.36
N ARG H 220 -46.75 -28.97 -23.64
CA ARG H 220 -47.62 -27.88 -24.06
C ARG H 220 -48.86 -28.47 -24.73
N ALA H 221 -50.03 -28.14 -24.20
CA ALA H 221 -51.29 -28.74 -24.62
C ALA H 221 -52.07 -27.89 -25.61
N PHE H 222 -51.57 -26.73 -26.00
CA PHE H 222 -52.30 -25.83 -26.89
C PHE H 222 -51.99 -26.18 -28.34
N ARG H 223 -53.04 -26.21 -29.16
CA ARG H 223 -52.91 -26.54 -30.57
C ARG H 223 -53.94 -25.74 -31.37
N ARG H 224 -53.54 -25.31 -32.56
CA ARG H 224 -54.42 -24.56 -33.45
C ARG H 224 -54.80 -25.45 -34.64
N ILE H 225 -56.09 -25.52 -34.93
CA ILE H 225 -56.61 -26.30 -36.04
C ILE H 225 -57.08 -25.34 -37.12
N THR H 226 -56.34 -25.29 -38.22
CA THR H 226 -56.64 -24.38 -39.32
C THR H 226 -56.29 -25.05 -40.64
N GLY H 227 -56.89 -24.54 -41.72
CA GLY H 227 -56.58 -25.03 -43.05
C GLY H 227 -57.34 -26.26 -43.46
N SER H 228 -56.66 -27.18 -44.15
CA SER H 228 -57.32 -28.38 -44.65
C SER H 228 -57.76 -29.30 -43.51
N ALA H 229 -57.03 -29.31 -42.40
CA ALA H 229 -57.40 -30.15 -41.27
C ALA H 229 -58.76 -29.74 -40.70
N LEU H 230 -59.00 -28.44 -40.60
CA LEU H 230 -60.30 -27.97 -40.11
C LEU H 230 -61.43 -28.38 -41.06
N GLN H 231 -61.19 -28.24 -42.37
CA GLN H 231 -62.20 -28.65 -43.34
C GLN H 231 -62.48 -30.15 -43.25
N ALA H 232 -61.43 -30.96 -43.08
CA ALA H 232 -61.62 -32.39 -42.92
C ALA H 232 -62.38 -32.71 -41.63
N LEU H 233 -62.16 -31.93 -40.57
CA LEU H 233 -62.88 -32.17 -39.32
C LEU H 233 -64.37 -31.98 -39.50
N LEU H 234 -64.79 -30.94 -40.21
CA LEU H 234 -66.20 -30.72 -40.48
C LEU H 234 -66.43 -30.29 -41.92
N SER I 8 -73.64 16.58 1.34
CA SER I 8 -74.33 16.00 2.48
C SER I 8 -73.76 14.63 2.84
N PRO I 9 -72.92 14.59 3.88
CA PRO I 9 -72.35 13.29 4.30
C PRO I 9 -73.40 12.29 4.73
N GLU I 10 -74.51 12.74 5.32
CA GLU I 10 -75.54 11.82 5.79
C GLU I 10 -76.13 11.02 4.65
N GLN I 11 -76.46 11.69 3.53
CA GLN I 11 -77.05 10.99 2.40
C GLN I 11 -76.08 9.99 1.80
N ALA I 12 -74.81 10.38 1.65
CA ALA I 12 -73.81 9.46 1.10
C ALA I 12 -73.63 8.25 2.00
N MET I 13 -73.55 8.47 3.31
CA MET I 13 -73.41 7.36 4.25
C MET I 13 -74.62 6.43 4.20
N ARG I 14 -75.82 7.00 4.14
CA ARG I 14 -77.03 6.18 4.06
C ARG I 14 -77.05 5.35 2.79
N GLU I 15 -76.69 5.97 1.65
CA GLU I 15 -76.71 5.23 0.39
C GLU I 15 -75.65 4.13 0.37
N ARG I 16 -74.47 4.41 0.93
CA ARG I 16 -73.44 3.38 1.01
C ARG I 16 -73.87 2.22 1.90
N SER I 17 -74.48 2.53 3.05
CA SER I 17 -74.96 1.48 3.93
C SER I 17 -76.05 0.65 3.26
N GLU I 18 -76.98 1.30 2.55
CA GLU I 18 -78.02 0.57 1.84
C GLU I 18 -77.44 -0.33 0.76
N LEU I 19 -76.45 0.19 0.01
CA LEU I 19 -75.81 -0.61 -1.03
C LEU I 19 -75.13 -1.84 -0.42
N ALA I 20 -74.39 -1.64 0.68
CA ALA I 20 -73.72 -2.77 1.33
C ALA I 20 -74.72 -3.79 1.85
N ARG I 21 -75.81 -3.32 2.46
CA ARG I 21 -76.81 -4.24 2.99
C ARG I 21 -77.49 -5.03 1.88
N LYS I 22 -77.80 -4.37 0.76
CA LYS I 22 -78.39 -5.08 -0.37
C LYS I 22 -77.41 -6.07 -0.98
N GLY I 23 -76.13 -5.72 -1.01
CA GLY I 23 -75.13 -6.64 -1.53
C GLY I 23 -74.98 -7.88 -0.68
N ILE I 24 -74.93 -7.72 0.64
CA ILE I 24 -74.79 -8.88 1.52
C ILE I 24 -76.09 -9.67 1.59
N ALA I 25 -77.23 -9.02 1.37
CA ALA I 25 -78.52 -9.69 1.53
C ALA I 25 -78.75 -10.77 0.48
N ARG I 26 -78.23 -10.58 -0.73
CA ARG I 26 -78.38 -11.58 -1.79
C ARG I 26 -77.41 -12.75 -1.64
N ALA I 27 -76.41 -12.62 -0.78
CA ALA I 27 -75.42 -13.67 -0.56
C ALA I 27 -76.02 -14.81 0.27
N LYS I 28 -75.33 -15.94 0.26
CA LYS I 28 -75.79 -17.10 1.01
C LYS I 28 -75.39 -16.98 2.48
N SER I 29 -75.91 -17.88 3.29
CA SER I 29 -75.72 -17.85 4.74
C SER I 29 -74.61 -18.81 5.14
N VAL I 30 -73.71 -18.34 6.00
CA VAL I 30 -72.64 -19.15 6.58
C VAL I 30 -72.77 -19.08 8.09
N VAL I 31 -72.70 -20.24 8.75
CA VAL I 31 -72.95 -20.36 10.17
C VAL I 31 -71.69 -20.88 10.86
N ALA I 32 -71.29 -20.21 11.94
CA ALA I 32 -70.13 -20.59 12.73
C ALA I 32 -70.54 -20.69 14.20
N LEU I 33 -70.18 -21.80 14.83
CA LEU I 33 -70.55 -22.03 16.23
C LEU I 33 -69.43 -22.79 16.92
N ALA I 34 -69.44 -22.73 18.25
CA ALA I 34 -68.43 -23.37 19.08
C ALA I 34 -69.03 -24.57 19.79
N TYR I 35 -68.31 -25.69 19.75
CA TYR I 35 -68.72 -26.92 20.40
C TYR I 35 -67.65 -27.34 21.41
N ALA I 36 -67.79 -28.56 21.94
CA ALA I 36 -66.94 -29.03 23.02
C ALA I 36 -65.48 -29.20 22.59
N GLY I 37 -65.18 -29.14 21.31
CA GLY I 37 -63.83 -29.37 20.83
C GLY I 37 -63.28 -28.25 19.98
N GLY I 38 -63.88 -27.07 20.06
CA GLY I 38 -63.43 -25.94 19.25
C GLY I 38 -64.56 -25.19 18.58
N VAL I 39 -64.30 -24.72 17.36
CA VAL I 39 -65.27 -23.94 16.59
C VAL I 39 -65.55 -24.69 15.29
N LEU I 40 -66.84 -24.84 14.97
CA LEU I 40 -67.27 -25.54 13.76
C LEU I 40 -67.79 -24.52 12.75
N PHE I 41 -67.30 -24.61 11.52
CA PHE I 41 -67.71 -23.72 10.44
C PHE I 41 -68.52 -24.51 9.42
N VAL I 42 -69.71 -24.03 9.12
CA VAL I 42 -70.59 -24.65 8.12
C VAL I 42 -71.02 -23.56 7.15
N ALA I 43 -70.85 -23.82 5.85
CA ALA I 43 -71.15 -22.84 4.83
C ALA I 43 -71.87 -23.51 3.66
N GLU I 44 -72.62 -22.69 2.92
CA GLU I 44 -73.31 -23.14 1.70
C GLU I 44 -72.43 -22.76 0.52
N ASN I 45 -71.67 -23.74 0.01
CA ASN I 45 -70.72 -23.49 -1.06
C ASN I 45 -70.79 -24.59 -2.11
N PRO I 46 -71.39 -24.32 -3.27
CA PRO I 46 -71.54 -25.40 -4.27
C PRO I 46 -70.23 -25.79 -4.93
N SER I 47 -69.42 -24.83 -5.37
CA SER I 47 -68.15 -25.13 -6.02
C SER I 47 -67.10 -25.53 -4.98
N ARG I 48 -66.14 -26.33 -5.42
CA ARG I 48 -65.03 -26.75 -4.57
C ARG I 48 -63.77 -25.91 -4.76
N SER I 49 -63.61 -25.25 -5.92
CA SER I 49 -62.44 -24.41 -6.11
C SER I 49 -62.49 -23.17 -5.23
N LEU I 50 -63.70 -22.68 -4.95
CA LEU I 50 -63.89 -21.49 -4.13
C LEU I 50 -64.16 -21.90 -2.69
N GLN I 51 -63.41 -21.34 -1.76
CA GLN I 51 -63.54 -21.67 -0.35
C GLN I 51 -63.87 -20.42 0.45
N LYS I 52 -64.96 -20.46 1.21
CA LYS I 52 -65.35 -19.37 2.08
C LYS I 52 -64.81 -19.51 3.50
N ILE I 53 -64.19 -20.65 3.83
CA ILE I 53 -63.63 -20.91 5.14
C ILE I 53 -62.14 -21.23 4.96
N SER I 54 -61.30 -20.59 5.76
CA SER I 54 -59.86 -20.76 5.64
C SER I 54 -59.21 -20.71 7.02
N GLU I 55 -57.89 -20.83 7.04
CA GLU I 55 -57.10 -20.79 8.26
C GLU I 55 -56.13 -19.62 8.21
N LEU I 56 -56.13 -18.81 9.27
CA LEU I 56 -55.28 -17.63 9.34
C LEU I 56 -53.96 -17.90 10.08
N TYR I 57 -54.00 -18.65 11.17
CA TYR I 57 -52.78 -18.98 11.90
C TYR I 57 -52.97 -20.37 12.53
N ASP I 58 -52.12 -20.70 13.50
CA ASP I 58 -52.16 -22.02 14.12
C ASP I 58 -53.51 -22.26 14.81
N ARG I 59 -54.02 -21.27 15.54
CA ARG I 59 -55.25 -21.44 16.30
C ARG I 59 -56.34 -20.46 15.86
N VAL I 60 -56.15 -19.74 14.76
CA VAL I 60 -57.12 -18.76 14.30
C VAL I 60 -57.80 -19.30 13.05
N GLY I 61 -59.06 -18.91 12.86
CA GLY I 61 -59.82 -19.32 11.70
C GLY I 61 -60.46 -18.13 11.02
N PHE I 62 -60.86 -18.34 9.78
CA PHE I 62 -61.45 -17.28 8.96
C PHE I 62 -62.76 -17.76 8.35
N ALA I 63 -63.72 -16.83 8.25
CA ALA I 63 -65.01 -17.11 7.63
C ALA I 63 -65.58 -15.79 7.13
N ALA I 64 -66.23 -15.83 5.96
CA ALA I 64 -66.75 -14.61 5.35
C ALA I 64 -67.88 -14.96 4.39
N ALA I 65 -68.64 -13.93 4.04
CA ALA I 65 -69.74 -14.07 3.09
C ALA I 65 -69.86 -12.79 2.27
N GLY I 66 -70.11 -12.95 0.97
CA GLY I 66 -70.22 -11.82 0.08
C GLY I 66 -69.47 -12.00 -1.22
N LYS I 67 -68.96 -10.91 -1.78
CA LYS I 67 -68.19 -10.98 -3.02
C LYS I 67 -66.86 -11.68 -2.78
N PHE I 68 -66.55 -12.65 -3.64
CA PHE I 68 -65.42 -13.55 -3.38
C PHE I 68 -64.09 -12.79 -3.35
N ASN I 69 -63.89 -11.88 -4.30
CA ASN I 69 -62.59 -11.21 -4.42
C ASN I 69 -62.28 -10.34 -3.20
N GLU I 70 -63.30 -9.67 -2.66
CA GLU I 70 -63.07 -8.75 -1.54
C GLU I 70 -62.57 -9.50 -0.31
N PHE I 71 -63.29 -10.54 0.12
CA PHE I 71 -62.81 -11.26 1.30
C PHE I 71 -61.62 -12.16 0.99
N ASP I 72 -61.39 -12.51 -0.28
CA ASP I 72 -60.14 -13.16 -0.65
C ASP I 72 -58.95 -12.24 -0.39
N ASN I 73 -59.07 -10.97 -0.79
CA ASN I 73 -58.03 -9.99 -0.52
C ASN I 73 -57.87 -9.78 0.98
N LEU I 74 -58.98 -9.68 1.70
CA LEU I 74 -58.90 -9.51 3.15
C LEU I 74 -58.21 -10.71 3.82
N ARG I 75 -58.52 -11.92 3.35
CA ARG I 75 -57.89 -13.12 3.86
C ARG I 75 -56.39 -13.12 3.60
N ARG I 76 -55.98 -12.73 2.38
CA ARG I 76 -54.56 -12.69 2.08
C ARG I 76 -53.83 -11.67 2.95
N GLY I 77 -54.43 -10.50 3.12
CA GLY I 77 -53.83 -9.51 4.00
C GLY I 77 -53.73 -9.97 5.44
N GLY I 78 -54.77 -10.65 5.94
CA GLY I 78 -54.72 -11.18 7.28
C GLY I 78 -53.65 -12.24 7.46
N ILE I 79 -53.50 -13.13 6.47
CA ILE I 79 -52.43 -14.13 6.54
C ILE I 79 -51.07 -13.46 6.55
N GLN I 80 -50.86 -12.46 5.70
CA GLN I 80 -49.56 -11.79 5.69
C GLN I 80 -49.29 -11.10 7.02
N PHE I 81 -50.30 -10.41 7.58
CA PHE I 81 -50.13 -9.75 8.86
C PHE I 81 -49.80 -10.76 9.97
N ALA I 82 -50.53 -11.88 10.00
CA ALA I 82 -50.31 -12.87 11.04
C ALA I 82 -48.91 -13.47 10.94
N ASP I 83 -48.48 -13.81 9.72
CA ASP I 83 -47.15 -14.41 9.55
C ASP I 83 -46.04 -13.41 9.90
N THR I 84 -46.19 -12.15 9.50
CA THR I 84 -45.19 -11.15 9.83
C THR I 84 -45.11 -10.91 11.33
N ARG I 85 -46.27 -10.83 12.00
CA ARG I 85 -46.27 -10.65 13.45
C ARG I 85 -45.66 -11.86 14.17
N GLY I 86 -45.96 -13.07 13.68
CA GLY I 86 -45.38 -14.25 14.30
C GLY I 86 -43.86 -14.32 14.11
N TYR I 87 -43.38 -13.94 12.93
CA TYR I 87 -41.94 -13.93 12.70
C TYR I 87 -41.26 -12.81 13.46
N ALA I 88 -41.98 -11.73 13.76
CA ALA I 88 -41.37 -10.58 14.45
C ALA I 88 -41.12 -10.91 15.91
N TYR I 89 -42.17 -11.21 16.67
CA TYR I 89 -42.05 -11.45 18.10
C TYR I 89 -41.99 -12.94 18.45
N ASP I 90 -43.03 -13.68 18.11
CA ASP I 90 -43.13 -15.10 18.43
C ASP I 90 -44.42 -15.65 17.82
N ARG I 91 -44.47 -16.98 17.72
CA ARG I 91 -45.68 -17.64 17.21
C ARG I 91 -46.80 -17.61 18.23
N ARG I 92 -46.47 -17.54 19.52
CA ARG I 92 -47.46 -17.54 20.59
C ARG I 92 -47.95 -16.15 20.94
N ASP I 93 -47.46 -15.11 20.26
CA ASP I 93 -47.85 -13.73 20.52
C ASP I 93 -48.92 -13.24 19.55
N VAL I 94 -49.52 -14.13 18.75
CA VAL I 94 -50.56 -13.77 17.80
C VAL I 94 -51.89 -14.28 18.32
N THR I 95 -52.85 -13.38 18.43
CA THR I 95 -54.20 -13.69 18.88
C THR I 95 -55.22 -13.19 17.86
N GLY I 96 -56.41 -13.79 17.91
CA GLY I 96 -57.48 -13.38 17.02
C GLY I 96 -57.99 -11.97 17.27
N ARG I 97 -57.76 -11.42 18.46
CA ARG I 97 -58.16 -10.05 18.74
C ARG I 97 -57.44 -9.06 17.84
N GLN I 98 -56.14 -9.24 17.66
CA GLN I 98 -55.38 -8.35 16.78
C GLN I 98 -55.88 -8.43 15.34
N LEU I 99 -56.15 -9.65 14.85
CA LEU I 99 -56.67 -9.80 13.49
C LEU I 99 -58.04 -9.15 13.35
N ALA I 100 -58.90 -9.31 14.35
CA ALA I 100 -60.22 -8.69 14.28
C ALA I 100 -60.11 -7.17 14.30
N ASN I 101 -59.19 -6.63 15.10
CA ASN I 101 -59.01 -5.19 15.17
C ASN I 101 -58.49 -4.63 13.84
N VAL I 102 -57.47 -5.27 13.27
CA VAL I 102 -56.95 -4.77 12.00
C VAL I 102 -57.98 -4.93 10.89
N TYR I 103 -58.80 -5.98 10.94
CA TYR I 103 -59.86 -6.14 9.95
C TYR I 103 -60.90 -5.04 10.10
N ALA I 104 -61.26 -4.69 11.33
CA ALA I 104 -62.20 -3.59 11.55
C ALA I 104 -61.66 -2.28 11.03
N GLN I 105 -60.38 -1.99 11.31
CA GLN I 105 -59.78 -0.75 10.80
C GLN I 105 -59.75 -0.73 9.28
N THR I 106 -59.37 -1.84 8.65
CA THR I 106 -59.31 -1.88 7.19
C THR I 106 -60.69 -1.71 6.57
N LEU I 107 -61.71 -2.37 7.13
CA LEU I 107 -63.06 -2.25 6.62
C LEU I 107 -63.60 -0.83 6.81
N GLY I 108 -63.29 -0.20 7.95
CA GLY I 108 -63.69 1.18 8.14
C GLY I 108 -63.03 2.12 7.16
N THR I 109 -61.73 1.92 6.91
CA THR I 109 -61.02 2.76 5.94
C THR I 109 -61.60 2.57 4.54
N ILE I 110 -61.92 1.33 4.17
CA ILE I 110 -62.54 1.07 2.88
C ILE I 110 -63.91 1.75 2.79
N PHE I 111 -64.70 1.64 3.86
CA PHE I 111 -66.04 2.24 3.84
C PHE I 111 -65.94 3.76 3.72
N THR I 112 -64.91 4.36 4.30
CA THR I 112 -64.81 5.81 4.32
C THR I 112 -64.20 6.36 3.03
N GLU I 113 -63.01 5.89 2.65
CA GLU I 113 -62.22 6.49 1.59
C GLU I 113 -62.15 5.63 0.34
N GLN I 114 -63.26 4.99 -0.04
CA GLN I 114 -63.31 4.25 -1.29
C GLN I 114 -64.62 4.56 -2.01
N ALA I 115 -64.59 4.42 -3.34
CA ALA I 115 -65.77 4.72 -4.15
C ALA I 115 -66.92 3.78 -3.81
N LYS I 116 -66.63 2.49 -3.64
CA LYS I 116 -67.66 1.50 -3.34
C LYS I 116 -67.31 0.76 -2.06
N PRO I 117 -68.19 0.74 -1.06
CA PRO I 117 -67.89 0.01 0.17
C PRO I 117 -67.85 -1.49 -0.07
N TYR I 118 -67.08 -2.18 0.77
CA TYR I 118 -66.93 -3.63 0.65
C TYR I 118 -68.18 -4.34 1.16
N GLU I 119 -68.69 -5.26 0.35
CA GLU I 119 -69.90 -6.02 0.68
C GLU I 119 -69.53 -7.36 1.30
N VAL I 120 -68.86 -7.30 2.45
CA VAL I 120 -68.36 -8.49 3.12
C VAL I 120 -68.70 -8.43 4.60
N GLU I 121 -68.66 -9.61 5.24
CA GLU I 121 -68.89 -9.73 6.67
C GLU I 121 -68.00 -10.87 7.17
N LEU I 122 -67.01 -10.53 7.99
CA LEU I 122 -65.98 -11.47 8.40
C LEU I 122 -66.22 -11.93 9.84
N CYS I 123 -65.73 -13.13 10.15
CA CYS I 123 -65.75 -13.66 11.51
C CYS I 123 -64.38 -14.25 11.81
N VAL I 124 -63.86 -13.94 13.00
CA VAL I 124 -62.56 -14.45 13.44
C VAL I 124 -62.81 -15.31 14.67
N ALA I 125 -62.38 -16.57 14.61
CA ALA I 125 -62.58 -17.52 15.69
C ALA I 125 -61.22 -18.04 16.16
N GLU I 126 -60.95 -17.90 17.45
CA GLU I 126 -59.72 -18.38 18.05
C GLU I 126 -60.04 -19.44 19.11
N VAL I 127 -59.15 -20.41 19.23
CA VAL I 127 -59.31 -21.50 20.19
C VAL I 127 -58.10 -21.53 21.12
N ALA I 128 -58.20 -22.34 22.17
CA ALA I 128 -57.15 -22.42 23.17
C ALA I 128 -55.94 -23.17 22.63
N HIS I 129 -54.78 -22.86 23.19
CA HIS I 129 -53.56 -23.58 22.85
C HIS I 129 -53.59 -24.98 23.44
N TYR I 130 -52.85 -25.88 22.80
CA TYR I 130 -52.82 -27.28 23.23
C TYR I 130 -52.31 -27.39 24.66
N GLY I 131 -52.98 -28.21 25.46
CA GLY I 131 -52.64 -28.36 26.87
C GLY I 131 -53.13 -27.25 27.76
N GLU I 132 -53.96 -26.34 27.26
CA GLU I 132 -54.49 -25.23 28.03
C GLU I 132 -56.00 -25.14 27.84
N THR I 133 -56.71 -24.87 28.93
CA THR I 133 -58.16 -24.77 28.92
C THR I 133 -58.58 -23.31 28.86
N LYS I 134 -59.42 -22.98 27.87
CA LYS I 134 -59.94 -21.64 27.68
C LYS I 134 -61.12 -21.73 26.72
N ARG I 135 -62.09 -20.77 26.86
CA ARG I 135 -63.29 -20.84 26.06
C ARG I 135 -63.06 -20.19 24.70
N PRO I 136 -63.65 -20.75 23.64
CA PRO I 136 -63.51 -20.16 22.31
C PRO I 136 -64.06 -18.73 22.25
N GLU I 137 -63.41 -17.90 21.45
CA GLU I 137 -63.78 -16.50 21.28
C GLU I 137 -64.11 -16.23 19.82
N LEU I 138 -65.26 -15.62 19.58
CA LEU I 138 -65.72 -15.29 18.23
C LEU I 138 -65.93 -13.79 18.10
N TYR I 139 -65.49 -13.23 16.98
CA TYR I 139 -65.63 -11.80 16.70
C TYR I 139 -66.31 -11.63 15.36
N ARG I 140 -67.18 -10.62 15.27
CA ARG I 140 -67.91 -10.30 14.05
C ARG I 140 -67.58 -8.88 13.61
N ILE I 141 -67.28 -8.71 12.33
CA ILE I 141 -66.95 -7.41 11.75
C ILE I 141 -67.88 -7.16 10.58
N THR I 142 -68.51 -5.99 10.57
CA THR I 142 -69.47 -5.63 9.53
C THR I 142 -68.80 -4.79 8.44
N TYR I 143 -69.62 -4.30 7.50
CA TYR I 143 -69.09 -3.60 6.33
C TYR I 143 -68.49 -2.24 6.70
N ASP I 144 -69.06 -1.57 7.71
CA ASP I 144 -68.58 -0.25 8.10
C ASP I 144 -67.41 -0.31 9.07
N GLY I 145 -66.99 -1.50 9.49
CA GLY I 145 -65.91 -1.64 10.43
C GLY I 145 -66.34 -1.87 11.87
N SER I 146 -67.62 -2.09 12.12
CA SER I 146 -68.07 -2.34 13.48
C SER I 146 -67.52 -3.67 13.98
N ILE I 147 -67.18 -3.72 15.26
CA ILE I 147 -66.66 -4.94 15.88
C ILE I 147 -67.54 -5.30 17.06
N ALA I 148 -67.66 -6.60 17.31
CA ALA I 148 -68.50 -7.10 18.39
C ALA I 148 -67.99 -8.47 18.83
N ASP I 149 -68.37 -8.86 20.03
CA ASP I 149 -68.00 -10.14 20.61
C ASP I 149 -69.25 -11.00 20.80
N GLU I 150 -69.23 -12.20 20.25
CA GLU I 150 -70.36 -13.10 20.31
C GLU I 150 -69.99 -14.36 21.10
N PRO I 151 -70.77 -14.73 22.12
CA PRO I 151 -70.32 -15.80 23.01
C PRO I 151 -70.41 -17.20 22.41
N HIS I 152 -71.50 -17.53 21.72
CA HIS I 152 -71.75 -18.90 21.30
C HIS I 152 -71.69 -19.07 19.78
N PHE I 153 -72.49 -18.32 19.03
CA PHE I 153 -72.59 -18.53 17.59
C PHE I 153 -72.57 -17.20 16.85
N VAL I 154 -72.16 -17.27 15.57
CA VAL I 154 -72.16 -16.13 14.67
C VAL I 154 -72.86 -16.54 13.39
N VAL I 155 -73.85 -15.75 12.97
CA VAL I 155 -74.63 -16.03 11.76
C VAL I 155 -74.56 -14.80 10.86
N MET I 156 -74.22 -15.01 9.59
CA MET I 156 -74.06 -13.92 8.64
C MET I 156 -74.55 -14.35 7.27
N GLY I 157 -74.91 -13.36 6.45
CA GLY I 157 -75.24 -13.62 5.07
C GLY I 157 -76.71 -13.84 4.79
N GLY I 158 -77.32 -12.91 4.05
CA GLY I 158 -78.71 -13.07 3.65
C GLY I 158 -79.70 -12.89 4.79
N THR I 159 -80.85 -13.53 4.62
CA THR I 159 -81.94 -13.47 5.60
C THR I 159 -81.54 -14.34 6.80
N THR I 160 -80.79 -13.74 7.71
CA THR I 160 -80.23 -14.48 8.83
C THR I 160 -81.19 -14.60 10.02
N GLU I 161 -82.37 -13.98 9.96
CA GLU I 161 -83.29 -14.03 11.09
C GLU I 161 -83.77 -15.44 11.40
N PRO I 162 -84.25 -16.25 10.44
CA PRO I 162 -84.68 -17.62 10.80
C PRO I 162 -83.56 -18.48 11.35
N ILE I 163 -82.36 -18.39 10.78
CA ILE I 163 -81.25 -19.18 11.27
C ILE I 163 -80.82 -18.69 12.65
N ALA I 164 -80.86 -17.37 12.88
CA ALA I 164 -80.54 -16.83 14.19
C ALA I 164 -81.52 -17.34 15.24
N ASN I 165 -82.82 -17.37 14.91
CA ASN I 165 -83.80 -17.92 15.85
C ASN I 165 -83.57 -19.40 16.08
N ALA I 166 -83.29 -20.15 15.01
CA ALA I 166 -83.14 -21.60 15.11
C ALA I 166 -81.87 -21.99 15.86
N LEU I 167 -80.87 -21.12 15.90
CA LEU I 167 -79.69 -21.37 16.71
C LEU I 167 -79.80 -20.80 18.11
N LYS I 168 -80.61 -19.76 18.31
CA LYS I 168 -80.93 -19.31 19.67
C LYS I 168 -81.70 -20.38 20.42
N GLU I 169 -82.64 -21.03 19.75
CA GLU I 169 -83.42 -22.09 20.36
C GLU I 169 -82.79 -23.45 20.09
N SER I 170 -82.99 -24.38 21.03
CA SER I 170 -82.56 -25.77 20.89
C SER I 170 -81.05 -25.89 20.68
N TYR I 171 -80.27 -25.03 21.33
CA TYR I 171 -78.81 -25.09 21.26
C TYR I 171 -78.26 -25.34 22.65
N ALA I 172 -77.40 -26.36 22.77
CA ALA I 172 -76.78 -26.72 24.04
C ALA I 172 -75.27 -26.77 23.85
N GLU I 173 -74.55 -26.11 24.75
CA GLU I 173 -73.10 -26.10 24.67
C GLU I 173 -72.53 -27.48 25.01
N ASN I 174 -71.21 -27.60 24.82
CA ASN I 174 -70.44 -28.80 25.13
C ASN I 174 -70.90 -30.00 24.30
N ALA I 175 -71.53 -29.74 23.16
CA ALA I 175 -72.04 -30.81 22.32
C ALA I 175 -70.93 -31.45 21.49
N SER I 176 -71.22 -32.64 20.98
CA SER I 176 -70.25 -33.36 20.15
C SER I 176 -70.22 -32.78 18.74
N LEU I 177 -69.24 -33.24 17.96
CA LEU I 177 -69.11 -32.76 16.59
C LEU I 177 -70.32 -33.16 15.75
N THR I 178 -70.80 -34.39 15.91
CA THR I 178 -71.94 -34.86 15.12
C THR I 178 -73.20 -34.06 15.44
N ASP I 179 -73.49 -33.88 16.74
CA ASP I 179 -74.69 -33.14 17.13
C ASP I 179 -74.60 -31.68 16.69
N ALA I 180 -73.42 -31.07 16.83
CA ALA I 180 -73.23 -29.69 16.38
C ALA I 180 -73.45 -29.57 14.87
N LEU I 181 -72.91 -30.52 14.10
CA LEU I 181 -73.11 -30.49 12.66
C LEU I 181 -74.58 -30.64 12.30
N ARG I 182 -75.28 -31.56 12.98
CA ARG I 182 -76.70 -31.75 12.69
C ARG I 182 -77.50 -30.49 13.01
N ILE I 183 -77.20 -29.86 14.15
CA ILE I 183 -77.92 -28.65 14.54
C ILE I 183 -77.64 -27.53 13.55
N ALA I 184 -76.37 -27.38 13.14
CA ALA I 184 -76.02 -26.34 12.18
C ALA I 184 -76.72 -26.55 10.84
N VAL I 185 -76.75 -27.79 10.36
CA VAL I 185 -77.43 -28.06 9.09
C VAL I 185 -78.93 -27.80 9.21
N ALA I 186 -79.54 -28.21 10.32
CA ALA I 186 -80.96 -27.98 10.52
C ALA I 186 -81.29 -26.50 10.56
N ALA I 187 -80.44 -25.71 11.23
CA ALA I 187 -80.68 -24.28 11.31
C ALA I 187 -80.44 -23.59 9.96
N LEU I 188 -79.46 -24.08 9.19
CA LEU I 188 -79.23 -23.51 7.87
C LEU I 188 -80.38 -23.81 6.92
N ARG I 189 -80.96 -25.02 7.01
CA ARG I 189 -82.09 -25.35 6.15
C ARG I 189 -83.28 -24.45 6.45
N ALA I 190 -83.55 -24.18 7.71
CA ALA I 190 -84.66 -23.31 8.10
C ALA I 190 -84.36 -21.86 7.80
N LEU I 203 -79.11 -30.92 1.06
CA LEU I 203 -78.04 -30.52 1.97
C LEU I 203 -77.09 -31.68 2.26
N GLY I 204 -76.63 -32.35 1.21
CA GLY I 204 -75.75 -33.49 1.33
C GLY I 204 -74.29 -33.09 1.36
N VAL I 205 -73.43 -34.02 0.92
CA VAL I 205 -72.00 -33.75 0.87
C VAL I 205 -71.71 -32.60 -0.09
N ALA I 206 -72.36 -32.59 -1.25
CA ALA I 206 -72.19 -31.51 -2.20
C ALA I 206 -72.85 -30.24 -1.69
N SER I 207 -72.32 -29.10 -2.14
CA SER I 207 -72.81 -27.76 -1.82
C SER I 207 -72.67 -27.41 -0.34
N LEU I 208 -71.90 -28.18 0.43
CA LEU I 208 -71.70 -27.92 1.84
C LEU I 208 -70.21 -27.88 2.14
N GLU I 209 -69.77 -26.84 2.84
CA GLU I 209 -68.38 -26.69 3.27
C GLU I 209 -68.34 -26.79 4.79
N VAL I 210 -67.53 -27.72 5.29
CA VAL I 210 -67.41 -27.98 6.73
C VAL I 210 -65.95 -27.92 7.12
N ALA I 211 -65.65 -27.11 8.14
CA ALA I 211 -64.31 -27.02 8.70
C ALA I 211 -64.42 -26.84 10.21
N VAL I 212 -63.40 -27.32 10.92
CA VAL I 212 -63.40 -27.28 12.38
C VAL I 212 -62.06 -26.76 12.86
N LEU I 213 -62.05 -26.27 14.10
CA LEU I 213 -60.85 -25.83 14.80
C LEU I 213 -60.65 -26.79 15.97
N ASP I 214 -59.83 -27.83 15.74
CA ASP I 214 -59.65 -28.90 16.70
C ASP I 214 -58.55 -28.52 17.68
N ALA I 215 -58.97 -28.14 18.90
CA ALA I 215 -58.00 -27.79 19.94
C ALA I 215 -57.19 -28.99 20.40
N ASN I 216 -57.64 -30.22 20.10
CA ASN I 216 -56.89 -31.41 20.46
C ASN I 216 -55.59 -31.54 19.67
N ARG I 217 -55.45 -30.80 18.58
CA ARG I 217 -54.25 -30.87 17.74
C ARG I 217 -53.10 -30.10 18.39
N PRO I 218 -51.86 -30.57 18.25
CA PRO I 218 -50.75 -29.97 19.00
C PRO I 218 -50.40 -28.55 18.56
N ARG I 219 -50.20 -28.33 17.26
CA ARG I 219 -49.78 -27.03 16.76
C ARG I 219 -50.83 -26.38 15.87
N ARG I 220 -51.26 -27.06 14.80
CA ARG I 220 -52.21 -26.49 13.85
C ARG I 220 -53.58 -27.13 14.07
N ALA I 221 -54.57 -26.30 14.34
CA ALA I 221 -55.90 -26.76 14.74
C ALA I 221 -56.90 -26.78 13.61
N PHE I 222 -56.51 -26.40 12.39
CA PHE I 222 -57.43 -26.34 11.27
C PHE I 222 -57.51 -27.68 10.56
N ARG I 223 -58.73 -28.11 10.25
CA ARG I 223 -58.96 -29.38 9.58
C ARG I 223 -60.15 -29.24 8.64
N ARG I 224 -60.07 -29.92 7.50
CA ARG I 224 -61.15 -29.93 6.51
C ARG I 224 -61.81 -31.30 6.49
N ILE I 225 -63.13 -31.31 6.57
CA ILE I 225 -63.91 -32.53 6.55
C ILE I 225 -64.63 -32.60 5.21
N THR I 226 -64.20 -33.53 4.36
CA THR I 226 -64.76 -33.68 3.02
C THR I 226 -64.75 -35.15 2.65
N GLY I 227 -65.60 -35.50 1.69
CA GLY I 227 -65.64 -36.85 1.16
C GLY I 227 -66.49 -37.81 1.96
N SER I 228 -66.01 -39.05 2.11
CA SER I 228 -66.77 -40.07 2.81
C SER I 228 -66.91 -39.76 4.29
N ALA I 229 -65.91 -39.08 4.88
CA ALA I 229 -66.00 -38.72 6.30
C ALA I 229 -67.17 -37.78 6.56
N LEU I 230 -67.38 -36.80 5.68
CA LEU I 230 -68.51 -35.89 5.85
C LEU I 230 -69.84 -36.64 5.74
N GLN I 231 -69.95 -37.56 4.77
CA GLN I 231 -71.16 -38.35 4.64
C GLN I 231 -71.41 -39.20 5.88
N ALA I 232 -70.35 -39.80 6.43
CA ALA I 232 -70.51 -40.58 7.65
C ALA I 232 -70.91 -39.71 8.83
N LEU I 233 -70.43 -38.46 8.86
CA LEU I 233 -70.81 -37.56 9.95
C LEU I 233 -72.32 -37.28 9.94
N LEU I 234 -72.89 -37.05 8.76
CA LEU I 234 -74.32 -36.82 8.66
C LEU I 234 -74.91 -37.57 7.46
N SER J 8 73.67 -16.58 -1.38
CA SER J 8 74.24 -16.54 -2.71
C SER J 8 73.23 -17.04 -3.75
N PRO J 9 72.60 -16.10 -4.47
CA PRO J 9 71.64 -16.51 -5.51
C PRO J 9 72.26 -17.34 -6.61
N GLU J 10 73.53 -17.11 -6.95
CA GLU J 10 74.17 -17.85 -8.03
C GLU J 10 74.24 -19.34 -7.71
N GLN J 11 74.64 -19.68 -6.49
CA GLN J 11 74.74 -21.09 -6.11
C GLN J 11 73.38 -21.77 -6.12
N ALA J 12 72.35 -21.10 -5.59
CA ALA J 12 71.01 -21.68 -5.59
C ALA J 12 70.50 -21.88 -7.01
N MET J 13 70.70 -20.90 -7.88
CA MET J 13 70.27 -21.03 -9.27
C MET J 13 71.00 -22.16 -9.97
N ARG J 14 72.31 -22.28 -9.74
CA ARG J 14 73.08 -23.36 -10.35
C ARG J 14 72.59 -24.72 -9.87
N GLU J 15 72.34 -24.85 -8.58
CA GLU J 15 71.88 -26.13 -8.04
C GLU J 15 70.49 -26.49 -8.55
N ARG J 16 69.61 -25.49 -8.65
CA ARG J 16 68.27 -25.75 -9.20
C ARG J 16 68.35 -26.17 -10.66
N SER J 17 69.19 -25.49 -11.45
CA SER J 17 69.34 -25.86 -12.85
C SER J 17 69.91 -27.26 -13.00
N GLU J 18 70.91 -27.61 -12.17
CA GLU J 18 71.47 -28.95 -12.22
C GLU J 18 70.43 -30.01 -11.85
N LEU J 19 69.63 -29.73 -10.81
CA LEU J 19 68.58 -30.67 -10.41
C LEU J 19 67.57 -30.86 -11.53
N ALA J 20 67.14 -29.77 -12.17
CA ALA J 20 66.18 -29.88 -13.27
C ALA J 20 66.77 -30.65 -14.44
N ARG J 21 68.02 -30.39 -14.77
CA ARG J 21 68.65 -31.07 -15.90
C ARG J 21 68.79 -32.56 -15.62
N LYS J 22 69.18 -32.92 -14.38
CA LYS J 22 69.28 -34.33 -14.03
C LYS J 22 67.91 -35.00 -14.03
N GLY J 23 66.87 -34.27 -13.60
CA GLY J 23 65.53 -34.84 -13.62
C GLY J 23 65.03 -35.11 -15.03
N ILE J 24 65.25 -34.17 -15.94
CA ILE J 24 64.79 -34.36 -17.32
C ILE J 24 65.68 -35.38 -18.04
N ALA J 25 66.94 -35.51 -17.63
CA ALA J 25 67.87 -36.38 -18.36
C ALA J 25 67.50 -37.85 -18.23
N ARG J 26 66.93 -38.26 -17.10
CA ARG J 26 66.53 -39.66 -16.92
C ARG J 26 65.21 -39.98 -17.61
N ALA J 27 64.46 -38.97 -18.06
CA ALA J 27 63.20 -39.18 -18.73
C ALA J 27 63.41 -39.68 -20.16
N LYS J 28 62.34 -40.20 -20.75
CA LYS J 28 62.41 -40.71 -22.11
C LYS J 28 62.31 -39.56 -23.11
N SER J 29 62.55 -39.89 -24.38
CA SER J 29 62.59 -38.90 -25.45
C SER J 29 61.26 -38.88 -26.20
N VAL J 30 60.75 -37.68 -26.45
CA VAL J 30 59.55 -37.46 -27.25
C VAL J 30 59.91 -36.54 -28.40
N VAL J 31 59.48 -36.89 -29.61
CA VAL J 31 59.87 -36.20 -30.84
C VAL J 31 58.62 -35.65 -31.49
N ALA J 32 58.68 -34.37 -31.87
CA ALA J 32 57.59 -33.69 -32.55
C ALA J 32 58.13 -33.02 -33.81
N LEU J 33 57.46 -33.25 -34.94
CA LEU J 33 57.90 -32.70 -36.21
C LEU J 33 56.69 -32.35 -37.05
N ALA J 34 56.91 -31.50 -38.05
CA ALA J 34 55.86 -31.02 -38.94
C ALA J 34 56.03 -31.65 -40.32
N TYR J 35 54.93 -32.16 -40.88
CA TYR J 35 54.92 -32.77 -42.19
C TYR J 35 53.93 -32.01 -43.09
N ALA J 36 53.65 -32.59 -44.26
CA ALA J 36 52.85 -31.90 -45.27
C ALA J 36 51.40 -31.72 -44.84
N GLY J 37 50.97 -32.35 -43.76
CA GLY J 37 49.58 -32.26 -43.34
C GLY J 37 49.39 -31.80 -41.91
N GLY J 38 50.41 -31.17 -41.33
CA GLY J 38 50.33 -30.73 -39.96
C GLY J 38 51.55 -31.07 -39.12
N VAL J 39 51.33 -31.39 -37.86
CA VAL J 39 52.41 -31.72 -36.91
C VAL J 39 52.18 -33.13 -36.41
N LEU J 40 53.24 -33.93 -36.44
CA LEU J 40 53.20 -35.33 -35.98
C LEU J 40 53.92 -35.46 -34.66
N PHE J 41 53.27 -36.07 -33.68
CA PHE J 41 53.83 -36.29 -32.36
C PHE J 41 54.10 -37.78 -32.16
N VAL J 42 55.35 -38.10 -31.80
CA VAL J 42 55.75 -39.48 -31.53
C VAL J 42 56.43 -39.50 -30.17
N ALA J 43 55.99 -40.41 -29.30
CA ALA J 43 56.50 -40.48 -27.94
C ALA J 43 56.73 -41.94 -27.55
N GLU J 44 57.61 -42.14 -26.58
CA GLU J 44 57.90 -43.44 -26.01
C GLU J 44 57.07 -43.57 -24.73
N ASN J 45 55.93 -44.25 -24.83
CA ASN J 45 55.01 -44.37 -23.71
C ASN J 45 54.50 -45.80 -23.58
N PRO J 46 54.98 -46.57 -22.60
CA PRO J 46 54.54 -47.97 -22.50
C PRO J 46 53.11 -48.14 -22.05
N SER J 47 52.68 -47.42 -21.00
CA SER J 47 51.32 -47.53 -20.52
C SER J 47 50.36 -46.76 -21.41
N ARG J 48 49.11 -47.20 -21.43
CA ARG J 48 48.05 -46.53 -22.18
C ARG J 48 47.21 -45.59 -21.34
N SER J 49 47.16 -45.78 -20.02
CA SER J 49 46.39 -44.86 -19.17
C SER J 49 47.06 -43.49 -19.11
N LEU J 50 48.39 -43.45 -19.20
CA LEU J 50 49.14 -42.21 -19.13
C LEU J 50 49.44 -41.73 -20.54
N GLN J 51 49.10 -40.46 -20.81
CA GLN J 51 49.29 -39.87 -22.14
C GLN J 51 50.19 -38.65 -22.02
N LYS J 52 51.28 -38.65 -22.80
CA LYS J 52 52.18 -37.51 -22.86
C LYS J 52 51.84 -36.53 -23.98
N ILE J 53 50.89 -36.88 -24.83
CA ILE J 53 50.46 -36.03 -25.93
C ILE J 53 48.96 -35.77 -25.79
N SER J 54 48.55 -34.51 -25.90
CA SER J 54 47.16 -34.13 -25.69
C SER J 54 46.79 -33.00 -26.65
N GLU J 55 45.54 -32.55 -26.55
CA GLU J 55 45.01 -31.47 -27.36
C GLU J 55 44.59 -30.31 -26.46
N LEU J 56 45.05 -29.11 -26.79
CA LEU J 56 44.75 -27.92 -26.01
C LEU J 56 43.56 -27.14 -26.55
N TYR J 57 43.45 -27.01 -27.87
CA TYR J 57 42.32 -26.30 -28.47
C TYR J 57 42.04 -26.94 -29.83
N ASP J 58 41.28 -26.24 -30.66
CA ASP J 58 40.89 -26.78 -31.97
C ASP J 58 42.10 -27.05 -32.84
N ARG J 59 43.07 -26.13 -32.87
CA ARG J 59 44.24 -26.25 -33.73
C ARG J 59 45.54 -26.28 -32.96
N VAL J 60 45.50 -26.38 -31.63
CA VAL J 60 46.69 -26.38 -30.81
C VAL J 60 46.93 -27.78 -30.25
N GLY J 61 48.19 -28.13 -30.06
CA GLY J 61 48.56 -29.42 -29.52
C GLY J 61 49.51 -29.26 -28.34
N PHE J 62 49.62 -30.33 -27.56
CA PHE J 62 50.45 -30.33 -26.37
C PHE J 62 51.37 -31.55 -26.37
N ALA J 63 52.58 -31.35 -25.86
CA ALA J 63 53.55 -32.42 -25.72
C ALA J 63 54.52 -32.05 -24.61
N ALA J 64 54.92 -33.05 -23.82
CA ALA J 64 55.79 -32.79 -22.67
C ALA J 64 56.54 -34.06 -22.31
N ALA J 65 57.59 -33.88 -21.50
CA ALA J 65 58.39 -34.98 -21.01
C ALA J 65 58.88 -34.65 -19.61
N GLY J 66 58.85 -35.66 -18.73
CA GLY J 66 59.29 -35.48 -17.36
C GLY J 66 58.34 -36.10 -16.35
N LYS J 67 58.22 -35.49 -15.18
CA LYS J 67 57.32 -36.00 -14.15
C LYS J 67 55.87 -35.83 -14.58
N PHE J 68 55.08 -36.89 -14.46
CA PHE J 68 53.74 -36.91 -15.05
C PHE J 68 52.83 -35.85 -14.42
N ASN J 69 52.87 -35.73 -13.10
CA ASN J 69 51.94 -34.84 -12.41
C ASN J 69 52.17 -33.37 -12.78
N GLU J 70 53.43 -32.97 -12.93
CA GLU J 70 53.75 -31.57 -13.21
C GLU J 70 53.18 -31.13 -14.55
N PHE J 71 53.48 -31.87 -15.63
CA PHE J 71 52.93 -31.45 -16.91
C PHE J 71 51.46 -31.80 -17.05
N ASP J 72 50.94 -32.72 -16.25
CA ASP J 72 49.49 -32.90 -16.19
C ASP J 72 48.81 -31.64 -15.65
N ASN J 73 49.35 -31.06 -14.58
CA ASN J 73 48.82 -29.81 -14.04
C ASN J 73 48.97 -28.69 -15.05
N LEU J 74 50.13 -28.61 -15.71
CA LEU J 74 50.33 -27.58 -16.73
C LEU J 74 49.33 -27.72 -17.87
N ARG J 75 49.07 -28.96 -18.30
CA ARG J 75 48.10 -29.21 -19.35
C ARG J 75 46.70 -28.80 -18.92
N ARG J 76 46.31 -29.11 -17.69
CA ARG J 76 44.98 -28.72 -17.23
C ARG J 76 44.84 -27.20 -17.17
N GLY J 77 45.88 -26.52 -16.67
CA GLY J 77 45.84 -25.06 -16.65
C GLY J 77 45.78 -24.47 -18.05
N GLY J 78 46.53 -25.03 -19.00
CA GLY J 78 46.47 -24.55 -20.37
C GLY J 78 45.11 -24.75 -21.00
N ILE J 79 44.48 -25.90 -20.76
CA ILE J 79 43.13 -26.13 -21.27
C ILE J 79 42.15 -25.13 -20.68
N GLN J 80 42.24 -24.88 -19.37
CA GLN J 80 41.31 -23.92 -18.77
C GLN J 80 41.53 -22.52 -19.33
N PHE J 81 42.79 -22.11 -19.49
CA PHE J 81 43.08 -20.81 -20.07
C PHE J 81 42.55 -20.69 -21.49
N ALA J 82 42.78 -21.72 -22.31
CA ALA J 82 42.33 -21.67 -23.70
C ALA J 82 40.81 -21.60 -23.78
N ASP J 83 40.11 -22.41 -22.98
CA ASP J 83 38.65 -22.40 -23.03
C ASP J 83 38.09 -21.08 -22.54
N THR J 84 38.66 -20.52 -21.47
CA THR J 84 38.18 -19.23 -20.96
C THR J 84 38.42 -18.11 -21.98
N ARG J 85 39.60 -18.10 -22.62
CA ARG J 85 39.87 -17.08 -23.63
C ARG J 85 38.96 -17.25 -24.83
N GLY J 86 38.68 -18.48 -25.25
CA GLY J 86 37.77 -18.68 -26.36
C GLY J 86 36.35 -18.26 -26.05
N TYR J 87 35.89 -18.54 -24.83
CA TYR J 87 34.55 -18.10 -24.44
C TYR J 87 34.48 -16.59 -24.25
N ALA J 88 35.61 -15.96 -23.91
CA ALA J 88 35.60 -14.53 -23.66
C ALA J 88 35.45 -13.73 -24.96
N TYR J 89 36.39 -13.90 -25.88
CA TYR J 89 36.40 -13.13 -27.13
C TYR J 89 35.81 -13.91 -28.30
N ASP J 90 36.42 -15.05 -28.64
CA ASP J 90 36.00 -15.86 -29.78
C ASP J 90 36.87 -17.12 -29.83
N ARG J 91 36.38 -18.11 -30.57
CA ARG J 91 37.15 -19.34 -30.75
C ARG J 91 38.33 -19.13 -31.69
N ARG J 92 38.24 -18.17 -32.61
CA ARG J 92 39.29 -17.90 -33.57
C ARG J 92 40.33 -16.91 -33.05
N ASP J 93 40.19 -16.43 -31.82
CA ASP J 93 41.12 -15.49 -31.23
C ASP J 93 42.15 -16.16 -30.32
N VAL J 94 42.23 -17.48 -30.34
CA VAL J 94 43.18 -18.24 -29.52
C VAL J 94 44.27 -18.79 -30.43
N THR J 95 45.52 -18.49 -30.09
CA THR J 95 46.67 -18.95 -30.83
C THR J 95 47.66 -19.63 -29.89
N GLY J 96 48.52 -20.46 -30.45
CA GLY J 96 49.52 -21.16 -29.66
C GLY J 96 50.57 -20.24 -29.06
N ARG J 97 50.74 -19.04 -29.62
CA ARG J 97 51.69 -18.09 -29.05
C ARG J 97 51.28 -17.68 -27.64
N GLN J 98 50.00 -17.41 -27.42
CA GLN J 98 49.54 -17.04 -26.08
C GLN J 98 49.76 -18.17 -25.09
N LEU J 99 49.45 -19.41 -25.49
CA LEU J 99 49.67 -20.55 -24.61
C LEU J 99 51.15 -20.73 -24.30
N ALA J 100 52.02 -20.56 -25.29
CA ALA J 100 53.45 -20.70 -25.04
C ALA J 100 53.95 -19.61 -24.11
N ASN J 101 53.42 -18.39 -24.27
CA ASN J 101 53.85 -17.29 -23.41
C ASN J 101 53.40 -17.52 -21.97
N VAL J 102 52.14 -17.90 -21.77
CA VAL J 102 51.67 -18.13 -20.40
C VAL J 102 52.40 -19.32 -19.78
N TYR J 103 52.74 -20.34 -20.58
CA TYR J 103 53.50 -21.47 -20.06
C TYR J 103 54.90 -21.03 -19.64
N ALA J 104 55.53 -20.17 -20.45
CA ALA J 104 56.85 -19.66 -20.08
C ALA J 104 56.79 -18.86 -18.78
N GLN J 105 55.79 -17.99 -18.64
CA GLN J 105 55.65 -17.22 -17.40
C GLN J 105 55.42 -18.13 -16.20
N THR J 106 54.55 -19.13 -16.35
CA THR J 106 54.27 -20.03 -15.23
C THR J 106 55.50 -20.84 -14.84
N LEU J 107 56.24 -21.34 -15.83
CA LEU J 107 57.44 -22.10 -15.53
C LEU J 107 58.52 -21.22 -14.89
N GLY J 108 58.66 -19.97 -15.35
CA GLY J 108 59.59 -19.06 -14.70
C GLY J 108 59.21 -18.76 -13.26
N THR J 109 57.91 -18.54 -13.01
CA THR J 109 57.45 -18.29 -11.65
C THR J 109 57.70 -19.50 -10.76
N ILE J 110 57.46 -20.71 -11.28
CA ILE J 110 57.74 -21.92 -10.52
C ILE J 110 59.23 -22.04 -10.24
N PHE J 111 60.06 -21.77 -11.24
CA PHE J 111 61.50 -21.89 -11.05
C PHE J 111 62.00 -20.89 -10.00
N THR J 112 61.38 -19.71 -9.95
CA THR J 112 61.86 -18.66 -9.05
C THR J 112 61.34 -18.84 -7.63
N GLU J 113 60.02 -18.93 -7.46
CA GLU J 113 59.39 -18.86 -6.14
C GLU J 113 58.79 -20.20 -5.70
N GLN J 114 59.50 -21.30 -5.95
CA GLN J 114 59.08 -22.60 -5.45
C GLN J 114 60.29 -23.34 -4.89
N ALA J 115 60.02 -24.24 -3.93
CA ALA J 115 61.10 -24.99 -3.29
C ALA J 115 61.83 -25.88 -4.29
N LYS J 116 61.09 -26.54 -5.18
CA LYS J 116 61.67 -27.45 -6.16
C LYS J 116 61.24 -27.03 -7.56
N PRO J 117 62.18 -26.77 -8.47
CA PRO J 117 61.79 -26.40 -9.84
C PRO J 117 61.14 -27.56 -10.57
N TYR J 118 60.29 -27.21 -11.53
CA TYR J 118 59.58 -28.22 -12.31
C TYR J 118 60.51 -28.89 -13.31
N GLU J 119 60.49 -30.22 -13.33
CA GLU J 119 61.34 -31.02 -14.21
C GLU J 119 60.58 -31.40 -15.48
N VAL J 120 60.14 -30.39 -16.22
CA VAL J 120 59.32 -30.60 -17.41
C VAL J 120 59.87 -29.79 -18.57
N GLU J 121 59.46 -30.19 -19.78
CA GLU J 121 59.83 -29.48 -21.00
C GLU J 121 58.65 -29.60 -21.96
N LEU J 122 58.00 -28.48 -22.25
CA LEU J 122 56.76 -28.47 -23.01
C LEU J 122 57.00 -28.00 -24.43
N CYS J 123 56.14 -28.44 -25.35
CA CYS J 123 56.13 -27.97 -26.73
C CYS J 123 54.70 -27.65 -27.13
N VAL J 124 54.51 -26.52 -27.79
CA VAL J 124 53.21 -26.08 -28.27
C VAL J 124 53.27 -26.01 -29.78
N ALA J 125 52.38 -26.74 -30.45
CA ALA J 125 52.34 -26.81 -31.90
C ALA J 125 50.97 -26.34 -32.38
N GLU J 126 50.96 -25.35 -33.26
CA GLU J 126 49.74 -24.83 -33.86
C GLU J 126 49.77 -25.03 -35.36
N VAL J 127 48.59 -25.28 -35.94
CA VAL J 127 48.45 -25.50 -37.36
C VAL J 127 47.49 -24.47 -37.94
N ALA J 128 47.41 -24.43 -39.26
CA ALA J 128 46.56 -23.45 -39.93
C ALA J 128 45.09 -23.82 -39.81
N HIS J 129 44.23 -22.81 -39.89
CA HIS J 129 42.80 -23.03 -39.89
C HIS J 129 42.35 -23.65 -41.22
N TYR J 130 41.24 -24.37 -41.18
CA TYR J 130 40.74 -25.04 -42.36
C TYR J 130 40.43 -24.04 -43.46
N GLY J 131 40.84 -24.37 -44.68
CA GLY J 131 40.67 -23.48 -45.81
C GLY J 131 41.68 -22.37 -45.91
N GLU J 132 42.72 -22.38 -45.07
CA GLU J 132 43.74 -21.34 -45.06
C GLU J 132 45.11 -22.00 -45.08
N THR J 133 46.03 -21.42 -45.86
CA THR J 133 47.39 -21.93 -45.99
C THR J 133 48.33 -21.13 -45.11
N LYS J 134 49.08 -21.84 -44.26
CA LYS J 134 50.04 -21.25 -43.35
C LYS J 134 50.95 -22.36 -42.84
N ARG J 135 52.23 -21.98 -42.50
CA ARG J 135 53.17 -23.00 -42.08
C ARG J 135 53.03 -23.30 -40.59
N PRO J 136 53.20 -24.56 -40.20
CA PRO J 136 53.10 -24.92 -38.78
C PRO J 136 54.15 -24.19 -37.94
N GLU J 137 53.77 -23.85 -36.71
CA GLU J 137 54.64 -23.15 -35.79
C GLU J 137 54.83 -24.00 -34.53
N LEU J 138 56.08 -24.17 -34.12
CA LEU J 138 56.43 -24.95 -32.95
C LEU J 138 57.20 -24.08 -31.95
N TYR J 139 56.85 -24.21 -30.67
CA TYR J 139 57.49 -23.47 -29.60
C TYR J 139 57.99 -24.43 -28.55
N ARG J 140 59.16 -24.14 -27.98
CA ARG J 140 59.78 -24.97 -26.94
C ARG J 140 59.97 -24.13 -25.68
N ILE J 141 59.57 -24.67 -24.55
CA ILE J 141 59.70 -24.00 -23.25
C ILE J 141 60.48 -24.93 -22.32
N THR J 142 61.51 -24.37 -21.67
CA THR J 142 62.37 -25.14 -20.79
C THR J 142 61.93 -24.96 -19.33
N TYR J 143 62.73 -25.54 -18.42
CA TYR J 143 62.36 -25.57 -17.01
C TYR J 143 62.41 -24.18 -16.37
N ASP J 144 63.32 -23.31 -16.81
CA ASP J 144 63.46 -21.98 -16.24
C ASP J 144 62.52 -20.97 -16.86
N GLY J 145 61.73 -21.37 -17.86
CA GLY J 145 60.83 -20.46 -18.54
C GLY J 145 61.33 -19.90 -19.84
N SER J 146 62.45 -20.40 -20.36
CA SER J 146 62.96 -19.91 -21.64
C SER J 146 62.00 -20.30 -22.77
N ILE J 147 61.86 -19.41 -23.73
CA ILE J 147 61.00 -19.67 -24.89
C ILE J 147 61.83 -19.53 -26.16
N ALA J 148 61.46 -20.33 -27.17
CA ALA J 148 62.18 -20.33 -28.43
C ALA J 148 61.25 -20.81 -29.53
N ASP J 149 61.62 -20.47 -30.77
CA ASP J 149 60.85 -20.85 -31.95
C ASP J 149 61.69 -21.81 -32.80
N GLU J 150 61.12 -22.96 -33.11
CA GLU J 150 61.81 -23.99 -33.88
C GLU J 150 61.09 -24.22 -35.20
N PRO J 151 61.80 -24.15 -36.33
CA PRO J 151 61.09 -24.17 -37.62
C PRO J 151 60.55 -25.53 -38.03
N HIS J 152 61.31 -26.60 -37.85
CA HIS J 152 60.95 -27.90 -38.39
C HIS J 152 60.60 -28.93 -37.32
N PHE J 153 61.51 -29.19 -36.37
CA PHE J 153 61.31 -30.26 -35.41
C PHE J 153 61.71 -29.80 -34.01
N VAL J 154 61.14 -30.46 -33.01
CA VAL J 154 61.45 -30.23 -31.60
C VAL J 154 61.74 -31.58 -30.96
N VAL J 155 62.89 -31.68 -30.30
CA VAL J 155 63.31 -32.91 -29.64
C VAL J 155 63.61 -32.60 -28.18
N MET J 156 63.04 -33.39 -27.27
CA MET J 156 63.17 -33.16 -25.84
C MET J 156 63.26 -34.49 -25.11
N GLY J 157 63.85 -34.46 -23.92
CA GLY J 157 63.85 -35.61 -23.04
C GLY J 157 65.06 -36.51 -23.17
N GLY J 158 65.88 -36.57 -22.12
CA GLY J 158 67.01 -37.47 -22.10
C GLY J 158 68.15 -37.03 -23.02
N THR J 159 68.93 -38.03 -23.44
CA THR J 159 70.07 -37.81 -24.32
C THR J 159 69.56 -37.52 -25.73
N THR J 160 69.24 -36.24 -25.96
CA THR J 160 68.59 -35.84 -27.21
C THR J 160 69.59 -35.56 -28.33
N GLU J 161 70.89 -35.64 -28.08
CA GLU J 161 71.88 -35.35 -29.11
C GLU J 161 71.80 -36.32 -30.29
N PRO J 162 71.79 -37.65 -30.11
CA PRO J 162 71.70 -38.53 -31.29
C PRO J 162 70.43 -38.35 -32.08
N ILE J 163 69.28 -38.17 -31.41
CA ILE J 163 68.03 -37.96 -32.13
C ILE J 163 68.04 -36.62 -32.83
N ALA J 164 68.62 -35.59 -32.20
CA ALA J 164 68.72 -34.29 -32.86
C ALA J 164 69.57 -34.38 -34.12
N ASN J 165 70.69 -35.11 -34.07
CA ASN J 165 71.50 -35.30 -35.27
C ASN J 165 70.75 -36.08 -36.33
N ALA J 166 70.05 -37.15 -35.92
CA ALA J 166 69.36 -38.01 -36.87
C ALA J 166 68.16 -37.33 -37.51
N LEU J 167 67.59 -36.31 -36.86
CA LEU J 167 66.53 -35.52 -37.48
C LEU J 167 67.06 -34.31 -38.23
N LYS J 168 68.23 -33.80 -37.86
CA LYS J 168 68.89 -32.79 -38.68
C LYS J 168 69.28 -33.35 -40.03
N GLU J 169 69.80 -34.59 -40.05
CA GLU J 169 70.17 -35.23 -41.30
C GLU J 169 69.04 -36.09 -41.82
N SER J 170 68.99 -36.23 -43.15
CA SER J 170 68.03 -37.09 -43.84
C SER J 170 66.58 -36.72 -43.51
N TYR J 171 66.29 -35.43 -43.39
CA TYR J 171 64.94 -34.93 -43.17
C TYR J 171 64.53 -34.04 -44.32
N ALA J 172 63.38 -34.32 -44.92
CA ALA J 172 62.86 -33.55 -46.03
C ALA J 172 61.44 -33.11 -45.72
N GLU J 173 61.16 -31.83 -45.90
CA GLU J 173 59.84 -31.30 -45.62
C GLU J 173 58.83 -31.80 -46.65
N ASN J 174 57.56 -31.49 -46.39
CA ASN J 174 56.44 -31.83 -47.27
C ASN J 174 56.26 -33.34 -47.42
N ALA J 175 56.78 -34.11 -46.46
CA ALA J 175 56.71 -35.56 -46.54
C ALA J 175 55.32 -36.06 -46.13
N SER J 176 55.04 -37.31 -46.51
CA SER J 176 53.77 -37.93 -46.17
C SER J 176 53.76 -38.39 -44.72
N LEU J 177 52.58 -38.80 -44.25
CA LEU J 177 52.44 -39.27 -42.88
C LEU J 177 53.27 -40.53 -42.64
N THR J 178 53.25 -41.46 -43.60
CA THR J 178 53.99 -42.71 -43.43
C THR J 178 55.50 -42.46 -43.37
N ASP J 179 56.02 -41.65 -44.30
CA ASP J 179 57.45 -41.37 -44.32
C ASP J 179 57.88 -40.60 -43.07
N ALA J 180 57.06 -39.65 -42.64
CA ALA J 180 57.37 -38.91 -41.41
C ALA J 180 57.40 -39.82 -40.21
N LEU J 181 56.43 -40.73 -40.11
CA LEU J 181 56.41 -41.69 -39.00
C LEU J 181 57.64 -42.58 -39.03
N ARG J 182 58.01 -43.08 -40.21
CA ARG J 182 59.19 -43.94 -40.31
C ARG J 182 60.45 -43.19 -39.91
N ILE J 183 60.60 -41.94 -40.36
CA ILE J 183 61.78 -41.15 -40.02
C ILE J 183 61.82 -40.88 -38.52
N ALA J 184 60.66 -40.54 -37.92
CA ALA J 184 60.62 -40.27 -36.49
C ALA J 184 60.98 -41.51 -35.68
N VAL J 185 60.46 -42.67 -36.07
CA VAL J 185 60.78 -43.90 -35.35
C VAL J 185 62.25 -44.24 -35.50
N ALA J 186 62.81 -44.07 -36.71
CA ALA J 186 64.22 -44.36 -36.92
C ALA J 186 65.10 -43.44 -36.08
N ALA J 187 64.74 -42.15 -36.00
CA ALA J 187 65.53 -41.22 -35.20
C ALA J 187 65.39 -41.48 -33.71
N LEU J 188 64.20 -41.91 -33.26
CA LEU J 188 64.02 -42.24 -31.86
C LEU J 188 64.81 -43.48 -31.48
N ARG J 189 64.88 -44.48 -32.36
CA ARG J 189 65.66 -45.67 -32.07
C ARG J 189 67.14 -45.35 -31.90
N ALA J 190 67.66 -44.48 -32.76
CA ALA J 190 69.06 -44.09 -32.70
C ALA J 190 69.33 -43.15 -31.52
N LEU J 203 60.02 -51.45 -31.10
CA LEU J 203 59.35 -50.20 -31.42
C LEU J 203 58.08 -50.45 -32.23
N GLY J 204 57.25 -51.36 -31.76
CA GLY J 204 56.01 -51.73 -32.43
C GLY J 204 54.85 -50.87 -32.00
N VAL J 205 53.64 -51.44 -32.10
CA VAL J 205 52.44 -50.72 -31.69
C VAL J 205 52.49 -50.41 -30.20
N ALA J 206 52.91 -51.37 -29.39
CA ALA J 206 53.04 -51.15 -27.96
C ALA J 206 54.21 -50.22 -27.67
N SER J 207 54.12 -49.51 -26.55
CA SER J 207 55.13 -48.58 -26.04
C SER J 207 55.35 -47.38 -26.96
N LEU J 208 54.46 -47.14 -27.92
CA LEU J 208 54.58 -46.01 -28.82
C LEU J 208 53.29 -45.22 -28.82
N GLU J 209 53.40 -43.89 -28.67
CA GLU J 209 52.25 -42.99 -28.71
C GLU J 209 52.38 -42.11 -29.95
N VAL J 210 51.36 -42.12 -30.80
CA VAL J 210 51.36 -41.38 -32.05
C VAL J 210 50.11 -40.52 -32.11
N ALA J 211 50.30 -39.22 -32.36
CA ALA J 211 49.19 -38.29 -32.55
C ALA J 211 49.58 -37.28 -33.62
N VAL J 212 48.57 -36.77 -34.33
CA VAL J 212 48.79 -35.86 -35.44
C VAL J 212 47.84 -34.67 -35.30
N LEU J 213 48.22 -33.58 -35.96
CA LEU J 213 47.40 -32.37 -36.06
C LEU J 213 46.99 -32.24 -37.53
N ASP J 214 45.82 -32.76 -37.86
CA ASP J 214 45.37 -32.85 -39.26
C ASP J 214 44.67 -31.55 -39.62
N ALA J 215 45.36 -30.71 -40.39
CA ALA J 215 44.77 -29.45 -40.85
C ALA J 215 43.63 -29.67 -41.84
N ASN J 216 43.51 -30.86 -42.42
CA ASN J 216 42.42 -31.18 -43.32
C ASN J 216 41.08 -31.24 -42.61
N ARG J 217 41.08 -31.34 -41.28
CA ARG J 217 39.84 -31.44 -40.51
C ARG J 217 39.19 -30.06 -40.37
N PRO J 218 37.86 -29.99 -40.38
CA PRO J 218 37.19 -28.68 -40.43
C PRO J 218 37.37 -27.84 -39.18
N ARG J 219 37.08 -28.41 -38.01
CA ARG J 219 37.15 -27.66 -36.76
C ARG J 219 38.22 -28.18 -35.81
N ARG J 220 38.20 -29.46 -35.45
CA ARG J 220 39.14 -30.03 -34.50
C ARG J 220 40.16 -30.87 -35.26
N ALA J 221 41.44 -30.52 -35.11
CA ALA J 221 42.52 -31.11 -35.89
C ALA J 221 43.27 -32.22 -35.15
N PHE J 222 42.88 -32.54 -33.93
CA PHE J 222 43.59 -33.55 -33.15
C PHE J 222 43.03 -34.94 -33.44
N ARG J 223 43.92 -35.91 -33.63
CA ARG J 223 43.54 -37.27 -33.92
C ARG J 223 44.54 -38.23 -33.29
N ARG J 224 44.04 -39.36 -32.80
CA ARG J 224 44.86 -40.39 -32.18
C ARG J 224 44.94 -41.59 -33.10
N ILE J 225 46.15 -42.07 -33.36
CA ILE J 225 46.38 -43.23 -34.21
C ILE J 225 46.81 -44.39 -33.31
N THR J 226 45.94 -45.38 -33.16
CA THR J 226 46.19 -46.52 -32.29
C THR J 226 45.56 -47.76 -32.91
N GLY J 227 46.06 -48.92 -32.50
CA GLY J 227 45.48 -50.18 -32.92
C GLY J 227 46.00 -50.68 -34.25
N SER J 228 45.09 -51.25 -35.06
CA SER J 228 45.49 -51.81 -36.34
C SER J 228 45.95 -50.74 -37.32
N ALA J 229 45.40 -49.53 -37.22
CA ALA J 229 45.82 -48.45 -38.11
C ALA J 229 47.28 -48.10 -37.91
N LEU J 230 47.73 -48.06 -36.65
CA LEU J 230 49.14 -47.77 -36.38
C LEU J 230 50.04 -48.86 -36.94
N GLN J 231 49.64 -50.13 -36.77
CA GLN J 231 50.42 -51.23 -37.33
C GLN J 231 50.49 -51.16 -38.85
N ALA J 232 49.37 -50.81 -39.49
CA ALA J 232 49.37 -50.67 -40.94
C ALA J 232 50.25 -49.49 -41.38
N LEU J 233 50.32 -48.44 -40.57
CA LEU J 233 51.17 -47.29 -40.91
C LEU J 233 52.64 -47.69 -40.95
N LEU J 234 53.08 -48.49 -39.98
CA LEU J 234 54.46 -48.96 -39.95
C LEU J 234 54.53 -50.43 -39.56
N SER K 8 74.61 -9.59 5.79
CA SER K 8 75.37 -8.54 5.14
C SER K 8 74.67 -8.08 3.86
N PRO K 9 73.99 -6.93 3.93
CA PRO K 9 73.32 -6.41 2.72
C PRO K 9 74.27 -6.11 1.58
N GLU K 10 75.51 -5.70 1.88
CA GLU K 10 76.44 -5.36 0.82
C GLU K 10 76.76 -6.56 -0.06
N GLN K 11 77.00 -7.71 0.56
CA GLN K 11 77.32 -8.91 -0.21
C GLN K 11 76.14 -9.34 -1.08
N ALA K 12 74.93 -9.32 -0.51
CA ALA K 12 73.76 -9.70 -1.28
C ALA K 12 73.53 -8.75 -2.45
N MET K 13 73.68 -7.45 -2.22
CA MET K 13 73.52 -6.48 -3.30
C MET K 13 74.56 -6.68 -4.39
N ARG K 14 75.81 -6.92 -3.99
CA ARG K 14 76.87 -7.15 -4.97
C ARG K 14 76.60 -8.40 -5.80
N GLU K 15 76.16 -9.49 -5.14
CA GLU K 15 75.88 -10.72 -5.88
C GLU K 15 74.70 -10.57 -6.81
N ARG K 16 73.66 -9.85 -6.37
CA ARG K 16 72.52 -9.61 -7.24
C ARG K 16 72.90 -8.76 -8.45
N SER K 17 73.72 -7.72 -8.23
CA SER K 17 74.16 -6.89 -9.34
C SER K 17 75.02 -7.69 -10.32
N GLU K 18 75.91 -8.54 -9.79
CA GLU K 18 76.73 -9.37 -10.67
C GLU K 18 75.88 -10.34 -11.47
N LEU K 19 74.88 -10.95 -10.82
CA LEU K 19 73.99 -11.86 -11.54
C LEU K 19 73.23 -11.15 -12.65
N ALA K 20 72.71 -9.95 -12.36
CA ALA K 20 71.98 -9.20 -13.36
C ALA K 20 72.90 -8.80 -14.52
N ARG K 21 74.12 -8.37 -14.21
CA ARG K 21 75.04 -7.95 -15.26
C ARG K 21 75.44 -9.14 -16.14
N LYS K 22 75.68 -10.30 -15.53
CA LYS K 22 75.99 -11.49 -16.31
C LYS K 22 74.80 -11.93 -17.16
N GLY K 23 73.58 -11.79 -16.63
CA GLY K 23 72.40 -12.15 -17.41
C GLY K 23 72.21 -11.26 -18.62
N ILE K 24 72.37 -9.95 -18.44
CA ILE K 24 72.21 -9.03 -19.57
C ILE K 24 73.37 -9.13 -20.53
N ALA K 25 74.56 -9.52 -20.05
CA ALA K 25 75.74 -9.52 -20.90
C ALA K 25 75.67 -10.58 -22.00
N ARG K 26 75.01 -11.71 -21.74
CA ARG K 26 74.87 -12.75 -22.76
C ARG K 26 73.78 -12.44 -23.77
N ALA K 27 72.93 -11.45 -23.50
CA ALA K 27 71.86 -11.08 -24.40
C ALA K 27 72.40 -10.31 -25.61
N LYS K 28 71.56 -10.20 -26.64
CA LYS K 28 71.96 -9.50 -27.85
C LYS K 28 71.80 -7.99 -27.66
N SER K 29 72.30 -7.24 -28.64
CA SER K 29 72.33 -5.78 -28.57
C SER K 29 71.16 -5.20 -29.37
N VAL K 30 70.46 -4.24 -28.78
CA VAL K 30 69.40 -3.50 -29.44
C VAL K 30 69.74 -2.01 -29.37
N VAL K 31 69.61 -1.33 -30.51
CA VAL K 31 70.05 0.05 -30.67
C VAL K 31 68.83 0.92 -30.99
N ALA K 32 68.69 2.03 -30.27
CA ALA K 32 67.62 2.98 -30.49
C ALA K 32 68.22 4.37 -30.64
N LEU K 33 67.81 5.09 -31.69
CA LEU K 33 68.34 6.41 -31.97
C LEU K 33 67.24 7.28 -32.56
N ALA K 34 67.45 8.59 -32.50
CA ALA K 34 66.48 9.57 -32.98
C ALA K 34 67.00 10.22 -34.26
N TYR K 35 66.13 10.30 -35.27
CA TYR K 35 66.46 10.91 -36.55
C TYR K 35 65.50 12.08 -36.81
N ALA K 36 65.54 12.60 -38.03
CA ALA K 36 64.79 13.81 -38.37
C ALA K 36 63.29 13.60 -38.35
N GLY K 37 62.82 12.36 -38.24
CA GLY K 37 61.39 12.09 -38.28
C GLY K 37 60.88 11.30 -37.08
N GLY K 38 61.64 11.27 -36.00
CA GLY K 38 61.25 10.52 -34.82
C GLY K 38 62.36 9.67 -34.25
N VAL K 39 62.00 8.48 -33.75
CA VAL K 39 62.94 7.57 -33.12
C VAL K 39 62.93 6.26 -33.89
N LEU K 40 64.11 5.77 -34.23
CA LEU K 40 64.27 4.52 -34.98
C LEU K 40 64.78 3.43 -34.05
N PHE K 41 64.11 2.28 -34.07
CA PHE K 41 64.48 1.13 -33.25
C PHE K 41 65.01 0.03 -34.15
N VAL K 42 66.21 -0.46 -33.85
CA VAL K 42 66.84 -1.55 -34.58
C VAL K 42 67.27 -2.60 -33.57
N ALA K 43 66.88 -3.85 -33.79
CA ALA K 43 67.17 -4.93 -32.87
C ALA K 43 67.62 -6.17 -33.63
N GLU K 44 68.35 -7.04 -32.94
CA GLU K 44 68.79 -8.33 -33.47
C GLU K 44 67.80 -9.39 -32.98
N ASN K 45 66.85 -9.75 -33.84
CA ASN K 45 65.80 -10.68 -33.45
C ASN K 45 65.57 -11.71 -34.56
N PRO K 46 66.02 -12.95 -34.38
CA PRO K 46 65.87 -13.93 -35.46
C PRO K 46 64.44 -14.39 -35.67
N SER K 47 63.72 -14.73 -34.61
CA SER K 47 62.34 -15.18 -34.73
C SER K 47 61.41 -14.00 -34.97
N ARG K 48 60.29 -14.28 -35.63
CA ARG K 48 59.26 -13.27 -35.88
C ARG K 48 58.12 -13.30 -34.89
N SER K 49 57.89 -14.43 -34.20
CA SER K 49 56.83 -14.48 -33.21
C SER K 49 57.19 -13.64 -31.99
N LEU K 50 58.48 -13.54 -31.66
CA LEU K 50 58.94 -12.79 -30.51
C LEU K 50 59.37 -11.40 -30.97
N GLN K 51 58.84 -10.37 -30.30
CA GLN K 51 59.12 -8.99 -30.64
C GLN K 51 59.73 -8.28 -29.45
N LYS K 52 60.91 -7.68 -29.66
CA LYS K 52 61.57 -6.89 -28.61
C LYS K 52 61.22 -5.41 -28.69
N ILE K 53 60.51 -4.98 -29.72
CA ILE K 53 60.10 -3.59 -29.89
C ILE K 53 58.59 -3.55 -30.00
N SER K 54 57.97 -2.64 -29.25
CA SER K 54 56.51 -2.56 -29.21
C SER K 54 56.09 -1.10 -29.08
N GLU K 55 54.77 -0.89 -29.00
CA GLU K 55 54.18 0.43 -28.85
C GLU K 55 53.40 0.49 -27.56
N LEU K 56 53.65 1.52 -26.76
CA LEU K 56 52.99 1.69 -25.46
C LEU K 56 51.77 2.61 -25.54
N TYR K 57 51.87 3.70 -26.29
CA TYR K 57 50.73 4.61 -26.45
C TYR K 57 50.82 5.23 -27.84
N ASP K 58 50.07 6.32 -28.04
CA ASP K 58 50.02 6.95 -29.36
C ASP K 58 51.40 7.45 -29.79
N ARG K 59 52.14 8.07 -28.88
CA ARG K 59 53.44 8.66 -29.21
C ARG K 59 54.58 8.05 -28.40
N VAL K 60 54.34 6.97 -27.66
CA VAL K 60 55.36 6.36 -26.83
C VAL K 60 55.77 5.03 -27.46
N GLY K 61 57.03 4.66 -27.27
CA GLY K 61 57.54 3.41 -27.78
C GLY K 61 58.24 2.62 -26.68
N PHE K 62 58.43 1.34 -26.95
CA PHE K 62 59.04 0.42 -25.99
C PHE K 62 60.17 -0.35 -26.65
N ALA K 63 61.22 -0.61 -25.87
CA ALA K 63 62.35 -1.41 -26.31
C ALA K 63 63.02 -2.02 -25.09
N ALA K 64 63.49 -3.26 -25.23
CA ALA K 64 64.08 -3.96 -24.10
C ALA K 64 65.00 -5.06 -24.60
N ALA K 65 65.84 -5.55 -23.69
CA ALA K 65 66.76 -6.63 -24.00
C ALA K 65 66.92 -7.49 -22.75
N GLY K 66 66.96 -8.81 -22.94
CA GLY K 66 67.12 -9.74 -21.83
C GLY K 66 66.16 -10.91 -21.91
N LYS K 67 65.73 -11.41 -20.75
CA LYS K 67 64.79 -12.53 -20.71
C LYS K 67 63.42 -12.08 -21.23
N PHE K 68 62.85 -12.88 -22.14
CA PHE K 68 61.67 -12.45 -22.87
C PHE K 68 60.48 -12.24 -21.93
N ASN K 69 60.26 -13.16 -21.00
CA ASN K 69 59.07 -13.11 -20.15
C ASN K 69 59.07 -11.88 -19.26
N GLU K 70 60.24 -11.51 -18.73
CA GLU K 70 60.30 -10.39 -17.79
C GLU K 70 59.89 -9.07 -18.46
N PHE K 71 60.50 -8.73 -19.60
CA PHE K 71 60.11 -7.49 -20.23
C PHE K 71 58.77 -7.60 -20.96
N ASP K 72 58.31 -8.82 -21.27
CA ASP K 72 56.94 -8.99 -21.73
C ASP K 72 55.94 -8.57 -20.66
N ASN K 73 56.18 -9.03 -19.42
CA ASN K 73 55.33 -8.63 -18.30
C ASN K 73 55.42 -7.13 -18.06
N LEU K 74 56.63 -6.57 -18.12
CA LEU K 74 56.79 -5.12 -17.94
C LEU K 74 56.04 -4.35 -19.03
N ARG K 75 56.11 -4.83 -20.27
CA ARG K 75 55.39 -4.21 -21.37
C ARG K 75 53.88 -4.26 -21.16
N ARG K 76 53.37 -5.40 -20.73
CA ARG K 76 51.93 -5.51 -20.48
C ARG K 76 51.48 -4.57 -19.37
N GLY K 77 52.26 -4.49 -18.28
CA GLY K 77 51.94 -3.56 -17.22
C GLY K 77 51.98 -2.12 -17.67
N GLY K 78 52.99 -1.76 -18.48
CA GLY K 78 53.05 -0.41 -19.00
C GLY K 78 51.89 -0.06 -19.90
N ILE K 79 51.47 -1.00 -20.76
CA ILE K 79 50.29 -0.76 -21.60
C ILE K 79 49.05 -0.56 -20.74
N GLN K 80 48.86 -1.40 -19.72
CA GLN K 80 47.68 -1.23 -18.87
C GLN K 80 47.71 0.11 -18.15
N PHE K 81 48.87 0.49 -17.63
CA PHE K 81 48.99 1.78 -16.94
C PHE K 81 48.68 2.93 -17.89
N ALA K 82 49.25 2.89 -19.10
CA ALA K 82 49.03 3.98 -20.05
C ALA K 82 47.56 4.08 -20.45
N ASP K 83 46.91 2.95 -20.72
CA ASP K 83 45.51 2.99 -21.12
C ASP K 83 44.63 3.47 -19.98
N THR K 84 44.89 3.02 -18.75
CA THR K 84 44.08 3.47 -17.62
C THR K 84 44.27 4.96 -17.37
N ARG K 85 45.50 5.46 -17.45
CA ARG K 85 45.74 6.89 -17.27
C ARG K 85 45.08 7.71 -18.38
N GLY K 86 45.13 7.22 -19.62
CA GLY K 86 44.48 7.93 -20.71
C GLY K 86 42.97 7.96 -20.57
N TYR K 87 42.38 6.86 -20.11
CA TYR K 87 40.93 6.84 -19.91
C TYR K 87 40.53 7.66 -18.69
N ALA K 88 41.43 7.83 -17.73
CA ALA K 88 41.10 8.56 -16.52
C ALA K 88 41.01 10.07 -16.79
N TYR K 89 42.11 10.66 -17.24
CA TYR K 89 42.17 12.10 -17.46
C TYR K 89 41.95 12.49 -18.92
N ASP K 90 42.82 12.01 -19.82
CA ASP K 90 42.76 12.36 -21.23
C ASP K 90 43.86 11.58 -21.96
N ARG K 91 43.71 11.50 -23.29
CA ARG K 91 44.73 10.85 -24.10
C ARG K 91 45.98 11.70 -24.23
N ARG K 92 45.85 13.02 -24.12
CA ARG K 92 46.98 13.93 -24.25
C ARG K 92 47.70 14.18 -22.93
N ASP K 93 47.26 13.54 -21.85
CA ASP K 93 47.88 13.72 -20.54
C ASP K 93 48.85 12.60 -20.20
N VAL K 94 49.20 11.75 -21.16
CA VAL K 94 50.13 10.64 -20.96
C VAL K 94 51.44 10.99 -21.65
N THR K 95 52.53 10.93 -20.89
CA THR K 95 53.87 11.20 -21.40
C THR K 95 54.79 10.04 -21.05
N GLY K 96 55.88 9.92 -21.81
CA GLY K 96 56.86 8.88 -21.55
C GLY K 96 57.59 9.01 -20.23
N ARG K 97 57.61 10.22 -19.66
CA ARG K 97 58.24 10.41 -18.35
C ARG K 97 57.55 9.61 -17.27
N GLN K 98 56.21 9.61 -17.26
CA GLN K 98 55.46 8.83 -16.28
C GLN K 98 55.74 7.33 -16.43
N LEU K 99 55.75 6.84 -17.67
CA LEU K 99 56.05 5.44 -17.90
C LEU K 99 57.46 5.07 -17.45
N ALA K 100 58.43 5.95 -17.73
CA ALA K 100 59.80 5.68 -17.30
C ALA K 100 59.91 5.68 -15.78
N ASN K 101 59.19 6.59 -15.12
CA ASN K 101 59.23 6.65 -13.67
C ASN K 101 58.61 5.40 -13.05
N VAL K 102 57.44 4.99 -13.53
CA VAL K 102 56.81 3.79 -12.97
C VAL K 102 57.64 2.56 -13.26
N TYR K 103 58.31 2.52 -14.43
CA TYR K 103 59.18 1.38 -14.73
C TYR K 103 60.38 1.35 -13.79
N ALA K 104 60.95 2.53 -13.49
CA ALA K 104 62.06 2.58 -12.54
C ALA K 104 61.63 2.12 -11.16
N GLN K 105 60.46 2.57 -10.69
CA GLN K 105 59.98 2.12 -9.39
C GLN K 105 59.73 0.62 -9.36
N THR K 106 59.12 0.07 -10.42
CA THR K 106 58.84 -1.35 -10.44
C THR K 106 60.12 -2.18 -10.48
N LEU K 107 61.10 -1.74 -11.27
CA LEU K 107 62.38 -2.45 -11.33
C LEU K 107 63.12 -2.37 -10.01
N GLY K 108 63.09 -1.22 -9.35
CA GLY K 108 63.69 -1.12 -8.03
C GLY K 108 63.03 -2.02 -7.01
N THR K 109 61.70 -2.07 -7.01
CA THR K 109 60.99 -2.94 -6.10
C THR K 109 61.31 -4.40 -6.36
N ILE K 110 61.41 -4.79 -7.64
CA ILE K 110 61.79 -6.15 -7.98
C ILE K 110 63.21 -6.44 -7.51
N PHE K 111 64.13 -5.50 -7.73
CA PHE K 111 65.51 -5.72 -7.31
C PHE K 111 65.62 -5.86 -5.81
N THR K 112 64.78 -5.14 -5.06
CA THR K 112 64.88 -5.15 -3.61
C THR K 112 64.18 -6.35 -2.98
N GLU K 113 62.89 -6.54 -3.28
CA GLU K 113 62.05 -7.49 -2.57
C GLU K 113 61.67 -8.71 -3.42
N GLN K 114 62.61 -9.23 -4.20
CA GLN K 114 62.39 -10.46 -4.95
C GLN K 114 63.61 -11.36 -4.84
N ALA K 115 63.36 -12.67 -4.97
CA ALA K 115 64.46 -13.64 -4.84
C ALA K 115 65.50 -13.45 -5.93
N LYS K 116 65.06 -13.21 -7.16
CA LYS K 116 65.97 -13.05 -8.29
C LYS K 116 65.71 -11.71 -8.97
N PRO K 117 66.71 -10.84 -9.11
CA PRO K 117 66.49 -9.57 -9.80
C PRO K 117 66.22 -9.76 -11.28
N TYR K 118 65.48 -8.80 -11.85
CA TYR K 118 65.11 -8.88 -13.26
C TYR K 118 66.31 -8.54 -14.14
N GLU K 119 66.57 -9.39 -15.12
CA GLU K 119 67.69 -9.23 -16.05
C GLU K 119 67.24 -8.53 -17.33
N VAL K 120 66.75 -7.29 -17.17
CA VAL K 120 66.19 -6.53 -18.28
C VAL K 120 66.75 -5.12 -18.26
N GLU K 121 66.63 -4.46 -19.42
CA GLU K 121 67.05 -3.07 -19.57
C GLU K 121 66.10 -2.42 -20.56
N LEU K 122 65.28 -1.48 -20.10
CA LEU K 122 64.21 -0.90 -20.89
C LEU K 122 64.58 0.49 -21.36
N CYS K 123 63.99 0.89 -22.49
CA CYS K 123 64.12 2.25 -23.01
C CYS K 123 62.74 2.76 -23.41
N VAL K 124 62.44 3.99 -23.02
CA VAL K 124 61.17 4.64 -23.33
C VAL K 124 61.47 5.84 -24.23
N ALA K 125 60.86 5.87 -25.41
CA ALA K 125 61.08 6.93 -26.38
C ALA K 125 59.74 7.59 -26.70
N GLU K 126 59.68 8.91 -26.52
CA GLU K 126 58.50 9.69 -26.82
C GLU K 126 58.81 10.71 -27.91
N VAL K 127 57.82 10.98 -28.75
CA VAL K 127 57.97 11.93 -29.85
C VAL K 127 56.92 13.03 -29.70
N ALA K 128 57.05 14.06 -30.52
CA ALA K 128 56.16 15.20 -30.45
C ALA K 128 54.79 14.86 -31.02
N HIS K 129 53.77 15.58 -30.55
CA HIS K 129 52.43 15.42 -31.09
C HIS K 129 52.34 16.04 -32.48
N TYR K 130 51.40 15.52 -33.28
CA TYR K 130 51.25 15.99 -34.65
C TYR K 130 50.92 17.48 -34.68
N GLY K 131 51.59 18.21 -35.58
CA GLY K 131 51.44 19.63 -35.68
C GLY K 131 52.21 20.43 -34.66
N GLU K 132 53.08 19.79 -33.88
CA GLU K 132 53.85 20.46 -32.84
C GLU K 132 55.31 20.05 -32.97
N THR K 133 56.21 21.02 -32.81
CA THR K 133 57.64 20.81 -32.92
C THR K 133 58.25 20.65 -31.53
N LYS K 134 58.97 19.55 -31.33
CA LYS K 134 59.64 19.25 -30.06
C LYS K 134 60.65 18.14 -30.33
N ARG K 135 61.76 18.13 -29.52
CA ARG K 135 62.80 17.16 -29.75
C ARG K 135 62.48 15.82 -29.07
N PRO K 136 62.83 14.71 -29.72
CA PRO K 136 62.58 13.40 -29.11
C PRO K 136 63.30 13.23 -27.79
N GLU K 137 62.67 12.51 -26.86
CA GLU K 137 63.20 12.26 -25.53
C GLU K 137 63.35 10.77 -25.31
N LEU K 138 64.53 10.34 -24.86
CA LEU K 138 64.83 8.94 -24.61
C LEU K 138 65.23 8.76 -23.15
N TYR K 139 64.72 7.70 -22.53
CA TYR K 139 65.02 7.37 -21.15
C TYR K 139 65.51 5.93 -21.06
N ARG K 140 66.49 5.70 -20.19
CA ARG K 140 67.07 4.38 -19.99
C ARG K 140 66.89 3.97 -18.54
N ILE K 141 66.43 2.73 -18.32
CA ILE K 141 66.20 2.19 -17.00
C ILE K 141 66.98 0.88 -16.87
N THR K 142 67.76 0.76 -15.81
CA THR K 142 68.61 -0.41 -15.58
C THR K 142 67.91 -1.41 -14.66
N TYR K 143 68.63 -2.47 -14.30
CA TYR K 143 68.06 -3.56 -13.54
C TYR K 143 67.72 -3.14 -12.10
N ASP K 144 68.50 -2.25 -11.51
CA ASP K 144 68.28 -1.82 -10.14
C ASP K 144 67.26 -0.69 -10.03
N GLY K 145 66.75 -0.19 -11.15
CA GLY K 145 65.81 0.90 -11.14
C GLY K 145 66.39 2.27 -11.41
N SER K 146 67.66 2.34 -11.82
CA SER K 146 68.27 3.63 -12.14
C SER K 146 67.61 4.23 -13.37
N ILE K 147 67.45 5.55 -13.36
CA ILE K 147 66.87 6.26 -14.50
C ILE K 147 67.84 7.31 -14.98
N ALA K 148 67.82 7.56 -16.29
CA ALA K 148 68.72 8.52 -16.90
C ALA K 148 68.10 9.05 -18.18
N ASP K 149 68.59 10.22 -18.62
CA ASP K 149 68.13 10.87 -19.84
C ASP K 149 69.26 10.89 -20.85
N GLU K 150 68.99 10.37 -22.04
CA GLU K 150 69.99 10.29 -23.10
C GLU K 150 69.55 11.15 -24.28
N PRO K 151 70.42 12.06 -24.76
CA PRO K 151 69.95 13.03 -25.77
C PRO K 151 69.77 12.45 -27.15
N HIS K 152 70.69 11.62 -27.64
CA HIS K 152 70.68 11.20 -29.03
C HIS K 152 70.38 9.71 -29.19
N PHE K 153 71.16 8.83 -28.57
CA PHE K 153 71.01 7.40 -28.79
C PHE K 153 71.08 6.64 -27.48
N VAL K 154 70.48 5.44 -27.49
CA VAL K 154 70.51 4.52 -26.35
C VAL K 154 70.95 3.16 -26.86
N VAL K 155 71.98 2.59 -26.22
CA VAL K 155 72.52 1.29 -26.61
C VAL K 155 72.50 0.38 -25.39
N MET K 156 71.96 -0.82 -25.55
CA MET K 156 71.82 -1.76 -24.44
C MET K 156 72.03 -3.18 -24.95
N GLY K 157 72.40 -4.07 -24.02
CA GLY K 157 72.48 -5.48 -24.32
C GLY K 157 73.86 -5.97 -24.74
N GLY K 158 74.48 -6.79 -23.92
CA GLY K 158 75.75 -7.39 -24.27
C GLY K 158 76.91 -6.41 -24.24
N THR K 159 77.94 -6.72 -25.03
CA THR K 159 79.15 -5.91 -25.12
C THR K 159 78.83 -4.65 -25.91
N THR K 160 78.29 -3.64 -25.22
CA THR K 160 77.81 -2.44 -25.87
C THR K 160 78.90 -1.40 -26.12
N GLU K 161 80.13 -1.64 -25.68
CA GLU K 161 81.19 -0.66 -25.86
C GLU K 161 81.51 -0.38 -27.33
N PRO K 162 81.73 -1.38 -28.19
CA PRO K 162 82.02 -1.06 -29.60
C PRO K 162 80.88 -0.34 -30.30
N ILE K 163 79.63 -0.75 -30.04
CA ILE K 163 78.49 -0.06 -30.66
C ILE K 163 78.35 1.35 -30.12
N ALA K 164 78.60 1.53 -28.82
CA ALA K 164 78.55 2.87 -28.24
C ALA K 164 79.59 3.77 -28.89
N ASN K 165 80.81 3.27 -29.09
CA ASN K 165 81.84 4.06 -29.77
C ASN K 165 81.43 4.36 -31.21
N ALA K 166 80.91 3.35 -31.92
CA ALA K 166 80.56 3.51 -33.32
C ALA K 166 79.38 4.44 -33.54
N LEU K 167 78.52 4.60 -32.53
CA LEU K 167 77.45 5.58 -32.61
C LEU K 167 77.84 6.94 -32.05
N LYS K 168 78.81 7.00 -31.14
CA LYS K 168 79.38 8.28 -30.74
C LYS K 168 80.10 8.94 -31.91
N GLU K 169 80.83 8.16 -32.68
CA GLU K 169 81.53 8.68 -33.85
C GLU K 169 80.69 8.52 -35.11
N SER K 170 80.90 9.45 -36.05
CA SER K 170 80.24 9.41 -37.37
C SER K 170 78.72 9.40 -37.26
N TYR K 171 78.17 10.15 -36.31
CA TYR K 171 76.73 10.28 -36.16
C TYR K 171 76.35 11.75 -36.33
N ALA K 172 75.39 12.01 -37.22
CA ALA K 172 74.92 13.36 -37.48
C ALA K 172 73.40 13.39 -37.32
N GLU K 173 72.91 14.37 -36.56
CA GLU K 173 71.48 14.49 -36.34
C GLU K 173 70.78 14.94 -37.62
N ASN K 174 69.45 14.95 -37.56
CA ASN K 174 68.57 15.39 -38.64
C ASN K 174 68.73 14.53 -39.89
N ALA K 175 69.22 13.30 -39.73
CA ALA K 175 69.45 12.42 -40.87
C ALA K 175 68.15 11.78 -41.33
N SER K 176 68.18 11.25 -42.55
CA SER K 176 67.03 10.59 -43.13
C SER K 176 66.87 9.19 -42.56
N LEU K 177 65.73 8.56 -42.87
CA LEU K 177 65.47 7.21 -42.39
C LEU K 177 66.49 6.21 -42.95
N THR K 178 66.81 6.33 -44.24
CA THR K 178 67.74 5.41 -44.86
C THR K 178 69.14 5.53 -44.26
N ASP K 179 69.63 6.76 -44.11
CA ASP K 179 70.96 6.97 -43.54
C ASP K 179 71.01 6.51 -42.10
N ALA K 180 69.96 6.79 -41.32
CA ALA K 180 69.92 6.35 -39.93
C ALA K 180 69.92 4.83 -39.84
N LEU K 181 69.16 4.17 -40.71
CA LEU K 181 69.14 2.70 -40.71
C LEU K 181 70.51 2.15 -41.07
N ARG K 182 71.16 2.73 -42.08
CA ARG K 182 72.50 2.25 -42.46
C ARG K 182 73.50 2.43 -41.33
N ILE K 183 73.46 3.59 -40.67
CA ILE K 183 74.39 3.84 -39.56
C ILE K 183 74.12 2.88 -38.41
N ALA K 184 72.85 2.64 -38.09
CA ALA K 184 72.51 1.73 -37.01
C ALA K 184 72.97 0.31 -37.32
N VAL K 185 72.77 -0.16 -38.55
CA VAL K 185 73.20 -1.50 -38.92
C VAL K 185 74.72 -1.59 -38.87
N ALA K 186 75.42 -0.57 -39.37
CA ALA K 186 76.88 -0.59 -39.35
C ALA K 186 77.41 -0.62 -37.92
N ALA K 187 76.79 0.15 -37.02
CA ALA K 187 77.24 0.15 -35.63
C ALA K 187 76.90 -1.15 -34.92
N LEU K 188 75.77 -1.77 -35.27
CA LEU K 188 75.42 -3.06 -34.68
C LEU K 188 76.38 -4.16 -35.13
N ARG K 189 76.78 -4.13 -36.41
CA ARG K 189 77.73 -5.13 -36.90
C ARG K 189 79.06 -5.03 -36.18
N ALA K 190 79.54 -3.81 -35.94
CA ALA K 190 80.81 -3.61 -35.25
C ALA K 190 80.68 -3.90 -33.76
N LEU K 203 73.28 -9.62 -42.00
CA LEU K 203 72.42 -8.58 -41.45
C LEU K 203 71.39 -8.13 -42.47
N GLY K 204 70.69 -9.08 -43.06
CA GLY K 204 69.68 -8.81 -44.07
C GLY K 204 68.30 -8.58 -43.47
N VAL K 205 67.28 -8.88 -44.26
CA VAL K 205 65.90 -8.74 -43.79
C VAL K 205 65.64 -9.67 -42.61
N ALA K 206 66.11 -10.90 -42.71
CA ALA K 206 65.96 -11.85 -41.61
C ALA K 206 66.85 -11.46 -40.44
N SER K 207 66.43 -11.85 -39.23
CA SER K 207 67.14 -11.64 -37.98
C SER K 207 67.27 -10.16 -37.62
N LEU K 208 66.52 -9.27 -38.27
CA LEU K 208 66.56 -7.86 -37.97
C LEU K 208 65.15 -7.35 -37.72
N GLU K 209 64.97 -6.61 -36.64
CA GLU K 209 63.70 -5.99 -36.28
C GLU K 209 63.85 -4.48 -36.38
N VAL K 210 62.99 -3.85 -37.19
CA VAL K 210 63.06 -2.41 -37.42
C VAL K 210 61.69 -1.80 -37.16
N ALA K 211 61.65 -0.78 -36.31
CA ALA K 211 60.43 -0.03 -36.03
C ALA K 211 60.78 1.44 -35.87
N VAL K 212 59.82 2.30 -36.20
CA VAL K 212 60.03 3.75 -36.16
C VAL K 212 58.87 4.40 -35.45
N LEU K 213 59.11 5.62 -34.96
CA LEU K 213 58.10 6.47 -34.36
C LEU K 213 57.93 7.67 -35.28
N ASP K 214 56.95 7.59 -36.18
CA ASP K 214 56.77 8.59 -37.23
C ASP K 214 55.89 9.71 -36.69
N ALA K 215 56.52 10.85 -36.37
CA ALA K 215 55.77 12.01 -35.89
C ALA K 215 54.87 12.60 -36.97
N ASN K 216 55.10 12.27 -38.24
CA ASN K 216 54.25 12.76 -39.31
C ASN K 216 52.85 12.16 -39.26
N ARG K 217 52.65 11.09 -38.50
CA ARG K 217 51.35 10.43 -38.42
C ARG K 217 50.43 11.22 -37.48
N PRO K 218 49.12 11.27 -37.78
CA PRO K 218 48.23 12.16 -37.02
C PRO K 218 48.02 11.74 -35.57
N ARG K 219 47.67 10.48 -35.34
CA ARG K 219 47.37 10.02 -33.99
C ARG K 219 48.36 8.96 -33.49
N ARG K 220 48.53 7.87 -34.22
CA ARG K 220 49.41 6.77 -33.80
C ARG K 220 50.68 6.81 -34.62
N ALA K 221 51.82 6.92 -33.94
CA ALA K 221 53.11 7.14 -34.59
C ALA K 221 53.93 5.86 -34.74
N PHE K 222 53.41 4.71 -34.32
CA PHE K 222 54.17 3.48 -34.38
C PHE K 222 53.95 2.79 -35.72
N ARG K 223 55.05 2.31 -36.32
CA ARG K 223 54.99 1.65 -37.62
C ARG K 223 56.04 0.55 -37.65
N ARG K 224 55.71 -0.56 -38.30
CA ARG K 224 56.61 -1.68 -38.47
C ARG K 224 57.07 -1.76 -39.91
N ILE K 225 58.37 -1.88 -40.12
CA ILE K 225 58.98 -1.98 -41.44
C ILE K 225 59.47 -3.41 -41.61
N THR K 226 58.80 -4.18 -42.46
CA THR K 226 59.13 -5.57 -42.69
C THR K 226 58.86 -5.91 -44.15
N GLY K 227 59.51 -6.97 -44.62
CA GLY K 227 59.28 -7.47 -45.96
C GLY K 227 60.09 -6.77 -47.03
N SER K 228 59.46 -6.55 -48.19
CA SER K 228 60.17 -5.92 -49.31
C SER K 228 60.56 -4.48 -49.01
N ALA K 229 59.77 -3.78 -48.20
CA ALA K 229 60.11 -2.40 -47.86
C ALA K 229 61.42 -2.32 -47.10
N LEU K 230 61.64 -3.25 -46.16
CA LEU K 230 62.90 -3.26 -45.42
C LEU K 230 64.08 -3.54 -46.35
N GLN K 231 63.92 -4.49 -47.28
CA GLN K 231 64.99 -4.78 -48.22
C GLN K 231 65.29 -3.58 -49.11
N ALA K 232 64.25 -2.87 -49.55
CA ALA K 232 64.46 -1.67 -50.34
C ALA K 232 65.15 -0.58 -49.53
N LEU K 233 64.86 -0.50 -48.23
CA LEU K 233 65.51 0.50 -47.39
C LEU K 233 67.02 0.27 -47.32
N LEU K 234 67.44 -0.98 -47.18
CA LEU K 234 68.87 -1.29 -47.15
C LEU K 234 69.17 -2.54 -47.98
N SER L 8 73.00 -10.52 15.73
CA SER L 8 73.63 -9.34 16.28
C SER L 8 73.08 -8.07 15.64
N PRO L 9 72.18 -7.38 16.35
CA PRO L 9 71.63 -6.12 15.81
C PRO L 9 72.68 -5.05 15.55
N GLU L 10 73.75 -5.02 16.35
CA GLU L 10 74.77 -3.99 16.19
C GLU L 10 75.45 -4.10 14.83
N GLN L 11 75.81 -5.31 14.43
CA GLN L 11 76.49 -5.51 13.15
C GLN L 11 75.57 -5.14 11.98
N ALA L 12 74.31 -5.55 12.05
CA ALA L 12 73.37 -5.22 10.98
C ALA L 12 73.16 -3.71 10.88
N MET L 13 73.01 -3.03 12.02
CA MET L 13 72.84 -1.59 12.02
C MET L 13 74.07 -0.90 11.45
N ARG L 14 75.26 -1.34 11.84
CA ARG L 14 76.49 -0.76 11.33
C ARG L 14 76.61 -0.94 9.82
N GLU L 15 76.30 -2.14 9.32
CA GLU L 15 76.40 -2.39 7.89
C GLU L 15 75.37 -1.57 7.12
N ARG L 16 74.15 -1.45 7.64
CA ARG L 16 73.14 -0.63 6.98
C ARG L 16 73.56 0.84 6.94
N SER L 17 74.09 1.35 8.06
CA SER L 17 74.56 2.73 8.09
C SER L 17 75.70 2.96 7.10
N GLU L 18 76.64 2.00 7.03
CA GLU L 18 77.75 2.13 6.09
C GLU L 18 77.24 2.11 4.65
N LEU L 19 76.29 1.22 4.35
CA LEU L 19 75.72 1.17 3.00
C LEU L 19 75.04 2.47 2.64
N ALA L 20 74.24 3.03 3.57
CA ALA L 20 73.56 4.29 3.29
C ALA L 20 74.56 5.42 3.09
N ARG L 21 75.60 5.48 3.92
CA ARG L 21 76.60 6.53 3.80
C ARG L 21 77.35 6.44 2.48
N LYS L 22 77.71 5.22 2.06
CA LYS L 22 78.38 5.04 0.79
C LYS L 22 77.45 5.40 -0.37
N GLY L 23 76.17 5.08 -0.26
CA GLY L 23 75.22 5.43 -1.30
C GLY L 23 75.06 6.94 -1.46
N ILE L 24 74.93 7.65 -0.34
CA ILE L 24 74.77 9.11 -0.43
C ILE L 24 76.09 9.78 -0.80
N ALA L 25 77.22 9.16 -0.48
CA ALA L 25 78.51 9.80 -0.72
C ALA L 25 78.83 9.95 -2.20
N ARG L 26 78.37 9.01 -3.04
CA ARG L 26 78.61 9.11 -4.48
C ARG L 26 77.66 10.08 -5.16
N ALA L 27 76.60 10.52 -4.49
CA ALA L 27 75.64 11.45 -5.06
C ALA L 27 76.22 12.87 -5.11
N LYS L 28 75.56 13.72 -5.89
CA LYS L 28 76.01 15.10 -6.04
C LYS L 28 75.52 15.94 -4.86
N SER L 29 76.02 17.16 -4.79
CA SER L 29 75.75 18.06 -3.67
C SER L 29 74.65 19.04 -4.05
N VAL L 30 73.69 19.22 -3.14
CA VAL L 30 72.62 20.19 -3.28
C VAL L 30 72.65 21.11 -2.07
N VAL L 31 72.57 22.42 -2.32
CA VAL L 31 72.75 23.44 -1.29
C VAL L 31 71.47 24.25 -1.17
N ALA L 32 71.00 24.43 0.06
CA ALA L 32 69.81 25.21 0.34
C ALA L 32 70.14 26.23 1.42
N LEU L 33 69.78 27.49 1.18
CA LEU L 33 70.07 28.56 2.11
C LEU L 33 68.93 29.57 2.09
N ALA L 34 68.87 30.38 3.15
CA ALA L 34 67.82 31.39 3.31
C ALA L 34 68.42 32.78 3.12
N TYR L 35 67.72 33.59 2.33
CA TYR L 35 68.14 34.97 2.05
C TYR L 35 67.03 35.93 2.50
N ALA L 36 67.16 37.19 2.12
CA ALA L 36 66.26 38.24 2.60
C ALA L 36 64.84 38.08 2.08
N GLY L 37 64.61 37.19 1.11
CA GLY L 37 63.29 37.04 0.54
C GLY L 37 62.76 35.62 0.57
N GLY L 38 63.32 34.78 1.43
CA GLY L 38 62.89 33.40 1.51
C GLY L 38 64.03 32.40 1.54
N VAL L 39 63.84 31.25 0.89
CA VAL L 39 64.82 30.17 0.86
C VAL L 39 65.20 29.92 -0.59
N LEU L 40 66.49 29.85 -0.87
CA LEU L 40 67.01 29.61 -2.20
C LEU L 40 67.57 28.20 -2.29
N PHE L 41 67.14 27.46 -3.32
CA PHE L 41 67.59 26.10 -3.55
C PHE L 41 68.47 26.06 -4.79
N VAL L 42 69.68 25.52 -4.65
CA VAL L 42 70.62 25.36 -5.75
C VAL L 42 71.07 23.91 -5.78
N ALA L 43 70.98 23.28 -6.94
CA ALA L 43 71.31 21.87 -7.08
C ALA L 43 72.11 21.64 -8.35
N GLU L 44 72.87 20.55 -8.36
CA GLU L 44 73.64 20.12 -9.53
C GLU L 44 72.82 19.06 -10.25
N ASN L 45 72.12 19.47 -11.30
CA ASN L 45 71.22 18.57 -12.01
C ASN L 45 71.38 18.75 -13.52
N PRO L 46 72.03 17.80 -14.21
CA PRO L 46 72.26 17.98 -15.65
C PRO L 46 71.00 17.85 -16.48
N SER L 47 70.20 16.81 -16.24
CA SER L 47 68.98 16.62 -17.01
C SER L 47 67.88 17.56 -16.53
N ARG L 48 66.96 17.88 -17.44
CA ARG L 48 65.81 18.72 -17.13
C ARG L 48 64.55 17.94 -16.81
N SER L 49 64.44 16.70 -17.28
CA SER L 49 63.26 15.89 -16.95
C SER L 49 63.23 15.52 -15.48
N LEU L 50 64.40 15.34 -14.87
CA LEU L 50 64.52 14.95 -13.47
C LEU L 50 64.73 16.21 -12.63
N GLN L 51 63.91 16.37 -11.59
CA GLN L 51 63.96 17.53 -10.72
C GLN L 51 64.22 17.08 -9.28
N LYS L 52 65.27 17.62 -8.68
CA LYS L 52 65.58 17.35 -7.29
C LYS L 52 64.97 18.37 -6.32
N ILE L 53 64.37 19.44 -6.84
CA ILE L 53 63.74 20.48 -6.04
C ILE L 53 62.27 20.58 -6.47
N SER L 54 61.37 20.59 -5.49
CA SER L 54 59.94 20.62 -5.77
C SER L 54 59.22 21.46 -4.73
N GLU L 55 57.90 21.54 -4.86
CA GLU L 55 57.04 22.28 -3.96
C GLU L 55 56.06 21.33 -3.30
N LEU L 56 55.98 21.40 -1.97
CA LEU L 56 55.09 20.53 -1.20
C LEU L 56 53.75 21.18 -0.89
N TYR L 57 53.74 22.47 -0.53
CA TYR L 57 52.50 23.17 -0.26
C TYR L 57 52.68 24.63 -0.66
N ASP L 58 51.78 25.50 -0.18
CA ASP L 58 51.83 26.91 -0.55
C ASP L 58 53.13 27.56 -0.11
N ARG L 59 53.58 27.28 1.12
CA ARG L 59 54.77 27.91 1.67
C ARG L 59 55.87 26.91 2.03
N VAL L 60 55.71 25.65 1.64
CA VAL L 60 56.69 24.61 1.97
C VAL L 60 57.45 24.22 0.70
N GLY L 61 58.71 23.84 0.89
CA GLY L 61 59.53 23.42 -0.23
C GLY L 61 60.18 22.08 0.07
N PHE L 62 60.66 21.43 -1.00
CA PHE L 62 61.27 20.11 -0.92
C PHE L 62 62.62 20.11 -1.60
N ALA L 63 63.56 19.36 -1.04
CA ALA L 63 64.88 19.17 -1.61
C ALA L 63 65.44 17.85 -1.12
N ALA L 64 66.16 17.15 -1.99
CA ALA L 64 66.68 15.83 -1.65
C ALA L 64 67.86 15.51 -2.53
N ALA L 65 68.62 14.49 -2.11
CA ALA L 65 69.78 14.02 -2.85
C ALA L 65 69.90 12.52 -2.66
N GLY L 66 70.23 11.80 -3.73
CA GLY L 66 70.36 10.36 -3.68
C GLY L 66 69.69 9.65 -4.83
N LYS L 67 69.17 8.45 -4.58
CA LYS L 67 68.49 7.69 -5.62
C LYS L 67 67.17 8.37 -5.97
N PHE L 68 66.92 8.54 -7.27
CA PHE L 68 65.81 9.38 -7.72
C PHE L 68 64.46 8.80 -7.28
N ASN L 69 64.28 7.49 -7.43
CA ASN L 69 62.98 6.88 -7.16
C ASN L 69 62.59 7.00 -5.69
N GLU L 70 63.56 6.84 -4.79
CA GLU L 70 63.25 6.86 -3.36
C GLU L 70 62.69 8.22 -2.92
N PHE L 71 63.41 9.30 -3.23
CA PHE L 71 62.89 10.60 -2.82
C PHE L 71 61.75 11.07 -3.71
N ASP L 72 61.60 10.51 -4.91
CA ASP L 72 60.38 10.76 -5.68
C ASP L 72 59.16 10.20 -4.95
N ASN L 73 59.27 8.97 -4.44
CA ASN L 73 58.18 8.38 -3.67
C ASN L 73 57.92 9.18 -2.39
N LEU L 74 59.00 9.59 -1.71
CA LEU L 74 58.84 10.39 -0.50
C LEU L 74 58.15 11.72 -0.81
N ARG L 75 58.51 12.35 -1.92
CA ARG L 75 57.88 13.59 -2.34
C ARG L 75 56.39 13.40 -2.62
N ARG L 76 56.05 12.32 -3.33
CA ARG L 76 54.65 12.06 -3.63
C ARG L 76 53.85 11.83 -2.35
N GLY L 77 54.40 11.05 -1.42
CA GLY L 77 53.73 10.85 -0.15
C GLY L 77 53.57 12.13 0.65
N GLY L 78 54.59 12.98 0.66
CA GLY L 78 54.48 14.26 1.34
C GLY L 78 53.44 15.16 0.73
N ILE L 79 53.36 15.21 -0.61
CA ILE L 79 52.31 16.00 -1.26
C ILE L 79 50.94 15.47 -0.90
N GLN L 80 50.74 14.15 -0.92
CA GLN L 80 49.44 13.61 -0.57
C GLN L 80 49.07 13.94 0.88
N PHE L 81 50.03 13.79 1.79
CA PHE L 81 49.79 14.10 3.20
C PHE L 81 49.42 15.57 3.36
N ALA L 82 50.17 16.47 2.72
CA ALA L 82 49.91 17.90 2.86
C ALA L 82 48.53 18.26 2.32
N ASP L 83 48.18 17.74 1.15
CA ASP L 83 46.88 18.06 0.56
C ASP L 83 45.73 17.51 1.40
N THR L 84 45.88 16.27 1.91
CA THR L 84 44.82 15.72 2.75
C THR L 84 44.67 16.49 4.04
N ARG L 85 45.78 16.88 4.68
CA ARG L 85 45.70 17.68 5.90
C ARG L 85 45.08 19.05 5.63
N GLY L 86 45.43 19.67 4.51
CA GLY L 86 44.85 20.96 4.18
C GLY L 86 43.36 20.88 3.90
N TYR L 87 42.92 19.81 3.22
CA TYR L 87 41.50 19.63 2.97
C TYR L 87 40.75 19.26 4.23
N ALA L 88 41.43 18.64 5.20
CA ALA L 88 40.75 18.19 6.41
C ALA L 88 40.43 19.37 7.32
N TYR L 89 41.45 20.11 7.76
CA TYR L 89 41.25 21.21 8.70
C TYR L 89 41.22 22.57 8.00
N ASP L 90 42.29 22.94 7.32
CA ASP L 90 42.41 24.24 6.66
C ASP L 90 43.74 24.29 5.91
N ARG L 91 43.83 25.24 4.99
CA ARG L 91 45.08 25.44 4.26
C ARG L 91 46.15 26.09 5.11
N ARG L 92 45.74 26.87 6.12
CA ARG L 92 46.67 27.57 7.00
C ARG L 92 47.10 26.73 8.20
N ASP L 93 46.62 25.49 8.30
CA ASP L 93 46.97 24.61 9.41
C ASP L 93 48.07 23.62 9.05
N VAL L 94 48.74 23.80 7.90
CA VAL L 94 49.82 22.93 7.46
C VAL L 94 51.13 23.67 7.62
N THR L 95 52.07 23.07 8.33
CA THR L 95 53.39 23.62 8.56
C THR L 95 54.45 22.61 8.16
N GLY L 96 55.66 23.11 7.89
CA GLY L 96 56.76 22.24 7.52
C GLY L 96 57.22 21.33 8.65
N ARG L 97 56.90 21.68 9.89
CA ARG L 97 57.27 20.82 11.02
C ARG L 97 56.57 19.46 10.92
N GLN L 98 55.28 19.46 10.58
CA GLN L 98 54.56 18.21 10.45
C GLN L 98 55.13 17.35 9.33
N LEU L 99 55.46 17.97 8.19
CA LEU L 99 56.06 17.22 7.09
C LEU L 99 57.41 16.65 7.48
N ALA L 100 58.22 17.44 8.18
CA ALA L 100 59.53 16.94 8.60
C ALA L 100 59.38 15.78 9.59
N ASN L 101 58.40 15.87 10.48
CA ASN L 101 58.19 14.80 11.46
C ASN L 101 57.73 13.52 10.78
N VAL L 102 56.75 13.62 9.86
CA VAL L 102 56.28 12.42 9.18
C VAL L 102 57.39 11.84 8.30
N TYR L 103 58.22 12.69 7.71
CA TYR L 103 59.35 12.19 6.91
C TYR L 103 60.35 11.46 7.80
N ALA L 104 60.63 11.99 8.98
CA ALA L 104 61.53 11.31 9.91
C ALA L 104 60.97 9.95 10.32
N GLN L 105 59.68 9.89 10.65
CA GLN L 105 59.08 8.62 11.02
C GLN L 105 59.14 7.61 9.87
N THR L 106 58.83 8.06 8.65
CA THR L 106 58.84 7.15 7.51
C THR L 106 60.25 6.64 7.22
N LEU L 107 61.24 7.53 7.29
CA LEU L 107 62.62 7.11 7.05
C LEU L 107 63.11 6.17 8.14
N GLY L 108 62.73 6.41 9.40
CA GLY L 108 63.09 5.48 10.45
C GLY L 108 62.45 4.12 10.27
N THR L 109 61.17 4.08 9.88
CA THR L 109 60.50 2.82 9.63
C THR L 109 61.15 2.06 8.47
N ILE L 110 61.53 2.80 7.41
CA ILE L 110 62.22 2.16 6.30
C ILE L 110 63.58 1.61 6.74
N PHE L 111 64.32 2.39 7.53
CA PHE L 111 65.63 1.95 7.99
C PHE L 111 65.50 0.70 8.86
N THR L 112 64.42 0.61 9.64
CA THR L 112 64.28 -0.51 10.58
C THR L 112 63.74 -1.76 9.91
N GLU L 113 62.59 -1.66 9.26
CA GLU L 113 61.83 -2.82 8.78
C GLU L 113 61.85 -2.96 7.25
N GLN L 114 63.00 -2.71 6.62
CA GLN L 114 63.14 -2.93 5.19
C GLN L 114 64.48 -3.61 4.92
N ALA L 115 64.52 -4.37 3.82
CA ALA L 115 65.74 -5.09 3.47
C ALA L 115 66.90 -4.14 3.18
N LYS L 116 66.63 -3.04 2.47
CA LYS L 116 67.66 -2.08 2.11
C LYS L 116 67.26 -0.70 2.61
N PRO L 117 68.09 -0.02 3.41
CA PRO L 117 67.74 1.33 3.85
C PRO L 117 67.75 2.33 2.71
N TYR L 118 66.95 3.38 2.87
CA TYR L 118 66.85 4.40 1.84
C TYR L 118 68.08 5.29 1.84
N GLU L 119 68.66 5.50 0.66
CA GLU L 119 69.87 6.30 0.49
C GLU L 119 69.51 7.73 0.08
N VAL L 120 68.77 8.40 0.96
CA VAL L 120 68.26 9.73 0.68
C VAL L 120 68.52 10.65 1.86
N GLU L 121 68.48 11.96 1.59
CA GLU L 121 68.63 12.98 2.62
C GLU L 121 67.74 14.16 2.22
N LEU L 122 66.69 14.41 3.00
CA LEU L 122 65.67 15.38 2.66
C LEU L 122 65.85 16.65 3.48
N CYS L 123 65.37 17.76 2.91
CA CYS L 123 65.33 19.05 3.61
C CYS L 123 63.95 19.68 3.38
N VAL L 124 63.36 20.19 4.45
CA VAL L 124 62.06 20.85 4.40
C VAL L 124 62.26 22.30 4.80
N ALA L 125 61.87 23.21 3.92
CA ALA L 125 62.02 24.65 4.15
C ALA L 125 60.65 25.31 4.09
N GLU L 126 60.32 26.04 5.15
CA GLU L 126 59.07 26.78 5.23
C GLU L 126 59.35 28.26 5.37
N VAL L 127 58.48 29.08 4.79
CA VAL L 127 58.61 30.52 4.83
C VAL L 127 57.36 31.13 5.46
N ALA L 128 57.42 32.43 5.74
CA ALA L 128 56.32 33.11 6.39
C ALA L 128 55.16 33.32 5.43
N HIS L 129 53.96 33.43 6.00
CA HIS L 129 52.79 33.74 5.19
C HIS L 129 52.80 35.19 4.75
N TYR L 130 52.14 35.46 3.63
CA TYR L 130 52.12 36.80 3.07
C TYR L 130 51.52 37.80 4.06
N GLY L 131 52.17 38.95 4.19
CA GLY L 131 51.76 39.96 5.14
C GLY L 131 52.18 39.70 6.58
N GLU L 132 53.02 38.69 6.81
CA GLU L 132 53.46 38.34 8.16
C GLU L 132 54.98 38.18 8.15
N THR L 133 55.62 38.69 9.19
CA THR L 133 57.07 38.63 9.34
C THR L 133 57.46 37.48 10.25
N LYS L 134 58.34 36.60 9.75
CA LYS L 134 58.84 35.46 10.50
C LYS L 134 60.07 34.94 9.78
N ARG L 135 61.01 34.31 10.56
CA ARG L 135 62.25 33.85 9.97
C ARG L 135 62.08 32.48 9.33
N PRO L 136 62.74 32.25 8.21
CA PRO L 136 62.65 30.92 7.56
C PRO L 136 63.18 29.81 8.45
N GLU L 137 62.55 28.65 8.35
CA GLU L 137 62.89 27.48 9.14
C GLU L 137 63.29 26.34 8.21
N LEU L 138 64.44 25.72 8.49
CA LEU L 138 64.96 24.62 7.70
C LEU L 138 65.15 23.39 8.58
N TYR L 139 64.75 22.24 8.06
CA TYR L 139 64.87 20.96 8.77
C TYR L 139 65.62 19.97 7.90
N ARG L 140 66.47 19.15 8.52
CA ARG L 140 67.25 18.14 7.84
C ARG L 140 66.92 16.77 8.40
N ILE L 141 66.67 15.81 7.51
CA ILE L 141 66.35 14.44 7.89
C ILE L 141 67.34 13.51 7.20
N THR L 142 67.94 12.61 7.98
CA THR L 142 68.94 11.69 7.49
C THR L 142 68.32 10.33 7.15
N TYR L 143 69.16 9.37 6.78
CA TYR L 143 68.69 8.07 6.32
C TYR L 143 68.04 7.25 7.43
N ASP L 144 68.52 7.39 8.66
CA ASP L 144 68.00 6.62 9.79
C ASP L 144 66.78 7.28 10.42
N GLY L 145 66.38 8.45 9.95
CA GLY L 145 65.24 9.16 10.52
C GLY L 145 65.60 10.25 11.50
N SER L 146 66.88 10.61 11.63
CA SER L 146 67.26 11.68 12.52
C SER L 146 66.70 13.02 12.02
N ILE L 147 66.30 13.88 12.95
CA ILE L 147 65.78 15.19 12.62
C ILE L 147 66.61 16.25 13.33
N ALA L 148 66.74 17.40 12.69
CA ALA L 148 67.53 18.50 13.24
C ALA L 148 67.03 19.81 12.66
N ASP L 149 67.35 20.90 13.37
CA ASP L 149 66.98 22.25 12.96
C ASP L 149 68.24 23.04 12.63
N GLU L 150 68.28 23.60 11.43
CA GLU L 150 69.44 24.35 10.97
C GLU L 150 69.05 25.82 10.74
N PRO L 151 69.77 26.77 11.33
CA PRO L 151 69.30 28.16 11.29
C PRO L 151 69.47 28.84 9.94
N HIS L 152 70.60 28.66 9.26
CA HIS L 152 70.91 29.44 8.07
C HIS L 152 70.93 28.61 6.80
N PHE L 153 71.75 27.55 6.75
CA PHE L 153 71.94 26.80 5.52
C PHE L 153 71.93 25.30 5.81
N VAL L 154 71.59 24.53 4.77
CA VAL L 154 71.61 23.07 4.82
C VAL L 154 72.39 22.58 3.61
N VAL L 155 73.39 21.72 3.85
CA VAL L 155 74.23 21.17 2.80
C VAL L 155 74.19 19.65 2.90
N MET L 156 73.92 18.98 1.77
CA MET L 156 73.78 17.54 1.75
C MET L 156 74.36 16.99 0.44
N GLY L 157 74.73 15.72 0.47
CA GLY L 157 75.15 15.03 -0.73
C GLY L 157 76.63 15.04 -1.01
N GLY L 158 77.26 13.86 -0.93
CA GLY L 158 78.67 13.76 -1.27
C GLY L 158 79.59 14.36 -0.22
N THR L 159 80.77 14.76 -0.69
CA THR L 159 81.80 15.37 0.15
C THR L 159 81.37 16.79 0.50
N THR L 160 80.54 16.92 1.54
CA THR L 160 79.94 18.19 1.89
C THR L 160 80.83 19.05 2.77
N GLU L 161 82.00 18.56 3.19
CA GLU L 161 82.87 19.34 4.07
C GLU L 161 83.37 20.64 3.44
N PRO L 162 83.92 20.64 2.21
CA PRO L 162 84.36 21.92 1.64
C PRO L 162 83.24 22.92 1.43
N ILE L 163 82.07 22.46 0.98
CA ILE L 163 80.94 23.37 0.79
C ILE L 163 80.43 23.87 2.13
N ALA L 164 80.43 23.01 3.15
CA ALA L 164 80.02 23.44 4.48
C ALA L 164 80.96 24.52 5.01
N ASN L 165 82.27 24.35 4.82
CA ASN L 165 83.21 25.39 5.24
C ASN L 165 83.01 26.67 4.45
N ALA L 166 82.81 26.55 3.13
CA ALA L 166 82.68 27.73 2.28
C ALA L 166 81.39 28.49 2.52
N LEU L 167 80.36 27.82 3.06
CA LEU L 167 79.14 28.52 3.44
C LEU L 167 79.16 28.99 4.89
N LYS L 168 79.94 28.33 5.75
CA LYS L 168 80.17 28.86 7.09
C LYS L 168 80.92 30.18 7.03
N GLU L 169 81.92 30.26 6.16
CA GLU L 169 82.69 31.49 6.00
C GLU L 169 82.11 32.34 4.86
N SER L 170 82.29 33.65 5.00
CA SER L 170 81.89 34.63 3.98
C SER L 170 80.40 34.55 3.65
N TYR L 171 79.56 34.31 4.65
CA TYR L 171 78.12 34.28 4.47
C TYR L 171 77.49 35.36 5.34
N ALA L 172 76.66 36.20 4.74
CA ALA L 172 75.98 37.28 5.44
C ALA L 172 74.49 37.18 5.18
N GLU L 173 73.69 37.23 6.24
CA GLU L 173 72.25 37.15 6.10
C GLU L 173 71.70 38.41 5.45
N ASN L 174 70.40 38.37 5.15
CA ASN L 174 69.64 39.48 4.56
C ASN L 174 70.18 39.86 3.18
N ALA L 175 70.87 38.94 2.51
CA ALA L 175 71.45 39.23 1.22
C ALA L 175 70.39 39.17 0.11
N SER L 176 70.74 39.75 -1.03
CA SER L 176 69.84 39.76 -2.17
C SER L 176 69.87 38.41 -2.89
N LEU L 177 68.95 38.24 -3.83
CA LEU L 177 68.88 37.00 -4.59
C LEU L 177 70.14 36.78 -5.41
N THR L 178 70.65 37.84 -6.05
CA THR L 178 71.84 37.71 -6.89
C THR L 178 73.06 37.32 -6.06
N ASP L 179 73.27 38.02 -4.94
CA ASP L 179 74.42 37.72 -4.09
C ASP L 179 74.32 36.32 -3.49
N ALA L 180 73.12 35.92 -3.07
CA ALA L 180 72.93 34.58 -2.53
C ALA L 180 73.22 33.52 -3.59
N LEU L 181 72.75 33.74 -4.82
CA LEU L 181 73.03 32.79 -5.90
C LEU L 181 74.53 32.71 -6.18
N ARG L 182 75.21 33.85 -6.22
CA ARG L 182 76.64 33.84 -6.47
C ARG L 182 77.39 33.10 -5.38
N ILE L 183 77.03 33.34 -4.11
CA ILE L 183 77.68 32.67 -2.99
C ILE L 183 77.43 31.17 -3.05
N ALA L 184 76.18 30.77 -3.34
CA ALA L 184 75.86 29.35 -3.42
C ALA L 184 76.64 28.67 -4.54
N VAL L 185 76.73 29.30 -5.70
CA VAL L 185 77.48 28.71 -6.81
C VAL L 185 78.96 28.61 -6.46
N ALA L 186 79.51 29.66 -5.84
CA ALA L 186 80.92 29.63 -5.46
C ALA L 186 81.21 28.52 -4.46
N ALA L 187 80.30 28.34 -3.48
CA ALA L 187 80.50 27.29 -2.50
C ALA L 187 80.32 25.90 -3.10
N LEU L 188 79.40 25.76 -4.06
CA LEU L 188 79.22 24.46 -4.72
C LEU L 188 80.44 24.10 -5.57
N ARG L 189 81.04 25.09 -6.25
CA ARG L 189 82.23 24.82 -7.04
C ARG L 189 83.38 24.33 -6.17
N ALA L 190 83.56 24.94 -5.00
CA ALA L 190 84.63 24.56 -4.10
C ALA L 190 84.32 23.23 -3.40
N LEU L 203 79.66 25.76 -14.69
CA LEU L 203 78.53 26.02 -13.80
C LEU L 203 77.60 27.09 -14.38
N GLY L 204 77.22 26.92 -15.63
CA GLY L 204 76.36 27.85 -16.32
C GLY L 204 74.89 27.55 -16.13
N VAL L 205 74.09 27.95 -17.12
CA VAL L 205 72.65 27.69 -17.06
C VAL L 205 72.39 26.19 -17.07
N ALA L 206 73.09 25.45 -17.91
CA ALA L 206 72.94 24.00 -17.96
C ALA L 206 73.54 23.37 -16.71
N SER L 207 73.02 22.20 -16.35
CA SER L 207 73.46 21.39 -15.22
C SER L 207 73.23 22.07 -13.87
N LEU L 208 72.43 23.14 -13.83
CA LEU L 208 72.14 23.85 -12.59
C LEU L 208 70.64 23.98 -12.42
N GLU L 209 70.14 23.63 -11.24
CA GLU L 209 68.73 23.78 -10.90
C GLU L 209 68.60 24.83 -9.81
N VAL L 210 67.79 25.85 -10.07
CA VAL L 210 67.61 26.97 -9.14
C VAL L 210 66.12 27.15 -8.88
N ALA L 211 65.74 27.18 -7.61
CA ALA L 211 64.37 27.45 -7.20
C ALA L 211 64.39 28.28 -5.93
N VAL L 212 63.35 29.09 -5.75
CA VAL L 212 63.27 30.00 -4.61
C VAL L 212 61.88 29.89 -3.98
N LEU L 213 61.81 30.31 -2.72
CA LEU L 213 60.55 30.40 -1.98
C LEU L 213 60.31 31.88 -1.72
N ASP L 214 59.53 32.52 -2.60
CA ASP L 214 59.34 33.96 -2.57
C ASP L 214 58.18 34.28 -1.63
N ALA L 215 58.51 34.78 -0.44
CA ALA L 215 57.49 35.17 0.53
C ALA L 215 56.67 36.37 0.05
N ASN L 216 57.17 37.12 -0.94
CA ASN L 216 56.43 38.25 -1.46
C ASN L 216 55.18 37.83 -2.23
N ARG L 217 55.08 36.55 -2.59
CA ARG L 217 53.94 36.06 -3.35
C ARG L 217 52.74 35.85 -2.43
N PRO L 218 51.52 36.11 -2.91
CA PRO L 218 50.35 36.11 -2.02
C PRO L 218 49.98 34.74 -1.46
N ARG L 219 49.85 33.74 -2.32
CA ARG L 219 49.43 32.41 -1.89
C ARG L 219 50.51 31.36 -2.10
N ARG L 220 51.02 31.18 -3.32
CA ARG L 220 52.01 30.16 -3.62
C ARG L 220 53.36 30.81 -3.79
N ALA L 221 54.33 30.37 -2.99
CA ALA L 221 55.64 31.00 -2.91
C ALA L 221 56.71 30.30 -3.73
N PHE L 222 56.36 29.22 -4.44
CA PHE L 222 57.35 28.47 -5.19
C PHE L 222 57.50 29.04 -6.60
N ARG L 223 58.75 29.19 -7.04
CA ARG L 223 59.04 29.74 -8.36
C ARG L 223 60.28 29.06 -8.92
N ARG L 224 60.28 28.83 -10.23
CA ARG L 224 61.41 28.22 -10.93
C ARG L 224 62.11 29.27 -11.78
N ILE L 225 63.42 29.35 -11.65
CA ILE L 225 64.24 30.29 -12.40
C ILE L 225 65.03 29.49 -13.44
N THR L 226 64.67 29.64 -14.70
CA THR L 226 65.30 28.91 -15.79
C THR L 226 65.36 29.80 -17.03
N GLY L 227 66.26 29.45 -17.94
CA GLY L 227 66.36 30.15 -19.20
C GLY L 227 67.19 31.42 -19.16
N SER L 228 66.73 32.45 -19.87
CA SER L 228 67.48 33.70 -19.94
C SER L 228 67.53 34.42 -18.60
N ALA L 229 66.49 34.25 -17.77
CA ALA L 229 66.49 34.89 -16.46
C ALA L 229 67.62 34.37 -15.58
N LEU L 230 67.85 33.06 -15.62
CA LEU L 230 68.95 32.48 -14.84
C LEU L 230 70.29 33.00 -15.33
N GLN L 231 70.48 33.09 -16.65
CA GLN L 231 71.73 33.62 -17.18
C GLN L 231 71.92 35.08 -16.78
N ALA L 232 70.85 35.88 -16.80
CA ALA L 232 70.95 37.26 -16.37
C ALA L 232 71.27 37.35 -14.88
N LEU L 233 70.76 36.41 -14.07
CA LEU L 233 71.06 36.43 -12.64
C LEU L 233 72.55 36.23 -12.38
N LEU L 234 73.18 35.31 -13.10
CA LEU L 234 74.62 35.09 -12.96
C LEU L 234 75.29 34.89 -14.31
N SER M 8 70.12 -18.45 20.95
CA SER M 8 70.41 -18.09 22.34
C SER M 8 69.74 -16.78 22.71
N PRO M 9 68.62 -16.87 23.45
CA PRO M 9 67.92 -15.65 23.87
C PRO M 9 68.76 -14.75 24.76
N GLU M 10 69.66 -15.33 25.57
CA GLU M 10 70.47 -14.52 26.48
C GLU M 10 71.37 -13.56 25.71
N GLN M 11 72.03 -14.05 24.66
CA GLN M 11 72.92 -13.20 23.88
C GLN M 11 72.15 -12.08 23.18
N ALA M 12 71.00 -12.41 22.60
CA ALA M 12 70.20 -11.39 21.93
C ALA M 12 69.71 -10.33 22.92
N MET M 13 69.25 -10.76 24.10
CA MET M 13 68.80 -9.81 25.11
C MET M 13 69.95 -8.92 25.57
N ARG M 14 71.12 -9.51 25.80
CA ARG M 14 72.28 -8.72 26.21
C ARG M 14 72.67 -7.70 25.15
N GLU M 15 72.69 -8.11 23.89
CA GLU M 15 73.06 -7.18 22.82
C GLU M 15 72.03 -6.07 22.66
N ARG M 16 70.74 -6.39 22.78
CA ARG M 16 69.71 -5.36 22.71
C ARG M 16 69.83 -4.38 23.86
N SER M 17 70.08 -4.88 25.07
CA SER M 17 70.24 -4.01 26.22
C SER M 17 71.46 -3.10 26.05
N GLU M 18 72.57 -3.66 25.56
CA GLU M 18 73.76 -2.85 25.33
C GLU M 18 73.51 -1.78 24.28
N LEU M 19 72.82 -2.14 23.19
CA LEU M 19 72.50 -1.16 22.16
C LEU M 19 71.63 -0.04 22.72
N ALA M 20 70.62 -0.39 23.50
CA ALA M 20 69.75 0.64 24.08
C ALA M 20 70.52 1.53 25.04
N ARG M 21 71.39 0.94 25.86
CA ARG M 21 72.15 1.74 26.83
C ARG M 21 73.12 2.68 26.11
N LYS M 22 73.76 2.20 25.05
CA LYS M 22 74.65 3.07 24.28
C LYS M 22 73.88 4.17 23.57
N GLY M 23 72.68 3.86 23.09
CA GLY M 23 71.87 4.89 22.44
C GLY M 23 71.43 5.98 23.39
N ILE M 24 70.99 5.60 24.60
CA ILE M 24 70.56 6.61 25.57
C ILE M 24 71.77 7.35 26.16
N ALA M 25 72.93 6.70 26.19
CA ALA M 25 74.10 7.31 26.85
C ALA M 25 74.61 8.54 26.09
N ARG M 26 74.48 8.56 24.77
CA ARG M 26 74.92 9.71 23.99
C ARG M 26 73.93 10.86 24.02
N ALA M 27 72.71 10.63 24.51
CA ALA M 27 71.68 11.65 24.57
C ALA M 27 71.98 12.62 25.72
N LYS M 28 71.30 13.77 25.69
CA LYS M 28 71.48 14.77 26.71
C LYS M 28 70.66 14.42 27.95
N SER M 29 70.89 15.18 29.03
CA SER M 29 70.27 14.92 30.32
C SER M 29 69.07 15.83 30.52
N VAL M 30 67.95 15.26 30.97
CA VAL M 30 66.75 16.00 31.33
C VAL M 30 66.41 15.67 32.78
N VAL M 31 66.11 16.71 33.55
CA VAL M 31 65.92 16.60 35.00
C VAL M 31 64.50 17.02 35.34
N ALA M 32 63.81 16.20 36.12
CA ALA M 32 62.45 16.49 36.58
C ALA M 32 62.40 16.34 38.10
N LEU M 33 61.85 17.34 38.77
CA LEU M 33 61.77 17.34 40.22
C LEU M 33 60.47 18.00 40.66
N ALA M 34 60.08 17.74 41.90
CA ALA M 34 58.85 18.25 42.48
C ALA M 34 59.17 19.31 43.52
N TYR M 35 58.48 20.44 43.45
CA TYR M 35 58.64 21.55 44.38
C TYR M 35 57.31 21.82 45.08
N ALA M 36 57.25 22.93 45.80
CA ALA M 36 56.10 23.25 46.64
C ALA M 36 54.84 23.53 45.83
N GLY M 37 54.95 23.69 44.51
CA GLY M 37 53.79 24.01 43.70
C GLY M 37 53.55 23.06 42.55
N GLY M 38 54.13 21.86 42.62
CA GLY M 38 53.97 20.90 41.55
C GLY M 38 55.26 20.23 41.13
N VAL M 39 55.41 19.97 39.83
CA VAL M 39 56.58 19.30 39.27
C VAL M 39 57.22 20.24 38.25
N LEU M 40 58.54 20.41 38.37
CA LEU M 40 59.30 21.28 37.48
C LEU M 40 60.13 20.42 36.53
N PHE M 41 60.03 20.72 35.24
CA PHE M 41 60.76 20.01 34.21
C PHE M 41 61.82 20.93 33.61
N VAL M 42 63.08 20.47 33.61
CA VAL M 42 64.19 21.22 33.04
C VAL M 42 64.93 20.29 32.08
N ALA M 43 65.15 20.76 30.85
CA ALA M 43 65.77 19.95 29.82
C ALA M 43 66.80 20.78 29.06
N GLU M 44 67.75 20.08 28.45
CA GLU M 44 68.77 20.68 27.59
C GLU M 44 68.30 20.53 26.15
N ASN M 45 67.70 21.60 25.61
CA ASN M 45 67.13 21.55 24.27
C ASN M 45 67.49 22.80 23.48
N PRO M 46 68.42 22.71 22.53
CA PRO M 46 68.83 23.91 21.81
C PRO M 46 67.77 24.45 20.86
N SER M 47 67.16 23.60 20.05
CA SER M 47 66.14 24.04 19.11
C SER M 47 64.82 24.28 19.82
N ARG M 48 64.01 25.18 19.24
CA ARG M 48 62.68 25.48 19.77
C ARG M 48 61.57 24.72 19.08
N SER M 49 61.78 24.26 17.85
CA SER M 49 60.74 23.49 17.16
C SER M 49 60.56 22.12 17.81
N LEU M 50 61.63 21.55 18.36
CA LEU M 50 61.59 20.25 19.00
C LEU M 50 61.41 20.43 20.50
N GLN M 51 60.43 19.73 21.06
CA GLN M 51 60.11 19.84 22.48
C GLN M 51 60.21 18.45 23.12
N LYS M 52 61.02 18.35 24.17
CA LYS M 52 61.16 17.12 24.93
C LYS M 52 60.20 17.05 26.13
N ILE M 53 59.50 18.14 26.42
CA ILE M 53 58.55 18.20 27.53
C ILE M 53 57.19 18.58 26.97
N SER M 54 56.15 17.85 27.36
CA SER M 54 54.81 18.07 26.84
C SER M 54 53.78 17.82 27.93
N GLU M 55 52.51 17.96 27.57
CA GLU M 55 51.39 17.75 28.47
C GLU M 55 50.51 16.63 27.94
N LEU M 56 50.21 15.66 28.81
CA LEU M 56 49.39 14.51 28.43
C LEU M 56 47.92 14.68 28.77
N TYR M 57 47.60 15.26 29.92
CA TYR M 57 46.22 15.50 30.30
C TYR M 57 46.17 16.76 31.16
N ASP M 58 45.05 16.95 31.87
CA ASP M 58 44.88 18.15 32.68
C ASP M 58 45.95 18.25 33.78
N ARG M 59 46.24 17.14 34.46
CA ARG M 59 47.18 17.15 35.57
C ARG M 59 48.37 16.22 35.33
N VAL M 60 48.54 15.70 34.13
CA VAL M 60 49.63 14.78 33.82
C VAL M 60 50.64 15.49 32.93
N GLY M 61 51.91 15.11 33.09
CA GLY M 61 52.98 15.68 32.29
C GLY M 61 53.81 14.59 31.66
N PHE M 62 54.57 14.99 30.64
CA PHE M 62 55.41 14.06 29.88
C PHE M 62 56.83 14.59 29.79
N ALA M 63 57.80 13.67 29.84
CA ALA M 63 59.20 14.00 29.67
C ALA M 63 59.93 12.77 29.16
N ALA M 64 60.90 12.98 28.27
CA ALA M 64 61.60 11.87 27.66
C ALA M 64 62.96 12.33 27.16
N ALA M 65 63.82 11.36 26.88
CA ALA M 65 65.16 11.62 26.36
C ALA M 65 65.55 10.48 25.41
N GLY M 66 66.17 10.84 24.29
CA GLY M 66 66.58 9.87 23.31
C GLY M 66 66.25 10.27 21.89
N LYS M 67 65.95 9.29 21.04
CA LYS M 67 65.60 9.58 19.66
C LYS M 67 64.24 10.27 19.59
N PHE M 68 64.18 11.37 18.84
CA PHE M 68 63.02 12.25 18.88
C PHE M 68 61.75 11.54 18.39
N ASN M 69 61.87 10.79 17.29
CA ASN M 69 60.69 10.19 16.68
C ASN M 69 60.05 9.15 17.59
N GLU M 70 60.86 8.36 18.30
CA GLU M 70 60.32 7.29 19.13
C GLU M 70 59.46 7.84 20.26
N PHE M 71 59.99 8.79 21.05
CA PHE M 71 59.17 9.32 22.12
C PHE M 71 58.11 10.28 21.62
N ASP M 72 58.26 10.84 20.41
CA ASP M 72 57.16 11.57 19.79
C ASP M 72 55.98 10.65 19.54
N ASN M 73 56.24 9.46 18.98
CA ASN M 73 55.19 8.48 18.77
C ASN M 73 54.57 8.04 20.09
N LEU M 74 55.43 7.79 21.09
CA LEU M 74 54.91 7.39 22.41
C LEU M 74 54.03 8.48 23.00
N ARG M 75 54.44 9.75 22.86
CA ARG M 75 53.65 10.87 23.34
C ARG M 75 52.30 10.95 22.63
N ARG M 76 52.29 10.77 21.32
CA ARG M 76 51.03 10.83 20.58
C ARG M 76 50.10 9.70 21.02
N GLY M 77 50.64 8.49 21.19
CA GLY M 77 49.83 7.39 21.67
C GLY M 77 49.29 7.62 23.06
N GLY M 78 50.11 8.18 23.95
CA GLY M 78 49.64 8.49 25.29
C GLY M 78 48.55 9.54 25.30
N ILE M 79 48.68 10.57 24.47
CA ILE M 79 47.63 11.57 24.36
C ILE M 79 46.33 10.95 23.87
N GLN M 80 46.41 10.11 22.83
CA GLN M 80 45.19 9.48 22.33
C GLN M 80 44.55 8.59 23.39
N PHE M 81 45.36 7.81 24.10
CA PHE M 81 44.83 6.95 25.16
C PHE M 81 44.16 7.78 26.25
N ALA M 82 44.81 8.85 26.68
CA ALA M 82 44.25 9.68 27.76
C ALA M 82 42.94 10.32 27.33
N ASP M 83 42.89 10.86 26.11
CA ASP M 83 41.67 11.51 25.65
C ASP M 83 40.54 10.50 25.49
N THR M 84 40.83 9.32 24.94
CA THR M 84 39.79 8.30 24.79
C THR M 84 39.27 7.83 26.14
N ARG M 85 40.17 7.61 27.11
CA ARG M 85 39.73 7.20 28.44
C ARG M 85 38.92 8.30 29.12
N GLY M 86 39.32 9.56 28.95
CA GLY M 86 38.55 10.64 29.54
C GLY M 86 37.16 10.78 28.92
N TYR M 87 37.07 10.60 27.60
CA TYR M 87 35.76 10.67 26.95
C TYR M 87 34.90 9.46 27.28
N ALA M 88 35.54 8.33 27.61
CA ALA M 88 34.78 7.12 27.88
C ALA M 88 34.08 7.19 29.24
N TYR M 89 34.85 7.35 30.31
CA TYR M 89 34.29 7.36 31.66
C TYR M 89 34.10 8.77 32.20
N ASP M 90 35.18 9.53 32.32
CA ASP M 90 35.14 10.88 32.88
C ASP M 90 36.53 11.49 32.79
N ARG M 91 36.59 12.81 32.92
CA ARG M 91 37.87 13.50 32.92
C ARG M 91 38.64 13.29 34.22
N ARG M 92 37.93 13.03 35.32
CA ARG M 92 38.55 12.82 36.61
C ARG M 92 38.94 11.37 36.87
N ASP M 93 38.71 10.48 35.91
CA ASP M 93 39.04 9.06 36.05
C ASP M 93 40.36 8.71 35.38
N VAL M 94 41.14 9.69 34.96
CA VAL M 94 42.43 9.47 34.32
C VAL M 94 43.54 9.84 35.30
N THR M 95 44.44 8.91 35.55
CA THR M 95 45.58 9.11 36.43
C THR M 95 46.86 8.76 35.70
N GLY M 96 47.98 9.31 36.21
CA GLY M 96 49.27 9.02 35.63
C GLY M 96 49.72 7.58 35.78
N ARG M 97 49.14 6.85 36.75
CA ARG M 97 49.49 5.45 36.91
C ARG M 97 49.09 4.63 35.69
N GLN M 98 47.90 4.87 35.14
CA GLN M 98 47.46 4.16 33.95
C GLN M 98 48.37 4.45 32.76
N LEU M 99 48.75 5.72 32.58
CA LEU M 99 49.65 6.08 31.49
C LEU M 99 51.01 5.42 31.66
N ALA M 100 51.53 5.39 32.89
CA ALA M 100 52.83 4.76 33.13
C ALA M 100 52.76 3.26 32.87
N ASN M 101 51.64 2.63 33.25
CA ASN M 101 51.49 1.20 33.03
C ASN M 101 51.41 0.88 31.53
N VAL M 102 50.60 1.63 30.78
CA VAL M 102 50.49 1.35 29.36
C VAL M 102 51.81 1.65 28.66
N TYR M 103 52.55 2.67 29.12
CA TYR M 103 53.85 2.95 28.53
C TYR M 103 54.83 1.81 28.81
N ALA M 104 54.80 1.26 30.03
CA ALA M 104 55.66 0.12 30.34
C ALA M 104 55.32 -1.08 29.47
N GLN M 105 54.03 -1.38 29.30
CA GLN M 105 53.65 -2.50 28.45
C GLN M 105 54.08 -2.28 27.00
N THR M 106 53.88 -1.07 26.47
CA THR M 106 54.27 -0.80 25.09
C THR M 106 55.77 -0.89 24.90
N LEU M 107 56.55 -0.37 25.85
CA LEU M 107 58.00 -0.45 25.74
C LEU M 107 58.49 -1.88 25.86
N GLY M 108 57.87 -2.67 26.73
CA GLY M 108 58.23 -4.08 26.81
C GLY M 108 57.91 -4.84 25.53
N THR M 109 56.75 -4.57 24.95
CA THR M 109 56.39 -5.22 23.68
C THR M 109 57.35 -4.82 22.57
N ILE M 110 57.74 -3.55 22.53
CA ILE M 110 58.71 -3.11 21.53
C ILE M 110 60.06 -3.79 21.76
N PHE M 111 60.50 -3.87 23.02
CA PHE M 111 61.78 -4.51 23.31
C PHE M 111 61.76 -5.98 22.92
N THR M 112 60.62 -6.64 23.07
CA THR M 112 60.55 -8.07 22.82
C THR M 112 60.38 -8.39 21.34
N GLU M 113 59.34 -7.83 20.70
CA GLU M 113 58.93 -8.23 19.36
C GLU M 113 59.22 -7.17 18.30
N GLN M 114 60.37 -6.52 18.38
CA GLN M 114 60.78 -5.58 17.35
C GLN M 114 62.25 -5.80 17.02
N ALA M 115 62.63 -5.46 15.78
CA ALA M 115 64.00 -5.66 15.34
C ALA M 115 64.98 -4.82 16.15
N LYS M 116 64.62 -3.57 16.43
CA LYS M 116 65.49 -2.66 17.17
C LYS M 116 64.74 -2.13 18.39
N PRO M 117 65.28 -2.30 19.61
CA PRO M 117 64.60 -1.76 20.79
C PRO M 117 64.61 -0.24 20.79
N TYR M 118 63.60 0.32 21.46
CA TYR M 118 63.46 1.77 21.53
C TYR M 118 64.48 2.36 22.51
N GLU M 119 65.19 3.39 22.05
CA GLU M 119 66.23 4.05 22.84
C GLU M 119 65.67 5.29 23.54
N VAL M 120 64.67 5.06 24.40
CA VAL M 120 63.95 6.13 25.07
C VAL M 120 63.85 5.83 26.56
N GLU M 121 63.58 6.89 27.32
CA GLU M 121 63.37 6.78 28.77
C GLU M 121 62.34 7.85 29.15
N LEU M 122 61.16 7.41 29.57
CA LEU M 122 60.02 8.30 29.80
C LEU M 122 59.81 8.51 31.29
N CYS M 123 59.23 9.67 31.62
CA CYS M 123 58.81 9.96 32.99
C CYS M 123 57.40 10.54 32.95
N VAL M 124 56.55 10.06 33.86
CA VAL M 124 55.18 10.52 33.98
C VAL M 124 55.02 11.16 35.35
N ALA M 125 54.60 12.43 35.36
CA ALA M 125 54.44 13.19 36.58
C ALA M 125 52.99 13.65 36.70
N GLU M 126 52.34 13.32 37.81
CA GLU M 126 50.98 13.73 38.08
C GLU M 126 50.94 14.59 39.33
N VAL M 127 50.02 15.56 39.34
CA VAL M 127 49.86 16.48 40.46
C VAL M 127 48.43 16.38 40.97
N ALA M 128 48.20 17.02 42.12
CA ALA M 128 46.89 16.96 42.76
C ALA M 128 45.88 17.82 42.00
N HIS M 129 44.60 17.45 42.14
CA HIS M 129 43.54 18.25 41.56
C HIS M 129 43.35 19.54 42.34
N TYR M 130 42.82 20.56 41.67
CA TYR M 130 42.63 21.86 42.29
C TYR M 130 41.70 21.76 43.50
N GLY M 131 42.09 22.42 44.59
CA GLY M 131 41.33 22.35 45.82
C GLY M 131 41.56 21.10 46.64
N GLU M 132 42.52 20.26 46.26
CA GLU M 132 42.81 19.02 46.96
C GLU M 132 44.30 18.93 47.23
N THR M 133 44.66 18.46 48.42
CA THR M 133 46.05 18.33 48.84
C THR M 133 46.51 16.89 48.67
N LYS M 134 47.61 16.71 47.95
CA LYS M 134 48.20 15.40 47.70
C LYS M 134 49.61 15.60 47.18
N ARG M 135 50.51 14.61 47.46
CA ARG M 135 51.89 14.78 47.07
C ARG M 135 52.11 14.36 45.62
N PRO M 136 52.98 15.07 44.90
CA PRO M 136 53.26 14.69 43.50
C PRO M 136 53.83 13.30 43.38
N GLU M 137 53.47 12.62 42.30
CA GLU M 137 53.91 11.25 42.04
C GLU M 137 54.67 11.21 40.72
N LEU M 138 55.86 10.61 40.73
CA LEU M 138 56.71 10.50 39.56
C LEU M 138 56.99 9.03 39.27
N TYR M 139 56.92 8.67 37.98
CA TYR M 139 57.17 7.30 37.53
C TYR M 139 58.23 7.32 36.45
N ARG M 140 59.11 6.31 36.47
CA ARG M 140 60.18 6.19 35.49
C ARG M 140 60.03 4.86 34.75
N ILE M 141 60.14 4.91 33.43
CA ILE M 141 60.04 3.73 32.58
C ILE M 141 61.28 3.64 31.71
N THR M 142 61.91 2.47 31.71
CA THR M 142 63.15 2.25 30.96
C THR M 142 62.85 1.62 29.61
N TYR M 143 63.93 1.28 28.89
CA TYR M 143 63.80 0.78 27.53
C TYR M 143 63.16 -0.60 27.47
N ASP M 144 63.40 -1.45 28.47
CA ASP M 144 62.86 -2.80 28.48
C ASP M 144 61.45 -2.87 29.05
N GLY M 145 60.90 -1.75 29.50
CA GLY M 145 59.58 -1.73 30.09
C GLY M 145 59.54 -1.74 31.61
N SER M 146 60.69 -1.60 32.27
CA SER M 146 60.71 -1.58 33.73
C SER M 146 59.99 -0.33 34.24
N ILE M 147 59.27 -0.49 35.35
CA ILE M 147 58.57 0.63 35.97
C ILE M 147 59.03 0.78 37.41
N ALA M 148 59.05 2.02 37.88
CA ALA M 148 59.51 2.32 39.23
C ALA M 148 58.86 3.61 39.70
N ASP M 149 58.84 3.79 41.02
CA ASP M 149 58.28 4.97 41.66
C ASP M 149 59.39 5.74 42.35
N GLU M 150 59.52 7.03 42.02
CA GLU M 150 60.56 7.88 42.57
C GLU M 150 59.93 8.99 43.39
N PRO M 151 60.35 9.18 44.64
CA PRO M 151 59.63 10.11 45.53
C PRO M 151 59.87 11.58 45.22
N HIS M 152 61.11 11.98 44.95
CA HIS M 152 61.45 13.40 44.85
C HIS M 152 61.85 13.82 43.43
N PHE M 153 62.86 13.17 42.84
CA PHE M 153 63.37 13.62 41.55
C PHE M 153 63.61 12.43 40.64
N VAL M 154 63.61 12.70 39.34
CA VAL M 154 63.90 11.72 38.30
C VAL M 154 64.96 12.32 37.37
N VAL M 155 66.05 11.58 37.16
CA VAL M 155 67.13 12.02 36.29
C VAL M 155 67.38 10.96 35.24
N MET M 156 67.44 11.38 33.97
CA MET M 156 67.59 10.45 32.86
C MET M 156 68.47 11.09 31.78
N GLY M 157 69.07 10.24 30.96
CA GLY M 157 69.81 10.70 29.80
C GLY M 157 71.29 10.93 30.02
N GLY M 158 72.12 10.12 29.37
CA GLY M 158 73.55 10.31 29.43
C GLY M 158 74.16 9.91 30.78
N THR M 159 75.30 10.54 31.07
CA THR M 159 76.03 10.29 32.31
C THR M 159 75.28 10.97 33.45
N THR M 160 74.29 10.24 33.99
CA THR M 160 73.41 10.81 34.99
C THR M 160 73.95 10.70 36.41
N GLU M 161 75.10 10.09 36.61
CA GLU M 161 75.64 9.93 37.97
C GLU M 161 75.97 11.26 38.63
N PRO M 162 76.71 12.19 38.00
CA PRO M 162 76.98 13.47 38.69
C PRO M 162 75.72 14.26 39.01
N ILE M 163 74.76 14.30 38.09
CA ILE M 163 73.51 15.03 38.35
C ILE M 163 72.70 14.34 39.44
N ALA M 164 72.71 12.99 39.44
CA ALA M 164 72.02 12.27 40.50
C ALA M 164 72.62 12.59 41.86
N ASN M 165 73.95 12.62 41.95
CA ASN M 165 74.60 12.99 43.21
C ASN M 165 74.28 14.42 43.61
N ALA M 166 74.32 15.34 42.63
CA ALA M 166 74.10 16.76 42.91
C ALA M 166 72.67 17.05 43.30
N LEU M 167 71.71 16.21 42.89
CA LEU M 167 70.33 16.36 43.33
C LEU M 167 70.03 15.57 44.60
N LYS M 168 70.77 14.49 44.85
CA LYS M 168 70.67 13.83 46.15
C LYS M 168 71.16 14.74 47.27
N GLU M 169 72.25 15.46 47.04
CA GLU M 169 72.77 16.39 48.02
C GLU M 169 72.23 17.80 47.79
N SER M 170 72.11 18.55 48.88
CA SER M 170 71.71 19.96 48.84
C SER M 170 70.34 20.15 48.20
N TYR M 171 69.41 19.22 48.44
CA TYR M 171 68.05 19.32 47.94
C TYR M 171 67.09 19.37 49.12
N ALA M 172 66.22 20.38 49.14
CA ALA M 172 65.23 20.54 50.20
C ALA M 172 63.85 20.66 49.58
N GLU M 173 62.90 19.88 50.10
CA GLU M 173 61.54 19.93 49.58
C GLU M 173 60.86 21.24 49.96
N ASN M 174 59.67 21.43 49.39
CA ASN M 174 58.81 22.59 49.65
C ASN M 174 59.47 23.89 49.19
N ALA M 175 60.42 23.80 48.27
CA ALA M 175 61.14 24.98 47.81
C ALA M 175 60.31 25.77 46.80
N SER M 176 60.71 27.02 46.60
CA SER M 176 60.02 27.89 45.64
C SER M 176 60.44 27.54 44.22
N LEU M 177 59.72 28.15 43.25
CA LEU M 177 60.03 27.91 41.85
C LEU M 177 61.43 28.40 41.49
N THR M 178 61.81 29.58 42.00
CA THR M 178 63.12 30.13 41.67
C THR M 178 64.25 29.27 42.23
N ASP M 179 64.14 28.87 43.50
CA ASP M 179 65.17 28.04 44.12
C ASP M 179 65.25 26.67 43.44
N ALA M 180 64.10 26.09 43.11
CA ALA M 180 64.10 24.80 42.41
C ALA M 180 64.75 24.91 41.05
N LEU M 181 64.45 25.99 40.31
CA LEU M 181 65.08 26.19 39.01
C LEU M 181 66.59 26.35 39.14
N ARG M 182 67.03 27.13 40.13
CA ARG M 182 68.47 27.33 40.33
C ARG M 182 69.16 26.02 40.68
N ILE M 183 68.55 25.22 41.56
CA ILE M 183 69.14 23.94 41.94
C ILE M 183 69.20 23.00 40.73
N ALA M 184 68.12 22.95 39.95
CA ALA M 184 68.11 22.09 38.77
C ALA M 184 69.17 22.49 37.76
N VAL M 185 69.32 23.79 37.51
CA VAL M 185 70.34 24.25 36.57
C VAL M 185 71.74 23.93 37.10
N ALA M 186 71.96 24.15 38.39
CA ALA M 186 73.27 23.86 38.98
C ALA M 186 73.60 22.36 38.87
N ALA M 187 72.61 21.51 39.12
CA ALA M 187 72.85 20.07 39.03
C ALA M 187 73.04 19.61 37.58
N LEU M 188 72.34 20.25 36.64
CA LEU M 188 72.52 19.91 35.23
C LEU M 188 73.91 20.32 34.74
N ARG M 189 74.40 21.48 35.19
CA ARG M 189 75.73 21.92 34.78
C ARG M 189 76.81 20.95 35.28
N ALA M 190 76.68 20.47 36.50
CA ALA M 190 77.64 19.54 37.07
C ALA M 190 77.48 18.15 36.46
N LEU M 203 74.29 28.32 29.99
CA LEU M 203 73.02 27.80 30.46
C LEU M 203 72.00 28.93 30.64
N GLY M 204 71.87 29.76 29.62
CA GLY M 204 70.96 30.90 29.65
C GLY M 204 69.57 30.54 29.17
N VAL M 205 68.87 31.54 28.64
CA VAL M 205 67.52 31.32 28.12
C VAL M 205 67.56 30.34 26.95
N ALA M 206 68.53 30.51 26.06
CA ALA M 206 68.68 29.61 24.93
C ALA M 206 69.18 28.25 25.41
N SER M 207 68.84 27.22 24.65
CA SER M 207 69.25 25.82 24.88
C SER M 207 68.67 25.24 26.17
N LEU M 208 67.69 25.91 26.78
CA LEU M 208 67.08 25.42 28.01
C LEU M 208 65.56 25.37 27.83
N GLU M 209 64.96 24.25 28.19
CA GLU M 209 63.51 24.06 28.15
C GLU M 209 63.00 23.93 29.57
N VAL M 210 62.06 24.78 29.96
CA VAL M 210 61.51 24.82 31.31
C VAL M 210 60.00 24.73 31.23
N ALA M 211 59.42 23.78 31.96
CA ALA M 211 57.98 23.63 32.07
C ALA M 211 57.63 23.21 33.48
N VAL M 212 56.43 23.60 33.93
CA VAL M 212 55.99 23.33 35.29
C VAL M 212 54.57 22.77 35.26
N LEU M 213 54.21 22.08 36.34
CA LEU M 213 52.87 21.57 36.56
C LEU M 213 52.30 22.34 37.74
N ASP M 214 51.56 23.42 37.45
CA ASP M 214 51.08 24.33 38.48
C ASP M 214 49.75 23.82 39.01
N ALA M 215 49.77 23.24 40.21
CA ALA M 215 48.54 22.76 40.85
C ALA M 215 47.61 23.89 41.22
N ASN M 216 48.10 25.14 41.27
CA ASN M 216 47.25 26.28 41.58
C ASN M 216 46.25 26.56 40.47
N ARG M 217 46.45 26.01 39.28
CA ARG M 217 45.57 26.25 38.14
C ARG M 217 44.30 25.41 38.28
N PRO M 218 43.14 25.94 37.85
CA PRO M 218 41.88 25.25 38.12
C PRO M 218 41.70 23.93 37.38
N ARG M 219 41.91 23.93 36.05
CA ARG M 219 41.70 22.73 35.25
C ARG M 219 42.98 22.22 34.63
N ARG M 220 43.70 23.04 33.86
CA ARG M 220 44.91 22.61 33.16
C ARG M 220 46.12 23.16 33.88
N ALA M 221 47.02 22.28 34.31
CA ALA M 221 48.15 22.63 35.16
C ALA M 221 49.45 22.81 34.40
N PHE M 222 49.44 22.64 33.07
CA PHE M 222 50.67 22.73 32.29
C PHE M 222 50.92 24.17 31.87
N ARG M 223 52.17 24.61 32.01
CA ARG M 223 52.55 25.97 31.65
C ARG M 223 53.98 25.95 31.11
N ARG M 224 54.24 26.80 30.12
CA ARG M 224 55.55 26.94 29.51
C ARG M 224 56.16 28.27 29.92
N ILE M 225 57.40 28.24 30.41
CA ILE M 225 58.13 29.43 30.82
C ILE M 225 59.22 29.69 29.79
N THR M 226 59.04 30.75 29.00
CA THR M 226 59.97 31.10 27.94
C THR M 226 60.05 32.61 27.83
N GLY M 227 61.14 33.09 27.23
CA GLY M 227 61.30 34.50 26.97
C GLY M 227 61.84 35.31 28.13
N SER M 228 61.31 36.51 28.32
CA SER M 228 61.80 37.39 29.39
C SER M 228 61.48 36.84 30.77
N ALA M 229 60.39 36.10 30.90
CA ALA M 229 60.04 35.52 32.21
C ALA M 229 61.10 34.53 32.66
N LEU M 230 61.59 33.69 31.74
CA LEU M 230 62.64 32.74 32.08
C LEU M 230 63.91 33.45 32.51
N GLN M 231 64.29 34.52 31.78
CA GLN M 231 65.48 35.28 32.15
C GLN M 231 65.32 35.92 33.52
N ALA M 232 64.13 36.45 33.81
CA ALA M 232 63.88 37.02 35.13
C ALA M 232 63.93 35.96 36.22
N LEU M 233 63.49 34.74 35.91
CA LEU M 233 63.55 33.66 36.91
C LEU M 233 64.99 33.34 37.30
N LEU M 234 65.89 33.29 36.33
CA LEU M 234 67.30 33.05 36.63
C LEU M 234 68.21 33.95 35.80
N SER N 8 67.92 -27.73 17.49
CA SER N 8 67.91 -28.55 18.71
C SER N 8 66.93 -27.98 19.73
N PRO N 9 65.75 -28.60 19.83
CA PRO N 9 64.77 -28.13 20.83
C PRO N 9 65.26 -28.23 22.26
N GLU N 10 66.11 -29.21 22.57
CA GLU N 10 66.59 -29.38 23.95
C GLU N 10 67.40 -28.17 24.39
N GLN N 11 68.30 -27.70 23.54
CA GLN N 11 69.13 -26.55 23.90
C GLN N 11 68.29 -25.29 24.09
N ALA N 12 67.33 -25.06 23.19
CA ALA N 12 66.47 -23.88 23.32
C ALA N 12 65.64 -23.94 24.59
N MET N 13 65.08 -25.12 24.91
CA MET N 13 64.29 -25.27 26.13
C MET N 13 65.15 -25.05 27.36
N ARG N 14 66.37 -25.59 27.37
CA ARG N 14 67.27 -25.40 28.50
C ARG N 14 67.62 -23.94 28.69
N GLU N 15 67.92 -23.23 27.59
CA GLU N 15 68.28 -21.83 27.70
C GLU N 15 67.11 -20.99 28.15
N ARG N 16 65.89 -21.29 27.66
CA ARG N 16 64.72 -20.56 28.11
C ARG N 16 64.46 -20.80 29.59
N SER N 17 64.59 -22.04 30.05
CA SER N 17 64.39 -22.35 31.46
C SER N 17 65.41 -21.64 32.33
N GLU N 18 66.68 -21.62 31.89
CA GLU N 18 67.72 -20.92 32.63
C GLU N 18 67.44 -19.42 32.70
N LEU N 19 67.01 -18.83 31.57
CA LEU N 19 66.69 -17.42 31.57
C LEU N 19 65.54 -17.10 32.52
N ALA N 20 64.49 -17.93 32.50
CA ALA N 20 63.36 -17.70 33.40
C ALA N 20 63.77 -17.85 34.85
N ARG N 21 64.59 -18.86 35.16
CA ARG N 21 65.03 -19.07 36.54
C ARG N 21 65.90 -17.91 37.03
N LYS N 22 66.80 -17.42 36.17
CA LYS N 22 67.61 -16.27 36.55
C LYS N 22 66.77 -15.02 36.72
N GLY N 23 65.74 -14.85 35.88
CA GLY N 23 64.87 -13.69 36.02
C GLY N 23 64.08 -13.71 37.32
N ILE N 24 63.52 -14.87 37.68
CA ILE N 24 62.77 -14.95 38.93
C ILE N 24 63.68 -14.92 40.14
N ALA N 25 64.94 -15.37 39.99
CA ALA N 25 65.84 -15.46 41.14
C ALA N 25 66.22 -14.10 41.70
N ARG N 26 66.31 -13.08 40.85
CA ARG N 26 66.64 -11.74 41.32
C ARG N 26 65.45 -11.02 41.93
N ALA N 27 64.24 -11.54 41.76
CA ALA N 27 63.04 -10.92 42.30
C ALA N 27 62.94 -11.16 43.81
N LYS N 28 62.07 -10.39 44.45
CA LYS N 28 61.88 -10.51 45.88
C LYS N 28 60.95 -11.69 46.20
N SER N 29 60.85 -12.01 47.48
CA SER N 29 60.09 -13.16 47.94
C SER N 29 58.71 -12.72 48.44
N VAL N 30 57.68 -13.44 48.02
CA VAL N 30 56.31 -13.22 48.48
C VAL N 30 55.80 -14.53 49.08
N VAL N 31 55.19 -14.45 50.25
CA VAL N 31 54.79 -15.62 51.02
C VAL N 31 53.28 -15.59 51.19
N ALA N 32 52.64 -16.73 50.91
CA ALA N 32 51.19 -16.89 51.06
C ALA N 32 50.92 -18.14 51.88
N LEU N 33 50.08 -18.00 52.91
CA LEU N 33 49.76 -19.11 53.80
C LEU N 33 48.31 -19.01 54.23
N ALA N 34 47.79 -20.12 54.72
CA ALA N 34 46.39 -20.22 55.14
C ALA N 34 46.33 -20.32 56.67
N TYR N 35 45.45 -19.54 57.27
CA TYR N 35 45.25 -19.53 58.71
C TYR N 35 43.79 -19.87 59.01
N ALA N 36 43.40 -19.70 60.28
CA ALA N 36 42.09 -20.14 60.73
C ALA N 36 40.95 -19.34 60.12
N GLY N 37 41.25 -18.24 59.43
CA GLY N 37 40.19 -17.41 58.87
C GLY N 37 40.34 -17.15 57.39
N GLY N 38 41.10 -17.99 56.70
CA GLY N 38 41.32 -17.80 55.27
C GLY N 38 42.78 -17.91 54.85
N VAL N 39 43.18 -17.09 53.88
CA VAL N 39 44.52 -17.10 53.34
C VAL N 39 45.13 -15.73 53.54
N LEU N 40 46.36 -15.70 54.08
CA LEU N 40 47.08 -14.46 54.34
C LEU N 40 48.19 -14.29 53.33
N PHE N 41 48.26 -13.12 52.70
CA PHE N 41 49.28 -12.80 51.73
C PHE N 41 50.22 -11.75 52.30
N VAL N 42 51.52 -12.05 52.28
CA VAL N 42 52.55 -11.13 52.75
C VAL N 42 53.59 -11.00 51.65
N ALA N 43 53.92 -9.76 51.29
CA ALA N 43 54.85 -9.51 50.19
C ALA N 43 55.81 -8.39 50.58
N GLU N 44 56.97 -8.38 49.93
CA GLU N 44 57.98 -7.33 50.09
C GLU N 44 57.78 -6.33 48.95
N ASN N 45 57.10 -5.24 49.24
CA ASN N 45 56.77 -4.25 48.22
C ASN N 45 57.01 -2.84 48.74
N PRO N 46 58.08 -2.17 48.30
CA PRO N 46 58.37 -0.83 48.85
C PRO N 46 57.40 0.24 48.37
N SER N 47 57.11 0.29 47.08
CA SER N 47 56.19 1.30 46.55
C SER N 47 54.74 0.91 46.85
N ARG N 48 53.89 1.93 46.94
CA ARG N 48 52.46 1.72 47.16
C ARG N 48 51.64 1.76 45.87
N SER N 49 52.14 2.40 44.82
CA SER N 49 51.40 2.41 43.56
C SER N 49 51.38 1.03 42.92
N LEU N 50 52.43 0.24 43.11
CA LEU N 50 52.54 -1.09 42.54
C LEU N 50 52.08 -2.12 43.57
N GLN N 51 51.17 -2.99 43.16
CA GLN N 51 50.61 -4.00 44.06
C GLN N 51 50.86 -5.39 43.47
N LYS N 52 51.50 -6.25 44.27
CA LYS N 52 51.73 -7.63 43.87
C LYS N 52 50.64 -8.58 44.32
N ILE N 53 49.69 -8.10 45.14
CA ILE N 53 48.58 -8.91 45.64
C ILE N 53 47.28 -8.22 45.22
N SER N 54 46.36 -9.00 44.67
CA SER N 54 45.10 -8.47 44.15
C SER N 54 43.98 -9.45 44.40
N GLU N 55 42.78 -9.08 43.96
CA GLU N 55 41.59 -9.90 44.08
C GLU N 55 41.04 -10.23 42.70
N LEU N 56 40.79 -11.52 42.45
CA LEU N 56 40.28 -11.98 41.17
C LEU N 56 38.77 -12.12 41.13
N TYR N 57 38.17 -12.63 42.19
CA TYR N 57 36.72 -12.76 42.26
C TYR N 57 36.28 -12.60 43.72
N ASP N 58 35.06 -13.01 44.03
CA ASP N 58 34.53 -12.85 45.37
C ASP N 58 35.35 -13.61 46.40
N ARG N 59 35.73 -14.85 46.09
CA ARG N 59 36.46 -15.69 47.03
C ARG N 59 37.83 -16.12 46.51
N VAL N 60 38.29 -15.54 45.41
CA VAL N 60 39.58 -15.90 44.81
C VAL N 60 40.57 -14.77 45.04
N GLY N 61 41.84 -15.13 45.17
CA GLY N 61 42.89 -14.15 45.36
C GLY N 61 44.02 -14.39 44.38
N PHE N 62 44.84 -13.35 44.22
CA PHE N 62 45.96 -13.38 43.27
C PHE N 62 47.24 -12.97 43.97
N ALA N 63 48.34 -13.59 43.56
CA ALA N 63 49.67 -13.25 44.07
C ALA N 63 50.70 -13.67 43.02
N ALA N 64 51.74 -12.86 42.86
CA ALA N 64 52.74 -13.12 41.83
C ALA N 64 54.04 -12.44 42.21
N ALA N 65 55.11 -12.86 41.54
CA ALA N 65 56.44 -12.29 41.73
C ALA N 65 57.18 -12.31 40.41
N GLY N 66 57.90 -11.23 40.12
CA GLY N 66 58.65 -11.12 38.89
C GLY N 66 58.49 -9.78 38.22
N LYS N 67 58.53 -9.76 36.88
CA LYS N 67 58.37 -8.52 36.14
C LYS N 67 56.93 -8.02 36.27
N PHE N 68 56.78 -6.74 36.58
CA PHE N 68 55.47 -6.20 36.95
C PHE N 68 54.47 -6.29 35.80
N ASN N 69 54.91 -5.93 34.59
CA ASN N 69 53.98 -5.87 33.46
C ASN N 69 53.41 -7.24 33.10
N GLU N 70 54.24 -8.28 33.18
CA GLU N 70 53.79 -9.62 32.79
C GLU N 70 52.65 -10.12 33.68
N PHE N 71 52.86 -10.10 35.00
CA PHE N 71 51.78 -10.57 35.86
C PHE N 71 50.65 -9.55 35.99
N ASP N 72 50.90 -8.28 35.67
CA ASP N 72 49.80 -7.33 35.54
C ASP N 72 48.86 -7.73 34.40
N ASN N 73 49.45 -8.09 33.26
CA ASN N 73 48.65 -8.56 32.13
C ASN N 73 47.93 -9.85 32.47
N LEU N 74 48.62 -10.78 33.14
CA LEU N 74 48.00 -12.03 33.55
C LEU N 74 46.83 -11.78 34.50
N ARG N 75 47.01 -10.85 35.44
CA ARG N 75 45.94 -10.48 36.37
C ARG N 75 44.75 -9.90 35.64
N ARG N 76 44.98 -9.00 34.68
CA ARG N 76 43.87 -8.42 33.94
C ARG N 76 43.11 -9.48 33.15
N GLY N 77 43.84 -10.39 32.50
CA GLY N 77 43.20 -11.47 31.79
C GLY N 77 42.40 -12.38 32.70
N GLY N 78 42.94 -12.70 33.88
CA GLY N 78 42.21 -13.50 34.83
C GLY N 78 40.95 -12.84 35.32
N ILE N 79 41.01 -11.54 35.60
CA ILE N 79 39.81 -10.80 36.01
C ILE N 79 38.76 -10.83 34.90
N GLN N 80 39.17 -10.60 33.65
CA GLN N 80 38.20 -10.61 32.57
C GLN N 80 37.57 -12.00 32.42
N PHE N 81 38.39 -13.05 32.50
CA PHE N 81 37.87 -14.41 32.40
C PHE N 81 36.88 -14.70 33.52
N ALA N 82 37.23 -14.33 34.75
CA ALA N 82 36.37 -14.61 35.89
C ALA N 82 35.04 -13.87 35.76
N ASP N 83 35.09 -12.59 35.38
CA ASP N 83 33.85 -11.82 35.24
C ASP N 83 32.97 -12.35 34.12
N THR N 84 33.58 -12.70 32.98
CA THR N 84 32.79 -13.25 31.87
C THR N 84 32.16 -14.59 32.25
N ARG N 85 32.91 -15.46 32.93
CA ARG N 85 32.35 -16.74 33.35
C ARG N 85 31.24 -16.55 34.37
N GLY N 86 31.40 -15.60 35.30
CA GLY N 86 30.35 -15.34 36.27
C GLY N 86 29.10 -14.78 35.63
N TYR N 87 29.25 -13.89 34.66
CA TYR N 87 28.09 -13.35 33.96
C TYR N 87 27.43 -14.39 33.06
N ALA N 88 28.20 -15.37 32.59
CA ALA N 88 27.67 -16.37 31.68
C ALA N 88 26.74 -17.35 32.41
N TYR N 89 27.29 -18.07 33.40
CA TYR N 89 26.52 -19.09 34.11
C TYR N 89 25.97 -18.58 35.44
N ASP N 90 26.85 -18.17 36.35
CA ASP N 90 26.46 -17.72 37.68
C ASP N 90 27.71 -17.25 38.42
N ARG N 91 27.48 -16.49 39.50
CA ARG N 91 28.60 -16.04 40.33
C ARG N 91 29.16 -17.18 41.18
N ARG N 92 28.35 -18.18 41.50
CA ARG N 92 28.77 -19.30 42.33
C ARG N 92 29.39 -20.43 41.52
N ASP N 93 29.49 -20.28 40.19
CA ASP N 93 30.06 -21.31 39.33
C ASP N 93 31.51 -21.04 38.98
N VAL N 94 32.16 -20.07 39.64
CA VAL N 94 33.55 -19.73 39.41
C VAL N 94 34.38 -20.23 40.57
N THR N 95 35.40 -21.03 40.28
CA THR N 95 36.31 -21.57 41.27
C THR N 95 37.75 -21.24 40.87
N GLY N 96 38.64 -21.28 41.87
CA GLY N 96 40.04 -21.02 41.63
C GLY N 96 40.72 -22.07 40.78
N ARG N 97 40.15 -23.28 40.70
CA ARG N 97 40.72 -24.32 39.87
C ARG N 97 40.70 -23.92 38.40
N GLN N 98 39.59 -23.35 37.93
CA GLN N 98 39.50 -22.90 36.54
C GLN N 98 40.53 -21.81 36.24
N LEU N 99 40.68 -20.85 37.15
CA LEU N 99 41.66 -19.80 36.96
C LEU N 99 43.07 -20.35 36.92
N ALA N 100 43.38 -21.29 37.81
CA ALA N 100 44.71 -21.89 37.83
C ALA N 100 44.97 -22.66 36.54
N ASN N 101 43.95 -23.37 36.04
CA ASN N 101 44.11 -24.13 34.80
C ASN N 101 44.35 -23.21 33.61
N VAL N 102 43.54 -22.15 33.48
CA VAL N 102 43.72 -21.24 32.36
C VAL N 102 45.06 -20.52 32.47
N TYR N 103 45.51 -20.20 33.70
CA TYR N 103 46.81 -19.59 33.87
C TYR N 103 47.93 -20.53 33.45
N ALA N 104 47.81 -21.81 33.80
CA ALA N 104 48.80 -22.79 33.38
C ALA N 104 48.86 -22.91 31.86
N GLN N 105 47.69 -22.98 31.21
CA GLN N 105 47.67 -23.05 29.76
C GLN N 105 48.30 -21.81 29.11
N THR N 106 47.95 -20.62 29.63
CA THR N 106 48.50 -19.40 29.05
C THR N 106 50.01 -19.31 29.24
N LEU N 107 50.50 -19.69 30.43
CA LEU N 107 51.94 -19.67 30.67
C LEU N 107 52.67 -20.69 29.80
N GLY N 108 52.08 -21.87 29.62
CA GLY N 108 52.68 -22.84 28.73
C GLY N 108 52.73 -22.36 27.29
N THR N 109 51.65 -21.74 26.81
CA THR N 109 51.63 -21.21 25.46
C THR N 109 52.67 -20.10 25.29
N ILE N 110 52.82 -19.24 26.30
CA ILE N 110 53.84 -18.20 26.25
C ILE N 110 55.23 -18.81 26.23
N PHE N 111 55.46 -19.83 27.07
CA PHE N 111 56.77 -20.46 27.11
C PHE N 111 57.11 -21.12 25.79
N THR N 112 56.10 -21.66 25.10
CA THR N 112 56.35 -22.40 23.87
C THR N 112 56.48 -21.49 22.66
N GLU N 113 55.49 -20.64 22.40
CA GLU N 113 55.38 -19.88 21.16
C GLU N 113 55.63 -18.38 21.35
N GLN N 114 56.62 -18.02 22.17
CA GLN N 114 57.00 -16.62 22.31
C GLN N 114 58.53 -16.52 22.32
N ALA N 115 59.02 -15.36 21.88
CA ALA N 115 60.47 -15.15 21.81
C ALA N 115 61.11 -15.22 23.19
N LYS N 116 60.49 -14.62 24.20
CA LYS N 116 61.03 -14.59 25.55
C LYS N 116 60.00 -15.18 26.52
N PRO N 117 60.35 -16.20 27.29
CA PRO N 117 59.40 -16.76 28.26
C PRO N 117 59.11 -15.78 29.38
N TYR N 118 57.91 -15.92 29.96
CA TYR N 118 57.49 -15.03 31.03
C TYR N 118 58.20 -15.38 32.34
N GLU N 119 58.77 -14.37 32.98
CA GLU N 119 59.51 -14.53 34.23
C GLU N 119 58.61 -14.26 35.44
N VAL N 120 57.55 -15.07 35.56
CA VAL N 120 56.54 -14.87 36.60
C VAL N 120 56.25 -16.20 37.28
N GLU N 121 55.66 -16.10 38.47
CA GLU N 121 55.24 -17.27 39.24
C GLU N 121 53.98 -16.87 40.00
N LEU N 122 52.85 -17.46 39.64
CA LEU N 122 51.55 -17.06 40.16
C LEU N 122 51.05 -18.06 41.19
N CYS N 123 50.21 -17.57 42.11
CA CYS N 123 49.53 -18.40 43.08
C CYS N 123 48.06 -18.01 43.12
N VAL N 124 47.17 -19.01 43.12
CA VAL N 124 45.74 -18.80 43.18
C VAL N 124 45.23 -19.42 44.48
N ALA N 125 44.58 -18.60 45.31
CA ALA N 125 44.07 -19.04 46.60
C ALA N 125 42.57 -18.82 46.65
N GLU N 126 41.82 -19.88 46.94
CA GLU N 126 40.38 -19.82 47.06
C GLU N 126 39.97 -20.21 48.47
N VAL N 127 38.89 -19.59 48.96
CA VAL N 127 38.38 -19.84 50.30
C VAL N 127 36.93 -20.30 50.18
N ALA N 128 36.39 -20.75 51.31
CA ALA N 128 35.03 -21.28 51.34
C ALA N 128 34.01 -20.14 51.24
N HIS N 129 32.82 -20.48 50.73
CA HIS N 129 31.74 -19.52 50.69
C HIS N 129 31.17 -19.28 52.08
N TYR N 130 30.57 -18.10 52.27
CA TYR N 130 30.04 -17.73 53.58
C TYR N 130 28.96 -18.72 54.01
N GLY N 131 29.03 -19.12 55.28
CA GLY N 131 28.11 -20.10 55.81
C GLY N 131 28.43 -21.53 55.47
N GLU N 132 29.59 -21.79 54.87
CA GLU N 132 29.99 -23.13 54.47
C GLU N 132 31.41 -23.39 54.95
N THR N 133 31.65 -24.60 55.45
CA THR N 133 32.95 -25.00 55.97
C THR N 133 33.70 -25.82 54.91
N LYS N 134 34.92 -25.39 54.61
CA LYS N 134 35.79 -26.05 53.64
C LYS N 134 37.19 -25.51 53.82
N ARG N 135 38.21 -26.38 53.49
CA ARG N 135 39.58 -25.98 53.72
C ARG N 135 40.10 -25.14 52.55
N PRO N 136 40.93 -24.14 52.84
CA PRO N 136 41.50 -23.31 51.76
C PRO N 136 42.35 -24.14 50.80
N GLU N 137 42.31 -23.75 49.53
CA GLU N 137 43.04 -24.44 48.47
C GLU N 137 44.00 -23.46 47.81
N LEU N 138 45.26 -23.88 47.68
CA LEU N 138 46.30 -23.06 47.07
C LEU N 138 46.90 -23.78 45.88
N TYR N 139 47.12 -23.04 44.78
CA TYR N 139 47.69 -23.59 43.57
C TYR N 139 48.90 -22.76 43.16
N ARG N 140 49.94 -23.42 42.66
CA ARG N 140 51.16 -22.76 42.23
C ARG N 140 51.39 -23.06 40.75
N ILE N 141 51.70 -22.02 39.98
CA ILE N 141 51.97 -22.15 38.54
C ILE N 141 53.34 -21.55 38.26
N THR N 142 54.18 -22.30 37.56
CA THR N 142 55.53 -21.88 37.24
C THR N 142 55.60 -21.26 35.85
N TYR N 143 56.82 -20.94 35.42
CA TYR N 143 57.01 -20.22 34.16
C TYR N 143 56.67 -21.08 32.95
N ASP N 144 56.90 -22.39 33.01
CA ASP N 144 56.63 -23.28 31.90
C ASP N 144 55.19 -23.75 31.85
N GLY N 145 54.37 -23.37 32.82
CA GLY N 145 53.00 -23.81 32.86
C GLY N 145 52.71 -24.97 33.79
N SER N 146 53.68 -25.38 34.61
CA SER N 146 53.45 -26.47 35.54
C SER N 146 52.43 -26.06 36.59
N ILE N 147 51.59 -26.99 37.00
CA ILE N 147 50.58 -26.74 38.02
C ILE N 147 50.78 -27.74 39.16
N ALA N 148 50.47 -27.28 40.38
CA ALA N 148 50.64 -28.12 41.57
C ALA N 148 49.68 -27.64 42.65
N ASP N 149 49.41 -28.53 43.60
CA ASP N 149 48.54 -28.24 44.72
C ASP N 149 49.35 -28.26 46.02
N GLU N 150 49.28 -27.18 46.79
CA GLU N 150 50.03 -27.04 48.01
C GLU N 150 49.07 -26.94 49.20
N PRO N 151 49.24 -27.77 50.23
CA PRO N 151 48.22 -27.83 51.28
C PRO N 151 48.21 -26.64 52.23
N HIS N 152 49.39 -26.18 52.67
CA HIS N 152 49.45 -25.18 53.73
C HIS N 152 49.99 -23.83 53.24
N PHE N 153 51.19 -23.80 52.66
CA PHE N 153 51.82 -22.54 52.31
C PHE N 153 52.43 -22.62 50.92
N VAL N 154 52.59 -21.44 50.30
CA VAL N 154 53.23 -21.30 49.01
C VAL N 154 54.29 -20.21 49.12
N VAL N 155 55.52 -20.51 48.72
CA VAL N 155 56.63 -19.58 48.79
C VAL N 155 57.25 -19.47 47.40
N MET N 156 57.43 -18.23 46.92
CA MET N 156 57.94 -17.99 45.59
C MET N 156 58.83 -16.76 45.60
N GLY N 157 59.73 -16.69 44.61
CA GLY N 157 60.54 -15.50 44.41
C GLY N 157 61.89 -15.53 45.08
N GLY N 158 62.96 -15.56 44.28
CA GLY N 158 64.30 -15.48 44.83
C GLY N 158 64.74 -16.76 45.53
N THR N 159 65.67 -16.58 46.47
CA THR N 159 66.22 -17.67 47.26
C THR N 159 65.18 -18.11 48.28
N THR N 160 64.28 -18.99 47.85
CA THR N 160 63.14 -19.38 48.67
C THR N 160 63.45 -20.53 49.62
N GLU N 161 64.66 -21.08 49.58
CA GLU N 161 64.98 -22.21 50.45
C GLU N 161 64.94 -21.85 51.93
N PRO N 162 65.58 -20.77 52.41
CA PRO N 162 65.47 -20.46 53.85
C PRO N 162 64.05 -20.18 54.31
N ILE N 163 63.27 -19.47 53.51
CA ILE N 163 61.89 -19.18 53.90
C ILE N 163 61.06 -20.46 53.87
N ALA N 164 61.31 -21.33 52.90
CA ALA N 164 60.61 -22.61 52.85
C ALA N 164 60.92 -23.45 54.09
N ASN N 165 62.18 -23.49 54.51
CA ASN N 165 62.52 -24.22 55.74
C ASN N 165 61.87 -23.57 56.96
N ALA N 166 61.90 -22.24 57.03
CA ALA N 166 61.37 -21.54 58.20
C ALA N 166 59.85 -21.63 58.29
N LEU N 167 59.17 -21.87 57.18
CA LEU N 167 57.73 -22.10 57.21
C LEU N 167 57.38 -23.58 57.34
N LYS N 168 58.26 -24.48 56.91
CA LYS N 168 58.09 -25.90 57.20
C LYS N 168 58.19 -26.15 58.70
N GLU N 169 59.14 -25.51 59.36
CA GLU N 169 59.31 -25.65 60.80
C GLU N 169 58.55 -24.56 61.55
N SER N 170 58.11 -24.89 62.76
CA SER N 170 57.45 -23.96 63.66
C SER N 170 56.19 -23.34 63.05
N TYR N 171 55.44 -24.13 62.29
CA TYR N 171 54.18 -23.68 61.71
C TYR N 171 53.05 -24.55 62.24
N ALA N 172 52.01 -23.91 62.76
CA ALA N 172 50.85 -24.60 63.31
C ALA N 172 49.59 -24.06 62.65
N GLU N 173 48.74 -24.95 62.16
CA GLU N 173 47.50 -24.53 61.53
C GLU N 173 46.53 -23.96 62.56
N ASN N 174 45.44 -23.41 62.05
CA ASN N 174 44.34 -22.86 62.84
C ASN N 174 44.80 -21.66 63.67
N ALA N 175 45.89 -21.02 63.28
CA ALA N 175 46.44 -19.89 64.03
C ALA N 175 45.65 -18.62 63.77
N SER N 176 45.82 -17.65 64.66
CA SER N 176 45.15 -16.37 64.52
C SER N 176 45.85 -15.50 63.47
N LEU N 177 45.22 -14.38 63.14
CA LEU N 177 45.78 -13.47 62.15
C LEU N 177 47.11 -12.88 62.64
N THR N 178 47.16 -12.50 63.92
CA THR N 178 48.38 -11.89 64.46
C THR N 178 49.54 -12.88 64.46
N ASP N 179 49.30 -14.10 64.93
CA ASP N 179 50.35 -15.10 64.97
C ASP N 179 50.81 -15.48 63.57
N ALA N 180 49.86 -15.61 62.64
CA ALA N 180 50.22 -15.91 61.25
C ALA N 180 51.06 -14.80 60.64
N LEU N 181 50.68 -13.54 60.90
CA LEU N 181 51.47 -12.42 60.38
C LEU N 181 52.87 -12.43 60.97
N ARG N 182 52.98 -12.66 62.28
CA ARG N 182 54.31 -12.69 62.91
C ARG N 182 55.17 -13.80 62.34
N ILE N 183 54.59 -14.99 62.15
CA ILE N 183 55.34 -16.12 61.60
C ILE N 183 55.77 -15.82 60.17
N ALA N 184 54.88 -15.24 59.37
CA ALA N 184 55.22 -14.92 57.98
C ALA N 184 56.34 -13.89 57.92
N VAL N 185 56.28 -12.86 58.76
CA VAL N 185 57.33 -11.84 58.75
C VAL N 185 58.66 -12.45 59.20
N ALA N 186 58.62 -13.29 60.24
CA ALA N 186 59.84 -13.92 60.72
C ALA N 186 60.47 -14.81 59.65
N ALA N 187 59.64 -15.55 58.92
CA ALA N 187 60.16 -16.43 57.87
C ALA N 187 60.67 -15.62 56.67
N LEU N 188 60.03 -14.49 56.36
CA LEU N 188 60.50 -13.64 55.28
C LEU N 188 61.84 -13.00 55.62
N ARG N 189 62.02 -12.59 56.89
CA ARG N 189 63.29 -12.00 57.29
C ARG N 189 64.43 -13.00 57.15
N ALA N 190 64.20 -14.25 57.54
CA ALA N 190 65.22 -15.29 57.46
C ALA N 190 65.43 -15.72 56.01
N LEU N 203 61.46 -4.19 58.61
CA LEU N 203 60.24 -4.89 58.20
C LEU N 203 59.01 -4.29 58.89
N GLY N 204 58.89 -2.97 58.83
CA GLY N 204 57.79 -2.26 59.45
C GLY N 204 56.60 -2.13 58.53
N VAL N 205 55.81 -1.07 58.75
CA VAL N 205 54.64 -0.82 57.93
C VAL N 205 55.06 -0.57 56.48
N ALA N 206 56.11 0.23 56.29
CA ALA N 206 56.61 0.49 54.95
C ALA N 206 57.28 -0.76 54.38
N SER N 207 57.29 -0.85 53.05
CA SER N 207 57.89 -1.93 52.28
C SER N 207 57.24 -3.29 52.53
N LEU N 208 56.07 -3.32 53.14
CA LEU N 208 55.36 -4.57 53.40
C LEU N 208 53.93 -4.46 52.88
N GLU N 209 53.51 -5.47 52.12
CA GLU N 209 52.15 -5.56 51.60
C GLU N 209 51.45 -6.73 52.27
N VAL N 210 50.31 -6.47 52.90
CA VAL N 210 49.55 -7.47 53.63
C VAL N 210 48.11 -7.47 53.13
N ALA N 211 47.62 -8.65 52.75
CA ALA N 211 46.24 -8.82 52.34
C ALA N 211 45.74 -10.17 52.83
N VAL N 212 44.44 -10.25 53.09
CA VAL N 212 43.83 -11.46 53.64
C VAL N 212 42.58 -11.80 52.84
N LEU N 213 42.19 -13.07 52.93
CA LEU N 213 40.95 -13.57 52.35
C LEU N 213 40.05 -13.97 53.52
N ASP N 214 39.18 -13.05 53.93
CA ASP N 214 38.36 -13.23 55.14
C ASP N 214 37.09 -13.97 54.76
N ALA N 215 37.03 -15.26 55.09
CA ALA N 215 35.84 -16.05 54.83
C ALA N 215 34.64 -15.60 55.65
N ASN N 216 34.87 -14.83 56.73
CA ASN N 216 33.77 -14.32 57.54
C ASN N 216 32.94 -13.28 56.80
N ARG N 217 33.44 -12.74 55.69
CA ARG N 217 32.72 -11.73 54.94
C ARG N 217 31.64 -12.37 54.08
N PRO N 218 30.49 -11.70 53.90
CA PRO N 218 29.34 -12.36 53.25
C PRO N 218 29.56 -12.65 51.77
N ARG N 219 29.98 -11.65 51.00
CA ARG N 219 30.13 -11.82 49.55
C ARG N 219 31.58 -11.68 49.10
N ARG N 220 32.24 -10.56 49.40
CA ARG N 220 33.61 -10.31 48.96
C ARG N 220 34.55 -10.49 50.13
N ALA N 221 35.52 -11.41 49.96
CA ALA N 221 36.40 -11.82 51.05
C ALA N 221 37.75 -11.12 51.04
N PHE N 222 38.01 -10.23 50.08
CA PHE N 222 39.30 -9.57 49.96
C PHE N 222 39.34 -8.31 50.82
N ARG N 223 40.44 -8.14 51.55
CA ARG N 223 40.61 -6.99 52.42
C ARG N 223 42.08 -6.58 52.43
N ARG N 224 42.33 -5.28 52.49
CA ARG N 224 43.67 -4.73 52.55
C ARG N 224 43.93 -4.18 53.94
N ILE N 225 45.07 -4.56 54.53
CA ILE N 225 45.47 -4.10 55.85
C ILE N 225 46.64 -3.14 55.67
N THR N 226 46.39 -1.87 55.91
CA THR N 226 47.40 -0.83 55.73
C THR N 226 47.20 0.25 56.80
N GLY N 227 48.27 1.01 57.04
CA GLY N 227 48.19 2.13 57.97
C GLY N 227 48.38 1.76 59.42
N SER N 228 47.59 2.41 60.30
CA SER N 228 47.72 2.17 61.73
C SER N 228 47.30 0.76 62.12
N ALA N 229 46.35 0.17 61.38
CA ALA N 229 45.92 -1.19 61.69
C ALA N 229 47.05 -2.18 61.50
N LEU N 230 47.85 -2.03 60.44
CA LEU N 230 48.99 -2.92 60.22
C LEU N 230 50.01 -2.76 61.34
N GLN N 231 50.29 -1.53 61.76
CA GLN N 231 51.23 -1.31 62.85
C GLN N 231 50.73 -1.94 64.14
N ALA N 232 49.43 -1.81 64.41
CA ALA N 232 48.86 -2.44 65.60
C ALA N 232 48.93 -3.96 65.52
N LEU N 233 48.80 -4.52 64.32
CA LEU N 233 48.89 -5.97 64.16
C LEU N 233 50.28 -6.49 64.55
N LEU N 234 51.33 -5.78 64.13
CA LEU N 234 52.69 -6.16 64.50
C LEU N 234 53.53 -4.95 64.86
N ALA O 1 -2.46 -28.29 23.68
CA ALA O 1 -1.21 -28.40 24.43
C ALA O 1 -1.33 -27.73 25.79
N THR O 2 -1.17 -28.51 26.85
CA THR O 2 -1.21 -27.99 28.20
C THR O 2 -0.25 -28.78 29.09
N ILE O 3 0.62 -28.07 29.80
CA ILE O 3 1.57 -28.68 30.72
C ILE O 3 1.42 -28.02 32.07
N VAL O 4 1.26 -28.82 33.12
CA VAL O 4 1.05 -28.32 34.47
C VAL O 4 2.15 -28.83 35.38
N ALA O 5 2.42 -28.06 36.44
CA ALA O 5 3.42 -28.44 37.43
C ALA O 5 3.09 -27.75 38.74
N LEU O 6 3.10 -28.51 39.83
CA LEU O 6 2.80 -27.97 41.14
C LEU O 6 3.77 -28.55 42.17
N LYS O 7 3.87 -27.86 43.30
CA LYS O 7 4.83 -28.19 44.35
C LYS O 7 4.11 -28.86 45.51
N TYR O 8 4.68 -29.94 46.00
CA TYR O 8 4.21 -30.67 47.18
C TYR O 8 5.36 -30.83 48.15
N PRO O 9 5.07 -30.99 49.44
CA PRO O 9 6.16 -31.13 50.43
C PRO O 9 7.07 -32.30 50.14
N GLY O 10 8.34 -32.01 49.83
CA GLY O 10 9.32 -33.03 49.56
C GLY O 10 9.61 -33.31 48.10
N GLY O 11 9.05 -32.54 47.18
CA GLY O 11 9.30 -32.79 45.77
C GLY O 11 8.48 -31.87 44.89
N VAL O 12 8.41 -32.24 43.62
CA VAL O 12 7.66 -31.48 42.63
C VAL O 12 7.20 -32.43 41.53
N VAL O 13 6.00 -32.21 41.02
CA VAL O 13 5.42 -33.05 39.98
C VAL O 13 5.27 -32.22 38.70
N MET O 14 5.19 -32.92 37.58
CA MET O 14 5.10 -32.27 36.27
C MET O 14 4.37 -33.20 35.32
N ALA O 15 3.39 -32.67 34.58
CA ALA O 15 2.58 -33.48 33.68
C ALA O 15 2.14 -32.63 32.49
N GLY O 16 1.77 -33.30 31.41
CA GLY O 16 1.32 -32.64 30.20
C GLY O 16 0.42 -33.55 29.39
N ASP O 17 -0.28 -32.93 28.44
CA ASP O 17 -1.22 -33.66 27.61
C ASP O 17 -0.49 -34.38 26.48
N ARG O 18 -1.27 -35.08 25.64
CA ARG O 18 -0.74 -35.90 24.55
C ARG O 18 -1.50 -35.64 23.26
N ARG O 19 -1.70 -34.37 22.92
CA ARG O 19 -2.42 -34.02 21.70
C ARG O 19 -1.60 -33.05 20.86
N SER O 20 -1.53 -33.34 19.55
CA SER O 20 -0.93 -32.44 18.57
C SER O 20 -1.96 -32.16 17.49
N THR O 21 -2.18 -30.88 17.20
CA THR O 21 -3.22 -30.47 16.27
C THR O 21 -2.63 -29.54 15.21
N GLN O 22 -2.89 -29.83 13.94
CA GLN O 22 -2.45 -28.99 12.83
C GLN O 22 -3.62 -28.10 12.40
N GLY O 23 -3.79 -27.00 13.13
CA GLY O 23 -4.90 -26.10 12.87
C GLY O 23 -6.15 -26.51 13.62
N ASN O 24 -7.05 -27.23 12.96
CA ASN O 24 -8.23 -27.78 13.59
C ASN O 24 -8.32 -29.29 13.44
N MET O 25 -7.41 -29.91 12.70
CA MET O 25 -7.39 -31.35 12.50
C MET O 25 -6.38 -32.00 13.45
N ILE O 26 -6.76 -33.13 14.02
CA ILE O 26 -5.91 -33.83 14.97
C ILE O 26 -4.85 -34.61 14.21
N SER O 27 -3.58 -34.41 14.58
CA SER O 27 -2.46 -35.09 13.96
C SER O 27 -1.82 -36.15 14.84
N GLY O 28 -1.74 -35.91 16.15
CA GLY O 28 -1.16 -36.88 17.06
C GLY O 28 -2.08 -37.14 18.23
N ARG O 29 -1.96 -38.35 18.80
CA ARG O 29 -2.81 -38.78 19.89
C ARG O 29 -2.05 -39.17 21.16
N ASP O 30 -0.74 -39.39 21.08
CA ASP O 30 0.06 -39.73 22.26
C ASP O 30 1.40 -39.01 22.25
N VAL O 31 1.39 -37.74 21.84
CA VAL O 31 2.64 -36.97 21.75
C VAL O 31 3.18 -36.71 23.14
N ARG O 32 4.48 -36.94 23.32
CA ARG O 32 5.15 -36.73 24.60
C ARG O 32 5.77 -35.34 24.62
N LYS O 33 5.48 -34.58 25.67
CA LYS O 33 5.95 -33.21 25.80
C LYS O 33 6.74 -32.95 27.08
N VAL O 34 6.86 -33.93 27.97
CA VAL O 34 7.61 -33.79 29.21
C VAL O 34 8.86 -34.65 29.10
N TYR O 35 10.02 -34.04 29.30
CA TYR O 35 11.30 -34.71 29.14
C TYR O 35 12.15 -34.48 30.39
N ILE O 36 13.08 -35.41 30.62
CA ILE O 36 14.00 -35.35 31.75
C ILE O 36 15.37 -34.95 31.21
N THR O 37 15.87 -33.80 31.65
CA THR O 37 17.18 -33.33 31.18
C THR O 37 18.31 -34.03 31.92
N ASP O 38 18.27 -34.01 33.24
CA ASP O 38 19.26 -34.69 34.07
C ASP O 38 18.58 -35.14 35.36
N ASP O 39 19.38 -35.46 36.38
CA ASP O 39 18.89 -36.20 37.53
C ASP O 39 17.83 -35.43 38.30
N TYR O 40 18.01 -34.12 38.49
CA TYR O 40 17.20 -33.38 39.46
C TYR O 40 16.36 -32.27 38.84
N THR O 41 16.04 -32.35 37.55
CA THR O 41 15.08 -31.42 36.97
C THR O 41 14.54 -31.99 35.66
N ALA O 42 13.32 -31.56 35.32
CA ALA O 42 12.67 -31.94 34.08
C ALA O 42 12.05 -30.69 33.44
N THR O 43 11.91 -30.72 32.13
CA THR O 43 11.41 -29.58 31.38
C THR O 43 10.24 -29.98 30.49
N GLY O 44 9.39 -29.01 30.19
CA GLY O 44 8.27 -29.22 29.30
C GLY O 44 8.02 -28.00 28.42
N ILE O 45 7.95 -28.22 27.11
CA ILE O 45 7.85 -27.13 26.14
C ILE O 45 6.52 -27.26 25.41
N ALA O 46 5.79 -26.15 25.34
CA ALA O 46 4.51 -26.09 24.65
C ALA O 46 4.64 -25.19 23.42
N GLY O 47 4.15 -25.67 22.28
CA GLY O 47 4.24 -24.93 21.04
C GLY O 47 4.58 -25.80 19.86
N THR O 48 5.46 -25.31 18.98
CA THR O 48 5.89 -26.10 17.83
C THR O 48 6.74 -27.27 18.29
N ALA O 49 6.38 -28.48 17.84
CA ALA O 49 7.11 -29.67 18.24
C ALA O 49 8.54 -29.66 17.69
N ALA O 50 8.70 -29.22 16.44
CA ALA O 50 10.03 -29.21 15.83
C ALA O 50 11.01 -28.35 16.62
N VAL O 51 10.52 -27.27 17.24
CA VAL O 51 11.39 -26.47 18.10
C VAL O 51 11.48 -27.08 19.50
N ALA O 52 10.41 -27.73 19.96
CA ALA O 52 10.39 -28.23 21.33
C ALA O 52 11.39 -29.37 21.53
N VAL O 53 11.39 -30.36 20.63
CA VAL O 53 12.32 -31.47 20.76
C VAL O 53 13.76 -30.99 20.62
N GLU O 54 13.99 -30.06 19.69
CA GLU O 54 15.33 -29.51 19.52
C GLU O 54 15.80 -28.79 20.79
N PHE O 55 14.91 -27.99 21.39
CA PHE O 55 15.28 -27.29 22.62
C PHE O 55 15.58 -28.26 23.75
N ALA O 56 14.75 -29.30 23.91
CA ALA O 56 15.01 -30.29 24.96
C ALA O 56 16.35 -30.98 24.77
N ARG O 57 16.62 -31.45 23.54
CA ARG O 57 17.88 -32.12 23.28
C ARG O 57 19.06 -31.19 23.50
N LEU O 58 18.97 -29.96 23.01
CA LEU O 58 20.08 -29.01 23.15
C LEU O 58 20.33 -28.68 24.62
N TYR O 59 19.28 -28.48 25.40
CA TYR O 59 19.44 -28.18 26.83
C TYR O 59 20.11 -29.34 27.54
N ALA O 60 19.67 -30.56 27.28
CA ALA O 60 20.28 -31.73 27.90
C ALA O 60 21.75 -31.86 27.50
N VAL O 61 22.05 -31.65 26.21
CA VAL O 61 23.42 -31.77 25.73
C VAL O 61 24.31 -30.72 26.38
N GLU O 62 23.81 -29.48 26.49
CA GLU O 62 24.61 -28.43 27.11
C GLU O 62 24.89 -28.73 28.57
N LEU O 63 23.87 -29.18 29.30
CA LEU O 63 24.07 -29.51 30.71
C LEU O 63 25.08 -30.63 30.87
N GLU O 64 24.96 -31.69 30.06
CA GLU O 64 25.90 -32.80 30.15
C GLU O 64 27.31 -32.36 29.77
N HIS O 65 27.44 -31.50 28.76
CA HIS O 65 28.74 -31.01 28.33
C HIS O 65 29.41 -30.21 29.44
N TYR O 66 28.67 -29.32 30.09
CA TYR O 66 29.24 -28.55 31.19
C TYR O 66 29.64 -29.46 32.35
N GLU O 67 28.78 -30.43 32.68
CA GLU O 67 29.09 -31.33 33.78
C GLU O 67 30.34 -32.15 33.50
N LYS O 68 30.52 -32.60 32.25
CA LYS O 68 31.70 -33.36 31.90
C LYS O 68 32.95 -32.48 31.89
N LEU O 69 32.83 -31.24 31.40
CA LEU O 69 34.00 -30.37 31.31
C LEU O 69 34.48 -29.94 32.69
N GLU O 70 33.57 -29.47 33.54
CA GLU O 70 33.97 -28.92 34.83
C GLU O 70 34.00 -29.96 35.95
N GLY O 71 33.36 -31.11 35.76
CA GLY O 71 33.34 -32.15 36.78
C GLY O 71 32.29 -32.00 37.85
N VAL O 72 31.54 -30.89 37.84
CA VAL O 72 30.48 -30.67 38.83
C VAL O 72 29.23 -30.18 38.10
N PRO O 73 28.04 -30.52 38.56
CA PRO O 73 26.83 -30.04 37.89
C PRO O 73 26.63 -28.55 38.10
N LEU O 74 25.94 -27.93 37.14
CA LEU O 74 25.62 -26.51 37.24
C LEU O 74 24.65 -26.25 38.39
N THR O 75 24.76 -25.05 38.96
CA THR O 75 23.78 -24.61 39.94
C THR O 75 22.45 -24.33 39.27
N PHE O 76 21.40 -24.23 40.09
CA PHE O 76 20.06 -23.99 39.55
C PHE O 76 19.99 -22.64 38.84
N ALA O 77 20.64 -21.61 39.41
CA ALA O 77 20.66 -20.31 38.77
C ALA O 77 21.36 -20.37 37.43
N GLY O 78 22.45 -21.13 37.33
CA GLY O 78 23.12 -21.29 36.04
C GLY O 78 22.25 -21.97 35.01
N LYS O 79 21.51 -23.00 35.43
CA LYS O 79 20.59 -23.67 34.52
C LYS O 79 19.50 -22.73 34.04
N ILE O 80 18.95 -21.92 34.96
CA ILE O 80 17.93 -20.95 34.58
C ILE O 80 18.50 -19.94 33.59
N ASN O 81 19.73 -19.47 33.84
CA ASN O 81 20.35 -18.51 32.92
C ASN O 81 20.56 -19.12 31.54
N ARG O 82 21.03 -20.37 31.49
CA ARG O 82 21.24 -21.03 30.20
C ARG O 82 19.93 -21.19 29.44
N LEU O 83 18.87 -21.62 30.14
CA LEU O 83 17.58 -21.78 29.49
C LEU O 83 17.03 -20.44 29.01
N ALA O 84 17.21 -19.39 29.81
CA ALA O 84 16.74 -18.06 29.42
C ALA O 84 17.49 -17.56 28.19
N ILE O 85 18.80 -17.79 28.13
CA ILE O 85 19.57 -17.41 26.94
C ILE O 85 19.10 -18.18 25.72
N MET O 86 18.85 -19.48 25.89
CA MET O 86 18.36 -20.29 24.76
C MET O 86 17.01 -19.78 24.27
N VAL O 87 16.11 -19.43 25.18
CA VAL O 87 14.81 -18.91 24.79
C VAL O 87 14.94 -17.56 24.10
N ARG O 88 15.80 -16.68 24.64
CA ARG O 88 15.97 -15.35 24.07
C ARG O 88 16.58 -15.41 22.68
N GLY O 89 17.45 -16.39 22.42
CA GLY O 89 18.08 -16.49 21.11
C GLY O 89 17.15 -16.91 19.99
N ASN O 90 15.91 -17.27 20.30
CA ASN O 90 14.94 -17.72 19.30
C ASN O 90 13.80 -16.72 19.12
N LEU O 91 14.02 -15.45 19.49
CA LEU O 91 12.94 -14.47 19.47
C LEU O 91 12.51 -14.15 18.03
N ALA O 92 13.46 -14.09 17.09
CA ALA O 92 13.10 -13.81 15.71
C ALA O 92 12.24 -14.92 15.12
N ALA O 93 12.64 -16.18 15.34
CA ALA O 93 11.85 -17.31 14.87
C ALA O 93 10.49 -17.35 15.55
N ALA O 94 10.42 -16.97 16.83
CA ALA O 94 9.13 -16.88 17.50
C ALA O 94 8.26 -15.80 16.87
N MET O 95 8.86 -14.68 16.50
CA MET O 95 8.12 -13.62 15.82
C MET O 95 7.57 -14.09 14.48
N GLN O 96 8.37 -14.86 13.73
CA GLN O 96 7.87 -15.42 12.49
C GLN O 96 6.74 -16.42 12.73
N GLY O 97 6.77 -17.14 13.84
CA GLY O 97 5.73 -18.10 14.16
C GLY O 97 6.22 -19.35 14.82
N LEU O 98 7.54 -19.53 14.89
CA LEU O 98 8.15 -20.69 15.53
C LEU O 98 8.36 -20.40 17.01
N LEU O 99 7.25 -20.40 17.75
CA LEU O 99 7.24 -20.06 19.17
C LEU O 99 7.28 -21.32 20.02
N ALA O 100 8.09 -21.29 21.07
CA ALA O 100 8.21 -22.41 22.01
C ALA O 100 8.43 -21.84 23.40
N LEU O 101 7.47 -22.06 24.30
CA LEU O 101 7.58 -21.58 25.67
C LEU O 101 7.81 -22.75 26.62
N PRO O 102 9.02 -22.90 27.16
CA PRO O 102 9.28 -24.03 28.05
C PRO O 102 8.88 -23.74 29.49
N LEU O 103 8.69 -24.83 30.24
CA LEU O 103 8.41 -24.78 31.66
C LEU O 103 9.42 -25.65 32.39
N LEU O 104 10.06 -25.09 33.42
CA LEU O 104 11.14 -25.76 34.13
C LEU O 104 10.71 -26.07 35.56
N ALA O 105 10.87 -27.34 35.96
CA ALA O 105 10.63 -27.77 37.32
C ALA O 105 11.79 -28.63 37.77
N GLY O 106 12.32 -28.36 38.96
CA GLY O 106 13.49 -29.08 39.44
C GLY O 106 13.55 -29.11 40.95
N TYR O 107 14.53 -29.86 41.45
CA TYR O 107 14.77 -30.03 42.88
C TYR O 107 16.16 -29.50 43.20
N ASP O 108 16.22 -28.62 44.21
CA ASP O 108 17.48 -27.99 44.62
C ASP O 108 18.10 -28.81 45.73
N ILE O 109 19.20 -29.50 45.44
CA ILE O 109 19.89 -30.29 46.45
C ILE O 109 20.76 -29.44 47.37
N HIS O 110 20.95 -28.17 47.06
CA HIS O 110 21.75 -27.27 47.88
C HIS O 110 20.89 -26.30 48.68
N ALA O 111 19.73 -26.76 49.16
CA ALA O 111 18.81 -25.95 49.93
C ALA O 111 18.81 -26.40 51.39
N SER O 112 18.63 -25.42 52.29
CA SER O 112 18.64 -25.72 53.72
C SER O 112 17.48 -26.62 54.11
N ASP O 113 16.30 -26.36 53.55
CA ASP O 113 15.12 -27.15 53.89
C ASP O 113 14.79 -28.10 52.75
N PRO O 114 14.97 -29.42 52.93
CA PRO O 114 14.61 -30.35 51.86
C PRO O 114 13.13 -30.32 51.50
N GLN O 115 12.25 -30.04 52.45
CA GLN O 115 10.82 -30.03 52.18
C GLN O 115 10.41 -28.88 51.27
N SER O 116 11.19 -27.80 51.22
CA SER O 116 10.89 -26.64 50.38
C SER O 116 11.93 -26.47 49.27
N ALA O 117 12.53 -27.58 48.83
CA ALA O 117 13.56 -27.53 47.80
C ALA O 117 13.01 -27.56 46.38
N GLY O 118 11.70 -27.78 46.22
CA GLY O 118 11.12 -27.79 44.89
C GLY O 118 11.09 -26.39 44.30
N ARG O 119 11.33 -26.30 42.99
CA ARG O 119 11.35 -25.04 42.27
C ARG O 119 10.57 -25.16 40.98
N ILE O 120 9.81 -24.12 40.65
CA ILE O 120 9.08 -24.03 39.39
C ILE O 120 9.43 -22.69 38.74
N VAL O 121 9.87 -22.74 37.49
CA VAL O 121 10.30 -21.55 36.75
C VAL O 121 9.51 -21.48 35.46
N SER O 122 8.98 -20.29 35.16
CA SER O 122 8.27 -20.03 33.92
C SER O 122 9.03 -19.01 33.09
N PHE O 123 8.96 -19.15 31.77
CA PHE O 123 9.71 -18.32 30.85
C PHE O 123 8.76 -17.59 29.90
N ASP O 124 9.13 -16.36 29.55
CA ASP O 124 8.34 -15.53 28.65
C ASP O 124 8.85 -15.67 27.22
N ALA O 125 8.14 -15.03 26.29
CA ALA O 125 8.53 -15.10 24.89
C ALA O 125 9.80 -14.30 24.61
N ALA O 126 10.09 -13.30 25.43
CA ALA O 126 11.26 -12.45 25.24
C ALA O 126 12.47 -12.94 26.01
N GLY O 127 12.37 -14.08 26.70
CA GLY O 127 13.48 -14.62 27.46
C GLY O 127 13.44 -14.36 28.94
N GLY O 128 12.46 -13.59 29.43
CA GLY O 128 12.36 -13.32 30.85
C GLY O 128 11.89 -14.55 31.61
N TRP O 129 12.40 -14.70 32.82
CA TRP O 129 12.08 -15.83 33.68
C TRP O 129 11.62 -15.34 35.04
N ASN O 130 10.72 -16.10 35.66
CA ASN O 130 10.22 -15.80 36.99
C ASN O 130 10.07 -17.10 37.77
N ILE O 131 10.52 -17.11 39.02
CA ILE O 131 10.43 -18.29 39.86
C ILE O 131 9.02 -18.35 40.45
N GLU O 132 8.32 -19.44 40.19
CA GLU O 132 6.95 -19.59 40.67
C GLU O 132 6.95 -19.94 42.16
N GLU O 133 6.08 -19.26 42.91
CA GLU O 133 6.01 -19.43 44.35
C GLU O 133 4.60 -19.58 44.89
N GLU O 134 3.57 -19.47 44.05
CA GLU O 134 2.21 -19.76 44.49
C GLU O 134 1.96 -21.25 44.68
N GLY O 135 2.89 -22.10 44.25
CA GLY O 135 2.76 -23.53 44.39
C GLY O 135 2.37 -24.28 43.13
N TYR O 136 2.04 -23.57 42.06
CA TYR O 136 1.61 -24.21 40.83
C TYR O 136 1.80 -23.26 39.66
N GLN O 137 1.89 -23.83 38.46
CA GLN O 137 2.01 -23.05 37.24
C GLN O 137 1.67 -23.95 36.06
N ALA O 138 1.00 -23.37 35.06
CA ALA O 138 0.61 -24.09 33.86
C ALA O 138 0.96 -23.26 32.63
N VAL O 139 1.31 -23.96 31.55
CA VAL O 139 1.62 -23.33 30.27
C VAL O 139 0.88 -24.07 29.18
N GLY O 140 0.66 -23.37 28.07
CA GLY O 140 -0.01 -23.93 26.91
C GLY O 140 -1.27 -23.15 26.56
N SER O 141 -2.03 -23.70 25.62
CA SER O 141 -3.26 -23.06 25.19
C SER O 141 -4.31 -23.03 26.29
N GLY O 142 -4.44 -24.14 27.02
CA GLY O 142 -5.42 -24.23 28.09
C GLY O 142 -4.81 -24.00 29.45
N SER O 143 -3.85 -23.07 29.54
CA SER O 143 -3.16 -22.82 30.79
C SER O 143 -4.07 -22.14 31.80
N LEU O 144 -4.97 -21.27 31.35
CA LEU O 144 -5.81 -20.50 32.27
C LEU O 144 -6.78 -21.42 33.02
N PHE O 145 -7.44 -22.33 32.30
CA PHE O 145 -8.38 -23.24 32.93
C PHE O 145 -7.68 -24.14 33.95
N ALA O 146 -6.52 -24.68 33.57
CA ALA O 146 -5.77 -25.53 34.49
C ALA O 146 -5.30 -24.74 35.71
N LYS O 147 -4.88 -23.49 35.51
CA LYS O 147 -4.44 -22.67 36.64
C LYS O 147 -5.59 -22.38 37.59
N SER O 148 -6.78 -22.10 37.07
CA SER O 148 -7.94 -21.89 37.93
C SER O 148 -8.29 -23.16 38.69
N SER O 149 -8.27 -24.30 38.01
CA SER O 149 -8.57 -25.57 38.66
C SER O 149 -7.56 -25.86 39.77
N MET O 150 -6.28 -25.60 39.51
CA MET O 150 -5.27 -25.79 40.55
C MET O 150 -5.43 -24.79 41.68
N LYS O 151 -5.85 -23.56 41.38
CA LYS O 151 -6.12 -22.59 42.42
C LYS O 151 -7.18 -23.10 43.38
N LYS O 152 -8.24 -23.72 42.85
CA LYS O 152 -9.26 -24.28 43.74
C LYS O 152 -8.82 -25.59 44.40
N LEU O 153 -7.99 -26.39 43.74
CA LEU O 153 -7.68 -27.74 44.22
C LEU O 153 -6.37 -27.86 44.99
N TYR O 154 -5.62 -26.76 45.16
CA TYR O 154 -4.32 -26.87 45.81
C TYR O 154 -4.42 -27.12 47.31
N SER O 155 -5.60 -26.92 47.90
CA SER O 155 -5.76 -27.11 49.34
C SER O 155 -5.71 -28.58 49.75
N GLN O 156 -5.83 -29.51 48.80
CA GLN O 156 -5.84 -30.93 49.10
C GLN O 156 -4.50 -31.61 48.84
N VAL O 157 -3.45 -30.84 48.56
CA VAL O 157 -2.14 -31.39 48.26
C VAL O 157 -1.37 -31.58 49.56
N THR O 158 -1.02 -32.82 49.87
CA THR O 158 -0.29 -33.12 51.10
C THR O 158 0.96 -33.94 50.81
N ASP O 159 0.93 -34.75 49.75
CA ASP O 159 2.05 -35.63 49.41
C ASP O 159 2.10 -35.81 47.90
N GLY O 160 2.89 -36.77 47.45
CA GLY O 160 3.08 -36.97 46.02
C GLY O 160 1.82 -37.44 45.31
N ASP O 161 1.09 -38.39 45.91
CA ASP O 161 -0.12 -38.90 45.28
C ASP O 161 -1.18 -37.82 45.17
N SER O 162 -1.34 -37.00 46.20
CA SER O 162 -2.30 -35.90 46.14
C SER O 162 -1.94 -34.91 45.05
N GLY O 163 -0.66 -34.57 44.93
CA GLY O 163 -0.23 -33.66 43.88
C GLY O 163 -0.45 -34.24 42.49
N LEU O 164 -0.17 -35.52 42.33
CA LEU O 164 -0.40 -36.18 41.04
C LEU O 164 -1.89 -36.17 40.69
N ARG O 165 -2.75 -36.46 41.66
CA ARG O 165 -4.19 -36.44 41.42
C ARG O 165 -4.66 -35.03 41.05
N VAL O 166 -4.14 -34.02 41.74
CA VAL O 166 -4.52 -32.64 41.43
C VAL O 166 -4.07 -32.27 40.02
N ALA O 167 -2.86 -32.67 39.65
CA ALA O 167 -2.36 -32.37 38.30
C ALA O 167 -3.21 -33.05 37.24
N VAL O 168 -3.58 -34.32 37.47
CA VAL O 168 -4.40 -35.04 36.50
C VAL O 168 -5.77 -34.39 36.39
N GLU O 169 -6.35 -33.98 37.52
CA GLU O 169 -7.66 -33.33 37.48
C GLU O 169 -7.59 -31.99 36.76
N ALA O 170 -6.50 -31.23 36.97
CA ALA O 170 -6.34 -29.96 36.27
C ALA O 170 -6.20 -30.17 34.78
N LEU O 171 -5.44 -31.20 34.37
CA LEU O 171 -5.33 -31.52 32.95
C LEU O 171 -6.67 -31.92 32.37
N TYR O 172 -7.46 -32.70 33.12
CA TYR O 172 -8.79 -33.08 32.66
C TYR O 172 -9.68 -31.85 32.49
N ASP O 173 -9.64 -30.92 33.44
CA ASP O 173 -10.44 -29.70 33.32
C ASP O 173 -10.00 -28.88 32.12
N ALA O 174 -8.69 -28.76 31.90
CA ALA O 174 -8.19 -28.02 30.74
C ALA O 174 -8.63 -28.66 29.44
N ALA O 175 -8.60 -29.99 29.37
CA ALA O 175 -9.06 -30.67 28.17
C ALA O 175 -10.55 -30.50 27.97
N ASP O 176 -11.31 -30.48 29.07
CA ASP O 176 -12.75 -30.25 28.97
C ASP O 176 -13.07 -28.86 28.45
N ASP O 177 -12.33 -27.85 28.93
CA ASP O 177 -12.61 -26.47 28.55
C ASP O 177 -11.88 -26.01 27.29
N ASP O 178 -10.99 -26.82 26.73
CA ASP O 178 -10.22 -26.44 25.56
C ASP O 178 -10.28 -27.56 24.53
N SER O 179 -10.57 -27.21 23.28
CA SER O 179 -10.64 -28.21 22.22
C SER O 179 -9.28 -28.61 21.67
N ALA O 180 -8.23 -27.85 21.96
CA ALA O 180 -6.88 -28.17 21.53
C ALA O 180 -6.13 -29.06 22.51
N THR O 181 -6.73 -29.37 23.65
CA THR O 181 -6.13 -30.22 24.66
C THR O 181 -6.82 -31.58 24.67
N GLY O 182 -6.04 -32.65 24.62
CA GLY O 182 -6.60 -33.98 24.59
C GLY O 182 -6.73 -34.62 25.95
N GLY O 183 -7.94 -35.06 26.29
CA GLY O 183 -8.18 -35.70 27.57
C GLY O 183 -7.79 -37.17 27.54
N PRO O 184 -8.06 -37.85 28.66
CA PRO O 184 -7.76 -39.28 28.72
C PRO O 184 -8.56 -40.06 27.68
N ASP O 185 -7.91 -41.07 27.10
CA ASP O 185 -8.51 -41.89 26.05
C ASP O 185 -8.83 -43.26 26.65
N LEU O 186 -10.12 -43.55 26.83
CA LEU O 186 -10.55 -44.84 27.35
C LEU O 186 -10.71 -45.90 26.27
N VAL O 187 -10.61 -45.53 24.99
CA VAL O 187 -10.74 -46.49 23.90
C VAL O 187 -9.38 -47.00 23.47
N ARG O 188 -8.44 -46.10 23.19
CA ARG O 188 -7.09 -46.46 22.78
C ARG O 188 -6.14 -46.63 23.95
N GLY O 189 -6.58 -46.34 25.18
CA GLY O 189 -5.72 -46.45 26.34
C GLY O 189 -4.56 -45.48 26.37
N ILE O 190 -4.80 -44.22 26.02
CA ILE O 190 -3.78 -43.19 26.03
C ILE O 190 -4.04 -42.26 27.22
N PHE O 191 -3.03 -42.05 28.04
CA PHE O 191 -3.13 -41.23 29.23
C PHE O 191 -1.96 -40.27 29.32
N PRO O 192 -2.13 -39.12 29.98
CA PRO O 192 -1.04 -38.16 30.09
C PRO O 192 0.16 -38.73 30.85
N THR O 193 1.34 -38.26 30.48
CA THR O 193 2.59 -38.68 31.11
C THR O 193 2.96 -37.70 32.21
N ALA O 194 3.52 -38.23 33.31
CA ALA O 194 3.91 -37.43 34.45
C ALA O 194 5.31 -37.80 34.91
N VAL O 195 6.00 -36.83 35.50
CA VAL O 195 7.34 -37.01 36.02
C VAL O 195 7.36 -36.48 37.45
N ILE O 196 7.90 -37.28 38.37
CA ILE O 196 8.01 -36.91 39.78
C ILE O 196 9.47 -36.76 40.13
N ILE O 197 9.83 -35.60 40.70
CA ILE O 197 11.19 -35.29 41.12
C ILE O 197 11.20 -35.12 42.63
N ASP O 198 12.09 -35.85 43.30
CA ASP O 198 12.22 -35.77 44.75
C ASP O 198 13.71 -35.82 45.09
N ALA O 199 14.01 -36.06 46.37
CA ALA O 199 15.39 -36.10 46.82
C ALA O 199 16.18 -37.25 46.21
N ASP O 200 15.49 -38.31 45.77
CA ASP O 200 16.16 -39.46 45.16
C ASP O 200 16.39 -39.29 43.67
N GLY O 201 15.87 -38.24 43.06
CA GLY O 201 16.04 -37.99 41.64
C GLY O 201 14.69 -37.90 40.93
N ALA O 202 14.78 -37.76 39.62
CA ALA O 202 13.60 -37.66 38.76
C ALA O 202 13.28 -39.02 38.17
N VAL O 203 12.02 -39.44 38.31
CA VAL O 203 11.56 -40.72 37.79
C VAL O 203 10.30 -40.49 36.98
N ASP O 204 9.96 -41.49 36.16
CA ASP O 204 8.79 -41.44 35.30
C ASP O 204 7.65 -42.21 35.97
N VAL O 205 6.49 -41.56 36.05
CA VAL O 205 5.32 -42.19 36.67
C VAL O 205 4.81 -43.30 35.75
N PRO O 206 4.57 -44.51 36.26
CA PRO O 206 4.01 -45.58 35.41
C PRO O 206 2.62 -45.22 34.93
N GLU O 207 2.28 -45.73 33.74
CA GLU O 207 0.99 -45.42 33.13
C GLU O 207 -0.18 -45.99 33.93
N SER O 208 0.04 -47.05 34.72
CA SER O 208 -1.06 -47.66 35.46
C SER O 208 -1.63 -46.70 36.51
N ARG O 209 -0.77 -46.01 37.24
CA ARG O 209 -1.25 -45.08 38.27
C ARG O 209 -2.06 -43.95 37.65
N ILE O 210 -1.57 -43.40 36.54
CA ILE O 210 -2.28 -42.32 35.85
C ILE O 210 -3.61 -42.83 35.33
N ALA O 211 -3.63 -44.08 34.83
CA ALA O 211 -4.88 -44.66 34.34
C ALA O 211 -5.91 -44.79 35.46
N GLU O 212 -5.49 -45.29 36.62
CA GLU O 212 -6.41 -45.41 37.74
C GLU O 212 -6.90 -44.04 38.21
N LEU O 213 -6.00 -43.05 38.28
CA LEU O 213 -6.41 -41.72 38.69
C LEU O 213 -7.42 -41.12 37.72
N ALA O 214 -7.17 -41.26 36.42
CA ALA O 214 -8.09 -40.73 35.42
C ALA O 214 -9.44 -41.44 35.49
N ARG O 215 -9.43 -42.76 35.67
CA ARG O 215 -10.69 -43.50 35.77
C ARG O 215 -11.47 -43.07 37.00
N ALA O 216 -10.79 -42.89 38.14
CA ALA O 216 -11.47 -42.42 39.34
C ALA O 216 -12.05 -41.03 39.16
N ILE O 217 -11.30 -40.13 38.51
CA ILE O 217 -11.80 -38.78 38.28
C ILE O 217 -13.02 -38.81 37.36
N ILE O 218 -12.97 -39.63 36.30
CA ILE O 218 -14.10 -39.73 35.39
C ILE O 218 -15.32 -40.28 36.10
N GLU O 219 -15.13 -41.30 36.94
CA GLU O 219 -16.25 -41.87 37.69
C GLU O 219 -16.84 -40.85 38.66
N SER O 220 -15.98 -40.07 39.32
CA SER O 220 -16.47 -39.05 40.24
C SER O 220 -17.25 -37.96 39.51
N ARG O 221 -16.77 -37.55 38.32
CA ARG O 221 -17.46 -36.51 37.57
C ARG O 221 -18.78 -36.99 36.98
N SER O 222 -18.97 -38.30 36.86
CA SER O 222 -20.21 -38.83 36.31
C SER O 222 -21.36 -38.68 37.30
N ALA P 1 -18.56 -28.93 13.58
CA ALA P 1 -19.87 -29.00 12.95
C ALA P 1 -19.87 -30.00 11.80
N THR P 2 -20.71 -31.03 11.91
CA THR P 2 -20.83 -32.04 10.87
C THR P 2 -22.27 -32.54 10.84
N ILE P 3 -22.88 -32.53 9.65
CA ILE P 3 -24.23 -33.01 9.45
C ILE P 3 -24.20 -34.03 8.31
N VAL P 4 -24.77 -35.21 8.55
CA VAL P 4 -24.77 -36.29 7.58
C VAL P 4 -26.21 -36.67 7.25
N ALA P 5 -26.40 -37.20 6.05
CA ALA P 5 -27.71 -37.66 5.59
C ALA P 5 -27.50 -38.72 4.52
N LEU P 6 -28.21 -39.84 4.64
CA LEU P 6 -28.11 -40.93 3.69
C LEU P 6 -29.49 -41.49 3.40
N LYS P 7 -29.60 -42.19 2.28
CA LYS P 7 -30.87 -42.70 1.79
C LYS P 7 -30.95 -44.20 2.03
N TYR P 8 -32.10 -44.65 2.54
CA TYR P 8 -32.39 -46.06 2.74
C TYR P 8 -33.72 -46.37 2.09
N PRO P 9 -33.95 -47.64 1.71
CA PRO P 9 -35.22 -47.99 1.04
C PRO P 9 -36.44 -47.65 1.87
N GLY P 10 -37.26 -46.72 1.39
CA GLY P 10 -38.47 -46.31 2.06
C GLY P 10 -38.39 -45.05 2.88
N GLY P 11 -37.28 -44.31 2.82
CA GLY P 11 -37.17 -43.10 3.60
C GLY P 11 -35.79 -42.49 3.49
N VAL P 12 -35.52 -41.56 4.40
CA VAL P 12 -34.23 -40.87 4.45
C VAL P 12 -33.97 -40.44 5.89
N VAL P 13 -32.72 -40.52 6.31
CA VAL P 13 -32.32 -40.16 7.66
C VAL P 13 -31.41 -38.93 7.60
N MET P 14 -31.32 -38.23 8.73
CA MET P 14 -30.54 -37.00 8.81
C MET P 14 -30.08 -36.82 10.25
N ALA P 15 -28.80 -36.51 10.44
CA ALA P 15 -28.24 -36.37 11.78
C ALA P 15 -27.10 -35.36 11.74
N GLY P 16 -26.79 -34.81 12.92
CA GLY P 16 -25.73 -33.84 13.05
C GLY P 16 -25.17 -33.84 14.45
N ASP P 17 -24.00 -33.21 14.60
CA ASP P 17 -23.31 -33.15 15.88
C ASP P 17 -23.91 -32.07 16.77
N ARG P 18 -23.34 -31.94 17.98
CA ARG P 18 -23.83 -31.03 19.00
C ARG P 18 -22.68 -30.23 19.61
N ARG P 19 -21.82 -29.67 18.77
CA ARG P 19 -20.68 -28.90 19.25
C ARG P 19 -20.65 -27.53 18.58
N SER P 20 -20.44 -26.49 19.39
CA SER P 20 -20.21 -25.13 18.92
C SER P 20 -18.90 -24.64 19.49
N THR P 21 -18.02 -24.13 18.63
CA THR P 21 -16.68 -23.72 19.03
C THR P 21 -16.41 -22.31 18.55
N GLN P 22 -15.94 -21.45 19.45
CA GLN P 22 -15.57 -20.07 19.13
C GLN P 22 -14.05 -20.02 18.94
N GLY P 23 -13.61 -20.39 17.74
CA GLY P 23 -12.19 -20.44 17.45
C GLY P 23 -11.58 -21.78 17.82
N ASN P 24 -10.97 -21.85 19.00
CA ASN P 24 -10.45 -23.09 19.54
C ASN P 24 -11.04 -23.44 20.89
N MET P 25 -11.86 -22.57 21.47
CA MET P 25 -12.50 -22.81 22.76
C MET P 25 -13.93 -23.30 22.56
N ILE P 26 -14.32 -24.29 23.36
CA ILE P 26 -15.65 -24.88 23.25
C ILE P 26 -16.66 -23.96 23.92
N SER P 27 -17.72 -23.62 23.19
CA SER P 27 -18.79 -22.76 23.70
C SER P 27 -20.08 -23.50 23.98
N GLY P 28 -20.43 -24.48 23.16
CA GLY P 28 -21.65 -25.25 23.37
C GLY P 28 -21.36 -26.74 23.34
N ARG P 29 -22.21 -27.49 24.05
CA ARG P 29 -22.06 -28.93 24.16
C ARG P 29 -23.25 -29.74 23.68
N ASP P 30 -24.42 -29.12 23.50
CA ASP P 30 -25.60 -29.83 23.00
C ASP P 30 -26.36 -28.97 21.99
N VAL P 31 -25.64 -28.28 21.12
CA VAL P 31 -26.27 -27.39 20.14
C VAL P 31 -27.03 -28.23 19.12
N ARG P 32 -28.26 -27.83 18.84
CA ARG P 32 -29.11 -28.51 17.87
C ARG P 32 -28.98 -27.85 16.51
N LYS P 33 -28.69 -28.64 15.48
CA LYS P 33 -28.48 -28.13 14.13
C LYS P 33 -29.40 -28.76 13.09
N VAL P 34 -30.24 -29.72 13.47
CA VAL P 34 -31.17 -30.36 12.55
C VAL P 34 -32.58 -29.92 12.94
N TYR P 35 -33.31 -29.37 11.97
CA TYR P 35 -34.63 -28.83 12.21
C TYR P 35 -35.62 -29.39 11.20
N ILE P 36 -36.89 -29.42 11.59
CA ILE P 36 -37.97 -29.91 10.73
C ILE P 36 -38.75 -28.71 10.23
N THR P 37 -38.75 -28.50 8.92
CA THR P 37 -39.47 -27.36 8.34
C THR P 37 -40.96 -27.64 8.22
N ASP P 38 -41.32 -28.76 7.62
CA ASP P 38 -42.72 -29.17 7.52
C ASP P 38 -42.76 -30.70 7.50
N ASP P 39 -43.89 -31.25 7.06
CA ASP P 39 -44.19 -32.66 7.30
C ASP P 39 -43.17 -33.60 6.62
N TYR P 40 -42.77 -33.29 5.39
CA TYR P 40 -42.05 -34.27 4.58
C TYR P 40 -40.64 -33.84 4.20
N THR P 41 -40.02 -32.93 4.95
CA THR P 41 -38.61 -32.63 4.73
C THR P 41 -38.03 -31.97 5.97
N ALA P 42 -36.72 -32.13 6.14
CA ALA P 42 -35.97 -31.52 7.23
C ALA P 42 -34.69 -30.92 6.66
N THR P 43 -34.18 -29.89 7.34
CA THR P 43 -32.99 -29.17 6.88
C THR P 43 -31.95 -29.11 7.98
N GLY P 44 -30.69 -28.97 7.57
CA GLY P 44 -29.58 -28.82 8.49
C GLY P 44 -28.55 -27.86 7.95
N ILE P 45 -28.19 -26.86 8.76
CA ILE P 45 -27.29 -25.78 8.34
C ILE P 45 -26.03 -25.84 9.17
N ALA P 46 -24.87 -25.81 8.50
CA ALA P 46 -23.58 -25.82 9.16
C ALA P 46 -22.89 -24.47 8.94
N GLY P 47 -22.35 -23.91 10.01
CA GLY P 47 -21.70 -22.61 9.94
C GLY P 47 -22.04 -21.70 11.10
N THR P 48 -22.26 -20.42 10.83
CA THR P 48 -22.63 -19.48 11.88
C THR P 48 -24.03 -19.79 12.38
N ALA P 49 -24.16 -19.94 13.70
CA ALA P 49 -25.46 -20.27 14.29
C ALA P 49 -26.46 -19.14 14.10
N ALA P 50 -26.02 -17.89 14.26
CA ALA P 50 -26.91 -16.75 14.12
C ALA P 50 -27.57 -16.71 12.74
N VAL P 51 -26.85 -17.13 11.71
CA VAL P 51 -27.45 -17.22 10.38
C VAL P 51 -28.23 -18.52 10.21
N ALA P 52 -27.79 -19.60 10.87
CA ALA P 52 -28.44 -20.90 10.68
C ALA P 52 -29.86 -20.91 11.22
N VAL P 53 -30.04 -20.45 12.47
CA VAL P 53 -31.38 -20.43 13.05
C VAL P 53 -32.30 -19.50 12.27
N GLU P 54 -31.77 -18.34 11.85
CA GLU P 54 -32.56 -17.41 11.06
C GLU P 54 -33.00 -18.04 9.74
N PHE P 55 -32.09 -18.74 9.07
CA PHE P 55 -32.42 -19.39 7.80
C PHE P 55 -33.49 -20.47 8.00
N ALA P 56 -33.34 -21.28 9.05
CA ALA P 56 -34.33 -22.33 9.31
C ALA P 56 -35.71 -21.73 9.56
N ARG P 57 -35.78 -20.72 10.44
CA ARG P 57 -37.06 -20.09 10.74
C ARG P 57 -37.67 -19.44 9.50
N LEU P 58 -36.85 -18.73 8.72
CA LEU P 58 -37.38 -18.07 7.53
C LEU P 58 -37.87 -19.06 6.49
N TYR P 59 -37.14 -20.17 6.30
CA TYR P 59 -37.58 -21.18 5.35
C TYR P 59 -38.90 -21.80 5.78
N ALA P 60 -39.02 -22.14 7.06
CA ALA P 60 -40.28 -22.70 7.55
C ALA P 60 -41.43 -21.71 7.40
N VAL P 61 -41.18 -20.44 7.73
CA VAL P 61 -42.22 -19.42 7.62
C VAL P 61 -42.66 -19.25 6.18
N GLU P 62 -41.71 -19.21 5.24
CA GLU P 62 -42.06 -19.05 3.84
C GLU P 62 -42.88 -20.23 3.32
N LEU P 63 -42.47 -21.45 3.69
CA LEU P 63 -43.22 -22.63 3.25
C LEU P 63 -44.65 -22.60 3.81
N GLU P 64 -44.79 -22.28 5.10
CA GLU P 64 -46.12 -22.23 5.70
C GLU P 64 -46.96 -21.12 5.07
N HIS P 65 -46.35 -19.97 4.79
CA HIS P 65 -47.07 -18.86 4.17
C HIS P 65 -47.59 -19.24 2.79
N TYR P 66 -46.75 -19.89 1.98
CA TYR P 66 -47.20 -20.31 0.66
C TYR P 66 -48.31 -21.35 0.76
N GLU P 67 -48.15 -22.31 1.68
CA GLU P 67 -49.18 -23.34 1.84
C GLU P 67 -50.51 -22.74 2.26
N LYS P 68 -50.48 -21.75 3.16
CA LYS P 68 -51.72 -21.11 3.59
C LYS P 68 -52.33 -20.27 2.47
N LEU P 69 -51.50 -19.56 1.71
CA LEU P 69 -52.02 -18.68 0.67
C LEU P 69 -52.65 -19.48 -0.48
N GLU P 70 -51.93 -20.50 -0.98
CA GLU P 70 -52.40 -21.23 -2.15
C GLU P 70 -53.25 -22.43 -1.80
N GLY P 71 -53.21 -22.91 -0.56
CA GLY P 71 -53.99 -24.06 -0.15
C GLY P 71 -53.38 -25.41 -0.46
N VAL P 72 -52.24 -25.44 -1.14
CA VAL P 72 -51.56 -26.70 -1.45
C VAL P 72 -50.07 -26.54 -1.14
N PRO P 73 -49.39 -27.59 -0.71
CA PRO P 73 -47.96 -27.47 -0.44
C PRO P 73 -47.15 -27.30 -1.72
N LEU P 74 -46.00 -26.66 -1.58
CA LEU P 74 -45.09 -26.48 -2.71
C LEU P 74 -44.53 -27.82 -3.16
N THR P 75 -44.21 -27.90 -4.46
CA THR P 75 -43.51 -29.06 -4.97
C THR P 75 -42.06 -29.05 -4.49
N PHE P 76 -41.40 -30.20 -4.64
CA PHE P 76 -40.02 -30.31 -4.18
C PHE P 76 -39.10 -29.37 -4.96
N ALA P 77 -39.33 -29.25 -6.27
CA ALA P 77 -38.54 -28.33 -7.08
C ALA P 77 -38.73 -26.89 -6.62
N GLY P 78 -39.97 -26.51 -6.28
CA GLY P 78 -40.21 -25.18 -5.76
C GLY P 78 -39.48 -24.92 -4.45
N LYS P 79 -39.49 -25.91 -3.56
CA LYS P 79 -38.76 -25.78 -2.29
C LYS P 79 -37.27 -25.62 -2.54
N ILE P 80 -36.71 -26.41 -3.46
CA ILE P 80 -35.30 -26.30 -3.78
C ILE P 80 -34.99 -24.92 -4.35
N ASN P 81 -35.86 -24.42 -5.23
CA ASN P 81 -35.64 -23.09 -5.80
C ASN P 81 -35.69 -22.01 -4.72
N ARG P 82 -36.64 -22.10 -3.80
CA ARG P 82 -36.73 -21.11 -2.72
C ARG P 82 -35.49 -21.14 -1.85
N LEU P 83 -35.03 -22.35 -1.48
CA LEU P 83 -33.84 -22.45 -0.65
C LEU P 83 -32.60 -21.94 -1.38
N ALA P 84 -32.50 -22.23 -2.68
CA ALA P 84 -31.37 -21.73 -3.47
C ALA P 84 -31.37 -20.21 -3.54
N ILE P 85 -32.55 -19.61 -3.72
CA ILE P 85 -32.65 -18.15 -3.74
C ILE P 85 -32.24 -17.58 -2.39
N MET P 86 -32.70 -18.20 -1.30
CA MET P 86 -32.33 -17.73 0.03
C MET P 86 -30.82 -17.80 0.25
N VAL P 87 -30.20 -18.89 -0.18
CA VAL P 87 -28.75 -19.03 -0.04
C VAL P 87 -28.03 -18.00 -0.89
N ARG P 88 -28.48 -17.80 -2.13
CA ARG P 88 -27.82 -16.87 -3.04
C ARG P 88 -27.92 -15.42 -2.53
N GLY P 89 -29.03 -15.08 -1.87
CA GLY P 89 -29.20 -13.73 -1.37
C GLY P 89 -28.28 -13.35 -0.22
N ASN P 90 -27.52 -14.30 0.32
CA ASN P 90 -26.62 -14.05 1.44
C ASN P 90 -25.15 -14.14 1.04
N LEU P 91 -24.85 -13.99 -0.25
CA LEU P 91 -23.48 -14.20 -0.73
C LEU P 91 -22.54 -13.12 -0.21
N ALA P 92 -23.01 -11.87 -0.12
CA ALA P 92 -22.16 -10.80 0.39
C ALA P 92 -21.79 -11.04 1.85
N ALA P 93 -22.78 -11.39 2.67
CA ALA P 93 -22.51 -11.70 4.08
C ALA P 93 -21.62 -12.91 4.22
N ALA P 94 -21.78 -13.91 3.34
CA ALA P 94 -20.87 -15.05 3.34
C ALA P 94 -19.44 -14.63 2.99
N MET P 95 -19.30 -13.71 2.05
CA MET P 95 -17.98 -13.20 1.70
C MET P 95 -17.34 -12.47 2.88
N GLN P 96 -18.14 -11.69 3.61
CA GLN P 96 -17.59 -11.05 4.81
C GLN P 96 -17.20 -12.07 5.87
N GLY P 97 -17.92 -13.19 5.96
CA GLY P 97 -17.60 -14.21 6.93
C GLY P 97 -18.81 -14.90 7.52
N LEU P 98 -20.00 -14.37 7.23
CA LEU P 98 -21.26 -14.96 7.73
C LEU P 98 -21.74 -16.01 6.74
N LEU P 99 -21.06 -17.15 6.75
CA LEU P 99 -21.32 -18.23 5.82
C LEU P 99 -22.21 -19.30 6.46
N ALA P 100 -23.18 -19.77 5.70
CA ALA P 100 -24.09 -20.82 6.17
C ALA P 100 -24.44 -21.72 4.99
N LEU P 101 -24.03 -22.98 5.06
CA LEU P 101 -24.29 -23.94 3.99
C LEU P 101 -25.34 -24.95 4.45
N PRO P 102 -26.57 -24.88 3.97
CA PRO P 102 -27.60 -25.82 4.43
C PRO P 102 -27.57 -27.13 3.65
N LEU P 103 -28.16 -28.15 4.27
CA LEU P 103 -28.33 -29.46 3.66
C LEU P 103 -29.81 -29.84 3.74
N LEU P 104 -30.38 -30.23 2.61
CA LEU P 104 -31.81 -30.51 2.52
C LEU P 104 -32.05 -31.99 2.25
N ALA P 105 -32.89 -32.61 3.07
CA ALA P 105 -33.32 -33.99 2.89
C ALA P 105 -34.83 -34.06 3.05
N GLY P 106 -35.49 -34.72 2.10
CA GLY P 106 -36.95 -34.78 2.12
C GLY P 106 -37.48 -36.02 1.44
N TYR P 107 -38.79 -36.18 1.55
CA TYR P 107 -39.51 -37.30 0.97
C TYR P 107 -40.51 -36.78 -0.06
N ASP P 108 -40.45 -37.33 -1.28
CA ASP P 108 -41.32 -36.89 -2.37
C ASP P 108 -42.56 -37.78 -2.39
N ILE P 109 -43.70 -37.20 -2.02
CA ILE P 109 -44.97 -37.95 -2.03
C ILE P 109 -45.56 -38.07 -3.43
N HIS P 110 -45.03 -37.35 -4.40
CA HIS P 110 -45.52 -37.40 -5.79
C HIS P 110 -44.59 -38.21 -6.69
N ALA P 111 -44.00 -39.28 -6.16
CA ALA P 111 -43.10 -40.12 -6.91
C ALA P 111 -43.75 -41.46 -7.22
N SER P 112 -43.42 -42.02 -8.38
CA SER P 112 -44.01 -43.29 -8.79
C SER P 112 -43.59 -44.43 -7.87
N ASP P 113 -42.32 -44.45 -7.46
CA ASP P 113 -41.81 -45.51 -6.61
C ASP P 113 -41.64 -44.99 -5.19
N PRO P 114 -42.46 -45.42 -4.23
CA PRO P 114 -42.27 -44.97 -2.84
C PRO P 114 -40.93 -45.35 -2.26
N GLN P 115 -40.36 -46.48 -2.66
CA GLN P 115 -39.09 -46.93 -2.11
C GLN P 115 -37.93 -46.03 -2.52
N SER P 116 -38.05 -45.33 -3.64
CA SER P 116 -37.01 -44.43 -4.13
C SER P 116 -37.44 -42.97 -4.07
N ALA P 117 -38.32 -42.63 -3.13
CA ALA P 117 -38.85 -41.27 -3.02
C ALA P 117 -37.96 -40.36 -2.17
N GLY P 118 -36.94 -40.90 -1.52
CA GLY P 118 -36.06 -40.07 -0.73
C GLY P 118 -35.18 -39.19 -1.62
N ARG P 119 -34.94 -37.96 -1.16
CA ARG P 119 -34.15 -37.00 -1.89
C ARG P 119 -33.16 -36.32 -0.95
N ILE P 120 -31.94 -36.11 -1.44
CA ILE P 120 -30.90 -35.37 -0.72
C ILE P 120 -30.36 -34.29 -1.64
N VAL P 121 -30.37 -33.05 -1.16
CA VAL P 121 -29.94 -31.89 -1.95
C VAL P 121 -28.85 -31.16 -1.17
N SER P 122 -27.77 -30.82 -1.86
CA SER P 122 -26.67 -30.05 -1.30
C SER P 122 -26.57 -28.71 -2.01
N PHE P 123 -26.17 -27.68 -1.25
CA PHE P 123 -26.11 -26.32 -1.75
C PHE P 123 -24.70 -25.78 -1.64
N ASP P 124 -24.31 -24.96 -2.62
CA ASP P 124 -22.99 -24.34 -2.66
C ASP P 124 -23.04 -22.95 -2.04
N ALA P 125 -21.88 -22.32 -1.93
CA ALA P 125 -21.80 -20.98 -1.35
C ALA P 125 -22.38 -19.93 -2.27
N ALA P 126 -22.40 -20.19 -3.58
CA ALA P 126 -22.91 -19.24 -4.55
C ALA P 126 -24.38 -19.45 -4.87
N GLY P 127 -25.05 -20.39 -4.20
CA GLY P 127 -26.45 -20.66 -4.43
C GLY P 127 -26.74 -21.85 -5.33
N GLY P 128 -25.73 -22.48 -5.90
CA GLY P 128 -25.95 -23.64 -6.74
C GLY P 128 -26.38 -24.85 -5.92
N TRP P 129 -27.24 -25.67 -6.51
CA TRP P 129 -27.77 -26.85 -5.85
C TRP P 129 -27.59 -28.07 -6.75
N ASN P 130 -27.39 -29.22 -6.12
CA ASN P 130 -27.24 -30.48 -6.83
C ASN P 130 -27.95 -31.58 -6.06
N ILE P 131 -28.73 -32.40 -6.76
CA ILE P 131 -29.45 -33.49 -6.13
C ILE P 131 -28.50 -34.66 -5.92
N GLU P 132 -28.36 -35.09 -4.67
CA GLU P 132 -27.45 -36.18 -4.34
C GLU P 132 -28.06 -37.51 -4.75
N GLU P 133 -27.26 -38.36 -5.39
CA GLU P 133 -27.72 -39.65 -5.90
C GLU P 133 -26.80 -40.81 -5.57
N GLU P 134 -25.63 -40.56 -4.97
CA GLU P 134 -24.77 -41.64 -4.51
C GLU P 134 -25.33 -42.35 -3.29
N GLY P 135 -26.37 -41.79 -2.66
CA GLY P 135 -26.99 -42.39 -1.49
C GLY P 135 -26.62 -41.74 -0.18
N TYR P 136 -25.68 -40.80 -0.17
CA TYR P 136 -25.26 -40.15 1.06
C TYR P 136 -24.61 -38.82 0.74
N GLN P 137 -24.58 -37.94 1.74
CA GLN P 137 -23.93 -36.63 1.62
C GLN P 137 -23.72 -36.07 3.01
N ALA P 138 -22.59 -35.38 3.18
CA ALA P 138 -22.24 -34.78 4.46
C ALA P 138 -21.76 -33.35 4.23
N VAL P 139 -22.04 -32.49 5.20
CA VAL P 139 -21.61 -31.08 5.16
C VAL P 139 -21.02 -30.73 6.51
N GLY P 140 -20.16 -29.72 6.51
CA GLY P 140 -19.51 -29.23 7.70
C GLY P 140 -18.01 -29.31 7.60
N SER P 141 -17.35 -29.03 8.73
CA SER P 141 -15.89 -29.07 8.76
C SER P 141 -15.35 -30.48 8.56
N GLY P 142 -15.99 -31.47 9.18
CA GLY P 142 -15.54 -32.84 9.06
C GLY P 142 -16.36 -33.63 8.05
N SER P 143 -16.74 -32.98 6.96
CA SER P 143 -17.58 -33.64 5.95
C SER P 143 -16.82 -34.71 5.20
N LEU P 144 -15.52 -34.51 4.97
CA LEU P 144 -14.75 -35.45 4.16
C LEU P 144 -14.60 -36.80 4.88
N PHE P 145 -14.28 -36.77 6.18
CA PHE P 145 -14.11 -38.00 6.93
C PHE P 145 -15.43 -38.78 7.00
N ALA P 146 -16.54 -38.07 7.27
CA ALA P 146 -17.84 -38.72 7.32
C ALA P 146 -18.22 -39.30 5.97
N LYS P 147 -17.92 -38.57 4.89
CA LYS P 147 -18.24 -39.07 3.55
C LYS P 147 -17.44 -40.33 3.22
N SER P 148 -16.17 -40.37 3.59
CA SER P 148 -15.38 -41.58 3.37
C SER P 148 -15.92 -42.75 4.19
N SER P 149 -16.27 -42.49 5.45
CA SER P 149 -16.82 -43.53 6.30
C SER P 149 -18.13 -44.07 5.73
N MET P 150 -18.99 -43.17 5.24
CA MET P 150 -20.23 -43.62 4.61
C MET P 150 -19.97 -44.35 3.30
N LYS P 151 -18.95 -43.94 2.55
CA LYS P 151 -18.58 -44.67 1.34
C LYS P 151 -18.24 -46.12 1.65
N LYS P 152 -17.50 -46.35 2.74
CA LYS P 152 -17.20 -47.73 3.10
C LYS P 152 -18.38 -48.45 3.76
N LEU P 153 -19.24 -47.73 4.48
CA LEU P 153 -20.27 -48.37 5.29
C LEU P 153 -21.64 -48.43 4.64
N TYR P 154 -21.80 -47.90 3.42
CA TYR P 154 -23.13 -47.86 2.80
C TYR P 154 -23.62 -49.23 2.37
N SER P 155 -22.74 -50.23 2.28
CA SER P 155 -23.14 -51.55 1.83
C SER P 155 -23.99 -52.29 2.85
N GLN P 156 -24.04 -51.83 4.09
CA GLN P 156 -24.80 -52.49 5.16
C GLN P 156 -26.15 -51.82 5.43
N VAL P 157 -26.57 -50.88 4.59
CA VAL P 157 -27.82 -50.16 4.80
C VAL P 157 -28.94 -50.95 4.11
N THR P 158 -29.92 -51.39 4.91
CA THR P 158 -31.03 -52.16 4.38
C THR P 158 -32.37 -51.56 4.80
N ASP P 159 -32.40 -50.92 5.97
CA ASP P 159 -33.63 -50.37 6.51
C ASP P 159 -33.28 -49.14 7.35
N GLY P 160 -34.27 -48.66 8.11
CA GLY P 160 -34.07 -47.43 8.88
C GLY P 160 -33.04 -47.57 9.98
N ASP P 161 -33.07 -48.68 10.72
CA ASP P 161 -32.12 -48.88 11.81
C ASP P 161 -30.69 -48.96 11.29
N SER P 162 -30.49 -49.67 10.17
CA SER P 162 -29.16 -49.77 9.58
C SER P 162 -28.66 -48.40 9.14
N GLY P 163 -29.52 -47.60 8.51
CA GLY P 163 -29.12 -46.27 8.11
C GLY P 163 -28.79 -45.37 9.29
N LEU P 164 -29.58 -45.47 10.36
CA LEU P 164 -29.29 -44.69 11.57
C LEU P 164 -27.96 -45.10 12.18
N ARG P 165 -27.68 -46.41 12.23
CA ARG P 165 -26.41 -46.87 12.77
C ARG P 165 -25.25 -46.38 11.91
N VAL P 166 -25.40 -46.43 10.58
CA VAL P 166 -24.35 -45.96 9.70
C VAL P 166 -24.11 -44.46 9.89
N ALA P 167 -25.19 -43.69 10.02
CA ALA P 167 -25.05 -42.25 10.25
C ALA P 167 -24.34 -41.96 11.56
N VAL P 168 -24.70 -42.69 12.62
CA VAL P 168 -24.06 -42.47 13.93
C VAL P 168 -22.58 -42.84 13.85
N GLU P 169 -22.26 -43.93 13.17
CA GLU P 169 -20.86 -44.34 13.04
C GLU P 169 -20.07 -43.31 12.22
N ALA P 170 -20.67 -42.77 11.17
CA ALA P 170 -20.00 -41.74 10.38
C ALA P 170 -19.76 -40.49 11.20
N LEU P 171 -20.74 -40.09 12.01
CA LEU P 171 -20.56 -38.94 12.90
C LEU P 171 -19.45 -39.21 13.91
N TYR P 172 -19.39 -40.42 14.45
CA TYR P 172 -18.34 -40.78 15.39
C TYR P 172 -16.96 -40.71 14.72
N ASP P 173 -16.85 -41.21 13.49
CA ASP P 173 -15.59 -41.14 12.77
C ASP P 173 -15.19 -39.69 12.50
N ALA P 174 -16.15 -38.86 12.10
CA ALA P 174 -15.85 -37.45 11.86
C ALA P 174 -15.39 -36.75 13.12
N ALA P 175 -16.03 -37.06 14.26
CA ALA P 175 -15.60 -36.46 15.52
C ALA P 175 -14.22 -36.97 15.93
N ASP P 176 -13.92 -38.24 15.63
CA ASP P 176 -12.59 -38.76 15.94
C ASP P 176 -11.52 -38.08 15.10
N ASP P 177 -11.79 -37.83 13.82
CA ASP P 177 -10.80 -37.26 12.92
C ASP P 177 -10.79 -35.75 12.90
N ASP P 178 -11.75 -35.09 13.55
CA ASP P 178 -11.84 -33.63 13.54
C ASP P 178 -12.02 -33.12 14.96
N SER P 179 -11.22 -32.12 15.34
CA SER P 179 -11.30 -31.55 16.68
C SER P 179 -12.45 -30.56 16.85
N ALA P 180 -13.04 -30.10 15.75
CA ALA P 180 -14.18 -29.19 15.81
C ALA P 180 -15.52 -29.91 15.88
N THR P 181 -15.52 -31.24 15.79
CA THR P 181 -16.74 -32.03 15.86
C THR P 181 -16.80 -32.75 17.19
N GLY P 182 -17.93 -32.64 17.87
CA GLY P 182 -18.09 -33.27 19.17
C GLY P 182 -18.71 -34.65 19.11
N GLY P 183 -18.02 -35.63 19.70
CA GLY P 183 -18.51 -36.99 19.72
C GLY P 183 -19.51 -37.20 20.84
N PRO P 184 -19.96 -38.44 20.98
CA PRO P 184 -20.90 -38.77 22.06
C PRO P 184 -20.29 -38.51 23.43
N ASP P 185 -21.12 -38.00 24.34
CA ASP P 185 -20.69 -37.65 25.69
C ASP P 185 -21.26 -38.68 26.65
N LEU P 186 -20.39 -39.52 27.21
CA LEU P 186 -20.79 -40.53 28.17
C LEU P 186 -20.83 -40.01 29.60
N VAL P 187 -20.34 -38.81 29.85
CA VAL P 187 -20.36 -38.22 31.19
C VAL P 187 -21.59 -37.36 31.40
N ARG P 188 -21.85 -36.42 30.48
CA ARG P 188 -23.02 -35.56 30.57
C ARG P 188 -24.24 -36.14 29.88
N GLY P 189 -24.11 -37.27 29.20
CA GLY P 189 -25.23 -37.88 28.51
C GLY P 189 -25.75 -37.07 27.33
N ILE P 190 -24.85 -36.53 26.51
CA ILE P 190 -25.21 -35.77 25.32
C ILE P 190 -24.92 -36.62 24.09
N PHE P 191 -25.91 -36.76 23.23
CA PHE P 191 -25.80 -37.58 22.03
C PHE P 191 -26.35 -36.82 20.83
N PRO P 192 -25.86 -37.12 19.62
CA PRO P 192 -26.35 -36.42 18.43
C PRO P 192 -27.84 -36.65 18.20
N THR P 193 -28.48 -35.66 17.62
CA THR P 193 -29.90 -35.71 17.29
C THR P 193 -30.09 -36.18 15.85
N ALA P 194 -31.13 -36.98 15.62
CA ALA P 194 -31.43 -37.53 14.32
C ALA P 194 -32.91 -37.35 13.99
N VAL P 195 -33.19 -37.23 12.70
CA VAL P 195 -34.56 -37.09 12.19
C VAL P 195 -34.76 -38.12 11.08
N ILE P 196 -35.86 -38.86 11.17
CA ILE P 196 -36.21 -39.89 10.19
C ILE P 196 -37.46 -39.43 9.44
N ILE P 197 -37.38 -39.42 8.12
CA ILE P 197 -38.49 -39.03 7.25
C ILE P 197 -38.88 -40.24 6.41
N ASP P 198 -40.17 -40.59 6.43
CA ASP P 198 -40.68 -41.71 5.66
C ASP P 198 -42.04 -41.31 5.10
N ALA P 199 -42.79 -42.30 4.61
CA ALA P 199 -44.10 -42.04 4.02
C ALA P 199 -45.10 -41.49 5.03
N ASP P 200 -44.89 -41.74 6.31
CA ASP P 200 -45.81 -41.25 7.35
C ASP P 200 -45.45 -39.85 7.83
N GLY P 201 -44.35 -39.28 7.38
CA GLY P 201 -43.92 -37.96 7.78
C GLY P 201 -42.56 -37.97 8.44
N ALA P 202 -42.15 -36.79 8.90
CA ALA P 202 -40.87 -36.61 9.55
C ALA P 202 -41.06 -36.65 11.06
N VAL P 203 -40.28 -37.48 11.74
CA VAL P 203 -40.34 -37.64 13.19
C VAL P 203 -38.93 -37.49 13.76
N ASP P 204 -38.88 -37.24 15.06
CA ASP P 204 -37.62 -37.07 15.78
C ASP P 204 -37.24 -38.38 16.47
N VAL P 205 -36.01 -38.82 16.24
CA VAL P 205 -35.53 -40.07 16.85
C VAL P 205 -35.35 -39.86 18.34
N PRO P 206 -35.87 -40.75 19.20
CA PRO P 206 -35.65 -40.59 20.63
C PRO P 206 -34.19 -40.76 20.99
N GLU P 207 -33.78 -40.07 22.06
CA GLU P 207 -32.38 -40.08 22.48
C GLU P 207 -31.92 -41.47 22.94
N SER P 208 -32.85 -42.32 23.40
CA SER P 208 -32.46 -43.63 23.90
C SER P 208 -31.85 -44.49 22.80
N ARG P 209 -32.46 -44.51 21.62
CA ARG P 209 -31.94 -45.32 20.53
C ARG P 209 -30.55 -44.86 20.10
N ILE P 210 -30.35 -43.54 20.00
CA ILE P 210 -29.05 -43.01 19.65
C ILE P 210 -28.03 -43.34 20.72
N ALA P 211 -28.45 -43.29 22.00
CA ALA P 211 -27.54 -43.64 23.08
C ALA P 211 -27.09 -45.09 23.00
N GLU P 212 -28.03 -46.01 22.75
CA GLU P 212 -27.67 -47.41 22.61
C GLU P 212 -26.76 -47.64 21.41
N LEU P 213 -27.07 -46.99 20.29
CA LEU P 213 -26.22 -47.15 19.10
C LEU P 213 -24.80 -46.64 19.36
N ALA P 214 -24.68 -45.48 20.00
CA ALA P 214 -23.36 -44.94 20.30
C ALA P 214 -22.60 -45.83 21.26
N ARG P 215 -23.29 -46.35 22.28
CA ARG P 215 -22.63 -47.24 23.24
C ARG P 215 -22.15 -48.52 22.55
N ALA P 216 -22.98 -49.09 21.66
CA ALA P 216 -22.58 -50.28 20.94
C ALA P 216 -21.38 -50.01 20.04
N ILE P 217 -21.38 -48.85 19.36
CA ILE P 217 -20.26 -48.51 18.49
C ILE P 217 -18.98 -48.34 19.31
N ILE P 218 -19.08 -47.66 20.46
CA ILE P 218 -17.91 -47.46 21.31
C ILE P 218 -17.39 -48.79 21.82
N GLU P 219 -18.28 -49.69 22.23
CA GLU P 219 -17.85 -51.00 22.69
C GLU P 219 -17.18 -51.79 21.58
N SER P 220 -17.72 -51.72 20.36
CA SER P 220 -17.12 -52.42 19.24
C SER P 220 -15.73 -51.87 18.91
N ARG P 221 -15.57 -50.55 18.97
CA ARG P 221 -14.29 -49.93 18.65
C ARG P 221 -13.24 -50.21 19.72
N SER P 222 -13.65 -50.57 20.93
CA SER P 222 -12.71 -50.85 22.01
C SER P 222 -12.00 -52.18 21.78
N ALA Q 1 -14.59 -5.23 33.61
CA ALA Q 1 -16.02 -5.48 33.47
C ALA Q 1 -16.32 -6.98 33.51
N THR Q 2 -17.10 -7.40 34.50
CA THR Q 2 -17.50 -8.79 34.63
C THR Q 2 -18.90 -8.86 35.22
N ILE Q 3 -19.78 -9.60 34.56
CA ILE Q 3 -21.14 -9.80 35.03
C ILE Q 3 -21.41 -11.30 35.08
N VAL Q 4 -21.91 -11.78 36.22
CA VAL Q 4 -22.16 -13.19 36.43
C VAL Q 4 -23.63 -13.40 36.75
N ALA Q 5 -24.12 -14.61 36.42
CA ALA Q 5 -25.50 -14.98 36.71
C ALA Q 5 -25.58 -16.49 36.80
N LEU Q 6 -26.24 -16.98 37.85
CA LEU Q 6 -26.38 -18.41 38.06
C LEU Q 6 -27.81 -18.71 38.52
N LYS Q 7 -28.20 -19.98 38.36
CA LYS Q 7 -29.55 -20.43 38.66
C LYS Q 7 -29.58 -21.20 39.97
N TYR Q 8 -30.55 -20.91 40.81
CA TYR Q 8 -30.79 -21.61 42.06
C TYR Q 8 -32.24 -22.04 42.10
N PRO Q 9 -32.58 -23.09 42.86
CA PRO Q 9 -33.96 -23.56 42.92
C PRO Q 9 -34.94 -22.48 43.38
N GLY Q 10 -35.84 -22.07 42.50
CA GLY Q 10 -36.85 -21.08 42.82
C GLY Q 10 -36.55 -19.68 42.35
N GLY Q 11 -35.49 -19.45 41.58
CA GLY Q 11 -35.19 -18.11 41.13
C GLY Q 11 -33.88 -18.07 40.37
N VAL Q 12 -33.37 -16.85 40.19
CA VAL Q 12 -32.12 -16.61 39.48
C VAL Q 12 -31.50 -15.33 40.02
N VAL Q 13 -30.17 -15.32 40.15
CA VAL Q 13 -29.44 -14.18 40.66
C VAL Q 13 -28.58 -13.60 39.54
N MET Q 14 -28.21 -12.34 39.70
CA MET Q 14 -27.42 -11.63 38.70
C MET Q 14 -26.61 -10.54 39.38
N ALA Q 15 -25.32 -10.46 39.06
CA ALA Q 15 -24.44 -9.50 39.70
C ALA Q 15 -23.35 -9.08 38.72
N GLY Q 16 -22.74 -7.92 39.01
CA GLY Q 16 -21.67 -7.40 38.17
C GLY Q 16 -20.77 -6.48 38.97
N ASP Q 17 -19.62 -6.19 38.38
CA ASP Q 17 -18.62 -5.36 39.03
C ASP Q 17 -18.96 -3.87 38.88
N ARG Q 18 -18.10 -3.02 39.43
CA ARG Q 18 -18.32 -1.58 39.46
C ARG Q 18 -17.04 -0.84 39.06
N ARG Q 19 -16.42 -1.27 37.96
CA ARG Q 19 -15.19 -0.63 37.49
C ARG Q 19 -15.33 -0.24 36.03
N SER Q 20 -14.92 0.99 35.71
CA SER Q 20 -14.82 1.48 34.34
C SER Q 20 -13.40 1.97 34.12
N THR Q 21 -12.77 1.49 33.04
CA THR Q 21 -11.37 1.79 32.76
C THR Q 21 -11.23 2.30 31.34
N GLN Q 22 -10.53 3.44 31.19
CA GLN Q 22 -10.25 4.02 29.88
C GLN Q 22 -8.84 3.62 29.47
N GLY Q 23 -8.72 2.41 28.92
CA GLY Q 23 -7.42 1.89 28.55
C GLY Q 23 -6.74 1.17 29.69
N ASN Q 24 -5.85 1.87 30.39
CA ASN Q 24 -5.21 1.36 31.59
C ASN Q 24 -5.44 2.23 32.81
N MET Q 25 -6.08 3.39 32.64
CA MET Q 25 -6.37 4.31 33.74
C MET Q 25 -7.80 4.11 34.21
N ILE Q 26 -7.98 4.13 35.53
CA ILE Q 26 -9.29 3.94 36.13
C ILE Q 26 -10.10 5.22 36.03
N SER Q 27 -11.31 5.11 35.48
CA SER Q 27 -12.21 6.26 35.32
C SER Q 27 -13.39 6.23 36.27
N GLY Q 28 -13.94 5.06 36.56
CA GLY Q 28 -15.07 4.96 37.48
C GLY Q 28 -14.81 3.91 38.53
N ARG Q 29 -15.45 4.11 39.69
CA ARG Q 29 -15.27 3.23 40.83
C ARG Q 29 -16.55 2.58 41.34
N ASP Q 30 -17.72 3.08 40.95
CA ASP Q 30 -18.99 2.49 41.36
C ASP Q 30 -19.99 2.45 40.21
N VAL Q 31 -19.50 2.12 39.01
CA VAL Q 31 -20.37 2.11 37.83
C VAL Q 31 -21.36 0.96 37.94
N ARG Q 32 -22.63 1.26 37.66
CA ARG Q 32 -23.69 0.26 37.71
C ARG Q 32 -23.92 -0.33 36.32
N LYS Q 33 -23.90 -1.66 36.24
CA LYS Q 33 -24.04 -2.35 34.97
C LYS Q 33 -25.20 -3.35 34.94
N VAL Q 34 -25.91 -3.54 36.04
CA VAL Q 34 -27.05 -4.44 36.11
C VAL Q 34 -28.31 -3.59 36.24
N TYR Q 35 -29.26 -3.80 35.33
CA TYR Q 35 -30.49 -3.00 35.29
C TYR Q 35 -31.70 -3.93 35.25
N ILE Q 36 -32.83 -3.41 35.72
CA ILE Q 36 -34.08 -4.15 35.72
C ILE Q 36 -34.97 -3.57 34.63
N THR Q 37 -35.31 -4.41 33.64
CA THR Q 37 -36.13 -3.95 32.54
C THR Q 37 -37.61 -3.92 32.92
N ASP Q 38 -38.13 -5.03 33.44
CA ASP Q 38 -39.50 -5.10 33.93
C ASP Q 38 -39.55 -6.08 35.08
N ASP Q 39 -40.76 -6.56 35.40
CA ASP Q 39 -40.98 -7.25 36.68
C ASP Q 39 -40.19 -8.53 36.79
N TYR Q 40 -40.11 -9.33 35.72
CA TYR Q 40 -39.63 -10.70 35.83
C TYR Q 40 -38.35 -10.98 35.03
N THR Q 41 -37.56 -9.95 34.72
CA THR Q 41 -36.24 -10.20 34.12
C THR Q 41 -35.37 -8.96 34.30
N ALA Q 42 -34.07 -9.21 34.32
CA ALA Q 42 -33.06 -8.16 34.41
C ALA Q 42 -31.95 -8.43 33.39
N THR Q 43 -31.29 -7.37 32.96
CA THR Q 43 -30.26 -7.48 31.93
C THR Q 43 -28.96 -6.83 32.40
N GLY Q 44 -27.86 -7.29 31.83
CA GLY Q 44 -26.55 -6.73 32.12
C GLY Q 44 -25.68 -6.70 30.88
N ILE Q 45 -25.12 -5.54 30.57
CA ILE Q 45 -24.37 -5.32 29.34
C ILE Q 45 -22.93 -4.99 29.71
N ALA Q 46 -21.99 -5.69 29.07
CA ALA Q 46 -20.56 -5.47 29.27
C ALA Q 46 -19.95 -4.89 28.00
N GLY Q 47 -19.15 -3.83 28.15
CA GLY Q 47 -18.54 -3.18 27.02
C GLY Q 47 -18.56 -1.67 27.11
N THR Q 48 -18.84 -0.99 26.02
CA THR Q 48 -18.93 0.46 26.02
C THR Q 48 -20.16 0.91 26.80
N ALA Q 49 -19.95 1.80 27.77
CA ALA Q 49 -21.05 2.28 28.60
C ALA Q 49 -22.06 3.07 27.77
N ALA Q 50 -21.59 3.91 26.85
CA ALA Q 50 -22.49 4.73 26.05
C ALA Q 50 -23.47 3.88 25.27
N VAL Q 51 -23.04 2.69 24.82
CA VAL Q 51 -23.96 1.79 24.15
C VAL Q 51 -24.76 0.98 25.16
N ALA Q 52 -24.18 0.66 26.32
CA ALA Q 52 -24.85 -0.20 27.29
C ALA Q 52 -26.09 0.47 27.88
N VAL Q 53 -25.95 1.72 28.33
CA VAL Q 53 -27.10 2.42 28.91
C VAL Q 53 -28.18 2.63 27.85
N GLU Q 54 -27.77 2.98 26.63
CA GLU Q 54 -28.74 3.16 25.55
C GLU Q 54 -29.49 1.86 25.27
N PHE Q 55 -28.79 0.74 25.23
CA PHE Q 55 -29.44 -0.55 24.99
C PHE Q 55 -30.42 -0.89 26.10
N ALA Q 56 -30.01 -0.68 27.36
CA ALA Q 56 -30.91 -0.98 28.48
C ALA Q 56 -32.18 -0.13 28.40
N ARG Q 57 -32.01 1.18 28.21
CA ARG Q 57 -33.18 2.07 28.12
C ARG Q 57 -34.08 1.69 26.96
N LEU Q 58 -33.49 1.42 25.78
CA LEU Q 58 -34.29 1.09 24.61
C LEU Q 58 -35.04 -0.22 24.81
N TYR Q 59 -34.40 -1.22 25.40
CA TYR Q 59 -35.06 -2.50 25.64
C TYR Q 59 -36.23 -2.34 26.60
N ALA Q 60 -36.02 -1.58 27.69
CA ALA Q 60 -37.11 -1.34 28.63
C ALA Q 60 -38.26 -0.58 27.97
N VAL Q 61 -37.93 0.44 27.17
CA VAL Q 61 -38.97 1.23 26.50
C VAL Q 61 -39.76 0.37 25.53
N GLU Q 62 -39.07 -0.49 24.75
CA GLU Q 62 -39.77 -1.34 23.80
C GLU Q 62 -40.69 -2.32 24.52
N LEU Q 63 -40.21 -2.94 25.61
CA LEU Q 63 -41.06 -3.87 26.36
C LEU Q 63 -42.29 -3.17 26.91
N GLU Q 64 -42.09 -1.98 27.50
CA GLU Q 64 -43.23 -1.25 28.06
C GLU Q 64 -44.20 -0.83 26.96
N HIS Q 65 -43.68 -0.41 25.81
CA HIS Q 65 -44.52 0.01 24.70
C HIS Q 65 -45.38 -1.15 24.19
N TYR Q 66 -44.78 -2.33 24.04
CA TYR Q 66 -45.55 -3.49 23.60
C TYR Q 66 -46.60 -3.87 24.64
N GLU Q 67 -46.22 -3.85 25.93
CA GLU Q 67 -47.17 -4.21 26.97
C GLU Q 67 -48.35 -3.24 27.00
N LYS Q 68 -48.10 -1.95 26.81
CA LYS Q 68 -49.17 -0.97 26.80
C LYS Q 68 -50.05 -1.12 25.55
N LEU Q 69 -49.44 -1.39 24.40
CA LEU Q 69 -50.21 -1.48 23.16
C LEU Q 69 -51.10 -2.72 23.15
N GLU Q 70 -50.54 -3.88 23.49
CA GLU Q 70 -51.29 -5.12 23.38
C GLU Q 70 -52.04 -5.49 24.67
N GLY Q 71 -51.68 -4.90 25.79
CA GLY Q 71 -52.35 -5.19 27.05
C GLY Q 71 -51.83 -6.41 27.79
N VAL Q 72 -50.91 -7.16 27.20
CA VAL Q 72 -50.33 -8.34 27.84
C VAL Q 72 -48.82 -8.30 27.67
N PRO Q 73 -48.04 -8.80 28.63
CA PRO Q 73 -46.59 -8.80 28.48
C PRO Q 73 -46.14 -9.79 27.41
N LEU Q 74 -44.98 -9.50 26.83
CA LEU Q 74 -44.40 -10.39 25.83
C LEU Q 74 -43.97 -11.70 26.47
N THR Q 75 -44.00 -12.76 25.67
CA THR Q 75 -43.46 -14.04 26.10
C THR Q 75 -41.94 -13.96 26.16
N PHE Q 76 -41.33 -14.94 26.84
CA PHE Q 76 -39.88 -14.95 26.98
C PHE Q 76 -39.20 -15.09 25.63
N ALA Q 77 -39.75 -15.92 24.75
CA ALA Q 77 -39.18 -16.08 23.41
C ALA Q 77 -39.24 -14.77 22.63
N GLY Q 78 -40.35 -14.04 22.77
CA GLY Q 78 -40.45 -12.74 22.11
C GLY Q 78 -39.41 -11.75 22.63
N LYS Q 79 -39.19 -11.73 23.95
CA LYS Q 79 -38.17 -10.87 24.52
C LYS Q 79 -36.78 -11.24 24.01
N ILE Q 80 -36.49 -12.54 23.93
CA ILE Q 80 -35.20 -12.98 23.41
C ILE Q 80 -35.04 -12.56 21.96
N ASN Q 81 -36.10 -12.71 21.16
CA ASN Q 81 -36.04 -12.30 19.76
C ASN Q 81 -35.80 -10.80 19.62
N ARG Q 82 -36.49 -10.00 20.43
CA ARG Q 82 -36.30 -8.56 20.37
C ARG Q 82 -34.88 -8.17 20.74
N LEU Q 83 -34.34 -8.77 21.82
CA LEU Q 83 -32.98 -8.46 22.23
C LEU Q 83 -31.97 -8.91 21.18
N ALA Q 84 -32.20 -10.07 20.55
CA ALA Q 84 -31.30 -10.55 19.50
C ALA Q 84 -31.33 -9.61 18.30
N ILE Q 85 -32.52 -9.12 17.92
CA ILE Q 85 -32.60 -8.16 16.81
C ILE Q 85 -31.86 -6.88 17.16
N MET Q 86 -32.03 -6.40 18.39
CA MET Q 86 -31.33 -5.19 18.81
C MET Q 86 -29.81 -5.37 18.76
N VAL Q 87 -29.33 -6.53 19.22
CA VAL Q 87 -27.89 -6.78 19.17
C VAL Q 87 -27.40 -6.89 17.73
N ARG Q 88 -28.15 -7.58 16.88
CA ARG Q 88 -27.75 -7.76 15.49
C ARG Q 88 -27.71 -6.44 14.73
N GLY Q 89 -28.61 -5.51 15.07
CA GLY Q 89 -28.64 -4.24 14.38
C GLY Q 89 -27.46 -3.32 14.66
N ASN Q 90 -26.59 -3.69 15.60
CA ASN Q 90 -25.44 -2.88 15.98
C ASN Q 90 -24.12 -3.53 15.55
N LEU Q 91 -24.16 -4.43 14.57
CA LEU Q 91 -22.96 -5.19 14.20
C LEU Q 91 -21.91 -4.29 13.56
N ALA Q 92 -22.33 -3.32 12.74
CA ALA Q 92 -21.38 -2.41 12.11
C ALA Q 92 -20.65 -1.57 13.16
N ALA Q 93 -21.40 -1.00 14.10
CA ALA Q 93 -20.78 -0.22 15.18
C ALA Q 93 -19.89 -1.09 16.04
N ALA Q 94 -20.27 -2.35 16.26
CA ALA Q 94 -19.40 -3.26 16.99
C ALA Q 94 -18.10 -3.52 16.22
N MET Q 95 -18.20 -3.65 14.89
CA MET Q 95 -17.01 -3.83 14.08
C MET Q 95 -16.10 -2.62 14.16
N GLN Q 96 -16.67 -1.42 14.16
CA GLN Q 96 -15.84 -0.22 14.34
C GLN Q 96 -15.19 -0.19 15.71
N GLY Q 97 -15.87 -0.71 16.74
CA GLY Q 97 -15.31 -0.73 18.08
C GLY Q 97 -16.34 -0.50 19.16
N LEU Q 98 -17.56 -0.14 18.79
CA LEU Q 98 -18.65 0.09 19.75
C LEU Q 98 -19.37 -1.23 20.00
N LEU Q 99 -18.71 -2.09 20.76
CA LEU Q 99 -19.21 -3.43 21.04
C LEU Q 99 -19.90 -3.47 22.39
N ALA Q 100 -21.04 -4.15 22.44
CA ALA Q 100 -21.81 -4.31 23.68
C ALA Q 100 -22.45 -5.69 23.67
N LEU Q 101 -22.03 -6.54 24.61
CA LEU Q 101 -22.57 -7.89 24.71
C LEU Q 101 -23.46 -8.01 25.95
N PRO Q 102 -24.78 -8.07 25.79
CA PRO Q 102 -25.66 -8.16 26.95
C PRO Q 102 -25.83 -9.58 27.46
N LEU Q 103 -26.25 -9.67 28.72
CA LEU Q 103 -26.58 -10.94 29.35
C LEU Q 103 -27.98 -10.83 29.94
N LEU Q 104 -28.83 -11.81 29.61
CA LEU Q 104 -30.23 -11.78 30.01
C LEU Q 104 -30.53 -12.89 31.00
N ALA Q 105 -31.14 -12.53 32.12
CA ALA Q 105 -31.61 -13.47 33.13
C ALA Q 105 -33.03 -13.10 33.53
N GLY Q 106 -33.92 -14.10 33.54
CA GLY Q 106 -35.31 -13.83 33.83
C GLY Q 106 -36.01 -15.03 34.44
N TYR Q 107 -37.26 -14.81 34.85
CA TYR Q 107 -38.10 -15.83 35.45
C TYR Q 107 -39.32 -16.05 34.57
N ASP Q 108 -39.58 -17.30 34.22
CA ASP Q 108 -40.69 -17.65 33.34
C ASP Q 108 -41.91 -17.99 34.20
N ILE Q 109 -42.92 -17.12 34.18
CA ILE Q 109 -44.14 -17.38 34.94
C ILE Q 109 -45.07 -18.35 34.26
N HIS Q 110 -44.80 -18.72 33.01
CA HIS Q 110 -45.62 -19.66 32.25
C HIS Q 110 -44.97 -21.03 32.15
N ALA Q 111 -44.27 -21.45 33.19
CA ALA Q 111 -43.58 -22.74 33.22
C ALA Q 111 -44.30 -23.70 34.15
N SER Q 112 -44.29 -24.99 33.78
CA SER Q 112 -44.96 -26.01 34.59
C SER Q 112 -44.32 -26.14 35.97
N ASP Q 113 -42.98 -26.10 36.03
CA ASP Q 113 -42.29 -26.27 37.29
C ASP Q 113 -41.76 -24.92 37.76
N PRO Q 114 -42.31 -24.34 38.84
CA PRO Q 114 -41.77 -23.06 39.33
C PRO Q 114 -40.32 -23.14 39.77
N GLN Q 115 -39.88 -24.29 40.29
CA GLN Q 115 -38.51 -24.41 40.76
C GLN Q 115 -37.49 -24.37 39.63
N SER Q 116 -37.89 -24.70 38.41
CA SER Q 116 -37.00 -24.69 37.25
C SER Q 116 -37.41 -23.61 36.24
N ALA Q 117 -38.02 -22.53 36.72
CA ALA Q 117 -38.48 -21.46 35.85
C ALA Q 117 -37.42 -20.41 35.55
N GLY Q 118 -36.26 -20.48 36.21
CA GLY Q 118 -35.20 -19.54 35.92
C GLY Q 118 -34.58 -19.79 34.55
N ARG Q 119 -34.23 -18.71 33.87
CA ARG Q 119 -33.63 -18.78 32.54
C ARG Q 119 -32.44 -17.84 32.46
N ILE Q 120 -31.39 -18.29 31.79
CA ILE Q 120 -30.21 -17.49 31.52
C ILE Q 120 -29.91 -17.57 30.03
N VAL Q 121 -29.79 -16.40 29.38
CA VAL Q 121 -29.57 -16.32 27.95
C VAL Q 121 -28.32 -15.49 27.69
N SER Q 122 -27.44 -16.00 26.83
CA SER Q 122 -26.24 -15.29 26.42
C SER Q 122 -26.32 -14.95 24.94
N PHE Q 123 -25.74 -13.81 24.56
CA PHE Q 123 -25.80 -13.30 23.20
C PHE Q 123 -24.40 -13.15 22.63
N ASP Q 124 -24.28 -13.41 21.33
CA ASP Q 124 -23.01 -13.29 20.62
C ASP Q 124 -22.89 -11.93 19.96
N ALA Q 125 -21.74 -11.67 19.36
CA ALA Q 125 -21.51 -10.38 18.70
C ALA Q 125 -22.31 -10.27 17.41
N ALA Q 126 -22.65 -11.38 16.79
CA ALA Q 126 -23.40 -11.39 15.54
C ALA Q 126 -24.91 -11.45 15.74
N GLY Q 127 -25.38 -11.45 16.99
CA GLY Q 127 -26.80 -11.52 17.28
C GLY Q 127 -27.32 -12.89 17.65
N GLY Q 128 -26.47 -13.93 17.62
CA GLY Q 128 -26.91 -15.25 18.01
C GLY Q 128 -27.12 -15.36 19.51
N TRP Q 129 -28.11 -16.14 19.90
CA TRP Q 129 -28.45 -16.33 21.31
C TRP Q 129 -28.51 -17.81 21.63
N ASN Q 130 -28.16 -18.15 22.87
CA ASN Q 130 -28.20 -19.52 23.36
C ASN Q 130 -28.70 -19.52 24.79
N ILE Q 131 -29.63 -20.42 25.10
CA ILE Q 131 -30.18 -20.52 26.45
C ILE Q 131 -29.21 -21.32 27.31
N GLU Q 132 -28.75 -20.71 28.40
CA GLU Q 132 -27.79 -21.36 29.28
C GLU Q 132 -28.49 -22.39 30.15
N GLU Q 133 -27.88 -23.58 30.25
CA GLU Q 133 -28.46 -24.69 30.99
C GLU Q 133 -27.48 -25.40 31.92
N GLU Q 134 -26.20 -25.01 31.92
CA GLU Q 134 -25.27 -25.56 32.89
C GLU Q 134 -25.49 -25.01 34.29
N GLY Q 135 -26.33 -23.98 34.43
CA GLY Q 135 -26.63 -23.39 35.72
C GLY Q 135 -25.94 -22.07 35.99
N TYR Q 136 -25.02 -21.64 35.13
CA TYR Q 136 -24.31 -20.40 35.34
C TYR Q 136 -23.75 -19.89 34.02
N GLN Q 137 -23.46 -18.60 33.98
CA GLN Q 137 -22.88 -17.96 32.80
C GLN Q 137 -22.31 -16.61 33.21
N ALA Q 138 -21.16 -16.26 32.62
CA ALA Q 138 -20.50 -15.00 32.91
C ALA Q 138 -20.10 -14.34 31.59
N VAL Q 139 -20.11 -13.01 31.59
CA VAL Q 139 -19.70 -12.21 30.44
C VAL Q 139 -18.77 -11.10 30.93
N GLY Q 140 -17.95 -10.61 30.01
CA GLY Q 140 -17.01 -9.54 30.29
C GLY Q 140 -15.58 -9.97 30.03
N SER Q 141 -14.66 -9.10 30.43
CA SER Q 141 -13.24 -9.37 30.24
C SER Q 141 -12.78 -10.55 31.10
N GLY Q 142 -13.23 -10.61 32.34
CA GLY Q 142 -12.85 -11.68 33.24
C GLY Q 142 -13.89 -12.78 33.34
N SER Q 143 -14.54 -13.08 32.21
CA SER Q 143 -15.60 -14.07 32.22
C SER Q 143 -15.06 -15.48 32.44
N LEU Q 144 -13.87 -15.77 31.92
CA LEU Q 144 -13.33 -17.13 32.01
C LEU Q 144 -13.02 -17.51 33.46
N PHE Q 145 -12.37 -16.60 34.20
CA PHE Q 145 -12.03 -16.88 35.58
C PHE Q 145 -13.28 -17.08 36.42
N ALA Q 146 -14.27 -16.20 36.24
CA ALA Q 146 -15.53 -16.33 36.98
C ALA Q 146 -16.24 -17.62 36.63
N LYS Q 147 -16.22 -18.01 35.35
CA LYS Q 147 -16.88 -19.24 34.94
C LYS Q 147 -16.19 -20.46 35.56
N SER Q 148 -14.86 -20.47 35.61
CA SER Q 148 -14.16 -21.58 36.26
C SER Q 148 -14.48 -21.62 37.76
N SER Q 149 -14.49 -20.46 38.41
CA SER Q 149 -14.81 -20.41 39.83
C SER Q 149 -16.23 -20.93 40.09
N MET Q 150 -17.19 -20.52 39.25
CA MET Q 150 -18.55 -21.04 39.39
C MET Q 150 -18.63 -22.52 39.08
N LYS Q 151 -17.83 -23.00 38.13
CA LYS Q 151 -17.80 -24.44 37.86
C LYS Q 151 -17.39 -25.22 39.10
N LYS Q 152 -16.40 -24.72 39.83
CA LYS Q 152 -16.01 -25.41 41.06
C LYS Q 152 -16.99 -25.17 42.22
N LEU Q 153 -17.64 -24.00 42.27
CA LEU Q 153 -18.42 -23.62 43.43
C LEU Q 153 -19.92 -23.87 43.29
N TYR Q 154 -20.38 -24.39 42.14
CA TYR Q 154 -21.83 -24.55 41.95
C TYR Q 154 -22.42 -25.67 42.79
N SER Q 155 -21.58 -26.55 43.36
CA SER Q 155 -22.09 -27.67 44.14
C SER Q 155 -22.66 -27.23 45.49
N GLN Q 156 -22.40 -26.00 45.93
CA GLN Q 156 -22.86 -25.51 47.21
C GLN Q 156 -24.08 -24.61 47.11
N VAL Q 157 -24.70 -24.53 45.93
CA VAL Q 157 -25.86 -23.67 45.72
C VAL Q 157 -27.12 -24.46 46.07
N THR Q 158 -27.87 -23.98 47.06
CA THR Q 158 -29.09 -24.64 47.49
C THR Q 158 -30.26 -23.67 47.52
N ASP Q 159 -29.99 -22.40 47.78
CA ASP Q 159 -31.04 -21.40 47.91
C ASP Q 159 -30.49 -20.05 47.43
N GLY Q 160 -31.24 -18.98 47.72
CA GLY Q 160 -30.85 -17.66 47.24
C GLY Q 160 -29.58 -17.15 47.87
N ASP Q 161 -29.42 -17.32 49.17
CA ASP Q 161 -28.22 -16.83 49.85
C ASP Q 161 -26.97 -17.56 49.37
N SER Q 162 -27.07 -18.88 49.16
CA SER Q 162 -25.93 -19.63 48.65
C SER Q 162 -25.56 -19.17 47.24
N GLY Q 163 -26.55 -18.94 46.39
CA GLY Q 163 -26.27 -18.44 45.05
C GLY Q 163 -25.63 -17.06 45.07
N LEU Q 164 -26.13 -16.18 45.94
CA LEU Q 164 -25.54 -14.85 46.07
C LEU Q 164 -24.09 -14.93 46.54
N ARG Q 165 -23.82 -15.79 47.53
CA ARG Q 165 -22.44 -15.95 48.01
C ARG Q 165 -21.54 -16.49 46.91
N VAL Q 166 -22.03 -17.46 46.13
CA VAL Q 166 -21.23 -18.01 45.03
C VAL Q 166 -20.95 -16.95 43.98
N ALA Q 167 -21.97 -16.13 43.65
CA ALA Q 167 -21.76 -15.06 42.68
C ALA Q 167 -20.74 -14.04 43.17
N VAL Q 168 -20.82 -13.66 44.45
CA VAL Q 168 -19.87 -12.70 45.00
C VAL Q 168 -18.45 -13.28 45.00
N GLU Q 169 -18.33 -14.56 45.35
CA GLU Q 169 -17.00 -15.19 45.34
C GLU Q 169 -16.44 -15.28 43.93
N ALA Q 170 -17.30 -15.59 42.94
CA ALA Q 170 -16.84 -15.63 41.56
C ALA Q 170 -16.39 -14.25 41.08
N LEU Q 171 -17.14 -13.21 41.44
CA LEU Q 171 -16.73 -11.85 41.10
C LEU Q 171 -15.41 -11.49 41.76
N TYR Q 172 -15.22 -11.90 43.01
CA TYR Q 172 -13.95 -11.65 43.70
C TYR Q 172 -12.80 -12.36 43.01
N ASP Q 173 -13.00 -13.61 42.60
CA ASP Q 173 -11.96 -14.35 41.89
C ASP Q 173 -11.64 -13.69 40.55
N ALA Q 174 -12.67 -13.24 39.82
CA ALA Q 174 -12.45 -12.57 38.55
C ALA Q 174 -11.67 -11.28 38.74
N ALA Q 175 -12.00 -10.51 39.78
CA ALA Q 175 -11.26 -9.28 40.06
C ALA Q 175 -9.83 -9.58 40.47
N ASP Q 176 -9.61 -10.68 41.20
CA ASP Q 176 -8.26 -11.06 41.58
C ASP Q 176 -7.43 -11.44 40.36
N ASP Q 177 -8.01 -12.17 39.41
CA ASP Q 177 -7.29 -12.66 38.25
C ASP Q 177 -7.29 -11.68 37.07
N ASP Q 178 -8.03 -10.58 37.15
CA ASP Q 178 -8.12 -9.63 36.05
C ASP Q 178 -7.93 -8.22 36.59
N SER Q 179 -7.06 -7.44 35.93
CA SER Q 179 -6.79 -6.08 36.35
C SER Q 179 -7.85 -5.09 35.90
N ALA Q 180 -8.71 -5.47 34.95
CA ALA Q 180 -9.79 -4.61 34.48
C ALA Q 180 -11.07 -4.77 35.30
N THR Q 181 -11.10 -5.69 36.24
CA THR Q 181 -12.26 -5.93 37.10
C THR Q 181 -11.98 -5.41 38.50
N GLY Q 182 -12.90 -4.61 39.02
CA GLY Q 182 -12.73 -4.03 40.33
C GLY Q 182 -13.34 -4.86 41.45
N GLY Q 183 -12.53 -5.20 42.45
CA GLY Q 183 -13.01 -5.96 43.58
C GLY Q 183 -13.69 -5.09 44.61
N PRO Q 184 -14.09 -5.71 45.72
CA PRO Q 184 -14.72 -4.94 46.80
C PRO Q 184 -13.78 -3.89 47.36
N ASP Q 185 -14.34 -2.73 47.68
CA ASP Q 185 -13.59 -1.59 48.20
C ASP Q 185 -13.89 -1.44 49.68
N LEU Q 186 -12.91 -1.75 50.52
CA LEU Q 186 -13.07 -1.63 51.96
C LEU Q 186 -12.73 -0.23 52.48
N VAL Q 187 -12.20 0.64 51.63
CA VAL Q 187 -11.87 2.00 52.03
C VAL Q 187 -13.00 2.97 51.71
N ARG Q 188 -13.49 2.95 50.47
CA ARG Q 188 -14.59 3.81 50.05
C ARG Q 188 -15.96 3.16 50.26
N GLY Q 189 -16.00 1.90 50.68
CA GLY Q 189 -17.27 1.22 50.89
C GLY Q 189 -18.06 0.98 49.62
N ILE Q 190 -17.39 0.55 48.55
CA ILE Q 190 -18.04 0.25 47.27
C ILE Q 190 -18.07 -1.26 47.09
N PHE Q 191 -19.26 -1.80 46.82
CA PHE Q 191 -19.46 -3.23 46.67
C PHE Q 191 -20.29 -3.51 45.43
N PRO Q 192 -20.14 -4.69 44.83
CA PRO Q 192 -20.91 -5.01 43.62
C PRO Q 192 -22.41 -5.04 43.90
N THR Q 193 -23.19 -4.69 42.87
CA THR Q 193 -24.63 -4.69 42.95
C THR Q 193 -25.18 -6.01 42.43
N ALA Q 194 -26.26 -6.49 43.06
CA ALA Q 194 -26.88 -7.76 42.70
C ALA Q 194 -28.38 -7.59 42.60
N VAL Q 195 -29.00 -8.41 41.74
CA VAL Q 195 -30.44 -8.42 41.55
C VAL Q 195 -30.92 -9.86 41.66
N ILE Q 196 -31.97 -10.06 42.46
CA ILE Q 196 -32.56 -11.38 42.68
C ILE Q 196 -33.95 -11.39 42.07
N ILE Q 197 -34.22 -12.37 41.20
CA ILE Q 197 -35.51 -12.53 40.56
C ILE Q 197 -36.11 -13.86 41.00
N ASP Q 198 -37.34 -13.82 41.49
CA ASP Q 198 -38.05 -15.01 41.95
C ASP Q 198 -39.50 -14.90 41.51
N ALA Q 199 -40.35 -15.76 42.08
CA ALA Q 199 -41.77 -15.76 41.72
C ALA Q 199 -42.48 -14.47 42.10
N ASP Q 200 -41.96 -13.73 43.07
CA ASP Q 200 -42.56 -12.48 43.49
C ASP Q 200 -42.11 -11.27 42.67
N GLY Q 201 -41.15 -11.46 41.78
CA GLY Q 201 -40.63 -10.38 40.95
C GLY Q 201 -39.14 -10.18 41.16
N ALA Q 202 -38.63 -9.15 40.48
CA ALA Q 202 -37.22 -8.80 40.55
C ALA Q 202 -37.02 -7.68 41.56
N VAL Q 203 -36.08 -7.88 42.49
CA VAL Q 203 -35.78 -6.91 43.53
C VAL Q 203 -34.28 -6.66 43.54
N ASP Q 204 -33.89 -5.56 44.17
CA ASP Q 204 -32.49 -5.17 44.29
C ASP Q 204 -31.95 -5.60 45.65
N VAL Q 205 -30.82 -6.29 45.64
CA VAL Q 205 -30.20 -6.74 46.90
C VAL Q 205 -29.64 -5.54 47.65
N PRO Q 206 -29.94 -5.40 48.94
CA PRO Q 206 -29.36 -4.28 49.71
C PRO Q 206 -27.84 -4.41 49.81
N GLU Q 207 -27.18 -3.26 49.89
CA GLU Q 207 -25.72 -3.23 49.93
C GLU Q 207 -25.17 -3.89 51.20
N SER Q 208 -25.94 -3.92 52.29
CA SER Q 208 -25.45 -4.49 53.54
C SER Q 208 -25.14 -5.97 53.41
N ARG Q 209 -26.04 -6.73 52.77
CA ARG Q 209 -25.81 -8.16 52.62
C ARG Q 209 -24.58 -8.44 51.78
N ILE Q 210 -24.41 -7.70 50.67
CA ILE Q 210 -23.24 -7.88 49.83
C ILE Q 210 -21.97 -7.50 50.60
N ALA Q 211 -22.05 -6.46 51.42
CA ALA Q 211 -20.90 -6.06 52.23
C ALA Q 211 -20.49 -7.15 53.20
N GLU Q 212 -21.47 -7.74 53.89
CA GLU Q 212 -21.15 -8.83 54.82
C GLU Q 212 -20.59 -10.04 54.09
N LEU Q 213 -21.16 -10.38 52.93
CA LEU Q 213 -20.66 -11.52 52.17
C LEU Q 213 -19.22 -11.28 51.71
N ALA Q 214 -18.93 -10.08 51.21
CA ALA Q 214 -17.58 -9.76 50.77
C ALA Q 214 -16.60 -9.78 51.93
N ARG Q 215 -17.00 -9.24 53.09
CA ARG Q 215 -16.12 -9.25 54.26
C ARG Q 215 -15.84 -10.67 54.71
N ALA Q 216 -16.87 -11.53 54.73
CA ALA Q 216 -16.67 -12.92 55.11
C ALA Q 216 -15.74 -13.64 54.14
N ILE Q 217 -15.91 -13.39 52.84
CA ILE Q 217 -15.04 -14.03 51.85
C ILE Q 217 -13.60 -13.56 52.01
N ILE Q 218 -13.41 -12.26 52.23
CA ILE Q 218 -12.06 -11.73 52.43
C ILE Q 218 -11.42 -12.33 53.67
N GLU Q 219 -12.19 -12.42 54.76
CA GLU Q 219 -11.66 -13.03 55.99
C GLU Q 219 -11.29 -14.50 55.78
N SER Q 220 -12.13 -15.23 55.05
CA SER Q 220 -11.83 -16.64 54.78
C SER Q 220 -10.58 -16.78 53.93
N ARG Q 221 -10.41 -15.91 52.92
CA ARG Q 221 -9.24 -16.00 52.06
C ARG Q 221 -7.95 -15.60 52.76
N SER Q 222 -8.04 -14.87 53.87
CA SER Q 222 -6.86 -14.44 54.60
C SER Q 222 -6.23 -15.61 55.35
N ALA R 1 -5.55 24.07 27.54
CA ALA R 1 -6.96 24.09 27.87
C ALA R 1 -7.25 23.21 29.09
N THR R 2 -7.75 23.82 30.16
CA THR R 2 -8.11 23.08 31.36
C THR R 2 -9.30 23.75 32.03
N ILE R 3 -10.33 22.97 32.31
CA ILE R 3 -11.54 23.45 32.99
C ILE R 3 -11.78 22.56 34.21
N VAL R 4 -11.98 23.18 35.36
CA VAL R 4 -12.17 22.46 36.62
C VAL R 4 -13.51 22.86 37.21
N ALA R 5 -14.07 21.94 37.99
CA ALA R 5 -15.33 22.18 38.69
C ALA R 5 -15.39 21.28 39.91
N LEU R 6 -15.76 21.85 41.05
CA LEU R 6 -15.85 21.11 42.30
C LEU R 6 -17.10 21.54 43.05
N LYS R 7 -17.53 20.68 43.98
CA LYS R 7 -18.77 20.87 44.73
C LYS R 7 -18.45 21.33 46.14
N TYR R 8 -19.18 22.33 46.60
CA TYR R 8 -19.09 22.85 47.97
C TYR R 8 -20.49 22.88 48.56
N PRO R 9 -20.61 22.82 49.88
CA PRO R 9 -21.95 22.83 50.51
C PRO R 9 -22.76 24.06 50.14
N GLY R 10 -23.86 23.85 49.42
CA GLY R 10 -24.75 24.93 49.03
C GLY R 10 -24.58 25.45 47.62
N GLY R 11 -23.74 24.82 46.80
CA GLY R 11 -23.57 25.30 45.44
C GLY R 11 -22.50 24.50 44.72
N VAL R 12 -22.05 25.07 43.59
CA VAL R 12 -21.02 24.46 42.77
C VAL R 12 -20.27 25.56 42.03
N VAL R 13 -18.96 25.39 41.88
CA VAL R 13 -18.12 26.38 41.21
C VAL R 13 -17.57 25.75 39.93
N MET R 14 -17.16 26.62 39.00
CA MET R 14 -16.66 26.19 37.70
C MET R 14 -15.70 27.24 37.18
N ALA R 15 -14.53 26.81 36.70
CA ALA R 15 -13.51 27.72 36.23
C ALA R 15 -12.71 27.06 35.12
N GLY R 16 -12.06 27.90 34.32
CA GLY R 16 -11.24 27.42 33.22
C GLY R 16 -10.15 28.42 32.87
N ASP R 17 -9.18 27.95 32.10
CA ASP R 17 -8.05 28.78 31.71
C ASP R 17 -8.42 29.70 30.54
N ARG R 18 -7.45 30.49 30.10
CA ARG R 18 -7.63 31.49 29.05
C ARG R 18 -6.51 31.42 28.03
N ARG R 19 -6.19 30.21 27.56
CA ARG R 19 -5.12 30.04 26.58
C ARG R 19 -5.63 29.25 25.38
N SER R 20 -5.31 29.73 24.18
CA SER R 20 -5.55 29.03 22.94
C SER R 20 -4.24 28.89 22.18
N THR R 21 -3.91 27.67 21.77
CA THR R 21 -2.62 27.38 21.15
C THR R 21 -2.85 26.64 19.83
N GLN R 22 -2.22 27.14 18.76
CA GLN R 22 -2.29 26.49 17.45
C GLN R 22 -1.02 25.65 17.27
N GLY R 23 -1.04 24.45 17.83
CA GLY R 23 0.11 23.57 17.77
C GLY R 23 1.05 23.82 18.93
N ASN R 24 2.10 24.61 18.69
CA ASN R 24 3.02 25.03 19.72
C ASN R 24 3.11 26.54 19.86
N MET R 25 2.46 27.29 18.98
CA MET R 25 2.46 28.75 19.02
C MET R 25 1.20 29.26 19.70
N ILE R 26 1.37 30.27 20.55
CA ILE R 26 0.25 30.84 21.29
C ILE R 26 -0.55 31.75 20.38
N SER R 27 -1.86 31.53 20.31
CA SER R 27 -2.76 32.33 19.49
C SER R 27 -3.66 33.25 20.30
N GLY R 28 -4.14 32.81 21.46
CA GLY R 28 -4.98 33.63 22.30
C GLY R 28 -4.46 33.69 23.72
N ARG R 29 -4.78 34.78 24.40
CA ARG R 29 -4.32 35.02 25.76
C ARG R 29 -5.44 35.22 26.78
N ASP R 30 -6.67 35.48 26.35
CA ASP R 30 -7.79 35.65 27.27
C ASP R 30 -9.05 34.98 26.73
N VAL R 31 -8.89 33.79 26.15
CA VAL R 31 -10.02 33.08 25.57
C VAL R 31 -10.97 32.61 26.67
N ARG R 32 -12.26 32.85 26.47
CA ARG R 32 -13.27 32.45 27.43
C ARG R 32 -13.84 31.10 27.06
N LYS R 33 -13.87 30.17 28.01
CA LYS R 33 -14.33 28.81 27.76
C LYS R 33 -15.46 28.37 28.69
N VAL R 34 -15.86 29.20 29.64
CA VAL R 34 -16.95 28.89 30.56
C VAL R 34 -18.13 29.78 30.20
N TYR R 35 -19.28 29.17 29.94
CA TYR R 35 -20.47 29.89 29.52
C TYR R 35 -21.66 29.49 30.38
N ILE R 36 -22.62 30.40 30.48
CA ILE R 36 -23.84 30.18 31.25
C ILE R 36 -24.98 29.92 30.26
N THR R 37 -25.56 28.72 30.34
CA THR R 37 -26.64 28.36 29.43
C THR R 37 -27.97 28.96 29.89
N ASP R 38 -28.33 28.72 31.15
CA ASP R 38 -29.55 29.31 31.73
C ASP R 38 -29.30 29.51 33.22
N ASP R 39 -30.39 29.68 33.98
CA ASP R 39 -30.28 30.23 35.33
C ASP R 39 -29.48 29.32 36.26
N TYR R 40 -29.68 27.99 36.17
CA TYR R 40 -29.19 27.09 37.21
C TYR R 40 -28.17 26.07 36.71
N THR R 41 -27.48 26.35 35.59
CA THR R 41 -26.36 25.50 35.20
C THR R 41 -25.47 26.26 34.23
N ALA R 42 -24.19 25.86 34.21
CA ALA R 42 -23.21 26.41 33.30
C ALA R 42 -22.40 25.27 32.70
N THR R 43 -21.86 25.50 31.50
CA THR R 43 -21.13 24.48 30.76
C THR R 43 -19.76 24.99 30.36
N GLY R 44 -18.83 24.06 30.17
CA GLY R 44 -17.50 24.37 29.71
C GLY R 44 -16.97 23.31 28.76
N ILE R 45 -16.51 23.72 27.59
CA ILE R 45 -16.09 22.81 26.53
C ILE R 45 -14.61 23.01 26.27
N ALA R 46 -13.86 21.91 26.24
CA ALA R 46 -12.43 21.92 25.97
C ALA R 46 -12.16 21.24 24.64
N GLY R 47 -11.35 21.89 23.80
CA GLY R 47 -11.05 21.35 22.48
C GLY R 47 -11.04 22.41 21.41
N THR R 48 -11.60 22.09 20.24
CA THR R 48 -11.66 23.05 19.16
C THR R 48 -12.65 24.17 19.50
N ALA R 49 -12.20 25.41 19.40
CA ALA R 49 -13.05 26.55 19.74
C ALA R 49 -14.24 26.66 18.79
N ALA R 50 -14.01 26.44 17.50
CA ALA R 50 -15.08 26.56 16.52
C ALA R 50 -16.24 25.61 16.83
N VAL R 51 -15.94 24.44 17.38
CA VAL R 51 -17.00 23.53 17.80
C VAL R 51 -17.53 23.91 19.18
N ALA R 52 -16.67 24.44 20.05
CA ALA R 52 -17.07 24.73 21.43
C ALA R 52 -18.12 25.83 21.49
N VAL R 53 -17.86 26.96 20.80
CA VAL R 53 -18.82 28.06 20.83
C VAL R 53 -20.13 27.64 20.18
N GLU R 54 -20.05 26.89 19.07
CA GLU R 54 -21.27 26.40 18.43
C GLU R 54 -22.07 25.50 19.35
N PHE R 55 -21.40 24.59 20.07
CA PHE R 55 -22.10 23.72 21.00
C PHE R 55 -22.75 24.50 22.13
N ALA R 56 -22.04 25.49 22.69
CA ALA R 56 -22.62 26.29 23.75
C ALA R 56 -23.86 27.04 23.27
N ARG R 57 -23.75 27.70 22.13
CA ARG R 57 -24.90 28.45 21.60
C ARG R 57 -26.06 27.53 21.29
N LEU R 58 -25.79 26.37 20.67
CA LEU R 58 -26.87 25.46 20.32
C LEU R 58 -27.55 24.90 21.56
N TYR R 59 -26.78 24.56 22.59
CA TYR R 59 -27.36 24.03 23.82
C TYR R 59 -28.26 25.08 24.49
N ALA R 60 -27.77 26.32 24.56
CA ALA R 60 -28.58 27.39 25.15
C ALA R 60 -29.85 27.62 24.34
N VAL R 61 -29.74 27.63 23.02
CA VAL R 61 -30.91 27.85 22.16
C VAL R 61 -31.92 26.74 22.33
N GLU R 62 -31.47 25.49 22.39
CA GLU R 62 -32.39 24.37 22.55
C GLU R 62 -33.09 24.43 23.90
N LEU R 63 -32.35 24.74 24.97
CA LEU R 63 -32.98 24.85 26.29
C LEU R 63 -34.03 25.95 26.31
N GLU R 64 -33.69 27.12 25.75
CA GLU R 64 -34.64 28.22 25.72
C GLU R 64 -35.86 27.89 24.88
N HIS R 65 -35.64 27.21 23.74
CA HIS R 65 -36.75 26.84 22.87
C HIS R 65 -37.71 25.89 23.58
N TYR R 66 -37.17 24.88 24.28
CA TYR R 66 -38.04 23.96 25.01
C TYR R 66 -38.78 24.68 26.13
N GLU R 67 -38.09 25.57 26.85
CA GLU R 67 -38.73 26.29 27.94
C GLU R 67 -39.87 27.17 27.43
N LYS R 68 -39.67 27.81 26.27
CA LYS R 68 -40.71 28.66 25.70
C LYS R 68 -41.87 27.82 25.17
N LEU R 69 -41.58 26.67 24.56
CA LEU R 69 -42.64 25.86 23.98
C LEU R 69 -43.51 25.22 25.06
N GLU R 70 -42.89 24.61 26.06
CA GLU R 70 -43.65 23.87 27.06
C GLU R 70 -44.05 24.72 28.26
N GLY R 71 -43.40 25.87 28.47
CA GLY R 71 -43.72 26.73 29.59
C GLY R 71 -43.04 26.37 30.89
N VAL R 72 -42.30 25.27 30.94
CA VAL R 72 -41.58 24.87 32.15
C VAL R 72 -40.16 24.47 31.76
N PRO R 73 -39.17 24.70 32.62
CA PRO R 73 -37.80 24.30 32.28
C PRO R 73 -37.64 22.78 32.29
N LEU R 74 -36.67 22.31 31.51
CA LEU R 74 -36.36 20.89 31.47
C LEU R 74 -35.79 20.42 32.80
N THR R 75 -36.03 19.15 33.10
CA THR R 75 -35.40 18.53 34.26
C THR R 75 -33.91 18.32 33.98
N PHE R 76 -33.16 18.07 35.06
CA PHE R 76 -31.72 17.88 34.92
C PHE R 76 -31.40 16.66 34.07
N ALA R 77 -32.17 15.58 34.23
CA ALA R 77 -31.97 14.39 33.42
C ALA R 77 -32.22 14.68 31.94
N GLY R 78 -33.26 15.48 31.65
CA GLY R 78 -33.51 15.85 30.27
C GLY R 78 -32.38 16.67 29.67
N LYS R 79 -31.82 17.60 30.46
CA LYS R 79 -30.69 18.39 29.99
C LYS R 79 -29.48 17.50 29.72
N ILE R 80 -29.22 16.54 30.61
CA ILE R 80 -28.11 15.61 30.41
C ILE R 80 -28.32 14.79 29.15
N ASN R 81 -29.56 14.32 28.93
CA ASN R 81 -29.84 13.54 27.73
C ASN R 81 -29.65 14.37 26.47
N ARG R 82 -30.11 15.62 26.48
CA ARG R 82 -29.93 16.47 25.31
C ARG R 82 -28.46 16.72 25.02
N LEU R 83 -27.67 17.02 26.06
CA LEU R 83 -26.24 17.24 25.87
C LEU R 83 -25.54 15.99 25.37
N ALA R 84 -25.93 14.82 25.90
CA ALA R 84 -25.34 13.56 25.46
C ALA R 84 -25.67 13.29 24.01
N ILE R 85 -26.91 13.56 23.58
CA ILE R 85 -27.27 13.39 22.19
C ILE R 85 -26.46 14.33 21.30
N MET R 86 -26.30 15.58 21.73
CA MET R 86 -25.52 16.54 20.95
C MET R 86 -24.07 16.08 20.82
N VAL R 87 -23.48 15.57 21.90
CA VAL R 87 -22.11 15.09 21.84
C VAL R 87 -22.01 13.87 20.94
N ARG R 88 -22.95 12.94 21.04
CA ARG R 88 -22.93 11.72 20.24
C ARG R 88 -23.07 12.02 18.76
N GLY R 89 -23.86 13.05 18.41
CA GLY R 89 -24.06 13.38 17.01
C GLY R 89 -22.84 13.94 16.30
N ASN R 90 -21.75 14.22 17.03
CA ASN R 90 -20.54 14.79 16.46
C ASN R 90 -19.38 13.80 16.46
N LEU R 91 -19.67 12.50 16.55
CA LEU R 91 -18.61 11.51 16.69
C LEU R 91 -17.76 11.40 15.43
N ALA R 92 -18.37 11.52 14.25
CA ALA R 92 -17.61 11.46 13.00
C ALA R 92 -16.65 12.63 12.90
N ALA R 93 -17.12 13.85 13.19
CA ALA R 93 -16.25 15.01 13.17
C ALA R 93 -15.16 14.91 14.22
N ALA R 94 -15.47 14.33 15.38
CA ALA R 94 -14.45 14.10 16.40
C ALA R 94 -13.39 13.12 15.89
N MET R 95 -13.83 12.07 15.17
CA MET R 95 -12.89 11.11 14.60
C MET R 95 -11.98 11.79 13.59
N GLN R 96 -12.53 12.69 12.76
CA GLN R 96 -11.68 13.42 11.83
C GLN R 96 -10.70 14.34 12.56
N GLY R 97 -11.09 14.88 13.71
CA GLY R 97 -10.21 15.74 14.47
C GLY R 97 -10.92 16.89 15.16
N LEU R 98 -12.20 17.08 14.84
CA LEU R 98 -13.00 18.15 15.44
C LEU R 98 -13.65 17.63 16.73
N LEU R 99 -12.82 17.49 17.75
CA LEU R 99 -13.23 16.93 19.04
C LEU R 99 -13.55 18.03 20.03
N ALA R 100 -14.65 17.85 20.76
CA ALA R 100 -15.06 18.81 21.78
C ALA R 100 -15.69 18.04 22.94
N LEU R 101 -15.06 18.09 24.11
CA LEU R 101 -15.55 17.39 25.28
C LEU R 101 -16.09 18.39 26.29
N PRO R 102 -17.41 18.50 26.47
CA PRO R 102 -17.96 19.48 27.39
C PRO R 102 -18.00 18.96 28.83
N LEU R 103 -18.08 19.90 29.76
CA LEU R 103 -18.24 19.61 31.18
C LEU R 103 -19.45 20.38 31.70
N LEU R 104 -20.35 19.69 32.37
CA LEU R 104 -21.61 20.26 32.82
C LEU R 104 -21.65 20.34 34.34
N ALA R 105 -21.95 21.51 34.87
CA ALA R 105 -22.15 21.73 36.30
C ALA R 105 -23.41 22.54 36.51
N GLY R 106 -24.28 22.08 37.42
CA GLY R 106 -25.54 22.75 37.62
C GLY R 106 -26.07 22.55 39.04
N TYR R 107 -27.17 23.24 39.32
CA TYR R 107 -27.83 23.18 40.62
C TYR R 107 -29.24 22.64 40.43
N ASP R 108 -29.59 21.61 41.20
CA ASP R 108 -30.88 20.96 41.10
C ASP R 108 -31.83 21.60 42.11
N ILE R 109 -32.82 22.36 41.59
CA ILE R 109 -33.80 23.00 42.47
C ILE R 109 -34.89 22.04 42.93
N HIS R 110 -34.94 20.83 42.38
CA HIS R 110 -35.94 19.82 42.76
C HIS R 110 -35.33 18.73 43.62
N ALA R 111 -34.39 19.08 44.49
CA ALA R 111 -33.72 18.13 45.37
C ALA R 111 -34.18 18.33 46.81
N SER R 112 -34.27 17.23 47.55
CA SER R 112 -34.72 17.29 48.94
C SER R 112 -33.74 18.09 49.80
N ASP R 113 -32.44 17.89 49.60
CA ASP R 113 -31.43 18.58 50.40
C ASP R 113 -30.81 19.70 49.58
N PRO R 114 -31.06 20.97 49.91
CA PRO R 114 -30.42 22.05 49.16
C PRO R 114 -28.89 22.04 49.26
N GLN R 115 -28.34 21.59 50.38
CA GLN R 115 -26.89 21.59 50.56
C GLN R 115 -26.19 20.58 49.64
N SER R 116 -26.90 19.55 49.19
CA SER R 116 -26.34 18.53 48.30
C SER R 116 -26.98 18.57 46.92
N ALA R 117 -27.45 19.74 46.50
CA ALA R 117 -28.12 19.89 45.21
C ALA R 117 -27.16 20.14 44.05
N GLY R 118 -25.87 20.35 44.33
CA GLY R 118 -24.92 20.54 43.25
C GLY R 118 -24.67 19.25 42.49
N ARG R 119 -24.51 19.39 41.17
CA ARG R 119 -24.27 18.25 40.30
C ARG R 119 -23.13 18.56 39.33
N ILE R 120 -22.29 17.57 39.09
CA ILE R 120 -21.21 17.66 38.12
C ILE R 120 -21.31 16.46 37.19
N VAL R 121 -21.36 16.71 35.88
CA VAL R 121 -21.52 15.67 34.88
C VAL R 121 -20.36 15.78 33.88
N SER R 122 -19.75 14.64 33.57
CA SER R 122 -18.68 14.56 32.58
C SER R 122 -19.13 13.71 31.41
N PHE R 123 -18.67 14.06 30.22
CA PHE R 123 -19.07 13.40 28.98
C PHE R 123 -17.87 12.81 28.27
N ASP R 124 -18.09 11.66 27.63
CA ASP R 124 -17.04 10.96 26.90
C ASP R 124 -17.09 11.35 25.42
N ALA R 125 -16.13 10.85 24.65
CA ALA R 125 -16.07 11.15 23.23
C ALA R 125 -17.17 10.44 22.46
N ALA R 126 -17.67 9.32 22.98
CA ALA R 126 -18.71 8.55 22.32
C ALA R 126 -20.12 8.95 22.74
N GLY R 127 -20.26 9.95 23.60
CA GLY R 127 -21.55 10.40 24.06
C GLY R 127 -21.96 9.89 25.43
N GLY R 128 -21.16 9.03 26.06
CA GLY R 128 -21.49 8.54 27.38
C GLY R 128 -21.30 9.62 28.43
N TRP R 129 -22.16 9.59 29.45
CA TRP R 129 -22.13 10.57 30.53
C TRP R 129 -22.11 9.84 31.87
N ASN R 130 -21.46 10.48 32.84
CA ASN R 130 -21.38 9.95 34.19
C ASN R 130 -21.49 11.10 35.19
N ILE R 131 -22.31 10.93 36.21
CA ILE R 131 -22.50 11.96 37.23
C ILE R 131 -21.34 11.88 38.21
N GLU R 132 -20.62 12.99 38.36
CA GLU R 132 -19.46 13.02 39.25
C GLU R 132 -19.92 13.13 40.70
N GLU R 133 -19.31 12.32 41.56
CA GLU R 133 -19.69 12.25 42.96
C GLU R 133 -18.51 12.28 43.92
N GLU R 134 -17.26 12.28 43.43
CA GLU R 134 -16.11 12.46 44.29
C GLU R 134 -15.97 13.89 44.80
N GLY R 135 -16.74 14.82 44.25
CA GLY R 135 -16.70 16.21 44.66
C GLY R 135 -15.96 17.13 43.71
N TYR R 136 -15.29 16.59 42.68
CA TYR R 136 -14.53 17.42 41.76
C TYR R 136 -14.34 16.66 40.45
N GLN R 137 -14.07 17.43 39.39
CA GLN R 137 -13.80 16.86 38.07
C GLN R 137 -13.15 17.92 37.21
N ALA R 138 -12.18 17.49 36.39
CA ALA R 138 -11.47 18.38 35.50
C ALA R 138 -11.41 17.77 34.10
N VAL R 139 -11.43 18.65 33.09
CA VAL R 139 -11.32 18.23 31.70
C VAL R 139 -10.31 19.12 31.01
N GLY R 140 -9.74 18.60 29.92
CA GLY R 140 -8.76 19.32 29.13
C GLY R 140 -7.45 18.57 29.06
N SER R 141 -6.44 19.25 28.49
CA SER R 141 -5.12 18.64 28.35
C SER R 141 -4.46 18.42 29.71
N GLY R 142 -4.58 19.39 30.61
CA GLY R 142 -3.98 19.28 31.92
C GLY R 142 -4.96 18.85 32.99
N SER R 143 -5.88 17.95 32.62
CA SER R 143 -6.92 17.52 33.56
C SER R 143 -6.33 16.66 34.67
N LEU R 144 -5.31 15.86 34.38
CA LEU R 144 -4.78 14.93 35.37
C LEU R 144 -4.11 15.69 36.52
N PHE R 145 -3.28 16.69 36.19
CA PHE R 145 -2.59 17.46 37.22
C PHE R 145 -3.60 18.20 38.10
N ALA R 146 -4.60 18.83 37.48
CA ALA R 146 -5.62 19.53 38.25
C ALA R 146 -6.41 18.58 39.13
N LYS R 147 -6.72 17.39 38.61
CA LYS R 147 -7.47 16.41 39.41
C LYS R 147 -6.65 15.93 40.61
N SER R 148 -5.35 15.71 40.43
CA SER R 148 -4.50 15.33 41.56
C SER R 148 -4.43 16.46 42.60
N SER R 149 -4.27 17.70 42.12
CA SER R 149 -4.22 18.84 43.03
C SER R 149 -5.52 18.97 43.82
N MET R 150 -6.66 18.80 43.14
CA MET R 150 -7.94 18.84 43.84
C MET R 150 -8.10 17.67 44.79
N LYS R 151 -7.58 16.49 44.43
CA LYS R 151 -7.62 15.36 45.34
C LYS R 151 -6.92 15.68 46.65
N LYS R 152 -5.76 16.34 46.57
CA LYS R 152 -5.08 16.74 47.81
C LYS R 152 -5.72 17.94 48.50
N LEU R 153 -6.33 18.85 47.75
CA LEU R 153 -6.80 20.11 48.33
C LEU R 153 -8.28 20.14 48.67
N TYR R 154 -9.02 19.06 48.42
CA TYR R 154 -10.46 19.08 48.66
C TYR R 154 -10.82 19.10 50.14
N SER R 155 -9.88 18.77 51.03
CA SER R 155 -10.17 18.73 52.45
C SER R 155 -10.37 20.11 53.06
N GLN R 156 -10.00 21.18 52.36
CA GLN R 156 -10.12 22.53 52.87
C GLN R 156 -11.32 23.28 52.32
N VAL R 157 -12.23 22.59 51.61
CA VAL R 157 -13.39 23.23 51.03
C VAL R 157 -14.52 23.21 52.05
N THR R 158 -14.99 24.40 52.43
CA THR R 158 -16.06 24.53 53.40
C THR R 158 -17.19 25.41 52.88
N ASP R 159 -16.85 26.38 52.02
CA ASP R 159 -17.83 27.32 51.52
C ASP R 159 -17.42 27.75 50.11
N GLY R 160 -18.07 28.79 49.60
CA GLY R 160 -17.81 29.21 48.23
C GLY R 160 -16.42 29.76 48.02
N ASP R 161 -15.93 30.59 48.95
CA ASP R 161 -14.59 31.16 48.81
C ASP R 161 -13.51 30.09 48.85
N SER R 162 -13.67 29.10 49.74
CA SER R 162 -12.70 28.00 49.80
C SER R 162 -12.70 27.21 48.51
N GLY R 163 -13.88 26.92 47.96
CA GLY R 163 -13.94 26.21 46.70
C GLY R 163 -13.32 26.99 45.55
N LEU R 164 -13.57 28.30 45.51
CA LEU R 164 -12.97 29.14 44.48
C LEU R 164 -11.44 29.15 44.60
N ARG R 165 -10.93 29.26 45.83
CA ARG R 165 -9.48 29.24 46.03
C ARG R 165 -8.89 27.91 45.60
N VAL R 166 -9.57 26.80 45.93
CA VAL R 166 -9.08 25.48 45.53
C VAL R 166 -9.08 25.35 44.02
N ALA R 167 -10.13 25.84 43.35
CA ALA R 167 -10.18 25.78 41.89
C ALA R 167 -9.07 26.59 41.26
N VAL R 168 -8.82 27.79 41.79
CA VAL R 168 -7.75 28.64 41.24
C VAL R 168 -6.40 27.98 41.45
N GLU R 169 -6.18 27.38 42.63
CA GLU R 169 -4.90 26.70 42.88
C GLU R 169 -4.72 25.49 41.97
N ALA R 170 -5.80 24.74 41.73
CA ALA R 170 -5.73 23.61 40.81
C ALA R 170 -5.41 24.07 39.39
N LEU R 171 -6.03 25.16 38.95
CA LEU R 171 -5.72 25.71 37.64
C LEU R 171 -4.26 26.15 37.56
N TYR R 172 -3.76 26.78 38.62
CA TYR R 172 -2.36 27.19 38.66
C TYR R 172 -1.43 25.99 38.57
N ASP R 173 -1.74 24.92 39.30
CA ASP R 173 -0.92 23.72 39.24
C ASP R 173 -0.95 23.10 37.84
N ALA R 174 -2.12 23.06 37.22
CA ALA R 174 -2.23 22.52 35.88
C ALA R 174 -1.43 23.35 34.88
N ALA R 175 -1.48 24.68 35.01
CA ALA R 175 -0.69 25.54 34.13
C ALA R 175 0.80 25.35 34.38
N ASP R 176 1.19 25.13 35.64
CA ASP R 176 2.60 24.90 35.95
C ASP R 176 3.09 23.59 35.33
N ASP R 177 2.27 22.54 35.39
CA ASP R 177 2.68 21.23 34.90
C ASP R 177 2.39 21.00 33.43
N ASP R 178 1.68 21.92 32.76
CA ASP R 178 1.32 21.75 31.35
C ASP R 178 1.65 23.02 30.59
N SER R 179 2.32 22.86 29.45
CA SER R 179 2.69 24.01 28.63
C SER R 179 1.55 24.53 27.78
N ALA R 180 0.47 23.76 27.60
CA ALA R 180 -0.68 24.18 26.84
C ALA R 180 -1.71 24.92 27.67
N THR R 181 -1.50 25.03 28.98
CA THR R 181 -2.41 25.72 29.88
C THR R 181 -1.77 27.05 30.31
N GLY R 182 -2.53 28.13 30.20
CA GLY R 182 -2.02 29.44 30.55
C GLY R 182 -2.33 29.84 31.99
N GLY R 183 -1.29 30.18 32.74
CA GLY R 183 -1.46 30.62 34.10
C GLY R 183 -1.85 32.07 34.19
N PRO R 184 -1.96 32.56 35.43
CA PRO R 184 -2.30 33.98 35.63
C PRO R 184 -1.24 34.89 35.02
N ASP R 185 -1.70 35.99 34.44
CA ASP R 185 -0.83 36.96 33.77
C ASP R 185 -0.75 38.20 34.65
N LEU R 186 0.42 38.43 35.25
CA LEU R 186 0.65 39.60 36.08
C LEU R 186 1.10 40.82 35.28
N VAL R 187 1.41 40.66 34.00
CA VAL R 187 1.83 41.78 33.17
C VAL R 187 0.65 42.39 32.42
N ARG R 188 -0.13 41.56 31.74
CA ARG R 188 -1.30 42.02 31.00
C ARG R 188 -2.57 42.03 31.85
N GLY R 189 -2.51 41.53 33.08
CA GLY R 189 -3.68 41.49 33.93
C GLY R 189 -4.78 40.56 33.45
N ILE R 190 -4.41 39.36 32.99
CA ILE R 190 -5.36 38.36 32.53
C ILE R 190 -5.45 37.25 33.57
N PHE R 191 -6.66 36.94 34.00
CA PHE R 191 -6.90 35.94 35.03
C PHE R 191 -8.02 35.00 34.59
N PRO R 192 -8.03 33.77 35.08
CA PRO R 192 -9.09 32.83 34.70
C PRO R 192 -10.46 33.30 35.15
N THR R 193 -11.48 32.93 34.37
CA THR R 193 -12.86 33.27 34.64
C THR R 193 -13.53 32.14 35.42
N ALA R 194 -14.41 32.50 36.36
CA ALA R 194 -15.10 31.54 37.19
C ALA R 194 -16.58 31.87 37.25
N VAL R 195 -17.39 30.84 37.43
CA VAL R 195 -18.84 30.96 37.55
C VAL R 195 -19.29 30.21 38.80
N ILE R 196 -20.09 30.87 39.63
CA ILE R 196 -20.61 30.29 40.87
C ILE R 196 -22.12 30.11 40.72
N ILE R 197 -22.59 28.89 40.97
CA ILE R 197 -24.01 28.56 40.89
C ILE R 197 -24.47 28.15 42.28
N ASP R 198 -25.54 28.77 42.76
CA ASP R 198 -26.12 28.47 44.07
C ASP R 198 -27.64 28.51 43.95
N ALA R 199 -28.32 28.54 45.09
CA ALA R 199 -29.77 28.55 45.11
C ALA R 199 -30.35 29.80 44.48
N ASP R 200 -29.60 30.90 44.44
CA ASP R 200 -30.07 32.14 43.85
C ASP R 200 -29.84 32.23 42.35
N GLY R 201 -29.14 31.27 41.77
CA GLY R 201 -28.85 31.26 40.35
C GLY R 201 -27.36 31.25 40.07
N ALA R 202 -27.03 31.32 38.78
CA ALA R 202 -25.65 31.32 38.32
C ALA R 202 -25.19 32.76 38.08
N VAL R 203 -24.05 33.12 38.67
CA VAL R 203 -23.49 34.45 38.53
C VAL R 203 -22.03 34.33 38.10
N ASP R 204 -21.49 35.43 37.60
CA ASP R 204 -20.10 35.49 37.14
C ASP R 204 -19.24 36.10 38.24
N VAL R 205 -18.15 35.43 38.57
CA VAL R 205 -17.24 35.93 39.60
C VAL R 205 -16.50 37.15 39.07
N PRO R 206 -16.46 38.26 39.81
CA PRO R 206 -15.69 39.42 39.36
C PRO R 206 -14.21 39.11 39.26
N GLU R 207 -13.53 39.80 38.33
CA GLU R 207 -12.12 39.56 38.11
C GLU R 207 -11.25 39.96 39.31
N SER R 208 -11.73 40.89 40.14
CA SER R 208 -10.93 41.34 41.27
C SER R 208 -10.66 40.22 42.27
N ARG R 209 -11.70 39.44 42.61
CA ARG R 209 -11.53 38.34 43.56
C ARG R 209 -10.55 37.30 43.03
N ILE R 210 -10.66 36.95 41.76
CA ILE R 210 -9.75 35.98 41.16
C ILE R 210 -8.33 36.54 41.15
N ALA R 211 -8.20 37.84 40.89
CA ALA R 211 -6.87 38.46 40.90
C ALA R 211 -6.24 38.38 42.28
N GLU R 212 -7.00 38.71 43.33
CA GLU R 212 -6.46 38.62 44.69
C GLU R 212 -6.11 37.18 45.05
N LEU R 213 -6.97 36.22 44.68
CA LEU R 213 -6.67 34.82 44.99
C LEU R 213 -5.39 34.36 44.28
N ALA R 214 -5.24 34.72 43.01
CA ALA R 214 -4.04 34.33 42.26
C ALA R 214 -2.80 34.98 42.85
N ARG R 215 -2.90 36.26 43.22
CA ARG R 215 -1.75 36.93 43.83
C ARG R 215 -1.36 36.29 45.15
N ALA R 216 -2.36 35.94 45.97
CA ALA R 216 -2.07 35.29 47.24
C ALA R 216 -1.42 33.93 47.02
N ILE R 217 -1.92 33.16 46.04
CA ILE R 217 -1.34 31.86 45.76
C ILE R 217 0.09 32.00 45.28
N ILE R 218 0.35 32.96 44.40
CA ILE R 218 1.71 33.19 43.89
C ILE R 218 2.64 33.58 45.02
N GLU R 219 2.18 34.47 45.91
CA GLU R 219 3.00 34.88 47.05
C GLU R 219 3.29 33.70 47.97
N SER R 220 2.30 32.85 48.21
CA SER R 220 2.51 31.68 49.06
C SER R 220 3.50 30.71 48.43
N ARG R 221 3.41 30.51 47.11
CA ARG R 221 4.32 29.58 46.44
C ARG R 221 5.74 30.11 46.37
N SER R 222 5.94 31.41 46.53
CA SER R 222 7.27 31.99 46.46
C SER R 222 8.07 31.67 47.72
N ALA S 1 1.74 36.91 -0.07
CA ALA S 1 0.45 37.45 0.35
C ALA S 1 0.48 37.81 1.83
N THR S 2 0.27 39.10 2.13
CA THR S 2 0.24 39.57 3.51
C THR S 2 -0.75 40.72 3.61
N ILE S 3 -1.68 40.62 4.56
CA ILE S 3 -2.67 41.66 4.82
C ILE S 3 -2.60 42.02 6.29
N VAL S 4 -2.48 43.32 6.58
CA VAL S 4 -2.35 43.80 7.95
C VAL S 4 -3.49 44.76 8.25
N ALA S 5 -3.85 44.84 9.54
CA ALA S 5 -4.89 45.75 10.00
C ALA S 5 -4.64 46.07 11.46
N LEU S 6 -4.71 47.35 11.81
CA LEU S 6 -4.48 47.80 13.18
C LEU S 6 -5.49 48.88 13.53
N LYS S 7 -5.67 49.08 14.83
CA LYS S 7 -6.67 49.99 15.36
C LYS S 7 -6.01 51.27 15.86
N TYR S 8 -6.59 52.40 15.50
CA TYR S 8 -6.17 53.71 15.96
C TYR S 8 -7.37 54.44 16.54
N PRO S 9 -7.14 55.41 17.44
CA PRO S 9 -8.28 56.12 18.04
C PRO S 9 -9.15 56.82 17.02
N GLY S 10 -10.40 56.37 16.90
CA GLY S 10 -11.35 56.96 15.98
C GLY S 10 -11.55 56.23 14.67
N GLY S 11 -10.96 55.06 14.50
CA GLY S 11 -11.13 54.34 13.25
C GLY S 11 -10.28 53.08 13.21
N VAL S 12 -10.12 52.55 12.01
CA VAL S 12 -9.34 51.34 11.78
C VAL S 12 -8.81 51.37 10.35
N VAL S 13 -7.58 50.90 10.17
CA VAL S 13 -6.94 50.88 8.86
C VAL S 13 -6.73 49.43 8.43
N MET S 14 -6.57 49.23 7.14
CA MET S 14 -6.42 47.90 6.56
C MET S 14 -5.62 48.02 5.27
N ALA S 15 -4.61 47.15 5.11
CA ALA S 15 -3.75 47.21 3.94
C ALA S 15 -3.25 45.81 3.61
N GLY S 16 -2.82 45.64 2.36
CA GLY S 16 -2.31 44.36 1.90
C GLY S 16 -1.35 44.55 0.75
N ASP S 17 -0.60 43.48 0.45
CA ASP S 17 0.39 43.51 -0.60
C ASP S 17 -0.26 43.33 -1.98
N ARG S 18 0.57 43.33 -3.02
CA ARG S 18 0.13 43.25 -4.41
C ARG S 18 0.95 42.24 -5.18
N ARG S 19 1.14 41.05 -4.62
CA ARG S 19 1.92 40.01 -5.28
C ARG S 19 1.13 38.71 -5.35
N SER S 20 1.13 38.09 -6.52
CA SER S 20 0.57 36.76 -6.73
C SER S 20 1.65 35.87 -7.33
N THR S 21 1.86 34.71 -6.71
CA THR S 21 2.95 33.81 -7.10
C THR S 21 2.39 32.41 -7.33
N GLN S 22 2.73 31.82 -8.47
CA GLN S 22 2.33 30.46 -8.80
C GLN S 22 3.50 29.53 -8.50
N GLY S 23 3.62 29.15 -7.22
CA GLY S 23 4.72 28.32 -6.79
C GLY S 23 5.93 29.14 -6.39
N ASN S 24 6.88 29.28 -7.32
CA ASN S 24 8.04 30.13 -7.14
C ASN S 24 8.16 31.20 -8.21
N MET S 25 7.31 31.18 -9.23
CA MET S 25 7.33 32.14 -10.31
C MET S 25 6.28 33.23 -10.06
N ILE S 26 6.65 34.48 -10.33
CA ILE S 26 5.77 35.62 -10.10
C ILE S 26 4.76 35.69 -11.24
N SER S 27 3.48 35.75 -10.90
CA SER S 27 2.40 35.85 -11.87
C SER S 27 1.74 37.22 -11.91
N GLY S 28 1.58 37.87 -10.77
CA GLY S 28 0.97 39.19 -10.72
C GLY S 28 1.83 40.16 -9.95
N ARG S 29 1.70 41.44 -10.30
CA ARG S 29 2.50 42.50 -9.70
C ARG S 29 1.68 43.59 -9.03
N ASP S 30 0.38 43.69 -9.29
CA ASP S 30 -0.47 44.69 -8.66
C ASP S 30 -1.83 44.11 -8.28
N VAL S 31 -1.82 42.87 -7.77
CA VAL S 31 -3.08 42.20 -7.42
C VAL S 31 -3.70 42.90 -6.21
N ARG S 32 -5.01 43.16 -6.30
CA ARG S 32 -5.75 43.80 -5.22
C ARG S 32 -6.40 42.75 -4.35
N LYS S 33 -6.17 42.85 -3.04
CA LYS S 33 -6.68 41.87 -2.09
C LYS S 33 -7.54 42.48 -0.98
N VAL S 34 -7.69 43.80 -0.95
CA VAL S 34 -8.51 44.48 0.04
C VAL S 34 -9.74 45.03 -0.67
N TYR S 35 -10.92 44.66 -0.17
CA TYR S 35 -12.17 45.05 -0.79
C TYR S 35 -13.10 45.67 0.25
N ILE S 36 -14.01 46.51 -0.22
CA ILE S 36 -15.00 47.17 0.64
C ILE S 36 -16.35 46.49 0.40
N THR S 37 -16.89 45.89 1.45
CA THR S 37 -18.18 45.20 1.32
C THR S 37 -19.34 46.18 1.38
N ASP S 38 -19.37 47.03 2.41
CA ASP S 38 -20.39 48.06 2.53
C ASP S 38 -19.77 49.24 3.27
N ASP S 39 -20.63 50.13 3.81
CA ASP S 39 -20.18 51.44 4.23
C ASP S 39 -19.17 51.37 5.38
N TYR S 40 -19.39 50.50 6.35
CA TYR S 40 -18.66 50.56 7.62
C TYR S 40 -17.80 49.34 7.90
N THR S 41 -17.41 48.57 6.88
CA THR S 41 -16.44 47.51 7.09
C THR S 41 -15.82 47.11 5.76
N ALA S 42 -14.60 46.59 5.84
CA ALA S 42 -13.86 46.08 4.68
C ALA S 42 -13.25 44.75 5.04
N THR S 43 -13.03 43.92 4.01
CA THR S 43 -12.51 42.57 4.21
C THR S 43 -11.29 42.34 3.34
N GLY S 44 -10.44 41.41 3.78
CA GLY S 44 -9.26 41.02 3.04
C GLY S 44 -8.99 39.53 3.15
N ILE S 45 -8.85 38.85 2.02
CA ILE S 45 -8.72 37.40 1.97
C ILE S 45 -7.34 37.05 1.42
N ALA S 46 -6.63 36.17 2.11
CA ALA S 46 -5.32 35.70 1.70
C ALA S 46 -5.41 34.22 1.32
N GLY S 47 -4.83 33.87 0.19
CA GLY S 47 -4.87 32.50 -0.29
C GLY S 47 -5.14 32.40 -1.78
N THR S 48 -5.97 31.44 -2.18
CA THR S 48 -6.32 31.30 -3.59
C THR S 48 -7.18 32.46 -4.05
N ALA S 49 -6.77 33.11 -5.14
CA ALA S 49 -7.50 34.26 -5.64
C ALA S 49 -8.89 33.88 -6.13
N ALA S 50 -9.00 32.73 -6.81
CA ALA S 50 -10.29 32.30 -7.34
C ALA S 50 -11.32 32.14 -6.24
N VAL S 51 -10.90 31.72 -5.05
CA VAL S 51 -11.82 31.65 -3.93
C VAL S 51 -11.98 33.00 -3.25
N ALA S 52 -10.92 33.82 -3.25
CA ALA S 52 -10.97 35.09 -2.54
C ALA S 52 -11.95 36.07 -3.17
N VAL S 53 -11.88 36.25 -4.49
CA VAL S 53 -12.80 37.17 -5.16
C VAL S 53 -14.23 36.67 -5.03
N GLU S 54 -14.44 35.36 -5.16
CA GLU S 54 -15.78 34.80 -5.01
C GLU S 54 -16.32 35.05 -3.61
N PHE S 55 -15.49 34.85 -2.58
CA PHE S 55 -15.93 35.11 -1.21
C PHE S 55 -16.28 36.57 -0.99
N ALA S 56 -15.44 37.48 -1.50
CA ALA S 56 -15.73 38.90 -1.34
C ALA S 56 -17.05 39.27 -2.01
N ARG S 57 -17.24 38.85 -3.26
CA ARG S 57 -18.48 39.17 -3.96
C ARG S 57 -19.68 38.57 -3.26
N LEU S 58 -19.59 37.32 -2.83
CA LEU S 58 -20.73 36.67 -2.18
C LEU S 58 -21.07 37.35 -0.86
N TYR S 59 -20.05 37.72 -0.08
CA TYR S 59 -20.30 38.40 1.19
C TYR S 59 -21.00 39.75 0.96
N ALA S 60 -20.50 40.52 -0.01
CA ALA S 60 -21.14 41.80 -0.32
C ALA S 60 -22.57 41.61 -0.79
N VAL S 61 -22.80 40.61 -1.65
CA VAL S 61 -24.14 40.37 -2.17
C VAL S 61 -25.09 39.96 -1.04
N GLU S 62 -24.63 39.10 -0.14
CA GLU S 62 -25.49 38.67 0.97
C GLU S 62 -25.83 39.84 1.88
N LEU S 63 -24.84 40.68 2.20
CA LEU S 63 -25.11 41.84 3.06
C LEU S 63 -26.12 42.78 2.40
N GLU S 64 -25.93 43.06 1.10
CA GLU S 64 -26.85 43.96 0.40
C GLU S 64 -28.25 43.34 0.32
N HIS S 65 -28.32 42.03 0.09
CA HIS S 65 -29.62 41.36 0.01
C HIS S 65 -30.37 41.45 1.33
N TYR S 66 -29.67 41.20 2.45
CA TYR S 66 -30.32 41.30 3.75
C TYR S 66 -30.75 42.74 4.03
N GLU S 67 -29.90 43.72 3.70
CA GLU S 67 -30.26 45.11 3.95
C GLU S 67 -31.48 45.52 3.14
N LYS S 68 -31.57 45.06 1.89
CA LYS S 68 -32.72 45.39 1.07
C LYS S 68 -33.98 44.69 1.56
N LEU S 69 -33.86 43.43 1.98
CA LEU S 69 -35.04 42.68 2.41
C LEU S 69 -35.60 43.22 3.71
N GLU S 70 -34.74 43.44 4.72
CA GLU S 70 -35.22 43.85 6.04
C GLU S 70 -35.31 45.35 6.21
N GLY S 71 -34.62 46.13 5.36
CA GLY S 71 -34.65 47.57 5.47
C GLY S 71 -33.66 48.16 6.45
N VAL S 72 -32.93 47.33 7.19
CA VAL S 72 -31.93 47.81 8.15
C VAL S 72 -30.66 46.99 7.97
N PRO S 73 -29.49 47.58 8.18
CA PRO S 73 -28.24 46.81 8.05
C PRO S 73 -28.09 45.79 9.17
N LEU S 74 -27.35 44.73 8.87
CA LEU S 74 -27.07 43.71 9.88
C LEU S 74 -26.18 44.27 10.98
N THR S 75 -26.34 43.72 12.18
CA THR S 75 -25.43 44.04 13.26
C THR S 75 -24.06 43.42 13.01
N PHE S 76 -23.07 43.89 13.75
CA PHE S 76 -21.71 43.38 13.57
C PHE S 76 -21.63 41.90 13.91
N ALA S 77 -22.33 41.47 14.96
CA ALA S 77 -22.33 40.05 15.32
C ALA S 77 -22.96 39.21 14.21
N GLY S 78 -24.03 39.71 13.59
CA GLY S 78 -24.62 39.00 12.47
C GLY S 78 -23.69 38.87 11.28
N LYS S 79 -22.95 39.95 10.98
CA LYS S 79 -21.96 39.89 9.91
C LYS S 79 -20.87 38.88 10.21
N ILE S 80 -20.38 38.86 11.46
CA ILE S 80 -19.37 37.89 11.85
C ILE S 80 -19.90 36.48 11.72
N ASN S 81 -21.14 36.25 12.14
CA ASN S 81 -21.74 34.92 12.03
C ASN S 81 -21.87 34.49 10.57
N ARG S 82 -22.31 35.40 9.70
CA ARG S 82 -22.44 35.07 8.29
C ARG S 82 -21.08 34.74 7.67
N LEU S 83 -20.06 35.53 7.98
CA LEU S 83 -18.72 35.26 7.44
C LEU S 83 -18.17 33.93 7.98
N ALA S 84 -18.41 33.65 9.26
CA ALA S 84 -17.96 32.39 9.83
C ALA S 84 -18.65 31.20 9.18
N ILE S 85 -19.95 31.32 8.91
CA ILE S 85 -20.66 30.24 8.22
C ILE S 85 -20.11 30.05 6.81
N MET S 86 -19.84 31.16 6.11
CA MET S 86 -19.27 31.06 4.77
C MET S 86 -17.91 30.38 4.79
N VAL S 87 -17.07 30.73 5.76
CA VAL S 87 -15.75 30.09 5.86
C VAL S 87 -15.89 28.61 6.20
N ARG S 88 -16.78 28.28 7.13
CA ARG S 88 -16.96 26.89 7.54
C ARG S 88 -17.47 26.03 6.40
N GLY S 89 -18.32 26.60 5.54
CA GLY S 89 -18.87 25.83 4.43
C GLY S 89 -17.87 25.43 3.36
N ASN S 90 -16.63 25.93 3.43
CA ASN S 90 -15.61 25.65 2.44
C ASN S 90 -14.48 24.79 3.00
N LEU S 91 -14.75 24.06 4.09
CA LEU S 91 -13.69 23.30 4.76
C LEU S 91 -13.18 22.15 3.90
N ALA S 92 -14.08 21.48 3.18
CA ALA S 92 -13.66 20.38 2.31
C ALA S 92 -12.75 20.88 1.18
N ALA S 93 -13.14 21.97 0.52
CA ALA S 93 -12.29 22.55 -0.51
C ALA S 93 -10.97 23.05 0.05
N ALA S 94 -10.97 23.58 1.28
CA ALA S 94 -9.73 23.97 1.92
C ALA S 94 -8.85 22.76 2.18
N MET S 95 -9.45 21.64 2.59
CA MET S 95 -8.68 20.41 2.79
C MET S 95 -8.06 19.92 1.49
N GLN S 96 -8.80 20.01 0.39
CA GLN S 96 -8.22 19.65 -0.90
C GLN S 96 -7.08 20.59 -1.30
N GLY S 97 -7.17 21.86 -0.91
CA GLY S 97 -6.13 22.81 -1.23
C GLY S 97 -6.63 24.20 -1.56
N LEU S 98 -7.95 24.34 -1.70
CA LEU S 98 -8.56 25.64 -1.98
C LEU S 98 -8.87 26.36 -0.67
N LEU S 99 -7.80 26.87 -0.06
CA LEU S 99 -7.87 27.51 1.24
C LEU S 99 -7.92 29.02 1.08
N ALA S 100 -8.80 29.66 1.86
CA ALA S 100 -8.94 31.11 1.86
C ALA S 100 -9.26 31.58 3.27
N LEU S 101 -8.35 32.34 3.86
CA LEU S 101 -8.52 32.85 5.22
C LEU S 101 -8.79 34.34 5.17
N PRO S 102 -10.02 34.79 5.42
CA PRO S 102 -10.32 36.23 5.36
C PRO S 102 -9.99 36.94 6.66
N LEU S 103 -9.82 38.26 6.55
CA LEU S 103 -9.62 39.14 7.69
C LEU S 103 -10.65 40.25 7.63
N LEU S 104 -11.37 40.47 8.73
CA LEU S 104 -12.47 41.42 8.78
C LEU S 104 -12.10 42.60 9.70
N ALA S 105 -12.27 43.81 9.17
CA ALA S 105 -12.08 45.03 9.95
C ALA S 105 -13.26 45.96 9.67
N GLY S 106 -13.86 46.50 10.73
CA GLY S 106 -15.04 47.33 10.57
C GLY S 106 -15.18 48.33 11.70
N TYR S 107 -16.17 49.20 11.54
CA TYR S 107 -16.48 50.26 12.51
C TYR S 107 -17.90 50.04 13.03
N ASP S 108 -18.03 49.99 14.35
CA ASP S 108 -19.32 49.75 15.00
C ASP S 108 -19.99 51.09 15.30
N ILE S 109 -21.06 51.41 14.57
CA ILE S 109 -21.79 52.65 14.79
C ILE S 109 -22.72 52.58 16.00
N HIS S 110 -22.92 51.40 16.57
CA HIS S 110 -23.79 51.21 17.74
C HIS S 110 -22.98 51.02 19.01
N ALA S 111 -21.85 51.70 19.14
CA ALA S 111 -20.98 51.59 20.30
C ALA S 111 -21.06 52.87 21.13
N SER S 112 -20.95 52.71 22.45
CA SER S 112 -21.04 53.86 23.35
C SER S 112 -19.87 54.82 23.14
N ASP S 113 -18.66 54.29 22.93
CA ASP S 113 -17.49 55.13 22.76
C ASP S 113 -17.09 55.14 21.29
N PRO S 114 -17.24 56.25 20.58
CA PRO S 114 -16.81 56.28 19.17
C PRO S 114 -15.32 56.05 18.99
N GLN S 115 -14.49 56.47 19.96
CA GLN S 115 -13.05 56.31 19.83
C GLN S 115 -12.61 54.85 19.90
N SER S 116 -13.41 53.98 20.51
CA SER S 116 -13.09 52.57 20.63
C SER S 116 -14.07 51.70 19.84
N ALA S 117 -14.63 52.25 18.75
CA ALA S 117 -15.60 51.53 17.95
C ALA S 117 -14.97 50.66 16.87
N GLY S 118 -13.65 50.74 16.67
CA GLY S 118 -13.00 49.90 15.69
C GLY S 118 -12.96 48.45 16.15
N ARG S 119 -13.14 47.54 15.19
CA ARG S 119 -13.14 46.11 15.46
C ARG S 119 -12.29 45.39 14.43
N ILE S 120 -11.53 44.39 14.89
CA ILE S 120 -10.73 43.53 14.03
C ILE S 120 -11.07 42.08 14.37
N VAL S 121 -11.45 41.30 13.36
CA VAL S 121 -11.85 39.91 13.54
C VAL S 121 -10.99 39.03 12.64
N SER S 122 -10.47 37.95 13.22
CA SER S 122 -9.70 36.96 12.47
C SER S 122 -10.45 35.64 12.45
N PHE S 123 -10.30 34.90 11.36
CA PHE S 123 -11.01 33.64 11.15
C PHE S 123 -10.01 32.51 10.95
N ASP S 124 -10.39 31.33 11.45
CA ASP S 124 -9.57 30.13 11.35
C ASP S 124 -10.00 29.31 10.13
N ALA S 125 -9.26 28.23 9.88
CA ALA S 125 -9.56 27.38 8.73
C ALA S 125 -10.83 26.56 8.96
N ALA S 126 -11.18 26.31 10.22
CA ALA S 126 -12.36 25.52 10.56
C ALA S 126 -13.62 26.37 10.77
N GLY S 127 -13.52 27.69 10.56
CA GLY S 127 -14.66 28.57 10.73
C GLY S 127 -14.71 29.32 12.04
N GLY S 128 -13.77 29.06 12.95
CA GLY S 128 -13.75 29.77 14.23
C GLY S 128 -13.30 31.22 14.04
N TRP S 129 -13.88 32.10 14.84
CA TRP S 129 -13.58 33.52 14.78
C TRP S 129 -13.21 34.04 16.16
N ASN S 130 -12.33 35.03 16.19
CA ASN S 130 -11.91 35.67 17.43
C ASN S 130 -11.77 37.17 17.19
N ILE S 131 -12.30 37.97 18.12
CA ILE S 131 -12.22 39.42 18.01
C ILE S 131 -10.85 39.86 18.50
N GLU S 132 -10.10 40.55 17.63
CA GLU S 132 -8.76 41.00 17.97
C GLU S 132 -8.84 42.22 18.89
N GLU S 133 -8.03 42.20 19.94
CA GLU S 133 -8.03 43.26 20.94
C GLU S 133 -6.65 43.76 21.33
N GLU S 134 -5.58 43.15 20.81
CA GLU S 134 -4.25 43.68 21.04
C GLU S 134 -3.97 44.95 20.24
N GLY S 135 -4.86 45.31 19.31
CA GLY S 135 -4.71 46.50 18.51
C GLY S 135 -4.23 46.27 17.09
N TYR S 136 -3.86 45.04 16.75
CA TYR S 136 -3.35 44.75 15.41
C TYR S 136 -3.49 43.26 15.13
N GLN S 137 -3.50 42.93 13.84
CA GLN S 137 -3.58 41.54 13.40
C GLN S 137 -3.16 41.47 11.94
N ALA S 138 -2.44 40.40 11.59
CA ALA S 138 -1.97 40.18 10.23
C ALA S 138 -2.28 38.75 9.81
N VAL S 139 -2.55 38.58 8.51
CA VAL S 139 -2.80 37.27 7.92
C VAL S 139 -1.99 37.15 6.64
N GLY S 140 -1.72 35.91 6.26
CA GLY S 140 -0.98 35.60 5.05
C GLY S 140 0.28 34.81 5.36
N SER S 141 1.10 34.64 4.33
CA SER S 141 2.35 33.88 4.49
C SER S 141 3.33 34.60 5.39
N GLY S 142 3.45 35.92 5.26
CA GLY S 142 4.37 36.69 6.07
C GLY S 142 3.68 37.39 7.23
N SER S 143 2.69 36.71 7.83
CA SER S 143 1.93 37.32 8.92
C SER S 143 2.77 37.47 10.17
N LEU S 144 3.68 36.52 10.43
CA LEU S 144 4.46 36.55 11.67
C LEU S 144 5.40 37.75 11.71
N PHE S 145 6.11 38.00 10.61
CA PHE S 145 7.04 39.12 10.56
C PHE S 145 6.30 40.44 10.72
N ALA S 146 5.18 40.59 10.02
CA ALA S 146 4.38 41.82 10.13
C ALA S 146 3.85 41.99 11.54
N LYS S 147 3.41 40.90 12.17
CA LYS S 147 2.89 40.99 13.53
C LYS S 147 3.98 41.41 14.52
N SER S 148 5.20 40.87 14.37
CA SER S 148 6.29 41.30 15.23
C SER S 148 6.63 42.77 15.01
N SER S 149 6.68 43.19 13.74
CA SER S 149 6.95 44.60 13.45
C SER S 149 5.90 45.51 14.05
N MET S 150 4.62 45.12 13.95
CA MET S 150 3.56 45.92 14.57
C MET S 150 3.64 45.88 16.09
N LYS S 151 4.05 44.75 16.66
CA LYS S 151 4.25 44.69 18.11
C LYS S 151 5.26 45.72 18.56
N LYS S 152 6.36 45.87 17.82
CA LYS S 152 7.34 46.89 18.19
C LYS S 152 6.89 48.30 17.83
N LEU S 153 6.11 48.48 16.76
CA LEU S 153 5.82 49.81 16.24
C LEU S 153 4.47 50.37 16.68
N TYR S 154 3.68 49.63 17.47
CA TYR S 154 2.35 50.10 17.83
C TYR S 154 2.38 51.26 18.82
N SER S 155 3.52 51.51 19.46
CA SER S 155 3.60 52.58 20.45
C SER S 155 3.56 53.98 19.82
N GLN S 156 3.74 54.08 18.50
CA GLN S 156 3.77 55.36 17.81
C GLN S 156 2.45 55.68 17.10
N VAL S 157 1.41 54.89 17.32
CA VAL S 157 0.13 55.10 16.66
C VAL S 157 -0.70 56.05 17.51
N THR S 158 -1.05 57.21 16.92
CA THR S 158 -1.84 58.21 17.62
C THR S 158 -3.06 58.62 16.80
N ASP S 159 -2.95 58.56 15.48
CA ASP S 159 -4.03 59.00 14.60
C ASP S 159 -3.98 58.16 13.32
N GLY S 160 -4.74 58.60 12.31
CA GLY S 160 -4.85 57.82 11.08
C GLY S 160 -3.54 57.75 10.31
N ASP S 161 -2.83 58.87 10.19
CA ASP S 161 -1.58 58.89 9.45
C ASP S 161 -0.53 58.00 10.11
N SER S 162 -0.44 58.04 11.45
CA SER S 162 0.50 57.18 12.16
C SER S 162 0.18 55.71 11.94
N GLY S 163 -1.11 55.35 12.01
CA GLY S 163 -1.49 53.98 11.77
C GLY S 163 -1.19 53.53 10.35
N LEU S 164 -1.43 54.40 9.37
CA LEU S 164 -1.11 54.07 7.99
C LEU S 164 0.39 53.87 7.80
N ARG S 165 1.20 54.75 8.41
CA ARG S 165 2.65 54.60 8.31
C ARG S 165 3.11 53.30 8.96
N VAL S 166 2.53 52.95 10.11
CA VAL S 166 2.90 51.70 10.78
C VAL S 166 2.52 50.50 9.93
N ALA S 167 1.34 50.54 9.32
CA ALA S 167 0.92 49.45 8.45
C ALA S 167 1.84 49.30 7.25
N VAL S 168 2.22 50.42 6.63
CA VAL S 168 3.11 50.35 5.47
C VAL S 168 4.47 49.82 5.87
N GLU S 169 4.98 50.25 7.03
CA GLU S 169 6.27 49.74 7.50
C GLU S 169 6.21 48.26 7.81
N ALA S 170 5.11 47.79 8.41
CA ALA S 170 4.95 46.37 8.67
C ALA S 170 4.89 45.57 7.38
N LEU S 171 4.18 46.07 6.38
CA LEU S 171 4.15 45.41 5.08
C LEU S 171 5.54 45.36 4.45
N TYR S 172 6.30 46.45 4.57
CA TYR S 172 7.65 46.48 4.05
C TYR S 172 8.54 45.45 4.75
N ASP S 173 8.42 45.35 6.08
CA ASP S 173 9.19 44.35 6.81
C ASP S 173 8.81 42.94 6.41
N ALA S 174 7.51 42.69 6.23
CA ALA S 174 7.06 41.36 5.81
C ALA S 174 7.59 41.01 4.43
N ALA S 175 7.58 41.98 3.51
CA ALA S 175 8.12 41.75 2.18
C ALA S 175 9.63 41.52 2.22
N ASP S 176 10.32 42.23 3.12
CA ASP S 176 11.77 42.02 3.25
C ASP S 176 12.07 40.63 3.79
N ASP S 177 11.29 40.14 4.75
CA ASP S 177 11.56 38.85 5.37
C ASP S 177 10.90 37.67 4.66
N ASP S 178 10.05 37.93 3.67
CA ASP S 178 9.35 36.85 2.97
C ASP S 178 9.47 37.06 1.47
N SER S 179 9.83 35.99 0.76
CA SER S 179 9.98 36.06 -0.70
C SER S 179 8.66 35.99 -1.44
N ALA S 180 7.58 35.57 -0.78
CA ALA S 180 6.27 35.51 -1.40
C ALA S 180 5.49 36.82 -1.27
N THR S 181 6.02 37.80 -0.56
CA THR S 181 5.37 39.09 -0.37
C THR S 181 6.10 40.14 -1.20
N GLY S 182 5.34 40.91 -1.97
CA GLY S 182 5.93 41.92 -2.82
C GLY S 182 6.00 43.30 -2.18
N GLY S 183 7.19 43.87 -2.13
CA GLY S 183 7.37 45.19 -1.57
C GLY S 183 7.02 46.28 -2.55
N PRO S 184 7.23 47.53 -2.13
CA PRO S 184 6.97 48.67 -3.01
C PRO S 184 7.84 48.60 -4.26
N ASP S 185 7.25 48.99 -5.40
CA ASP S 185 7.92 48.96 -6.69
C ASP S 185 8.23 50.40 -7.11
N LEU S 186 9.51 50.76 -7.08
CA LEU S 186 9.94 52.08 -7.49
C LEU S 186 10.17 52.21 -8.98
N VAL S 187 10.15 51.11 -9.72
CA VAL S 187 10.35 51.13 -11.17
C VAL S 187 9.02 51.22 -11.91
N ARG S 188 8.08 50.32 -11.58
CA ARG S 188 6.76 50.32 -12.21
C ARG S 188 5.76 51.19 -11.47
N GLY S 189 6.13 51.76 -10.32
CA GLY S 189 5.21 52.58 -9.56
C GLY S 189 4.03 51.83 -8.98
N ILE S 190 4.27 50.65 -8.41
CA ILE S 190 3.22 49.84 -7.80
C ILE S 190 3.41 49.90 -6.28
N PHE S 191 2.34 50.24 -5.57
CA PHE S 191 2.36 50.39 -4.13
C PHE S 191 1.16 49.68 -3.51
N PRO S 192 1.28 49.24 -2.26
CA PRO S 192 0.15 48.55 -1.62
C PRO S 192 -1.06 49.45 -1.47
N THR S 193 -2.23 48.83 -1.52
CA THR S 193 -3.50 49.54 -1.37
C THR S 193 -3.96 49.50 0.08
N ALA S 194 -4.57 50.59 0.54
CA ALA S 194 -5.02 50.71 1.91
C ALA S 194 -6.44 51.26 1.95
N VAL S 195 -7.18 50.87 2.98
CA VAL S 195 -8.56 51.33 3.20
C VAL S 195 -8.67 51.84 4.63
N ILE S 196 -9.23 53.04 4.79
CA ILE S 196 -9.42 53.66 6.09
C ILE S 196 -10.92 53.72 6.38
N ILE S 197 -11.32 53.21 7.54
CA ILE S 197 -12.71 53.21 7.98
C ILE S 197 -12.80 54.05 9.24
N ASP S 198 -13.72 55.03 9.24
CA ASP S 198 -13.93 55.90 10.39
C ASP S 198 -15.43 56.14 10.53
N ALA S 199 -15.80 57.13 11.35
CA ALA S 199 -17.20 57.42 11.58
C ALA S 199 -17.93 57.90 10.33
N ASP S 200 -17.20 58.43 9.35
CA ASP S 200 -17.81 58.90 8.12
C ASP S 200 -17.96 57.81 7.06
N GLY S 201 -17.43 56.62 7.31
CA GLY S 201 -17.51 55.52 6.38
C GLY S 201 -16.14 55.02 5.97
N ALA S 202 -16.15 54.06 5.05
CA ALA S 202 -14.94 53.45 4.53
C ALA S 202 -14.55 54.12 3.22
N VAL S 203 -13.30 54.57 3.12
CA VAL S 203 -12.78 55.22 1.93
C VAL S 203 -11.48 54.54 1.52
N ASP S 204 -11.09 54.79 0.27
CA ASP S 204 -9.87 54.23 -0.29
C ASP S 204 -8.75 55.26 -0.21
N VAL S 205 -7.62 54.84 0.34
CA VAL S 205 -6.47 55.76 0.46
C VAL S 205 -5.89 56.02 -0.93
N PRO S 206 -5.65 57.28 -1.30
CA PRO S 206 -5.03 57.55 -2.60
C PRO S 206 -3.61 57.00 -2.67
N GLU S 207 -3.19 56.63 -3.88
CA GLU S 207 -1.88 56.03 -4.08
C GLU S 207 -0.75 57.00 -3.77
N SER S 208 -0.99 58.31 -3.86
CA SER S 208 0.07 59.28 -3.63
C SER S 208 0.58 59.23 -2.19
N ARG S 209 -0.34 59.15 -1.22
CA ARG S 209 0.06 59.11 0.18
C ARG S 209 0.87 57.87 0.49
N ILE S 210 0.43 56.72 -0.03
CA ILE S 210 1.17 55.47 0.17
C ILE S 210 2.54 55.54 -0.49
N ALA S 211 2.61 56.19 -1.66
CA ALA S 211 3.89 56.34 -2.35
C ALA S 211 4.86 57.18 -1.52
N GLU S 212 4.38 58.30 -0.98
CA GLU S 212 5.25 59.13 -0.14
C GLU S 212 5.68 58.40 1.11
N LEU S 213 4.76 57.67 1.75
CA LEU S 213 5.13 56.92 2.96
C LEU S 213 6.17 55.85 2.65
N ALA S 214 5.99 55.13 1.55
CA ALA S 214 6.97 54.09 1.18
C ALA S 214 8.31 54.70 0.86
N ARG S 215 8.33 55.84 0.14
CA ARG S 215 9.59 56.48 -0.18
C ARG S 215 10.30 56.97 1.08
N ALA S 216 9.55 57.54 2.02
CA ALA S 216 10.15 57.98 3.27
C ALA S 216 10.71 56.81 4.06
N ILE S 217 9.98 55.70 4.10
CA ILE S 217 10.47 54.52 4.83
C ILE S 217 11.73 53.97 4.17
N ILE S 218 11.75 53.91 2.84
CA ILE S 218 12.94 53.42 2.13
C ILE S 218 14.13 54.33 2.40
N GLU S 219 13.91 55.65 2.36
CA GLU S 219 15.00 56.60 2.63
C GLU S 219 15.51 56.43 4.05
N SER S 220 14.61 56.25 5.02
CA SER S 220 15.03 56.08 6.40
C SER S 220 15.83 54.79 6.58
N ARG S 221 15.40 53.71 5.93
CA ARG S 221 16.10 52.43 6.05
C ARG S 221 17.47 52.44 5.37
N SER S 222 17.70 53.37 4.44
CA SER S 222 18.98 53.45 3.74
C SER S 222 20.07 54.00 4.66
N ALA T 1 1.79 23.63 -28.41
CA ALA T 1 0.66 24.55 -28.34
C ALA T 1 1.07 25.86 -27.69
N THR T 2 0.95 26.96 -28.44
CA THR T 2 1.26 28.29 -27.93
C THR T 2 0.34 29.30 -28.58
N ILE T 3 -0.31 30.12 -27.74
CA ILE T 3 -1.19 31.18 -28.21
C ILE T 3 -0.76 32.48 -27.57
N VAL T 4 -0.57 33.52 -28.39
CA VAL T 4 -0.09 34.81 -27.92
C VAL T 4 -1.12 35.88 -28.26
N ALA T 5 -1.12 36.95 -27.46
CA ALA T 5 -2.02 38.08 -27.69
C ALA T 5 -1.40 39.31 -27.05
N LEU T 6 -1.36 40.41 -27.80
CA LEU T 6 -0.80 41.65 -27.31
C LEU T 6 -1.69 42.82 -27.74
N LYS T 7 -1.53 43.94 -27.04
CA LYS T 7 -2.36 45.11 -27.23
C LYS T 7 -1.59 46.19 -28.00
N TYR T 8 -2.23 46.78 -28.99
CA TYR T 8 -1.69 47.88 -29.76
C TYR T 8 -2.71 49.02 -29.76
N PRO T 9 -2.27 50.27 -29.96
CA PRO T 9 -3.20 51.39 -29.94
C PRO T 9 -4.31 51.26 -30.97
N GLY T 10 -5.56 51.13 -30.49
CA GLY T 10 -6.70 51.02 -31.37
C GLY T 10 -7.23 49.63 -31.61
N GLY T 11 -6.71 48.62 -30.92
CA GLY T 11 -7.19 47.27 -31.14
C GLY T 11 -6.38 46.27 -30.35
N VAL T 12 -6.54 45.00 -30.72
CA VAL T 12 -5.85 43.89 -30.08
C VAL T 12 -5.70 42.77 -31.09
N VAL T 13 -4.56 42.08 -31.04
CA VAL T 13 -4.27 40.99 -31.96
C VAL T 13 -4.19 39.69 -31.16
N MET T 14 -4.36 38.57 -31.86
CA MET T 14 -4.36 37.25 -31.24
C MET T 14 -3.92 36.23 -32.27
N ALA T 15 -2.99 35.35 -31.88
CA ALA T 15 -2.45 34.36 -32.80
C ALA T 15 -2.06 33.11 -32.03
N GLY T 16 -1.96 32.00 -32.76
CA GLY T 16 -1.59 30.72 -32.16
C GLY T 16 -0.96 29.82 -33.19
N ASP T 17 -0.31 28.76 -32.68
CA ASP T 17 0.38 27.81 -33.53
C ASP T 17 -0.60 26.81 -34.15
N ARG T 18 -0.06 25.89 -34.95
CA ARG T 18 -0.85 24.91 -35.70
C ARG T 18 -0.25 23.52 -35.55
N ARG T 19 0.07 23.12 -34.32
CA ARG T 19 0.65 21.80 -34.07
C ARG T 19 -0.14 21.06 -33.00
N SER T 20 -0.44 19.80 -33.27
CA SER T 20 -1.03 18.89 -32.30
C SER T 20 -0.14 17.66 -32.18
N THR T 21 0.22 17.31 -30.94
CA THR T 21 1.16 16.23 -30.69
C THR T 21 0.56 15.26 -29.68
N GLN T 22 0.60 13.97 -30.00
CA GLN T 22 0.12 12.91 -29.11
C GLN T 22 1.33 12.30 -28.40
N GLY T 23 1.76 12.98 -27.34
CA GLY T 23 2.93 12.54 -26.62
C GLY T 23 4.21 13.12 -27.19
N ASN T 24 4.89 12.35 -28.03
CA ASN T 24 6.07 12.81 -28.75
C ASN T 24 5.91 12.69 -30.26
N MET T 25 4.83 12.10 -30.74
CA MET T 25 4.57 11.94 -32.16
C MET T 25 3.63 13.03 -32.66
N ILE T 26 3.93 13.57 -33.83
CA ILE T 26 3.13 14.65 -34.40
C ILE T 26 1.86 14.06 -35.02
N SER T 27 0.72 14.60 -34.63
CA SER T 27 -0.58 14.16 -35.15
C SER T 27 -1.22 15.16 -36.11
N GLY T 28 -1.08 16.45 -35.86
CA GLY T 28 -1.66 17.46 -36.73
C GLY T 28 -0.61 18.49 -37.12
N ARG T 29 -0.83 19.10 -38.29
CA ARG T 29 0.09 20.07 -38.84
C ARG T 29 -0.53 21.44 -39.11
N ASP T 30 -1.85 21.56 -39.15
CA ASP T 30 -2.51 22.84 -39.37
C ASP T 30 -3.72 23.00 -38.46
N VAL T 31 -3.59 22.57 -37.20
CA VAL T 31 -4.71 22.63 -36.27
C VAL T 31 -5.01 24.09 -35.93
N ARG T 32 -6.29 24.45 -35.97
CA ARG T 32 -6.73 25.81 -35.67
C ARG T 32 -7.14 25.89 -34.19
N LYS T 33 -6.59 26.88 -33.49
CA LYS T 33 -6.84 27.04 -32.06
C LYS T 33 -7.39 28.41 -31.70
N VAL T 34 -7.52 29.33 -32.64
CA VAL T 34 -8.06 30.66 -32.39
C VAL T 34 -9.43 30.73 -33.07
N TYR T 35 -10.45 31.09 -32.29
CA TYR T 35 -11.81 31.14 -32.76
C TYR T 35 -12.44 32.48 -32.42
N ILE T 36 -13.44 32.87 -33.21
CA ILE T 36 -14.17 34.12 -33.01
C ILE T 36 -15.53 33.76 -32.43
N THR T 37 -15.80 34.24 -31.21
CA THR T 37 -17.08 33.96 -30.56
C THR T 37 -18.18 34.87 -31.08
N ASP T 38 -17.95 36.17 -31.06
CA ASP T 38 -18.89 37.13 -31.61
C ASP T 38 -18.11 38.33 -32.14
N ASP T 39 -18.81 39.45 -32.34
CA ASP T 39 -18.26 40.55 -33.14
C ASP T 39 -16.99 41.14 -32.53
N TYR T 40 -16.95 41.33 -31.20
CA TYR T 40 -15.92 42.16 -30.59
C TYR T 40 -15.02 41.40 -29.61
N THR T 41 -14.91 40.08 -29.75
CA THR T 41 -13.93 39.34 -28.96
C THR T 41 -13.65 37.99 -29.60
N ALA T 42 -12.46 37.47 -29.36
CA ALA T 42 -12.04 36.16 -29.83
C ALA T 42 -11.36 35.42 -28.68
N THR T 43 -11.41 34.09 -28.73
CA THR T 43 -10.87 33.25 -27.67
C THR T 43 -9.91 32.22 -28.26
N GLY T 44 -8.99 31.77 -27.41
CA GLY T 44 -8.04 30.74 -27.77
C GLY T 44 -7.75 29.80 -26.61
N ILE T 45 -7.91 28.51 -26.83
CA ILE T 45 -7.79 27.50 -25.78
C ILE T 45 -6.60 26.60 -26.09
N ALA T 46 -5.75 26.40 -25.09
CA ALA T 46 -4.58 25.53 -25.22
C ALA T 46 -4.76 24.31 -24.32
N GLY T 47 -4.51 23.13 -24.87
CA GLY T 47 -4.67 21.90 -24.12
C GLY T 47 -5.30 20.79 -24.95
N THR T 48 -6.22 20.04 -24.33
CA THR T 48 -6.91 18.97 -25.04
C THR T 48 -7.85 19.57 -26.08
N ALA T 49 -7.74 19.11 -27.33
CA ALA T 49 -8.56 19.64 -28.40
C ALA T 49 -10.04 19.30 -28.19
N ALA T 50 -10.32 18.08 -27.73
CA ALA T 50 -11.70 17.66 -27.53
C ALA T 50 -12.42 18.56 -26.54
N VAL T 51 -11.71 19.08 -25.54
CA VAL T 51 -12.32 20.04 -24.63
C VAL T 51 -12.30 21.44 -25.21
N ALA T 52 -11.27 21.78 -26.00
CA ALA T 52 -11.12 23.14 -26.51
C ALA T 52 -12.23 23.50 -27.48
N VAL T 53 -12.49 22.63 -28.46
CA VAL T 53 -13.55 22.92 -29.44
C VAL T 53 -14.91 22.97 -28.74
N GLU T 54 -15.15 22.06 -27.79
CA GLU T 54 -16.41 22.07 -27.06
C GLU T 54 -16.58 23.37 -26.28
N PHE T 55 -15.51 23.84 -25.61
CA PHE T 55 -15.59 25.08 -24.87
C PHE T 55 -15.86 26.27 -25.79
N ALA T 56 -15.18 26.32 -26.93
CA ALA T 56 -15.42 27.42 -27.86
C ALA T 56 -16.85 27.44 -28.35
N ARG T 57 -17.36 26.28 -28.79
CA ARG T 57 -18.73 26.21 -29.28
C ARG T 57 -19.73 26.56 -28.18
N LEU T 58 -19.53 26.06 -26.97
CA LEU T 58 -20.46 26.33 -25.88
C LEU T 58 -20.45 27.80 -25.50
N TYR T 59 -19.28 28.43 -25.47
CA TYR T 59 -19.19 29.85 -25.14
C TYR T 59 -19.92 30.69 -26.19
N ALA T 60 -19.68 30.39 -27.47
CA ALA T 60 -20.36 31.12 -28.53
C ALA T 60 -21.87 30.93 -28.45
N VAL T 61 -22.33 29.69 -28.21
CA VAL T 61 -23.75 29.42 -28.12
C VAL T 61 -24.38 30.16 -26.95
N GLU T 62 -23.71 30.17 -25.80
CA GLU T 62 -24.26 30.88 -24.64
C GLU T 62 -24.35 32.37 -24.89
N LEU T 63 -23.31 32.96 -25.50
CA LEU T 63 -23.35 34.39 -25.78
C LEU T 63 -24.48 34.72 -26.75
N GLU T 64 -24.63 33.92 -27.81
CA GLU T 64 -25.70 34.16 -28.78
C GLU T 64 -27.07 33.98 -28.14
N HIS T 65 -27.22 32.97 -27.27
CA HIS T 65 -28.49 32.73 -26.60
C HIS T 65 -28.87 33.90 -25.71
N TYR T 66 -27.92 34.42 -24.93
CA TYR T 66 -28.21 35.57 -24.09
C TYR T 66 -28.56 36.80 -24.93
N GLU T 67 -27.82 37.03 -26.02
CA GLU T 67 -28.08 38.18 -26.87
C GLU T 67 -29.48 38.09 -27.49
N LYS T 68 -29.88 36.90 -27.91
CA LYS T 68 -31.21 36.73 -28.50
C LYS T 68 -32.31 36.88 -27.44
N LEU T 69 -32.08 36.35 -26.24
CA LEU T 69 -33.11 36.41 -25.20
C LEU T 69 -33.32 37.83 -24.71
N GLU T 70 -32.24 38.54 -24.38
CA GLU T 70 -32.37 39.86 -23.78
C GLU T 70 -32.39 40.99 -24.80
N GLY T 71 -31.95 40.74 -26.03
CA GLY T 71 -31.94 41.76 -27.05
C GLY T 71 -30.73 42.67 -27.05
N VAL T 72 -29.84 42.54 -26.07
CA VAL T 72 -28.63 43.35 -26.00
C VAL T 72 -27.45 42.44 -25.69
N PRO T 73 -26.25 42.74 -26.21
CA PRO T 73 -25.09 41.91 -25.90
C PRO T 73 -24.66 42.03 -24.45
N LEU T 74 -24.03 40.98 -23.95
CA LEU T 74 -23.50 41.00 -22.58
C LEU T 74 -22.36 42.00 -22.46
N THR T 75 -22.21 42.55 -21.26
CA THR T 75 -21.05 43.38 -20.96
C THR T 75 -19.80 42.51 -20.88
N PHE T 76 -18.63 43.17 -20.93
CA PHE T 76 -17.38 42.44 -20.88
C PHE T 76 -17.21 41.71 -19.56
N ALA T 77 -17.62 42.33 -18.46
CA ALA T 77 -17.55 41.67 -17.16
C ALA T 77 -18.43 40.44 -17.12
N GLY T 78 -19.63 40.52 -17.71
CA GLY T 78 -20.49 39.36 -17.78
C GLY T 78 -19.88 38.22 -18.57
N LYS T 79 -19.24 38.55 -19.71
CA LYS T 79 -18.57 37.53 -20.50
C LYS T 79 -17.43 36.88 -19.73
N ILE T 80 -16.65 37.70 -19.01
CA ILE T 80 -15.57 37.16 -18.19
C ILE T 80 -16.13 36.23 -17.11
N ASN T 81 -17.22 36.64 -16.47
CA ASN T 81 -17.82 35.80 -15.43
C ASN T 81 -18.32 34.49 -16.00
N ARG T 82 -18.96 34.52 -17.18
CA ARG T 82 -19.45 33.29 -17.79
C ARG T 82 -18.30 32.36 -18.14
N LEU T 83 -17.22 32.90 -18.72
CA LEU T 83 -16.08 32.07 -19.07
C LEU T 83 -15.41 31.51 -17.83
N ALA T 84 -15.32 32.30 -16.75
CA ALA T 84 -14.73 31.81 -15.51
C ALA T 84 -15.57 30.69 -14.91
N ILE T 85 -16.90 30.82 -14.95
CA ILE T 85 -17.77 29.76 -14.46
C ILE T 85 -17.59 28.49 -15.29
N MET T 86 -17.51 28.65 -16.62
CA MET T 86 -17.30 27.49 -17.48
C MET T 86 -15.98 26.78 -17.18
N VAL T 87 -14.92 27.56 -16.97
CA VAL T 87 -13.62 26.98 -16.64
C VAL T 87 -13.68 26.28 -15.28
N ARG T 88 -14.30 26.92 -14.29
CA ARG T 88 -14.36 26.35 -12.95
C ARG T 88 -15.17 25.05 -12.92
N GLY T 89 -16.20 24.95 -13.77
CA GLY T 89 -17.01 23.75 -13.78
C GLY T 89 -16.32 22.52 -14.33
N ASN T 90 -15.11 22.65 -14.87
CA ASN T 90 -14.37 21.55 -15.45
C ASN T 90 -13.14 21.17 -14.62
N LEU T 91 -13.13 21.54 -13.33
CA LEU T 91 -11.93 21.34 -12.52
C LEU T 91 -11.67 19.86 -12.26
N ALA T 92 -12.73 19.06 -12.07
CA ALA T 92 -12.54 17.63 -11.85
C ALA T 92 -11.94 16.95 -13.08
N ALA T 93 -12.48 17.27 -14.26
CA ALA T 93 -11.93 16.71 -15.49
C ALA T 93 -10.50 17.19 -15.73
N ALA T 94 -10.20 18.44 -15.36
CA ALA T 94 -8.83 18.92 -15.46
C ALA T 94 -7.90 18.14 -14.51
N MET T 95 -8.39 17.83 -13.31
CA MET T 95 -7.61 17.03 -12.37
C MET T 95 -7.34 15.65 -12.93
N GLN T 96 -8.34 15.03 -13.57
CA GLN T 96 -8.10 13.74 -14.20
C GLN T 96 -7.09 13.84 -15.35
N GLY T 97 -7.08 14.97 -16.06
CA GLY T 97 -6.14 15.15 -17.15
C GLY T 97 -6.71 15.91 -18.33
N LEU T 98 -8.03 16.16 -18.31
CA LEU T 98 -8.69 16.91 -19.37
C LEU T 98 -8.64 18.40 -19.05
N LEU T 99 -7.45 18.97 -19.22
CA LEU T 99 -7.19 20.36 -18.88
C LEU T 99 -7.28 21.24 -20.11
N ALA T 100 -7.92 22.39 -19.96
CA ALA T 100 -8.06 23.36 -21.05
C ALA T 100 -8.00 24.77 -20.46
N LEU T 101 -6.97 25.52 -20.82
CA LEU T 101 -6.80 26.87 -20.31
C LEU T 101 -7.06 27.87 -21.43
N PRO T 102 -8.18 28.59 -21.42
CA PRO T 102 -8.47 29.53 -22.50
C PRO T 102 -7.83 30.89 -22.27
N LEU T 103 -7.69 31.63 -23.37
CA LEU T 103 -7.20 33.01 -23.35
C LEU T 103 -8.21 33.89 -24.07
N LEU T 104 -8.61 34.98 -23.42
CA LEU T 104 -9.66 35.85 -23.93
C LEU T 104 -9.08 37.21 -24.31
N ALA T 105 -9.37 37.66 -25.52
CA ALA T 105 -8.99 38.98 -25.99
C ALA T 105 -10.20 39.61 -26.68
N GLY T 106 -10.50 40.86 -26.32
CA GLY T 106 -11.67 41.52 -26.86
C GLY T 106 -11.53 43.02 -26.89
N TYR T 107 -12.52 43.66 -27.50
CA TYR T 107 -12.57 45.11 -27.63
C TYR T 107 -13.80 45.63 -26.90
N ASP T 108 -13.60 46.60 -26.02
CA ASP T 108 -14.68 47.18 -25.21
C ASP T 108 -15.24 48.40 -25.93
N ILE T 109 -16.47 48.28 -26.45
CA ILE T 109 -17.11 49.40 -27.14
C ILE T 109 -17.71 50.41 -26.17
N HIS T 110 -17.76 50.10 -24.89
CA HIS T 110 -18.30 51.00 -23.87
C HIS T 110 -17.20 51.65 -23.04
N ALA T 111 -16.06 51.97 -23.67
CA ALA T 111 -14.93 52.58 -22.99
C ALA T 111 -14.79 54.04 -23.43
N SER T 112 -14.35 54.88 -22.49
CA SER T 112 -14.19 56.30 -22.78
C SER T 112 -13.12 56.54 -23.84
N ASP T 113 -12.01 55.82 -23.76
CA ASP T 113 -10.91 56.00 -24.70
C ASP T 113 -10.90 54.85 -25.69
N PRO T 114 -11.23 55.09 -26.97
CA PRO T 114 -11.17 53.99 -27.95
C PRO T 114 -9.78 53.42 -28.13
N GLN T 115 -8.73 54.24 -27.98
CA GLN T 115 -7.36 53.76 -28.17
C GLN T 115 -6.93 52.77 -27.09
N SER T 116 -7.55 52.81 -25.91
CA SER T 116 -7.21 51.92 -24.82
C SER T 116 -8.36 50.96 -24.50
N ALA T 117 -9.18 50.64 -25.51
CA ALA T 117 -10.33 49.76 -25.32
C ALA T 117 -9.99 48.28 -25.43
N GLY T 118 -8.77 47.93 -25.83
CA GLY T 118 -8.40 46.54 -25.92
C GLY T 118 -8.24 45.92 -24.55
N ARG T 119 -8.66 44.66 -24.43
CA ARG T 119 -8.59 43.93 -23.17
C ARG T 119 -8.03 42.53 -23.41
N ILE T 120 -7.19 42.08 -22.49
CA ILE T 120 -6.65 40.73 -22.50
C ILE T 120 -6.89 40.11 -21.14
N VAL T 121 -7.51 38.93 -21.11
CA VAL T 121 -7.87 38.23 -19.88
C VAL T 121 -7.27 36.84 -19.92
N SER T 122 -6.62 36.44 -18.83
CA SER T 122 -6.07 35.11 -18.67
C SER T 122 -6.80 34.38 -17.55
N PHE T 123 -6.94 33.07 -17.71
CA PHE T 123 -7.67 32.23 -16.77
C PHE T 123 -6.77 31.16 -16.19
N ASP T 124 -7.01 30.82 -14.93
CA ASP T 124 -6.25 29.81 -14.22
C ASP T 124 -6.98 28.46 -14.29
N ALA T 125 -6.33 27.43 -13.76
CA ALA T 125 -6.92 26.09 -13.77
C ALA T 125 -8.09 25.99 -12.81
N ALA T 126 -8.11 26.81 -11.76
CA ALA T 126 -9.16 26.78 -10.76
C ALA T 126 -10.31 27.73 -11.07
N GLY T 127 -10.28 28.42 -12.21
CA GLY T 127 -11.33 29.33 -12.59
C GLY T 127 -11.03 30.79 -12.32
N GLY T 128 -9.91 31.11 -11.70
CA GLY T 128 -9.56 32.50 -11.45
C GLY T 128 -9.16 33.21 -12.73
N TRP T 129 -9.51 34.50 -12.81
CA TRP T 129 -9.23 35.31 -13.97
C TRP T 129 -8.53 36.59 -13.55
N ASN T 130 -7.67 37.09 -14.44
CA ASN T 130 -6.94 38.33 -14.20
C ASN T 130 -6.86 39.11 -15.50
N ILE T 131 -7.14 40.40 -15.45
CA ILE T 131 -7.09 41.25 -16.63
C ILE T 131 -5.62 41.64 -16.89
N GLU T 132 -5.13 41.31 -18.08
CA GLU T 132 -3.75 41.59 -18.42
C GLU T 132 -3.58 43.07 -18.76
N GLU T 133 -2.53 43.68 -18.21
CA GLU T 133 -2.27 45.10 -18.39
C GLU T 133 -0.84 45.43 -18.75
N GLU T 134 0.07 44.45 -18.78
CA GLU T 134 1.42 44.69 -19.26
C GLU T 134 1.48 44.88 -20.78
N GLY T 135 0.39 44.61 -21.49
CA GLY T 135 0.33 44.77 -22.92
C GLY T 135 0.43 43.49 -23.71
N TYR T 136 0.71 42.36 -23.06
CA TYR T 136 0.85 41.09 -23.77
C TYR T 136 0.63 39.94 -22.79
N GLN T 137 0.30 38.78 -23.34
CA GLN T 137 0.11 37.58 -22.56
C GLN T 137 0.14 36.38 -23.50
N ALA T 138 0.74 35.28 -23.03
CA ALA T 138 0.85 34.06 -23.80
C ALA T 138 0.44 32.87 -22.93
N VAL T 139 -0.16 31.86 -23.57
CA VAL T 139 -0.55 30.63 -22.91
C VAL T 139 -0.10 29.45 -23.75
N GLY T 140 0.06 28.31 -23.09
CA GLY T 140 0.48 27.07 -23.74
C GLY T 140 1.76 26.54 -23.15
N SER T 141 2.30 25.51 -23.80
CA SER T 141 3.53 24.89 -23.35
C SER T 141 4.72 25.84 -23.48
N GLY T 142 4.81 26.56 -24.58
CA GLY T 142 5.90 27.49 -24.80
C GLY T 142 5.54 28.92 -24.49
N SER T 143 4.74 29.11 -23.43
CA SER T 143 4.27 30.46 -23.08
C SER T 143 5.41 31.31 -22.54
N LEU T 144 6.35 30.70 -21.81
CA LEU T 144 7.42 31.49 -21.18
C LEU T 144 8.34 32.11 -22.22
N PHE T 145 8.74 31.32 -23.21
CA PHE T 145 9.64 31.84 -24.25
C PHE T 145 8.97 32.96 -25.04
N ALA T 146 7.70 32.76 -25.41
CA ALA T 146 6.97 33.80 -26.13
C ALA T 146 6.81 35.05 -25.29
N LYS T 147 6.55 34.89 -23.99
CA LYS T 147 6.39 36.05 -23.12
C LYS T 147 7.70 36.83 -22.99
N SER T 148 8.83 36.13 -22.88
CA SER T 148 10.12 36.82 -22.84
C SER T 148 10.40 37.55 -24.16
N SER T 149 10.11 36.90 -25.28
CA SER T 149 10.31 37.54 -26.57
C SER T 149 9.45 38.78 -26.71
N MET T 150 8.19 38.70 -26.28
CA MET T 150 7.32 39.88 -26.32
C MET T 150 7.78 40.95 -25.35
N LYS T 151 8.33 40.56 -24.19
CA LYS T 151 8.88 41.54 -23.26
C LYS T 151 9.98 42.35 -23.93
N LYS T 152 10.86 41.68 -24.68
CA LYS T 152 11.90 42.43 -25.39
C LYS T 152 11.38 43.18 -26.62
N LEU T 153 10.35 42.66 -27.30
CA LEU T 153 9.94 43.20 -28.59
C LEU T 153 8.75 44.15 -28.51
N TYR T 154 8.19 44.40 -27.32
CA TYR T 154 6.99 45.24 -27.23
C TYR T 154 7.29 46.71 -27.51
N SER T 155 8.55 47.12 -27.47
CA SER T 155 8.88 48.53 -27.68
C SER T 155 8.68 48.97 -29.12
N GLN T 156 8.53 48.04 -30.06
CA GLN T 156 8.38 48.37 -31.47
C GLN T 156 6.94 48.31 -31.95
N VAL T 157 5.98 48.16 -31.04
CA VAL T 157 4.56 48.07 -31.40
C VAL T 157 3.98 49.47 -31.47
N THR T 158 3.50 49.86 -32.65
CA THR T 158 2.92 51.18 -32.85
C THR T 158 1.53 51.09 -33.47
N ASP T 159 1.30 50.06 -34.28
CA ASP T 159 0.03 49.90 -34.99
C ASP T 159 -0.25 48.41 -35.15
N GLY T 160 -1.24 48.10 -36.00
CA GLY T 160 -1.65 46.72 -36.17
C GLY T 160 -0.59 45.85 -36.82
N ASP T 161 0.07 46.36 -37.85
CA ASP T 161 1.09 45.58 -38.55
C ASP T 161 2.27 45.28 -37.63
N SER T 162 2.69 46.27 -36.83
CA SER T 162 3.78 46.05 -35.89
C SER T 162 3.41 45.00 -34.85
N GLY T 163 2.18 45.06 -34.32
CA GLY T 163 1.74 44.05 -33.37
C GLY T 163 1.68 42.67 -33.97
N LEU T 164 1.20 42.58 -35.21
CA LEU T 164 1.15 41.27 -35.89
C LEU T 164 2.55 40.72 -36.10
N ARG T 165 3.50 41.57 -36.52
CA ARG T 165 4.87 41.13 -36.69
C ARG T 165 5.48 40.66 -35.38
N VAL T 166 5.22 41.39 -34.29
CA VAL T 166 5.75 41.00 -32.99
C VAL T 166 5.15 39.67 -32.55
N ALA T 167 3.84 39.47 -32.77
CA ALA T 167 3.21 38.21 -32.42
C ALA T 167 3.80 37.05 -33.21
N VAL T 168 4.01 37.25 -34.52
CA VAL T 168 4.58 36.19 -35.34
C VAL T 168 6.00 35.87 -34.90
N GLU T 169 6.79 36.90 -34.58
CA GLU T 169 8.15 36.66 -34.12
C GLU T 169 8.16 35.93 -32.79
N ALA T 170 7.25 36.28 -31.88
CA ALA T 170 7.17 35.59 -30.60
C ALA T 170 6.77 34.13 -30.80
N LEU T 171 5.83 33.86 -31.71
CA LEU T 171 5.46 32.48 -32.00
C LEU T 171 6.65 31.72 -32.60
N TYR T 172 7.42 32.37 -33.47
CA TYR T 172 8.60 31.73 -34.05
C TYR T 172 9.63 31.40 -32.96
N ASP T 173 9.85 32.33 -32.04
CA ASP T 173 10.78 32.07 -30.94
C ASP T 173 10.30 30.92 -30.06
N ALA T 174 9.00 30.89 -29.76
CA ALA T 174 8.46 29.81 -28.95
C ALA T 174 8.61 28.47 -29.65
N ALA T 175 8.37 28.43 -30.96
CA ALA T 175 8.55 27.20 -31.71
C ALA T 175 10.02 26.78 -31.76
N ASP T 176 10.92 27.76 -31.84
CA ASP T 176 12.36 27.45 -31.83
C ASP T 176 12.79 26.86 -30.49
N ASP T 177 12.27 27.41 -29.39
CA ASP T 177 12.68 26.98 -28.06
C ASP T 177 11.87 25.81 -27.50
N ASP T 178 10.79 25.42 -28.17
CA ASP T 178 9.93 24.35 -27.69
C ASP T 178 9.67 23.35 -28.81
N SER T 179 9.83 22.06 -28.51
CA SER T 179 9.60 21.02 -29.50
C SER T 179 8.13 20.68 -29.71
N ALA T 180 7.26 21.11 -28.80
CA ALA T 180 5.83 20.86 -28.92
C ALA T 180 5.11 21.96 -29.70
N THR T 181 5.82 23.03 -30.09
CA THR T 181 5.25 24.13 -30.84
C THR T 181 5.74 24.06 -32.28
N GLY T 182 4.81 24.15 -33.23
CA GLY T 182 5.17 24.07 -34.64
C GLY T 182 5.40 25.42 -35.28
N GLY T 183 6.58 25.59 -35.89
CA GLY T 183 6.90 26.83 -36.56
C GLY T 183 6.30 26.89 -37.95
N PRO T 184 6.62 27.97 -38.67
CA PRO T 184 6.14 28.12 -40.04
C PRO T 184 6.66 26.99 -40.92
N ASP T 185 5.81 26.52 -41.83
CA ASP T 185 6.12 25.42 -42.74
C ASP T 185 6.32 26.00 -44.14
N LEU T 186 7.57 25.99 -44.61
CA LEU T 186 7.88 26.48 -45.94
C LEU T 186 7.74 25.42 -47.02
N VAL T 187 7.51 24.15 -46.64
CA VAL T 187 7.34 23.08 -47.61
C VAL T 187 5.87 22.85 -47.92
N ARG T 188 5.04 22.69 -46.89
CA ARG T 188 3.61 22.49 -47.07
C ARG T 188 2.82 23.79 -47.09
N GLY T 189 3.47 24.93 -46.86
CA GLY T 189 2.78 26.21 -46.84
C GLY T 189 1.79 26.38 -45.72
N ILE T 190 2.16 25.97 -44.51
CA ILE T 190 1.30 26.10 -43.34
C ILE T 190 1.86 27.21 -42.46
N PHE T 191 1.02 28.17 -42.10
CA PHE T 191 1.41 29.32 -41.30
C PHE T 191 0.40 29.55 -40.18
N PRO T 192 0.83 30.15 -39.08
CA PRO T 192 -0.09 30.39 -37.95
C PRO T 192 -1.23 31.33 -38.35
N THR T 193 -2.37 31.12 -37.72
CA THR T 193 -3.56 31.93 -37.95
C THR T 193 -3.63 33.06 -36.93
N ALA T 194 -4.09 34.23 -37.36
CA ALA T 194 -4.19 35.40 -36.52
C ALA T 194 -5.55 36.06 -36.69
N VAL T 195 -6.00 36.72 -35.62
CA VAL T 195 -7.27 37.44 -35.60
C VAL T 195 -7.02 38.84 -35.08
N ILE T 196 -7.52 39.85 -35.79
CA ILE T 196 -7.37 41.25 -35.42
C ILE T 196 -8.74 41.79 -35.04
N ILE T 197 -8.83 42.38 -33.85
CA ILE T 197 -10.07 42.99 -33.35
C ILE T 197 -9.83 44.48 -33.17
N ASP T 198 -10.71 45.28 -33.76
CA ASP T 198 -10.63 46.73 -33.66
C ASP T 198 -12.03 47.29 -33.50
N ALA T 199 -12.17 48.60 -33.68
CA ALA T 199 -13.48 49.25 -33.53
C ALA T 199 -14.49 48.78 -34.56
N ASP T 200 -14.04 48.26 -35.70
CA ASP T 200 -14.94 47.79 -36.75
C ASP T 200 -15.36 46.33 -36.55
N GLY T 201 -14.80 45.64 -35.58
CA GLY T 201 -15.11 44.25 -35.32
C GLY T 201 -13.90 43.36 -35.42
N ALA T 202 -14.14 42.07 -35.27
CA ALA T 202 -13.10 41.05 -35.34
C ALA T 202 -13.07 40.43 -36.73
N VAL T 203 -11.87 40.41 -37.34
CA VAL T 203 -11.68 39.87 -38.67
C VAL T 203 -10.53 38.87 -38.63
N ASP T 204 -10.47 38.04 -39.66
CA ASP T 204 -9.43 37.02 -39.79
C ASP T 204 -8.32 37.54 -40.70
N VAL T 205 -7.08 37.44 -40.24
CA VAL T 205 -5.94 37.91 -41.04
C VAL T 205 -5.73 36.95 -42.20
N PRO T 206 -5.60 37.44 -43.43
CA PRO T 206 -5.32 36.55 -44.56
C PRO T 206 -3.97 35.86 -44.41
N GLU T 207 -3.88 34.65 -44.97
CA GLU T 207 -2.66 33.86 -44.85
C GLU T 207 -1.49 34.50 -45.57
N SER T 208 -1.74 35.33 -46.59
CA SER T 208 -0.65 35.93 -47.36
C SER T 208 0.20 36.85 -46.49
N ARG T 209 -0.43 37.69 -45.67
CA ARG T 209 0.32 38.61 -44.83
C ARG T 209 1.17 37.86 -43.83
N ILE T 210 0.62 36.82 -43.20
CA ILE T 210 1.38 36.02 -42.25
C ILE T 210 2.53 35.31 -42.96
N ALA T 211 2.30 34.85 -44.18
CA ALA T 211 3.37 34.20 -44.94
C ALA T 211 4.51 35.16 -45.22
N GLU T 212 4.19 36.39 -45.65
CA GLU T 212 5.24 37.37 -45.90
C GLU T 212 5.98 37.73 -44.61
N LEU T 213 5.25 37.90 -43.51
CA LEU T 213 5.91 38.22 -42.24
C LEU T 213 6.84 37.11 -41.79
N ALA T 214 6.39 35.86 -41.90
CA ALA T 214 7.23 34.72 -41.52
C ALA T 214 8.46 34.61 -42.40
N ARG T 215 8.28 34.83 -43.72
CA ARG T 215 9.42 34.77 -44.62
C ARG T 215 10.43 35.86 -44.31
N ALA T 216 9.95 37.08 -44.03
CA ALA T 216 10.85 38.17 -43.67
C ALA T 216 11.60 37.88 -42.38
N ILE T 217 10.89 37.32 -41.38
CA ILE T 217 11.54 36.98 -40.12
C ILE T 217 12.61 35.91 -40.32
N ILE T 218 12.28 34.88 -41.12
CA ILE T 218 13.24 33.82 -41.38
C ILE T 218 14.46 34.37 -42.11
N GLU T 219 14.25 35.24 -43.09
CA GLU T 219 15.37 35.84 -43.81
C GLU T 219 16.23 36.68 -42.88
N SER T 220 15.60 37.45 -41.99
CA SER T 220 16.36 38.27 -41.04
C SER T 220 17.17 37.40 -40.09
N ARG T 221 16.59 36.29 -39.62
CA ARG T 221 17.30 35.42 -38.68
C ARG T 221 18.44 34.67 -39.34
N SER T 222 18.44 34.55 -40.66
CA SER T 222 19.49 33.84 -41.38
C SER T 222 20.78 34.65 -41.40
N ALA U 1 -5.44 -5.78 -36.18
CA ALA U 1 -6.51 -4.91 -36.65
C ALA U 1 -5.94 -3.66 -37.30
N THR U 2 -6.25 -3.47 -38.59
CA THR U 2 -5.82 -2.29 -39.32
C THR U 2 -6.87 -1.92 -40.35
N ILE U 3 -7.28 -0.66 -40.35
CA ILE U 3 -8.26 -0.14 -41.30
C ILE U 3 -7.66 1.10 -41.95
N VAL U 4 -7.69 1.13 -43.28
CA VAL U 4 -7.10 2.22 -44.05
C VAL U 4 -8.18 2.86 -44.91
N ALA U 5 -7.98 4.14 -45.22
CA ALA U 5 -8.89 4.89 -46.07
C ALA U 5 -8.13 6.04 -46.71
N LEU U 6 -8.28 6.20 -48.01
CA LEU U 6 -7.61 7.25 -48.75
C LEU U 6 -8.58 7.88 -49.76
N LYS U 7 -8.24 9.09 -50.20
CA LYS U 7 -9.09 9.87 -51.08
C LYS U 7 -8.54 9.85 -52.50
N TYR U 8 -9.41 9.64 -53.46
CA TYR U 8 -9.08 9.68 -54.88
C TYR U 8 -10.06 10.62 -55.57
N PRO U 9 -9.68 11.20 -56.71
CA PRO U 9 -10.57 12.13 -57.40
C PRO U 9 -11.91 11.51 -57.77
N GLY U 10 -12.99 12.02 -57.17
CA GLY U 10 -14.33 11.53 -57.45
C GLY U 10 -14.90 10.54 -56.46
N GLY U 11 -14.22 10.29 -55.34
CA GLY U 11 -14.75 9.35 -54.38
C GLY U 11 -13.77 9.12 -53.25
N VAL U 12 -14.03 8.05 -52.50
CA VAL U 12 -13.20 7.67 -51.36
C VAL U 12 -13.31 6.16 -51.17
N VAL U 13 -12.20 5.53 -50.81
CA VAL U 13 -12.15 4.08 -50.60
C VAL U 13 -11.88 3.81 -49.12
N MET U 14 -12.23 2.60 -48.69
CA MET U 14 -12.08 2.21 -47.30
C MET U 14 -11.91 0.70 -47.25
N ALA U 15 -10.92 0.23 -46.48
CA ALA U 15 -10.63 -1.20 -46.40
C ALA U 15 -10.06 -1.52 -45.03
N GLY U 16 -10.15 -2.79 -44.65
CA GLY U 16 -9.64 -3.26 -43.37
C GLY U 16 -9.29 -4.72 -43.43
N ASP U 17 -8.55 -5.17 -42.42
CA ASP U 17 -8.09 -6.54 -42.35
C ASP U 17 -9.21 -7.46 -41.82
N ARG U 18 -8.89 -8.75 -41.71
CA ARG U 18 -9.84 -9.78 -41.30
C ARG U 18 -9.23 -10.69 -40.25
N ARG U 19 -8.61 -10.12 -39.23
CA ARG U 19 -7.99 -10.91 -38.17
C ARG U 19 -8.48 -10.45 -36.81
N SER U 20 -8.84 -11.41 -35.96
CA SER U 20 -9.17 -11.17 -34.56
C SER U 20 -8.29 -12.05 -33.70
N THR U 21 -7.63 -11.44 -32.72
CA THR U 21 -6.65 -12.15 -31.88
C THR U 21 -6.98 -11.92 -30.42
N GLN U 22 -7.03 -13.00 -29.65
CA GLN U 22 -7.26 -12.95 -28.20
C GLN U 22 -5.92 -13.06 -27.49
N GLY U 23 -5.22 -11.92 -27.41
CA GLY U 23 -3.91 -11.90 -26.81
C GLY U 23 -2.82 -12.19 -27.82
N ASN U 24 -2.38 -13.45 -27.88
CA ASN U 24 -1.43 -13.90 -28.88
C ASN U 24 -1.96 -15.07 -29.71
N MET U 25 -3.13 -15.59 -29.38
CA MET U 25 -3.74 -16.69 -30.11
C MET U 25 -4.78 -16.15 -31.10
N ILE U 26 -4.78 -16.72 -32.30
CA ILE U 26 -5.70 -16.28 -33.34
C ILE U 26 -7.08 -16.87 -33.08
N SER U 27 -8.09 -16.01 -33.07
CA SER U 27 -9.48 -16.41 -32.85
C SER U 27 -10.34 -16.35 -34.09
N GLY U 28 -10.14 -15.35 -34.95
CA GLY U 28 -10.91 -15.22 -36.17
C GLY U 28 -10.01 -15.04 -37.36
N ARG U 29 -10.51 -15.47 -38.52
CA ARG U 29 -9.75 -15.42 -39.77
C ARG U 29 -10.42 -14.62 -40.87
N ASP U 30 -11.70 -14.30 -40.77
CA ASP U 30 -12.39 -13.50 -41.77
C ASP U 30 -13.34 -12.49 -41.12
N VAL U 31 -12.89 -11.87 -40.03
CA VAL U 31 -13.74 -10.92 -39.31
C VAL U 31 -13.93 -9.67 -40.15
N ARG U 32 -15.18 -9.21 -40.24
CA ARG U 32 -15.52 -8.03 -41.00
C ARG U 32 -15.55 -6.81 -40.08
N LYS U 33 -14.82 -5.76 -40.47
CA LYS U 33 -14.71 -4.56 -39.65
C LYS U 33 -15.14 -3.29 -40.37
N VAL U 34 -15.50 -3.36 -41.65
CA VAL U 34 -15.96 -2.21 -42.41
C VAL U 34 -17.45 -2.38 -42.67
N TYR U 35 -18.23 -1.38 -42.28
CA TYR U 35 -19.69 -1.43 -42.40
C TYR U 35 -20.20 -0.18 -43.10
N ILE U 36 -21.36 -0.31 -43.73
CA ILE U 36 -22.01 0.78 -44.42
C ILE U 36 -23.19 1.25 -43.57
N THR U 37 -23.13 2.51 -43.12
CA THR U 37 -24.19 3.05 -42.29
C THR U 37 -25.40 3.47 -43.13
N ASP U 38 -25.16 4.29 -44.14
CA ASP U 38 -26.22 4.71 -45.06
C ASP U 38 -25.59 4.93 -46.43
N ASP U 39 -26.30 5.66 -47.29
CA ASP U 39 -25.97 5.67 -48.72
C ASP U 39 -24.60 6.26 -49.00
N TYR U 40 -24.23 7.35 -48.31
CA TYR U 40 -23.07 8.13 -48.72
C TYR U 40 -21.95 8.18 -47.68
N THR U 41 -21.88 7.20 -46.77
CA THR U 41 -20.72 7.10 -45.89
C THR U 41 -20.64 5.70 -45.31
N ALA U 42 -19.43 5.31 -44.95
CA ALA U 42 -19.14 4.04 -44.32
C ALA U 42 -18.19 4.26 -43.15
N THR U 43 -18.26 3.37 -42.16
CA THR U 43 -17.46 3.49 -40.94
C THR U 43 -16.69 2.21 -40.69
N GLY U 44 -15.58 2.36 -39.97
CA GLY U 44 -14.75 1.23 -39.57
C GLY U 44 -14.19 1.43 -38.17
N ILE U 45 -14.40 0.45 -37.30
CA ILE U 45 -14.02 0.54 -35.89
C ILE U 45 -12.96 -0.51 -35.60
N ALA U 46 -11.87 -0.08 -34.96
CA ALA U 46 -10.79 -0.96 -34.56
C ALA U 46 -10.73 -1.06 -33.05
N GLY U 47 -10.62 -2.28 -32.53
CA GLY U 47 -10.59 -2.50 -31.10
C GLY U 47 -11.42 -3.69 -30.68
N THR U 48 -12.15 -3.56 -29.57
CA THR U 48 -13.01 -4.64 -29.10
C THR U 48 -14.18 -4.82 -30.05
N ALA U 49 -14.38 -6.06 -30.51
CA ALA U 49 -15.47 -6.35 -31.45
C ALA U 49 -16.83 -6.12 -30.81
N ALA U 50 -16.99 -6.53 -29.55
CA ALA U 50 -18.28 -6.38 -28.88
C ALA U 50 -18.72 -4.93 -28.83
N VAL U 51 -17.78 -4.00 -28.71
CA VAL U 51 -18.13 -2.58 -28.76
C VAL U 51 -18.24 -2.09 -30.19
N ALA U 52 -17.46 -2.67 -31.11
CA ALA U 52 -17.44 -2.18 -32.49
C ALA U 52 -18.77 -2.44 -33.20
N VAL U 53 -19.27 -3.68 -33.11
CA VAL U 53 -20.54 -4.00 -33.77
C VAL U 53 -21.67 -3.19 -33.15
N GLU U 54 -21.66 -3.04 -31.83
CA GLU U 54 -22.69 -2.24 -31.16
C GLU U 54 -22.65 -0.79 -31.63
N PHE U 55 -21.46 -0.22 -31.74
CA PHE U 55 -21.33 1.17 -32.21
C PHE U 55 -21.83 1.31 -33.63
N ALA U 56 -21.47 0.37 -34.51
CA ALA U 56 -21.92 0.45 -35.90
C ALA U 56 -23.45 0.38 -35.98
N ARG U 57 -24.04 -0.59 -35.29
CA ARG U 57 -25.50 -0.73 -35.33
C ARG U 57 -26.19 0.50 -34.75
N LEU U 58 -25.68 1.02 -33.62
CA LEU U 58 -26.30 2.18 -33.00
C LEU U 58 -26.20 3.42 -33.88
N TYR U 59 -25.04 3.62 -34.52
CA TYR U 59 -24.88 4.77 -35.41
C TYR U 59 -25.84 4.68 -36.58
N ALA U 60 -25.94 3.50 -37.20
CA ALA U 60 -26.87 3.34 -38.32
C ALA U 60 -28.31 3.56 -37.87
N VAL U 61 -28.68 3.02 -36.71
CA VAL U 61 -30.05 3.18 -36.20
C VAL U 61 -30.35 4.65 -35.94
N GLU U 62 -29.41 5.38 -35.33
CA GLU U 62 -29.64 6.79 -35.04
C GLU U 62 -29.80 7.60 -36.32
N LEU U 63 -28.94 7.34 -37.32
CA LEU U 63 -29.05 8.06 -38.58
C LEU U 63 -30.39 7.79 -39.26
N GLU U 64 -30.81 6.51 -39.29
CA GLU U 64 -32.08 6.18 -39.90
C GLU U 64 -33.25 6.80 -39.14
N HIS U 65 -33.17 6.80 -37.81
CA HIS U 65 -34.23 7.39 -37.00
C HIS U 65 -34.37 8.88 -37.26
N TYR U 66 -33.25 9.59 -37.33
CA TYR U 66 -33.31 11.02 -37.62
C TYR U 66 -33.86 11.27 -39.01
N GLU U 67 -33.41 10.47 -39.99
CA GLU U 67 -33.89 10.66 -41.37
C GLU U 67 -35.39 10.42 -41.46
N LYS U 68 -35.90 9.41 -40.75
CA LYS U 68 -37.33 9.13 -40.78
C LYS U 68 -38.12 10.21 -40.05
N LEU U 69 -37.60 10.71 -38.92
CA LEU U 69 -38.33 11.70 -38.15
C LEU U 69 -38.41 13.04 -38.89
N GLU U 70 -37.27 13.53 -39.39
CA GLU U 70 -37.24 14.85 -40.00
C GLU U 70 -37.52 14.84 -41.49
N GLY U 71 -37.40 13.69 -42.15
CA GLY U 71 -37.66 13.61 -43.57
C GLY U 71 -36.49 13.97 -44.46
N VAL U 72 -35.37 14.42 -43.89
CA VAL U 72 -34.18 14.77 -44.66
C VAL U 72 -32.97 14.17 -43.97
N PRO U 73 -31.94 13.75 -44.71
CA PRO U 73 -30.74 13.20 -44.07
C PRO U 73 -29.95 14.27 -43.33
N LEU U 74 -29.22 13.83 -42.32
CA LEU U 74 -28.36 14.74 -41.57
C LEU U 74 -27.22 15.25 -42.43
N THR U 75 -26.77 16.47 -42.11
CA THR U 75 -25.57 17.00 -42.75
C THR U 75 -24.34 16.25 -42.25
N PHE U 76 -23.22 16.41 -42.97
CA PHE U 76 -22.00 15.73 -42.59
C PHE U 76 -21.50 16.18 -41.22
N ALA U 77 -21.62 17.48 -40.94
CA ALA U 77 -21.21 18.00 -39.63
C ALA U 77 -22.06 17.40 -38.52
N GLY U 78 -23.37 17.24 -38.77
CA GLY U 78 -24.23 16.60 -37.78
C GLY U 78 -23.84 15.16 -37.52
N LYS U 79 -23.52 14.43 -38.58
CA LYS U 79 -23.07 13.04 -38.42
C LYS U 79 -21.77 12.97 -37.63
N ILE U 80 -20.83 13.88 -37.92
CA ILE U 80 -19.58 13.91 -37.17
C ILE U 80 -19.85 14.21 -35.70
N ASN U 81 -20.74 15.17 -35.43
CA ASN U 81 -21.06 15.49 -34.04
C ASN U 81 -21.70 14.32 -33.31
N ARG U 82 -22.61 13.61 -33.98
CA ARG U 82 -23.24 12.45 -33.36
C ARG U 82 -22.22 11.36 -33.06
N LEU U 83 -21.33 11.08 -34.01
CA LEU U 83 -20.31 10.06 -33.78
C LEU U 83 -19.35 10.48 -32.68
N ALA U 84 -18.99 11.75 -32.62
CA ALA U 84 -18.10 12.24 -31.56
C ALA U 84 -18.76 12.11 -30.19
N ILE U 85 -20.06 12.43 -30.11
CA ILE U 85 -20.78 12.26 -28.85
C ILE U 85 -20.82 10.80 -28.44
N MET U 86 -21.08 9.90 -29.40
CA MET U 86 -21.11 8.48 -29.11
C MET U 86 -19.75 7.99 -28.59
N VAL U 87 -18.66 8.44 -29.23
CA VAL U 87 -17.34 8.05 -28.79
C VAL U 87 -17.03 8.60 -27.39
N ARG U 88 -17.39 9.87 -27.15
CA ARG U 88 -17.11 10.49 -25.86
C ARG U 88 -17.89 9.83 -24.73
N GLY U 89 -19.10 9.35 -25.02
CA GLY U 89 -19.90 8.71 -23.98
C GLY U 89 -19.37 7.37 -23.50
N ASN U 90 -18.33 6.83 -24.13
CA ASN U 90 -17.77 5.53 -23.78
C ASN U 90 -16.37 5.66 -23.19
N LEU U 91 -16.03 6.85 -22.66
CA LEU U 91 -14.67 7.07 -22.19
C LEU U 91 -14.35 6.25 -20.95
N ALA U 92 -15.33 6.08 -20.04
CA ALA U 92 -15.08 5.28 -18.85
C ALA U 92 -14.83 3.82 -19.21
N ALA U 93 -15.65 3.25 -20.10
CA ALA U 93 -15.43 1.88 -20.54
C ALA U 93 -14.12 1.74 -21.28
N ALA U 94 -13.73 2.76 -22.05
CA ALA U 94 -12.41 2.73 -22.71
C ALA U 94 -11.29 2.74 -21.67
N MET U 95 -11.46 3.52 -20.60
CA MET U 95 -10.46 3.54 -19.53
C MET U 95 -10.34 2.17 -18.87
N GLN U 96 -11.47 1.49 -18.65
CA GLN U 96 -11.41 0.14 -18.09
C GLN U 96 -10.73 -0.82 -19.06
N GLY U 97 -10.90 -0.62 -20.37
CA GLY U 97 -10.27 -1.49 -21.35
C GLY U 97 -11.12 -1.74 -22.57
N LEU U 98 -12.38 -1.32 -22.53
CA LEU U 98 -13.29 -1.48 -23.67
C LEU U 98 -13.16 -0.27 -24.61
N LEU U 99 -12.05 -0.26 -25.33
CA LEU U 99 -11.71 0.85 -26.22
C LEU U 99 -12.11 0.52 -27.66
N ALA U 100 -12.68 1.52 -28.33
CA ALA U 100 -13.08 1.37 -29.72
C ALA U 100 -12.88 2.70 -30.43
N LEU U 101 -11.97 2.73 -31.40
CA LEU U 101 -11.66 3.95 -32.15
C LEU U 101 -12.21 3.83 -33.56
N PRO U 102 -13.28 4.53 -33.91
CA PRO U 102 -13.84 4.41 -35.25
C PRO U 102 -13.15 5.33 -36.26
N LEU U 103 -13.30 4.97 -37.53
CA LEU U 103 -12.82 5.79 -38.64
C LEU U 103 -13.98 6.03 -39.59
N LEU U 104 -14.19 7.30 -39.95
CA LEU U 104 -15.33 7.69 -40.76
C LEU U 104 -14.87 8.19 -42.13
N ALA U 105 -15.45 7.64 -43.19
CA ALA U 105 -15.20 8.09 -44.55
C ALA U 105 -16.54 8.23 -45.26
N GLY U 106 -16.74 9.36 -45.94
CA GLY U 106 -18.01 9.62 -46.58
C GLY U 106 -17.87 10.55 -47.77
N TYR U 107 -18.99 10.72 -48.48
CA TYR U 107 -19.06 11.58 -49.65
C TYR U 107 -20.06 12.69 -49.38
N ASP U 108 -19.64 13.93 -49.60
CA ASP U 108 -20.48 15.10 -49.35
C ASP U 108 -21.21 15.48 -50.64
N ILE U 109 -22.52 15.25 -50.67
CA ILE U 109 -23.31 15.61 -51.85
C ILE U 109 -23.64 17.09 -51.92
N HIS U 110 -23.36 17.85 -50.86
CA HIS U 110 -23.62 19.29 -50.82
C HIS U 110 -22.35 20.10 -50.97
N ALA U 111 -21.41 19.63 -51.79
CA ALA U 111 -20.14 20.30 -52.02
C ALA U 111 -20.11 20.89 -53.42
N SER U 112 -19.45 22.05 -53.55
CA SER U 112 -19.37 22.73 -54.83
C SER U 112 -18.61 21.89 -55.85
N ASP U 113 -17.50 21.26 -55.44
CA ASP U 113 -16.68 20.48 -56.35
C ASP U 113 -16.92 19.00 -56.10
N PRO U 114 -17.57 18.29 -57.03
CA PRO U 114 -17.76 16.84 -56.82
C PRO U 114 -16.46 16.06 -56.73
N GLN U 115 -15.41 16.51 -57.42
CA GLN U 115 -14.14 15.78 -57.41
C GLN U 115 -13.45 15.85 -56.06
N SER U 116 -13.74 16.86 -55.24
CA SER U 116 -13.15 17.01 -53.92
C SER U 116 -14.19 16.85 -52.81
N ALA U 117 -15.22 16.06 -53.06
CA ALA U 117 -16.29 15.86 -52.09
C ALA U 117 -16.00 14.74 -51.10
N GLY U 118 -14.92 13.99 -51.29
CA GLY U 118 -14.59 12.94 -50.34
C GLY U 118 -14.09 13.52 -49.03
N ARG U 119 -14.47 12.86 -47.94
CA ARG U 119 -14.08 13.30 -46.60
C ARG U 119 -13.61 12.10 -45.78
N ILE U 120 -12.56 12.33 -44.99
CA ILE U 120 -12.04 11.33 -44.07
C ILE U 120 -11.93 11.97 -42.69
N VAL U 121 -12.53 11.33 -41.68
CA VAL U 121 -12.56 11.86 -40.33
C VAL U 121 -12.00 10.81 -39.38
N SER U 122 -11.09 11.23 -38.50
CA SER U 122 -10.52 10.37 -37.48
C SER U 122 -10.93 10.86 -36.10
N PHE U 123 -11.11 9.91 -35.18
CA PHE U 123 -11.60 10.20 -33.83
C PHE U 123 -10.58 9.75 -32.80
N ASP U 124 -10.49 10.52 -31.72
CA ASP U 124 -9.58 10.23 -30.62
C ASP U 124 -10.30 9.44 -29.52
N ALA U 125 -9.54 9.03 -28.51
CA ALA U 125 -10.13 8.27 -27.41
C ALA U 125 -11.01 9.14 -26.52
N ALA U 126 -10.76 10.45 -26.50
CA ALA U 126 -11.52 11.36 -25.66
C ALA U 126 -12.71 11.97 -26.39
N GLY U 127 -12.97 11.59 -27.64
CA GLY U 127 -14.07 12.10 -28.40
C GLY U 127 -13.72 13.19 -29.40
N GLY U 128 -12.47 13.63 -29.42
CA GLY U 128 -12.06 14.66 -30.38
C GLY U 128 -12.01 14.10 -31.79
N TRP U 129 -12.37 14.95 -32.76
CA TRP U 129 -12.38 14.57 -34.16
C TRP U 129 -11.59 15.57 -34.98
N ASN U 130 -10.98 15.08 -36.05
CA ASN U 130 -10.21 15.92 -36.97
C ASN U 130 -10.47 15.45 -38.40
N ILE U 131 -10.71 16.39 -39.30
CA ILE U 131 -10.97 16.06 -40.70
C ILE U 131 -9.63 15.83 -41.39
N GLU U 132 -9.44 14.65 -41.96
CA GLU U 132 -8.19 14.32 -42.63
C GLU U 132 -8.11 15.00 -43.99
N GLU U 133 -6.96 15.59 -44.28
CA GLU U 133 -6.75 16.34 -45.50
C GLU U 133 -5.45 16.00 -46.22
N GLU U 134 -4.59 15.16 -45.64
CA GLU U 134 -3.41 14.71 -46.36
C GLU U 134 -3.73 13.71 -47.46
N GLY U 135 -4.96 13.23 -47.52
CA GLY U 135 -5.39 12.29 -48.54
C GLY U 135 -5.50 10.84 -48.08
N TYR U 136 -5.06 10.54 -46.86
CA TYR U 136 -5.12 9.17 -46.36
C TYR U 136 -5.07 9.18 -44.84
N GLN U 137 -5.55 8.09 -44.25
CA GLN U 137 -5.54 7.91 -42.80
C GLN U 137 -5.75 6.44 -42.49
N ALA U 138 -5.05 5.96 -41.46
CA ALA U 138 -5.15 4.57 -41.03
C ALA U 138 -5.32 4.52 -39.53
N VAL U 139 -6.06 3.50 -39.06
CA VAL U 139 -6.28 3.27 -37.64
C VAL U 139 -6.05 1.80 -37.35
N GLY U 140 -5.73 1.51 -36.10
CA GLY U 140 -5.51 0.15 -35.64
C GLY U 140 -4.11 -0.02 -35.08
N SER U 141 -3.77 -1.28 -34.79
CA SER U 141 -2.45 -1.58 -34.23
C SER U 141 -1.34 -1.30 -35.23
N GLY U 142 -1.54 -1.66 -36.49
CA GLY U 142 -0.54 -1.43 -37.51
C GLY U 142 -0.80 -0.19 -38.34
N SER U 143 -1.31 0.86 -37.68
CA SER U 143 -1.65 2.08 -38.41
C SER U 143 -0.42 2.81 -38.91
N LEU U 144 0.67 2.77 -38.14
CA LEU U 144 1.87 3.53 -38.51
C LEU U 144 2.50 2.99 -39.79
N PHE U 145 2.64 1.67 -39.89
CA PHE U 145 3.23 1.08 -41.08
C PHE U 145 2.39 1.35 -42.32
N ALA U 146 1.07 1.21 -42.20
CA ALA U 146 0.18 1.49 -43.31
C ALA U 146 0.24 2.96 -43.71
N LYS U 147 0.32 3.85 -42.72
CA LYS U 147 0.41 5.28 -43.03
C LYS U 147 1.70 5.62 -43.75
N SER U 148 2.82 5.03 -43.34
CA SER U 148 4.07 5.25 -44.05
C SER U 148 4.01 4.71 -45.48
N SER U 149 3.44 3.52 -45.64
CA SER U 149 3.31 2.94 -46.98
C SER U 149 2.44 3.82 -47.87
N MET U 150 1.33 4.33 -47.33
CA MET U 150 0.49 5.24 -48.11
C MET U 150 1.19 6.56 -48.39
N LYS U 151 2.01 7.05 -47.44
CA LYS U 151 2.78 8.26 -47.70
C LYS U 151 3.68 8.08 -48.91
N LYS U 152 4.33 6.92 -49.03
CA LYS U 152 5.16 6.69 -50.21
C LYS U 152 4.35 6.37 -51.46
N LEU U 153 3.18 5.74 -51.33
CA LEU U 153 2.46 5.23 -52.48
C LEU U 153 1.33 6.13 -52.97
N TYR U 154 1.09 7.28 -52.31
CA TYR U 154 -0.04 8.12 -52.69
C TYR U 154 0.17 8.83 -54.03
N SER U 155 1.41 8.88 -54.53
CA SER U 155 1.67 9.56 -55.79
C SER U 155 1.12 8.84 -57.00
N GLN U 156 0.73 7.57 -56.87
CA GLN U 156 0.22 6.78 -57.97
C GLN U 156 -1.30 6.66 -57.99
N VAL U 157 -1.99 7.43 -57.16
CA VAL U 157 -3.45 7.38 -57.07
C VAL U 157 -4.02 8.35 -58.09
N THR U 158 -4.79 7.83 -59.05
CA THR U 158 -5.40 8.67 -60.08
C THR U 158 -6.90 8.42 -60.18
N ASP U 159 -7.34 7.20 -59.86
CA ASP U 159 -8.73 6.82 -59.98
C ASP U 159 -9.06 5.79 -58.91
N GLY U 160 -10.24 5.16 -59.04
CA GLY U 160 -10.68 4.21 -58.03
C GLY U 160 -9.82 2.97 -57.96
N ASP U 161 -9.45 2.41 -59.11
CA ASP U 161 -8.64 1.20 -59.11
C ASP U 161 -7.26 1.45 -58.50
N SER U 162 -6.65 2.59 -58.83
CA SER U 162 -5.35 2.92 -58.23
C SER U 162 -5.46 3.08 -56.72
N GLY U 163 -6.51 3.74 -56.24
CA GLY U 163 -6.69 3.88 -54.80
C GLY U 163 -6.91 2.54 -54.12
N LEU U 164 -7.70 1.66 -54.75
CA LEU U 164 -7.91 0.33 -54.19
C LEU U 164 -6.61 -0.46 -54.13
N ARG U 165 -5.81 -0.39 -55.19
CA ARG U 165 -4.51 -1.09 -55.19
C ARG U 165 -3.59 -0.54 -54.10
N VAL U 166 -3.57 0.79 -53.93
CA VAL U 166 -2.73 1.38 -52.90
C VAL U 166 -3.20 0.95 -51.51
N ALA U 167 -4.52 0.92 -51.29
CA ALA U 167 -5.04 0.48 -50.00
C ALA U 167 -4.69 -0.97 -49.72
N VAL U 168 -4.81 -1.84 -50.74
CA VAL U 168 -4.48 -3.24 -50.54
C VAL U 168 -2.99 -3.41 -50.25
N GLU U 169 -2.15 -2.66 -50.96
CA GLU U 169 -0.70 -2.74 -50.71
C GLU U 169 -0.35 -2.23 -49.32
N ALA U 170 -1.01 -1.17 -48.86
CA ALA U 170 -0.77 -0.66 -47.51
C ALA U 170 -1.19 -1.68 -46.46
N LEU U 171 -2.34 -2.34 -46.68
CA LEU U 171 -2.77 -3.38 -45.76
C LEU U 171 -1.79 -4.54 -45.75
N TYR U 172 -1.26 -4.91 -46.92
CA TYR U 172 -0.27 -5.98 -46.99
C TYR U 172 0.99 -5.60 -46.24
N ASP U 173 1.46 -4.36 -46.38
CA ASP U 173 2.64 -3.91 -45.66
C ASP U 173 2.40 -3.91 -44.16
N ALA U 174 1.21 -3.45 -43.73
CA ALA U 174 0.89 -3.47 -42.30
C ALA U 174 0.86 -4.88 -41.75
N ALA U 175 0.29 -5.82 -42.50
CA ALA U 175 0.27 -7.21 -42.07
C ALA U 175 1.68 -7.80 -42.03
N ASP U 176 2.54 -7.40 -42.97
CA ASP U 176 3.91 -7.87 -42.96
C ASP U 176 4.67 -7.36 -41.74
N ASP U 177 4.46 -6.09 -41.37
CA ASP U 177 5.20 -5.47 -40.28
C ASP U 177 4.55 -5.67 -38.92
N ASP U 178 3.33 -6.21 -38.86
CA ASP U 178 2.61 -6.38 -37.60
C ASP U 178 2.07 -7.80 -37.51
N SER U 179 2.29 -8.45 -36.36
CA SER U 179 1.83 -9.82 -36.17
C SER U 179 0.36 -9.89 -35.80
N ALA U 180 -0.26 -8.77 -35.40
CA ALA U 180 -1.67 -8.75 -35.06
C ALA U 180 -2.56 -8.46 -36.27
N THR U 181 -1.97 -8.19 -37.43
CA THR U 181 -2.72 -7.92 -38.66
C THR U 181 -2.60 -9.11 -39.59
N GLY U 182 -3.74 -9.57 -40.10
CA GLY U 182 -3.76 -10.72 -40.99
C GLY U 182 -3.69 -10.36 -42.45
N GLY U 183 -2.72 -10.92 -43.16
CA GLY U 183 -2.58 -10.68 -44.57
C GLY U 183 -3.50 -11.55 -45.40
N PRO U 184 -3.37 -11.43 -46.72
CA PRO U 184 -4.19 -12.25 -47.61
C PRO U 184 -3.91 -13.73 -47.40
N ASP U 185 -4.97 -14.54 -47.48
CA ASP U 185 -4.90 -15.98 -47.27
C ASP U 185 -5.06 -16.67 -48.62
N LEU U 186 -3.98 -17.26 -49.11
CA LEU U 186 -4.01 -17.99 -50.38
C LEU U 186 -4.43 -19.44 -50.22
N VAL U 187 -4.55 -19.94 -48.99
CA VAL U 187 -4.97 -21.31 -48.75
C VAL U 187 -6.47 -21.40 -48.53
N ARG U 188 -7.01 -20.59 -47.63
CA ARG U 188 -8.44 -20.57 -47.35
C ARG U 188 -9.20 -19.59 -48.22
N GLY U 189 -8.51 -18.80 -49.05
CA GLY U 189 -9.17 -17.83 -49.90
C GLY U 189 -9.84 -16.70 -49.16
N ILE U 190 -9.18 -16.14 -48.15
CA ILE U 190 -9.71 -15.02 -47.37
C ILE U 190 -8.94 -13.77 -47.75
N PHE U 191 -9.66 -12.72 -48.12
CA PHE U 191 -9.08 -11.47 -48.55
C PHE U 191 -9.76 -10.30 -47.85
N PRO U 192 -9.06 -9.18 -47.69
CA PRO U 192 -9.68 -8.02 -47.02
C PRO U 192 -10.87 -7.48 -47.78
N THR U 193 -11.81 -6.93 -47.05
CA THR U 193 -13.02 -6.34 -47.62
C THR U 193 -12.82 -4.84 -47.81
N ALA U 194 -13.39 -4.31 -48.90
CA ALA U 194 -13.26 -2.90 -49.25
C ALA U 194 -14.61 -2.33 -49.63
N VAL U 195 -14.78 -1.03 -49.38
CA VAL U 195 -16.00 -0.31 -49.71
C VAL U 195 -15.61 0.94 -50.48
N ILE U 196 -16.28 1.16 -51.61
CA ILE U 196 -16.03 2.33 -52.47
C ILE U 196 -17.25 3.22 -52.42
N ILE U 197 -17.04 4.50 -52.11
CA ILE U 197 -18.10 5.50 -52.04
C ILE U 197 -17.83 6.55 -53.11
N ASP U 198 -18.83 6.83 -53.95
CA ASP U 198 -18.72 7.82 -55.00
C ASP U 198 -20.04 8.57 -55.09
N ALA U 199 -20.22 9.32 -56.18
CA ALA U 199 -21.44 10.11 -56.36
C ALA U 199 -22.68 9.25 -56.48
N ASP U 200 -22.54 7.99 -56.89
CA ASP U 200 -23.67 7.09 -57.03
C ASP U 200 -24.03 6.37 -55.74
N GLY U 201 -23.24 6.52 -54.69
CA GLY U 201 -23.49 5.87 -53.42
C GLY U 201 -22.34 4.97 -53.01
N ALA U 202 -22.54 4.29 -51.88
CA ALA U 202 -21.56 3.38 -51.32
C ALA U 202 -21.88 1.95 -51.76
N VAL U 203 -20.88 1.25 -52.31
CA VAL U 203 -21.03 -0.11 -52.76
C VAL U 203 -19.92 -0.95 -52.17
N ASP U 204 -20.11 -2.27 -52.20
CA ASP U 204 -19.14 -3.23 -51.68
C ASP U 204 -18.31 -3.78 -52.82
N VAL U 205 -17.00 -3.74 -52.67
CA VAL U 205 -16.09 -4.25 -53.70
C VAL U 205 -16.19 -5.77 -53.74
N PRO U 206 -16.37 -6.38 -54.92
CA PRO U 206 -16.39 -7.85 -54.99
C PRO U 206 -15.05 -8.44 -54.60
N GLU U 207 -15.11 -9.66 -54.05
CA GLU U 207 -13.91 -10.33 -53.57
C GLU U 207 -12.95 -10.67 -54.70
N SER U 208 -13.45 -10.83 -55.93
CA SER U 208 -12.59 -11.21 -57.04
C SER U 208 -11.54 -10.15 -57.34
N ARG U 209 -11.96 -8.87 -57.36
CA ARG U 209 -11.01 -7.79 -57.66
C ARG U 209 -9.93 -7.72 -56.58
N ILE U 210 -10.32 -7.83 -55.32
CA ILE U 210 -9.34 -7.79 -54.23
C ILE U 210 -8.40 -9.00 -54.33
N ALA U 211 -8.93 -10.15 -54.71
CA ALA U 211 -8.10 -11.34 -54.87
C ALA U 211 -7.06 -11.15 -55.96
N GLU U 212 -7.47 -10.60 -57.11
CA GLU U 212 -6.51 -10.35 -58.19
C GLU U 212 -5.47 -9.32 -57.78
N LEU U 213 -5.90 -8.26 -57.09
CA LEU U 213 -4.95 -7.25 -56.64
C LEU U 213 -3.93 -7.83 -55.66
N ALA U 214 -4.40 -8.63 -54.71
CA ALA U 214 -3.50 -9.24 -53.74
C ALA U 214 -2.54 -10.21 -54.42
N ARG U 215 -3.03 -11.00 -55.38
CA ARG U 215 -2.16 -11.93 -56.09
C ARG U 215 -1.11 -11.18 -56.90
N ALA U 216 -1.50 -10.09 -57.56
CA ALA U 216 -0.53 -9.30 -58.31
C ALA U 216 0.52 -8.69 -57.39
N ILE U 217 0.10 -8.18 -56.22
CA ILE U 217 1.05 -7.59 -55.29
C ILE U 217 2.01 -8.65 -54.77
N ILE U 218 1.50 -9.84 -54.44
CA ILE U 218 2.35 -10.92 -53.95
C ILE U 218 3.36 -11.33 -55.03
N GLU U 219 2.89 -11.44 -56.28
CA GLU U 219 3.80 -11.80 -57.37
C GLU U 219 4.88 -10.73 -57.57
N SER U 220 4.49 -9.45 -57.48
CA SER U 220 5.47 -8.39 -57.63
C SER U 220 6.50 -8.41 -56.51
N ARG U 221 6.05 -8.66 -55.27
CA ARG U 221 6.97 -8.69 -54.14
C ARG U 221 7.91 -9.89 -54.17
N SER U 222 7.57 -10.93 -54.91
CA SER U 222 8.41 -12.12 -54.99
C SER U 222 9.65 -11.85 -55.83
N ALA V 1 -14.48 -29.18 -17.49
CA ALA V 1 -15.63 -28.74 -18.27
C ALA V 1 -15.25 -28.53 -19.73
N THR V 2 -15.88 -29.29 -20.63
CA THR V 2 -15.63 -29.15 -22.06
C THR V 2 -16.92 -29.46 -22.81
N ILE V 3 -17.32 -28.55 -23.70
CA ILE V 3 -18.50 -28.72 -24.53
C ILE V 3 -18.09 -28.52 -25.98
N VAL V 4 -18.45 -29.47 -26.84
CA VAL V 4 -18.08 -29.43 -28.25
C VAL V 4 -19.34 -29.44 -29.09
N ALA V 5 -19.23 -28.87 -30.30
CA ALA V 5 -20.33 -28.83 -31.25
C ALA V 5 -19.75 -28.70 -32.65
N LEU V 6 -20.23 -29.54 -33.57
CA LEU V 6 -19.76 -29.52 -34.96
C LEU V 6 -20.96 -29.66 -35.89
N LYS V 7 -20.74 -29.27 -37.15
CA LYS V 7 -21.79 -29.23 -38.16
C LYS V 7 -21.61 -30.40 -39.12
N TYR V 8 -22.71 -31.08 -39.43
CA TYR V 8 -22.76 -32.15 -40.40
C TYR V 8 -23.88 -31.86 -41.38
N PRO V 9 -23.79 -32.40 -42.61
CA PRO V 9 -24.84 -32.12 -43.61
C PRO V 9 -26.23 -32.53 -43.14
N GLY V 10 -27.11 -31.56 -42.97
CA GLY V 10 -28.48 -31.82 -42.56
C GLY V 10 -28.78 -31.61 -41.09
N GLY V 11 -27.85 -31.09 -40.31
CA GLY V 11 -28.10 -30.89 -38.90
C GLY V 11 -26.87 -30.40 -38.18
N VAL V 12 -26.93 -30.49 -36.84
CA VAL V 12 -25.83 -30.07 -35.99
C VAL V 12 -25.90 -30.88 -34.70
N VAL V 13 -24.73 -31.25 -34.17
CA VAL V 13 -24.63 -32.04 -32.95
C VAL V 13 -23.98 -31.19 -31.87
N MET V 14 -24.22 -31.58 -30.61
CA MET V 14 -23.72 -30.86 -29.46
C MET V 14 -23.55 -31.83 -28.30
N ALA V 15 -22.40 -31.77 -27.64
CA ALA V 15 -22.10 -32.69 -26.55
C ALA V 15 -21.20 -32.00 -25.54
N GLY V 16 -21.19 -32.54 -24.31
CA GLY V 16 -20.38 -31.99 -23.24
C GLY V 16 -20.06 -33.07 -22.22
N ASP V 17 -19.08 -32.75 -21.37
CA ASP V 17 -18.63 -33.69 -20.35
C ASP V 17 -19.56 -33.68 -19.14
N ARG V 18 -19.23 -34.49 -18.14
CA ARG V 18 -20.06 -34.68 -16.95
C ARG V 18 -19.20 -34.61 -15.69
N ARG V 19 -18.33 -33.61 -15.59
CA ARG V 19 -17.46 -33.47 -14.43
C ARG V 19 -17.59 -32.07 -13.84
N SER V 20 -17.73 -32.01 -12.52
CA SER V 20 -17.69 -30.77 -11.76
C SER V 20 -16.60 -30.88 -10.70
N THR V 21 -15.72 -29.89 -10.65
CA THR V 21 -14.56 -29.92 -9.76
C THR V 21 -14.51 -28.63 -8.95
N GLN V 22 -14.36 -28.76 -7.63
CA GLN V 22 -14.22 -27.62 -6.74
C GLN V 22 -12.73 -27.44 -6.43
N GLY V 23 -12.03 -26.77 -7.35
CA GLY V 23 -10.61 -26.57 -7.20
C GLY V 23 -9.82 -27.72 -7.80
N ASN V 24 -9.40 -28.67 -6.95
CA ASN V 24 -8.74 -29.88 -7.39
C ASN V 24 -9.47 -31.14 -6.95
N MET V 25 -10.53 -31.02 -6.15
CA MET V 25 -11.31 -32.15 -5.67
C MET V 25 -12.56 -32.32 -6.53
N ILE V 26 -12.88 -33.57 -6.85
CA ILE V 26 -14.03 -33.88 -7.69
C ILE V 26 -15.29 -33.79 -6.85
N SER V 27 -16.27 -33.01 -7.32
CA SER V 27 -17.55 -32.85 -6.65
C SER V 27 -18.70 -33.55 -7.34
N GLY V 28 -18.72 -33.57 -8.66
CA GLY V 28 -19.78 -34.23 -9.40
C GLY V 28 -19.21 -35.17 -10.44
N ARG V 29 -20.01 -36.21 -10.76
CA ARG V 29 -19.59 -37.23 -11.71
C ARG V 29 -20.50 -37.39 -12.91
N ASP V 30 -21.73 -36.85 -12.86
CA ASP V 30 -22.65 -36.93 -14.00
C ASP V 30 -23.39 -35.62 -14.20
N VAL V 31 -22.68 -34.50 -14.05
CA VAL V 31 -23.31 -33.19 -14.19
C VAL V 31 -23.71 -32.96 -15.63
N ARG V 32 -24.95 -32.48 -15.83
CA ARG V 32 -25.46 -32.20 -17.16
C ARG V 32 -25.25 -30.73 -17.49
N LYS V 33 -24.65 -30.48 -18.66
CA LYS V 33 -24.32 -29.11 -19.08
C LYS V 33 -24.93 -28.73 -20.42
N VAL V 34 -25.61 -29.65 -21.11
CA VAL V 34 -26.23 -29.37 -22.40
C VAL V 34 -27.74 -29.38 -22.18
N TYR V 35 -28.40 -28.29 -22.56
CA TYR V 35 -29.83 -28.13 -22.35
C TYR V 35 -30.50 -27.73 -23.66
N ILE V 36 -31.78 -28.04 -23.76
CA ILE V 36 -32.60 -27.72 -24.93
C ILE V 36 -33.51 -26.55 -24.56
N THR V 37 -33.33 -25.43 -25.24
CA THR V 37 -34.15 -24.25 -24.95
C THR V 37 -35.53 -24.35 -25.61
N ASP V 38 -35.56 -24.62 -26.90
CA ASP V 38 -36.81 -24.81 -27.63
C ASP V 38 -36.56 -25.80 -28.76
N ASP V 39 -37.47 -25.82 -29.74
CA ASP V 39 -37.52 -26.92 -30.70
C ASP V 39 -36.25 -27.01 -31.55
N TYR V 40 -35.71 -25.87 -32.00
CA TYR V 40 -34.70 -25.89 -33.05
C TYR V 40 -33.35 -25.31 -32.61
N THR V 41 -33.05 -25.30 -31.32
CA THR V 41 -31.71 -24.93 -30.87
C THR V 41 -31.49 -25.44 -29.46
N ALA V 42 -30.21 -25.67 -29.13
CA ALA V 42 -29.78 -26.09 -27.81
C ALA V 42 -28.56 -25.27 -27.40
N THR V 43 -28.38 -25.12 -26.09
CA THR V 43 -27.30 -24.30 -25.56
C THR V 43 -26.49 -25.09 -24.55
N GLY V 44 -25.23 -24.68 -24.39
CA GLY V 44 -24.33 -25.28 -23.42
C GLY V 44 -23.44 -24.25 -22.78
N ILE V 45 -23.41 -24.20 -21.46
CA ILE V 45 -22.69 -23.17 -20.71
C ILE V 45 -21.58 -23.85 -19.90
N ALA V 46 -20.37 -23.32 -20.01
CA ALA V 46 -19.22 -23.82 -19.26
C ALA V 46 -18.78 -22.77 -18.24
N GLY V 47 -18.54 -23.21 -17.02
CA GLY V 47 -18.15 -22.31 -15.95
C GLY V 47 -18.85 -22.60 -14.63
N THR V 48 -19.27 -21.56 -13.93
CA THR V 48 -19.98 -21.75 -12.68
C THR V 48 -21.36 -22.34 -12.93
N ALA V 49 -21.66 -23.44 -12.24
CA ALA V 49 -22.95 -24.10 -12.44
C ALA V 49 -24.12 -23.22 -11.98
N ALA V 50 -23.95 -22.53 -10.85
CA ALA V 50 -25.02 -21.68 -10.33
C ALA V 50 -25.43 -20.62 -11.34
N VAL V 51 -24.48 -20.11 -12.12
CA VAL V 51 -24.83 -19.16 -13.16
C VAL V 51 -25.31 -19.88 -14.42
N ALA V 52 -24.79 -21.08 -14.70
CA ALA V 52 -25.12 -21.77 -15.93
C ALA V 52 -26.59 -22.20 -15.96
N VAL V 53 -27.06 -22.84 -14.89
CA VAL V 53 -28.46 -23.29 -14.84
C VAL V 53 -29.39 -22.09 -14.89
N GLU V 54 -29.04 -21.02 -14.17
CA GLU V 54 -29.86 -19.81 -14.19
C GLU V 54 -29.94 -19.21 -15.59
N PHE V 55 -28.81 -19.16 -16.30
CA PHE V 55 -28.81 -18.63 -17.65
C PHE V 55 -29.65 -19.48 -18.59
N ALA V 56 -29.53 -20.81 -18.49
CA ALA V 56 -30.32 -21.69 -19.34
C ALA V 56 -31.81 -21.49 -19.09
N ARG V 57 -32.22 -21.51 -17.82
CA ARG V 57 -33.64 -21.33 -17.49
C ARG V 57 -34.15 -19.97 -17.96
N LEU V 58 -33.37 -18.91 -17.72
CA LEU V 58 -33.81 -17.57 -18.10
C LEU V 58 -33.93 -17.44 -19.62
N TYR V 59 -32.98 -18.01 -20.37
CA TYR V 59 -33.04 -17.94 -21.83
C TYR V 59 -34.28 -18.68 -22.35
N ALA V 60 -34.54 -19.88 -21.81
CA ALA V 60 -35.72 -20.62 -22.23
C ALA V 60 -37.00 -19.87 -21.89
N VAL V 61 -37.06 -19.28 -20.69
CA VAL V 61 -38.25 -18.54 -20.27
C VAL V 61 -38.48 -17.33 -21.17
N GLU V 62 -37.40 -16.60 -21.49
CA GLU V 62 -37.55 -15.42 -22.35
C GLU V 62 -38.02 -15.81 -23.75
N LEU V 63 -37.45 -16.88 -24.31
CA LEU V 63 -37.88 -17.32 -25.63
C LEU V 63 -39.35 -17.72 -25.63
N GLU V 64 -39.77 -18.50 -24.62
CA GLU V 64 -41.16 -18.92 -24.54
C GLU V 64 -42.09 -17.72 -24.33
N HIS V 65 -41.67 -16.76 -23.51
CA HIS V 65 -42.49 -15.57 -23.27
C HIS V 65 -42.69 -14.78 -24.55
N TYR V 66 -41.61 -14.58 -25.32
CA TYR V 66 -41.75 -13.85 -26.58
C TYR V 66 -42.64 -14.61 -27.56
N GLU V 67 -42.46 -15.93 -27.64
CA GLU V 67 -43.27 -16.72 -28.56
C GLU V 67 -44.74 -16.66 -28.20
N LYS V 68 -45.05 -16.69 -26.89
CA LYS V 68 -46.45 -16.61 -26.46
C LYS V 68 -47.02 -15.22 -26.70
N LEU V 69 -46.22 -14.17 -26.46
CA LEU V 69 -46.73 -12.81 -26.61
C LEU V 69 -47.00 -12.47 -28.07
N GLU V 70 -46.03 -12.75 -28.94
CA GLU V 70 -46.15 -12.34 -30.34
C GLU V 70 -46.79 -13.39 -31.22
N GLY V 71 -46.86 -14.64 -30.78
CA GLY V 71 -47.47 -15.69 -31.57
C GLY V 71 -46.56 -16.34 -32.59
N VAL V 72 -45.34 -15.84 -32.76
CA VAL V 72 -44.38 -16.42 -33.71
C VAL V 72 -43.03 -16.54 -33.01
N PRO V 73 -42.24 -17.56 -33.34
CA PRO V 73 -40.91 -17.68 -32.71
C PRO V 73 -39.96 -16.59 -33.20
N LEU V 74 -38.98 -16.28 -32.34
CA LEU V 74 -37.97 -15.30 -32.70
C LEU V 74 -37.08 -15.83 -33.82
N THR V 75 -36.56 -14.90 -34.61
CA THR V 75 -35.57 -15.25 -35.62
C THR V 75 -34.24 -15.61 -34.93
N PHE V 76 -33.36 -16.26 -35.70
CA PHE V 76 -32.07 -16.67 -35.14
C PHE V 76 -31.24 -15.46 -34.71
N ALA V 77 -31.28 -14.39 -35.51
CA ALA V 77 -30.56 -13.17 -35.14
C ALA V 77 -31.10 -12.58 -33.84
N GLY V 78 -32.42 -12.60 -33.67
CA GLY V 78 -32.99 -12.12 -32.42
C GLY V 78 -32.57 -12.95 -31.23
N LYS V 79 -32.52 -14.28 -31.39
CA LYS V 79 -32.04 -15.14 -30.31
C LYS V 79 -30.60 -14.85 -29.97
N ILE V 80 -29.76 -14.67 -31.00
CA ILE V 80 -28.35 -14.34 -30.75
C ILE V 80 -28.23 -13.02 -30.02
N ASN V 81 -29.02 -12.01 -30.42
CA ASN V 81 -28.98 -10.72 -29.75
C ASN V 81 -29.41 -10.83 -28.29
N ARG V 82 -30.47 -11.59 -28.02
CA ARG V 82 -30.92 -11.77 -26.64
C ARG V 82 -29.85 -12.46 -25.80
N LEU V 83 -29.24 -13.51 -26.33
CA LEU V 83 -28.21 -14.22 -25.59
C LEU V 83 -26.99 -13.32 -25.36
N ALA V 84 -26.62 -12.52 -26.36
CA ALA V 84 -25.50 -11.60 -26.20
C ALA V 84 -25.78 -10.55 -25.14
N ILE V 85 -27.01 -10.02 -25.11
CA ILE V 85 -27.38 -9.06 -24.07
C ILE V 85 -27.33 -9.70 -22.70
N MET V 86 -27.83 -10.95 -22.58
CA MET V 86 -27.77 -11.65 -21.30
C MET V 86 -26.34 -11.85 -20.84
N VAL V 87 -25.45 -12.23 -21.76
CA VAL V 87 -24.05 -12.43 -21.40
C VAL V 87 -23.40 -11.10 -21.00
N ARG V 88 -23.68 -10.04 -21.75
CA ARG V 88 -23.08 -8.73 -21.46
C ARG V 88 -23.54 -8.19 -20.12
N GLY V 89 -24.78 -8.47 -19.72
CA GLY V 89 -25.29 -7.97 -18.46
C GLY V 89 -24.66 -8.59 -17.23
N ASN V 90 -23.82 -9.61 -17.39
CA ASN V 90 -23.19 -10.31 -16.28
C ASN V 90 -21.68 -10.06 -16.22
N LEU V 91 -21.22 -8.97 -16.85
CA LEU V 91 -19.78 -8.74 -16.95
C LEU V 91 -19.16 -8.43 -15.60
N ALA V 92 -19.87 -7.68 -14.75
CA ALA V 92 -19.34 -7.38 -13.42
C ALA V 92 -19.18 -8.64 -12.58
N ALA V 93 -20.20 -9.50 -12.57
CA ALA V 93 -20.12 -10.76 -11.85
C ALA V 93 -19.02 -11.65 -12.42
N ALA V 94 -18.84 -11.64 -13.74
CA ALA V 94 -17.75 -12.38 -14.34
C ALA V 94 -16.40 -11.84 -13.89
N MET V 95 -16.28 -10.51 -13.78
CA MET V 95 -15.05 -9.91 -13.29
C MET V 95 -14.76 -10.34 -11.85
N GLN V 96 -15.80 -10.40 -11.02
CA GLN V 96 -15.60 -10.88 -9.65
C GLN V 96 -15.19 -12.35 -9.64
N GLY V 97 -15.69 -13.14 -10.59
CA GLY V 97 -15.33 -14.55 -10.65
C GLY V 97 -16.47 -15.45 -11.08
N LEU V 98 -17.68 -14.90 -11.18
CA LEU V 98 -18.85 -15.65 -11.61
C LEU V 98 -18.96 -15.58 -13.13
N LEU V 99 -18.08 -16.33 -13.79
CA LEU V 99 -17.96 -16.33 -15.24
C LEU V 99 -18.72 -17.51 -15.84
N ALA V 100 -19.45 -17.25 -16.92
CA ALA V 100 -20.20 -18.29 -17.62
C ALA V 100 -20.17 -17.98 -19.10
N LEU V 101 -19.55 -18.85 -19.88
CA LEU V 101 -19.44 -18.67 -21.32
C LEU V 101 -20.32 -19.69 -22.04
N PRO V 102 -21.45 -19.28 -22.62
CA PRO V 102 -22.34 -20.24 -23.27
C PRO V 102 -21.93 -20.50 -24.72
N LEU V 103 -22.40 -21.63 -25.22
CA LEU V 103 -22.22 -22.02 -26.62
C LEU V 103 -23.58 -22.34 -27.21
N LEU V 104 -23.87 -21.74 -28.36
CA LEU V 104 -25.19 -21.85 -28.98
C LEU V 104 -25.08 -22.62 -30.30
N ALA V 105 -25.92 -23.64 -30.46
CA ALA V 105 -26.03 -24.40 -31.69
C ALA V 105 -27.50 -24.57 -32.02
N GLY V 106 -27.87 -24.29 -33.27
CA GLY V 106 -29.26 -24.34 -33.67
C GLY V 106 -29.43 -24.64 -35.14
N TYR V 107 -30.69 -24.83 -35.53
CA TYR V 107 -31.05 -25.12 -36.91
C TYR V 107 -31.96 -24.00 -37.42
N ASP V 108 -31.60 -23.44 -38.57
CA ASP V 108 -32.35 -22.33 -39.17
C ASP V 108 -33.37 -22.89 -40.14
N ILE V 109 -34.65 -22.81 -39.77
CA ILE V 109 -35.72 -23.28 -40.66
C ILE V 109 -36.05 -22.31 -41.77
N HIS V 110 -35.51 -21.09 -41.73
CA HIS V 110 -35.75 -20.08 -42.75
C HIS V 110 -34.56 -19.91 -43.67
N ALA V 111 -33.86 -21.00 -43.99
CA ALA V 111 -32.69 -20.99 -44.85
C ALA V 111 -33.03 -21.63 -46.19
N SER V 112 -32.40 -21.10 -47.25
CA SER V 112 -32.65 -21.62 -48.59
C SER V 112 -32.18 -23.07 -48.73
N ASP V 113 -31.01 -23.38 -48.17
CA ASP V 113 -30.45 -24.72 -48.28
C ASP V 113 -30.62 -25.45 -46.96
N PRO V 114 -31.49 -26.48 -46.89
CA PRO V 114 -31.62 -27.23 -45.63
C PRO V 114 -30.35 -27.92 -45.20
N GLN V 115 -29.50 -28.34 -46.14
CA GLN V 115 -28.28 -29.06 -45.79
C GLN V 115 -27.26 -28.16 -45.11
N SER V 116 -27.34 -26.84 -45.31
CA SER V 116 -26.42 -25.88 -44.70
C SER V 116 -27.13 -24.98 -43.70
N ALA V 117 -28.21 -25.47 -43.10
CA ALA V 117 -29.00 -24.68 -42.16
C ALA V 117 -28.46 -24.73 -40.73
N GLY V 118 -27.47 -25.57 -40.45
CA GLY V 118 -26.90 -25.63 -39.12
C GLY V 118 -26.09 -24.38 -38.82
N ARG V 119 -26.17 -23.92 -37.57
CA ARG V 119 -25.47 -22.74 -37.12
C ARG V 119 -24.80 -23.00 -35.78
N ILE V 120 -23.58 -22.49 -35.62
CA ILE V 120 -22.84 -22.56 -34.37
C ILE V 120 -22.38 -21.16 -34.01
N VAL V 121 -22.70 -20.70 -32.80
CA VAL V 121 -22.38 -19.36 -32.34
C VAL V 121 -21.60 -19.46 -31.04
N SER V 122 -20.50 -18.72 -30.95
CA SER V 122 -19.68 -18.64 -29.75
C SER V 122 -19.73 -17.23 -29.19
N PHE V 123 -19.68 -17.14 -27.86
CA PHE V 123 -19.79 -15.87 -27.16
C PHE V 123 -18.55 -15.59 -26.33
N ASP V 124 -18.18 -14.32 -26.24
CA ASP V 124 -17.01 -13.88 -25.49
C ASP V 124 -17.44 -13.45 -24.08
N ALA V 125 -16.44 -13.12 -23.26
CA ALA V 125 -16.72 -12.69 -21.89
C ALA V 125 -17.34 -11.30 -21.85
N ALA V 126 -17.10 -10.48 -22.86
CA ALA V 126 -17.63 -9.12 -22.92
C ALA V 126 -18.96 -9.03 -23.64
N GLY V 127 -19.52 -10.15 -24.08
CA GLY V 127 -20.79 -10.15 -24.78
C GLY V 127 -20.69 -10.23 -26.29
N GLY V 128 -19.49 -10.22 -26.86
CA GLY V 128 -19.35 -10.34 -28.30
C GLY V 128 -19.66 -11.75 -28.77
N TRP V 129 -20.24 -11.84 -29.96
CA TRP V 129 -20.63 -13.11 -30.56
C TRP V 129 -20.07 -13.22 -31.96
N ASN V 130 -19.75 -14.44 -32.37
CA ASN V 130 -19.25 -14.73 -33.70
C ASN V 130 -19.86 -16.03 -34.19
N ILE V 131 -20.32 -16.03 -35.44
CA ILE V 131 -20.93 -17.22 -36.03
C ILE V 131 -19.81 -18.14 -36.52
N GLU V 132 -19.78 -19.36 -36.01
CA GLU V 132 -18.74 -20.32 -36.37
C GLU V 132 -19.01 -20.89 -37.75
N GLU V 133 -17.97 -20.95 -38.58
CA GLU V 133 -18.09 -21.40 -39.95
C GLU V 133 -17.01 -22.40 -40.36
N GLU V 134 -16.04 -22.70 -39.50
CA GLU V 134 -15.07 -23.74 -39.80
C GLU V 134 -15.67 -25.14 -39.69
N GLY V 135 -16.89 -25.25 -39.15
CA GLY V 135 -17.56 -26.53 -39.01
C GLY V 135 -17.55 -27.10 -37.60
N TYR V 136 -16.82 -26.49 -36.67
CA TYR V 136 -16.74 -27.01 -35.31
C TYR V 136 -16.31 -25.89 -34.37
N GLN V 137 -16.62 -26.08 -33.09
CA GLN V 137 -16.23 -25.14 -32.05
C GLN V 137 -16.36 -25.82 -30.69
N ALA V 138 -15.43 -25.51 -29.80
CA ALA V 138 -15.41 -26.08 -28.46
C ALA V 138 -15.20 -24.97 -27.44
N VAL V 139 -15.80 -25.14 -26.26
CA VAL V 139 -15.64 -24.21 -25.15
C VAL V 139 -15.35 -25.00 -23.89
N GLY V 140 -14.73 -24.33 -22.93
CA GLY V 140 -14.39 -24.91 -21.65
C GLY V 140 -12.90 -24.89 -21.40
N SER V 141 -12.50 -25.56 -20.32
CA SER V 141 -11.09 -25.61 -19.95
C SER V 141 -10.26 -26.37 -20.98
N GLY V 142 -10.78 -27.49 -21.47
CA GLY V 142 -10.06 -28.30 -22.44
C GLY V 142 -10.54 -28.05 -23.86
N SER V 143 -10.85 -26.79 -24.17
CA SER V 143 -11.38 -26.46 -25.50
C SER V 143 -10.30 -26.59 -26.57
N LEU V 144 -9.05 -26.26 -26.24
CA LEU V 144 -7.98 -26.27 -27.24
C LEU V 144 -7.71 -27.69 -27.74
N PHE V 145 -7.61 -28.65 -26.83
CA PHE V 145 -7.34 -30.03 -27.22
C PHE V 145 -8.47 -30.58 -28.07
N ALA V 146 -9.71 -30.33 -27.66
CA ALA V 146 -10.86 -30.80 -28.43
C ALA V 146 -10.90 -30.15 -29.81
N LYS V 147 -10.57 -28.86 -29.89
CA LYS V 147 -10.56 -28.17 -31.17
C LYS V 147 -9.49 -28.73 -32.10
N SER V 148 -8.31 -29.04 -31.57
CA SER V 148 -7.27 -29.65 -32.40
C SER V 148 -7.70 -31.05 -32.88
N SER V 149 -8.30 -31.84 -31.98
CA SER V 149 -8.76 -33.16 -32.35
C SER V 149 -9.83 -33.07 -33.43
N MET V 150 -10.77 -32.12 -33.31
CA MET V 150 -11.78 -31.95 -34.35
C MET V 150 -11.17 -31.42 -35.64
N LYS V 151 -10.14 -30.58 -35.56
CA LYS V 151 -9.45 -30.14 -36.76
C LYS V 151 -8.89 -31.32 -37.54
N LYS V 152 -8.30 -32.29 -36.84
CA LYS V 152 -7.80 -33.46 -37.54
C LYS V 152 -8.91 -34.43 -37.96
N LEU V 153 -10.00 -34.52 -37.19
CA LEU V 153 -11.00 -35.55 -37.41
C LEU V 153 -12.21 -35.10 -38.22
N TYR V 154 -12.27 -33.82 -38.64
CA TYR V 154 -13.46 -33.34 -39.33
C TYR V 154 -13.59 -33.90 -40.74
N SER V 155 -12.53 -34.49 -41.29
CA SER V 155 -12.59 -35.01 -42.66
C SER V 155 -13.44 -36.27 -42.78
N GLN V 156 -13.79 -36.91 -41.66
CA GLN V 156 -14.56 -38.14 -41.67
C GLN V 156 -16.03 -37.93 -41.35
N VAL V 157 -16.49 -36.68 -41.29
CA VAL V 157 -17.88 -36.37 -40.96
C VAL V 157 -18.69 -36.36 -42.24
N THR V 158 -19.68 -37.25 -42.32
CA THR V 158 -20.53 -37.35 -43.50
C THR V 158 -22.01 -37.29 -43.13
N ASP V 159 -22.35 -37.77 -41.93
CA ASP V 159 -23.73 -37.82 -41.50
C ASP V 159 -23.78 -37.65 -39.98
N GLY V 160 -24.94 -37.92 -39.39
CA GLY V 160 -25.12 -37.71 -37.97
C GLY V 160 -24.27 -38.63 -37.10
N ASP V 161 -24.21 -39.91 -37.47
CA ASP V 161 -23.43 -40.86 -36.68
C ASP V 161 -21.94 -40.52 -36.72
N SER V 162 -21.43 -40.13 -37.88
CA SER V 162 -20.03 -39.74 -37.99
C SER V 162 -19.73 -38.51 -37.13
N GLY V 163 -20.62 -37.52 -37.17
CA GLY V 163 -20.44 -36.35 -36.34
C GLY V 163 -20.48 -36.66 -34.86
N LEU V 164 -21.40 -37.54 -34.45
CA LEU V 164 -21.47 -37.95 -33.05
C LEU V 164 -20.19 -38.68 -32.63
N ARG V 165 -19.69 -39.56 -33.48
CA ARG V 165 -18.45 -40.26 -33.16
C ARG V 165 -17.27 -39.30 -33.04
N VAL V 166 -17.21 -38.32 -33.95
CA VAL V 166 -16.13 -37.33 -33.90
C VAL V 166 -16.22 -36.51 -32.63
N ALA V 167 -17.44 -36.11 -32.24
CA ALA V 167 -17.62 -35.35 -31.01
C ALA V 167 -17.20 -36.15 -29.78
N VAL V 168 -17.59 -37.43 -29.74
CA VAL V 168 -17.22 -38.27 -28.60
C VAL V 168 -15.71 -38.46 -28.54
N GLU V 169 -15.07 -38.66 -29.70
CA GLU V 169 -13.62 -38.80 -29.72
C GLU V 169 -12.92 -37.52 -29.28
N ALA V 170 -13.44 -36.37 -29.70
CA ALA V 170 -12.86 -35.10 -29.28
C ALA V 170 -13.01 -34.91 -27.77
N LEU V 171 -14.16 -35.27 -27.23
CA LEU V 171 -14.36 -35.19 -25.78
C LEU V 171 -13.39 -36.12 -25.05
N TYR V 172 -13.19 -37.33 -25.59
CA TYR V 172 -12.25 -38.26 -24.99
C TYR V 172 -10.83 -37.71 -25.01
N ASP V 173 -10.43 -37.10 -26.12
CA ASP V 173 -9.10 -36.51 -26.21
C ASP V 173 -8.95 -35.35 -25.22
N ALA V 174 -9.98 -34.52 -25.10
CA ALA V 174 -9.93 -33.41 -24.15
C ALA V 174 -9.81 -33.92 -22.71
N ALA V 175 -10.56 -34.98 -22.38
CA ALA V 175 -10.47 -35.55 -21.05
C ALA V 175 -9.10 -36.18 -20.81
N ASP V 176 -8.51 -36.78 -21.85
CA ASP V 176 -7.18 -37.35 -21.70
C ASP V 176 -6.14 -36.27 -21.46
N ASP V 177 -6.24 -35.14 -22.16
CA ASP V 177 -5.25 -34.09 -22.06
C ASP V 177 -5.53 -33.07 -20.95
N ASP V 178 -6.69 -33.14 -20.30
CA ASP V 178 -7.06 -32.20 -19.26
C ASP V 178 -7.56 -32.95 -18.03
N SER V 179 -7.05 -32.57 -16.86
CA SER V 179 -7.45 -33.21 -15.62
C SER V 179 -8.78 -32.71 -15.09
N ALA V 180 -9.28 -31.57 -15.58
CA ALA V 180 -10.56 -31.03 -15.16
C ALA V 180 -11.72 -31.56 -15.98
N THR V 181 -11.45 -32.35 -17.02
CA THR V 181 -12.48 -32.93 -17.87
C THR V 181 -12.62 -34.41 -17.57
N GLY V 182 -13.85 -34.86 -17.35
CA GLY V 182 -14.10 -36.24 -17.03
C GLY V 182 -14.41 -37.10 -18.24
N GLY V 183 -13.65 -38.19 -18.42
CA GLY V 183 -13.87 -39.09 -19.52
C GLY V 183 -14.98 -40.08 -19.22
N PRO V 184 -15.20 -41.00 -20.17
CA PRO V 184 -16.21 -42.03 -19.97
C PRO V 184 -15.90 -42.90 -18.75
N ASP V 185 -16.94 -43.25 -18.02
CA ASP V 185 -16.82 -44.06 -16.80
C ASP V 185 -17.33 -45.46 -17.09
N LEU V 186 -16.41 -46.43 -17.14
CA LEU V 186 -16.76 -47.82 -17.37
C LEU V 186 -17.14 -48.56 -16.10
N VAL V 187 -16.93 -47.96 -14.93
CA VAL V 187 -17.28 -48.60 -13.66
C VAL V 187 -18.68 -48.20 -13.21
N ARG V 188 -18.97 -46.90 -13.17
CA ARG V 188 -20.27 -46.40 -12.78
C ARG V 188 -21.23 -46.26 -13.95
N GLY V 189 -20.77 -46.49 -15.18
CA GLY V 189 -21.63 -46.36 -16.34
C GLY V 189 -22.08 -44.94 -16.63
N ILE V 190 -21.19 -43.97 -16.52
CA ILE V 190 -21.49 -42.57 -16.79
C ILE V 190 -20.84 -42.19 -18.12
N PHE V 191 -21.64 -41.63 -19.02
CA PHE V 191 -21.18 -41.24 -20.35
C PHE V 191 -21.66 -39.84 -20.69
N PRO V 192 -20.94 -39.13 -21.55
CA PRO V 192 -21.35 -37.77 -21.90
C PRO V 192 -22.70 -37.74 -22.60
N THR V 193 -23.43 -36.66 -22.40
CA THR V 193 -24.74 -36.46 -23.01
C THR V 193 -24.59 -35.66 -24.30
N ALA V 194 -25.42 -36.01 -25.29
CA ALA V 194 -25.38 -35.37 -26.60
C ALA V 194 -26.79 -35.02 -27.06
N VAL V 195 -26.88 -33.96 -27.86
CA VAL V 195 -28.14 -33.49 -28.42
C VAL V 195 -27.96 -33.32 -29.92
N ILE V 196 -28.89 -33.88 -30.69
CA ILE V 196 -28.87 -33.80 -32.15
C ILE V 196 -30.04 -32.94 -32.60
N ILE V 197 -29.75 -31.92 -33.41
CA ILE V 197 -30.76 -31.02 -33.95
C ILE V 197 -30.76 -31.16 -35.46
N ASP V 198 -31.94 -31.41 -36.03
CA ASP V 198 -32.11 -31.56 -37.47
C ASP V 198 -33.41 -30.87 -37.89
N ALA V 199 -33.86 -31.15 -39.11
CA ALA V 199 -35.07 -30.53 -39.62
C ALA V 199 -36.31 -30.94 -38.84
N ASP V 200 -36.28 -32.09 -38.16
CA ASP V 200 -37.41 -32.56 -37.37
C ASP V 200 -37.44 -32.01 -35.96
N GLY V 201 -36.40 -31.29 -35.54
CA GLY V 201 -36.32 -30.73 -34.21
C GLY V 201 -35.09 -31.24 -33.46
N ALA V 202 -35.01 -30.81 -32.20
CA ALA V 202 -33.91 -31.20 -31.32
C ALA V 202 -34.34 -32.37 -30.45
N VAL V 203 -33.52 -33.42 -30.44
CA VAL V 203 -33.79 -34.62 -29.65
C VAL V 203 -32.56 -34.95 -28.82
N ASP V 204 -32.76 -35.79 -27.82
CA ASP V 204 -31.70 -36.21 -26.91
C ASP V 204 -31.18 -37.57 -27.35
N VAL V 205 -29.87 -37.69 -27.50
CA VAL V 205 -29.26 -38.96 -27.92
C VAL V 205 -29.37 -39.97 -26.77
N PRO V 206 -29.84 -41.19 -27.01
CA PRO V 206 -29.90 -42.18 -25.94
C PRO V 206 -28.50 -42.55 -25.46
N GLU V 207 -28.41 -42.92 -24.18
CA GLU V 207 -27.13 -43.25 -23.57
C GLU V 207 -26.50 -44.48 -24.18
N SER V 208 -27.30 -45.39 -24.75
CA SER V 208 -26.75 -46.63 -25.30
C SER V 208 -25.81 -46.36 -26.46
N ARG V 209 -26.21 -45.47 -27.38
CA ARG V 209 -25.36 -45.16 -28.54
C ARG V 209 -24.04 -44.54 -28.10
N ILE V 210 -24.10 -43.61 -27.16
CA ILE V 210 -22.88 -42.99 -26.66
C ILE V 210 -22.00 -44.02 -25.97
N ALA V 211 -22.61 -44.95 -25.23
CA ALA V 211 -21.85 -45.99 -24.57
C ALA V 211 -21.13 -46.87 -25.58
N GLU V 212 -21.81 -47.29 -26.65
CA GLU V 212 -21.17 -48.10 -27.67
C GLU V 212 -20.06 -47.33 -28.37
N LEU V 213 -20.29 -46.05 -28.67
CA LEU V 213 -19.24 -45.26 -29.32
C LEU V 213 -18.01 -45.12 -28.43
N ALA V 214 -18.22 -44.85 -27.15
CA ALA V 214 -17.11 -44.71 -26.22
C ALA V 214 -16.35 -46.03 -26.06
N ARG V 215 -17.09 -47.14 -25.99
CA ARG V 215 -16.43 -48.44 -25.87
C ARG V 215 -15.61 -48.76 -27.12
N ALA V 216 -16.15 -48.46 -28.30
CA ALA V 216 -15.41 -48.68 -29.54
C ALA V 216 -14.17 -47.82 -29.60
N ILE V 217 -14.27 -46.55 -29.18
CA ILE V 217 -13.11 -45.66 -29.19
C ILE V 217 -12.05 -46.16 -28.22
N ILE V 218 -12.46 -46.59 -27.03
CA ILE V 218 -11.51 -47.11 -26.04
C ILE V 218 -10.82 -48.36 -26.57
N GLU V 219 -11.58 -49.26 -27.19
CA GLU V 219 -10.99 -50.46 -27.76
C GLU V 219 -10.00 -50.13 -28.87
N SER V 220 -10.35 -49.16 -29.73
CA SER V 220 -9.44 -48.77 -30.80
C SER V 220 -8.15 -48.16 -30.25
N ARG V 221 -8.27 -47.33 -29.20
CA ARG V 221 -7.09 -46.70 -28.63
C ARG V 221 -6.20 -47.68 -27.88
N SER V 222 -6.72 -48.84 -27.50
CA SER V 222 -5.93 -49.83 -26.78
C SER V 222 -4.95 -50.53 -27.71
N ALA W 1 -0.69 -36.36 -6.53
CA ALA W 1 0.41 -36.99 -5.83
C ALA W 1 -0.04 -37.59 -4.51
N THR W 2 0.09 -38.91 -4.37
CA THR W 2 -0.28 -39.59 -3.14
C THR W 2 0.66 -40.77 -2.94
N ILE W 3 1.25 -40.85 -1.74
CA ILE W 3 2.14 -41.94 -1.36
C ILE W 3 1.64 -42.53 -0.05
N VAL W 4 1.47 -43.86 -0.03
CA VAL W 4 0.94 -44.55 1.14
C VAL W 4 1.97 -45.57 1.62
N ALA W 5 1.91 -45.87 2.92
CA ALA W 5 2.79 -46.87 3.52
C ALA W 5 2.12 -47.41 4.77
N LEU W 6 2.11 -48.73 4.90
CA LEU W 6 1.49 -49.39 6.05
C LEU W 6 2.37 -50.54 6.52
N LYS W 7 2.15 -50.95 7.76
CA LYS W 7 2.97 -51.95 8.42
C LYS W 7 2.22 -53.28 8.47
N TYR W 8 2.91 -54.35 8.14
CA TYR W 8 2.40 -55.71 8.23
C TYR W 8 3.39 -56.55 9.01
N PRO W 9 2.92 -57.65 9.64
CA PRO W 9 3.84 -58.48 10.44
C PRO W 9 5.00 -59.02 9.63
N GLY W 10 6.22 -58.59 9.97
CA GLY W 10 7.41 -59.05 9.30
C GLY W 10 7.98 -58.13 8.24
N GLY W 11 7.44 -56.93 8.09
CA GLY W 11 7.96 -56.02 7.08
C GLY W 11 7.14 -54.75 7.00
N VAL W 12 7.34 -54.02 5.90
CA VAL W 12 6.64 -52.77 5.64
C VAL W 12 6.56 -52.57 4.13
N VAL W 13 5.43 -52.03 3.67
CA VAL W 13 5.22 -51.79 2.25
C VAL W 13 5.11 -50.29 2.02
N MET W 14 5.35 -49.89 0.77
CA MET W 14 5.35 -48.48 0.40
C MET W 14 4.98 -48.36 -1.07
N ALA W 15 4.05 -47.46 -1.39
CA ALA W 15 3.57 -47.30 -2.75
C ALA W 15 3.17 -45.86 -2.99
N GLY W 16 3.12 -45.48 -4.27
CA GLY W 16 2.75 -44.13 -4.64
C GLY W 16 2.19 -44.10 -6.05
N ASP W 17 1.55 -42.99 -6.38
CA ASP W 17 0.92 -42.83 -7.68
C ASP W 17 1.94 -42.44 -8.74
N ARG W 18 1.47 -42.26 -9.97
CA ARG W 18 2.32 -41.97 -11.13
C ARG W 18 1.74 -40.82 -11.94
N ARG W 19 1.36 -39.73 -11.29
CA ARG W 19 0.79 -38.58 -11.98
C ARG W 19 1.53 -37.32 -11.59
N SER W 20 1.87 -36.51 -12.60
CA SER W 20 2.43 -35.18 -12.42
C SER W 20 1.56 -34.17 -13.15
N THR W 21 1.15 -33.12 -12.45
CA THR W 21 0.21 -32.15 -13.00
C THR W 21 0.78 -30.74 -12.83
N GLN W 22 0.78 -29.97 -13.91
CA GLN W 22 1.23 -28.58 -13.88
C GLN W 22 -0.01 -27.68 -13.79
N GLY W 23 -0.51 -27.52 -12.58
CA GLY W 23 -1.71 -26.73 -12.37
C GLY W 23 -2.97 -27.58 -12.50
N ASN W 24 -3.58 -27.54 -13.68
CA ASN W 24 -4.72 -28.38 -13.99
C ASN W 24 -4.49 -29.25 -15.22
N MET W 25 -3.37 -29.09 -15.90
CA MET W 25 -3.03 -29.88 -17.08
C MET W 25 -2.08 -31.02 -16.71
N ILE W 26 -2.33 -32.20 -17.27
CA ILE W 26 -1.53 -33.38 -16.97
C ILE W 26 -0.21 -33.29 -17.75
N SER W 27 0.90 -33.44 -17.05
CA SER W 27 2.23 -33.41 -17.65
C SER W 27 2.91 -34.77 -17.71
N GLY W 28 2.72 -35.60 -16.68
CA GLY W 28 3.32 -36.92 -16.67
C GLY W 28 2.29 -37.98 -16.36
N ARG W 29 2.56 -39.19 -16.86
CA ARG W 29 1.64 -40.31 -16.70
C ARG W 29 2.25 -41.52 -16.00
N ASP W 30 3.57 -41.61 -15.87
CA ASP W 30 4.21 -42.72 -15.18
C ASP W 30 5.37 -42.23 -14.33
N VAL W 31 5.18 -41.10 -13.64
CA VAL W 31 6.25 -40.53 -12.82
C VAL W 31 6.50 -41.41 -11.62
N ARG W 32 7.78 -41.70 -11.34
CA ARG W 32 8.17 -42.52 -10.21
C ARG W 32 8.50 -41.63 -9.02
N LYS W 33 7.89 -41.94 -7.87
CA LYS W 33 8.06 -41.14 -6.67
C LYS W 33 8.56 -41.94 -5.47
N VAL W 34 8.72 -43.25 -5.60
CA VAL W 34 9.22 -44.10 -4.53
C VAL W 34 10.62 -44.56 -4.91
N TYR W 35 11.59 -44.31 -4.03
CA TYR W 35 12.99 -44.63 -4.30
C TYR W 35 13.56 -45.42 -3.14
N ILE W 36 14.60 -46.21 -3.44
CA ILE W 36 15.29 -47.02 -2.44
C ILE W 36 16.63 -46.35 -2.15
N THR W 37 16.82 -45.92 -0.89
CA THR W 37 18.05 -45.26 -0.51
C THR W 37 19.17 -46.27 -0.26
N ASP W 38 18.92 -47.27 0.58
CA ASP W 38 19.87 -48.33 0.84
C ASP W 38 19.10 -49.61 1.15
N ASP W 39 19.77 -50.58 1.76
CA ASP W 39 19.24 -51.94 1.83
C ASP W 39 17.94 -52.04 2.61
N TYR W 40 17.83 -51.32 3.73
CA TYR W 40 16.75 -51.58 4.69
C TYR W 40 15.81 -50.39 4.89
N THR W 41 15.74 -49.46 3.94
CA THR W 41 14.72 -48.42 4.01
C THR W 41 14.51 -47.80 2.63
N ALA W 42 13.32 -47.27 2.42
CA ALA W 42 12.96 -46.57 1.19
C ALA W 42 12.22 -45.29 1.55
N THR W 43 12.30 -44.31 0.66
CA THR W 43 11.73 -42.99 0.90
C THR W 43 10.81 -42.60 -0.25
N GLY W 44 9.85 -41.73 0.05
CA GLY W 44 8.95 -41.19 -0.94
C GLY W 44 8.62 -39.73 -0.67
N ILE W 45 8.81 -38.87 -1.67
CA ILE W 45 8.66 -37.43 -1.52
C ILE W 45 7.51 -36.97 -2.40
N ALA W 46 6.61 -36.19 -1.82
CA ALA W 46 5.47 -35.63 -2.53
C ALA W 46 5.62 -34.12 -2.62
N GLY W 47 5.41 -33.56 -3.82
CA GLY W 47 5.57 -32.14 -4.03
C GLY W 47 6.26 -31.81 -5.33
N THR W 48 7.15 -30.82 -5.30
CA THR W 48 7.91 -30.45 -6.49
C THR W 48 8.90 -31.56 -6.85
N ALA W 49 8.85 -32.02 -8.11
CA ALA W 49 9.73 -33.09 -8.54
C ALA W 49 11.19 -32.66 -8.51
N ALA W 50 11.48 -31.42 -8.94
CA ALA W 50 12.86 -30.94 -8.98
C ALA W 50 13.51 -30.99 -7.61
N VAL W 51 12.73 -30.77 -6.55
CA VAL W 51 13.27 -30.89 -5.20
C VAL W 51 13.24 -32.34 -4.74
N ALA W 52 12.25 -33.13 -5.19
CA ALA W 52 12.11 -34.50 -4.70
C ALA W 52 13.27 -35.38 -5.16
N VAL W 53 13.60 -35.34 -6.45
CA VAL W 53 14.70 -36.16 -6.94
C VAL W 53 16.01 -35.74 -6.32
N GLU W 54 16.22 -34.42 -6.17
CA GLU W 54 17.43 -33.93 -5.53
C GLU W 54 17.53 -34.42 -4.08
N PHE W 55 16.43 -34.37 -3.34
CA PHE W 55 16.44 -34.84 -1.96
C PHE W 55 16.74 -36.33 -1.89
N ALA W 56 16.13 -37.12 -2.76
CA ALA W 56 16.38 -38.56 -2.75
C ALA W 56 17.85 -38.86 -3.04
N ARG W 57 18.40 -38.24 -4.08
CA ARG W 57 19.80 -38.48 -4.42
C ARG W 57 20.73 -38.03 -3.31
N LEU W 58 20.47 -36.86 -2.72
CA LEU W 58 21.34 -36.35 -1.66
C LEU W 58 21.28 -37.24 -0.43
N TYR W 59 20.09 -37.72 -0.06
CA TYR W 59 19.96 -38.59 1.10
C TYR W 59 20.72 -39.90 0.87
N ALA W 60 20.57 -40.49 -0.31
CA ALA W 60 21.29 -41.72 -0.61
C ALA W 60 22.80 -41.49 -0.60
N VAL W 61 23.25 -40.38 -1.18
CA VAL W 61 24.69 -40.09 -1.21
C VAL W 61 25.24 -39.89 0.19
N GLU W 62 24.50 -39.17 1.05
CA GLU W 62 24.97 -38.95 2.42
C GLU W 62 25.05 -40.26 3.19
N LEU W 63 24.03 -41.12 3.05
CA LEU W 63 24.06 -42.39 3.75
C LEU W 63 25.23 -43.25 3.29
N GLU W 64 25.45 -43.31 1.97
CA GLU W 64 26.57 -44.10 1.45
C GLU W 64 27.91 -43.52 1.89
N HIS W 65 28.03 -42.20 1.91
CA HIS W 65 29.26 -41.55 2.34
C HIS W 65 29.57 -41.87 3.79
N TYR W 66 28.57 -41.78 4.66
CA TYR W 66 28.79 -42.12 6.07
C TYR W 66 29.16 -43.59 6.24
N GLU W 67 28.48 -44.47 5.51
CA GLU W 67 28.77 -45.90 5.62
C GLU W 67 30.20 -46.21 5.16
N LYS W 68 30.65 -45.55 4.10
CA LYS W 68 32.00 -45.78 3.62
C LYS W 68 33.04 -45.20 4.57
N LEU W 69 32.76 -44.02 5.14
CA LEU W 69 33.73 -43.38 6.02
C LEU W 69 33.89 -44.14 7.33
N GLU W 70 32.77 -44.49 7.98
CA GLU W 70 32.84 -45.11 9.29
C GLU W 70 32.89 -46.63 9.24
N GLY W 71 32.53 -47.24 8.11
CA GLY W 71 32.56 -48.68 7.99
C GLY W 71 31.34 -49.40 8.51
N VAL W 72 30.40 -48.68 9.13
CA VAL W 72 29.16 -49.29 9.64
C VAL W 72 27.99 -48.42 9.23
N PRO W 73 26.81 -49.00 8.96
CA PRO W 73 25.66 -48.18 8.59
C PRO W 73 25.14 -47.36 9.77
N LEU W 74 24.51 -46.24 9.43
CA LEU W 74 23.91 -45.39 10.46
C LEU W 74 22.74 -46.10 11.13
N THR W 75 22.51 -45.75 12.40
CA THR W 75 21.33 -46.21 13.09
C THR W 75 20.09 -45.52 12.54
N PHE W 76 18.92 -46.09 12.85
CA PHE W 76 17.67 -45.52 12.35
C PHE W 76 17.45 -44.11 12.88
N ALA W 77 17.79 -43.87 14.15
CA ALA W 77 17.66 -42.53 14.71
C ALA W 77 18.57 -41.55 13.99
N GLY W 78 19.78 -41.96 13.66
CA GLY W 78 20.67 -41.10 12.90
C GLY W 78 20.13 -40.76 11.53
N LYS W 79 19.55 -41.75 10.85
CA LYS W 79 18.93 -41.50 9.55
C LYS W 79 17.78 -40.52 9.67
N ILE W 80 16.93 -40.69 10.69
CA ILE W 80 15.82 -39.77 10.91
C ILE W 80 16.34 -38.36 11.17
N ASN W 81 17.39 -38.24 11.98
CA ASN W 81 17.96 -36.93 12.26
C ASN W 81 18.51 -36.27 11.00
N ARG W 82 19.22 -37.04 10.18
CA ARG W 82 19.76 -36.49 8.94
C ARG W 82 18.64 -36.03 8.00
N LEU W 83 17.59 -36.84 7.86
CA LEU W 83 16.48 -36.45 6.99
C LEU W 83 15.76 -35.23 7.54
N ALA W 84 15.59 -35.15 8.87
CA ALA W 84 14.96 -33.99 9.47
C ALA W 84 15.78 -32.72 9.24
N ILE W 85 17.11 -32.83 9.38
CA ILE W 85 17.97 -31.68 9.11
C ILE W 85 17.85 -31.24 7.65
N MET W 86 17.85 -32.22 6.73
CA MET W 86 17.71 -31.89 5.31
C MET W 86 16.38 -31.19 5.03
N VAL W 87 15.30 -31.67 5.64
CA VAL W 87 14.00 -31.03 5.43
C VAL W 87 13.99 -29.63 6.03
N ARG W 88 14.54 -29.46 7.23
CA ARG W 88 14.56 -28.17 7.89
C ARG W 88 15.38 -27.14 7.12
N GLY W 89 16.45 -27.58 6.46
CA GLY W 89 17.29 -26.66 5.72
C GLY W 89 16.66 -26.07 4.48
N ASN W 90 15.47 -26.56 4.09
CA ASN W 90 14.79 -26.10 2.89
C ASN W 90 13.52 -25.30 3.22
N LEU W 91 13.43 -24.76 4.43
CA LEU W 91 12.20 -24.10 4.86
C LEU W 91 11.95 -22.81 4.09
N ALA W 92 13.01 -22.06 3.78
CA ALA W 92 12.84 -20.82 3.02
C ALA W 92 12.32 -21.10 1.61
N ALA W 93 12.92 -22.09 0.94
CA ALA W 93 12.44 -22.48 -0.39
C ALA W 93 11.03 -23.02 -0.34
N ALA W 94 10.68 -23.74 0.72
CA ALA W 94 9.31 -24.20 0.89
C ALA W 94 8.35 -23.02 1.06
N MET W 95 8.78 -22.00 1.80
CA MET W 95 7.96 -20.80 1.96
C MET W 95 7.75 -20.10 0.63
N GLN W 96 8.79 -20.02 -0.20
CA GLN W 96 8.61 -19.44 -1.53
C GLN W 96 7.67 -20.28 -2.39
N GLY W 97 7.67 -21.60 -2.21
CA GLY W 97 6.79 -22.46 -2.98
C GLY W 97 7.41 -23.79 -3.35
N LEU W 98 8.71 -23.94 -3.11
CA LEU W 98 9.42 -25.19 -3.41
C LEU W 98 9.33 -26.12 -2.20
N LEU W 99 8.14 -26.69 -2.02
CA LEU W 99 7.83 -27.54 -0.88
C LEU W 99 7.97 -29.01 -1.26
N ALA W 100 8.58 -29.78 -0.35
CA ALA W 100 8.76 -31.21 -0.56
C ALA W 100 8.63 -31.91 0.79
N LEU W 101 7.60 -32.74 0.95
CA LEU W 101 7.38 -33.46 2.19
C LEU W 101 7.68 -34.94 2.00
N PRO W 102 8.79 -35.45 2.53
CA PRO W 102 9.12 -36.86 2.33
C PRO W 102 8.44 -37.77 3.35
N LEU W 103 8.35 -39.04 2.98
CA LEU W 103 7.84 -40.09 3.85
C LEU W 103 8.86 -41.21 3.92
N LEU W 104 9.20 -41.62 5.13
CA LEU W 104 10.26 -42.59 5.37
C LEU W 104 9.68 -43.88 5.92
N ALA W 105 10.02 -45.01 5.30
CA ALA W 105 9.64 -46.32 5.77
C ALA W 105 10.87 -47.23 5.71
N GLY W 106 11.13 -47.95 6.81
CA GLY W 106 12.32 -48.77 6.88
C GLY W 106 12.14 -49.94 7.83
N TYR W 107 13.16 -50.81 7.83
CA TYR W 107 13.18 -52.00 8.67
C TYR W 107 14.37 -51.91 9.62
N ASP W 108 14.09 -52.08 10.91
CA ASP W 108 15.12 -51.98 11.95
C ASP W 108 15.70 -53.37 12.22
N ILE W 109 16.95 -53.58 11.81
CA ILE W 109 17.60 -54.87 12.04
C ILE W 109 18.13 -55.02 13.46
N HIS W 110 18.11 -53.94 14.25
CA HIS W 110 18.58 -53.97 15.63
C HIS W 110 17.43 -53.95 16.62
N ALA W 111 16.33 -54.63 16.28
CA ALA W 111 15.15 -54.69 17.14
C ALA W 111 15.01 -56.08 17.73
N SER W 112 14.49 -56.13 18.96
CA SER W 112 14.33 -57.41 19.65
C SER W 112 13.31 -58.30 18.94
N ASP W 113 12.21 -57.71 18.48
CA ASP W 113 11.16 -58.49 17.82
C ASP W 113 11.22 -58.24 16.32
N PRO W 114 11.61 -59.23 15.51
CA PRO W 114 11.62 -59.03 14.05
C PRO W 114 10.26 -58.73 13.47
N GLN W 115 9.18 -59.28 14.06
CA GLN W 115 7.85 -59.07 13.54
C GLN W 115 7.37 -57.63 13.69
N SER W 116 7.92 -56.89 14.66
CA SER W 116 7.56 -55.50 14.90
C SER W 116 8.70 -54.55 14.59
N ALA W 117 9.57 -54.92 13.66
CA ALA W 117 10.73 -54.12 13.30
C ALA W 117 10.43 -53.06 12.24
N GLY W 118 9.24 -53.08 11.64
CA GLY W 118 8.89 -52.08 10.66
C GLY W 118 8.69 -50.72 11.31
N ARG W 119 9.12 -49.67 10.60
CA ARG W 119 9.01 -48.30 11.09
C ARG W 119 8.49 -47.40 9.98
N ILE W 120 7.60 -46.47 10.34
CA ILE W 120 7.08 -45.46 9.44
C ILE W 120 7.26 -44.10 10.09
N VAL W 121 7.91 -43.18 9.38
CA VAL W 121 8.20 -41.85 9.89
C VAL W 121 7.64 -40.81 8.93
N SER W 122 6.94 -39.82 9.47
CA SER W 122 6.40 -38.71 8.71
C SER W 122 7.08 -37.42 9.13
N PHE W 123 7.26 -36.51 8.17
CA PHE W 123 7.97 -35.26 8.40
C PHE W 123 7.05 -34.08 8.09
N ASP W 124 7.23 -33.01 8.86
CA ASP W 124 6.45 -31.78 8.71
C ASP W 124 7.21 -30.80 7.83
N ALA W 125 6.55 -29.67 7.53
CA ALA W 125 7.17 -28.65 6.70
C ALA W 125 8.28 -27.91 7.43
N ALA W 126 8.23 -27.88 8.76
CA ALA W 126 9.23 -27.18 9.56
C ALA W 126 10.38 -28.09 9.98
N GLY W 127 10.39 -29.35 9.56
CA GLY W 127 11.44 -30.28 9.92
C GLY W 127 11.11 -31.23 11.05
N GLY W 128 9.94 -31.09 11.67
CA GLY W 128 9.56 -32.00 12.73
C GLY W 128 9.21 -33.38 12.19
N TRP W 129 9.55 -34.40 12.98
CA TRP W 129 9.31 -35.78 12.60
C TRP W 129 8.55 -36.51 13.71
N ASN W 130 7.73 -37.47 13.31
CA ASN W 130 6.97 -38.28 14.25
C ASN W 130 6.95 -39.71 13.74
N ILE W 131 7.19 -40.67 14.64
CA ILE W 131 7.18 -42.08 14.28
C ILE W 131 5.74 -42.57 14.25
N GLU W 132 5.32 -43.10 13.10
CA GLU W 132 3.94 -43.56 12.95
C GLU W 132 3.77 -44.90 13.63
N GLU W 133 2.68 -45.04 14.38
CA GLU W 133 2.41 -46.25 15.15
C GLU W 133 0.99 -46.76 15.01
N GLU W 134 0.10 -46.05 14.30
CA GLU W 134 -1.23 -46.58 14.03
C GLU W 134 -1.20 -47.70 12.99
N GLY W 135 -0.08 -47.91 12.33
CA GLY W 135 0.06 -48.96 11.34
C GLY W 135 0.02 -48.49 9.90
N TYR W 136 -0.26 -47.22 9.66
CA TYR W 136 -0.34 -46.71 8.29
C TYR W 136 -0.16 -45.19 8.32
N GLN W 137 0.23 -44.66 7.16
CA GLN W 137 0.40 -43.22 6.99
C GLN W 137 0.45 -42.90 5.50
N ALA W 138 -0.16 -41.78 5.13
CA ALA W 138 -0.20 -41.34 3.74
C ALA W 138 0.18 -39.87 3.66
N VAL W 139 0.83 -39.50 2.57
CA VAL W 139 1.21 -38.12 2.30
C VAL W 139 0.82 -37.76 0.87
N GLY W 140 0.65 -36.47 0.62
CA GLY W 140 0.30 -35.96 -0.68
C GLY W 140 -1.01 -35.20 -0.64
N SER W 141 -1.48 -34.84 -1.84
CA SER W 141 -2.72 -34.09 -1.96
C SER W 141 -3.93 -34.92 -1.51
N GLY W 142 -3.96 -36.20 -1.89
CA GLY W 142 -5.06 -37.06 -1.52
C GLY W 142 -4.74 -37.95 -0.34
N SER W 143 -4.01 -37.40 0.63
CA SER W 143 -3.59 -38.19 1.79
C SER W 143 -4.77 -38.52 2.69
N LEU W 144 -5.74 -37.61 2.80
CA LEU W 144 -6.85 -37.81 3.73
C LEU W 144 -7.73 -38.99 3.30
N PHE W 145 -8.06 -39.04 2.00
CA PHE W 145 -8.90 -40.12 1.49
C PHE W 145 -8.22 -41.47 1.66
N ALA W 146 -6.93 -41.53 1.31
CA ALA W 146 -6.18 -42.77 1.46
C ALA W 146 -6.09 -43.19 2.92
N LYS W 147 -5.90 -42.22 3.83
CA LYS W 147 -5.81 -42.55 5.25
C LYS W 147 -7.14 -43.07 5.78
N SER W 148 -8.26 -42.49 5.34
CA SER W 148 -9.56 -43.03 5.76
C SER W 148 -9.78 -44.44 5.21
N SER W 149 -9.43 -44.65 3.94
CA SER W 149 -9.56 -45.98 3.35
C SER W 149 -8.72 -47.00 4.09
N MET W 150 -7.49 -46.64 4.44
CA MET W 150 -6.64 -47.55 5.22
C MET W 150 -7.18 -47.75 6.63
N LYS W 151 -7.77 -46.72 7.22
CA LYS W 151 -8.40 -46.88 8.53
C LYS W 151 -9.48 -47.95 8.49
N LYS W 152 -10.29 -47.95 7.43
CA LYS W 152 -11.31 -49.00 7.32
C LYS W 152 -10.75 -50.35 6.89
N LEU W 153 -9.67 -50.36 6.10
CA LEU W 153 -9.20 -51.60 5.49
C LEU W 153 -8.03 -52.26 6.23
N TYR W 154 -7.54 -51.67 7.32
CA TYR W 154 -6.37 -52.23 7.98
C TYR W 154 -6.67 -53.53 8.71
N SER W 155 -7.94 -53.86 8.94
CA SER W 155 -8.29 -55.07 9.66
C SER W 155 -8.03 -56.34 8.86
N GLN W 156 -7.80 -56.23 7.56
CA GLN W 156 -7.58 -57.38 6.70
C GLN W 156 -6.11 -57.62 6.37
N VAL W 157 -5.20 -56.91 7.03
CA VAL W 157 -3.78 -57.03 6.76
C VAL W 157 -3.22 -58.14 7.65
N THR W 158 -2.68 -59.19 7.02
CA THR W 158 -2.11 -60.31 7.75
C THR W 158 -0.69 -60.61 7.29
N ASP W 159 -0.40 -60.34 6.03
CA ASP W 159 0.91 -60.65 5.46
C ASP W 159 1.23 -59.62 4.37
N GLY W 160 2.27 -59.90 3.58
CA GLY W 160 2.71 -58.95 2.59
C GLY W 160 1.71 -58.71 1.48
N ASP W 161 1.10 -59.79 0.98
CA ASP W 161 0.13 -59.65 -0.10
C ASP W 161 -1.10 -58.86 0.34
N SER W 162 -1.57 -59.11 1.56
CA SER W 162 -2.72 -58.35 2.07
C SER W 162 -2.37 -56.88 2.21
N GLY W 163 -1.18 -56.57 2.73
CA GLY W 163 -0.77 -55.18 2.82
C GLY W 163 -0.65 -54.50 1.47
N LEU W 164 -0.10 -55.22 0.49
CA LEU W 164 0.01 -54.66 -0.85
C LEU W 164 -1.36 -54.39 -1.45
N ARG W 165 -2.30 -55.33 -1.26
CA ARG W 165 -3.66 -55.14 -1.77
C ARG W 165 -4.33 -53.94 -1.09
N VAL W 166 -4.14 -53.80 0.22
CA VAL W 166 -4.73 -52.67 0.94
C VAL W 166 -4.13 -51.36 0.44
N ALA W 167 -2.81 -51.33 0.21
CA ALA W 167 -2.17 -50.12 -0.29
C ALA W 167 -2.69 -49.76 -1.68
N VAL W 168 -2.84 -50.75 -2.56
CA VAL W 168 -3.34 -50.49 -3.90
C VAL W 168 -4.77 -49.98 -3.84
N GLU W 169 -5.60 -50.58 -2.98
CA GLU W 169 -6.99 -50.13 -2.85
C GLU W 169 -7.06 -48.71 -2.30
N ALA W 170 -6.20 -48.38 -1.34
CA ALA W 170 -6.17 -47.02 -0.80
C ALA W 170 -5.74 -46.02 -1.88
N LEU W 171 -4.74 -46.38 -2.69
CA LEU W 171 -4.34 -45.51 -3.78
C LEU W 171 -5.47 -45.33 -4.79
N TYR W 172 -6.20 -46.41 -5.08
CA TYR W 172 -7.34 -46.31 -6.00
C TYR W 172 -8.41 -45.39 -5.44
N ASP W 173 -8.71 -45.51 -4.14
CA ASP W 173 -9.70 -44.63 -3.52
C ASP W 173 -9.24 -43.17 -3.56
N ALA W 174 -7.96 -42.92 -3.28
CA ALA W 174 -7.43 -41.56 -3.33
C ALA W 174 -7.53 -40.98 -4.74
N ALA W 175 -7.22 -41.80 -5.76
CA ALA W 175 -7.33 -41.34 -7.13
C ALA W 175 -8.78 -41.09 -7.51
N ASP W 176 -9.71 -41.90 -7.00
CA ASP W 176 -11.12 -41.69 -7.26
C ASP W 176 -11.61 -40.39 -6.64
N ASP W 177 -11.17 -40.08 -5.42
CA ASP W 177 -11.65 -38.90 -4.71
C ASP W 177 -10.84 -37.65 -4.99
N ASP W 178 -9.72 -37.75 -5.69
CA ASP W 178 -8.86 -36.60 -5.97
C ASP W 178 -8.53 -36.56 -7.45
N SER W 179 -8.67 -35.38 -8.06
CA SER W 179 -8.38 -35.22 -9.48
C SER W 179 -6.90 -35.07 -9.77
N ALA W 180 -6.07 -34.78 -8.76
CA ALA W 180 -4.63 -34.66 -8.92
C ALA W 180 -3.91 -35.99 -8.78
N THR W 181 -4.61 -37.05 -8.43
CA THR W 181 -4.02 -38.37 -8.26
C THR W 181 -4.43 -39.26 -9.43
N GLY W 182 -3.46 -39.92 -10.05
CA GLY W 182 -3.73 -40.77 -11.20
C GLY W 182 -3.96 -42.22 -10.82
N GLY W 183 -5.09 -42.76 -11.24
CA GLY W 183 -5.40 -44.15 -10.98
C GLY W 183 -4.74 -45.08 -11.97
N PRO W 184 -5.04 -46.37 -11.83
CA PRO W 184 -4.49 -47.36 -12.77
C PRO W 184 -4.94 -47.07 -14.19
N ASP W 185 -4.03 -47.28 -15.14
CA ASP W 185 -4.27 -47.03 -16.55
C ASP W 185 -4.41 -48.38 -17.27
N LEU W 186 -5.62 -48.70 -17.69
CA LEU W 186 -5.88 -49.95 -18.42
C LEU W 186 -5.65 -49.82 -19.92
N VAL W 187 -5.42 -48.61 -20.42
CA VAL W 187 -5.18 -48.40 -21.84
C VAL W 187 -3.69 -48.40 -22.15
N ARG W 188 -2.91 -47.60 -21.42
CA ARG W 188 -1.47 -47.53 -21.61
C ARG W 188 -0.72 -48.52 -20.75
N GLY W 189 -1.40 -49.25 -19.87
CA GLY W 189 -0.73 -50.22 -19.01
C GLY W 189 0.20 -49.60 -17.98
N ILE W 190 -0.23 -48.52 -17.34
CA ILE W 190 0.56 -47.84 -16.31
C ILE W 190 -0.07 -48.13 -14.96
N PHE W 191 0.73 -48.63 -14.02
CA PHE W 191 0.28 -48.99 -12.70
C PHE W 191 1.22 -48.42 -11.64
N PRO W 192 0.71 -48.19 -10.43
CA PRO W 192 1.58 -47.64 -9.37
C PRO W 192 2.71 -48.58 -9.01
N THR W 193 3.83 -48.00 -8.60
CA THR W 193 5.00 -48.75 -8.19
C THR W 193 5.00 -48.95 -6.68
N ALA W 194 5.47 -50.11 -6.24
CA ALA W 194 5.50 -50.47 -4.83
C ALA W 194 6.84 -51.05 -4.46
N VAL W 195 7.23 -50.85 -3.20
CA VAL W 195 8.48 -51.36 -2.65
C VAL W 195 8.17 -52.11 -1.36
N ILE W 196 8.69 -53.32 -1.23
CA ILE W 196 8.49 -54.16 -0.05
C ILE W 196 9.82 -54.30 0.66
N ILE W 197 9.84 -53.99 1.95
CA ILE W 197 11.04 -54.11 2.79
C ILE W 197 10.77 -55.13 3.87
N ASP W 198 11.66 -56.12 3.99
CA ASP W 198 11.54 -57.16 4.99
C ASP W 198 12.93 -57.45 5.55
N ALA W 199 13.05 -58.58 6.26
CA ALA W 199 14.33 -58.94 6.88
C ALA W 199 15.41 -59.23 5.83
N ASP W 200 15.03 -59.59 4.61
CA ASP W 200 15.99 -59.87 3.56
C ASP W 200 16.43 -58.62 2.79
N GLY W 201 15.83 -57.48 3.05
CA GLY W 201 16.16 -56.24 2.37
C GLY W 201 14.97 -55.65 1.66
N ALA W 202 15.23 -54.56 0.95
CA ALA W 202 14.21 -53.84 0.20
C ALA W 202 14.27 -54.28 -1.26
N VAL W 203 13.11 -54.67 -1.80
CA VAL W 203 13.00 -55.12 -3.19
C VAL W 203 11.87 -54.35 -3.86
N ASP W 204 11.87 -54.38 -5.19
CA ASP W 204 10.87 -53.71 -6.00
C ASP W 204 9.80 -54.71 -6.43
N VAL W 205 8.54 -54.36 -6.19
CA VAL W 205 7.44 -55.24 -6.57
C VAL W 205 7.30 -55.27 -8.09
N PRO W 206 7.23 -56.45 -8.71
CA PRO W 206 7.03 -56.50 -10.17
C PRO W 206 5.69 -55.90 -10.58
N GLU W 207 5.65 -55.34 -11.78
CA GLU W 207 4.45 -54.68 -12.26
C GLU W 207 3.30 -55.66 -12.47
N SER W 208 3.59 -56.93 -12.69
CA SER W 208 2.53 -57.91 -12.96
C SER W 208 1.61 -58.08 -11.75
N ARG W 209 2.20 -58.19 -10.55
CA ARG W 209 1.38 -58.36 -9.35
C ARG W 209 0.49 -57.15 -9.11
N ILE W 210 1.03 -55.95 -9.28
CA ILE W 210 0.24 -54.74 -9.11
C ILE W 210 -0.87 -54.67 -10.15
N ALA W 211 -0.56 -55.10 -11.38
CA ALA W 211 -1.57 -55.11 -12.43
C ALA W 211 -2.72 -56.05 -12.09
N GLU W 212 -2.40 -57.26 -11.62
CA GLU W 212 -3.46 -58.19 -11.23
C GLU W 212 -4.27 -57.66 -10.06
N LEU W 213 -3.61 -57.05 -9.07
CA LEU W 213 -4.33 -56.51 -7.92
C LEU W 213 -5.27 -55.38 -8.35
N ALA W 214 -4.79 -54.48 -9.22
CA ALA W 214 -5.62 -53.39 -9.69
C ALA W 214 -6.79 -53.90 -10.51
N ARG W 215 -6.56 -54.90 -11.36
CA ARG W 215 -7.65 -55.46 -12.16
C ARG W 215 -8.69 -56.13 -11.27
N ALA W 216 -8.24 -56.86 -10.25
CA ALA W 216 -9.19 -57.48 -9.32
C ALA W 216 -10.00 -56.44 -8.56
N ILE W 217 -9.34 -55.36 -8.12
CA ILE W 217 -10.05 -54.30 -7.41
C ILE W 217 -11.07 -53.63 -8.31
N ILE W 218 -10.69 -53.35 -9.56
CA ILE W 218 -11.62 -52.72 -10.50
C ILE W 218 -12.81 -53.64 -10.76
N GLU W 219 -12.56 -54.94 -10.95
CA GLU W 219 -13.65 -55.88 -11.17
C GLU W 219 -14.58 -55.94 -9.96
N SER W 220 -14.01 -55.94 -8.75
CA SER W 220 -14.84 -55.97 -7.55
C SER W 220 -15.68 -54.71 -7.42
N ARG W 221 -15.11 -53.55 -7.73
CA ARG W 221 -15.85 -52.30 -7.62
C ARG W 221 -16.94 -52.17 -8.68
N SER W 222 -16.86 -52.93 -9.77
CA SER W 222 -17.86 -52.86 -10.82
C SER W 222 -19.17 -53.52 -10.39
N ALA X 1 7.53 -18.70 -31.03
CA ALA X 1 8.61 -19.64 -30.78
C ALA X 1 8.05 -21.03 -30.50
N THR X 2 8.43 -22.00 -31.34
CA THR X 2 8.00 -23.38 -31.16
C THR X 2 9.10 -24.30 -31.66
N ILE X 3 9.49 -25.26 -30.82
CA ILE X 3 10.50 -26.25 -31.16
C ILE X 3 9.92 -27.63 -30.89
N VAL X 4 10.02 -28.52 -31.89
CA VAL X 4 9.45 -29.85 -31.80
C VAL X 4 10.56 -30.87 -31.98
N ALA X 5 10.35 -32.05 -31.40
CA ALA X 5 11.29 -33.16 -31.52
C ALA X 5 10.54 -34.46 -31.31
N LEU X 6 10.77 -35.43 -32.20
CA LEU X 6 10.11 -36.72 -32.11
C LEU X 6 11.11 -37.82 -32.44
N LYS X 7 10.78 -39.04 -32.00
CA LYS X 7 11.66 -40.19 -32.13
C LYS X 7 11.18 -41.10 -33.25
N TYR X 8 12.12 -41.54 -34.08
CA TYR X 8 11.87 -42.50 -35.14
C TYR X 8 12.86 -43.64 -35.02
N PRO X 9 12.52 -44.83 -35.54
CA PRO X 9 13.44 -45.97 -35.42
C PRO X 9 14.81 -45.70 -36.02
N GLY X 10 15.84 -45.68 -35.18
CA GLY X 10 17.20 -45.46 -35.63
C GLY X 10 17.74 -44.06 -35.48
N GLY X 11 17.01 -43.16 -34.83
CA GLY X 11 17.51 -41.81 -34.66
C GLY X 11 16.46 -40.92 -34.01
N VAL X 12 16.71 -39.61 -34.10
CA VAL X 12 15.81 -38.61 -33.53
C VAL X 12 15.96 -37.33 -34.35
N VAL X 13 14.83 -36.64 -34.55
CA VAL X 13 14.81 -35.40 -35.31
C VAL X 13 14.46 -34.25 -34.38
N MET X 14 14.81 -33.04 -34.81
CA MET X 14 14.59 -31.83 -34.01
C MET X 14 14.45 -30.65 -34.95
N ALA X 15 13.43 -29.82 -34.73
CA ALA X 15 13.17 -28.68 -35.59
C ALA X 15 12.53 -27.56 -34.78
N GLY X 16 12.63 -26.35 -35.32
CA GLY X 16 12.07 -25.18 -34.67
C GLY X 16 11.75 -24.11 -35.68
N ASP X 17 10.97 -23.12 -35.23
CA ASP X 17 10.53 -22.03 -36.10
C ASP X 17 11.63 -20.98 -36.21
N ARG X 18 11.33 -19.92 -36.98
CA ARG X 18 12.29 -18.86 -37.27
C ARG X 18 11.65 -17.48 -37.09
N ARG X 19 10.95 -17.29 -35.98
CA ARG X 19 10.28 -16.01 -35.71
C ARG X 19 10.69 -15.47 -34.35
N SER X 20 11.03 -14.18 -34.31
CA SER X 20 11.29 -13.46 -33.07
C SER X 20 10.36 -12.25 -33.03
N THR X 21 9.64 -12.10 -31.92
CA THR X 21 8.64 -11.05 -31.79
C THR X 21 8.89 -10.26 -30.51
N GLN X 22 8.91 -8.94 -30.62
CA GLN X 22 9.07 -8.05 -29.47
C GLN X 22 7.68 -7.54 -29.07
N GLY X 23 6.96 -8.36 -28.31
CA GLY X 23 5.61 -8.01 -27.91
C GLY X 23 4.59 -8.46 -28.93
N ASN X 24 4.19 -7.54 -29.81
CA ASN X 24 3.29 -7.86 -30.92
C ASN X 24 3.89 -7.50 -32.27
N MET X 25 5.06 -6.87 -32.30
CA MET X 25 5.73 -6.48 -33.53
C MET X 25 6.80 -7.50 -33.88
N ILE X 26 6.89 -7.85 -35.16
CA ILE X 26 7.86 -8.84 -35.63
C ILE X 26 9.22 -8.19 -35.73
N SER X 27 10.22 -8.82 -35.11
CA SER X 27 11.59 -8.33 -35.12
C SER X 27 12.52 -9.17 -35.99
N GLY X 28 12.35 -10.49 -36.00
CA GLY X 28 13.18 -11.36 -36.81
C GLY X 28 12.34 -12.29 -37.66
N ARG X 29 12.92 -12.70 -38.79
CA ARG X 29 12.23 -13.55 -39.75
C ARG X 29 12.93 -14.86 -40.03
N ASP X 30 14.21 -15.02 -39.68
CA ASP X 30 14.94 -16.26 -39.89
C ASP X 30 15.82 -16.60 -38.70
N VAL X 31 15.31 -16.38 -37.48
CA VAL X 31 16.08 -16.62 -36.28
C VAL X 31 16.30 -18.11 -36.11
N ARG X 32 17.55 -18.50 -35.81
CA ARG X 32 17.91 -19.89 -35.61
C ARG X 32 17.85 -20.22 -34.12
N LYS X 33 17.13 -21.29 -33.78
CA LYS X 33 16.95 -21.69 -32.39
C LYS X 33 17.39 -23.12 -32.09
N VAL X 34 17.83 -23.87 -33.10
CA VAL X 34 18.30 -25.23 -32.92
C VAL X 34 19.80 -25.24 -33.15
N TYR X 35 20.54 -25.75 -32.16
CA TYR X 35 22.00 -25.75 -32.20
C TYR X 35 22.53 -27.14 -31.90
N ILE X 36 23.72 -27.43 -32.40
CA ILE X 36 24.39 -28.70 -32.19
C ILE X 36 25.51 -28.49 -31.17
N THR X 37 25.40 -29.17 -30.02
CA THR X 37 26.41 -29.02 -28.98
C THR X 37 27.64 -29.86 -29.28
N ASP X 38 27.45 -31.15 -29.55
CA ASP X 38 28.54 -32.04 -29.92
C ASP X 38 27.98 -33.10 -30.85
N ASP X 39 28.73 -34.21 -31.01
CA ASP X 39 28.48 -35.14 -32.10
C ASP X 39 27.10 -35.79 -32.01
N TYR X 40 26.67 -36.19 -30.81
CA TYR X 40 25.52 -37.08 -30.67
C TYR X 40 24.35 -36.46 -29.92
N THR X 41 24.25 -35.13 -29.85
CA THR X 41 23.06 -34.51 -29.31
C THR X 41 22.96 -33.06 -29.77
N ALA X 42 21.74 -32.56 -29.82
CA ALA X 42 21.45 -31.17 -30.17
C ALA X 42 20.43 -30.62 -29.19
N THR X 43 20.46 -29.29 -29.01
CA THR X 43 19.61 -28.63 -28.04
C THR X 43 18.84 -27.50 -28.71
N GLY X 44 17.69 -27.17 -28.13
CA GLY X 44 16.87 -26.07 -28.59
C GLY X 44 16.22 -25.32 -27.44
N ILE X 45 16.41 -24.00 -27.39
CA ILE X 45 15.95 -23.18 -26.28
C ILE X 45 14.89 -22.21 -26.78
N ALA X 46 13.77 -22.14 -26.07
CA ALA X 46 12.68 -21.24 -26.41
C ALA X 46 12.55 -20.19 -25.31
N GLY X 47 12.44 -18.93 -25.71
CA GLY X 47 12.33 -17.84 -24.77
C GLY X 47 13.15 -16.63 -25.17
N THR X 48 13.83 -16.01 -24.20
CA THR X 48 14.68 -14.87 -24.48
C THR X 48 15.90 -15.32 -25.26
N ALA X 49 16.16 -14.65 -26.41
CA ALA X 49 17.30 -15.02 -27.24
C ALA X 49 18.62 -14.76 -26.54
N ALA X 50 18.72 -13.63 -25.83
CA ALA X 50 19.96 -13.29 -25.15
C ALA X 50 20.37 -14.36 -24.15
N VAL X 51 19.40 -15.01 -23.50
CA VAL X 51 19.72 -16.11 -22.62
C VAL X 51 19.91 -17.41 -23.39
N ALA X 52 19.19 -17.58 -24.50
CA ALA X 52 19.24 -18.84 -25.25
C ALA X 52 20.60 -19.06 -25.88
N VAL X 53 21.13 -18.06 -26.59
CA VAL X 53 22.44 -18.22 -27.22
C VAL X 53 23.52 -18.41 -26.16
N GLU X 54 23.43 -17.68 -25.05
CA GLU X 54 24.41 -17.83 -23.98
C GLU X 54 24.37 -19.24 -23.41
N PHE X 55 23.16 -19.78 -23.18
CA PHE X 55 23.04 -21.14 -22.65
C PHE X 55 23.61 -22.16 -23.62
N ALA X 56 23.31 -22.02 -24.92
CA ALA X 56 23.84 -22.96 -25.90
C ALA X 56 25.36 -22.94 -25.93
N ARG X 57 25.95 -21.73 -25.99
CA ARG X 57 27.40 -21.62 -26.03
C ARG X 57 28.03 -22.17 -24.75
N LEU X 58 27.46 -21.86 -23.59
CA LEU X 58 28.02 -22.33 -22.34
C LEU X 58 27.93 -23.85 -22.22
N TYR X 59 26.82 -24.43 -22.64
CA TYR X 59 26.67 -25.89 -22.58
C TYR X 59 27.70 -26.57 -23.49
N ALA X 60 27.86 -26.05 -24.71
CA ALA X 60 28.85 -26.63 -25.61
C ALA X 60 30.27 -26.49 -25.05
N VAL X 61 30.58 -25.33 -24.49
CA VAL X 61 31.91 -25.10 -23.93
C VAL X 61 32.17 -26.04 -22.76
N GLU X 62 31.18 -26.22 -21.88
CA GLU X 62 31.36 -27.11 -20.74
C GLU X 62 31.57 -28.55 -21.19
N LEU X 63 30.78 -29.01 -22.16
CA LEU X 63 30.94 -30.37 -22.66
C LEU X 63 32.32 -30.57 -23.28
N GLU X 64 32.76 -29.61 -24.09
CA GLU X 64 34.08 -29.73 -24.71
C GLU X 64 35.19 -29.68 -23.66
N HIS X 65 35.04 -28.83 -22.66
CA HIS X 65 36.04 -28.74 -21.60
C HIS X 65 36.16 -30.05 -20.83
N TYR X 66 35.04 -30.66 -20.48
CA TYR X 66 35.09 -31.94 -19.78
C TYR X 66 35.71 -33.02 -20.67
N GLU X 67 35.32 -33.05 -21.94
CA GLU X 67 35.87 -34.06 -22.84
C GLU X 67 37.38 -33.91 -22.99
N LYS X 68 37.87 -32.67 -23.07
CA LYS X 68 39.31 -32.45 -23.18
C LYS X 68 40.04 -32.80 -21.89
N LEU X 69 39.44 -32.46 -20.74
CA LEU X 69 40.12 -32.71 -19.47
C LEU X 69 40.20 -34.20 -19.17
N GLU X 70 39.09 -34.92 -19.30
CA GLU X 70 39.06 -36.32 -18.91
C GLU X 70 39.41 -37.28 -20.05
N GLY X 71 39.36 -36.82 -21.29
CA GLY X 71 39.69 -37.66 -22.43
C GLY X 71 38.57 -38.53 -22.93
N VAL X 72 37.41 -38.53 -22.26
CA VAL X 72 36.26 -39.32 -22.70
C VAL X 72 35.01 -38.43 -22.62
N PRO X 73 34.04 -38.62 -23.51
CA PRO X 73 32.83 -37.81 -23.44
C PRO X 73 31.98 -38.17 -22.23
N LEU X 74 31.20 -37.19 -21.79
CA LEU X 74 30.29 -37.41 -20.67
C LEU X 74 29.18 -38.39 -21.07
N THR X 75 28.68 -39.12 -20.06
CA THR X 75 27.51 -39.96 -20.28
C THR X 75 26.27 -39.08 -20.44
N PHE X 76 25.20 -39.69 -20.94
CA PHE X 76 23.96 -38.96 -21.17
C PHE X 76 23.39 -38.44 -19.85
N ALA X 77 23.46 -39.24 -18.79
CA ALA X 77 22.97 -38.80 -17.49
C ALA X 77 23.78 -37.61 -16.98
N GLY X 78 25.09 -37.63 -17.19
CA GLY X 78 25.91 -36.48 -16.81
C GLY X 78 25.54 -35.22 -17.56
N LYS X 79 25.28 -35.35 -18.86
CA LYS X 79 24.86 -34.20 -19.66
C LYS X 79 23.52 -33.67 -19.17
N ILE X 80 22.58 -34.56 -18.86
CA ILE X 80 21.29 -34.11 -18.34
C ILE X 80 21.47 -33.40 -17.00
N ASN X 81 22.32 -33.93 -16.13
CA ASN X 81 22.57 -33.29 -14.84
C ASN X 81 23.18 -31.91 -15.02
N ARG X 82 24.15 -31.78 -15.92
CA ARG X 82 24.77 -30.48 -16.16
C ARG X 82 23.75 -29.47 -16.70
N LEU X 83 22.92 -29.90 -17.65
CA LEU X 83 21.91 -28.99 -18.19
C LEU X 83 20.89 -28.60 -17.14
N ALA X 84 20.50 -29.56 -16.28
CA ALA X 84 19.55 -29.26 -15.21
C ALA X 84 20.14 -28.27 -14.22
N ILE X 85 21.42 -28.43 -13.88
CA ILE X 85 22.07 -27.47 -12.98
C ILE X 85 22.12 -26.10 -13.61
N MET X 86 22.45 -26.03 -14.90
CA MET X 86 22.49 -24.74 -15.59
C MET X 86 21.12 -24.07 -15.59
N VAL X 87 20.06 -24.84 -15.84
CA VAL X 87 18.72 -24.28 -15.84
C VAL X 87 18.33 -23.82 -14.43
N ARG X 88 18.64 -24.62 -13.41
CA ARG X 88 18.29 -24.28 -12.05
C ARG X 88 19.01 -23.03 -11.56
N GLY X 89 20.25 -22.81 -12.03
CA GLY X 89 21.00 -21.64 -11.61
C GLY X 89 20.48 -20.32 -12.13
N ASN X 90 19.48 -20.34 -13.02
CA ASN X 90 18.92 -19.13 -13.62
C ASN X 90 17.49 -18.86 -13.15
N LEU X 91 17.10 -19.43 -12.02
CA LEU X 91 15.71 -19.34 -11.58
C LEU X 91 15.35 -17.91 -11.18
N ALA X 92 16.27 -17.18 -10.55
CA ALA X 92 15.98 -15.80 -10.17
C ALA X 92 15.78 -14.93 -11.39
N ALA X 93 16.66 -15.05 -12.39
CA ALA X 93 16.49 -14.29 -13.62
C ALA X 93 15.22 -14.68 -14.36
N ALA X 94 14.85 -15.97 -14.30
CA ALA X 94 13.58 -16.39 -14.89
C ALA X 94 12.40 -15.75 -14.16
N MET X 95 12.49 -15.66 -12.84
CA MET X 95 11.44 -15.00 -12.06
C MET X 95 11.32 -13.54 -12.44
N GLN X 96 12.45 -12.86 -12.64
CA GLN X 96 12.38 -11.46 -13.10
C GLN X 96 11.77 -11.36 -14.49
N GLY X 97 12.01 -12.35 -15.35
CA GLY X 97 11.45 -12.33 -16.69
C GLY X 97 12.37 -12.91 -17.74
N LEU X 98 13.62 -13.19 -17.36
CA LEU X 98 14.60 -13.77 -18.29
C LEU X 98 14.49 -15.30 -18.23
N LEU X 99 13.42 -15.81 -18.85
CA LEU X 99 13.10 -17.23 -18.83
C LEU X 99 13.59 -17.90 -20.11
N ALA X 100 14.18 -19.08 -19.95
CA ALA X 100 14.67 -19.87 -21.08
C ALA X 100 14.46 -21.34 -20.78
N LEU X 101 13.61 -22.00 -21.55
CA LEU X 101 13.33 -23.41 -21.35
C LEU X 101 13.94 -24.23 -22.48
N PRO X 102 15.02 -24.97 -22.24
CA PRO X 102 15.65 -25.73 -23.31
C PRO X 102 15.00 -27.10 -23.51
N LEU X 103 15.23 -27.64 -24.71
CA LEU X 103 14.79 -28.99 -25.06
C LEU X 103 15.99 -29.77 -25.56
N LEU X 104 16.20 -30.96 -25.01
CA LEU X 104 17.38 -31.76 -25.31
C LEU X 104 16.98 -33.03 -26.06
N ALA X 105 17.62 -33.28 -27.19
CA ALA X 105 17.44 -34.51 -27.96
C ALA X 105 18.81 -35.04 -28.33
N GLY X 106 19.03 -36.35 -28.11
CA GLY X 106 20.33 -36.93 -28.36
C GLY X 106 20.23 -38.41 -28.68
N TYR X 107 21.37 -38.97 -29.05
CA TYR X 107 21.51 -40.38 -29.39
C TYR X 107 22.47 -41.04 -28.41
N ASP X 108 22.03 -42.14 -27.80
CA ASP X 108 22.83 -42.85 -26.81
C ASP X 108 23.61 -43.96 -27.51
N ILE X 109 24.93 -43.79 -27.60
CA ILE X 109 25.79 -44.80 -28.23
C ILE X 109 26.08 -45.97 -27.31
N HIS X 110 25.73 -45.87 -26.04
CA HIS X 110 25.96 -46.94 -25.06
C HIS X 110 24.68 -47.69 -24.73
N ALA X 111 23.80 -47.88 -25.71
CA ALA X 111 22.53 -48.55 -25.53
C ALA X 111 22.56 -49.92 -26.21
N SER X 112 21.87 -50.89 -25.59
CA SER X 112 21.86 -52.24 -26.14
C SER X 112 21.16 -52.28 -27.50
N ASP X 113 20.06 -51.55 -27.65
CA ASP X 113 19.31 -51.55 -28.89
C ASP X 113 19.56 -50.26 -29.65
N PRO X 114 20.27 -50.29 -30.77
CA PRO X 114 20.48 -49.05 -31.55
C PRO X 114 19.19 -48.43 -32.05
N GLN X 115 18.17 -49.22 -32.35
CA GLN X 115 16.93 -48.69 -32.88
C GLN X 115 16.16 -47.87 -31.84
N SER X 116 16.39 -48.13 -30.54
CA SER X 116 15.72 -47.41 -29.47
C SER X 116 16.70 -46.55 -28.67
N ALA X 117 17.76 -46.08 -29.32
CA ALA X 117 18.78 -45.29 -28.65
C ALA X 117 18.45 -43.80 -28.62
N GLY X 118 17.41 -43.36 -29.32
CA GLY X 118 17.05 -41.95 -29.28
C GLY X 118 16.47 -41.56 -27.94
N ARG X 119 16.79 -40.35 -27.50
CA ARG X 119 16.34 -39.82 -26.22
C ARG X 119 15.84 -38.40 -26.40
N ILE X 120 14.74 -38.07 -25.71
CA ILE X 120 14.19 -36.73 -25.67
C ILE X 120 13.99 -36.34 -24.22
N VAL X 121 14.55 -35.20 -23.83
CA VAL X 121 14.50 -34.72 -22.45
C VAL X 121 13.91 -33.32 -22.44
N SER X 122 12.95 -33.09 -21.54
CA SER X 122 12.33 -31.78 -21.35
C SER X 122 12.67 -31.26 -19.96
N PHE X 123 12.82 -29.95 -19.85
CA PHE X 123 13.22 -29.29 -18.62
C PHE X 123 12.16 -28.30 -18.17
N ASP X 124 11.99 -28.18 -16.86
CA ASP X 124 11.03 -27.28 -16.25
C ASP X 124 11.71 -25.96 -15.89
N ALA X 125 10.90 -25.00 -15.42
CA ALA X 125 11.43 -23.70 -15.04
C ALA X 125 12.25 -23.77 -13.75
N ALA X 126 11.97 -24.76 -12.91
CA ALA X 126 12.67 -24.92 -11.64
C ALA X 126 13.89 -25.83 -11.73
N GLY X 127 14.21 -26.33 -12.92
CA GLY X 127 15.36 -27.21 -13.11
C GLY X 127 15.04 -28.68 -13.18
N GLY X 128 13.77 -29.06 -12.99
CA GLY X 128 13.40 -30.47 -13.09
C GLY X 128 13.43 -30.96 -14.53
N TRP X 129 13.83 -32.21 -14.69
CA TRP X 129 13.94 -32.82 -16.01
C TRP X 129 13.16 -34.14 -16.03
N ASN X 130 12.62 -34.46 -17.20
CA ASN X 130 11.89 -35.71 -17.40
C ASN X 130 12.23 -36.26 -18.78
N ILE X 131 12.51 -37.56 -18.85
CA ILE X 131 12.84 -38.21 -20.12
C ILE X 131 11.54 -38.50 -20.86
N GLU X 132 11.42 -37.97 -22.08
CA GLU X 132 10.21 -38.16 -22.86
C GLU X 132 10.19 -39.56 -23.47
N GLU X 133 9.04 -40.22 -23.37
CA GLU X 133 8.89 -41.59 -23.84
C GLU X 133 7.63 -41.83 -24.68
N GLU X 134 6.76 -40.82 -24.83
CA GLU X 134 5.63 -40.96 -25.73
C GLU X 134 6.03 -40.91 -27.19
N GLY X 135 7.28 -40.54 -27.48
CA GLY X 135 7.78 -40.48 -28.83
C GLY X 135 7.89 -39.07 -29.40
N TYR X 136 7.40 -38.06 -28.69
CA TYR X 136 7.44 -36.70 -29.19
C TYR X 136 7.33 -35.73 -28.02
N GLN X 137 7.79 -34.49 -28.26
CA GLN X 137 7.70 -33.43 -27.27
C GLN X 137 7.92 -32.09 -27.97
N ALA X 138 7.19 -31.08 -27.53
CA ALA X 138 7.29 -29.74 -28.09
C ALA X 138 7.37 -28.72 -26.97
N VAL X 139 8.11 -27.64 -27.23
CA VAL X 139 8.26 -26.55 -26.28
C VAL X 139 8.05 -25.23 -27.02
N GLY X 140 7.67 -24.21 -26.27
CA GLY X 140 7.44 -22.88 -26.80
C GLY X 140 6.02 -22.41 -26.55
N SER X 141 5.69 -21.27 -27.17
CA SER X 141 4.36 -20.71 -27.01
C SER X 141 3.30 -21.59 -27.65
N GLY X 142 3.57 -22.13 -28.83
CA GLY X 142 2.62 -22.97 -29.52
C GLY X 142 2.90 -24.44 -29.34
N SER X 143 3.35 -24.82 -28.14
CA SER X 143 3.71 -26.21 -27.89
C SER X 143 2.49 -27.13 -27.86
N LEU X 144 1.36 -26.62 -27.36
CA LEU X 144 0.17 -27.46 -27.22
C LEU X 144 -0.39 -27.89 -28.58
N PHE X 145 -0.49 -26.94 -29.52
CA PHE X 145 -1.00 -27.26 -30.84
C PHE X 145 -0.10 -28.26 -31.55
N ALA X 146 1.22 -28.04 -31.49
CA ALA X 146 2.16 -28.97 -32.11
C ALA X 146 2.09 -30.34 -31.47
N LYS X 147 1.94 -30.39 -30.14
CA LYS X 147 1.84 -31.68 -29.46
C LYS X 147 0.58 -32.43 -29.86
N SER X 148 -0.54 -31.73 -29.99
CA SER X 148 -1.77 -32.39 -30.45
C SER X 148 -1.61 -32.90 -31.89
N SER X 149 -1.01 -32.08 -32.76
CA SER X 149 -0.80 -32.49 -34.14
C SER X 149 0.10 -33.72 -34.21
N MET X 150 1.17 -33.75 -33.40
CA MET X 150 2.03 -34.92 -33.37
C MET X 150 1.32 -36.13 -32.77
N LYS X 151 0.44 -35.90 -31.78
CA LYS X 151 -0.35 -37.01 -31.24
C LYS X 151 -1.17 -37.67 -32.33
N LYS X 152 -1.79 -36.87 -33.20
CA LYS X 152 -2.55 -37.48 -34.29
C LYS X 152 -1.66 -38.03 -35.41
N LEU X 153 -0.50 -37.43 -35.65
CA LEU X 153 0.31 -37.77 -36.82
C LEU X 153 1.44 -38.76 -36.55
N TYR X 154 1.62 -39.20 -35.30
CA TYR X 154 2.75 -40.06 -34.99
C TYR X 154 2.60 -41.47 -35.56
N SER X 155 1.39 -41.86 -35.99
CA SER X 155 1.18 -43.20 -36.51
C SER X 155 1.81 -43.41 -37.87
N GLN X 156 2.23 -42.35 -38.56
CA GLN X 156 2.81 -42.45 -39.90
C GLN X 156 4.32 -42.35 -39.89
N VAL X 157 4.95 -42.38 -38.72
CA VAL X 157 6.41 -42.26 -38.62
C VAL X 157 7.02 -43.65 -38.72
N THR X 158 7.84 -43.84 -39.75
CA THR X 158 8.49 -45.14 -39.97
C THR X 158 10.00 -44.98 -40.12
N ASP X 159 10.44 -43.84 -40.64
CA ASP X 159 11.85 -43.61 -40.90
C ASP X 159 12.14 -42.12 -40.73
N GLY X 160 13.33 -41.70 -41.17
CA GLY X 160 13.74 -40.31 -40.99
C GLY X 160 12.91 -39.33 -41.77
N ASP X 161 12.61 -39.65 -43.03
CA ASP X 161 11.82 -38.73 -43.87
C ASP X 161 10.42 -38.56 -43.31
N SER X 162 9.80 -39.66 -42.86
CA SER X 162 8.47 -39.56 -42.26
C SER X 162 8.48 -38.70 -41.01
N GLY X 163 9.49 -38.88 -40.16
CA GLY X 163 9.59 -38.06 -38.97
C GLY X 163 9.80 -36.59 -39.29
N LEU X 164 10.64 -36.30 -40.29
CA LEU X 164 10.85 -34.92 -40.71
C LEU X 164 9.56 -34.30 -41.23
N ARG X 165 8.81 -35.05 -42.05
CA ARG X 165 7.55 -34.55 -42.56
C ARG X 165 6.56 -34.29 -41.44
N VAL X 166 6.49 -35.19 -40.47
CA VAL X 166 5.59 -35.00 -39.33
C VAL X 166 5.99 -33.76 -38.52
N ALA X 167 7.30 -33.57 -38.31
CA ALA X 167 7.76 -32.40 -37.58
C ALA X 167 7.41 -31.11 -38.32
N VAL X 168 7.61 -31.10 -39.63
CA VAL X 168 7.30 -29.90 -40.42
C VAL X 168 5.80 -29.62 -40.39
N GLU X 169 4.98 -30.66 -40.49
CA GLU X 169 3.54 -30.48 -40.43
C GLU X 169 3.10 -29.97 -39.06
N ALA X 170 3.70 -30.48 -37.99
CA ALA X 170 3.38 -30.00 -36.65
C ALA X 170 3.77 -28.54 -36.48
N LEU X 171 4.94 -28.15 -37.00
CA LEU X 171 5.34 -26.75 -36.95
C LEU X 171 4.37 -25.87 -37.74
N TYR X 172 3.92 -26.35 -38.90
CA TYR X 172 2.96 -25.60 -39.70
C TYR X 172 1.65 -25.42 -38.95
N ASP X 173 1.17 -26.49 -38.29
CA ASP X 173 -0.05 -26.39 -37.51
C ASP X 173 0.11 -25.41 -36.35
N ALA X 174 1.25 -25.46 -35.66
CA ALA X 174 1.50 -24.53 -34.56
C ALA X 174 1.53 -23.09 -35.05
N ALA X 175 2.16 -22.85 -36.21
CA ALA X 175 2.18 -21.51 -36.77
C ALA X 175 0.78 -21.06 -37.19
N ASP X 176 -0.03 -21.98 -37.70
CA ASP X 176 -1.40 -21.65 -38.07
C ASP X 176 -2.22 -21.27 -36.85
N ASP X 177 -2.06 -22.00 -35.75
CA ASP X 177 -2.87 -21.78 -34.56
C ASP X 177 -2.29 -20.74 -33.60
N ASP X 178 -1.06 -20.26 -33.84
CA ASP X 178 -0.42 -19.30 -32.95
C ASP X 178 0.14 -18.15 -33.77
N SER X 179 -0.13 -16.92 -33.33
CA SER X 179 0.35 -15.75 -34.03
C SER X 179 1.81 -15.41 -33.71
N ALA X 180 2.37 -16.00 -32.67
CA ALA X 180 3.77 -15.78 -32.31
C ALA X 180 4.72 -16.75 -32.99
N THR X 181 4.19 -17.72 -33.74
CA THR X 181 4.99 -18.71 -34.46
C THR X 181 4.96 -18.39 -35.94
N GLY X 182 6.13 -18.35 -36.57
CA GLY X 182 6.23 -18.04 -37.98
C GLY X 182 6.22 -19.26 -38.87
N GLY X 183 5.30 -19.31 -39.83
CA GLY X 183 5.23 -20.41 -40.76
C GLY X 183 6.22 -20.26 -41.90
N PRO X 184 6.15 -21.21 -42.83
CA PRO X 184 7.03 -21.13 -44.00
C PRO X 184 6.78 -19.87 -44.81
N ASP X 185 7.86 -19.29 -45.32
CA ASP X 185 7.81 -18.05 -46.10
C ASP X 185 8.06 -18.38 -47.56
N LEU X 186 7.01 -18.28 -48.38
CA LEU X 186 7.13 -18.53 -49.81
C LEU X 186 7.57 -17.31 -50.61
N VAL X 187 7.64 -16.14 -49.97
CA VAL X 187 8.07 -14.93 -50.66
C VAL X 187 9.56 -14.69 -50.47
N ARG X 188 10.03 -14.72 -49.23
CA ARG X 188 11.44 -14.52 -48.92
C ARG X 188 12.23 -15.83 -48.91
N GLY X 189 11.57 -16.96 -49.08
CA GLY X 189 12.25 -18.25 -49.07
C GLY X 189 12.86 -18.63 -47.73
N ILE X 190 12.14 -18.41 -46.64
CA ILE X 190 12.60 -18.75 -45.30
C ILE X 190 11.81 -19.97 -44.82
N PHE X 191 12.54 -20.99 -44.38
CA PHE X 191 11.96 -22.25 -43.94
C PHE X 191 12.57 -22.68 -42.62
N PRO X 192 11.84 -23.44 -41.81
CA PRO X 192 12.39 -23.89 -40.52
C PRO X 192 13.61 -24.77 -40.70
N THR X 193 14.52 -24.70 -39.71
CA THR X 193 15.74 -25.49 -39.71
C THR X 193 15.52 -26.76 -38.90
N ALA X 194 16.13 -27.86 -39.37
CA ALA X 194 15.98 -29.16 -38.73
C ALA X 194 17.35 -29.82 -38.57
N VAL X 195 17.47 -30.65 -37.54
CA VAL X 195 18.70 -31.39 -37.26
C VAL X 195 18.32 -32.86 -37.06
N ILE X 196 19.05 -33.74 -37.75
CA ILE X 196 18.82 -35.18 -37.67
C ILE X 196 20.03 -35.82 -36.99
N ILE X 197 19.76 -36.60 -35.93
CA ILE X 197 20.81 -37.30 -35.18
C ILE X 197 20.56 -38.79 -35.32
N ASP X 198 21.60 -39.52 -35.74
CA ASP X 198 21.53 -40.97 -35.91
C ASP X 198 22.83 -41.57 -35.42
N ALA X 199 23.06 -42.84 -35.76
CA ALA X 199 24.27 -43.53 -35.31
C ALA X 199 25.53 -42.93 -35.90
N ASP X 200 25.44 -42.24 -37.03
CA ASP X 200 26.60 -41.62 -37.66
C ASP X 200 26.90 -40.22 -37.11
N GLY X 201 26.05 -39.68 -36.27
CA GLY X 201 26.24 -38.36 -35.70
C GLY X 201 25.09 -37.43 -36.02
N ALA X 202 25.25 -36.18 -35.59
CA ALA X 202 24.25 -35.15 -35.81
C ALA X 202 24.62 -34.32 -37.03
N VAL X 203 23.68 -34.17 -37.96
CA VAL X 203 23.88 -33.41 -39.19
C VAL X 203 22.75 -32.41 -39.33
N ASP X 204 22.98 -31.41 -40.19
CA ASP X 204 22.01 -30.37 -40.46
C ASP X 204 21.24 -30.70 -41.75
N VAL X 205 19.92 -30.65 -41.67
CA VAL X 205 19.09 -30.94 -42.83
C VAL X 205 19.21 -29.81 -43.84
N PRO X 206 19.47 -30.10 -45.12
CA PRO X 206 19.54 -29.02 -46.12
C PRO X 206 18.19 -28.34 -46.28
N GLU X 207 18.24 -27.05 -46.63
CA GLU X 207 17.03 -26.26 -46.76
C GLU X 207 16.14 -26.74 -47.91
N SER X 208 16.71 -27.40 -48.92
CA SER X 208 15.91 -27.85 -50.06
C SER X 208 14.87 -28.87 -49.66
N ARG X 209 15.25 -29.85 -48.84
CA ARG X 209 14.30 -30.87 -48.42
C ARG X 209 13.16 -30.28 -47.61
N ILE X 210 13.48 -29.36 -46.70
CA ILE X 210 12.45 -28.70 -45.90
C ILE X 210 11.55 -27.86 -46.79
N ALA X 211 12.12 -27.22 -47.81
CA ALA X 211 11.32 -26.42 -48.73
C ALA X 211 10.34 -27.31 -49.49
N GLU X 212 10.80 -28.45 -50.00
CA GLU X 212 9.90 -29.35 -50.72
C GLU X 212 8.81 -29.89 -49.79
N LEU X 213 9.18 -30.25 -48.56
CA LEU X 213 8.18 -30.77 -47.63
C LEU X 213 7.13 -29.71 -47.31
N ALA X 214 7.56 -28.48 -47.07
CA ALA X 214 6.62 -27.40 -46.78
C ALA X 214 5.71 -27.11 -47.97
N ARG X 215 6.29 -27.11 -49.18
CA ARG X 215 5.47 -26.88 -50.37
C ARG X 215 4.44 -27.99 -50.56
N ALA X 216 4.85 -29.25 -50.34
CA ALA X 216 3.90 -30.35 -50.46
C ALA X 216 2.80 -30.25 -49.42
N ILE X 217 3.14 -29.89 -48.18
CA ILE X 217 2.13 -29.74 -47.14
C ILE X 217 1.16 -28.62 -47.48
N ILE X 218 1.68 -27.49 -47.96
CA ILE X 218 0.82 -26.37 -48.34
C ILE X 218 -0.11 -26.77 -49.48
N GLU X 219 0.42 -27.47 -50.47
CA GLU X 219 -0.42 -27.92 -51.58
C GLU X 219 -1.50 -28.88 -51.12
N SER X 220 -1.15 -29.80 -50.21
CA SER X 220 -2.14 -30.74 -49.68
C SER X 220 -3.23 -30.01 -48.89
N ARG X 221 -2.85 -29.02 -48.09
CA ARG X 221 -3.82 -28.28 -47.29
C ARG X 221 -4.73 -27.41 -48.14
N SER X 222 -4.32 -27.07 -49.36
CA SER X 222 -5.13 -26.23 -50.24
C SER X 222 -6.34 -26.99 -50.78
N ALA Y 1 16.00 11.39 -31.39
CA ALA Y 1 17.19 10.57 -31.65
C ALA Y 1 16.89 9.46 -32.64
N THR Y 2 17.57 9.47 -33.78
CA THR Y 2 17.41 8.45 -34.79
C THR Y 2 18.74 8.22 -35.50
N ILE Y 3 19.16 6.97 -35.57
CA ILE Y 3 20.39 6.58 -36.26
C ILE Y 3 20.06 5.48 -37.25
N VAL Y 4 20.49 5.67 -38.50
CA VAL Y 4 20.19 4.73 -39.57
C VAL Y 4 21.49 4.20 -40.16
N ALA Y 5 21.43 2.99 -40.71
CA ALA Y 5 22.58 2.37 -41.35
C ALA Y 5 22.08 1.37 -42.37
N LEU Y 6 22.63 1.41 -43.58
CA LEU Y 6 22.23 0.50 -44.65
C LEU Y 6 23.47 0.04 -45.40
N LYS Y 7 23.32 -1.09 -46.10
CA LYS Y 7 24.42 -1.73 -46.80
C LYS Y 7 24.32 -1.47 -48.30
N TYR Y 8 25.44 -1.13 -48.91
CA TYR Y 8 25.57 -0.93 -50.33
C TYR Y 8 26.74 -1.77 -50.84
N PRO Y 9 26.73 -2.15 -52.13
CA PRO Y 9 27.82 -2.97 -52.66
C PRO Y 9 29.19 -2.34 -52.49
N GLY Y 10 30.05 -2.96 -51.69
CA GLY Y 10 31.39 -2.47 -51.46
C GLY Y 10 31.61 -1.67 -50.19
N GLY Y 11 30.62 -1.58 -49.31
CA GLY Y 11 30.80 -0.83 -48.09
C GLY Y 11 29.52 -0.76 -47.29
N VAL Y 12 29.51 0.17 -46.33
CA VAL Y 12 28.36 0.38 -45.47
C VAL Y 12 28.37 1.84 -45.00
N VAL Y 13 27.19 2.43 -44.90
CA VAL Y 13 27.04 3.81 -44.48
C VAL Y 13 26.31 3.86 -43.14
N MET Y 14 26.50 4.97 -42.43
CA MET Y 14 25.91 5.14 -41.10
C MET Y 14 25.70 6.63 -40.86
N ALA Y 15 24.51 6.98 -40.37
CA ALA Y 15 24.18 8.39 -40.15
C ALA Y 15 23.21 8.49 -38.98
N GLY Y 16 23.14 9.69 -38.40
CA GLY Y 16 22.27 9.95 -37.27
C GLY Y 16 21.91 11.43 -37.20
N ASP Y 17 20.89 11.71 -36.40
CA ASP Y 17 20.40 13.07 -36.25
C ASP Y 17 21.26 13.86 -35.27
N ARG Y 18 20.90 15.12 -35.06
CA ARG Y 18 21.65 16.05 -34.22
C ARG Y 18 20.73 16.80 -33.26
N ARG Y 19 19.84 16.07 -32.59
CA ARG Y 19 18.91 16.70 -31.66
C ARG Y 19 18.97 16.01 -30.30
N SER Y 20 19.03 16.82 -29.25
CA SER Y 20 18.93 16.35 -27.87
C SER Y 20 17.80 17.10 -27.18
N THR Y 21 16.89 16.36 -26.56
CA THR Y 21 15.69 16.93 -25.97
C THR Y 21 15.57 16.46 -24.53
N GLN Y 22 15.35 17.41 -23.61
CA GLN Y 22 15.14 17.12 -22.20
C GLN Y 22 13.63 17.14 -21.93
N GLY Y 23 12.97 16.03 -22.23
CA GLY Y 23 11.54 15.94 -22.08
C GLY Y 23 10.80 16.42 -23.31
N ASN Y 24 10.36 17.68 -23.29
CA ASN Y 24 9.75 18.32 -24.45
C ASN Y 24 10.48 19.58 -24.88
N MET Y 25 11.49 20.02 -24.13
CA MET Y 25 12.26 21.20 -24.45
C MET Y 25 13.56 20.81 -25.15
N ILE Y 26 13.92 21.56 -26.19
CA ILE Y 26 15.12 21.29 -26.96
C ILE Y 26 16.34 21.79 -26.20
N SER Y 27 17.32 20.90 -26.00
CA SER Y 27 18.56 21.23 -25.31
C SER Y 27 19.76 21.35 -26.24
N GLY Y 28 19.86 20.51 -27.25
CA GLY Y 28 20.96 20.56 -28.18
C GLY Y 28 20.47 20.59 -29.62
N ARG Y 29 21.30 21.19 -30.48
CA ARG Y 29 20.96 21.37 -31.88
C ARG Y 29 21.94 20.73 -32.86
N ASP Y 30 23.15 20.38 -32.41
CA ASP Y 30 24.13 19.74 -33.28
C ASP Y 30 24.86 18.60 -32.54
N VAL Y 31 24.12 17.83 -31.76
CA VAL Y 31 24.72 16.76 -30.97
C VAL Y 31 25.20 15.65 -31.91
N ARG Y 32 26.43 15.19 -31.68
CA ARG Y 32 27.02 14.12 -32.49
C ARG Y 32 26.79 12.77 -31.81
N LYS Y 33 26.25 11.82 -32.56
CA LYS Y 33 25.92 10.51 -32.03
C LYS Y 33 26.58 9.36 -32.77
N VAL Y 34 27.31 9.64 -33.85
CA VAL Y 34 28.01 8.61 -34.62
C VAL Y 34 29.50 8.78 -34.38
N TYR Y 35 30.16 7.72 -33.94
CA TYR Y 35 31.58 7.75 -33.59
C TYR Y 35 32.31 6.61 -34.29
N ILE Y 36 33.60 6.81 -34.51
CA ILE Y 36 34.47 5.82 -35.14
C ILE Y 36 35.33 5.20 -34.06
N THR Y 37 35.18 3.88 -33.86
CA THR Y 37 35.95 3.20 -32.84
C THR Y 37 37.36 2.87 -33.33
N ASP Y 38 37.47 2.24 -34.49
CA ASP Y 38 38.76 1.96 -35.10
C ASP Y 38 38.59 1.97 -36.62
N ASP Y 39 39.55 1.37 -37.33
CA ASP Y 39 39.67 1.60 -38.76
C ASP Y 39 38.45 1.10 -39.54
N TYR Y 40 37.92 -0.07 -39.18
CA TYR Y 40 36.96 -0.76 -40.05
C TYR Y 40 35.58 -0.93 -39.42
N THR Y 41 35.22 -0.12 -38.44
CA THR Y 41 33.85 -0.14 -37.94
C THR Y 41 33.56 1.15 -37.20
N ALA Y 42 32.27 1.51 -37.16
CA ALA Y 42 31.78 2.68 -36.45
C ALA Y 42 30.52 2.29 -35.67
N THR Y 43 30.27 3.01 -34.58
CA THR Y 43 29.14 2.70 -33.71
C THR Y 43 28.29 3.95 -33.50
N GLY Y 44 27.02 3.71 -33.18
CA GLY Y 44 26.09 4.78 -32.87
C GLY Y 44 25.13 4.38 -31.77
N ILE Y 45 25.04 5.20 -30.73
CA ILE Y 45 24.26 4.89 -29.54
C ILE Y 45 23.12 5.90 -29.42
N ALA Y 46 21.90 5.40 -29.21
CA ALA Y 46 20.72 6.24 -29.03
C ALA Y 46 20.22 6.08 -27.61
N GLY Y 47 19.93 7.21 -26.96
CA GLY Y 47 19.46 7.19 -25.59
C GLY Y 47 20.08 8.29 -24.74
N THR Y 48 20.44 7.95 -23.51
CA THR Y 48 21.08 8.92 -22.63
C THR Y 48 22.49 9.23 -23.14
N ALA Y 49 22.78 10.52 -23.30
CA ALA Y 49 24.10 10.93 -23.81
C ALA Y 49 25.20 10.56 -22.83
N ALA Y 50 24.97 10.76 -21.53
CA ALA Y 50 25.99 10.47 -20.53
C ALA Y 50 26.44 9.02 -20.59
N VAL Y 51 25.53 8.11 -20.92
CA VAL Y 51 25.91 6.70 -21.08
C VAL Y 51 26.47 6.46 -22.48
N ALA Y 52 25.99 7.19 -23.48
CA ALA Y 52 26.40 6.94 -24.86
C ALA Y 52 27.87 7.27 -25.08
N VAL Y 53 28.29 8.47 -24.64
CA VAL Y 53 29.69 8.85 -24.82
C VAL Y 53 30.61 7.93 -24.03
N GLU Y 54 30.19 7.57 -22.81
CA GLU Y 54 30.99 6.65 -22.00
C GLU Y 54 31.14 5.29 -22.69
N PHE Y 55 30.04 4.77 -23.25
CA PHE Y 55 30.11 3.49 -23.95
C PHE Y 55 31.02 3.57 -25.16
N ALA Y 56 30.91 4.64 -25.94
CA ALA Y 56 31.78 4.78 -27.11
C ALA Y 56 33.24 4.82 -26.72
N ARG Y 57 33.59 5.66 -25.73
CA ARG Y 57 34.97 5.76 -25.30
C ARG Y 57 35.48 4.42 -24.75
N LEU Y 58 34.66 3.75 -23.92
CA LEU Y 58 35.10 2.49 -23.33
C LEU Y 58 35.30 1.42 -24.41
N TYR Y 59 34.41 1.35 -25.40
CA TYR Y 59 34.54 0.37 -26.46
C TYR Y 59 35.82 0.61 -27.26
N ALA Y 60 36.07 1.87 -27.61
CA ALA Y 60 37.30 2.19 -28.35
C ALA Y 60 38.54 1.86 -27.53
N VAL Y 61 38.53 2.20 -26.23
CA VAL Y 61 39.67 1.92 -25.37
C VAL Y 61 39.92 0.42 -25.27
N GLU Y 62 38.86 -0.37 -25.10
CA GLU Y 62 39.03 -1.81 -24.99
C GLU Y 62 39.58 -2.41 -26.27
N LEU Y 63 39.06 -1.96 -27.42
CA LEU Y 63 39.57 -2.47 -28.70
C LEU Y 63 41.04 -2.14 -28.87
N GLU Y 64 41.42 -0.88 -28.58
CA GLU Y 64 42.82 -0.49 -28.72
C GLU Y 64 43.71 -1.24 -27.74
N HIS Y 65 43.22 -1.47 -26.52
CA HIS Y 65 44.00 -2.20 -25.52
C HIS Y 65 44.26 -3.63 -25.97
N TYR Y 66 43.22 -4.30 -26.49
CA TYR Y 66 43.41 -5.67 -26.97
C TYR Y 66 44.37 -5.69 -28.16
N GLU Y 67 44.22 -4.74 -29.09
CA GLU Y 67 45.09 -4.71 -30.26
C GLU Y 67 46.54 -4.50 -29.85
N LYS Y 68 46.78 -3.63 -28.87
CA LYS Y 68 48.15 -3.39 -28.41
C LYS Y 68 48.71 -4.59 -27.66
N LEU Y 69 47.88 -5.26 -26.85
CA LEU Y 69 48.37 -6.38 -26.06
C LEU Y 69 48.70 -7.58 -26.94
N GLU Y 70 47.79 -7.95 -27.84
CA GLU Y 70 47.98 -9.15 -28.63
C GLU Y 70 48.69 -8.91 -29.95
N GLY Y 71 48.76 -7.66 -30.41
CA GLY Y 71 49.43 -7.35 -31.66
C GLY Y 71 48.59 -7.54 -32.91
N VAL Y 72 47.37 -8.05 -32.78
CA VAL Y 72 46.48 -8.23 -33.93
C VAL Y 72 45.10 -7.72 -33.55
N PRO Y 73 44.34 -7.17 -34.50
CA PRO Y 73 42.98 -6.70 -34.17
C PRO Y 73 42.03 -7.86 -33.89
N LEU Y 74 41.01 -7.57 -33.09
CA LEU Y 74 39.99 -8.56 -32.79
C LEU Y 74 39.18 -8.90 -34.03
N THR Y 75 38.69 -10.14 -34.06
CA THR Y 75 37.76 -10.52 -35.12
C THR Y 75 36.41 -9.84 -34.90
N PHE Y 76 35.58 -9.86 -35.94
CA PHE Y 76 34.27 -9.21 -35.85
C PHE Y 76 33.40 -9.88 -34.79
N ALA Y 77 33.46 -11.20 -34.70
CA ALA Y 77 32.69 -11.91 -33.69
C ALA Y 77 33.14 -11.52 -32.28
N GLY Y 78 34.46 -11.36 -32.08
CA GLY Y 78 34.95 -10.91 -30.80
C GLY Y 78 34.47 -9.52 -30.44
N LYS Y 79 34.47 -8.62 -31.43
CA LYS Y 79 33.96 -7.26 -31.18
C LYS Y 79 32.48 -7.29 -30.82
N ILE Y 80 31.69 -8.11 -31.52
CA ILE Y 80 30.27 -8.24 -31.21
C ILE Y 80 30.09 -8.78 -29.80
N ASN Y 81 30.88 -9.79 -29.42
CA ASN Y 81 30.77 -10.35 -28.07
C ASN Y 81 31.12 -9.31 -27.01
N ARG Y 82 32.18 -8.53 -27.23
CA ARG Y 82 32.56 -7.50 -26.28
C ARG Y 82 31.47 -6.45 -26.13
N LEU Y 83 30.91 -6.01 -27.26
CA LEU Y 83 29.84 -5.01 -27.19
C LEU Y 83 28.60 -5.57 -26.50
N ALA Y 84 28.27 -6.83 -26.77
CA ALA Y 84 27.12 -7.46 -26.12
C ALA Y 84 27.33 -7.57 -24.62
N ILE Y 85 28.54 -7.93 -24.19
CA ILE Y 85 28.84 -7.99 -22.77
C ILE Y 85 28.71 -6.61 -22.14
N MET Y 86 29.24 -5.58 -22.81
CA MET Y 86 29.13 -4.22 -22.29
C MET Y 86 27.67 -3.79 -22.14
N VAL Y 87 26.85 -4.11 -23.14
CA VAL Y 87 25.43 -3.76 -23.07
C VAL Y 87 24.74 -4.52 -21.95
N ARG Y 88 25.03 -5.81 -21.82
CA ARG Y 88 24.39 -6.64 -20.79
C ARG Y 88 24.77 -6.18 -19.39
N GLY Y 89 25.99 -5.69 -19.21
CA GLY Y 89 26.42 -5.25 -17.89
C GLY Y 89 25.74 -4.00 -17.38
N ASN Y 90 24.93 -3.33 -18.21
CA ASN Y 90 24.26 -2.09 -17.83
C ASN Y 90 22.74 -2.28 -17.72
N LEU Y 91 22.28 -3.52 -17.52
CA LEU Y 91 20.86 -3.80 -17.53
C LEU Y 91 20.16 -3.17 -16.32
N ALA Y 92 20.81 -3.18 -15.16
CA ALA Y 92 20.19 -2.57 -13.98
C ALA Y 92 20.02 -1.07 -14.16
N ALA Y 93 21.06 -0.39 -14.65
CA ALA Y 93 20.96 1.05 -14.92
C ALA Y 93 19.92 1.33 -15.99
N ALA Y 94 19.80 0.47 -17.00
CA ALA Y 94 18.76 0.63 -18.01
C ALA Y 94 17.38 0.48 -17.38
N MET Y 95 17.23 -0.46 -16.45
CA MET Y 95 15.95 -0.63 -15.75
C MET Y 95 15.60 0.61 -14.95
N GLN Y 96 16.60 1.22 -14.28
CA GLN Y 96 16.34 2.46 -13.57
C GLN Y 96 15.95 3.59 -14.52
N GLY Y 97 16.51 3.59 -15.73
CA GLY Y 97 16.20 4.63 -16.70
C GLY Y 97 17.37 5.05 -17.55
N LEU Y 98 18.57 4.59 -17.20
CA LEU Y 98 19.78 4.91 -17.96
C LEU Y 98 19.97 3.88 -19.07
N LEU Y 99 19.14 4.01 -20.10
CA LEU Y 99 19.11 3.08 -21.22
C LEU Y 99 19.92 3.61 -22.39
N ALA Y 100 20.70 2.73 -23.01
CA ALA Y 100 21.51 3.09 -24.17
C ALA Y 100 21.56 1.89 -25.11
N LEU Y 101 20.99 2.05 -26.30
CA LEU Y 101 20.95 0.98 -27.29
C LEU Y 101 21.89 1.31 -28.44
N PRO Y 102 23.04 0.66 -28.54
CA PRO Y 102 23.98 0.97 -29.62
C PRO Y 102 23.65 0.24 -30.91
N LEU Y 103 24.18 0.79 -32.01
CA LEU Y 103 24.08 0.19 -33.33
C LEU Y 103 25.48 0.07 -33.90
N LEU Y 104 25.82 -1.12 -34.38
CA LEU Y 104 27.17 -1.41 -34.87
C LEU Y 104 27.15 -1.67 -36.37
N ALA Y 105 28.02 -0.97 -37.10
CA ALA Y 105 28.20 -1.18 -38.52
C ALA Y 105 29.70 -1.24 -38.80
N GLY Y 106 30.12 -2.25 -39.56
CA GLY Y 106 31.54 -2.44 -39.82
C GLY Y 106 31.78 -3.16 -41.12
N TYR Y 107 33.07 -3.24 -41.48
CA TYR Y 107 33.52 -3.90 -42.70
C TYR Y 107 34.42 -5.07 -42.32
N ASP Y 108 34.12 -6.24 -42.86
CA ASP Y 108 34.87 -7.46 -42.55
C ASP Y 108 35.97 -7.64 -43.60
N ILE Y 109 37.22 -7.45 -43.20
CA ILE Y 109 38.34 -7.63 -44.12
C ILE Y 109 38.71 -9.09 -44.32
N HIS Y 110 38.15 -10.00 -43.54
CA HIS Y 110 38.42 -11.43 -43.65
C HIS Y 110 37.27 -12.17 -44.32
N ALA Y 111 36.63 -11.55 -45.30
CA ALA Y 111 35.50 -12.15 -46.01
C ALA Y 111 35.92 -12.51 -47.43
N SER Y 112 35.34 -13.61 -47.93
CA SER Y 112 35.67 -14.07 -49.27
C SER Y 112 35.24 -13.06 -50.33
N ASP Y 113 34.05 -12.48 -50.18
CA ASP Y 113 33.52 -11.54 -51.16
C ASP Y 113 33.64 -10.12 -50.61
N PRO Y 114 34.53 -9.29 -51.17
CA PRO Y 114 34.61 -7.90 -50.67
C PRO Y 114 33.31 -7.11 -50.86
N GLN Y 115 32.54 -7.41 -51.91
CA GLN Y 115 31.31 -6.66 -52.17
C GLN Y 115 30.24 -6.93 -51.11
N SER Y 116 30.29 -8.07 -50.42
CA SER Y 116 29.34 -8.42 -49.39
C SER Y 116 29.98 -8.46 -48.01
N ALA Y 117 31.02 -7.66 -47.80
CA ALA Y 117 31.74 -7.66 -46.53
C ALA Y 117 31.13 -6.71 -45.51
N GLY Y 118 30.14 -5.90 -45.89
CA GLY Y 118 29.51 -5.02 -44.94
C GLY Y 118 28.65 -5.79 -43.95
N ARG Y 119 28.66 -5.33 -42.70
CA ARG Y 119 27.90 -5.96 -41.63
C ARG Y 119 27.17 -4.91 -40.81
N ILE Y 120 25.94 -5.23 -40.43
CA ILE Y 120 25.13 -4.38 -39.55
C ILE Y 120 24.62 -5.24 -38.41
N VAL Y 121 24.87 -4.79 -37.18
CA VAL Y 121 24.50 -5.53 -35.97
C VAL Y 121 23.65 -4.63 -35.10
N SER Y 122 22.53 -5.16 -34.61
CA SER Y 122 21.65 -4.46 -33.68
C SER Y 122 21.64 -5.18 -32.34
N PHE Y 123 21.50 -4.40 -31.27
CA PHE Y 123 21.56 -4.93 -29.91
C PHE Y 123 20.27 -4.62 -29.17
N ASP Y 124 19.87 -5.54 -28.31
CA ASP Y 124 18.66 -5.42 -27.51
C ASP Y 124 19.00 -4.84 -26.13
N ALA Y 125 17.95 -4.57 -25.34
CA ALA Y 125 18.15 -4.01 -24.01
C ALA Y 125 18.74 -5.03 -23.06
N ALA Y 126 18.53 -6.32 -23.31
CA ALA Y 126 19.03 -7.39 -22.45
C ALA Y 126 20.41 -7.90 -22.87
N GLY Y 127 21.01 -7.32 -23.90
CA GLY Y 127 22.32 -7.74 -24.37
C GLY Y 127 22.31 -8.65 -25.57
N GLY Y 128 21.13 -9.04 -26.06
CA GLY Y 128 21.07 -9.89 -27.24
C GLY Y 128 21.43 -9.11 -28.50
N TRP Y 129 22.08 -9.79 -29.44
CA TRP Y 129 22.52 -9.20 -30.68
C TRP Y 129 22.04 -10.03 -31.85
N ASN Y 130 21.77 -9.36 -32.97
CA ASN Y 130 21.35 -10.01 -34.20
C ASN Y 130 22.01 -9.32 -35.38
N ILE Y 131 22.54 -10.11 -36.31
CA ILE Y 131 23.20 -9.57 -37.49
C ILE Y 131 22.13 -9.21 -38.51
N GLU Y 132 22.11 -7.93 -38.91
CA GLU Y 132 21.11 -7.46 -39.86
C GLU Y 132 21.47 -7.91 -41.28
N GLU Y 133 20.47 -8.42 -41.99
CA GLU Y 133 20.66 -8.95 -43.33
C GLU Y 133 19.63 -8.48 -44.35
N GLU Y 134 18.62 -7.72 -43.94
CA GLU Y 134 17.69 -7.13 -44.89
C GLU Y 134 18.31 -5.98 -45.67
N GLY Y 135 19.50 -5.51 -45.27
CA GLY Y 135 20.18 -4.43 -45.94
C GLY Y 135 20.11 -3.09 -45.24
N TYR Y 136 19.32 -2.98 -44.17
CA TYR Y 136 19.18 -1.71 -43.48
C TYR Y 136 18.68 -1.96 -42.05
N GLN Y 137 18.92 -0.99 -41.18
CA GLN Y 137 18.46 -1.04 -39.81
C GLN Y 137 18.53 0.35 -39.21
N ALA Y 138 17.55 0.67 -38.37
CA ALA Y 138 17.47 1.96 -37.72
C ALA Y 138 17.18 1.78 -36.24
N VAL Y 139 17.71 2.68 -35.42
CA VAL Y 139 17.48 2.67 -33.98
C VAL Y 139 17.14 4.09 -33.54
N GLY Y 140 16.45 4.18 -32.41
CA GLY Y 140 16.06 5.45 -31.83
C GLY Y 140 14.55 5.56 -31.69
N SER Y 141 14.11 6.76 -31.33
CA SER Y 141 12.68 7.01 -31.15
C SER Y 141 11.93 6.91 -32.48
N GLY Y 142 12.50 7.46 -33.54
CA GLY Y 142 11.85 7.43 -34.84
C GLY Y 142 12.39 6.34 -35.74
N SER Y 143 12.70 5.18 -35.15
CA SER Y 143 13.28 4.09 -35.92
C SER Y 143 12.27 3.47 -36.88
N LEU Y 144 11.00 3.42 -36.49
CA LEU Y 144 10.00 2.76 -37.32
C LEU Y 144 9.77 3.51 -38.62
N PHE Y 145 9.64 4.84 -38.54
CA PHE Y 145 9.42 5.63 -39.75
C PHE Y 145 10.61 5.53 -40.70
N ALA Y 146 11.82 5.64 -40.15
CA ALA Y 146 13.01 5.51 -40.98
C ALA Y 146 13.12 4.13 -41.61
N LYS Y 147 12.77 3.08 -40.86
CA LYS Y 147 12.81 1.73 -41.39
C LYS Y 147 11.81 1.54 -42.52
N SER Y 148 10.61 2.09 -42.38
CA SER Y 148 9.63 2.01 -43.47
C SER Y 148 10.11 2.77 -44.70
N SER Y 149 10.67 3.97 -44.49
CA SER Y 149 11.19 4.75 -45.61
C SER Y 149 12.31 4.01 -46.33
N MET Y 150 13.22 3.39 -45.56
CA MET Y 150 14.27 2.60 -46.19
C MET Y 150 13.73 1.36 -46.87
N LYS Y 151 12.67 0.75 -46.32
CA LYS Y 151 12.04 -0.39 -46.98
C LYS Y 151 11.55 0.00 -48.37
N LYS Y 152 10.95 1.19 -48.49
CA LYS Y 152 10.51 1.63 -49.81
C LYS Y 152 11.65 2.13 -50.69
N LEU Y 153 12.71 2.69 -50.11
CA LEU Y 153 13.74 3.37 -50.89
C LEU Y 153 14.98 2.52 -51.14
N TYR Y 154 15.04 1.28 -50.64
CA TYR Y 154 16.25 0.49 -50.79
C TYR Y 154 16.48 0.01 -52.23
N SER Y 155 15.46 0.07 -53.08
CA SER Y 155 15.60 -0.40 -54.45
C SER Y 155 16.48 0.51 -55.31
N GLN Y 156 16.78 1.72 -54.84
CA GLN Y 156 17.58 2.68 -55.61
C GLN Y 156 19.03 2.74 -55.14
N VAL Y 157 19.45 1.83 -54.27
CA VAL Y 157 20.81 1.84 -53.74
C VAL Y 157 21.70 1.02 -54.68
N THR Y 158 22.70 1.68 -55.26
CA THR Y 158 23.62 1.01 -56.18
C THR Y 158 25.07 1.23 -55.78
N ASP Y 159 25.35 2.37 -55.14
CA ASP Y 159 26.72 2.72 -54.77
C ASP Y 159 26.68 3.56 -53.50
N GLY Y 160 27.81 4.17 -53.17
CA GLY Y 160 27.91 4.93 -51.93
C GLY Y 160 27.03 6.17 -51.91
N ASP Y 161 27.01 6.92 -53.02
CA ASP Y 161 26.21 8.14 -53.07
C ASP Y 161 24.73 7.83 -52.97
N SER Y 162 24.27 6.76 -53.63
CA SER Y 162 22.87 6.37 -53.54
C SER Y 162 22.50 5.98 -52.10
N GLY Y 163 23.37 5.21 -51.44
CA GLY Y 163 23.12 4.84 -50.06
C GLY Y 163 23.09 6.05 -49.14
N LEU Y 164 24.00 7.00 -49.35
CA LEU Y 164 24.00 8.21 -48.54
C LEU Y 164 22.73 9.01 -48.74
N ARG Y 165 22.28 9.14 -50.00
CA ARG Y 165 21.04 9.86 -50.28
C ARG Y 165 19.84 9.17 -49.63
N VAL Y 166 19.80 7.83 -49.69
CA VAL Y 166 18.70 7.09 -49.08
C VAL Y 166 18.71 7.28 -47.56
N ALA Y 167 19.91 7.25 -46.95
CA ALA Y 167 20.00 7.46 -45.51
C ALA Y 167 19.54 8.85 -45.11
N VAL Y 168 19.94 9.87 -45.88
CA VAL Y 168 19.53 11.24 -45.58
C VAL Y 168 18.02 11.39 -45.73
N GLU Y 169 17.45 10.79 -46.78
CA GLU Y 169 16.00 10.86 -46.98
C GLU Y 169 15.26 10.14 -45.85
N ALA Y 170 15.77 8.99 -45.40
CA ALA Y 170 15.15 8.29 -44.29
C ALA Y 170 15.21 9.12 -43.01
N LEU Y 171 16.34 9.77 -42.75
CA LEU Y 171 16.45 10.64 -41.59
C LEU Y 171 15.47 11.81 -41.68
N TYR Y 172 15.32 12.38 -42.89
CA TYR Y 172 14.37 13.46 -43.08
C TYR Y 172 12.94 13.01 -42.82
N ASP Y 173 12.59 11.81 -43.31
CA ASP Y 173 11.25 11.28 -43.06
C ASP Y 173 11.03 11.03 -41.57
N ALA Y 174 12.03 10.49 -40.88
CA ALA Y 174 11.91 10.25 -39.45
C ALA Y 174 11.73 11.55 -38.68
N ALA Y 175 12.47 12.60 -39.07
CA ALA Y 175 12.32 13.90 -38.43
C ALA Y 175 10.96 14.50 -38.73
N ASP Y 176 10.44 14.28 -39.93
CA ASP Y 176 9.11 14.79 -40.27
C ASP Y 176 8.03 14.10 -39.44
N ASP Y 177 8.16 12.79 -39.24
CA ASP Y 177 7.14 12.02 -38.53
C ASP Y 177 7.35 11.97 -37.03
N ASP Y 178 8.46 12.47 -36.51
CA ASP Y 178 8.76 12.41 -35.08
C ASP Y 178 9.21 13.78 -34.61
N SER Y 179 8.62 14.24 -33.50
CA SER Y 179 8.98 15.55 -32.95
C SER Y 179 10.27 15.52 -32.14
N ALA Y 180 10.75 14.34 -31.76
CA ALA Y 180 12.00 14.22 -31.02
C ALA Y 180 13.23 14.12 -31.92
N THR Y 181 13.03 14.06 -33.24
CA THR Y 181 14.11 13.96 -34.20
C THR Y 181 14.26 15.30 -34.92
N GLY Y 182 15.49 15.81 -34.97
CA GLY Y 182 15.74 17.08 -35.61
C GLY Y 182 16.13 16.96 -37.07
N GLY Y 183 15.41 17.66 -37.94
CA GLY Y 183 15.71 17.65 -39.36
C GLY Y 183 16.82 18.62 -39.70
N PRO Y 184 17.10 18.72 -41.01
CA PRO Y 184 18.13 19.65 -41.46
C PRO Y 184 17.77 21.09 -41.11
N ASP Y 185 18.78 21.86 -40.72
CA ASP Y 185 18.61 23.26 -40.32
C ASP Y 185 19.16 24.15 -41.42
N LEU Y 186 18.26 24.84 -42.12
CA LEU Y 186 18.65 25.76 -43.18
C LEU Y 186 18.98 27.16 -42.67
N VAL Y 187 18.70 27.45 -41.40
CA VAL Y 187 18.99 28.76 -40.82
C VAL Y 187 20.36 28.77 -40.15
N ARG Y 188 20.61 27.81 -39.26
CA ARG Y 188 21.88 27.71 -38.57
C ARG Y 188 22.91 26.86 -39.32
N GLY Y 189 22.51 26.24 -40.43
CA GLY Y 189 23.43 25.40 -41.19
C GLY Y 189 23.87 24.15 -40.48
N ILE Y 190 22.95 23.45 -39.81
CA ILE Y 190 23.24 22.22 -39.10
C ILE Y 190 22.65 21.06 -39.90
N PHE Y 191 23.49 20.06 -40.19
CA PHE Y 191 23.10 18.91 -40.98
C PHE Y 191 23.56 17.62 -40.30
N PRO Y 192 22.88 16.51 -40.54
CA PRO Y 192 23.28 15.25 -39.91
C PRO Y 192 24.67 14.81 -40.37
N THR Y 193 25.36 14.12 -39.46
CA THR Y 193 26.70 13.60 -39.73
C THR Y 193 26.61 12.15 -40.22
N ALA Y 194 27.48 11.80 -41.15
CA ALA Y 194 27.50 10.47 -41.75
C ALA Y 194 28.93 9.93 -41.78
N VAL Y 195 29.04 8.60 -41.71
CA VAL Y 195 30.32 7.90 -41.76
C VAL Y 195 30.22 6.82 -42.81
N ILE Y 196 31.20 6.76 -43.71
CA ILE Y 196 31.26 5.75 -44.77
C ILE Y 196 32.44 4.84 -44.50
N ILE Y 197 32.17 3.53 -44.47
CA ILE Y 197 33.18 2.51 -44.26
C ILE Y 197 33.27 1.64 -45.50
N ASP Y 198 34.49 1.49 -46.03
CA ASP Y 198 34.73 0.68 -47.22
C ASP Y 198 36.03 -0.08 -47.02
N ALA Y 199 36.56 -0.65 -48.11
CA ALA Y 199 37.79 -1.43 -48.03
C ALA Y 199 38.99 -0.58 -47.63
N ASP Y 200 38.94 0.73 -47.86
CA ASP Y 200 40.04 1.61 -47.49
C ASP Y 200 39.98 2.10 -46.06
N GLY Y 201 38.91 1.80 -45.34
CA GLY Y 201 38.74 2.23 -43.96
C GLY Y 201 37.50 3.08 -43.79
N ALA Y 202 37.33 3.56 -42.56
CA ALA Y 202 36.19 4.40 -42.19
C ALA Y 202 36.59 5.87 -42.25
N VAL Y 203 35.80 6.66 -42.97
CA VAL Y 203 36.05 8.08 -43.13
C VAL Y 203 34.78 8.85 -42.78
N ASP Y 204 34.95 10.15 -42.53
CA ASP Y 204 33.84 11.03 -42.18
C ASP Y 204 33.38 11.79 -43.42
N VAL Y 205 32.09 11.75 -43.67
CA VAL Y 205 31.53 12.44 -44.85
C VAL Y 205 31.59 13.95 -44.61
N PRO Y 206 32.11 14.73 -45.56
CA PRO Y 206 32.12 16.19 -45.38
C PRO Y 206 30.71 16.76 -45.33
N GLU Y 207 30.56 17.85 -44.58
CA GLU Y 207 29.25 18.47 -44.41
C GLU Y 207 28.68 19.02 -45.70
N SER Y 208 29.52 19.36 -46.67
CA SER Y 208 29.03 19.94 -47.92
C SER Y 208 28.15 18.97 -48.69
N ARG Y 209 28.59 17.70 -48.79
CA ARG Y 209 27.80 16.72 -49.53
C ARG Y 209 26.44 16.49 -48.87
N ILE Y 210 26.43 16.39 -47.54
CA ILE Y 210 25.17 16.20 -46.82
C ILE Y 210 24.27 17.43 -47.00
N ALA Y 211 24.87 18.62 -47.01
CA ALA Y 211 24.09 19.83 -47.23
C ALA Y 211 23.43 19.84 -48.60
N GLU Y 212 24.19 19.48 -49.64
CA GLU Y 212 23.61 19.43 -50.98
C GLU Y 212 22.53 18.38 -51.08
N LEU Y 213 22.74 17.20 -50.48
CA LEU Y 213 21.73 16.16 -50.52
C LEU Y 213 20.45 16.60 -49.82
N ALA Y 214 20.59 17.22 -48.64
CA ALA Y 214 19.42 17.69 -47.91
C ALA Y 214 18.69 18.79 -48.68
N ARG Y 215 19.42 19.71 -49.30
CA ARG Y 215 18.80 20.76 -50.09
C ARG Y 215 18.05 20.18 -51.29
N ALA Y 216 18.65 19.20 -51.96
CA ALA Y 216 17.99 18.56 -53.09
C ALA Y 216 16.72 17.84 -52.65
N ILE Y 217 16.78 17.14 -51.51
CA ILE Y 217 15.60 16.43 -51.01
C ILE Y 217 14.50 17.41 -50.65
N ILE Y 218 14.86 18.52 -49.99
CA ILE Y 218 13.87 19.53 -49.63
C ILE Y 218 13.23 20.14 -50.87
N GLU Y 219 14.05 20.44 -51.88
CA GLU Y 219 13.51 20.99 -53.13
C GLU Y 219 12.58 19.99 -53.81
N SER Y 220 12.94 18.71 -53.83
CA SER Y 220 12.09 17.70 -54.43
C SER Y 220 10.76 17.57 -53.69
N ARG Y 221 10.81 17.61 -52.35
CA ARG Y 221 9.59 17.47 -51.57
C ARG Y 221 8.67 18.68 -51.68
N SER Y 222 9.20 19.83 -52.11
CA SER Y 222 8.40 21.03 -52.24
C SER Y 222 7.48 20.95 -53.45
N ALA Z 1 18.38 31.24 -7.30
CA ALA Z 1 19.73 30.90 -7.75
C ALA Z 1 19.81 30.93 -9.27
N THR Z 2 20.65 31.81 -9.80
CA THR Z 2 20.86 31.91 -11.24
C THR Z 2 22.31 32.31 -11.51
N ILE Z 3 22.97 31.54 -12.37
CA ILE Z 3 24.36 31.81 -12.77
C ILE Z 3 24.40 31.85 -14.29
N VAL Z 4 24.99 32.92 -14.83
CA VAL Z 4 25.06 33.12 -16.27
C VAL Z 4 26.52 33.23 -16.69
N ALA Z 5 26.79 32.86 -17.94
CA ALA Z 5 28.12 32.96 -18.51
C ALA Z 5 28.00 33.07 -20.02
N LEU Z 6 28.73 34.03 -20.61
CA LEU Z 6 28.69 34.24 -22.05
C LEU Z 6 30.10 34.50 -22.55
N LYS Z 7 30.29 34.32 -23.85
CA LYS Z 7 31.60 34.42 -24.49
C LYS Z 7 31.69 35.73 -25.26
N TYR Z 8 32.80 36.42 -25.11
CA TYR Z 8 33.13 37.64 -25.83
C TYR Z 8 34.50 37.48 -26.47
N PRO Z 9 34.78 38.21 -27.57
CA PRO Z 9 36.08 38.07 -28.23
C PRO Z 9 37.25 38.37 -27.30
N GLY Z 10 38.07 37.36 -27.03
CA GLY Z 10 39.23 37.51 -26.19
C GLY Z 10 39.08 37.07 -24.75
N GLY Z 11 37.97 36.46 -24.39
CA GLY Z 11 37.79 36.02 -23.01
C GLY Z 11 36.41 35.45 -22.78
N VAL Z 12 36.06 35.33 -21.50
CA VAL Z 12 34.77 34.80 -21.09
C VAL Z 12 34.42 35.40 -19.73
N VAL Z 13 33.14 35.70 -19.53
CA VAL Z 13 32.66 36.29 -18.29
C VAL Z 13 31.74 35.30 -17.60
N MET Z 14 31.57 35.47 -16.29
CA MET Z 14 30.76 34.58 -15.48
C MET Z 14 30.23 35.36 -14.29
N ALA Z 15 28.93 35.22 -14.02
CA ALA Z 15 28.29 35.96 -12.93
C ALA Z 15 27.15 35.15 -12.37
N GLY Z 16 26.75 35.48 -11.14
CA GLY Z 16 25.66 34.80 -10.46
C GLY Z 16 25.02 35.69 -9.43
N ASP Z 17 23.85 35.27 -8.98
CA ASP Z 17 23.09 36.04 -8.00
C ASP Z 17 23.61 35.81 -6.59
N ARG Z 18 22.97 36.47 -5.62
CA ARG Z 18 23.38 36.44 -4.22
C ARG Z 18 22.19 36.19 -3.31
N ARG Z 19 21.36 35.21 -3.64
CA ARG Z 19 20.18 34.90 -2.83
C ARG Z 19 20.16 33.44 -2.46
N SER Z 20 19.89 33.15 -1.19
CA SER Z 20 19.67 31.80 -0.69
C SER Z 20 18.31 31.76 0.00
N THR Z 21 17.47 30.81 -0.38
CA THR Z 21 16.10 30.72 0.11
C THR Z 21 15.84 29.32 0.65
N GLN Z 22 15.29 29.25 1.86
CA GLN Z 22 14.91 27.98 2.48
C GLN Z 22 13.41 27.78 2.29
N GLY Z 23 13.05 27.29 1.11
CA GLY Z 23 11.65 27.11 0.78
C GLY Z 23 11.05 28.36 0.16
N ASN Z 24 10.38 29.16 0.99
CA ASN Z 24 9.84 30.44 0.57
C ASN Z 24 10.37 31.60 1.41
N MET Z 25 11.13 31.32 2.46
CA MET Z 25 11.71 32.34 3.32
C MET Z 25 13.15 32.62 2.93
N ILE Z 26 13.52 33.90 2.92
CA ILE Z 26 14.86 34.31 2.53
C ILE Z 26 15.82 34.05 3.69
N SER Z 27 16.91 33.35 3.41
CA SER Z 27 17.93 33.04 4.41
C SER Z 27 19.22 33.82 4.22
N GLY Z 28 19.64 34.04 2.98
CA GLY Z 28 20.86 34.80 2.72
C GLY Z 28 20.61 35.90 1.71
N ARG Z 29 21.43 36.95 1.82
CA ARG Z 29 21.29 38.13 0.97
C ARG Z 29 22.52 38.46 0.14
N ASP Z 30 23.69 37.89 0.47
CA ASP Z 30 24.91 38.13 -0.29
C ASP Z 30 25.71 36.85 -0.47
N VAL Z 31 25.02 35.74 -0.73
CA VAL Z 31 25.69 34.45 -0.88
C VAL Z 31 26.52 34.44 -2.15
N ARG Z 32 27.76 33.97 -2.04
CA ARG Z 32 28.67 33.89 -3.18
C ARG Z 32 28.60 32.51 -3.80
N LYS Z 33 28.40 32.46 -5.11
CA LYS Z 33 28.24 31.19 -5.81
C LYS Z 33 29.22 31.02 -6.96
N VAL Z 34 30.06 32.01 -7.26
CA VAL Z 34 31.06 31.93 -8.31
C VAL Z 34 32.42 31.87 -7.65
N TYR Z 35 33.21 30.83 -7.99
CA TYR Z 35 34.51 30.60 -7.39
C TYR Z 35 35.55 30.40 -8.48
N ILE Z 36 36.80 30.71 -8.13
CA ILE Z 36 37.93 30.54 -9.04
C ILE Z 36 38.71 29.32 -8.59
N THR Z 37 38.79 28.31 -9.47
CA THR Z 37 39.51 27.09 -9.14
C THR Z 37 41.01 27.26 -9.32
N ASP Z 38 41.43 27.73 -10.49
CA ASP Z 38 42.83 28.01 -10.76
C ASP Z 38 42.91 29.17 -11.74
N ASP Z 39 44.08 29.33 -12.38
CA ASP Z 39 44.39 30.56 -13.09
C ASP Z 39 43.43 30.82 -14.25
N TYR Z 40 43.08 29.78 -15.03
CA TYR Z 40 42.44 29.99 -16.32
C TYR Z 40 41.03 29.39 -16.40
N THR Z 41 40.36 29.17 -15.28
CA THR Z 41 38.96 28.78 -15.33
C THR Z 41 38.30 29.05 -13.98
N ALA Z 42 36.98 29.26 -14.04
CA ALA Z 42 36.16 29.47 -12.85
C ALA Z 42 34.90 28.62 -12.97
N THR Z 43 34.33 28.27 -11.82
CA THR Z 43 33.17 27.40 -11.78
C THR Z 43 32.06 28.04 -10.95
N GLY Z 44 30.83 27.64 -11.24
CA GLY Z 44 29.66 28.10 -10.50
C GLY Z 44 28.63 27.00 -10.35
N ILE Z 45 28.22 26.74 -9.11
CA ILE Z 45 27.33 25.63 -8.80
C ILE Z 45 26.01 26.19 -8.26
N ALA Z 46 24.90 25.71 -8.81
CA ALA Z 46 23.57 26.11 -8.39
C ALA Z 46 22.87 24.92 -7.73
N GLY Z 47 22.26 25.17 -6.56
CA GLY Z 47 21.59 24.12 -5.84
C GLY Z 47 21.85 24.18 -4.35
N THR Z 48 22.06 23.03 -3.72
CA THR Z 48 22.35 23.00 -2.29
C THR Z 48 23.73 23.58 -2.02
N ALA Z 49 23.79 24.56 -1.10
CA ALA Z 49 25.06 25.22 -0.80
C ALA Z 49 26.05 24.24 -0.17
N ALA Z 50 25.56 23.38 0.74
CA ALA Z 50 26.44 22.44 1.42
C ALA Z 50 27.17 21.54 0.44
N VAL Z 51 26.52 21.19 -0.68
CA VAL Z 51 27.19 20.41 -1.70
C VAL Z 51 28.02 21.30 -2.62
N ALA Z 52 27.56 22.54 -2.84
CA ALA Z 52 28.24 23.43 -3.79
C ALA Z 52 29.63 23.82 -3.31
N VAL Z 53 29.74 24.27 -2.05
CA VAL Z 53 31.04 24.65 -1.53
C VAL Z 53 31.98 23.46 -1.47
N GLU Z 54 31.46 22.29 -1.07
CA GLU Z 54 32.28 21.08 -1.04
C GLU Z 54 32.79 20.73 -2.42
N PHE Z 55 31.92 20.81 -3.44
CA PHE Z 55 32.35 20.50 -4.80
C PHE Z 55 33.42 21.48 -5.29
N ALA Z 56 33.23 22.77 -5.02
CA ALA Z 56 34.23 23.75 -5.43
C ALA Z 56 35.58 23.49 -4.78
N ARG Z 57 35.58 23.28 -3.46
CA ARG Z 57 36.83 23.03 -2.75
C ARG Z 57 37.49 21.75 -3.25
N LEU Z 58 36.71 20.68 -3.43
CA LEU Z 58 37.28 19.41 -3.88
C LEU Z 58 37.86 19.52 -5.29
N TYR Z 59 37.16 20.23 -6.18
CA TYR Z 59 37.66 20.40 -7.54
C TYR Z 59 38.98 21.17 -7.55
N ALA Z 60 39.04 22.26 -6.77
CA ALA Z 60 40.27 23.03 -6.69
C ALA Z 60 41.41 22.20 -6.11
N VAL Z 61 41.12 21.43 -5.06
CA VAL Z 61 42.14 20.61 -4.42
C VAL Z 61 42.66 19.55 -5.38
N GLU Z 62 41.76 18.91 -6.13
CA GLU Z 62 42.18 17.88 -7.08
C GLU Z 62 43.04 18.48 -8.18
N LEU Z 63 42.65 19.64 -8.72
CA LEU Z 63 43.44 20.27 -9.76
C LEU Z 63 44.83 20.63 -9.25
N GLU Z 64 44.90 21.22 -8.05
CA GLU Z 64 46.20 21.59 -7.48
C GLU Z 64 47.05 20.36 -7.20
N HIS Z 65 46.42 19.29 -6.71
CA HIS Z 65 47.16 18.06 -6.43
C HIS Z 65 47.76 17.47 -7.70
N TYR Z 66 46.98 17.42 -8.77
CA TYR Z 66 47.51 16.90 -10.04
C TYR Z 66 48.63 17.78 -10.56
N GLU Z 67 48.45 19.12 -10.48
CA GLU Z 67 49.48 20.02 -10.98
C GLU Z 67 50.78 19.87 -10.20
N LYS Z 68 50.68 19.68 -8.87
CA LYS Z 68 51.88 19.49 -8.06
C LYS Z 68 52.53 18.15 -8.34
N LEU Z 69 51.73 17.09 -8.51
CA LEU Z 69 52.29 15.76 -8.72
C LEU Z 69 52.99 15.65 -10.07
N GLU Z 70 52.33 16.09 -11.14
CA GLU Z 70 52.87 15.90 -12.48
C GLU Z 70 53.73 17.07 -12.94
N GLY Z 71 53.63 18.23 -12.32
CA GLY Z 71 54.41 19.39 -12.70
C GLY Z 71 53.84 20.21 -13.82
N VAL Z 72 52.74 19.77 -14.44
CA VAL Z 72 52.11 20.52 -15.52
C VAL Z 72 50.60 20.56 -15.26
N PRO Z 73 49.92 21.63 -15.64
CA PRO Z 73 48.47 21.68 -15.44
C PRO Z 73 47.73 20.71 -16.35
N LEU Z 74 46.56 20.29 -15.90
CA LEU Z 74 45.72 19.41 -16.70
C LEU Z 74 45.20 20.13 -17.94
N THR Z 75 44.97 19.36 -18.99
CA THR Z 75 44.31 19.89 -20.18
C THR Z 75 42.84 20.16 -19.88
N PHE Z 76 42.21 20.94 -20.76
CA PHE Z 76 40.81 21.29 -20.56
C PHE Z 76 39.92 20.05 -20.60
N ALA Z 77 40.22 19.12 -21.51
CA ALA Z 77 39.45 17.88 -21.57
C ALA Z 77 39.59 17.07 -20.29
N GLY Z 78 40.79 17.03 -19.71
CA GLY Z 78 40.98 16.35 -18.45
C GLY Z 78 40.19 16.98 -17.32
N LYS Z 79 40.16 18.32 -17.28
CA LYS Z 79 39.36 19.01 -16.28
C LYS Z 79 37.87 18.71 -16.44
N ILE Z 80 37.39 18.71 -17.68
CA ILE Z 80 35.99 18.38 -17.94
C ILE Z 80 35.69 16.96 -17.50
N ASN Z 81 36.59 16.02 -17.79
CA ASN Z 81 36.38 14.63 -17.39
C ASN Z 81 36.34 14.50 -15.86
N ARG Z 82 37.26 15.18 -15.17
CA ARG Z 82 37.27 15.13 -13.71
C ARG Z 82 35.98 15.69 -13.13
N LEU Z 83 35.52 16.84 -13.65
CA LEU Z 83 34.29 17.43 -13.14
C LEU Z 83 33.09 16.54 -13.44
N ALA Z 84 33.06 15.92 -14.62
CA ALA Z 84 31.97 15.01 -14.96
C ALA Z 84 31.95 13.80 -14.05
N ILE Z 85 33.12 13.24 -13.73
CA ILE Z 85 33.18 12.13 -12.79
C ILE Z 85 32.70 12.54 -11.42
N MET Z 86 33.11 13.73 -10.96
CA MET Z 86 32.65 14.22 -9.66
C MET Z 86 31.14 14.38 -9.62
N VAL Z 87 30.56 14.93 -10.70
CA VAL Z 87 29.11 15.10 -10.76
C VAL Z 87 28.41 13.74 -10.78
N ARG Z 88 28.93 12.81 -11.58
CA ARG Z 88 28.31 11.50 -11.70
C ARG Z 88 28.35 10.72 -10.38
N GLY Z 89 29.41 10.91 -9.59
CA GLY Z 89 29.52 10.20 -8.32
C GLY Z 89 28.53 10.62 -7.26
N ASN Z 90 27.76 11.69 -7.50
CA ASN Z 90 26.80 12.20 -6.54
C ASN Z 90 25.36 11.99 -6.98
N LEU Z 91 25.12 11.03 -7.89
CA LEU Z 91 23.79 10.85 -8.45
C LEU Z 91 22.80 10.34 -7.42
N ALA Z 92 23.23 9.45 -6.52
CA ALA Z 92 22.34 8.95 -5.49
C ALA Z 92 21.90 10.06 -4.54
N ALA Z 93 22.85 10.89 -4.09
CA ALA Z 93 22.52 12.01 -3.23
C ALA Z 93 21.63 13.02 -3.96
N ALA Z 94 21.86 13.21 -5.26
CA ALA Z 94 20.98 14.08 -6.04
C ALA Z 94 19.57 13.50 -6.11
N MET Z 95 19.45 12.18 -6.25
CA MET Z 95 18.14 11.54 -6.26
C MET Z 95 17.43 11.74 -4.93
N GLN Z 96 18.16 11.63 -3.82
CA GLN Z 96 17.55 11.89 -2.52
C GLN Z 96 17.12 13.36 -2.39
N GLY Z 97 17.85 14.27 -3.01
CA GLY Z 97 17.50 15.68 -2.95
C GLY Z 97 18.69 16.61 -2.87
N LEU Z 98 19.88 16.04 -2.68
CA LEU Z 98 21.11 16.84 -2.61
C LEU Z 98 21.68 17.01 -4.02
N LEU Z 99 21.02 17.88 -4.79
CA LEU Z 99 21.35 18.11 -6.18
C LEU Z 99 22.22 19.36 -6.32
N ALA Z 100 23.25 19.25 -7.16
CA ALA Z 100 24.14 20.37 -7.43
C ALA Z 100 24.58 20.31 -8.88
N LEU Z 101 24.19 21.31 -9.67
CA LEU Z 101 24.54 21.36 -11.08
C LEU Z 101 25.57 22.45 -11.31
N PRO Z 102 26.83 22.12 -11.58
CA PRO Z 102 27.85 23.15 -11.79
C PRO Z 102 27.89 23.65 -13.21
N LEU Z 103 28.46 24.84 -13.37
CA LEU Z 103 28.69 25.45 -14.67
C LEU Z 103 30.17 25.81 -14.77
N LEU Z 104 30.81 25.41 -15.85
CA LEU Z 104 32.25 25.59 -16.03
C LEU Z 104 32.53 26.55 -17.17
N ALA Z 105 33.34 27.56 -16.90
CA ALA Z 105 33.80 28.51 -17.90
C ALA Z 105 35.30 28.69 -17.74
N GLY Z 106 36.03 28.62 -18.85
CA GLY Z 106 37.48 28.69 -18.79
C GLY Z 106 38.07 29.23 -20.08
N TYR Z 107 39.38 29.44 -20.04
CA TYR Z 107 40.16 29.93 -21.17
C TYR Z 107 41.20 28.90 -21.56
N ASP Z 108 41.22 28.53 -22.84
CA ASP Z 108 42.14 27.52 -23.35
C ASP Z 108 43.39 28.20 -23.87
N ILE Z 109 44.50 28.03 -23.15
CA ILE Z 109 45.78 28.62 -23.57
C ILE Z 109 46.45 27.82 -24.68
N HIS Z 110 45.96 26.63 -25.00
CA HIS Z 110 46.52 25.79 -26.05
C HIS Z 110 45.67 25.80 -27.31
N ALA Z 111 45.07 26.95 -27.64
CA ALA Z 111 44.22 27.09 -28.80
C ALA Z 111 44.92 27.94 -29.85
N SER Z 112 44.66 27.60 -31.13
CA SER Z 112 45.29 28.32 -32.23
C SER Z 112 44.85 29.78 -32.26
N ASP Z 113 43.56 30.04 -32.04
CA ASP Z 113 43.03 31.38 -32.11
C ASP Z 113 42.77 31.90 -30.69
N PRO Z 114 43.55 32.87 -30.21
CA PRO Z 114 43.27 33.40 -28.86
C PRO Z 114 41.91 34.05 -28.73
N GLN Z 115 41.39 34.64 -29.80
CA GLN Z 115 40.09 35.32 -29.73
C GLN Z 115 38.94 34.34 -29.53
N SER Z 116 39.11 33.08 -29.92
CA SER Z 116 38.08 32.06 -29.77
C SER Z 116 38.48 30.99 -28.77
N ALA Z 117 39.31 31.34 -27.79
CA ALA Z 117 39.79 30.40 -26.80
C ALA Z 117 38.84 30.23 -25.61
N GLY Z 118 37.80 31.05 -25.52
CA GLY Z 118 36.86 30.89 -24.42
C GLY Z 118 36.02 29.64 -24.59
N ARG Z 119 35.72 28.98 -23.46
CA ARG Z 119 34.95 27.76 -23.44
C ARG Z 119 33.90 27.82 -22.35
N ILE Z 120 32.71 27.32 -22.64
CA ILE Z 120 31.62 27.21 -21.68
C ILE Z 120 31.11 25.77 -21.71
N VAL Z 121 31.06 25.13 -20.55
CA VAL Z 121 30.65 23.73 -20.42
C VAL Z 121 29.51 23.65 -19.42
N SER Z 122 28.45 22.92 -19.79
CA SER Z 122 27.32 22.68 -18.92
C SER Z 122 27.24 21.19 -18.61
N PHE Z 123 26.78 20.88 -17.40
CA PHE Z 123 26.72 19.51 -16.90
C PHE Z 123 25.28 19.15 -16.54
N ASP Z 124 24.93 17.89 -16.78
CA ASP Z 124 23.62 17.36 -16.49
C ASP Z 124 23.60 16.69 -15.11
N ALA Z 125 22.41 16.26 -14.69
CA ALA Z 125 22.27 15.62 -13.39
C ALA Z 125 22.89 14.22 -13.39
N ALA Z 126 22.99 13.58 -14.55
CA ALA Z 126 23.54 12.24 -14.66
C ALA Z 126 25.03 12.23 -14.94
N GLY Z 127 25.67 13.39 -15.01
CA GLY Z 127 27.09 13.48 -15.28
C GLY Z 127 27.45 13.80 -16.71
N GLY Z 128 26.47 13.91 -17.61
CA GLY Z 128 26.77 14.25 -18.99
C GLY Z 128 27.17 15.72 -19.12
N TRP Z 129 28.09 15.98 -20.05
CA TRP Z 129 28.60 17.32 -20.28
C TRP Z 129 28.49 17.67 -21.76
N ASN Z 130 28.28 18.95 -22.03
CA ASN Z 130 28.19 19.46 -23.40
C ASN Z 130 28.89 20.80 -23.47
N ILE Z 131 29.71 20.99 -24.50
CA ILE Z 131 30.43 22.25 -24.67
C ILE Z 131 29.50 23.26 -25.32
N GLU Z 132 29.28 24.39 -24.66
CA GLU Z 132 28.38 25.41 -25.15
C GLU Z 132 29.04 26.19 -26.28
N GLU Z 133 28.30 26.41 -27.37
CA GLU Z 133 28.81 27.07 -28.55
C GLU Z 133 27.89 28.15 -29.10
N GLU Z 134 26.69 28.33 -28.54
CA GLU Z 134 25.83 29.43 -28.95
C GLU Z 134 26.33 30.77 -28.44
N GLY Z 135 27.32 30.77 -27.54
CA GLY Z 135 27.89 31.99 -27.00
C GLY Z 135 27.44 32.33 -25.60
N TYR Z 136 26.48 31.59 -25.04
CA TYR Z 136 25.98 31.89 -23.71
C TYR Z 136 25.32 30.65 -23.13
N GLN Z 137 25.22 30.62 -21.81
CA GLN Z 137 24.55 29.53 -21.09
C GLN Z 137 24.25 29.99 -19.67
N ALA Z 138 23.10 29.56 -19.16
CA ALA Z 138 22.67 29.91 -17.81
C ALA Z 138 22.18 28.65 -17.10
N VAL Z 139 22.39 28.63 -15.79
CA VAL Z 139 21.94 27.52 -14.94
C VAL Z 139 21.26 28.11 -13.71
N GLY Z 140 20.39 27.32 -13.11
CA GLY Z 140 19.67 27.70 -11.91
C GLY Z 140 18.17 27.66 -12.13
N SER Z 141 17.44 28.17 -11.13
CA SER Z 141 15.98 28.18 -11.21
C SER Z 141 15.49 29.12 -12.30
N GLY Z 142 16.10 30.30 -12.42
CA GLY Z 142 15.69 31.26 -13.43
C GLY Z 142 16.58 31.23 -14.66
N SER Z 143 17.01 30.03 -15.06
CA SER Z 143 17.91 29.91 -16.19
C SER Z 143 17.22 30.23 -17.51
N LEU Z 144 15.93 29.89 -17.63
CA LEU Z 144 15.22 30.08 -18.89
C LEU Z 144 15.07 31.57 -19.22
N PHE Z 145 14.67 32.37 -18.23
CA PHE Z 145 14.49 33.80 -18.45
C PHE Z 145 15.81 34.46 -18.82
N ALA Z 146 16.88 34.12 -18.11
CA ALA Z 146 18.20 34.67 -18.41
C ALA Z 146 18.67 34.25 -19.80
N LYS Z 147 18.41 33.00 -20.18
CA LYS Z 147 18.81 32.53 -21.50
C LYS Z 147 18.06 33.25 -22.60
N SER Z 148 16.77 33.50 -22.42
CA SER Z 148 16.02 34.27 -23.41
C SER Z 148 16.54 35.70 -23.51
N SER Z 149 16.81 36.32 -22.35
CA SER Z 149 17.33 37.68 -22.35
C SER Z 149 18.67 37.74 -23.06
N MET Z 150 19.55 36.77 -22.81
CA MET Z 150 20.83 36.73 -23.50
C MET Z 150 20.66 36.44 -24.99
N LYS Z 151 19.67 35.62 -25.36
CA LYS Z 151 19.39 35.39 -26.77
C LYS Z 151 19.06 36.69 -27.48
N LYS Z 152 18.26 37.54 -26.85
CA LYS Z 152 17.97 38.83 -27.47
C LYS Z 152 19.12 39.83 -27.37
N LEU Z 153 19.93 39.76 -26.31
CA LEU Z 153 20.92 40.80 -26.05
C LEU Z 153 22.34 40.45 -26.51
N TYR Z 154 22.55 39.26 -27.09
CA TYR Z 154 23.91 38.87 -27.46
C TYR Z 154 24.45 39.64 -28.65
N SER Z 155 23.59 40.33 -29.40
CA SER Z 155 24.04 41.06 -30.58
C SER Z 155 24.85 42.31 -30.23
N GLN Z 156 24.83 42.75 -28.98
CA GLN Z 156 25.54 43.95 -28.55
C GLN Z 156 26.85 43.65 -27.84
N VAL Z 157 27.31 42.40 -27.85
CA VAL Z 157 28.53 42.00 -27.17
C VAL Z 157 29.69 42.19 -28.12
N THR Z 158 30.64 43.06 -27.76
CA THR Z 158 31.80 43.33 -28.60
C THR Z 158 33.10 43.17 -27.81
N ASP Z 159 33.05 43.43 -26.50
CA ASP Z 159 34.23 43.39 -25.66
C ASP Z 159 33.83 42.97 -24.26
N GLY Z 160 34.76 43.12 -23.31
CA GLY Z 160 34.49 42.67 -21.95
C GLY Z 160 33.41 43.47 -21.25
N ASP Z 161 33.42 44.79 -21.41
CA ASP Z 161 32.41 45.63 -20.75
C ASP Z 161 31.01 45.33 -21.29
N SER Z 162 30.89 45.14 -22.60
CA SER Z 162 29.59 44.81 -23.18
C SER Z 162 29.08 43.47 -22.67
N GLY Z 163 29.98 42.47 -22.58
CA GLY Z 163 29.57 41.18 -22.05
C GLY Z 163 29.15 41.26 -20.60
N LEU Z 164 29.89 42.03 -19.80
CA LEU Z 164 29.52 42.21 -18.40
C LEU Z 164 28.16 42.89 -18.27
N ARG Z 165 27.91 43.92 -19.08
CA ARG Z 165 26.61 44.59 -19.04
C ARG Z 165 25.49 43.65 -19.45
N VAL Z 166 25.72 42.83 -20.47
CA VAL Z 166 24.70 41.87 -20.90
C VAL Z 166 24.43 40.85 -19.81
N ALA Z 167 25.49 40.37 -19.15
CA ALA Z 167 25.31 39.40 -18.06
C ALA Z 167 24.52 40.02 -16.91
N VAL Z 168 24.83 41.26 -16.54
CA VAL Z 168 24.12 41.92 -15.45
C VAL Z 168 22.65 42.13 -15.82
N GLU Z 169 22.40 42.52 -17.07
CA GLU Z 169 21.01 42.72 -17.51
C GLU Z 169 20.25 41.40 -17.52
N ALA Z 170 20.90 40.31 -17.94
CA ALA Z 170 20.25 39.00 -17.92
C ALA Z 170 19.94 38.57 -16.49
N LEU Z 171 20.87 38.80 -15.56
CA LEU Z 171 20.61 38.49 -14.16
C LEU Z 171 19.46 39.32 -13.62
N TYR Z 172 19.39 40.60 -13.99
CA TYR Z 172 18.29 41.45 -13.56
C TYR Z 172 16.96 40.94 -14.10
N ASP Z 173 16.92 40.54 -15.37
CA ASP Z 173 15.69 39.99 -15.94
C ASP Z 173 15.29 38.70 -15.24
N ALA Z 174 16.25 37.83 -14.95
CA ALA Z 174 15.95 36.58 -14.25
C ALA Z 174 15.40 36.87 -12.86
N ALA Z 175 15.98 37.83 -12.15
CA ALA Z 175 15.47 38.19 -10.83
C ALA Z 175 14.08 38.80 -10.92
N ASP Z 176 13.81 39.58 -11.97
CA ASP Z 176 12.49 40.15 -12.16
C ASP Z 176 11.45 39.07 -12.42
N ASP Z 177 11.79 38.07 -13.22
CA ASP Z 177 10.84 37.02 -13.60
C ASP Z 177 10.80 35.86 -12.63
N ASP Z 178 11.71 35.79 -11.66
CA ASP Z 178 11.76 34.67 -10.72
C ASP Z 178 11.85 35.20 -9.30
N SER Z 179 11.02 34.66 -8.41
CA SER Z 179 11.01 35.09 -7.02
C SER Z 179 12.14 34.46 -6.19
N ALA Z 180 12.78 33.42 -6.69
CA ALA Z 180 13.89 32.78 -6.00
C ALA Z 180 15.23 33.40 -6.33
N THR Z 181 15.27 34.36 -7.26
CA THR Z 181 16.50 35.04 -7.65
C THR Z 181 16.50 36.45 -7.10
N GLY Z 182 17.59 36.83 -6.44
CA GLY Z 182 17.69 38.15 -5.85
C GLY Z 182 18.33 39.17 -6.75
N GLY Z 183 17.64 40.29 -6.98
CA GLY Z 183 18.16 41.35 -7.80
C GLY Z 183 19.10 42.25 -7.03
N PRO Z 184 19.57 43.31 -7.71
CA PRO Z 184 20.45 44.27 -7.03
C PRO Z 184 19.76 44.94 -5.86
N ASP Z 185 20.52 45.15 -4.79
CA ASP Z 185 20.01 45.75 -3.56
C ASP Z 185 20.56 47.17 -3.46
N LEU Z 186 19.67 48.15 -3.61
CA LEU Z 186 20.04 49.55 -3.51
C LEU Z 186 19.99 50.07 -2.08
N VAL Z 187 19.46 49.30 -1.15
CA VAL Z 187 19.39 49.72 0.25
C VAL Z 187 20.59 49.22 1.03
N ARG Z 188 20.89 47.92 0.96
CA ARG Z 188 22.04 47.33 1.64
C ARG Z 188 23.31 47.35 0.81
N GLY Z 189 23.23 47.79 -0.45
CA GLY Z 189 24.40 47.83 -1.31
C GLY Z 189 24.96 46.47 -1.66
N ILE Z 190 24.09 45.51 -1.99
CA ILE Z 190 24.51 44.17 -2.38
C ILE Z 190 24.29 44.02 -3.87
N PHE Z 191 25.34 43.59 -4.57
CA PHE Z 191 25.32 43.43 -6.03
C PHE Z 191 25.91 42.10 -6.42
N PRO Z 192 25.50 41.54 -7.56
CA PRO Z 192 26.04 40.25 -7.99
C PRO Z 192 27.54 40.31 -8.24
N THR Z 193 28.20 39.18 -8.01
CA THR Z 193 29.63 39.05 -8.21
C THR Z 193 29.91 38.48 -9.60
N ALA Z 194 30.99 38.96 -10.23
CA ALA Z 194 31.35 38.55 -11.56
C ALA Z 194 32.84 38.23 -11.63
N VAL Z 195 33.21 37.31 -12.52
CA VAL Z 195 34.59 36.91 -12.74
C VAL Z 195 34.87 36.99 -14.23
N ILE Z 196 35.98 37.63 -14.59
CA ILE Z 196 36.41 37.79 -15.97
C ILE Z 196 37.68 36.99 -16.18
N ILE Z 197 37.68 36.12 -17.19
CA ILE Z 197 38.83 35.29 -17.54
C ILE Z 197 39.28 35.68 -18.94
N ASP Z 198 40.57 35.99 -19.08
CA ASP Z 198 41.16 36.36 -20.36
C ASP Z 198 42.53 35.72 -20.46
N ALA Z 199 43.32 36.17 -21.43
CA ALA Z 199 44.66 35.62 -21.64
C ALA Z 199 45.59 35.87 -20.46
N ASP Z 200 45.33 36.89 -19.65
CA ASP Z 200 46.16 37.19 -18.50
C ASP Z 200 45.77 36.43 -17.25
N GLY Z 201 44.67 35.68 -17.28
CA GLY Z 201 44.20 34.91 -16.15
C GLY Z 201 42.81 35.32 -15.72
N ALA Z 202 42.35 34.70 -14.64
CA ALA Z 202 41.03 34.96 -14.08
C ALA Z 202 41.14 35.98 -12.95
N VAL Z 203 40.33 37.03 -13.02
CA VAL Z 203 40.32 38.08 -12.01
C VAL Z 203 38.89 38.30 -11.55
N ASP Z 204 38.75 38.96 -10.40
CA ASP Z 204 37.45 39.27 -9.82
C ASP Z 204 37.06 40.70 -10.16
N VAL Z 205 35.85 40.86 -10.68
CA VAL Z 205 35.37 42.20 -11.05
C VAL Z 205 35.10 43.00 -9.78
N PRO Z 206 35.59 44.24 -9.68
CA PRO Z 206 35.29 45.05 -8.49
C PRO Z 206 33.81 45.36 -8.40
N GLU Z 207 33.33 45.53 -7.16
CA GLU Z 207 31.92 45.78 -6.92
C GLU Z 207 31.46 47.12 -7.50
N SER Z 208 32.38 48.08 -7.65
CA SER Z 208 31.98 49.41 -8.13
C SER Z 208 31.45 49.35 -9.55
N ARG Z 209 32.13 48.61 -10.43
CA ARG Z 209 31.68 48.52 -11.82
C ARG Z 209 30.31 47.87 -11.92
N ILE Z 210 30.09 46.79 -11.16
CA ILE Z 210 28.80 46.12 -11.16
C ILE Z 210 27.73 47.05 -10.61
N ALA Z 211 28.07 47.84 -9.59
CA ALA Z 211 27.11 48.79 -9.03
C ALA Z 211 26.71 49.84 -10.06
N GLU Z 212 27.67 50.39 -10.78
CA GLU Z 212 27.34 51.38 -11.81
C GLU Z 212 26.51 50.76 -12.93
N LEU Z 213 26.86 49.54 -13.35
CA LEU Z 213 26.09 48.89 -14.40
C LEU Z 213 24.65 48.63 -13.96
N ALA Z 214 24.46 48.15 -12.72
CA ALA Z 214 23.12 47.90 -12.21
C ALA Z 214 22.33 49.19 -12.09
N ARG Z 215 22.97 50.26 -11.62
CA ARG Z 215 22.28 51.54 -11.51
C ARG Z 215 21.86 52.06 -12.87
N ALA Z 216 22.75 51.95 -13.86
CA ALA Z 216 22.41 52.38 -15.22
C ALA Z 216 21.26 51.57 -15.78
N ILE Z 217 21.28 50.25 -15.57
CA ILE Z 217 20.19 49.41 -16.07
C ILE Z 217 18.87 49.77 -15.40
N ILE Z 218 18.89 50.00 -14.08
CA ILE Z 218 17.67 50.37 -13.37
C ILE Z 218 17.14 51.71 -13.87
N GLU Z 219 18.04 52.67 -14.08
CA GLU Z 219 17.61 53.96 -14.59
C GLU Z 219 17.02 53.84 -15.99
N SER Z 220 17.62 53.01 -16.85
CA SER Z 220 17.10 52.81 -18.19
C SER Z 220 15.73 52.15 -18.16
N ARG Z 221 15.54 51.17 -17.27
CA ARG Z 221 14.26 50.48 -17.19
C ARG Z 221 13.16 51.35 -16.60
N SER Z 222 13.51 52.42 -15.90
CA SER Z 222 12.52 53.30 -15.30
C SER Z 222 11.84 54.17 -16.36
N ALA AA 1 12.84 25.91 23.04
CA ALA AA 1 14.28 26.05 22.86
C ALA AA 1 14.61 27.22 21.93
N THR AA 2 15.34 28.20 22.46
CA THR AA 2 15.75 29.35 21.68
C THR AA 2 17.12 29.82 22.17
N ILE AA 3 18.05 29.98 21.24
CA ILE AA 3 19.39 30.46 21.54
C ILE AA 3 19.69 31.65 20.62
N VAL AA 4 20.13 32.76 21.21
CA VAL AA 4 20.40 33.98 20.48
C VAL AA 4 21.86 34.38 20.67
N ALA AA 5 22.39 35.09 19.68
CA ALA AA 5 23.75 35.58 19.72
C ALA AA 5 23.86 36.80 18.82
N LEU AA 6 24.47 37.87 19.34
CA LEU AA 6 24.63 39.10 18.58
C LEU AA 6 26.02 39.66 18.82
N LYS AA 7 26.45 40.53 17.91
CA LYS AA 7 27.79 41.09 17.92
C LYS AA 7 27.75 42.53 18.41
N TYR AA 8 28.68 42.87 19.30
CA TYR AA 8 28.86 44.22 19.82
C TYR AA 8 30.32 44.60 19.65
N PRO AA 9 30.63 45.90 19.58
CA PRO AA 9 32.03 46.32 19.39
C PRO AA 9 32.94 45.83 20.49
N GLY AA 10 33.89 44.96 20.13
CA GLY AA 10 34.85 44.43 21.06
C GLY AA 10 34.56 43.05 21.61
N GLY AA 11 33.54 42.36 21.10
CA GLY AA 11 33.23 41.04 21.60
C GLY AA 11 31.97 40.49 20.98
N VAL AA 12 31.45 39.44 21.61
CA VAL AA 12 30.24 38.77 21.16
C VAL AA 12 29.56 38.13 22.35
N VAL AA 13 28.23 38.17 22.37
CA VAL AA 13 27.44 37.61 23.47
C VAL AA 13 26.64 36.43 22.94
N MET AA 14 26.23 35.56 23.86
CA MET AA 14 25.49 34.35 23.50
C MET AA 14 24.62 33.95 24.69
N ALA AA 15 23.35 33.66 24.42
CA ALA AA 15 22.41 33.31 25.48
C ALA AA 15 21.37 32.34 24.95
N GLY AA 16 20.73 31.62 25.88
CA GLY AA 16 19.70 30.66 25.52
C GLY AA 16 18.74 30.45 26.67
N ASP AA 17 17.62 29.84 26.34
CA ASP AA 17 16.56 29.59 27.32
C ASP AA 17 16.88 28.37 28.18
N ARG AA 18 15.98 28.06 29.11
CA ARG AA 18 16.16 26.98 30.07
C ARG AA 18 14.90 26.12 30.17
N ARG AA 19 14.35 25.73 29.02
CA ARG AA 19 13.14 24.92 29.00
C ARG AA 19 13.35 23.67 28.16
N SER AA 20 12.93 22.53 28.68
CA SER AA 20 12.89 21.27 27.95
C SER AA 20 11.48 20.72 28.01
N THR AA 21 10.92 20.38 26.85
CA THR AA 21 9.53 19.95 26.75
C THR AA 21 9.47 18.62 25.99
N GLN AA 22 8.75 17.65 26.56
CA GLN AA 22 8.54 16.35 25.93
C GLN AA 22 7.15 16.36 25.28
N GLY AA 23 7.09 16.93 24.08
CA GLY AA 23 5.83 17.06 23.38
C GLY AA 23 5.10 18.34 23.75
N ASN AA 24 4.16 18.23 24.69
CA ASN AA 24 3.46 19.39 25.24
C ASN AA 24 3.61 19.51 26.75
N MET AA 25 4.23 18.53 27.40
CA MET AA 25 4.44 18.54 28.84
C MET AA 25 5.85 19.02 29.16
N ILE AA 26 5.95 19.87 30.19
CA ILE AA 26 7.24 20.43 30.59
C ILE AA 26 8.02 19.39 31.37
N SER AA 27 9.26 19.15 30.96
CA SER AA 27 10.15 18.19 31.62
C SER AA 27 11.26 18.85 32.41
N GLY AA 28 11.84 19.94 31.90
CA GLY AA 28 12.90 20.63 32.60
C GLY AA 28 12.61 22.11 32.71
N ARG AA 29 13.17 22.72 33.76
CA ARG AA 29 12.95 24.12 34.05
C ARG AA 29 14.21 24.97 34.09
N ASP AA 30 15.40 24.36 34.17
CA ASP AA 30 16.66 25.11 34.18
C ASP AA 30 17.72 24.41 33.32
N VAL AA 31 17.30 23.88 32.17
CA VAL AA 31 18.23 23.15 31.30
C VAL AA 31 19.24 24.12 30.71
N ARG AA 32 20.52 23.74 30.75
CA ARG AA 32 21.60 24.56 30.21
C ARG AA 32 21.90 24.12 28.79
N LYS AA 33 21.93 25.08 27.87
CA LYS AA 33 22.14 24.79 26.45
C LYS AA 33 23.32 25.56 25.85
N VAL AA 34 23.97 26.43 26.62
CA VAL AA 34 25.13 27.18 26.15
C VAL AA 34 26.36 26.65 26.86
N TYR AA 35 27.36 26.24 26.09
CA TYR AA 35 28.57 25.63 26.64
C TYR AA 35 29.80 26.33 26.07
N ILE AA 36 30.89 26.27 26.83
CA ILE AA 36 32.16 26.86 26.43
C ILE AA 36 33.10 25.73 26.01
N THR AA 37 33.51 25.74 24.73
CA THR AA 37 34.39 24.69 24.24
C THR AA 37 35.84 24.96 24.63
N ASP AA 38 36.34 26.15 24.35
CA ASP AA 38 37.69 26.54 24.74
C ASP AA 38 37.69 28.04 24.98
N ASP AA 39 38.89 28.63 24.99
CA ASP AA 39 39.06 29.98 25.53
C ASP AA 39 38.28 31.04 24.75
N TYR AA 40 38.27 30.94 23.41
CA TYR AA 40 37.82 32.05 22.58
C TYR AA 40 36.59 31.72 21.73
N THR AA 41 35.80 30.72 22.11
CA THR AA 41 34.53 30.50 21.42
C THR AA 41 33.62 29.65 22.31
N ALA AA 42 32.31 29.82 22.09
CA ALA AA 42 31.29 29.05 22.79
C ALA AA 42 30.25 28.59 21.77
N THR AA 43 29.59 27.49 22.09
CA THR AA 43 28.62 26.87 21.18
C THR AA 43 27.30 26.66 21.89
N GLY AA 44 26.23 26.62 21.09
CA GLY AA 44 24.89 26.35 21.60
C GLY AA 44 24.10 25.51 20.63
N ILE AA 45 23.53 24.40 21.11
CA ILE AA 45 22.84 23.43 20.27
C ILE AA 45 21.38 23.39 20.69
N ALA AA 46 20.48 23.49 19.70
CA ALA AA 46 19.05 23.42 19.92
C ALA AA 46 18.49 22.15 19.29
N GLY AA 47 17.68 21.43 20.04
CA GLY AA 47 17.11 20.19 19.56
C GLY AA 47 17.09 19.10 20.62
N THR AA 48 17.43 17.87 20.22
CA THR AA 48 17.49 16.76 21.17
C THR AA 48 18.66 16.96 22.12
N ALA AA 49 18.37 16.89 23.42
CA ALA AA 49 19.42 17.08 24.43
C ALA AA 49 20.46 15.97 24.36
N ALA AA 50 20.02 14.73 24.18
CA ALA AA 50 20.94 13.60 24.14
C ALA AA 50 21.99 13.76 23.04
N VAL AA 51 21.61 14.38 21.92
CA VAL AA 51 22.58 14.65 20.87
C VAL AA 51 23.35 15.94 21.16
N ALA AA 52 22.71 16.91 21.82
CA ALA AA 52 23.35 18.21 22.04
C ALA AA 52 24.53 18.10 22.99
N VAL AA 53 24.34 17.44 24.13
CA VAL AA 53 25.44 17.30 25.08
C VAL AA 53 26.57 16.48 24.48
N GLU AA 54 26.23 15.42 23.74
CA GLU AA 54 27.25 14.61 23.09
C GLU AA 54 28.05 15.43 22.09
N PHE AA 55 27.36 16.25 21.28
CA PHE AA 55 28.06 17.09 20.31
C PHE AA 55 28.97 18.09 20.99
N ALA AA 56 28.50 18.73 22.06
CA ALA AA 56 29.33 19.69 22.78
C ALA AA 56 30.59 19.02 23.34
N ARG AA 57 30.41 17.89 24.02
CA ARG AA 57 31.56 17.19 24.60
C ARG AA 57 32.53 16.74 23.51
N LEU AA 58 32.01 16.19 22.41
CA LEU AA 58 32.88 15.70 21.35
C LEU AA 58 33.64 16.84 20.69
N TYR AA 59 32.99 17.99 20.46
CA TYR AA 59 33.66 19.12 19.86
C TYR AA 59 34.78 19.64 20.76
N ALA AA 60 34.49 19.76 22.07
CA ALA AA 60 35.53 20.20 22.99
C ALA AA 60 36.69 19.22 23.04
N VAL AA 61 36.38 17.92 23.07
CA VAL AA 61 37.44 16.91 23.13
C VAL AA 61 38.30 16.95 21.88
N GLU AA 62 37.67 17.10 20.70
CA GLU AA 62 38.45 17.14 19.46
C GLU AA 62 39.34 18.38 19.43
N LEU AA 63 38.82 19.53 19.84
CA LEU AA 63 39.64 20.74 19.85
C LEU AA 63 40.82 20.60 20.79
N GLU AA 64 40.58 20.08 22.00
CA GLU AA 64 41.66 19.89 22.95
C GLU AA 64 42.68 18.88 22.45
N HIS AA 65 42.22 17.80 21.81
CA HIS AA 65 43.11 16.80 21.27
C HIS AA 65 44.02 17.38 20.19
N TYR AA 66 43.45 18.16 19.28
CA TYR AA 66 44.26 18.78 18.24
C TYR AA 66 45.27 19.76 18.84
N GLU AA 67 44.82 20.57 19.82
CA GLU AA 67 45.72 21.54 20.44
C GLU AA 67 46.87 20.84 21.15
N LYS AA 68 46.60 19.72 21.81
CA LYS AA 68 47.66 18.99 22.50
C LYS AA 68 48.60 18.33 21.51
N LEU AA 69 48.07 17.77 20.42
CA LEU AA 69 48.91 17.07 19.46
C LEU AA 69 49.82 18.01 18.70
N GLU AA 70 49.27 19.11 18.18
CA GLU AA 70 50.05 20.02 17.34
C GLU AA 70 50.73 21.13 18.12
N GLY AA 71 50.30 21.40 19.35
CA GLY AA 71 50.89 22.44 20.15
C GLY AA 71 50.36 23.84 19.89
N VAL AA 72 49.49 24.01 18.90
CA VAL AA 72 48.90 25.32 18.61
C VAL AA 72 47.40 25.14 18.42
N PRO AA 73 46.59 26.13 18.79
CA PRO AA 73 45.14 26.01 18.59
C PRO AA 73 44.77 26.06 17.12
N LEU AA 74 43.64 25.44 16.79
CA LEU AA 74 43.13 25.46 15.43
C LEU AA 74 42.69 26.87 15.04
N THR AA 75 42.79 27.17 13.75
CA THR AA 75 42.24 28.41 13.23
C THR AA 75 40.72 28.36 13.24
N PHE AA 76 40.10 29.53 13.10
CA PHE AA 76 38.64 29.60 13.12
C PHE AA 76 38.03 28.83 11.96
N ALA AA 77 38.65 28.90 10.78
CA ALA AA 77 38.17 28.15 9.63
C ALA AA 77 38.25 26.65 9.88
N GLY AA 78 39.33 26.19 10.52
CA GLY AA 78 39.43 24.78 10.87
C GLY AA 78 38.36 24.33 11.84
N LYS AA 79 38.06 25.17 12.84
CA LYS AA 79 36.99 24.86 13.77
C LYS AA 79 35.64 24.78 13.07
N ILE AA 80 35.38 25.73 12.16
CA ILE AA 80 34.13 25.70 11.40
C ILE AA 80 34.05 24.44 10.57
N ASN AA 81 35.16 24.05 9.92
CA ASN AA 81 35.15 22.83 9.11
C ASN AA 81 34.89 21.60 9.96
N ARG AA 82 35.53 21.52 11.13
CA ARG AA 82 35.31 20.37 12.00
C ARG AA 82 33.86 20.30 12.46
N LEU AA 83 33.28 21.43 12.86
CA LEU AA 83 31.89 21.43 13.30
C LEU AA 83 30.96 21.07 12.15
N ALA AA 84 31.24 21.56 10.94
CA ALA AA 84 30.41 21.23 9.78
C ALA AA 84 30.49 19.74 9.47
N ILE AA 85 31.68 19.14 9.56
CA ILE AA 85 31.81 17.70 9.34
C ILE AA 85 31.03 16.94 10.39
N MET AA 86 31.12 17.36 11.65
CA MET AA 86 30.37 16.69 12.71
C MET AA 86 28.87 16.76 12.47
N VAL AA 87 28.38 17.93 12.05
CA VAL AA 87 26.95 18.07 11.77
C VAL AA 87 26.54 17.22 10.58
N ARG AA 88 27.36 17.21 9.52
CA ARG AA 88 27.03 16.44 8.33
C ARG AA 88 27.02 14.94 8.60
N GLY AA 89 27.87 14.47 9.50
CA GLY AA 89 27.92 13.05 9.81
C GLY AA 89 26.70 12.51 10.54
N ASN AA 90 25.78 13.38 10.97
CA ASN AA 90 24.60 12.99 11.71
C ASN AA 90 23.31 13.18 10.90
N LEU AA 91 23.44 13.24 9.58
CA LEU AA 91 22.27 13.55 8.74
C LEU AA 91 21.24 12.43 8.77
N ALA AA 92 21.69 11.16 8.80
CA ALA AA 92 20.75 10.05 8.85
C ALA AA 92 19.95 10.05 10.14
N ALA AA 93 20.64 10.25 11.28
CA ALA AA 93 19.95 10.33 12.56
C ALA AA 93 19.02 11.54 12.61
N ALA AA 94 19.42 12.65 12.00
CA ALA AA 94 18.52 13.80 11.91
C ALA AA 94 17.28 13.47 11.09
N MET AA 95 17.45 12.72 10.00
CA MET AA 95 16.31 12.30 9.19
C MET AA 95 15.37 11.42 9.99
N GLN AA 96 15.92 10.50 10.80
CA GLN AA 96 15.06 9.69 11.66
C GLN AA 96 14.34 10.54 12.69
N GLY AA 97 14.97 11.61 13.17
CA GLY AA 97 14.34 12.47 14.15
C GLY AA 97 15.30 13.03 15.18
N LEU AA 98 16.53 12.53 15.19
CA LEU AA 98 17.55 12.99 16.13
C LEU AA 98 18.29 14.18 15.51
N LEU AA 99 17.61 15.32 15.50
CA LEU AA 99 18.11 16.53 14.88
C LEU AA 99 18.73 17.45 15.93
N ALA AA 100 19.88 18.02 15.59
CA ALA AA 100 20.57 18.96 16.46
C ALA AA 100 21.25 20.02 15.61
N LEU AA 101 20.80 21.27 15.75
CA LEU AA 101 21.35 22.38 14.99
C LEU AA 101 22.17 23.28 15.90
N PRO AA 102 23.50 23.26 15.81
CA PRO AA 102 24.32 24.09 16.69
C PRO AA 102 24.49 25.50 16.17
N LEU AA 103 24.84 26.41 17.10
CA LEU AA 103 25.15 27.79 16.78
C LEU AA 103 26.52 28.11 17.37
N LEU AA 104 27.41 28.66 16.55
CA LEU AA 104 28.79 28.92 16.94
C LEU AA 104 29.05 30.43 17.00
N ALA AA 105 29.60 30.87 18.12
CA ALA AA 105 30.02 32.26 18.30
C ALA AA 105 31.40 32.26 18.92
N GLY AA 106 32.32 33.05 18.35
CA GLY AA 106 33.68 33.07 18.81
C GLY AA 106 34.36 34.39 18.54
N TYR AA 107 35.58 34.50 19.06
CA TYR AA 107 36.42 35.69 18.91
C TYR AA 107 37.69 35.32 18.17
N ASP AA 108 37.98 36.05 17.10
CA ASP AA 108 39.16 35.78 16.26
C ASP AA 108 40.33 36.63 16.76
N ILE AA 109 41.32 35.97 17.37
CA ILE AA 109 42.50 36.68 17.86
C ILE AA 109 43.49 37.01 16.75
N HIS AA 110 43.30 36.47 15.56
CA HIS AA 110 44.18 36.71 14.42
C HIS AA 110 43.55 37.68 13.41
N ALA AA 111 42.81 38.67 13.90
CA ALA AA 111 42.15 39.65 13.06
C ALA AA 111 42.84 41.00 13.18
N SER AA 112 42.86 41.75 12.07
CA SER AA 112 43.51 43.06 12.07
C SER AA 112 42.79 44.04 13.00
N ASP AA 113 41.46 44.02 13.00
CA ASP AA 113 40.69 44.94 13.81
C ASP AA 113 40.12 44.21 15.01
N PRO AA 114 40.60 44.46 16.23
CA PRO AA 114 40.01 43.80 17.40
C PRO AA 114 38.53 44.11 17.61
N GLN AA 115 38.09 45.30 17.24
CA GLN AA 115 36.69 45.69 17.44
C GLN AA 115 35.73 44.90 16.56
N SER AA 116 36.22 44.38 15.43
CA SER AA 116 35.39 43.60 14.51
C SER AA 116 35.83 42.14 14.45
N ALA AA 117 36.39 41.63 15.56
CA ALA AA 117 36.88 40.26 15.61
C ALA AA 117 35.81 39.25 15.99
N GLY AA 118 34.62 39.70 16.38
CA GLY AA 118 33.56 38.77 16.71
C GLY AA 118 33.03 38.07 15.48
N ARG AA 119 32.69 36.79 15.64
CA ARG AA 119 32.18 35.97 14.55
C ARG AA 119 30.97 35.18 15.02
N ILE AA 120 29.97 35.08 14.16
CA ILE AA 120 28.78 34.26 14.40
C ILE AA 120 28.57 33.35 13.20
N VAL AA 121 28.47 32.05 13.45
CA VAL AA 121 28.33 31.04 12.40
C VAL AA 121 27.08 30.23 12.68
N SER AA 122 26.26 30.03 11.65
CA SER AA 122 25.06 29.20 11.72
C SER AA 122 25.22 27.99 10.81
N PHE AA 123 24.64 26.87 11.23
CA PHE AA 123 24.77 25.61 10.52
C PHE AA 123 23.40 25.09 10.11
N ASP AA 124 23.35 24.44 8.95
CA ASP AA 124 22.12 23.88 8.41
C ASP AA 124 22.02 22.40 8.78
N ALA AA 125 20.89 21.79 8.43
CA ALA AA 125 20.67 20.39 8.74
C ALA AA 125 21.54 19.47 7.88
N ALA AA 126 21.94 19.94 6.70
CA ALA AA 126 22.76 19.15 5.79
C ALA AA 126 24.25 19.36 5.98
N GLY AA 127 24.65 20.18 6.95
CA GLY AA 127 26.06 20.45 7.21
C GLY AA 127 26.58 21.75 6.65
N GLY AA 128 25.76 22.49 5.91
CA GLY AA 128 26.20 23.77 5.36
C GLY AA 128 26.32 24.83 6.46
N TRP AA 129 27.30 25.70 6.31
CA TRP AA 129 27.58 26.76 7.27
C TRP AA 129 27.65 28.10 6.56
N ASN AA 130 27.23 29.15 7.28
CA ASN AA 130 27.27 30.51 6.76
C ASN AA 130 27.70 31.44 7.89
N ILE AA 131 28.62 32.35 7.59
CA ILE AA 131 29.09 33.31 8.58
C ILE AA 131 28.09 34.45 8.67
N GLU AA 132 27.57 34.68 9.87
CA GLU AA 132 26.57 35.72 10.07
C GLU AA 132 27.24 37.09 10.10
N GLU AA 133 26.65 38.05 9.38
CA GLU AA 133 27.21 39.38 9.27
C GLU AA 133 26.20 40.50 9.46
N GLU AA 134 24.91 40.19 9.64
CA GLU AA 134 23.93 41.21 9.98
C GLU AA 134 24.07 41.69 11.42
N GLY AA 135 24.89 41.02 12.23
CA GLY AA 135 25.10 41.41 13.61
C GLY AA 135 24.37 40.55 14.63
N TYR AA 136 23.50 39.65 14.19
CA TYR AA 136 22.73 38.83 15.12
C TYR AA 136 22.25 37.57 14.41
N GLN AA 137 21.94 36.55 15.20
CA GLN AA 137 21.40 35.30 14.68
C GLN AA 137 20.79 34.52 15.83
N ALA AA 138 19.67 33.85 15.54
CA ALA AA 138 18.96 33.05 16.54
C ALA AA 138 18.62 31.69 15.94
N VAL AA 139 18.62 30.68 16.80
CA VAL AA 139 18.26 29.32 16.41
C VAL AA 139 17.28 28.76 17.45
N GLY AA 140 16.50 27.78 17.02
CA GLY AA 140 15.53 27.12 17.87
C GLY AA 140 14.12 27.25 17.32
N SER AA 141 13.16 26.82 18.13
CA SER AA 141 11.76 26.88 17.73
C SER AA 141 11.28 28.32 17.60
N GLY AA 142 11.66 29.18 18.55
CA GLY AA 142 11.24 30.56 18.51
C GLY AA 142 12.30 31.48 17.94
N SER AA 143 13.02 31.01 16.92
CA SER AA 143 14.10 31.79 16.34
C SER AA 143 13.58 33.00 15.58
N LEU AA 144 12.42 32.87 14.92
CA LEU AA 144 11.90 33.95 14.09
C LEU AA 144 11.52 35.16 14.92
N PHE AA 145 10.82 34.93 16.04
CA PHE AA 145 10.40 36.03 16.90
C PHE AA 145 11.61 36.76 17.49
N ALA AA 146 12.59 35.98 17.96
CA ALA AA 146 13.80 36.59 18.51
C ALA AA 146 14.57 37.36 17.45
N LYS AA 147 14.62 36.84 16.23
CA LYS AA 147 15.32 37.53 15.15
C LYS AA 147 14.63 38.84 14.80
N SER AA 148 13.30 38.86 14.76
CA SER AA 148 12.59 40.11 14.51
C SER AA 148 12.82 41.12 15.63
N SER AA 149 12.78 40.64 16.89
CA SER AA 149 13.02 41.53 18.02
C SER AA 149 14.42 42.12 17.95
N MET AA 150 15.42 41.29 17.62
CA MET AA 150 16.78 41.80 17.49
C MET AA 150 16.91 42.74 16.29
N LYS AA 151 16.18 42.49 15.21
CA LYS AA 151 16.18 43.40 14.07
C LYS AA 151 15.72 44.79 14.50
N LYS AA 152 14.68 44.86 15.32
CA LYS AA 152 14.24 46.17 15.80
C LYS AA 152 15.15 46.74 16.90
N LEU AA 153 15.77 45.90 17.71
CA LEU AA 153 16.49 46.38 18.89
C LEU AA 153 17.99 46.51 18.71
N TYR AA 154 18.53 46.18 17.52
CA TYR AA 154 19.97 46.20 17.35
C TYR AA 154 20.54 47.62 17.30
N SER AA 155 19.70 48.64 17.11
CA SER AA 155 20.18 50.01 17.03
C SER AA 155 20.67 50.56 18.36
N GLN AA 156 20.35 49.89 19.48
CA GLN AA 156 20.74 50.35 20.80
C GLN AA 156 21.94 49.62 21.36
N VAL AA 157 22.63 48.81 20.56
CA VAL AA 157 23.78 48.04 21.01
C VAL AA 157 25.03 48.90 20.84
N THR AA 158 25.71 49.20 21.95
CA THR AA 158 26.92 50.00 21.91
C THR AA 158 28.08 49.31 22.63
N ASP AA 159 27.77 48.49 23.63
CA ASP AA 159 28.78 47.83 24.43
C ASP AA 159 28.24 46.49 24.91
N GLY AA 160 28.94 45.87 25.85
CA GLY AA 160 28.56 44.54 26.31
C GLY AA 160 27.24 44.53 27.05
N ASP AA 161 27.02 45.51 27.93
CA ASP AA 161 25.77 45.55 28.70
C ASP AA 161 24.57 45.75 27.79
N SER AA 162 24.70 46.64 26.79
CA SER AA 162 23.61 46.85 25.85
C SER AA 162 23.30 45.58 25.06
N GLY AA 163 24.34 44.88 24.61
CA GLY AA 163 24.12 43.63 23.90
C GLY AA 163 23.46 42.58 24.76
N LEU AA 164 23.88 42.48 26.02
CA LEU AA 164 23.26 41.52 26.94
C LEU AA 164 21.80 41.86 27.17
N ARG AA 165 21.49 43.15 27.35
CA ARG AA 165 20.10 43.55 27.54
C ARG AA 165 19.27 43.24 26.30
N VAL AA 166 19.81 43.48 25.11
CA VAL AA 166 19.09 43.19 23.88
C VAL AA 166 18.85 41.69 23.75
N ALA AA 167 19.85 40.88 24.09
CA ALA AA 167 19.68 39.43 24.01
C ALA AA 167 18.62 38.95 24.99
N VAL AA 168 18.62 39.48 26.22
CA VAL AA 168 17.62 39.08 27.20
C VAL AA 168 16.23 39.49 26.75
N GLU AA 169 16.10 40.69 26.19
CA GLU AA 169 14.80 41.14 25.70
C GLU AA 169 14.32 40.29 24.53
N ALA AA 170 15.23 39.90 23.63
CA ALA AA 170 14.85 39.03 22.52
C ALA AA 170 14.41 37.66 23.02
N LEU AA 171 15.11 37.12 24.02
CA LEU AA 171 14.70 35.85 24.60
C LEU AA 171 13.32 35.97 25.26
N TYR AA 172 13.07 37.09 25.95
CA TYR AA 172 11.77 37.31 26.57
C TYR AA 172 10.67 37.38 25.51
N ASP AA 173 10.93 38.08 24.41
CA ASP AA 173 9.94 38.16 23.33
C ASP AA 173 9.68 36.79 22.72
N ALA AA 174 10.74 36.00 22.51
CA ALA AA 174 10.57 34.67 21.96
C ALA AA 174 9.76 33.78 22.90
N ALA AA 175 10.02 33.88 24.21
CA ALA AA 175 9.24 33.11 25.18
C ALA AA 175 7.79 33.57 25.22
N ASP AA 176 7.55 34.87 25.05
CA ASP AA 176 6.18 35.38 25.01
C ASP AA 176 5.44 34.86 23.79
N ASP AA 177 6.09 34.82 22.64
CA ASP AA 177 5.44 34.43 21.39
C ASP AA 177 5.48 32.93 21.13
N ASP AA 178 6.20 32.15 21.93
CA ASP AA 178 6.33 30.72 21.71
C ASP AA 178 6.08 29.98 23.03
N SER AA 179 5.24 28.95 22.97
CA SER AA 179 4.92 28.17 24.17
C SER AA 179 6.00 27.15 24.51
N ALA AA 180 6.90 26.85 23.59
CA ALA AA 180 7.99 25.91 23.85
C ALA AA 180 9.23 26.58 24.44
N THR AA 181 9.22 27.90 24.56
CA THR AA 181 10.33 28.65 25.13
C THR AA 181 9.96 29.14 26.51
N GLY AA 182 10.85 28.90 27.47
CA GLY AA 182 10.59 29.30 28.85
C GLY AA 182 11.15 30.66 29.20
N GLY AA 183 10.29 31.56 29.69
CA GLY AA 183 10.72 32.87 30.09
C GLY AA 183 11.33 32.88 31.47
N PRO AA 184 11.68 34.08 31.94
CA PRO AA 184 12.24 34.20 33.29
C PRO AA 184 11.24 33.74 34.34
N ASP AA 185 11.77 33.07 35.38
CA ASP AA 185 10.97 32.52 36.45
C ASP AA 185 11.19 33.37 37.70
N LEU AA 186 10.16 34.13 38.09
CA LEU AA 186 10.23 34.96 39.28
C LEU AA 186 9.85 34.22 40.55
N VAL AA 187 9.33 32.99 40.44
CA VAL AA 187 8.96 32.20 41.61
C VAL AA 187 10.10 31.29 42.05
N ARG AA 188 10.64 30.51 41.12
CA ARG AA 188 11.75 29.61 41.41
C ARG AA 188 13.11 30.26 41.23
N GLY AA 189 13.16 31.50 40.74
CA GLY AA 189 14.43 32.19 40.52
C GLY AA 189 15.30 31.57 39.45
N ILE AA 190 14.70 31.19 38.32
CA ILE AA 190 15.42 30.61 37.19
C ILE AA 190 15.50 31.65 36.07
N PHE AA 191 16.70 31.91 35.59
CA PHE AA 191 16.94 32.91 34.56
C PHE AA 191 17.85 32.34 33.48
N PRO AA 192 17.75 32.85 32.25
CA PRO AA 192 18.59 32.33 31.17
C PRO AA 192 20.07 32.57 31.44
N THR AA 193 20.89 31.65 30.93
CA THR AA 193 22.35 31.74 31.07
C THR AA 193 22.94 32.42 29.85
N ALA AA 194 23.99 33.21 30.08
CA ALA AA 194 24.65 33.96 29.02
C ALA AA 194 26.16 33.81 29.14
N VAL AA 195 26.84 33.89 27.99
CA VAL AA 195 28.29 33.80 27.91
C VAL AA 195 28.79 34.98 27.10
N ILE AA 196 29.79 35.68 27.64
CA ILE AA 196 30.40 36.84 26.98
C ILE AA 196 31.82 36.48 26.59
N ILE AA 197 32.15 36.68 25.31
CA ILE AA 197 33.48 36.42 24.79
C ILE AA 197 34.08 37.73 24.30
N ASP AA 198 35.29 38.04 24.77
CA ASP AA 198 35.99 39.26 24.39
C ASP AA 198 37.46 38.92 24.21
N ALA AA 199 38.30 39.96 24.14
CA ALA AA 199 39.73 39.76 23.93
C ALA AA 199 40.39 39.03 25.09
N ASP AA 200 39.80 39.08 26.28
CA ASP AA 200 40.35 38.41 27.45
C ASP AA 200 39.92 36.96 27.57
N GLY AA 201 39.01 36.49 26.72
CA GLY AA 201 38.53 35.13 26.76
C GLY AA 201 37.02 35.07 26.96
N ALA AA 202 36.54 33.85 27.09
CA ALA AA 202 35.12 33.58 27.29
C ALA AA 202 34.84 33.38 28.76
N VAL AA 203 33.86 34.11 29.29
CA VAL AA 203 33.47 34.04 30.69
C VAL AA 203 31.97 33.83 30.78
N ASP AA 204 31.53 33.38 31.95
CA ASP AA 204 30.11 33.13 32.21
C ASP AA 204 29.51 34.32 32.94
N VAL AA 205 28.39 34.82 32.43
CA VAL AA 205 27.72 35.97 33.05
C VAL AA 205 27.09 35.52 34.37
N PRO AA 206 27.32 36.25 35.47
CA PRO AA 206 26.68 35.87 36.73
C PRO AA 206 25.16 36.01 36.65
N GLU AA 207 24.47 35.17 37.42
CA GLU AA 207 23.01 35.15 37.40
C GLU AA 207 22.40 36.45 37.90
N SER AA 208 23.12 37.20 38.75
CA SER AA 208 22.55 38.42 39.32
C SER AA 208 22.29 39.47 38.24
N ARG AA 209 23.23 39.65 37.31
CA ARG AA 209 23.04 40.65 36.26
C ARG AA 209 21.87 40.29 35.37
N ILE AA 210 21.75 39.01 35.00
CA ILE AA 210 20.62 38.58 34.18
C ILE AA 210 19.31 38.76 34.94
N ALA AA 211 19.32 38.50 36.25
CA ALA AA 211 18.12 38.68 37.05
C ALA AA 211 17.68 40.14 37.06
N GLU AA 212 18.64 41.06 37.27
CA GLU AA 212 18.29 42.48 37.26
C GLU AA 212 17.79 42.92 35.89
N LEU AA 213 18.43 42.45 34.82
CA LEU AA 213 17.98 42.82 33.48
C LEU AA 213 16.58 42.31 33.20
N ALA AA 214 16.29 41.06 33.58
CA ALA AA 214 14.96 40.51 33.36
C ALA AA 214 13.92 41.25 34.19
N ARG AA 215 14.24 41.58 35.45
CA ARG AA 215 13.30 42.33 36.27
C ARG AA 215 13.02 43.71 35.70
N ALA AA 216 14.07 44.39 35.21
CA ALA AA 216 13.88 45.70 34.59
C ALA AA 216 13.01 45.60 33.34
N ILE AA 217 13.25 44.58 32.52
CA ILE AA 217 12.45 44.40 31.30
C ILE AA 217 11.00 44.13 31.65
N ILE AA 218 10.76 43.27 32.65
CA ILE AA 218 9.40 42.96 33.06
C ILE AA 218 8.70 44.22 33.59
N GLU AA 219 9.40 45.01 34.40
CA GLU AA 219 8.82 46.24 34.92
C GLU AA 219 8.50 47.21 33.79
N SER AA 220 9.39 47.33 32.81
CA SER AA 220 9.14 48.22 31.68
C SER AA 220 7.93 47.75 30.86
N ARG AA 221 7.81 46.45 30.65
CA ARG AA 221 6.69 45.93 29.87
C ARG AA 221 5.35 46.04 30.59
N SER AA 222 5.37 46.21 31.92
CA SER AA 222 4.14 46.33 32.68
C SER AA 222 3.49 47.69 32.47
N ALA BA 1 3.57 -0.57 36.84
CA ALA BA 1 4.97 -0.34 37.19
C ALA BA 1 5.21 1.13 37.56
N THR BA 2 5.63 1.37 38.80
CA THR BA 2 5.94 2.71 39.26
C THR BA 2 7.09 2.65 40.26
N ILE BA 3 8.12 3.46 40.02
CA ILE BA 3 9.27 3.55 40.91
C ILE BA 3 9.47 5.01 41.28
N VAL BA 4 9.59 5.29 42.57
CA VAL BA 4 9.73 6.65 43.08
C VAL BA 4 11.03 6.76 43.85
N ALA BA 5 11.56 7.98 43.89
CA ALA BA 5 12.78 8.27 44.64
C ALA BA 5 12.79 9.75 44.99
N LEU BA 6 13.09 10.06 46.26
CA LEU BA 6 13.12 11.42 46.72
C LEU BA 6 14.33 11.61 47.65
N LYS BA 7 14.72 12.87 47.82
CA LYS BA 7 15.91 13.23 48.58
C LYS BA 7 15.52 13.79 49.94
N TYR BA 8 16.19 13.33 50.97
CA TYR BA 8 16.03 13.82 52.34
C TYR BA 8 17.40 14.20 52.88
N PRO BA 9 17.45 15.10 53.87
CA PRO BA 9 18.75 15.52 54.42
C PRO BA 9 19.56 14.36 54.97
N GLY BA 10 20.70 14.09 54.35
CA GLY BA 10 21.58 13.03 54.79
C GLY BA 10 21.48 11.72 54.05
N GLY BA 11 20.70 11.65 52.97
CA GLY BA 11 20.59 10.41 52.23
C GLY BA 11 19.57 10.52 51.12
N VAL BA 12 19.17 9.36 50.61
CA VAL BA 12 18.20 9.27 49.52
C VAL BA 12 17.48 7.94 49.63
N VAL BA 13 16.18 7.95 49.34
CA VAL BA 13 15.36 6.75 49.41
C VAL BA 13 14.89 6.38 48.00
N MET BA 14 14.51 5.11 47.84
CA MET BA 14 14.08 4.60 46.55
C MET BA 14 13.13 3.44 46.78
N ALA BA 15 12.01 3.44 46.07
CA ALA BA 15 10.99 2.40 46.25
C ALA BA 15 10.27 2.18 44.93
N GLY BA 16 9.63 1.01 44.83
CA GLY BA 16 8.88 0.65 43.63
C GLY BA 16 7.80 -0.35 43.96
N ASP BA 17 6.88 -0.51 43.01
CA ASP BA 17 5.75 -1.42 43.19
C ASP BA 17 6.17 -2.86 42.91
N ARG BA 18 5.21 -3.78 43.04
CA ARG BA 18 5.43 -5.21 42.90
C ARG BA 18 4.37 -5.84 42.01
N ARG BA 19 4.10 -5.23 40.85
CA ARG BA 19 3.08 -5.75 39.94
C ARG BA 19 3.66 -5.90 38.54
N SER BA 20 3.40 -7.05 37.92
CA SER BA 20 3.73 -7.31 36.53
C SER BA 20 2.45 -7.72 35.81
N THR BA 21 2.17 -7.07 34.69
CA THR BA 21 0.93 -7.28 33.95
C THR BA 21 1.24 -7.56 32.49
N GLN BA 22 0.65 -8.63 31.96
CA GLN BA 22 0.79 -8.98 30.54
C GLN BA 22 -0.44 -8.49 29.79
N GLY BA 23 -0.42 -7.21 29.44
CA GLY BA 23 -1.55 -6.60 28.78
C GLY BA 23 -2.56 -6.06 29.76
N ASN BA 24 -3.61 -6.84 30.04
CA ASN BA 24 -4.59 -6.51 31.05
C ASN BA 24 -4.72 -7.57 32.12
N MET BA 25 -4.03 -8.70 31.97
CA MET BA 25 -4.07 -9.79 32.94
C MET BA 25 -2.85 -9.72 33.86
N ILE BA 26 -3.07 -9.95 35.15
CA ILE BA 26 -2.02 -9.88 36.15
C ILE BA 26 -1.18 -11.16 36.08
N SER BA 27 0.14 -10.99 35.95
CA SER BA 27 1.07 -12.11 35.89
C SER BA 27 1.90 -12.28 37.15
N GLY BA 28 2.31 -11.18 37.77
CA GLY BA 28 3.10 -11.26 38.98
C GLY BA 28 2.51 -10.39 40.08
N ARG BA 29 2.77 -10.79 41.33
CA ARG BA 29 2.23 -10.09 42.48
C ARG BA 29 3.29 -9.57 43.45
N ASP BA 30 4.53 -10.03 43.36
CA ASP BA 30 5.60 -9.54 44.23
C ASP BA 30 6.90 -9.34 43.45
N VAL BA 31 6.80 -8.82 42.23
CA VAL BA 31 7.97 -8.63 41.39
C VAL BA 31 8.87 -7.55 41.98
N ARG BA 32 10.16 -7.82 42.05
CA ARG BA 32 11.13 -6.88 42.58
C ARG BA 32 11.75 -6.08 41.45
N LYS BA 33 11.74 -4.75 41.58
CA LYS BA 33 12.23 -3.86 40.53
C LYS BA 33 13.32 -2.91 41.01
N VAL BA 34 13.66 -2.92 42.30
CA VAL BA 34 14.70 -2.07 42.85
C VAL BA 34 15.88 -2.96 43.22
N TYR BA 35 17.06 -2.63 42.69
CA TYR BA 35 18.25 -3.43 42.90
C TYR BA 35 19.39 -2.55 43.37
N ILE BA 36 20.34 -3.16 44.08
CA ILE BA 36 21.52 -2.48 44.58
C ILE BA 36 22.72 -2.88 43.72
N THR BA 37 23.31 -1.91 43.03
CA THR BA 37 24.45 -2.20 42.17
C THR BA 37 25.74 -2.34 42.98
N ASP BA 38 26.04 -1.34 43.80
CA ASP BA 38 27.21 -1.39 44.67
C ASP BA 38 26.87 -0.59 45.94
N ASP BA 39 27.92 -0.21 46.69
CA ASP BA 39 27.73 0.26 48.06
C ASP BA 39 26.90 1.53 48.14
N TYR BA 40 27.14 2.48 47.23
CA TYR BA 40 26.60 3.84 47.41
C TYR BA 40 25.63 4.27 46.32
N THR BA 41 24.99 3.33 45.62
CA THR BA 41 23.92 3.70 44.70
C THR BA 41 23.06 2.48 44.40
N ALA BA 42 21.80 2.75 44.06
CA ALA BA 42 20.84 1.72 43.68
C ALA BA 42 20.10 2.18 42.44
N THR BA 43 19.62 1.22 41.64
CA THR BA 43 18.95 1.52 40.39
C THR BA 43 17.59 0.83 40.33
N GLY BA 44 16.70 1.41 39.54
CA GLY BA 44 15.37 0.84 39.32
C GLY BA 44 14.92 1.04 37.89
N ILE BA 45 14.52 -0.05 37.24
CA ILE BA 45 14.17 -0.04 35.82
C ILE BA 45 12.70 -0.38 35.67
N ALA BA 46 11.98 0.42 34.90
CA ALA BA 46 10.56 0.20 34.63
C ALA BA 46 10.38 -0.14 33.15
N GLY BA 47 9.61 -1.19 32.89
CA GLY BA 47 9.38 -1.63 31.52
C GLY BA 47 9.41 -3.14 31.39
N THR BA 48 10.03 -3.64 30.32
CA THR BA 48 10.14 -5.08 30.13
C THR BA 48 11.10 -5.67 31.16
N ALA BA 49 10.62 -6.71 31.86
CA ALA BA 49 11.43 -7.34 32.89
C ALA BA 49 12.66 -8.01 32.31
N ALA BA 50 12.50 -8.68 31.16
CA ALA BA 50 13.63 -9.38 30.54
C ALA BA 50 14.79 -8.44 30.24
N VAL BA 51 14.48 -7.19 29.89
CA VAL BA 51 15.54 -6.21 29.68
C VAL BA 51 15.98 -5.59 31.00
N ALA BA 52 15.06 -5.46 31.96
CA ALA BA 52 15.39 -4.78 33.21
C ALA BA 52 16.41 -5.57 34.04
N VAL BA 53 16.16 -6.87 34.22
CA VAL BA 53 17.10 -7.68 35.00
C VAL BA 53 18.45 -7.74 34.30
N GLU BA 54 18.44 -7.89 32.97
CA GLU BA 54 19.70 -7.91 32.23
C GLU BA 54 20.47 -6.61 32.40
N PHE BA 55 19.78 -5.46 32.33
CA PHE BA 55 20.44 -4.18 32.51
C PHE BA 55 21.03 -4.05 33.91
N ALA BA 56 20.27 -4.45 34.92
CA ALA BA 56 20.78 -4.36 36.30
C ALA BA 56 22.02 -5.22 36.47
N ARG BA 57 21.97 -6.48 36.02
CA ARG BA 57 23.12 -7.35 36.16
C ARG BA 57 24.32 -6.83 35.39
N LEU BA 58 24.10 -6.36 34.17
CA LEU BA 58 25.22 -5.86 33.36
C LEU BA 58 25.84 -4.61 33.98
N TYR BA 59 25.02 -3.71 34.51
CA TYR BA 59 25.55 -2.50 35.14
C TYR BA 59 26.39 -2.85 36.36
N ALA BA 60 25.87 -3.77 37.21
CA ALA BA 60 26.63 -4.17 38.38
C ALA BA 60 27.93 -4.85 37.99
N VAL BA 61 27.90 -5.72 36.97
CA VAL BA 61 29.10 -6.42 36.53
C VAL BA 61 30.13 -5.43 35.99
N GLU BA 62 29.69 -4.45 35.20
CA GLU BA 62 30.63 -3.47 34.66
C GLU BA 62 31.26 -2.64 35.76
N LEU BA 63 30.46 -2.20 36.74
CA LEU BA 63 31.01 -1.41 37.84
C LEU BA 63 32.04 -2.23 38.63
N GLU BA 64 31.71 -3.49 38.94
CA GLU BA 64 32.63 -4.33 39.68
C GLU BA 64 33.90 -4.60 38.88
N HIS BA 65 33.76 -4.81 37.57
CA HIS BA 65 34.92 -5.07 36.72
C HIS BA 65 35.86 -3.86 36.70
N TYR BA 66 35.30 -2.66 36.55
CA TYR BA 66 36.14 -1.47 36.56
C TYR BA 66 36.81 -1.28 37.92
N GLU BA 67 36.07 -1.51 39.01
CA GLU BA 67 36.65 -1.35 40.34
C GLU BA 67 37.78 -2.33 40.57
N LYS BA 68 37.63 -3.56 40.10
CA LYS BA 68 38.69 -4.56 40.26
C LYS BA 68 39.89 -4.23 39.38
N LEU BA 69 39.65 -3.77 38.15
CA LEU BA 69 40.76 -3.50 37.24
C LEU BA 69 41.58 -2.29 37.70
N GLU BA 70 40.92 -1.19 38.03
CA GLU BA 70 41.64 0.04 38.37
C GLU BA 70 41.95 0.17 39.85
N GLY BA 71 41.28 -0.59 40.72
CA GLY BA 71 41.52 -0.51 42.14
C GLY BA 71 40.78 0.58 42.87
N VAL BA 72 40.05 1.44 42.15
CA VAL BA 72 39.29 2.51 42.78
C VAL BA 72 37.90 2.55 42.15
N PRO BA 73 36.85 2.89 42.90
CA PRO BA 73 35.52 2.97 42.31
C PRO BA 73 35.39 4.12 41.33
N LEU BA 74 34.47 3.95 40.38
CA LEU BA 74 34.20 5.01 39.41
C LEU BA 74 33.56 6.22 40.10
N THR BA 75 33.80 7.40 39.52
CA THR BA 75 33.13 8.59 39.97
C THR BA 75 31.65 8.55 39.55
N PHE BA 76 30.85 9.42 40.16
CA PHE BA 76 29.43 9.44 39.86
C PHE BA 76 29.18 9.82 38.40
N ALA BA 77 29.95 10.77 37.88
CA ALA BA 77 29.82 11.15 36.48
C ALA BA 77 30.15 9.98 35.55
N GLY BA 78 31.18 9.20 35.89
CA GLY BA 78 31.49 8.03 35.10
C GLY BA 78 30.38 7.00 35.12
N LYS BA 79 29.77 6.78 36.28
CA LYS BA 79 28.65 5.85 36.37
C LYS BA 79 27.47 6.33 35.53
N ILE BA 80 27.18 7.64 35.59
CA ILE BA 80 26.11 8.19 34.78
C ILE BA 80 26.40 8.01 33.29
N ASN BA 81 27.65 8.26 32.88
CA ASN BA 81 28.02 8.09 31.48
C ASN BA 81 27.87 6.64 31.04
N ARG BA 82 28.31 5.69 31.88
CA ARG BA 82 28.18 4.29 31.53
C ARG BA 82 26.72 3.88 31.40
N LEU BA 83 25.88 4.31 32.34
CA LEU BA 83 24.45 3.98 32.26
C LEU BA 83 23.80 4.62 31.03
N ALA BA 84 24.19 5.85 30.71
CA ALA BA 84 23.64 6.51 29.52
C ALA BA 84 24.05 5.79 28.25
N ILE BA 85 25.30 5.33 28.18
CA ILE BA 85 25.75 4.57 27.02
C ILE BA 85 24.97 3.27 26.90
N MET BA 86 24.77 2.59 28.04
CA MET BA 86 24.00 1.34 28.02
C MET BA 86 22.57 1.57 27.54
N VAL BA 87 21.94 2.65 28.01
CA VAL BA 87 20.58 2.95 27.58
C VAL BA 87 20.55 3.29 26.09
N ARG BA 88 21.51 4.10 25.63
CA ARG BA 88 21.53 4.51 24.24
C ARG BA 88 21.77 3.32 23.30
N GLY BA 89 22.54 2.33 23.74
CA GLY BA 89 22.81 1.17 22.89
C GLY BA 89 21.62 0.27 22.65
N ASN BA 90 20.50 0.51 23.33
CA ASN BA 90 19.30 -0.32 23.20
C ASN BA 90 18.16 0.41 22.51
N LEU BA 91 18.48 1.47 21.75
CA LEU BA 91 17.43 2.29 21.16
C LEU BA 91 16.65 1.54 20.08
N ALA BA 92 17.33 0.70 19.29
CA ALA BA 92 16.62 -0.07 18.27
C ALA BA 92 15.64 -1.05 18.89
N ALA BA 93 16.08 -1.78 19.92
CA ALA BA 93 15.19 -2.71 20.61
C ALA BA 93 14.05 -1.97 21.28
N ALA BA 94 14.31 -0.77 21.82
CA ALA BA 94 13.23 0.04 22.39
C ALA BA 94 12.23 0.45 21.31
N MET BA 95 12.73 0.79 20.12
CA MET BA 95 11.84 1.13 19.01
C MET BA 95 10.96 -0.05 18.63
N GLN BA 96 11.54 -1.26 18.61
CA GLN BA 96 10.73 -2.44 18.33
C GLN BA 96 9.70 -2.69 19.42
N GLY BA 97 10.02 -2.35 20.66
CA GLY BA 97 9.08 -2.54 21.76
C GLY BA 97 9.73 -2.96 23.06
N LEU BA 98 11.02 -3.29 23.01
CA LEU BA 98 11.76 -3.69 24.20
C LEU BA 98 12.35 -2.46 24.87
N LEU BA 99 11.47 -1.71 25.53
CA LEU BA 99 11.82 -0.45 26.16
C LEU BA 99 12.08 -0.63 27.65
N ALA BA 100 13.13 0.00 28.15
CA ALA BA 100 13.48 -0.06 29.57
C ALA BA 100 14.05 1.28 29.98
N LEU BA 101 13.36 1.98 30.88
CA LEU BA 101 13.80 3.29 31.35
C LEU BA 101 14.27 3.17 32.78
N PRO BA 102 15.57 3.24 33.05
CA PRO BA 102 16.06 3.10 34.43
C PRO BA 102 16.03 4.42 35.19
N LEU BA 103 16.05 4.30 36.51
CA LEU BA 103 16.13 5.45 37.41
C LEU BA 103 17.30 5.21 38.36
N LEU BA 104 18.18 6.19 38.48
CA LEU BA 104 19.40 6.07 39.27
C LEU BA 104 19.36 7.00 40.47
N ALA BA 105 19.61 6.44 41.65
CA ALA BA 105 19.72 7.20 42.88
C ALA BA 105 20.96 6.74 43.63
N GLY BA 106 21.78 7.69 44.08
CA GLY BA 106 23.02 7.35 44.74
C GLY BA 106 23.48 8.43 45.70
N TYR BA 107 24.55 8.10 46.43
CA TYR BA 107 25.14 8.99 47.41
C TYR BA 107 26.56 9.32 46.99
N ASP BA 108 26.89 10.60 46.94
CA ASP BA 108 28.20 11.06 46.51
C ASP BA 108 29.09 11.24 47.74
N ILE BA 109 30.08 10.36 47.89
CA ILE BA 109 31.01 10.45 49.03
C ILE BA 109 32.08 11.51 48.82
N HIS BA 110 32.19 12.07 47.62
CA HIS BA 110 33.18 13.10 47.31
C HIS BA 110 32.55 14.48 47.23
N ALA BA 111 31.56 14.75 48.08
CA ALA BA 111 30.87 16.03 48.09
C ALA BA 111 31.25 16.81 49.35
N SER BA 112 31.31 18.14 49.20
CA SER BA 112 31.68 18.99 50.32
C SER BA 112 30.65 18.93 51.45
N ASP BA 113 29.37 18.91 51.09
CA ASP BA 113 28.31 18.89 52.10
C ASP BA 113 27.70 17.50 52.16
N PRO BA 114 27.91 16.74 53.24
CA PRO BA 114 27.29 15.41 53.33
C PRO BA 114 25.76 15.45 53.32
N GLN BA 115 25.16 16.51 53.86
CA GLN BA 115 23.70 16.61 53.91
C GLN BA 115 23.07 16.76 52.53
N SER BA 116 23.82 17.28 51.55
CA SER BA 116 23.33 17.47 50.20
C SER BA 116 24.05 16.56 49.20
N ALA BA 117 24.51 15.40 49.66
CA ALA BA 117 25.25 14.47 48.82
C ALA BA 117 24.34 13.52 48.04
N GLY BA 118 23.04 13.52 48.32
CA GLY BA 118 22.14 12.65 47.57
C GLY BA 118 21.96 13.14 46.15
N ARG BA 119 21.86 12.18 45.22
CA ARG BA 119 21.70 12.48 43.80
C ARG BA 119 20.61 11.60 43.22
N ILE BA 120 19.80 12.18 42.33
CA ILE BA 120 18.77 11.46 41.59
C ILE BA 120 18.95 11.79 40.11
N VAL BA 121 19.05 10.76 39.29
CA VAL BA 121 19.28 10.90 37.86
C VAL BA 121 18.19 10.15 37.11
N SER BA 122 17.60 10.81 36.11
CA SER BA 122 16.60 10.21 35.25
C SER BA 122 17.13 10.12 33.83
N PHE BA 123 16.72 9.07 33.11
CA PHE BA 123 17.21 8.79 31.78
C PHE BA 123 16.05 8.75 30.79
N ASP BA 124 16.31 9.22 29.58
CA ASP BA 124 15.33 9.26 28.50
C ASP BA 124 15.46 8.01 27.63
N ALA BA 125 14.53 7.88 26.67
CA ALA BA 125 14.55 6.73 25.77
C ALA BA 125 15.71 6.80 24.79
N ALA BA 126 16.20 8.00 24.49
CA ALA BA 126 17.29 8.19 23.54
C ALA BA 126 18.67 8.19 24.20
N GLY BA 127 18.73 7.97 25.52
CA GLY BA 127 20.00 7.95 26.22
C GLY BA 127 20.34 9.23 26.96
N GLY BA 128 19.52 10.28 26.83
CA GLY BA 128 19.79 11.51 27.55
C GLY BA 128 19.52 11.37 29.04
N TRP BA 129 20.33 12.06 29.84
CA TRP BA 129 20.23 12.01 31.29
C TRP BA 129 20.15 13.42 31.84
N ASN BA 130 19.43 13.56 32.96
CA ASN BA 130 19.29 14.83 33.65
C ASN BA 130 19.34 14.59 35.15
N ILE BA 131 20.10 15.40 35.86
CA ILE BA 131 20.22 15.28 37.31
C ILE BA 131 19.01 15.94 37.95
N GLU BA 132 18.25 15.19 38.74
CA GLU BA 132 17.05 15.70 39.38
C GLU BA 132 17.43 16.57 40.58
N GLU BA 133 16.79 17.74 40.68
CA GLU BA 133 17.09 18.70 41.72
C GLU BA 133 15.87 19.27 42.41
N GLU BA 134 14.65 18.93 41.97
CA GLU BA 134 13.45 19.33 42.68
C GLU BA 134 13.26 18.55 43.98
N GLY BA 135 14.03 17.50 44.20
CA GLY BA 135 13.94 16.70 45.41
C GLY BA 135 13.24 15.37 45.24
N TYR BA 136 12.64 15.12 44.08
CA TYR BA 136 11.92 13.87 43.87
C TYR BA 136 11.80 13.60 42.38
N GLN BA 137 11.57 12.33 42.04
CA GLN BA 137 11.38 11.91 40.66
C GLN BA 137 10.75 10.53 40.65
N ALA BA 138 9.85 10.31 39.70
CA ALA BA 138 9.17 9.04 39.55
C ALA BA 138 9.19 8.60 38.09
N VAL BA 139 9.25 7.29 37.89
CA VAL BA 139 9.23 6.69 36.55
C VAL BA 139 8.23 5.55 36.54
N GLY BA 140 7.73 5.23 35.36
CA GLY BA 140 6.79 4.16 35.16
C GLY BA 140 5.49 4.66 34.56
N SER BA 141 4.50 3.75 34.51
CA SER BA 141 3.20 4.10 33.94
C SER BA 141 2.48 5.13 34.80
N GLY BA 142 2.52 4.97 36.12
CA GLY BA 142 1.85 5.90 37.02
C GLY BA 142 2.80 6.93 37.60
N SER BA 143 3.75 7.40 36.79
CA SER BA 143 4.74 8.35 37.28
C SER BA 143 4.12 9.72 37.55
N LEU BA 144 3.14 10.12 36.74
CA LEU BA 144 2.56 11.46 36.88
C LEU BA 144 1.81 11.60 38.20
N PHE BA 145 0.99 10.61 38.55
CA PHE BA 145 0.24 10.68 39.80
C PHE BA 145 1.17 10.70 41.00
N ALA BA 146 2.20 9.84 41.00
CA ALA BA 146 3.16 9.82 42.08
C ALA BA 146 3.92 11.13 42.18
N LYS BA 147 4.28 11.71 41.04
CA LYS BA 147 4.99 12.98 41.05
C LYS BA 147 4.13 14.10 41.62
N SER BA 148 2.84 14.13 41.26
CA SER BA 148 1.95 15.14 41.84
C SER BA 148 1.80 14.94 43.35
N SER BA 149 1.64 13.69 43.78
CA SER BA 149 1.53 13.40 45.21
C SER BA 149 2.77 13.84 45.95
N MET BA 150 3.95 13.56 45.40
CA MET BA 150 5.20 13.99 46.03
C MET BA 150 5.33 15.51 46.00
N LYS BA 151 4.85 16.16 44.94
CA LYS BA 151 4.85 17.62 44.90
C LYS BA 151 4.07 18.20 46.07
N LYS BA 152 2.92 17.62 46.38
CA LYS BA 152 2.16 18.10 47.53
C LYS BA 152 2.74 17.65 48.87
N LEU BA 153 3.38 16.48 48.93
CA LEU BA 153 3.78 15.89 50.20
C LEU BA 153 5.25 16.12 50.56
N TYR BA 154 6.03 16.81 49.71
CA TYR BA 154 7.45 16.97 49.99
C TYR BA 154 7.73 17.92 51.14
N SER BA 155 6.75 18.72 51.56
CA SER BA 155 6.97 19.68 52.63
C SER BA 155 7.10 19.02 54.00
N GLN BA 156 6.76 17.74 54.12
CA GLN BA 156 6.81 17.04 55.40
C GLN BA 156 8.04 16.14 55.53
N VAL BA 157 8.98 16.23 54.60
CA VAL BA 157 10.17 15.39 54.61
C VAL BA 157 11.25 16.08 55.44
N THR BA 158 11.66 15.43 56.53
CA THR BA 158 12.69 15.99 57.41
C THR BA 158 13.82 14.99 57.64
N ASP BA 159 13.51 13.70 57.59
CA ASP BA 159 14.50 12.66 57.87
C ASP BA 159 14.15 11.43 57.04
N GLY BA 160 14.81 10.31 57.37
CA GLY BA 160 14.61 9.10 56.58
C GLY BA 160 13.22 8.52 56.70
N ASP BA 161 12.67 8.48 57.91
CA ASP BA 161 11.34 7.93 58.11
C ASP BA 161 10.28 8.75 57.39
N SER BA 162 10.40 10.08 57.44
CA SER BA 162 9.45 10.93 56.73
C SER BA 162 9.53 10.71 55.23
N GLY BA 163 10.74 10.60 54.69
CA GLY BA 163 10.89 10.33 53.27
C GLY BA 163 10.32 8.98 52.87
N LEU BA 164 10.54 7.96 53.69
CA LEU BA 164 9.98 6.64 53.42
C LEU BA 164 8.46 6.68 53.43
N ARG BA 165 7.87 7.38 54.42
CA ARG BA 165 6.42 7.50 54.48
C ARG BA 165 5.87 8.23 53.26
N VAL BA 166 6.55 9.30 52.83
CA VAL BA 166 6.11 10.04 51.65
C VAL BA 166 6.20 9.16 50.41
N ALA BA 167 7.27 8.38 50.28
CA ALA BA 167 7.41 7.49 49.13
C ALA BA 167 6.31 6.43 49.12
N VAL BA 168 6.01 5.85 50.28
CA VAL BA 168 4.96 4.84 50.35
C VAL BA 168 3.59 5.44 50.01
N GLU BA 169 3.33 6.65 50.51
CA GLU BA 169 2.06 7.32 50.20
C GLU BA 169 1.96 7.64 48.72
N ALA BA 170 3.06 8.08 48.11
CA ALA BA 170 3.05 8.35 46.67
C ALA BA 170 2.80 7.09 45.87
N LEU BA 171 3.43 5.98 46.27
CA LEU BA 171 3.17 4.71 45.60
C LEU BA 171 1.71 4.28 45.76
N TYR BA 172 1.15 4.48 46.95
CA TYR BA 172 -0.26 4.16 47.17
C TYR BA 172 -1.16 5.00 46.28
N ASP BA 173 -0.88 6.30 46.16
CA ASP BA 173 -1.67 7.16 45.29
C ASP BA 173 -1.55 6.74 43.83
N ALA BA 174 -0.34 6.39 43.40
CA ALA BA 174 -0.16 5.93 42.03
C ALA BA 174 -0.92 4.64 41.76
N ALA BA 175 -0.90 3.71 42.72
CA ALA BA 175 -1.66 2.48 42.56
C ALA BA 175 -3.16 2.74 42.55
N ASP BA 176 -3.61 3.72 43.35
CA ASP BA 176 -5.04 4.06 43.35
C ASP BA 176 -5.46 4.66 42.01
N ASP BA 177 -4.62 5.51 41.43
CA ASP BA 177 -4.98 6.20 40.19
C ASP BA 177 -4.61 5.43 38.93
N ASP BA 178 -3.88 4.32 39.05
CA ASP BA 178 -3.45 3.55 37.89
C ASP BA 178 -3.76 2.07 38.11
N SER BA 179 -4.36 1.44 37.10
CA SER BA 179 -4.72 0.03 37.20
C SER BA 179 -3.53 -0.90 36.94
N ALA BA 180 -2.44 -0.40 36.37
CA ALA BA 180 -1.25 -1.20 36.12
C ALA BA 180 -0.29 -1.20 37.30
N THR BA 181 -0.57 -0.44 38.34
CA THR BA 181 0.27 -0.38 39.53
C THR BA 181 -0.41 -1.12 40.68
N GLY BA 182 0.34 -2.01 41.32
CA GLY BA 182 -0.21 -2.78 42.41
C GLY BA 182 0.01 -2.16 43.78
N GLY BA 183 -1.08 -1.96 44.53
CA GLY BA 183 -0.99 -1.40 45.86
C GLY BA 183 -0.62 -2.45 46.89
N PRO BA 184 -0.59 -2.03 48.14
CA PRO BA 184 -0.29 -2.97 49.24
C PRO BA 184 -1.34 -4.08 49.30
N ASP BA 185 -0.87 -5.29 49.59
CA ASP BA 185 -1.72 -6.47 49.66
C ASP BA 185 -1.87 -6.87 51.12
N LEU BA 186 -3.07 -6.67 51.67
CA LEU BA 186 -3.36 -7.03 53.05
C LEU BA 186 -3.80 -8.49 53.20
N VAL BA 187 -4.04 -9.20 52.10
CA VAL BA 187 -4.44 -10.60 52.17
C VAL BA 187 -3.23 -11.53 52.05
N ARG BA 188 -2.40 -11.32 51.03
CA ARG BA 188 -1.20 -12.13 50.84
C ARG BA 188 0.02 -11.56 51.55
N GLY BA 189 -0.09 -10.38 52.17
CA GLY BA 189 1.03 -9.78 52.85
C GLY BA 189 2.17 -9.35 51.95
N ILE BA 190 1.86 -8.74 50.80
CA ILE BA 190 2.85 -8.26 49.86
C ILE BA 190 2.89 -6.74 49.94
N PHE BA 191 4.09 -6.20 50.13
CA PHE BA 191 4.30 -4.77 50.28
C PHE BA 191 5.46 -4.32 49.40
N PRO BA 192 5.47 -3.04 48.98
CA PRO BA 192 6.56 -2.55 48.13
C PRO BA 192 7.90 -2.60 48.85
N THR BA 193 8.95 -2.81 48.07
CA THR BA 193 10.32 -2.85 48.59
C THR BA 193 10.97 -1.48 48.47
N ALA BA 194 11.79 -1.14 49.47
CA ALA BA 194 12.45 0.15 49.52
C ALA BA 194 13.92 -0.04 49.86
N VAL BA 195 14.75 0.89 49.37
CA VAL BA 195 16.18 0.89 49.62
C VAL BA 195 16.57 2.29 50.11
N ILE BA 196 17.32 2.34 51.21
CA ILE BA 196 17.79 3.58 51.81
C ILE BA 196 19.29 3.66 51.65
N ILE BA 197 19.78 4.76 51.09
CA ILE BA 197 21.20 4.99 50.90
C ILE BA 197 21.60 6.21 51.71
N ASP BA 198 22.63 6.05 52.54
CA ASP BA 198 23.14 7.14 53.37
C ASP BA 198 24.66 7.07 53.39
N ALA BA 199 25.28 7.80 54.31
CA ALA BA 199 26.74 7.83 54.40
C ALA BA 199 27.32 6.48 54.77
N ASP BA 200 26.55 5.60 55.40
CA ASP BA 200 27.03 4.28 55.78
C ASP BA 200 26.88 3.24 54.69
N GLY BA 201 26.23 3.58 53.58
CA GLY BA 201 26.02 2.66 52.48
C GLY BA 201 24.54 2.47 52.19
N ALA BA 202 24.29 1.58 51.23
CA ALA BA 202 22.93 1.25 50.80
C ALA BA 202 22.46 -0.01 51.52
N VAL BA 203 21.28 0.07 52.14
CA VAL BA 203 20.70 -1.05 52.87
C VAL BA 203 19.27 -1.26 52.38
N ASP BA 204 18.74 -2.43 52.68
CA ASP BA 204 17.38 -2.80 52.30
C ASP BA 204 16.44 -2.59 53.49
N VAL BA 205 15.35 -1.88 53.24
CA VAL BA 205 14.37 -1.61 54.31
C VAL BA 205 13.64 -2.90 54.65
N PRO BA 206 13.54 -3.26 55.94
CA PRO BA 206 12.78 -4.46 56.29
C PRO BA 206 11.30 -4.32 55.95
N GLU BA 207 10.67 -5.45 55.64
CA GLU BA 207 9.27 -5.44 55.24
C GLU BA 207 8.34 -4.99 56.37
N SER BA 208 8.75 -5.15 57.63
CA SER BA 208 7.88 -4.79 58.74
C SER BA 208 7.59 -3.29 58.76
N ARG BA 209 8.63 -2.46 58.56
CA ARG BA 209 8.42 -1.02 58.58
C ARG BA 209 7.49 -0.57 57.46
N ILE BA 210 7.68 -1.13 56.26
CA ILE BA 210 6.82 -0.79 55.13
C ILE BA 210 5.39 -1.25 55.41
N ALA BA 211 5.24 -2.42 56.04
CA ALA BA 211 3.91 -2.91 56.38
C ALA BA 211 3.20 -1.97 57.35
N GLU BA 212 3.90 -1.53 58.39
CA GLU BA 212 3.30 -0.60 59.34
C GLU BA 212 2.95 0.73 58.68
N LEU BA 213 3.84 1.24 57.82
CA LEU BA 213 3.56 2.50 57.13
C LEU BA 213 2.34 2.38 56.23
N ALA BA 214 2.24 1.28 55.48
CA ALA BA 214 1.10 1.07 54.60
C ALA BA 214 -0.19 0.92 55.40
N ARG BA 215 -0.15 0.19 56.52
CA ARG BA 215 -1.33 0.04 57.35
C ARG BA 215 -1.77 1.38 57.93
N ALA BA 216 -0.82 2.19 58.39
CA ALA BA 216 -1.17 3.51 58.92
C ALA BA 216 -1.77 4.40 57.83
N ILE BA 217 -1.21 4.36 56.62
CA ILE BA 217 -1.75 5.17 55.53
C ILE BA 217 -3.16 4.72 55.18
N ILE BA 218 -3.39 3.40 55.12
CA ILE BA 218 -4.72 2.88 54.81
C ILE BA 218 -5.72 3.29 55.88
N GLU BA 219 -5.32 3.19 57.15
CA GLU BA 219 -6.21 3.60 58.24
C GLU BA 219 -6.53 5.09 58.16
N SER BA 220 -5.53 5.92 57.85
CA SER BA 220 -5.77 7.35 57.73
C SER BA 220 -6.71 7.67 56.57
N ARG BA 221 -6.54 6.98 55.45
CA ARG BA 221 -7.38 7.23 54.28
C ARG BA 221 -8.82 6.76 54.49
N SER BA 222 -9.05 5.85 55.44
CA SER BA 222 -10.39 5.34 55.70
C SER BA 222 -11.24 6.39 56.41
#